data_3MY0
#
_entry.id   3MY0
#
_cell.length_a   118.770
_cell.length_b   118.770
_cell.length_c   510.791
_cell.angle_alpha   90.00
_cell.angle_beta   90.00
_cell.angle_gamma   120.00
#
_symmetry.space_group_name_H-M   'P 32'
#
loop_
_entity.id
_entity.type
_entity.pdbx_description
1 polymer 'Serine/threonine-protein kinase receptor R3'
2 non-polymer 4-[6-(4-piperazin-1-ylphenyl)pyrazolo[1,5-a]pyrimidin-3-yl]quinoline
3 water water
#
_entity_poly.entity_id   1
_entity_poly.type   'polypeptide(L)'
_entity_poly.pdbx_seq_one_letter_code
;SMQRTVARQVALVECVGKGRYGEVWRGLWHGESVAVKIFSSRDEQSWFRETEIYNTVLLRHDNILGFIASDMTSRNSSTQ
LWLITHYHEHGSLYDFLQRQTLEPHLALRLAVSAACGLAHLHVEIFGTQGKPAIAHRDFKSRNVLVKSNLQCCIADLGLA
VMHSQGSDYLDIGNNPRVGTKRYMAPEVLDEQIRTDCFESYKWTDIWAFGLVLWEIARRTIVNGIVEDYRPPFYDVVPND
PSFEDMKKVVCVDQQTPTIPNRLAADPVLSGLAQMMRECWYPNPSARLTALRIKKTLQKISNSPE
;
_entity_poly.pdbx_strand_id   A,B,C,D,E,F,G,H,I,J,K,L,M,N,O,P,Q,R,S,T,U,V,W,X
#
# COMPACT_ATOMS: atom_id res chain seq x y z
N MET A 2 -19.38 32.01 9.59
CA MET A 2 -18.92 30.67 10.07
C MET A 2 -20.11 29.75 10.32
N GLN A 3 -20.01 28.53 9.77
CA GLN A 3 -20.94 27.42 9.97
C GLN A 3 -20.61 26.58 11.24
N ARG A 4 -19.53 26.91 11.92
CA ARG A 4 -19.08 26.07 13.05
C ARG A 4 -20.13 26.01 14.15
N THR A 5 -20.63 27.18 14.56
CA THR A 5 -21.48 27.28 15.76
C THR A 5 -22.95 27.06 15.48
N VAL A 6 -23.34 27.14 14.21
CA VAL A 6 -24.67 26.72 13.76
C VAL A 6 -24.85 25.22 13.97
N ALA A 7 -23.76 24.45 13.83
CA ALA A 7 -23.79 23.03 14.17
C ALA A 7 -23.76 22.79 15.69
N ARG A 8 -23.29 23.78 16.43
CA ARG A 8 -23.11 23.60 17.87
C ARG A 8 -24.42 23.82 18.62
N GLN A 9 -25.22 24.77 18.13
CA GLN A 9 -26.49 25.13 18.76
C GLN A 9 -27.67 24.26 18.35
N VAL A 10 -27.60 23.59 17.20
CA VAL A 10 -28.72 22.76 16.72
C VAL A 10 -28.99 21.60 17.66
N ALA A 11 -30.24 21.46 18.08
CA ALA A 11 -30.71 20.33 18.87
C ALA A 11 -31.42 19.36 17.94
N LEU A 12 -31.09 18.08 18.07
CA LEU A 12 -31.69 17.04 17.26
C LEU A 12 -32.91 16.54 17.97
N VAL A 13 -34.05 16.48 17.26
CA VAL A 13 -35.33 16.09 17.88
C VAL A 13 -35.91 14.76 17.36
N GLU A 14 -35.90 14.57 16.05
CA GLU A 14 -36.51 13.37 15.46
C GLU A 14 -35.70 12.88 14.27
N CYS A 15 -35.47 11.56 14.22
CA CYS A 15 -34.87 10.92 13.06
C CYS A 15 -35.96 10.59 12.07
N VAL A 16 -35.92 11.22 10.91
CA VAL A 16 -36.96 11.07 9.90
C VAL A 16 -36.51 10.23 8.69
N GLY A 17 -35.26 9.76 8.71
CA GLY A 17 -34.73 8.94 7.62
C GLY A 17 -33.44 8.22 8.01
N LYS A 18 -33.24 7.03 7.43
CA LYS A 18 -32.04 6.22 7.66
C LYS A 18 -31.78 5.32 6.46
N GLY A 19 -30.51 5.14 6.13
CA GLY A 19 -30.12 4.37 4.93
C GLY A 19 -28.60 4.21 4.79
N ARG A 20 -28.17 3.79 3.61
CA ARG A 20 -26.74 3.60 3.33
C ARG A 20 -25.99 4.95 3.25
N TYR A 21 -26.72 6.01 2.92
CA TYR A 21 -26.17 7.36 2.88
C TYR A 21 -25.86 7.93 4.28
N GLY A 22 -26.50 7.38 5.31
CA GLY A 22 -26.41 7.88 6.70
C GLY A 22 -27.80 8.02 7.33
N GLU A 23 -28.07 9.18 7.92
CA GLU A 23 -29.35 9.46 8.54
C GLU A 23 -29.72 10.92 8.36
N VAL A 24 -31.00 11.21 8.27
CA VAL A 24 -31.47 12.61 8.30
C VAL A 24 -32.34 12.81 9.53
N TRP A 25 -32.08 13.90 10.25
CA TRP A 25 -32.79 14.25 11.47
C TRP A 25 -33.48 15.58 11.32
N ARG A 26 -34.63 15.73 11.98
CA ARG A 26 -35.25 17.05 12.14
C ARG A 26 -34.60 17.68 13.36
N GLY A 27 -34.14 18.92 13.20
CA GLY A 27 -33.45 19.63 14.28
C GLY A 27 -34.03 21.00 14.52
N LEU A 28 -33.86 21.50 15.74
CA LEU A 28 -34.33 22.81 16.14
C LEU A 28 -33.14 23.77 16.28
N TRP A 29 -33.22 24.91 15.62
CA TRP A 29 -32.22 25.95 15.74
C TRP A 29 -32.92 27.30 15.89
N HIS A 30 -32.81 27.90 17.08
CA HIS A 30 -33.47 29.16 17.42
C HIS A 30 -34.91 29.19 16.98
N GLY A 31 -35.70 28.23 17.45
CA GLY A 31 -37.14 28.19 17.14
C GLY A 31 -37.53 27.52 15.82
N GLU A 32 -36.73 27.70 14.77
CA GLU A 32 -37.05 27.17 13.44
C GLU A 32 -36.56 25.73 13.28
N SER A 33 -37.15 25.02 12.31
CA SER A 33 -36.81 23.64 12.02
C SER A 33 -35.76 23.54 10.91
N VAL A 34 -34.76 22.70 11.12
CA VAL A 34 -33.73 22.43 10.12
C VAL A 34 -33.57 20.93 9.90
N ALA A 35 -33.02 20.55 8.75
CA ALA A 35 -32.63 19.17 8.49
C ALA A 35 -31.15 19.02 8.77
N VAL A 36 -30.79 17.95 9.47
CA VAL A 36 -29.40 17.62 9.72
C VAL A 36 -29.10 16.24 9.17
N LYS A 37 -28.41 16.19 8.04
CA LYS A 37 -27.97 14.92 7.46
C LYS A 37 -26.62 14.50 8.01
N ILE A 38 -26.60 13.42 8.79
CA ILE A 38 -25.38 12.85 9.33
C ILE A 38 -24.94 11.74 8.40
N PHE A 39 -23.77 11.91 7.77
CA PHE A 39 -23.32 11.00 6.72
C PHE A 39 -22.69 9.75 7.30
N SER A 40 -22.81 8.64 6.58
CA SER A 40 -22.14 7.41 6.98
C SER A 40 -20.70 7.43 6.52
N SER A 41 -19.87 6.60 7.14
CA SER A 41 -18.48 6.49 6.79
C SER A 41 -18.26 6.09 5.33
N ARG A 42 -19.13 5.25 4.81
CA ARG A 42 -19.04 4.80 3.44
C ARG A 42 -19.41 5.89 2.41
N ASP A 43 -19.89 7.04 2.87
CA ASP A 43 -20.35 8.10 1.98
C ASP A 43 -19.73 9.49 2.28
N GLU A 44 -18.57 9.48 2.95
CA GLU A 44 -17.84 10.70 3.28
C GLU A 44 -17.56 11.59 2.07
N GLN A 45 -17.29 10.99 0.92
CA GLN A 45 -16.96 11.78 -0.27
C GLN A 45 -18.16 12.55 -0.84
N SER A 46 -19.38 12.10 -0.57
CA SER A 46 -20.58 12.82 -0.93
C SER A 46 -20.73 14.08 -0.09
N TRP A 47 -20.42 13.97 1.21
CA TRP A 47 -20.40 15.15 2.09
C TRP A 47 -19.40 16.19 1.62
N PHE A 48 -18.23 15.74 1.18
CA PHE A 48 -17.16 16.64 0.75
C PHE A 48 -17.60 17.42 -0.50
N ARG A 49 -18.09 16.67 -1.49
CA ARG A 49 -18.50 17.25 -2.76
C ARG A 49 -19.65 18.23 -2.56
N GLU A 50 -20.59 17.86 -1.69
CA GLU A 50 -21.76 18.67 -1.41
C GLU A 50 -21.37 19.90 -0.61
N THR A 51 -20.40 19.76 0.30
CA THR A 51 -19.86 20.91 1.04
C THR A 51 -19.12 21.86 0.10
N GLU A 52 -18.28 21.31 -0.80
CA GLU A 52 -17.53 22.15 -1.76
C GLU A 52 -18.52 22.99 -2.60
N ILE A 53 -19.47 22.31 -3.24
CA ILE A 53 -20.41 22.95 -4.16
C ILE A 53 -21.25 24.04 -3.49
N TYR A 54 -21.78 23.74 -2.32
CA TYR A 54 -22.64 24.66 -1.62
C TYR A 54 -21.88 25.89 -1.11
N ASN A 55 -20.59 25.74 -0.79
CA ASN A 55 -19.76 26.87 -0.36
C ASN A 55 -19.17 27.67 -1.51
N THR A 56 -19.18 27.09 -2.70
CA THR A 56 -18.38 27.57 -3.84
C THR A 56 -19.22 28.13 -4.98
N VAL A 57 -20.43 27.61 -5.14
CA VAL A 57 -21.29 27.96 -6.25
C VAL A 57 -22.49 28.77 -5.75
N LEU A 58 -22.76 29.90 -6.39
CA LEU A 58 -23.95 30.70 -6.05
C LEU A 58 -25.18 30.01 -6.61
N LEU A 59 -25.82 29.21 -5.77
CA LEU A 59 -26.82 28.25 -6.22
C LEU A 59 -28.22 28.47 -5.68
N ARG A 60 -28.39 29.37 -4.72
CA ARG A 60 -29.69 29.60 -4.09
C ARG A 60 -30.80 29.70 -5.13
N HIS A 61 -31.89 28.99 -4.89
CA HIS A 61 -33.02 28.97 -5.78
C HIS A 61 -34.20 28.31 -5.07
N ASP A 62 -35.40 28.81 -5.32
CA ASP A 62 -36.60 28.26 -4.70
C ASP A 62 -36.67 26.75 -4.83
N ASN A 63 -36.23 26.22 -5.97
CA ASN A 63 -36.37 24.80 -6.32
C ASN A 63 -35.10 23.99 -6.15
N ILE A 64 -34.23 24.46 -5.25
CA ILE A 64 -33.03 23.73 -4.84
C ILE A 64 -32.96 23.83 -3.33
N LEU A 65 -32.65 22.71 -2.68
CA LEU A 65 -32.64 22.65 -1.20
C LEU A 65 -31.65 23.68 -0.65
N GLY A 66 -32.15 24.50 0.28
CA GLY A 66 -31.39 25.57 0.89
C GLY A 66 -30.33 25.03 1.83
N PHE A 67 -29.13 25.59 1.71
CA PHE A 67 -27.97 25.21 2.51
C PHE A 67 -27.83 26.17 3.70
N ILE A 68 -27.55 25.63 4.89
CA ILE A 68 -27.32 26.44 6.07
C ILE A 68 -25.90 26.31 6.58
N ALA A 69 -25.43 25.08 6.72
CA ALA A 69 -24.10 24.86 7.26
C ALA A 69 -23.55 23.47 6.95
N SER A 70 -22.24 23.32 7.11
CA SER A 70 -21.55 22.03 7.00
C SER A 70 -20.51 21.94 8.10
N ASP A 71 -20.46 20.83 8.81
CA ASP A 71 -19.57 20.73 9.95
C ASP A 71 -18.91 19.38 10.10
N MET A 72 -17.66 19.41 10.61
CA MET A 72 -17.00 18.21 11.10
C MET A 72 -17.06 18.23 12.61
N THR A 73 -18.15 17.71 13.15
CA THR A 73 -18.36 17.67 14.60
C THR A 73 -17.89 16.34 15.21
N SER A 78 -15.71 7.49 16.70
CA SER A 78 -15.88 8.92 16.83
C SER A 78 -15.27 9.64 15.63
N THR A 79 -16.12 9.88 14.64
CA THR A 79 -15.91 10.93 13.64
C THR A 79 -17.23 11.08 12.92
N GLN A 80 -17.57 12.32 12.58
CA GLN A 80 -18.92 12.59 12.11
C GLN A 80 -19.08 13.87 11.30
N LEU A 81 -19.66 13.69 10.11
CA LEU A 81 -19.79 14.75 9.11
C LEU A 81 -21.26 15.17 8.98
N TRP A 82 -21.54 16.46 9.15
CA TRP A 82 -22.90 16.98 9.13
C TRP A 82 -23.15 17.91 7.96
N LEU A 83 -24.36 17.85 7.40
CA LEU A 83 -24.86 18.86 6.47
C LEU A 83 -26.18 19.36 7.00
N ILE A 84 -26.27 20.67 7.28
CA ILE A 84 -27.50 21.25 7.83
C ILE A 84 -28.18 22.08 6.75
N THR A 85 -29.48 21.86 6.54
CA THR A 85 -30.22 22.51 5.45
C THR A 85 -31.62 22.93 5.93
N HIS A 86 -32.38 23.58 5.05
CA HIS A 86 -33.81 23.79 5.34
C HIS A 86 -34.49 22.43 5.56
N TYR A 87 -35.56 22.43 6.37
CA TYR A 87 -36.35 21.23 6.62
C TYR A 87 -37.70 21.36 5.94
N HIS A 88 -38.14 20.27 5.30
CA HIS A 88 -39.45 20.23 4.64
C HIS A 88 -40.31 19.05 5.14
N GLU A 89 -41.40 19.40 5.84
CA GLU A 89 -42.20 18.44 6.59
C GLU A 89 -42.75 17.29 5.77
N HIS A 90 -43.17 17.57 4.53
CA HIS A 90 -43.77 16.52 3.65
C HIS A 90 -42.72 15.47 3.28
N GLY A 91 -41.44 15.78 3.49
CA GLY A 91 -40.37 14.86 3.15
C GLY A 91 -40.15 14.87 1.65
N SER A 92 -39.62 13.76 1.13
CA SER A 92 -39.34 13.63 -0.29
C SER A 92 -40.60 13.45 -1.13
N LEU A 93 -40.43 13.56 -2.44
CA LEU A 93 -41.49 13.28 -3.39
C LEU A 93 -41.91 11.82 -3.29
N TYR A 94 -40.95 10.95 -3.01
CA TYR A 94 -41.22 9.54 -2.73
C TYR A 94 -42.20 9.39 -1.58
N ASP A 95 -41.90 10.07 -0.48
CA ASP A 95 -42.74 10.06 0.72
C ASP A 95 -44.13 10.63 0.44
N PHE A 96 -44.18 11.77 -0.24
CA PHE A 96 -45.43 12.47 -0.52
C PHE A 96 -46.33 11.64 -1.42
N LEU A 97 -45.77 11.09 -2.48
CA LEU A 97 -46.50 10.26 -3.42
C LEU A 97 -46.98 8.95 -2.78
N GLN A 98 -46.31 8.52 -1.72
CA GLN A 98 -46.74 7.32 -0.97
C GLN A 98 -48.13 7.51 -0.37
N ARG A 99 -48.31 8.62 0.33
CA ARG A 99 -49.51 8.89 1.11
C ARG A 99 -50.58 9.64 0.34
N GLN A 100 -50.17 10.57 -0.52
CA GLN A 100 -51.11 11.49 -1.15
C GLN A 100 -51.43 11.09 -2.58
N THR A 101 -52.62 11.43 -3.03
CA THR A 101 -52.99 11.31 -4.42
C THR A 101 -52.98 12.72 -4.98
N LEU A 102 -52.87 12.86 -6.30
CA LEU A 102 -52.72 14.19 -6.91
C LEU A 102 -53.86 14.54 -7.86
N GLU A 103 -54.49 15.68 -7.62
CA GLU A 103 -55.34 16.35 -8.62
C GLU A 103 -54.41 16.74 -9.77
N PRO A 104 -54.92 16.71 -11.02
CA PRO A 104 -54.08 17.10 -12.18
C PRO A 104 -53.32 18.41 -11.99
N HIS A 105 -53.99 19.43 -11.46
CA HIS A 105 -53.35 20.73 -11.18
C HIS A 105 -52.09 20.57 -10.30
N LEU A 106 -52.20 19.73 -9.27
CA LEU A 106 -51.10 19.52 -8.34
C LEU A 106 -49.96 18.71 -9.01
N ALA A 107 -50.35 17.71 -9.80
CA ALA A 107 -49.37 16.93 -10.56
C ALA A 107 -48.49 17.85 -11.42
N LEU A 108 -49.11 18.83 -12.09
CA LEU A 108 -48.38 19.77 -12.93
C LEU A 108 -47.50 20.73 -12.10
N ARG A 109 -47.99 21.12 -10.93
CA ARG A 109 -47.27 22.03 -10.06
C ARG A 109 -45.94 21.39 -9.58
N LEU A 110 -46.00 20.15 -9.15
CA LEU A 110 -44.81 19.41 -8.75
C LEU A 110 -43.91 19.20 -9.95
N ALA A 111 -44.50 18.82 -11.08
CA ALA A 111 -43.73 18.55 -12.28
C ALA A 111 -42.99 19.81 -12.77
N VAL A 112 -43.68 20.95 -12.80
CA VAL A 112 -43.10 22.18 -13.33
C VAL A 112 -41.97 22.68 -12.43
N SER A 113 -42.19 22.63 -11.12
CA SER A 113 -41.24 23.14 -10.13
C SER A 113 -39.98 22.27 -10.10
N ALA A 114 -40.15 20.95 -10.18
CA ALA A 114 -39.02 20.04 -10.31
C ALA A 114 -38.23 20.39 -11.57
N ALA A 115 -38.92 20.60 -12.68
CA ALA A 115 -38.26 21.00 -13.93
C ALA A 115 -37.54 22.35 -13.81
N CYS A 116 -38.05 23.24 -12.97
CA CYS A 116 -37.37 24.52 -12.75
C CYS A 116 -36.03 24.31 -12.04
N GLY A 117 -36.06 23.48 -11.01
CA GLY A 117 -34.85 23.07 -10.31
C GLY A 117 -33.78 22.50 -11.22
N LEU A 118 -34.15 21.49 -12.02
CA LEU A 118 -33.21 20.84 -12.92
C LEU A 118 -32.68 21.80 -14.00
N ALA A 119 -33.54 22.64 -14.56
CA ALA A 119 -33.10 23.61 -15.58
C ALA A 119 -32.07 24.56 -15.00
N HIS A 120 -32.31 24.98 -13.76
CA HIS A 120 -31.43 25.90 -13.08
C HIS A 120 -30.04 25.29 -12.84
N LEU A 121 -30.01 24.02 -12.46
CA LEU A 121 -28.78 23.27 -12.35
C LEU A 121 -28.03 23.20 -13.68
N HIS A 122 -28.75 22.80 -14.72
CA HIS A 122 -28.12 22.55 -16.03
C HIS A 122 -27.57 23.81 -16.73
N VAL A 123 -28.28 24.95 -16.60
CA VAL A 123 -27.96 26.13 -17.39
C VAL A 123 -26.86 26.93 -16.73
N GLU A 124 -25.81 27.22 -17.49
CA GLU A 124 -24.76 28.09 -17.00
C GLU A 124 -25.28 29.52 -16.97
N ILE A 125 -25.09 30.22 -15.85
CA ILE A 125 -25.32 31.67 -15.78
C ILE A 125 -24.00 32.39 -15.70
N PHE A 126 -23.75 33.26 -16.66
CA PHE A 126 -22.47 33.98 -16.68
C PHE A 126 -22.52 35.22 -15.79
N GLY A 127 -21.34 35.71 -15.45
CA GLY A 127 -21.19 36.93 -14.69
C GLY A 127 -20.95 36.62 -13.23
N THR A 128 -20.35 37.61 -12.56
CA THR A 128 -20.13 37.62 -11.13
C THR A 128 -21.19 36.93 -10.29
N GLN A 129 -22.47 37.10 -10.61
CA GLN A 129 -23.55 36.42 -9.83
C GLN A 129 -24.06 35.16 -10.49
N GLY A 130 -23.25 34.52 -11.29
CA GLY A 130 -23.70 33.44 -12.11
C GLY A 130 -23.31 32.15 -11.46
N LYS A 131 -23.09 31.12 -12.29
CA LYS A 131 -22.82 29.74 -11.84
C LYS A 131 -22.45 28.83 -13.01
N PRO A 132 -21.63 27.79 -12.77
CA PRO A 132 -21.35 26.90 -13.88
C PRO A 132 -22.54 25.98 -14.13
N ALA A 133 -22.52 25.29 -15.26
CA ALA A 133 -23.53 24.28 -15.56
C ALA A 133 -23.29 23.09 -14.66
N ILE A 134 -24.35 22.56 -14.04
CA ILE A 134 -24.23 21.46 -13.06
C ILE A 134 -25.18 20.32 -13.47
N ALA A 135 -24.67 19.09 -13.47
CA ALA A 135 -25.48 17.88 -13.68
C ALA A 135 -25.56 17.11 -12.36
N HIS A 136 -26.73 16.58 -12.04
CA HIS A 136 -26.98 15.95 -10.74
C HIS A 136 -26.33 14.58 -10.61
N ARG A 137 -26.63 13.70 -11.56
CA ARG A 137 -26.08 12.34 -11.63
C ARG A 137 -26.71 11.33 -10.64
N ASP A 138 -27.65 11.79 -9.80
CA ASP A 138 -28.50 10.87 -8.99
C ASP A 138 -29.90 11.45 -8.80
N PHE A 139 -30.52 11.87 -9.90
CA PHE A 139 -31.86 12.43 -9.85
C PHE A 139 -32.86 11.29 -9.69
N LYS A 140 -33.67 11.39 -8.63
CA LYS A 140 -34.70 10.41 -8.30
C LYS A 140 -35.70 11.05 -7.35
N SER A 141 -36.85 10.41 -7.17
CA SER A 141 -37.92 11.00 -6.35
C SER A 141 -37.51 11.16 -4.89
N ARG A 142 -36.61 10.30 -4.43
CA ARG A 142 -36.09 10.41 -3.05
C ARG A 142 -35.20 11.63 -2.84
N ASN A 143 -34.65 12.18 -3.94
CA ASN A 143 -33.75 13.35 -3.87
C ASN A 143 -34.44 14.63 -4.32
N VAL A 144 -35.76 14.62 -4.28
CA VAL A 144 -36.59 15.80 -4.53
C VAL A 144 -37.52 15.92 -3.32
N LEU A 145 -37.51 17.11 -2.69
CA LEU A 145 -38.36 17.36 -1.51
C LEU A 145 -39.61 18.09 -1.94
N VAL A 146 -40.67 17.98 -1.15
CA VAL A 146 -41.89 18.74 -1.37
C VAL A 146 -42.07 19.77 -0.27
N LYS A 147 -42.16 21.03 -0.67
CA LYS A 147 -42.26 22.16 0.26
C LYS A 147 -43.70 22.38 0.71
N SER A 148 -43.87 23.26 1.69
CA SER A 148 -45.17 23.66 2.21
C SER A 148 -46.13 24.14 1.14
N ASN A 149 -45.62 24.91 0.18
CA ASN A 149 -46.44 25.40 -0.95
C ASN A 149 -46.56 24.37 -2.08
N LEU A 150 -46.31 23.11 -1.75
CA LEU A 150 -46.43 22.02 -2.70
C LEU A 150 -45.65 22.28 -4.00
N GLN A 151 -44.47 22.91 -3.87
CA GLN A 151 -43.50 22.99 -4.95
C GLN A 151 -42.30 22.15 -4.57
N CYS A 152 -41.62 21.60 -5.57
CA CYS A 152 -40.49 20.74 -5.32
C CYS A 152 -39.22 21.56 -5.18
N CYS A 153 -38.21 21.00 -4.51
CA CYS A 153 -36.83 21.48 -4.63
C CYS A 153 -35.82 20.33 -4.57
N ILE A 154 -34.84 20.37 -5.45
CA ILE A 154 -33.88 19.27 -5.61
C ILE A 154 -32.82 19.28 -4.49
N ALA A 155 -32.48 18.08 -4.02
CA ALA A 155 -31.42 17.89 -3.00
C ALA A 155 -30.35 16.92 -3.47
N ASP A 156 -29.37 16.71 -2.61
CA ASP A 156 -28.29 15.73 -2.77
C ASP A 156 -27.40 16.01 -3.95
N LEU A 157 -26.47 16.93 -3.78
CA LEU A 157 -25.51 17.28 -4.82
C LEU A 157 -24.22 16.48 -4.72
N GLY A 158 -24.23 15.38 -3.96
CA GLY A 158 -23.01 14.62 -3.67
C GLY A 158 -22.26 14.05 -4.85
N LEU A 159 -22.98 13.80 -5.94
CA LEU A 159 -22.38 13.24 -7.16
C LEU A 159 -22.30 14.26 -8.31
N ALA A 160 -22.62 15.51 -8.05
CA ALA A 160 -22.74 16.48 -9.11
C ALA A 160 -21.42 16.70 -9.88
N VAL A 161 -21.55 17.05 -11.16
CA VAL A 161 -20.40 17.37 -12.00
C VAL A 161 -20.67 18.71 -12.64
N MET A 162 -19.60 19.52 -12.78
CA MET A 162 -19.74 20.87 -13.34
C MET A 162 -18.80 21.13 -14.51
N HIS A 163 -19.12 22.18 -15.24
CA HIS A 163 -18.47 22.53 -16.49
C HIS A 163 -18.85 23.96 -16.80
N SER A 164 -17.87 24.70 -17.30
CA SER A 164 -18.06 26.03 -17.84
C SER A 164 -17.89 25.92 -19.35
N GLN A 165 -18.52 26.82 -20.09
CA GLN A 165 -18.23 26.91 -21.54
C GLN A 165 -16.79 27.45 -21.73
N GLY A 166 -16.34 28.29 -20.81
CA GLY A 166 -15.00 28.85 -20.88
C GLY A 166 -13.86 27.82 -20.92
N SER A 167 -13.75 27.02 -19.86
CA SER A 167 -12.71 26.00 -19.73
C SER A 167 -13.30 24.63 -19.90
N ASP A 168 -12.95 23.95 -20.99
CA ASP A 168 -13.38 22.57 -21.25
C ASP A 168 -12.46 21.50 -20.60
N TYR A 169 -12.74 21.25 -19.32
CA TYR A 169 -12.23 20.13 -18.55
C TYR A 169 -13.40 19.84 -17.59
N LEU A 170 -13.85 18.59 -17.47
CA LEU A 170 -15.05 18.33 -16.67
C LEU A 170 -14.65 18.26 -15.21
N ASP A 171 -15.19 19.15 -14.38
CA ASP A 171 -14.90 19.07 -12.94
C ASP A 171 -15.66 17.91 -12.31
N ILE A 172 -14.90 16.84 -12.05
CA ILE A 172 -15.42 15.60 -11.49
C ILE A 172 -14.75 15.37 -10.14
N GLY A 173 -15.53 14.88 -9.20
CA GLY A 173 -15.00 14.49 -7.91
C GLY A 173 -14.35 13.11 -7.97
N ASN A 174 -14.03 12.58 -6.80
CA ASN A 174 -13.35 11.30 -6.68
C ASN A 174 -14.23 10.22 -6.08
N ASN A 175 -15.52 10.51 -5.98
CA ASN A 175 -16.47 9.63 -5.32
C ASN A 175 -16.55 8.26 -6.04
N PRO A 176 -16.46 7.14 -5.29
CA PRO A 176 -16.70 5.80 -5.86
C PRO A 176 -18.17 5.52 -6.12
N ARG A 177 -19.05 6.21 -5.40
CA ARG A 177 -20.49 6.05 -5.53
C ARG A 177 -20.93 6.29 -6.97
N VAL A 178 -21.93 5.52 -7.40
CA VAL A 178 -22.52 5.68 -8.71
C VAL A 178 -23.99 6.06 -8.57
N GLY A 179 -24.61 6.43 -9.68
CA GLY A 179 -26.05 6.72 -9.69
C GLY A 179 -26.87 5.57 -9.16
N THR A 180 -28.04 5.87 -8.58
CA THR A 180 -28.96 4.83 -8.10
C THR A 180 -29.31 3.95 -9.30
N LYS A 181 -29.15 2.64 -9.14
CA LYS A 181 -29.24 1.74 -10.27
C LYS A 181 -30.63 1.80 -10.95
N ARG A 182 -31.70 1.87 -10.14
CA ARG A 182 -33.05 1.88 -10.68
C ARG A 182 -33.24 3.00 -11.71
N TYR A 183 -32.44 4.07 -11.58
CA TYR A 183 -32.61 5.27 -12.38
C TYR A 183 -31.54 5.46 -13.45
N MET A 184 -30.62 4.51 -13.57
CA MET A 184 -29.50 4.65 -14.50
C MET A 184 -29.99 4.53 -15.93
N ALA A 185 -29.52 5.43 -16.78
CA ALA A 185 -29.87 5.41 -18.20
C ALA A 185 -29.21 4.21 -18.89
N PRO A 186 -29.71 3.85 -20.09
CA PRO A 186 -29.11 2.73 -20.82
C PRO A 186 -27.62 2.89 -21.04
N GLU A 187 -27.21 4.09 -21.42
CA GLU A 187 -25.80 4.38 -21.70
C GLU A 187 -24.89 4.28 -20.45
N VAL A 188 -25.46 4.42 -19.26
CA VAL A 188 -24.70 4.21 -18.03
C VAL A 188 -24.55 2.72 -17.71
N LEU A 189 -25.63 1.97 -17.96
CA LEU A 189 -25.64 0.53 -17.72
C LEU A 189 -24.83 -0.21 -18.78
N ASP A 190 -24.82 0.32 -20.01
CA ASP A 190 -23.97 -0.22 -21.07
C ASP A 190 -22.48 0.07 -20.86
N GLU A 191 -22.20 1.11 -20.07
CA GLU A 191 -20.85 1.67 -19.91
C GLU A 191 -20.35 2.25 -21.24
N GLN A 192 -21.30 2.68 -22.07
CA GLN A 192 -21.01 3.27 -23.38
C GLN A 192 -21.00 4.80 -23.32
N ILE A 193 -21.28 5.35 -22.14
CA ILE A 193 -21.31 6.80 -21.95
C ILE A 193 -19.91 7.39 -22.06
N ARG A 194 -19.80 8.57 -22.68
CA ARG A 194 -18.51 9.28 -22.78
C ARG A 194 -18.29 10.12 -21.53
N THR A 195 -17.48 9.60 -20.60
CA THR A 195 -17.30 10.21 -19.28
C THR A 195 -16.48 11.51 -19.26
N ASP A 196 -15.97 11.92 -20.42
CA ASP A 196 -15.26 13.20 -20.54
C ASP A 196 -16.09 14.22 -21.31
N CYS A 197 -17.41 14.01 -21.39
CA CYS A 197 -18.32 14.94 -22.05
C CYS A 197 -19.41 15.34 -21.07
N PHE A 198 -19.55 16.65 -20.84
CA PHE A 198 -20.53 17.15 -19.87
C PHE A 198 -21.98 16.92 -20.34
N GLU A 199 -22.25 17.12 -21.62
CA GLU A 199 -23.63 16.96 -22.14
C GLU A 199 -24.18 15.56 -21.81
N SER A 200 -23.34 14.53 -21.91
CA SER A 200 -23.74 13.17 -21.55
C SER A 200 -24.40 13.08 -20.19
N TYR A 201 -23.81 13.70 -19.19
CA TYR A 201 -24.31 13.60 -17.82
C TYR A 201 -25.66 14.32 -17.67
N LYS A 202 -25.84 15.41 -18.42
CA LYS A 202 -27.13 16.08 -18.47
C LYS A 202 -28.20 15.14 -19.04
N TRP A 203 -27.86 14.39 -20.06
CA TRP A 203 -28.81 13.49 -20.70
C TRP A 203 -29.24 12.34 -19.79
N THR A 204 -28.40 12.00 -18.80
CA THR A 204 -28.78 10.95 -17.83
C THR A 204 -29.71 11.52 -16.74
N ASP A 205 -29.54 12.80 -16.45
CA ASP A 205 -30.46 13.49 -15.55
C ASP A 205 -31.85 13.48 -16.15
N ILE A 206 -31.90 13.75 -17.45
CA ILE A 206 -33.17 13.83 -18.17
C ILE A 206 -33.91 12.48 -18.15
N TRP A 207 -33.22 11.40 -18.50
CA TRP A 207 -33.78 10.05 -18.41
C TRP A 207 -34.46 9.88 -17.06
N ALA A 208 -33.67 10.04 -16.01
CA ALA A 208 -34.17 9.92 -14.64
C ALA A 208 -35.35 10.83 -14.35
N PHE A 209 -35.36 12.02 -14.97
CA PHE A 209 -36.47 12.96 -14.79
C PHE A 209 -37.76 12.37 -15.36
N GLY A 210 -37.68 11.80 -16.55
CA GLY A 210 -38.81 11.11 -17.15
C GLY A 210 -39.39 10.05 -16.23
N LEU A 211 -38.52 9.29 -15.56
CA LEU A 211 -38.97 8.26 -14.63
C LEU A 211 -39.69 8.89 -13.44
N VAL A 212 -39.22 10.04 -12.99
CA VAL A 212 -39.92 10.75 -11.91
C VAL A 212 -41.29 11.28 -12.34
N LEU A 213 -41.41 11.73 -13.60
CA LEU A 213 -42.72 12.17 -14.12
C LEU A 213 -43.70 11.02 -14.05
N TRP A 214 -43.29 9.85 -14.54
CA TRP A 214 -44.08 8.63 -14.47
C TRP A 214 -44.61 8.41 -13.06
N GLU A 215 -43.75 8.49 -12.07
CA GLU A 215 -44.15 8.32 -10.65
C GLU A 215 -45.24 9.30 -10.21
N ILE A 216 -45.15 10.55 -10.70
CA ILE A 216 -46.15 11.59 -10.43
C ILE A 216 -47.43 11.22 -11.19
N ALA A 217 -47.27 10.87 -12.46
CA ALA A 217 -48.41 10.55 -13.32
C ALA A 217 -49.24 9.42 -12.75
N ARG A 218 -48.58 8.34 -12.37
CA ARG A 218 -49.25 7.14 -11.81
C ARG A 218 -50.15 7.47 -10.64
N ARG A 219 -49.75 8.49 -9.90
CA ARG A 219 -50.42 8.88 -8.66
C ARG A 219 -51.44 10.01 -8.87
N THR A 220 -51.70 10.37 -10.13
CA THR A 220 -52.65 11.45 -10.47
C THR A 220 -54.09 10.91 -10.75
N ILE A 221 -55.10 11.61 -10.23
CA ILE A 221 -56.50 11.16 -10.33
C ILE A 221 -57.07 11.48 -11.69
N VAL A 222 -57.58 10.46 -12.42
CA VAL A 222 -58.37 10.72 -13.63
C VAL A 222 -59.55 9.74 -13.79
N ASN A 223 -60.72 10.32 -14.13
CA ASN A 223 -62.01 9.65 -14.02
C ASN A 223 -62.21 8.95 -12.71
N GLY A 224 -61.74 9.53 -11.62
CA GLY A 224 -61.78 8.83 -10.36
C GLY A 224 -61.07 7.51 -10.41
N ILE A 225 -60.04 7.39 -11.24
CA ILE A 225 -59.09 6.28 -11.21
C ILE A 225 -57.69 6.79 -10.83
N VAL A 226 -57.06 6.07 -9.93
CA VAL A 226 -55.74 6.35 -9.50
C VAL A 226 -55.18 5.06 -8.94
N GLU A 227 -53.94 4.77 -9.32
CA GLU A 227 -53.19 3.59 -8.87
C GLU A 227 -52.46 3.86 -7.55
N ASP A 228 -52.15 2.80 -6.80
CA ASP A 228 -51.27 2.89 -5.63
C ASP A 228 -49.85 3.15 -6.09
N TYR A 229 -49.04 3.78 -5.22
CA TYR A 229 -47.65 4.09 -5.58
C TYR A 229 -46.81 2.86 -5.89
N ARG A 230 -46.08 2.92 -7.00
CA ARG A 230 -45.05 1.94 -7.31
C ARG A 230 -43.83 2.66 -7.88
N PRO A 231 -42.63 2.12 -7.63
CA PRO A 231 -41.44 2.73 -8.24
C PRO A 231 -41.34 2.36 -9.72
N PRO A 232 -40.54 3.10 -10.50
CA PRO A 232 -40.31 2.73 -11.89
C PRO A 232 -39.74 1.32 -12.01
N PHE A 233 -40.20 0.59 -13.02
CA PHE A 233 -39.81 -0.79 -13.27
C PHE A 233 -40.21 -1.77 -12.16
N TYR A 234 -41.20 -1.38 -11.36
CA TYR A 234 -41.72 -2.27 -10.30
C TYR A 234 -42.15 -3.65 -10.78
N ASP A 235 -42.55 -3.76 -12.04
CA ASP A 235 -43.06 -5.00 -12.60
C ASP A 235 -41.97 -5.91 -13.21
N VAL A 236 -40.71 -5.48 -13.21
CA VAL A 236 -39.62 -6.23 -13.89
C VAL A 236 -38.34 -6.48 -13.08
N VAL A 237 -38.16 -5.80 -11.94
CA VAL A 237 -36.96 -5.95 -11.11
C VAL A 237 -37.29 -6.01 -9.61
N PRO A 238 -36.45 -6.70 -8.81
CA PRO A 238 -36.65 -6.80 -7.36
C PRO A 238 -36.42 -5.46 -6.64
N ASN A 239 -36.48 -5.47 -5.31
CA ASN A 239 -36.31 -4.25 -4.47
C ASN A 239 -35.04 -3.39 -4.65
N ASP A 240 -33.86 -4.00 -4.48
CA ASP A 240 -32.56 -3.33 -4.67
C ASP A 240 -31.93 -3.86 -5.94
N PRO A 241 -32.42 -3.41 -7.11
CA PRO A 241 -31.98 -4.07 -8.33
C PRO A 241 -30.47 -3.97 -8.54
N SER A 242 -29.86 -5.13 -8.81
CA SER A 242 -28.49 -5.20 -9.28
C SER A 242 -28.34 -4.43 -10.59
N PHE A 243 -27.10 -4.04 -10.86
CA PHE A 243 -26.77 -3.45 -12.13
C PHE A 243 -27.25 -4.42 -13.19
N GLU A 244 -26.99 -5.70 -12.97
CA GLU A 244 -27.27 -6.72 -13.99
C GLU A 244 -28.77 -6.86 -14.25
N ASP A 245 -29.58 -6.75 -13.20
CA ASP A 245 -31.05 -6.75 -13.34
C ASP A 245 -31.50 -5.61 -14.23
N MET A 246 -30.94 -4.41 -14.01
CA MET A 246 -31.30 -3.23 -14.79
C MET A 246 -30.73 -3.30 -16.21
N LYS A 247 -29.47 -3.73 -16.33
CA LYS A 247 -28.86 -3.92 -17.65
C LYS A 247 -29.79 -4.75 -18.55
N LYS A 248 -30.29 -5.87 -18.02
CA LYS A 248 -31.14 -6.78 -18.79
C LYS A 248 -32.44 -6.11 -19.21
N VAL A 249 -33.07 -5.42 -18.28
CA VAL A 249 -34.36 -4.79 -18.52
C VAL A 249 -34.25 -3.57 -19.43
N VAL A 250 -33.31 -2.69 -19.13
CA VAL A 250 -33.20 -1.41 -19.86
C VAL A 250 -32.41 -1.51 -21.17
N CYS A 251 -31.40 -2.37 -21.21
CA CYS A 251 -30.55 -2.47 -22.42
C CYS A 251 -30.89 -3.63 -23.30
N VAL A 252 -30.92 -4.84 -22.73
CA VAL A 252 -31.24 -6.05 -23.51
C VAL A 252 -32.71 -6.06 -23.95
N ASP A 253 -33.63 -5.94 -22.98
CA ASP A 253 -35.07 -5.99 -23.28
C ASP A 253 -35.62 -4.65 -23.82
N GLN A 254 -34.81 -3.60 -23.74
CA GLN A 254 -35.17 -2.26 -24.23
C GLN A 254 -36.49 -1.74 -23.63
N GLN A 255 -36.72 -2.05 -22.36
CA GLN A 255 -37.95 -1.69 -21.67
C GLN A 255 -37.94 -0.27 -21.09
N THR A 256 -39.12 0.35 -21.11
CA THR A 256 -39.35 1.63 -20.43
C THR A 256 -40.67 1.49 -19.64
N PRO A 257 -40.85 2.25 -18.52
CA PRO A 257 -42.12 2.08 -17.78
C PRO A 257 -43.34 2.21 -18.67
N THR A 258 -44.37 1.42 -18.41
CA THR A 258 -45.60 1.48 -19.19
C THR A 258 -46.24 2.87 -19.05
N ILE A 259 -46.48 3.52 -20.17
CA ILE A 259 -47.22 4.79 -20.20
C ILE A 259 -48.71 4.46 -20.06
N PRO A 260 -49.36 4.90 -18.98
CA PRO A 260 -50.78 4.56 -18.78
C PRO A 260 -51.57 4.52 -20.10
N ASN A 261 -52.16 3.36 -20.44
CA ASN A 261 -52.89 3.19 -21.70
C ASN A 261 -54.16 4.04 -21.74
N ARG A 262 -54.30 4.89 -20.72
CA ARG A 262 -55.37 5.89 -20.62
C ARG A 262 -54.75 7.26 -20.34
N LEU A 263 -53.53 7.44 -20.84
CA LEU A 263 -52.75 8.67 -20.62
C LEU A 263 -53.10 9.74 -21.64
N ALA A 264 -53.72 9.31 -22.74
CA ALA A 264 -54.00 10.18 -23.87
C ALA A 264 -55.48 10.59 -23.94
N ALA A 265 -56.27 10.12 -22.97
CA ALA A 265 -57.69 10.47 -22.92
C ALA A 265 -57.94 11.77 -22.11
N ASP A 266 -57.05 12.75 -22.27
CA ASP A 266 -57.13 14.02 -21.53
C ASP A 266 -56.38 15.15 -22.27
N PRO A 267 -56.59 16.43 -21.85
CA PRO A 267 -55.84 17.58 -22.40
C PRO A 267 -54.48 17.89 -21.73
N VAL A 268 -54.54 18.12 -20.43
CA VAL A 268 -53.38 18.56 -19.65
C VAL A 268 -52.44 17.38 -19.37
N LEU A 269 -52.95 16.15 -19.42
CA LEU A 269 -52.12 14.98 -19.11
C LEU A 269 -51.95 14.05 -20.31
N SER A 270 -52.27 14.55 -21.51
CA SER A 270 -51.93 13.91 -22.78
C SER A 270 -50.48 14.19 -23.12
N GLY A 271 -50.07 15.44 -22.86
CA GLY A 271 -48.72 15.88 -23.15
C GLY A 271 -47.70 15.21 -22.26
N LEU A 272 -48.04 15.03 -20.97
CA LEU A 272 -47.11 14.39 -20.04
C LEU A 272 -46.64 13.06 -20.60
N ALA A 273 -47.55 12.29 -21.19
CA ALA A 273 -47.22 10.98 -21.79
C ALA A 273 -46.18 11.13 -22.91
N GLN A 274 -46.37 12.12 -23.76
CA GLN A 274 -45.47 12.40 -24.87
C GLN A 274 -44.13 12.89 -24.37
N MET A 275 -44.15 13.72 -23.32
CA MET A 275 -42.91 14.20 -22.72
C MET A 275 -42.11 13.10 -22.03
N MET A 276 -42.84 12.16 -21.42
CA MET A 276 -42.22 10.96 -20.85
C MET A 276 -41.46 10.19 -21.91
N ARG A 277 -42.11 9.94 -23.04
CA ARG A 277 -41.48 9.26 -24.16
C ARG A 277 -40.18 9.95 -24.58
N GLU A 278 -40.13 11.28 -24.52
CA GLU A 278 -39.01 12.05 -25.09
C GLU A 278 -37.81 12.22 -24.13
N CYS A 279 -37.99 11.72 -22.90
CA CYS A 279 -36.91 11.59 -21.96
C CYS A 279 -36.27 10.22 -22.10
N TRP A 280 -36.98 9.27 -22.72
CA TRP A 280 -36.54 7.88 -22.74
C TRP A 280 -36.03 7.38 -24.09
N TYR A 281 -35.74 8.28 -25.01
CA TYR A 281 -35.15 7.87 -26.27
C TYR A 281 -33.77 7.25 -26.01
N PRO A 282 -33.54 6.05 -26.58
CA PRO A 282 -32.25 5.34 -26.38
C PRO A 282 -31.02 6.16 -26.76
N ASN A 283 -31.11 6.91 -27.86
CA ASN A 283 -30.04 7.81 -28.27
C ASN A 283 -30.13 9.08 -27.45
N PRO A 284 -29.18 9.29 -26.52
CA PRO A 284 -29.24 10.38 -25.52
C PRO A 284 -29.45 11.78 -26.09
N SER A 285 -28.88 12.06 -27.26
CA SER A 285 -28.97 13.41 -27.84
C SER A 285 -30.36 13.73 -28.42
N ALA A 286 -31.19 12.71 -28.58
CA ALA A 286 -32.56 12.90 -29.08
C ALA A 286 -33.50 13.37 -27.98
N ARG A 287 -33.03 13.35 -26.73
CA ARG A 287 -33.88 13.68 -25.59
C ARG A 287 -34.08 15.19 -25.43
N LEU A 288 -35.21 15.55 -24.81
CA LEU A 288 -35.49 16.94 -24.48
C LEU A 288 -34.48 17.42 -23.45
N THR A 289 -34.21 18.73 -23.48
CA THR A 289 -33.39 19.38 -22.48
C THR A 289 -34.32 19.78 -21.32
N ALA A 290 -33.74 20.06 -20.16
CA ALA A 290 -34.55 20.48 -18.99
C ALA A 290 -35.28 21.80 -19.28
N LEU A 291 -34.60 22.71 -20.00
CA LEU A 291 -35.21 23.98 -20.36
C LEU A 291 -36.45 23.76 -21.22
N ARG A 292 -36.34 22.88 -22.20
CA ARG A 292 -37.46 22.57 -23.11
C ARG A 292 -38.63 21.92 -22.35
N ILE A 293 -38.31 21.07 -21.37
CA ILE A 293 -39.34 20.45 -20.52
C ILE A 293 -40.04 21.50 -19.66
N LYS A 294 -39.25 22.31 -18.96
CA LYS A 294 -39.76 23.47 -18.22
C LYS A 294 -40.74 24.25 -19.09
N LYS A 295 -40.29 24.68 -20.27
CA LYS A 295 -41.12 25.53 -21.14
C LYS A 295 -42.44 24.86 -21.54
N THR A 296 -42.36 23.61 -21.98
CA THR A 296 -43.55 22.87 -22.38
C THR A 296 -44.56 22.82 -21.23
N LEU A 297 -44.03 22.62 -20.01
CA LEU A 297 -44.83 22.45 -18.80
C LEU A 297 -45.69 23.66 -18.48
N GLN A 298 -45.05 24.84 -18.46
CA GLN A 298 -45.81 26.07 -18.29
C GLN A 298 -46.58 26.43 -19.57
N LYS A 299 -46.01 26.12 -20.74
CA LYS A 299 -46.75 26.39 -21.98
C LYS A 299 -48.15 25.80 -21.89
N ILE A 300 -48.26 24.62 -21.26
CA ILE A 300 -49.54 23.99 -20.99
C ILE A 300 -49.93 24.26 -19.50
N SER A 301 -49.44 25.41 -19.01
CA SER A 301 -49.73 26.03 -17.68
C SER A 301 -48.83 25.52 -16.54
N GLN B 3 6.67 -17.62 16.88
CA GLN B 3 5.67 -16.99 15.92
C GLN B 3 6.32 -16.03 14.95
N ARG B 4 7.65 -16.15 14.79
CA ARG B 4 8.42 -15.27 13.89
C ARG B 4 8.27 -15.69 12.43
N THR B 5 7.81 -16.93 12.23
CA THR B 5 7.68 -17.54 10.89
C THR B 5 6.21 -17.92 10.54
N VAL B 6 5.25 -17.12 11.01
CA VAL B 6 3.83 -17.34 10.67
C VAL B 6 3.31 -16.19 9.81
N ALA B 7 3.17 -15.02 10.44
CA ALA B 7 2.64 -13.83 9.79
C ALA B 7 3.36 -13.42 8.49
N ARG B 8 4.57 -13.98 8.22
CA ARG B 8 5.32 -13.70 6.97
C ARG B 8 4.73 -14.43 5.76
N GLN B 9 4.23 -15.64 5.97
CA GLN B 9 3.69 -16.47 4.89
C GLN B 9 2.22 -16.19 4.59
N VAL B 10 1.48 -15.62 5.53
CA VAL B 10 0.05 -15.33 5.34
C VAL B 10 -0.18 -14.35 4.20
N ALA B 11 -1.04 -14.73 3.26
CA ALA B 11 -1.46 -13.86 2.17
C ALA B 11 -2.85 -13.31 2.51
N LEU B 12 -3.02 -11.99 2.35
CA LEU B 12 -4.29 -11.35 2.66
C LEU B 12 -5.13 -11.34 1.40
N VAL B 13 -6.38 -11.79 1.51
CA VAL B 13 -7.25 -11.96 0.35
C VAL B 13 -8.43 -10.97 0.33
N GLU B 14 -9.18 -10.91 1.42
CA GLU B 14 -10.39 -10.10 1.48
C GLU B 14 -10.49 -9.38 2.82
N CYS B 15 -10.84 -8.09 2.76
CA CYS B 15 -11.15 -7.32 3.96
C CYS B 15 -12.62 -7.51 4.31
N VAL B 16 -12.87 -8.12 5.46
CA VAL B 16 -14.23 -8.48 5.88
C VAL B 16 -14.76 -7.57 7.01
N GLY B 17 -13.95 -6.63 7.46
CA GLY B 17 -14.36 -5.70 8.51
C GLY B 17 -13.45 -4.49 8.63
N LYS B 18 -14.02 -3.37 9.04
CA LYS B 18 -13.28 -2.11 9.22
C LYS B 18 -13.95 -1.26 10.28
N GLY B 19 -13.16 -0.57 11.10
CA GLY B 19 -13.68 0.23 12.21
C GLY B 19 -12.60 0.99 12.98
N ARG B 20 -12.97 1.52 14.15
CA ARG B 20 -12.06 2.29 14.99
C ARG B 20 -11.00 1.38 15.62
N TYR B 21 -11.33 0.09 15.74
CA TYR B 21 -10.38 -0.92 16.23
C TYR B 21 -9.27 -1.23 15.23
N GLY B 22 -9.50 -0.95 13.95
CA GLY B 22 -8.59 -1.31 12.87
C GLY B 22 -9.34 -1.99 11.74
N GLU B 23 -8.82 -3.13 11.26
CA GLU B 23 -9.43 -3.90 10.17
C GLU B 23 -9.24 -5.39 10.40
N VAL B 24 -10.20 -6.19 9.95
CA VAL B 24 -10.02 -7.64 9.94
C VAL B 24 -10.06 -8.11 8.49
N TRP B 25 -9.11 -8.99 8.16
CA TRP B 25 -8.98 -9.53 6.82
C TRP B 25 -9.11 -11.05 6.85
N ARG B 26 -9.62 -11.61 5.78
CA ARG B 26 -9.52 -13.07 5.58
C ARG B 26 -8.18 -13.36 4.90
N GLY B 27 -7.43 -14.30 5.44
CA GLY B 27 -6.11 -14.61 4.90
C GLY B 27 -5.93 -16.08 4.63
N LEU B 28 -5.04 -16.39 3.69
CA LEU B 28 -4.71 -17.78 3.34
C LEU B 28 -3.34 -18.13 3.89
N TRP B 29 -3.27 -19.23 4.64
CA TRP B 29 -1.99 -19.76 5.11
C TRP B 29 -1.95 -21.27 4.87
N HIS B 30 -1.04 -21.69 3.99
CA HIS B 30 -0.91 -23.10 3.62
C HIS B 30 -2.28 -23.75 3.42
N GLY B 31 -3.06 -23.19 2.50
CA GLY B 31 -4.36 -23.74 2.12
C GLY B 31 -5.55 -23.35 3.00
N GLU B 32 -5.32 -23.25 4.31
CA GLU B 32 -6.40 -22.95 5.26
C GLU B 32 -6.66 -21.45 5.39
N SER B 33 -7.84 -21.10 5.89
CA SER B 33 -8.25 -19.71 6.07
C SER B 33 -7.97 -19.24 7.49
N VAL B 34 -7.43 -18.03 7.61
CA VAL B 34 -7.17 -17.41 8.91
C VAL B 34 -7.76 -16.00 8.93
N ALA B 35 -8.01 -15.47 10.11
CA ALA B 35 -8.38 -14.07 10.29
C ALA B 35 -7.14 -13.31 10.70
N VAL B 36 -6.91 -12.16 10.06
CA VAL B 36 -5.79 -11.27 10.41
C VAL B 36 -6.38 -9.92 10.81
N LYS B 37 -6.33 -9.62 12.11
CA LYS B 37 -6.74 -8.32 12.61
C LYS B 37 -5.55 -7.36 12.64
N ILE B 38 -5.60 -6.36 11.76
CA ILE B 38 -4.58 -5.30 11.76
C ILE B 38 -5.13 -4.17 12.64
N PHE B 39 -4.40 -3.86 13.71
CA PHE B 39 -4.89 -2.88 14.69
C PHE B 39 -4.58 -1.45 14.25
N SER B 40 -5.46 -0.51 14.62
CA SER B 40 -5.23 0.91 14.38
C SER B 40 -4.29 1.48 15.43
N SER B 41 -3.66 2.61 15.11
CA SER B 41 -2.73 3.27 16.02
C SER B 41 -3.39 3.66 17.34
N ARG B 42 -4.67 4.03 17.28
CA ARG B 42 -5.42 4.40 18.47
C ARG B 42 -5.77 3.22 19.40
N ASP B 43 -5.51 1.99 18.97
CA ASP B 43 -5.87 0.80 19.74
C ASP B 43 -4.70 -0.19 19.95
N GLU B 44 -3.48 0.31 19.85
CA GLU B 44 -2.28 -0.48 20.06
C GLU B 44 -2.27 -1.24 21.38
N GLN B 45 -2.83 -0.61 22.42
CA GLN B 45 -2.80 -1.23 23.75
C GLN B 45 -3.69 -2.45 23.82
N SER B 46 -4.74 -2.52 22.99
CA SER B 46 -5.58 -3.71 22.93
C SER B 46 -4.77 -4.88 22.36
N TRP B 47 -4.00 -4.61 21.31
CA TRP B 47 -3.13 -5.63 20.73
C TRP B 47 -2.13 -6.17 21.74
N PHE B 48 -1.59 -5.29 22.57
CA PHE B 48 -0.62 -5.68 23.58
C PHE B 48 -1.24 -6.60 24.60
N ARG B 49 -2.37 -6.18 25.15
CA ARG B 49 -3.09 -6.95 26.15
C ARG B 49 -3.53 -8.31 25.62
N GLU B 50 -3.99 -8.32 24.38
CA GLU B 50 -4.48 -9.54 23.77
C GLU B 50 -3.32 -10.47 23.47
N THR B 51 -2.19 -9.90 23.07
CA THR B 51 -0.97 -10.68 22.83
C THR B 51 -0.42 -11.26 24.13
N GLU B 52 -0.41 -10.45 25.19
CA GLU B 52 0.02 -10.92 26.49
C GLU B 52 -0.81 -12.11 26.92
N ILE B 53 -2.14 -11.93 26.96
CA ILE B 53 -3.07 -12.97 27.48
C ILE B 53 -3.03 -14.28 26.69
N TYR B 54 -2.99 -14.19 25.36
CA TYR B 54 -2.95 -15.36 24.52
C TYR B 54 -1.62 -16.12 24.63
N ASN B 55 -0.51 -15.42 24.88
CA ASN B 55 0.80 -16.08 25.06
C ASN B 55 1.05 -16.61 26.47
N THR B 56 0.22 -16.14 27.42
CA THR B 56 0.51 -16.30 28.85
C THR B 56 -0.47 -17.17 29.59
N VAL B 57 -1.72 -17.24 29.11
CA VAL B 57 -2.79 -17.96 29.77
C VAL B 57 -3.20 -19.16 28.91
N LEU B 58 -3.25 -20.35 29.54
CA LEU B 58 -3.73 -21.55 28.85
C LEU B 58 -5.23 -21.46 28.68
N LEU B 59 -5.66 -20.97 27.51
CA LEU B 59 -7.05 -20.52 27.30
C LEU B 59 -7.85 -21.33 26.30
N ARG B 60 -7.19 -22.18 25.51
CA ARG B 60 -7.83 -22.91 24.42
C ARG B 60 -9.18 -23.49 24.84
N HIS B 61 -10.20 -23.26 24.01
CA HIS B 61 -11.56 -23.72 24.32
C HIS B 61 -12.42 -23.59 23.06
N ASP B 62 -13.25 -24.60 22.81
CA ASP B 62 -14.14 -24.60 21.66
C ASP B 62 -14.92 -23.27 21.52
N ASN B 63 -15.25 -22.64 22.65
CA ASN B 63 -16.04 -21.40 22.67
C ASN B 63 -15.26 -20.11 22.93
N ILE B 64 -13.97 -20.12 22.58
CA ILE B 64 -13.11 -18.95 22.66
C ILE B 64 -12.26 -18.94 21.41
N LEU B 65 -12.12 -17.77 20.78
CA LEU B 65 -11.49 -17.68 19.45
C LEU B 65 -10.08 -18.23 19.54
N GLY B 66 -9.75 -19.13 18.62
CA GLY B 66 -8.43 -19.73 18.57
C GLY B 66 -7.36 -18.75 18.12
N PHE B 67 -6.25 -18.74 18.85
CA PHE B 67 -5.09 -17.89 18.59
C PHE B 67 -4.10 -18.66 17.73
N ILE B 68 -3.51 -17.98 16.76
CA ILE B 68 -2.45 -18.57 15.93
C ILE B 68 -1.12 -17.85 16.11
N ALA B 69 -1.14 -16.52 16.02
CA ALA B 69 0.10 -15.74 16.12
C ALA B 69 -0.14 -14.24 16.40
N SER B 70 0.91 -13.57 16.81
CA SER B 70 0.88 -12.14 16.99
C SER B 70 2.21 -11.60 16.47
N ASP B 71 2.16 -10.51 15.69
CA ASP B 71 3.36 -10.00 15.03
C ASP B 71 3.38 -8.49 14.95
N MET B 72 4.59 -7.95 15.01
CA MET B 72 4.86 -6.57 14.61
C MET B 72 5.59 -6.70 13.29
N THR B 73 5.27 -5.81 12.35
CA THR B 73 5.59 -6.01 10.93
C THR B 73 5.94 -4.69 10.29
N THR B 79 4.60 1.44 11.88
CA THR B 79 4.44 0.04 11.50
C THR B 79 2.97 -0.44 11.61
N GLN B 80 2.75 -1.76 11.60
CA GLN B 80 1.43 -2.32 11.83
C GLN B 80 1.49 -3.58 12.69
N LEU B 81 0.56 -3.65 13.66
CA LEU B 81 0.46 -4.69 14.66
C LEU B 81 -0.60 -5.71 14.24
N TRP B 82 -0.23 -6.98 14.18
CA TRP B 82 -1.15 -8.03 13.68
C TRP B 82 -1.51 -9.05 14.75
N LEU B 83 -2.75 -9.49 14.71
CA LEU B 83 -3.19 -10.66 15.47
C LEU B 83 -3.82 -11.61 14.48
N ILE B 84 -3.27 -12.83 14.39
CA ILE B 84 -3.78 -13.84 13.45
C ILE B 84 -4.47 -14.92 14.29
N THR B 85 -5.69 -15.28 13.89
CA THR B 85 -6.53 -16.24 14.61
C THR B 85 -7.26 -17.15 13.64
N HIS B 86 -8.01 -18.11 14.15
CA HIS B 86 -8.91 -18.91 13.30
C HIS B 86 -9.89 -17.96 12.60
N TYR B 87 -10.37 -18.37 11.41
CA TYR B 87 -11.33 -17.60 10.65
C TYR B 87 -12.68 -18.30 10.71
N HIS B 88 -13.75 -17.52 10.91
CA HIS B 88 -15.12 -18.05 10.88
C HIS B 88 -15.99 -17.32 9.86
N GLU B 89 -16.43 -18.05 8.83
CA GLU B 89 -17.10 -17.48 7.65
C GLU B 89 -18.34 -16.70 7.96
N HIS B 90 -19.13 -17.20 8.91
CA HIS B 90 -20.39 -16.55 9.28
C HIS B 90 -20.18 -15.17 9.89
N GLY B 91 -18.95 -14.88 10.31
CA GLY B 91 -18.63 -13.61 10.93
C GLY B 91 -19.17 -13.60 12.34
N SER B 92 -19.41 -12.40 12.85
CA SER B 92 -19.89 -12.24 14.21
C SER B 92 -21.38 -12.60 14.36
N LEU B 93 -21.81 -12.73 15.61
CA LEU B 93 -23.21 -12.95 15.94
C LEU B 93 -24.06 -11.79 15.40
N TYR B 94 -23.51 -10.58 15.47
CA TYR B 94 -24.12 -9.41 14.89
C TYR B 94 -24.41 -9.65 13.42
N ASP B 95 -23.38 -10.06 12.70
CA ASP B 95 -23.52 -10.35 11.27
C ASP B 95 -24.58 -11.42 11.01
N PHE B 96 -24.49 -12.52 11.75
CA PHE B 96 -25.31 -13.72 11.56
C PHE B 96 -26.78 -13.38 11.82
N LEU B 97 -27.03 -12.69 12.93
CA LEU B 97 -28.38 -12.25 13.28
C LEU B 97 -28.95 -11.23 12.31
N GLN B 98 -28.09 -10.54 11.56
CA GLN B 98 -28.54 -9.60 10.54
C GLN B 98 -29.28 -10.35 9.43
N ARG B 99 -28.62 -11.38 8.89
CA ARG B 99 -29.13 -12.09 7.71
C ARG B 99 -30.07 -13.25 8.03
N GLN B 100 -29.83 -13.95 9.13
CA GLN B 100 -30.49 -15.22 9.41
C GLN B 100 -31.53 -15.08 10.51
N THR B 101 -32.59 -15.87 10.38
CA THR B 101 -33.61 -16.00 11.43
C THR B 101 -33.39 -17.35 12.15
N LEU B 102 -33.78 -17.43 13.41
CA LEU B 102 -33.43 -18.57 14.22
C LEU B 102 -34.60 -19.41 14.66
N GLU B 103 -34.56 -20.70 14.32
CA GLU B 103 -35.44 -21.70 14.93
C GLU B 103 -35.10 -21.71 16.44
N PRO B 104 -36.11 -21.96 17.30
CA PRO B 104 -35.85 -22.00 18.74
C PRO B 104 -34.66 -22.88 19.15
N HIS B 105 -34.53 -24.06 18.54
CA HIS B 105 -33.39 -24.95 18.79
C HIS B 105 -32.06 -24.23 18.55
N LEU B 106 -31.98 -23.49 17.45
CA LEU B 106 -30.75 -22.81 17.05
C LEU B 106 -30.44 -21.65 17.99
N ALA B 107 -31.48 -20.92 18.37
CA ALA B 107 -31.37 -19.85 19.37
C ALA B 107 -30.74 -20.35 20.67
N LEU B 108 -31.16 -21.53 21.11
CA LEU B 108 -30.64 -22.14 22.36
C LEU B 108 -29.20 -22.61 22.19
N ARG B 109 -28.87 -23.10 20.99
CA ARG B 109 -27.53 -23.60 20.70
C ARG B 109 -26.52 -22.45 20.77
N LEU B 110 -26.84 -21.32 20.14
CA LEU B 110 -25.99 -20.13 20.18
C LEU B 110 -25.91 -19.59 21.61
N ALA B 111 -27.04 -19.56 22.31
CA ALA B 111 -27.08 -19.05 23.67
C ALA B 111 -26.29 -19.92 24.65
N VAL B 112 -26.38 -21.24 24.52
CA VAL B 112 -25.69 -22.12 25.44
C VAL B 112 -24.19 -22.10 25.22
N SER B 113 -23.77 -22.05 23.95
CA SER B 113 -22.36 -22.08 23.60
C SER B 113 -21.67 -20.80 24.01
N ALA B 114 -22.34 -19.66 23.78
CA ALA B 114 -21.83 -18.36 24.26
C ALA B 114 -21.68 -18.39 25.77
N ALA B 115 -22.65 -18.97 26.46
CA ALA B 115 -22.58 -19.11 27.91
C ALA B 115 -21.40 -19.99 28.36
N CYS B 116 -21.07 -21.01 27.57
CA CYS B 116 -19.92 -21.87 27.86
C CYS B 116 -18.64 -21.04 27.79
N GLY B 117 -18.52 -20.27 26.71
CA GLY B 117 -17.40 -19.36 26.53
C GLY B 117 -17.20 -18.44 27.73
N LEU B 118 -18.25 -17.73 28.13
CA LEU B 118 -18.16 -16.78 29.25
C LEU B 118 -17.91 -17.46 30.58
N ALA B 119 -18.52 -18.62 30.81
CA ALA B 119 -18.25 -19.37 32.05
C ALA B 119 -16.78 -19.79 32.15
N HIS B 120 -16.20 -20.21 31.03
CA HIS B 120 -14.83 -20.66 30.98
C HIS B 120 -13.85 -19.50 31.27
N LEU B 121 -14.16 -18.32 30.75
CA LEU B 121 -13.41 -17.12 31.07
C LEU B 121 -13.46 -16.81 32.56
N HIS B 122 -14.66 -16.78 33.12
CA HIS B 122 -14.89 -16.33 34.49
C HIS B 122 -14.34 -17.29 35.57
N VAL B 123 -14.40 -18.60 35.32
CA VAL B 123 -14.05 -19.57 36.34
C VAL B 123 -12.55 -19.79 36.35
N GLU B 124 -11.95 -19.68 37.53
CA GLU B 124 -10.57 -20.04 37.70
C GLU B 124 -10.52 -21.58 37.68
N ILE B 125 -9.75 -22.18 36.78
CA ILE B 125 -9.34 -23.58 36.91
C ILE B 125 -8.11 -23.56 37.82
N PHE B 126 -8.04 -24.36 38.87
CA PHE B 126 -6.85 -24.35 39.75
C PHE B 126 -5.87 -25.48 39.43
N GLY B 127 -4.60 -25.20 39.59
CA GLY B 127 -3.55 -26.17 39.30
C GLY B 127 -2.40 -25.49 38.61
N THR B 128 -1.39 -26.30 38.28
CA THR B 128 -0.11 -25.78 37.78
C THR B 128 0.02 -26.00 36.29
N GLN B 129 -1.12 -26.21 35.65
CA GLN B 129 -1.34 -25.84 34.28
C GLN B 129 -2.75 -25.28 34.31
N GLY B 130 -3.00 -24.44 35.30
CA GLY B 130 -4.29 -23.85 35.53
C GLY B 130 -4.50 -22.56 34.74
N LYS B 131 -5.37 -21.71 35.25
CA LYS B 131 -5.63 -20.44 34.62
C LYS B 131 -6.38 -19.52 35.55
N PRO B 132 -6.12 -18.23 35.41
CA PRO B 132 -6.81 -17.35 36.32
C PRO B 132 -8.24 -17.04 35.83
N ALA B 133 -9.04 -16.44 36.71
CA ALA B 133 -10.36 -15.97 36.36
C ALA B 133 -10.19 -14.74 35.49
N ILE B 134 -10.93 -14.69 34.37
CA ILE B 134 -10.82 -13.61 33.39
C ILE B 134 -12.19 -12.97 33.14
N ALA B 135 -12.27 -11.64 33.21
CA ALA B 135 -13.48 -10.88 32.84
C ALA B 135 -13.24 -10.14 31.53
N HIS B 136 -14.22 -10.17 30.61
CA HIS B 136 -14.07 -9.65 29.25
C HIS B 136 -14.00 -8.12 29.27
N ARG B 137 -15.04 -7.49 29.80
CA ARG B 137 -15.19 -6.01 29.86
C ARG B 137 -15.67 -5.34 28.54
N ASP B 138 -15.84 -6.10 27.48
CA ASP B 138 -16.46 -5.58 26.24
C ASP B 138 -17.26 -6.66 25.56
N PHE B 139 -18.10 -7.35 26.33
CA PHE B 139 -18.92 -8.42 25.78
C PHE B 139 -20.09 -7.84 25.02
N LYS B 140 -20.17 -8.20 23.73
CA LYS B 140 -21.21 -7.74 22.84
C LYS B 140 -21.34 -8.69 21.66
N SER B 141 -22.40 -8.54 20.86
CA SER B 141 -22.64 -9.48 19.78
C SER B 141 -21.60 -9.38 18.68
N ARG B 142 -20.96 -8.22 18.56
CA ARG B 142 -19.87 -8.05 17.57
C ARG B 142 -18.57 -8.75 17.99
N ASN B 143 -18.44 -9.09 19.28
CA ASN B 143 -17.25 -9.79 19.81
C ASN B 143 -17.52 -11.26 20.10
N VAL B 144 -18.56 -11.80 19.46
CA VAL B 144 -18.87 -13.23 19.49
C VAL B 144 -19.00 -13.70 18.05
N LEU B 145 -18.21 -14.71 17.68
CA LEU B 145 -18.25 -15.26 16.33
C LEU B 145 -19.18 -16.49 16.27
N VAL B 146 -19.71 -16.77 15.09
CA VAL B 146 -20.50 -17.98 14.87
C VAL B 146 -19.74 -18.95 13.96
N LYS B 147 -19.46 -20.14 14.50
CA LYS B 147 -18.68 -21.16 13.81
C LYS B 147 -19.52 -21.93 12.79
N SER B 148 -18.85 -22.79 12.01
CA SER B 148 -19.51 -23.66 11.03
C SER B 148 -20.60 -24.52 11.64
N ASN B 149 -20.34 -25.07 12.84
CA ASN B 149 -21.31 -25.91 13.53
C ASN B 149 -22.33 -25.09 14.32
N LEU B 150 -22.47 -23.82 13.93
CA LEU B 150 -23.43 -22.92 14.54
C LEU B 150 -23.35 -22.91 16.07
N GLN B 151 -22.11 -22.96 16.58
CA GLN B 151 -21.82 -22.69 18.00
C GLN B 151 -21.00 -21.42 18.06
N CYS B 152 -21.11 -20.68 19.15
CA CYS B 152 -20.41 -19.41 19.32
C CYS B 152 -18.97 -19.57 19.89
N CYS B 153 -18.13 -18.59 19.63
CA CYS B 153 -16.90 -18.47 20.40
C CYS B 153 -16.54 -17.02 20.62
N ILE B 154 -16.15 -16.70 21.84
CA ILE B 154 -15.87 -15.32 22.23
C ILE B 154 -14.51 -14.82 21.72
N ALA B 155 -14.48 -13.56 21.28
CA ALA B 155 -13.27 -12.90 20.79
C ALA B 155 -13.00 -11.58 21.53
N ASP B 156 -11.87 -10.96 21.18
CA ASP B 156 -11.46 -9.62 21.63
C ASP B 156 -11.21 -9.55 23.13
N LEU B 157 -10.02 -9.99 23.54
CA LEU B 157 -9.62 -9.96 24.94
C LEU B 157 -8.82 -8.68 25.30
N GLY B 158 -8.93 -7.67 24.44
CA GLY B 158 -8.12 -6.47 24.55
C GLY B 158 -8.29 -5.67 25.82
N LEU B 159 -9.43 -5.83 26.48
CA LEU B 159 -9.74 -5.10 27.72
C LEU B 159 -9.82 -6.01 28.91
N ALA B 160 -9.46 -7.29 28.75
CA ALA B 160 -9.72 -8.29 29.78
C ALA B 160 -8.98 -7.96 31.04
N VAL B 161 -9.55 -8.34 32.19
CA VAL B 161 -8.88 -8.20 33.49
C VAL B 161 -8.87 -9.55 34.18
N MET B 162 -7.80 -9.80 34.94
CA MET B 162 -7.56 -11.12 35.50
C MET B 162 -7.29 -11.00 37.00
N HIS B 163 -7.48 -12.10 37.72
CA HIS B 163 -7.33 -12.12 39.16
C HIS B 163 -6.98 -13.53 39.58
N SER B 164 -5.97 -13.64 40.46
CA SER B 164 -5.54 -14.95 40.94
C SER B 164 -5.65 -15.09 42.46
N GLN B 165 -6.80 -15.60 42.91
CA GLN B 165 -6.99 -16.05 44.30
C GLN B 165 -5.65 -16.43 44.97
N GLY B 166 -4.88 -17.28 44.29
CA GLY B 166 -3.48 -17.64 44.64
C GLY B 166 -2.52 -16.57 45.19
N SER B 167 -2.60 -15.35 44.65
CA SER B 167 -2.15 -14.15 45.39
C SER B 167 -2.94 -12.92 44.93
N ASP B 168 -3.99 -12.59 45.69
CA ASP B 168 -4.88 -11.47 45.33
C ASP B 168 -4.02 -10.26 44.86
N TYR B 169 -3.96 -10.14 43.52
CA TYR B 169 -3.40 -9.00 42.80
C TYR B 169 -4.24 -8.84 41.54
N LEU B 170 -4.80 -7.65 41.31
CA LEU B 170 -5.58 -7.38 40.09
C LEU B 170 -4.68 -7.01 38.90
N ASP B 171 -4.81 -7.82 37.85
CA ASP B 171 -4.18 -7.59 36.57
C ASP B 171 -5.01 -6.53 35.82
N ILE B 172 -4.53 -5.27 35.89
CA ILE B 172 -5.17 -4.12 35.23
C ILE B 172 -4.24 -3.46 34.21
N GLY B 173 -4.66 -3.40 32.95
CA GLY B 173 -3.86 -2.81 31.85
C GLY B 173 -3.88 -1.27 31.78
N ASN B 174 -3.22 -0.72 30.76
CA ASN B 174 -3.12 0.73 30.67
C ASN B 174 -3.96 1.33 29.53
N ASN B 175 -4.84 0.52 28.96
CA ASN B 175 -5.66 0.91 27.82
C ASN B 175 -6.62 2.09 28.15
N PRO B 176 -6.63 3.15 27.32
CA PRO B 176 -7.59 4.25 27.47
C PRO B 176 -9.01 3.90 26.98
N ARG B 177 -9.09 2.89 26.11
CA ARG B 177 -10.33 2.39 25.59
C ARG B 177 -11.25 1.98 26.74
N VAL B 178 -12.55 2.23 26.57
CA VAL B 178 -13.56 1.78 27.55
C VAL B 178 -14.52 0.82 26.85
N GLY B 179 -15.40 0.22 27.62
CA GLY B 179 -16.40 -0.68 27.04
C GLY B 179 -17.22 0.00 25.96
N THR B 180 -17.77 -0.78 25.03
CA THR B 180 -18.72 -0.23 24.05
C THR B 180 -19.88 0.39 24.83
N LYS B 181 -20.23 1.63 24.51
CA LYS B 181 -21.18 2.41 25.31
C LYS B 181 -22.58 1.80 25.42
N ARG B 182 -23.07 1.26 24.32
CA ARG B 182 -24.39 0.63 24.31
C ARG B 182 -24.54 -0.49 25.33
N TYR B 183 -23.41 -1.11 25.73
CA TYR B 183 -23.45 -2.35 26.55
C TYR B 183 -23.03 -2.13 27.99
N MET B 184 -22.76 -0.88 28.35
CA MET B 184 -22.27 -0.58 29.68
C MET B 184 -23.32 -0.75 30.75
N ALA B 185 -22.98 -1.46 31.82
CA ALA B 185 -23.92 -1.70 32.91
C ALA B 185 -24.20 -0.40 33.66
N PRO B 186 -25.32 -0.35 34.43
CA PRO B 186 -25.63 0.87 35.18
C PRO B 186 -24.48 1.34 36.05
N GLU B 187 -23.85 0.40 36.75
CA GLU B 187 -22.77 0.72 37.67
C GLU B 187 -21.52 1.28 36.98
N VAL B 188 -21.35 1.01 35.68
CA VAL B 188 -20.25 1.60 34.90
C VAL B 188 -20.60 3.01 34.46
N LEU B 189 -21.85 3.21 34.07
CA LEU B 189 -22.30 4.53 33.64
C LEU B 189 -22.44 5.49 34.83
N ASP B 190 -22.84 4.94 35.99
CA ASP B 190 -22.90 5.69 37.25
C ASP B 190 -21.50 6.07 37.74
N GLU B 191 -20.49 5.30 37.33
CA GLU B 191 -19.12 5.38 37.89
C GLU B 191 -19.11 5.00 39.37
N GLN B 192 -20.04 4.10 39.74
CA GLN B 192 -20.17 3.62 41.11
C GLN B 192 -19.56 2.23 41.27
N ILE B 193 -18.97 1.72 40.19
CA ILE B 193 -18.33 0.40 40.21
C ILE B 193 -17.02 0.46 41.00
N ARG B 194 -16.77 -0.58 41.79
CA ARG B 194 -15.54 -0.66 42.57
C ARG B 194 -14.45 -1.24 41.65
N THR B 195 -13.57 -0.37 41.16
CA THR B 195 -12.59 -0.77 40.16
C THR B 195 -11.43 -1.63 40.73
N ASP B 196 -11.41 -1.82 42.05
CA ASP B 196 -10.41 -2.70 42.67
C ASP B 196 -11.04 -4.01 43.17
N CYS B 197 -12.20 -4.37 42.62
CA CYS B 197 -12.86 -5.63 42.94
C CYS B 197 -13.12 -6.40 41.66
N PHE B 198 -12.62 -7.63 41.58
CA PHE B 198 -12.76 -8.43 40.37
C PHE B 198 -14.21 -8.85 40.11
N GLU B 199 -14.93 -9.23 41.16
CA GLU B 199 -16.32 -9.66 40.98
C GLU B 199 -17.16 -8.62 40.24
N SER B 200 -16.95 -7.34 40.54
CA SER B 200 -17.62 -6.25 39.81
C SER B 200 -17.55 -6.41 38.30
N TYR B 201 -16.36 -6.61 37.77
CA TYR B 201 -16.16 -6.69 36.34
C TYR B 201 -16.91 -7.88 35.73
N LYS B 202 -16.95 -8.99 36.47
CA LYS B 202 -17.74 -10.15 36.05
C LYS B 202 -19.20 -9.78 35.91
N TRP B 203 -19.70 -8.99 36.86
CA TRP B 203 -21.11 -8.61 36.86
C TRP B 203 -21.48 -7.70 35.70
N THR B 204 -20.52 -6.95 35.16
CA THR B 204 -20.75 -6.13 33.96
C THR B 204 -20.74 -6.99 32.69
N ASP B 205 -19.98 -8.07 32.68
CA ASP B 205 -20.03 -9.06 31.59
C ASP B 205 -21.42 -9.63 31.50
N ILE B 206 -21.99 -9.97 32.66
CA ILE B 206 -23.30 -10.61 32.76
C ILE B 206 -24.41 -9.71 32.22
N TRP B 207 -24.44 -8.46 32.67
CA TRP B 207 -25.34 -7.45 32.11
C TRP B 207 -25.33 -7.55 30.60
N ALA B 208 -24.15 -7.30 30.04
CA ALA B 208 -23.93 -7.33 28.59
C ALA B 208 -24.39 -8.64 27.95
N PHE B 209 -24.26 -9.75 28.67
CA PHE B 209 -24.67 -11.06 28.18
C PHE B 209 -26.20 -11.06 28.02
N GLY B 210 -26.89 -10.57 29.04
CA GLY B 210 -28.33 -10.44 28.94
C GLY B 210 -28.79 -9.68 27.70
N LEU B 211 -28.05 -8.61 27.35
CA LEU B 211 -28.36 -7.82 26.18
C LEU B 211 -28.14 -8.65 24.92
N VAL B 212 -27.13 -9.49 24.94
CA VAL B 212 -26.87 -10.38 23.80
C VAL B 212 -27.95 -11.45 23.64
N LEU B 213 -28.48 -11.93 24.76
CA LEU B 213 -29.61 -12.88 24.72
C LEU B 213 -30.83 -12.26 24.04
N TRP B 214 -31.17 -11.04 24.47
CA TRP B 214 -32.24 -10.25 23.85
C TRP B 214 -32.10 -10.21 22.33
N GLU B 215 -30.90 -9.89 21.83
CA GLU B 215 -30.63 -9.84 20.40
C GLU B 215 -30.90 -11.17 19.72
N ILE B 216 -30.56 -12.28 20.36
CA ILE B 216 -30.84 -13.62 19.84
C ILE B 216 -32.36 -13.89 19.89
N ALA B 217 -32.96 -13.54 21.02
CA ALA B 217 -34.37 -13.75 21.26
C ALA B 217 -35.25 -13.03 20.21
N ARG B 218 -34.95 -11.75 19.97
CA ARG B 218 -35.67 -10.94 18.99
C ARG B 218 -35.69 -11.57 17.60
N ARG B 219 -34.62 -12.29 17.29
CA ARG B 219 -34.44 -12.85 15.96
C ARG B 219 -34.93 -14.31 15.88
N THR B 220 -35.64 -14.75 16.92
CA THR B 220 -36.18 -16.11 17.04
C THR B 220 -37.59 -16.20 16.41
N ILE B 221 -37.84 -17.25 15.63
CA ILE B 221 -39.10 -17.35 14.90
C ILE B 221 -40.15 -18.06 15.76
N VAL B 222 -41.24 -17.35 16.00
CA VAL B 222 -42.37 -17.91 16.69
C VAL B 222 -43.56 -17.67 15.79
N ASN B 223 -44.39 -18.69 15.60
CA ASN B 223 -45.67 -18.58 14.89
C ASN B 223 -45.55 -18.07 13.46
N GLY B 224 -44.46 -18.45 12.81
CA GLY B 224 -44.17 -18.02 11.43
C GLY B 224 -43.77 -16.57 11.34
N ILE B 225 -43.48 -15.92 12.47
CA ILE B 225 -43.18 -14.48 12.50
C ILE B 225 -41.93 -14.16 13.34
N VAL B 226 -41.20 -13.14 12.91
CA VAL B 226 -39.89 -12.81 13.49
C VAL B 226 -39.52 -11.35 13.22
N GLU B 227 -39.12 -10.62 14.25
CA GLU B 227 -38.76 -9.22 14.07
C GLU B 227 -37.42 -9.08 13.33
N ASP B 228 -37.28 -7.98 12.59
CA ASP B 228 -36.02 -7.63 11.96
C ASP B 228 -34.98 -7.29 13.02
N TYR B 229 -33.72 -7.50 12.70
CA TYR B 229 -32.68 -7.24 13.70
C TYR B 229 -32.66 -5.79 14.14
N ARG B 230 -32.58 -5.57 15.47
CA ARG B 230 -32.30 -4.26 16.04
C ARG B 230 -31.34 -4.42 17.23
N PRO B 231 -30.45 -3.44 17.45
CA PRO B 231 -29.53 -3.53 18.58
C PRO B 231 -30.25 -3.21 19.87
N PRO B 232 -29.70 -3.61 21.02
CA PRO B 232 -30.31 -3.23 22.28
C PRO B 232 -30.47 -1.72 22.39
N PHE B 233 -31.59 -1.30 23.00
CA PHE B 233 -31.93 0.12 23.17
C PHE B 233 -32.16 0.87 21.87
N TYR B 234 -32.44 0.16 20.79
CA TYR B 234 -32.63 0.80 19.48
C TYR B 234 -33.71 1.87 19.51
N ASP B 235 -34.64 1.73 20.44
CA ASP B 235 -35.83 2.57 20.52
C ASP B 235 -35.67 3.76 21.46
N VAL B 236 -34.53 3.85 22.15
CA VAL B 236 -34.30 4.93 23.14
C VAL B 236 -32.98 5.73 23.01
N VAL B 237 -32.06 5.26 22.15
CA VAL B 237 -30.81 5.98 21.88
C VAL B 237 -30.46 6.01 20.39
N PRO B 238 -29.69 7.05 19.95
CA PRO B 238 -29.24 7.16 18.55
C PRO B 238 -28.22 6.11 18.13
N ASN B 239 -27.89 6.18 16.83
CA ASN B 239 -26.97 5.24 16.13
C ASN B 239 -25.59 5.04 16.70
N ASP B 240 -24.97 6.10 17.24
CA ASP B 240 -23.57 6.01 17.75
C ASP B 240 -23.60 6.63 19.16
N PRO B 241 -24.35 6.00 20.08
CA PRO B 241 -24.79 6.67 21.30
C PRO B 241 -23.60 7.04 22.16
N SER B 242 -23.67 8.23 22.77
CA SER B 242 -22.61 8.73 23.65
C SER B 242 -22.81 8.27 25.10
N PHE B 243 -21.84 8.59 25.96
CA PHE B 243 -21.84 8.15 27.37
C PHE B 243 -22.83 8.92 28.26
N GLU B 244 -23.40 10.00 27.74
CA GLU B 244 -24.52 10.70 28.37
C GLU B 244 -25.89 10.17 27.93
N ASP B 245 -26.01 9.78 26.65
CA ASP B 245 -27.23 9.17 26.14
C ASP B 245 -27.59 7.92 26.93
N MET B 246 -26.59 7.07 27.15
CA MET B 246 -26.80 5.82 27.87
C MET B 246 -27.03 6.05 29.37
N LYS B 247 -26.24 6.94 29.97
CA LYS B 247 -26.43 7.34 31.37
C LYS B 247 -27.89 7.71 31.66
N LYS B 248 -28.49 8.52 30.78
CA LYS B 248 -29.89 8.94 30.93
C LYS B 248 -30.87 7.76 30.82
N VAL B 249 -30.70 6.94 29.79
CA VAL B 249 -31.59 5.82 29.54
C VAL B 249 -31.47 4.72 30.61
N VAL B 250 -30.23 4.31 30.92
CA VAL B 250 -29.99 3.15 31.78
C VAL B 250 -30.06 3.51 33.28
N CYS B 251 -29.56 4.69 33.63
CA CYS B 251 -29.50 5.09 35.05
C CYS B 251 -30.67 5.97 35.48
N VAL B 252 -30.87 7.09 34.79
CA VAL B 252 -31.95 8.01 35.16
C VAL B 252 -33.32 7.40 34.87
N ASP B 253 -33.54 6.93 33.64
CA ASP B 253 -34.84 6.36 33.25
C ASP B 253 -35.00 4.91 33.65
N GLN B 254 -33.94 4.31 34.17
CA GLN B 254 -33.96 2.92 34.65
C GLN B 254 -34.54 1.95 33.61
N GLN B 255 -34.19 2.17 32.36
CA GLN B 255 -34.67 1.36 31.24
C GLN B 255 -33.88 0.09 31.01
N THR B 256 -34.58 -0.96 30.60
CA THR B 256 -33.97 -2.20 30.10
C THR B 256 -34.78 -2.59 28.86
N PRO B 257 -34.24 -3.40 27.94
CA PRO B 257 -34.96 -3.76 26.72
C PRO B 257 -36.26 -4.52 27.02
N THR B 258 -37.32 -4.15 26.33
CA THR B 258 -38.63 -4.75 26.57
C THR B 258 -38.69 -6.17 26.03
N ILE B 259 -38.81 -7.15 26.93
CA ILE B 259 -38.89 -8.55 26.52
C ILE B 259 -40.26 -8.77 25.92
N PRO B 260 -40.34 -9.16 24.64
CA PRO B 260 -41.69 -9.30 24.14
C PRO B 260 -42.48 -10.24 25.05
N ASN B 261 -43.70 -9.86 25.42
CA ASN B 261 -44.60 -10.80 26.12
C ASN B 261 -44.84 -12.03 25.25
N ARG B 262 -44.40 -11.95 24.00
CA ARG B 262 -44.33 -13.05 23.04
C ARG B 262 -43.66 -14.30 23.62
N LEU B 263 -42.51 -14.10 24.26
CA LEU B 263 -41.68 -15.22 24.72
C LEU B 263 -42.29 -16.01 25.88
N ALA B 264 -43.48 -15.63 26.37
CA ALA B 264 -44.18 -16.47 27.35
C ALA B 264 -44.54 -17.84 26.74
N ALA B 265 -44.71 -17.88 25.42
CA ALA B 265 -45.02 -19.12 24.69
C ALA B 265 -43.94 -20.18 24.84
N ASP B 266 -42.83 -20.00 24.12
CA ASP B 266 -41.78 -21.03 24.03
C ASP B 266 -41.24 -21.37 25.41
N PRO B 267 -40.67 -22.59 25.59
CA PRO B 267 -39.97 -22.84 26.84
C PRO B 267 -38.47 -22.45 26.75
N VAL B 268 -37.84 -22.80 25.62
CA VAL B 268 -36.50 -22.31 25.29
C VAL B 268 -36.44 -20.78 25.19
N LEU B 269 -37.61 -20.15 24.96
CA LEU B 269 -37.71 -18.69 24.99
C LEU B 269 -38.38 -18.22 26.29
N SER B 270 -39.05 -19.13 27.00
CA SER B 270 -39.46 -18.85 28.36
C SER B 270 -38.20 -18.58 29.16
N GLY B 271 -37.34 -19.59 29.24
CA GLY B 271 -36.07 -19.50 29.95
C GLY B 271 -35.12 -18.40 29.50
N LEU B 272 -34.91 -18.23 28.19
CA LEU B 272 -34.05 -17.14 27.74
C LEU B 272 -34.56 -15.83 28.33
N ALA B 273 -35.86 -15.64 28.32
CA ALA B 273 -36.49 -14.43 28.87
C ALA B 273 -36.13 -14.23 30.34
N GLN B 274 -36.22 -15.32 31.10
CA GLN B 274 -35.92 -15.30 32.53
C GLN B 274 -34.44 -15.05 32.78
N MET B 275 -33.59 -15.64 31.94
CA MET B 275 -32.15 -15.40 32.03
C MET B 275 -31.77 -13.97 31.68
N MET B 276 -32.49 -13.40 30.69
CA MET B 276 -32.34 -11.98 30.34
C MET B 276 -32.58 -11.11 31.57
N ARG B 277 -33.72 -11.32 32.21
CA ARG B 277 -34.09 -10.56 33.42
C ARG B 277 -33.02 -10.63 34.52
N GLU B 278 -32.54 -11.82 34.81
CA GLU B 278 -31.65 -12.03 35.94
C GLU B 278 -30.21 -11.64 35.62
N CYS B 279 -29.97 -11.19 34.40
CA CYS B 279 -28.72 -10.54 34.03
C CYS B 279 -28.82 -9.02 34.24
N TRP B 280 -30.05 -8.50 34.34
CA TRP B 280 -30.27 -7.05 34.34
C TRP B 280 -30.68 -6.47 35.69
N TYR B 281 -30.56 -7.24 36.76
CA TYR B 281 -30.84 -6.70 38.08
C TYR B 281 -29.90 -5.53 38.38
N PRO B 282 -30.45 -4.39 38.84
CA PRO B 282 -29.65 -3.19 39.12
C PRO B 282 -28.53 -3.41 40.13
N ASN B 283 -28.79 -4.21 41.16
CA ASN B 283 -27.72 -4.58 42.09
C ASN B 283 -26.92 -5.74 41.50
N PRO B 284 -25.66 -5.46 41.11
CA PRO B 284 -24.82 -6.40 40.38
C PRO B 284 -24.70 -7.80 41.01
N SER B 285 -24.69 -7.89 42.34
CA SER B 285 -24.47 -9.16 43.01
C SER B 285 -25.69 -10.07 42.97
N ALA B 286 -26.84 -9.52 42.59
CA ALA B 286 -28.06 -10.29 42.43
C ALA B 286 -28.09 -11.07 41.13
N ARG B 287 -27.18 -10.76 40.22
CA ARG B 287 -27.20 -11.33 38.88
C ARG B 287 -26.69 -12.78 38.87
N LEU B 288 -27.15 -13.53 37.88
CA LEU B 288 -26.63 -14.88 37.66
C LEU B 288 -25.14 -14.84 37.27
N THR B 289 -24.43 -15.90 37.62
CA THR B 289 -23.05 -16.08 37.17
C THR B 289 -23.10 -16.74 35.81
N ALA B 290 -21.99 -16.68 35.07
CA ALA B 290 -21.90 -17.33 33.75
C ALA B 290 -22.10 -18.86 33.85
N LEU B 291 -21.56 -19.45 34.91
CA LEU B 291 -21.68 -20.88 35.17
C LEU B 291 -23.14 -21.24 35.30
N ARG B 292 -23.87 -20.47 36.10
CA ARG B 292 -25.29 -20.74 36.36
C ARG B 292 -26.12 -20.60 35.09
N ILE B 293 -25.77 -19.63 34.25
CA ILE B 293 -26.44 -19.46 32.96
C ILE B 293 -26.17 -20.65 32.05
N LYS B 294 -24.90 -21.01 31.88
CA LYS B 294 -24.51 -22.23 31.18
C LYS B 294 -25.37 -23.40 31.61
N LYS B 295 -25.37 -23.67 32.92
CA LYS B 295 -26.08 -24.84 33.44
C LYS B 295 -27.57 -24.82 33.13
N THR B 296 -28.22 -23.68 33.36
CA THR B 296 -29.66 -23.54 33.08
C THR B 296 -29.98 -23.84 31.61
N LEU B 297 -29.20 -23.28 30.68
CA LEU B 297 -29.44 -23.45 29.23
C LEU B 297 -29.15 -24.88 28.75
N GLN B 298 -28.30 -25.59 29.51
CA GLN B 298 -28.15 -27.03 29.32
C GLN B 298 -29.45 -27.76 29.77
N LYS B 299 -30.19 -27.18 30.73
CA LYS B 299 -31.47 -27.77 31.23
C LYS B 299 -32.54 -27.94 30.13
N ILE B 300 -32.76 -26.89 29.34
CA ILE B 300 -33.80 -26.88 28.30
C ILE B 300 -33.36 -27.56 26.97
N SER B 301 -32.05 -27.83 26.81
CA SER B 301 -31.47 -28.29 25.52
C SER B 301 -31.62 -29.80 25.21
N ASN B 302 -32.53 -30.48 25.90
CA ASN B 302 -32.70 -31.93 25.78
C ASN B 302 -34.11 -32.37 25.34
N MET C 2 2.39 -27.74 45.82
CA MET C 2 2.90 -28.61 46.89
C MET C 2 2.63 -30.08 46.55
N GLN C 3 2.93 -30.47 45.31
CA GLN C 3 2.98 -31.87 44.90
C GLN C 3 3.55 -32.81 45.99
N ARG C 4 4.77 -32.50 46.47
CA ARG C 4 5.41 -33.27 47.54
C ARG C 4 4.60 -33.24 48.85
N THR C 5 3.73 -32.23 49.02
CA THR C 5 2.79 -32.13 50.15
C THR C 5 1.39 -32.75 49.89
N VAL C 6 1.05 -33.00 48.63
CA VAL C 6 -0.14 -33.81 48.32
C VAL C 6 0.17 -35.22 48.82
N ALA C 7 1.09 -35.88 48.11
CA ALA C 7 1.59 -37.23 48.40
C ALA C 7 1.79 -37.62 49.88
N ARG C 8 2.41 -36.76 50.66
CA ARG C 8 2.63 -37.08 52.07
C ARG C 8 1.34 -36.97 52.88
N GLN C 9 0.48 -36.03 52.50
CA GLN C 9 -0.77 -35.80 53.20
C GLN C 9 -1.89 -36.78 52.79
N VAL C 10 -1.85 -37.29 51.56
CA VAL C 10 -2.95 -38.13 51.06
C VAL C 10 -3.13 -39.37 51.94
N ALA C 11 -4.35 -39.62 52.33
CA ALA C 11 -4.72 -40.85 53.05
C ALA C 11 -5.42 -41.77 52.08
N LEU C 12 -5.00 -43.03 52.06
CA LEU C 12 -5.59 -44.03 51.18
C LEU C 12 -6.79 -44.67 51.89
N VAL C 13 -7.93 -44.74 51.19
CA VAL C 13 -9.15 -45.24 51.82
C VAL C 13 -9.63 -46.56 51.27
N GLU C 14 -9.74 -46.64 49.94
CA GLU C 14 -10.30 -47.82 49.27
C GLU C 14 -9.54 -48.16 47.98
N CYS C 15 -9.23 -49.46 47.80
CA CYS C 15 -8.63 -49.96 46.56
C CYS C 15 -9.73 -50.26 45.57
N VAL C 16 -9.76 -49.51 44.48
CA VAL C 16 -10.83 -49.63 43.50
C VAL C 16 -10.38 -50.34 42.21
N GLY C 17 -9.11 -50.73 42.15
CA GLY C 17 -8.58 -51.43 40.99
C GLY C 17 -7.25 -52.12 41.26
N LYS C 18 -7.01 -53.24 40.59
CA LYS C 18 -5.75 -54.01 40.71
C LYS C 18 -5.49 -54.80 39.43
N GLY C 19 -4.22 -54.88 39.04
CA GLY C 19 -3.83 -55.52 37.77
C GLY C 19 -2.32 -55.53 37.56
N ARG C 20 -1.90 -55.87 36.35
CA ARG C 20 -0.48 -55.98 36.03
C ARG C 20 0.20 -54.61 36.03
N TYR C 21 -0.60 -53.57 35.78
CA TYR C 21 -0.12 -52.19 35.85
C TYR C 21 0.20 -51.73 37.28
N GLY C 22 -0.34 -52.42 38.29
CA GLY C 22 -0.22 -52.00 39.70
C GLY C 22 -1.60 -51.98 40.38
N GLU C 23 -1.92 -50.88 41.09
CA GLU C 23 -3.20 -50.73 41.79
C GLU C 23 -3.65 -49.28 41.76
N VAL C 24 -4.96 -49.04 41.72
CA VAL C 24 -5.50 -47.70 41.86
C VAL C 24 -6.29 -47.66 43.16
N TRP C 25 -6.10 -46.60 43.93
CA TRP C 25 -6.77 -46.41 45.22
C TRP C 25 -7.56 -45.10 45.19
N ARG C 26 -8.70 -45.07 45.89
CA ARG C 26 -9.37 -43.81 46.19
C ARG C 26 -8.70 -43.23 47.44
N GLY C 27 -8.31 -41.96 47.37
CA GLY C 27 -7.62 -41.30 48.47
C GLY C 27 -8.29 -40.00 48.86
N LEU C 28 -8.10 -39.60 50.11
CA LEU C 28 -8.64 -38.35 50.65
C LEU C 28 -7.51 -37.35 50.86
N TRP C 29 -7.64 -36.16 50.28
CA TRP C 29 -6.70 -35.07 50.51
C TRP C 29 -7.47 -33.80 50.78
N HIS C 30 -7.31 -33.28 52.00
CA HIS C 30 -8.02 -32.07 52.46
C HIS C 30 -9.50 -32.08 52.05
N GLY C 31 -10.21 -33.14 52.44
CA GLY C 31 -11.64 -33.23 52.17
C GLY C 31 -12.04 -33.79 50.82
N GLU C 32 -11.28 -33.48 49.76
CA GLU C 32 -11.60 -33.92 48.38
C GLU C 32 -11.09 -35.34 48.11
N SER C 33 -11.65 -35.98 47.09
CA SER C 33 -11.24 -37.32 46.67
C SER C 33 -10.24 -37.26 45.53
N VAL C 34 -9.18 -38.07 45.64
CA VAL C 34 -8.16 -38.19 44.59
C VAL C 34 -7.89 -39.66 44.27
N ALA C 35 -7.39 -39.91 43.06
CA ALA C 35 -6.98 -41.25 42.65
C ALA C 35 -5.50 -41.35 42.87
N VAL C 36 -5.05 -42.44 43.48
CA VAL C 36 -3.62 -42.70 43.65
C VAL C 36 -3.28 -44.01 42.96
N LYS C 37 -2.58 -43.92 41.83
CA LYS C 37 -2.11 -45.10 41.13
C LYS C 37 -0.72 -45.49 41.62
N ILE C 38 -0.64 -46.64 42.29
CA ILE C 38 0.63 -47.20 42.74
C ILE C 38 1.08 -48.20 41.70
N PHE C 39 2.21 -47.92 41.05
CA PHE C 39 2.68 -48.72 39.90
C PHE C 39 3.40 -49.97 40.35
N SER C 40 3.30 -51.03 39.56
CA SER C 40 4.05 -52.25 39.84
C SER C 40 5.48 -52.08 39.37
N SER C 41 6.37 -52.92 39.89
CA SER C 41 7.77 -52.90 39.48
C SER C 41 7.94 -53.19 37.97
N ARG C 42 7.08 -54.06 37.42
CA ARG C 42 7.12 -54.38 35.99
C ARG C 42 6.63 -53.25 35.07
N ASP C 43 6.13 -52.15 35.65
CA ASP C 43 5.60 -51.04 34.85
C ASP C 43 6.20 -49.67 35.23
N GLU C 44 7.36 -49.66 35.88
CA GLU C 44 8.03 -48.41 36.29
C GLU C 44 8.27 -47.40 35.17
N GLN C 45 8.49 -47.90 33.96
CA GLN C 45 8.74 -47.03 32.83
C GLN C 45 7.49 -46.28 32.36
N SER C 46 6.29 -46.84 32.65
CA SER C 46 5.03 -46.12 32.37
C SER C 46 4.89 -44.95 33.32
N TRP C 47 5.22 -45.15 34.59
CA TRP C 47 5.19 -44.06 35.57
C TRP C 47 6.13 -42.92 35.17
N PHE C 48 7.31 -43.28 34.68
CA PHE C 48 8.31 -42.28 34.25
C PHE C 48 7.79 -41.44 33.09
N ARG C 49 7.28 -42.12 32.06
CA ARG C 49 6.77 -41.45 30.86
C ARG C 49 5.59 -40.55 31.17
N GLU C 50 4.72 -41.04 32.03
CA GLU C 50 3.51 -40.32 32.40
C GLU C 50 3.88 -39.13 33.28
N THR C 51 4.90 -39.29 34.12
CA THR C 51 5.38 -38.18 34.93
C THR C 51 6.13 -37.12 34.11
N GLU C 52 6.92 -37.55 33.13
CA GLU C 52 7.58 -36.60 32.21
C GLU C 52 6.51 -35.76 31.50
N ILE C 53 5.58 -36.43 30.82
CA ILE C 53 4.58 -35.78 29.98
C ILE C 53 3.68 -34.79 30.75
N TYR C 54 3.21 -35.22 31.93
CA TYR C 54 2.34 -34.38 32.73
C TYR C 54 3.06 -33.14 33.28
N ASN C 55 4.35 -33.26 33.58
CA ASN C 55 5.14 -32.12 34.07
C ASN C 55 5.67 -31.22 32.96
N THR C 56 5.65 -31.72 31.73
CA THR C 56 6.37 -31.11 30.62
C THR C 56 5.48 -30.48 29.57
N VAL C 57 4.30 -31.06 29.38
CA VAL C 57 3.38 -30.68 28.31
C VAL C 57 2.14 -30.01 28.91
N LEU C 58 1.80 -28.82 28.41
CA LEU C 58 0.60 -28.10 28.83
C LEU C 58 -0.62 -28.82 28.26
N LEU C 59 -1.20 -29.71 29.07
CA LEU C 59 -2.14 -30.72 28.59
C LEU C 59 -3.54 -30.60 29.19
N ARG C 60 -3.71 -29.78 30.23
CA ARG C 60 -5.01 -29.68 30.89
C ARG C 60 -6.15 -29.57 29.87
N HIS C 61 -7.20 -30.37 30.08
CA HIS C 61 -8.36 -30.36 29.23
C HIS C 61 -9.47 -31.13 29.92
N ASP C 62 -10.72 -30.65 29.78
CA ASP C 62 -11.87 -31.33 30.38
C ASP C 62 -11.88 -32.84 30.10
N ASN C 63 -11.44 -33.24 28.92
CA ASN C 63 -11.52 -34.64 28.47
C ASN C 63 -10.19 -35.40 28.53
N ILE C 64 -9.34 -34.99 29.46
CA ILE C 64 -8.08 -35.64 29.75
C ILE C 64 -7.94 -35.63 31.26
N LEU C 65 -7.54 -36.77 31.83
CA LEU C 65 -7.52 -36.96 33.30
C LEU C 65 -6.59 -35.97 33.91
N GLY C 66 -7.08 -35.25 34.91
CA GLY C 66 -6.34 -34.18 35.59
C GLY C 66 -5.22 -34.74 36.45
N PHE C 67 -4.05 -34.15 36.33
CA PHE C 67 -2.86 -34.50 37.07
C PHE C 67 -2.73 -33.65 38.30
N ILE C 68 -2.38 -34.26 39.43
CA ILE C 68 -2.17 -33.52 40.69
C ILE C 68 -0.71 -33.61 41.13
N ALA C 69 -0.17 -34.83 41.14
CA ALA C 69 1.20 -35.03 41.61
C ALA C 69 1.80 -36.35 41.14
N SER C 70 3.12 -36.44 41.26
CA SER C 70 3.86 -37.66 41.06
C SER C 70 4.92 -37.77 42.15
N ASP C 71 5.06 -38.94 42.78
CA ASP C 71 6.01 -39.10 43.87
C ASP C 71 6.71 -40.45 43.90
N MET C 72 7.89 -40.47 44.53
CA MET C 72 8.53 -41.70 44.99
C MET C 72 8.43 -41.62 46.53
N THR C 73 7.85 -42.64 47.15
CA THR C 73 7.49 -42.53 48.57
C THR C 73 7.73 -43.81 49.35
N SER C 74 7.98 -43.63 50.64
CA SER C 74 8.18 -44.71 51.60
C SER C 74 7.09 -44.63 52.67
N ARG C 75 5.97 -43.99 52.34
CA ARG C 75 4.83 -43.88 53.25
C ARG C 75 4.35 -45.30 53.58
N ASN C 76 3.84 -46.02 52.57
CA ASN C 76 3.68 -47.48 52.66
C ASN C 76 5.08 -48.02 52.63
N SER C 77 5.36 -49.09 53.38
CA SER C 77 6.76 -49.44 53.71
C SER C 77 7.75 -49.34 52.54
N SER C 78 7.77 -50.31 51.64
CA SER C 78 8.71 -50.30 50.53
C SER C 78 8.52 -49.06 49.66
N THR C 79 9.56 -48.68 48.94
CA THR C 79 9.47 -47.44 48.16
C THR C 79 8.73 -47.75 46.90
N GLN C 80 7.64 -47.00 46.68
CA GLN C 80 6.78 -47.18 45.51
C GLN C 80 6.65 -45.91 44.71
N LEU C 81 6.28 -46.07 43.45
CA LEU C 81 6.09 -44.96 42.52
C LEU C 81 4.60 -44.63 42.45
N TRP C 82 4.25 -43.37 42.75
CA TRP C 82 2.87 -42.94 42.82
C TRP C 82 2.56 -41.92 41.74
N LEU C 83 1.32 -42.00 41.21
CA LEU C 83 0.74 -40.96 40.40
C LEU C 83 -0.59 -40.57 41.01
N ILE C 84 -0.75 -39.31 41.39
CA ILE C 84 -2.00 -38.85 42.02
C ILE C 84 -2.77 -37.95 41.00
N THR C 85 -4.04 -38.25 40.80
CA THR C 85 -4.85 -37.52 39.82
C THR C 85 -6.23 -37.20 40.39
N HIS C 86 -7.07 -36.54 39.61
CA HIS C 86 -8.51 -36.43 39.96
C HIS C 86 -9.13 -37.82 40.06
N TYR C 87 -10.13 -37.94 40.93
CA TYR C 87 -10.84 -39.21 41.11
C TYR C 87 -12.22 -39.10 40.48
N HIS C 88 -12.62 -40.14 39.74
CA HIS C 88 -13.96 -40.20 39.12
C HIS C 88 -14.70 -41.46 39.58
N GLU C 89 -15.80 -41.25 40.31
CA GLU C 89 -16.54 -42.32 40.99
C GLU C 89 -17.02 -43.42 40.09
N HIS C 90 -17.51 -43.05 38.91
CA HIS C 90 -18.07 -44.02 37.96
C HIS C 90 -17.03 -45.01 37.45
N GLY C 91 -15.75 -44.68 37.66
CA GLY C 91 -14.67 -45.53 37.19
C GLY C 91 -14.46 -45.37 35.71
N SER C 92 -13.94 -46.41 35.08
CA SER C 92 -13.71 -46.39 33.64
C SER C 92 -14.98 -46.61 32.82
N LEU C 93 -14.86 -46.37 31.52
CA LEU C 93 -15.95 -46.61 30.59
C LEU C 93 -16.29 -48.08 30.58
N TYR C 94 -15.29 -48.92 30.76
CA TYR C 94 -15.48 -50.36 30.91
C TYR C 94 -16.41 -50.63 32.06
N ASP C 95 -16.07 -50.04 33.21
CA ASP C 95 -16.89 -50.20 34.44
C ASP C 95 -18.32 -49.72 34.27
N PHE C 96 -18.46 -48.53 33.66
CA PHE C 96 -19.75 -47.86 33.50
C PHE C 96 -20.63 -48.67 32.58
N LEU C 97 -20.06 -49.09 31.45
CA LEU C 97 -20.77 -49.89 30.47
C LEU C 97 -21.17 -51.28 31.00
N GLN C 98 -20.47 -51.76 32.01
CA GLN C 98 -20.80 -53.02 32.65
C GLN C 98 -22.18 -52.96 33.31
N ARG C 99 -22.38 -51.93 34.11
CA ARG C 99 -23.58 -51.78 34.97
C ARG C 99 -24.72 -51.00 34.33
N GLN C 100 -24.40 -50.01 33.51
CA GLN C 100 -25.41 -49.07 33.00
C GLN C 100 -25.71 -49.34 31.54
N THR C 101 -26.96 -49.08 31.16
CA THR C 101 -27.38 -49.09 29.77
C THR C 101 -27.51 -47.63 29.30
N LEU C 102 -27.44 -47.39 28.00
CA LEU C 102 -27.32 -46.02 27.52
C LEU C 102 -28.46 -45.59 26.61
N GLU C 103 -29.15 -44.52 27.00
CA GLU C 103 -30.07 -43.86 26.09
C GLU C 103 -29.23 -43.31 24.93
N PRO C 104 -29.79 -43.29 23.70
CA PRO C 104 -29.01 -42.76 22.57
C PRO C 104 -28.28 -41.43 22.86
N HIS C 105 -28.98 -40.47 23.47
CA HIS C 105 -28.41 -39.17 23.86
C HIS C 105 -27.13 -39.34 24.66
N LEU C 106 -27.15 -40.26 25.62
CA LEU C 106 -26.01 -40.49 26.50
C LEU C 106 -24.86 -41.15 25.74
N ALA C 107 -25.19 -42.13 24.90
CA ALA C 107 -24.22 -42.79 24.06
C ALA C 107 -23.43 -41.75 23.24
N LEU C 108 -24.12 -40.78 22.65
CA LEU C 108 -23.48 -39.73 21.84
C LEU C 108 -22.65 -38.78 22.71
N ARG C 109 -23.11 -38.54 23.93
CA ARG C 109 -22.41 -37.65 24.84
C ARG C 109 -21.05 -38.25 25.22
N LEU C 110 -21.03 -39.54 25.53
CA LEU C 110 -19.78 -40.24 25.86
C LEU C 110 -18.91 -40.28 24.64
N ALA C 111 -19.51 -40.58 23.48
CA ALA C 111 -18.75 -40.72 22.25
C ALA C 111 -18.13 -39.39 21.83
N VAL C 112 -18.90 -38.31 21.90
CA VAL C 112 -18.38 -37.00 21.48
C VAL C 112 -17.23 -36.52 22.40
N SER C 113 -17.38 -36.71 23.72
CA SER C 113 -16.43 -36.23 24.70
C SER C 113 -15.12 -37.02 24.64
N ALA C 114 -15.21 -38.35 24.47
CA ALA C 114 -14.04 -39.16 24.22
C ALA C 114 -13.33 -38.68 22.95
N ALA C 115 -14.07 -38.38 21.90
CA ALA C 115 -13.47 -37.85 20.65
C ALA C 115 -12.81 -36.50 20.87
N CYS C 116 -13.34 -35.69 21.76
CA CYS C 116 -12.71 -34.40 22.08
C CYS C 116 -11.36 -34.64 22.72
N GLY C 117 -11.32 -35.56 23.68
CA GLY C 117 -10.09 -35.95 24.31
C GLY C 117 -9.04 -36.38 23.32
N LEU C 118 -9.38 -37.30 22.43
CA LEU C 118 -8.42 -37.83 21.45
C LEU C 118 -7.97 -36.78 20.44
N ALA C 119 -8.89 -35.93 19.98
CA ALA C 119 -8.55 -34.84 19.07
C ALA C 119 -7.53 -33.90 19.70
N HIS C 120 -7.74 -33.59 20.99
CA HIS C 120 -6.87 -32.69 21.70
C HIS C 120 -5.46 -33.24 21.82
N LEU C 121 -5.36 -34.54 22.11
CA LEU C 121 -4.08 -35.22 22.13
C LEU C 121 -3.38 -35.16 20.77
N HIS C 122 -4.13 -35.47 19.71
CA HIS C 122 -3.53 -35.62 18.37
C HIS C 122 -3.09 -34.28 17.74
N VAL C 123 -3.84 -33.22 17.98
CA VAL C 123 -3.61 -31.96 17.28
C VAL C 123 -2.56 -31.17 17.99
N GLU C 124 -1.54 -30.76 17.24
CA GLU C 124 -0.52 -29.89 17.76
C GLU C 124 -1.05 -28.47 17.86
N ILE C 125 -0.86 -27.84 19.00
CA ILE C 125 -1.04 -26.42 19.08
C ILE C 125 0.38 -25.85 19.05
N PHE C 126 0.58 -24.85 18.22
CA PHE C 126 1.86 -24.19 18.15
C PHE C 126 1.86 -23.11 19.22
N GLY C 127 2.99 -22.44 19.40
CA GLY C 127 3.01 -21.23 20.22
C GLY C 127 3.27 -21.41 21.70
N THR C 128 3.52 -20.28 22.37
CA THR C 128 4.00 -20.30 23.74
C THR C 128 3.12 -21.14 24.63
N GLN C 129 1.84 -21.24 24.29
CA GLN C 129 0.87 -21.97 25.13
C GLN C 129 0.34 -23.23 24.45
N GLY C 130 0.97 -23.65 23.36
CA GLY C 130 0.54 -24.80 22.61
C GLY C 130 0.94 -26.12 23.24
N LYS C 131 1.09 -27.14 22.39
CA LYS C 131 1.48 -28.49 22.84
C LYS C 131 1.92 -29.35 21.64
N PRO C 132 2.81 -30.33 21.86
CA PRO C 132 3.11 -31.11 20.66
C PRO C 132 1.97 -32.08 20.38
N ALA C 133 1.96 -32.67 19.19
CA ALA C 133 0.99 -33.71 18.84
C ALA C 133 1.31 -34.96 19.63
N ILE C 134 0.32 -35.57 20.26
CA ILE C 134 0.53 -36.74 21.12
C ILE C 134 -0.37 -37.90 20.70
N ALA C 135 0.20 -39.08 20.53
CA ALA C 135 -0.58 -40.30 20.24
C ALA C 135 -0.55 -41.19 21.49
N HIS C 136 -1.69 -41.81 21.80
CA HIS C 136 -1.85 -42.57 23.05
C HIS C 136 -1.13 -43.91 23.03
N ARG C 137 -1.43 -44.71 22.01
CA ARG C 137 -0.85 -46.06 21.81
C ARG C 137 -1.42 -47.16 22.73
N ASP C 138 -2.33 -46.80 23.65
CA ASP C 138 -3.08 -47.81 24.43
C ASP C 138 -4.55 -47.39 24.70
N PHE C 139 -5.19 -46.90 23.64
CA PHE C 139 -6.54 -46.41 23.77
C PHE C 139 -7.53 -47.59 23.86
N LYS C 140 -8.27 -47.61 24.96
CA LYS C 140 -9.19 -48.68 25.23
C LYS C 140 -10.18 -48.19 26.27
N SER C 141 -11.30 -48.91 26.41
CA SER C 141 -12.38 -48.45 27.32
C SER C 141 -11.94 -48.39 28.76
N ARG C 142 -10.94 -49.19 29.14
CA ARG C 142 -10.41 -49.18 30.50
C ARG C 142 -9.52 -47.95 30.79
N ASN C 143 -9.06 -47.28 29.74
CA ASN C 143 -8.25 -46.08 29.88
C ASN C 143 -9.02 -44.83 29.56
N VAL C 144 -10.35 -44.92 29.66
CA VAL C 144 -11.24 -43.75 29.54
C VAL C 144 -12.08 -43.76 30.79
N LEU C 145 -12.14 -42.65 31.50
CA LEU C 145 -12.96 -42.53 32.71
C LEU C 145 -14.26 -41.82 32.38
N VAL C 146 -15.31 -42.08 33.18
CA VAL C 146 -16.57 -41.36 33.09
C VAL C 146 -16.79 -40.43 34.29
N LYS C 147 -16.93 -39.14 33.98
CA LYS C 147 -17.06 -38.11 35.00
C LYS C 147 -18.50 -38.01 35.52
N SER C 148 -18.67 -37.22 36.58
CA SER C 148 -19.97 -36.94 37.17
C SER C 148 -20.97 -36.41 36.15
N ASN C 149 -20.51 -35.55 35.24
CA ASN C 149 -21.38 -35.00 34.20
C ASN C 149 -21.48 -35.90 32.97
N LEU C 150 -21.19 -37.18 33.18
CA LEU C 150 -21.32 -38.21 32.15
C LEU C 150 -20.62 -37.77 30.87
N GLN C 151 -19.46 -37.12 31.04
CA GLN C 151 -18.54 -36.94 29.94
C GLN C 151 -17.31 -37.78 30.20
N CYS C 152 -16.61 -38.17 29.14
CA CYS C 152 -15.38 -38.96 29.27
C CYS C 152 -14.14 -38.09 29.43
N CYS C 153 -13.10 -38.67 29.99
CA CYS C 153 -11.77 -38.11 29.87
C CYS C 153 -10.74 -39.22 29.78
N ILE C 154 -9.77 -39.04 28.92
CA ILE C 154 -8.74 -40.04 28.65
C ILE C 154 -7.64 -40.06 29.72
N ALA C 155 -7.19 -41.26 30.08
CA ALA C 155 -6.12 -41.47 31.04
C ALA C 155 -5.00 -42.32 30.45
N ASP C 156 -3.97 -42.56 31.27
CA ASP C 156 -2.87 -43.50 31.01
C ASP C 156 -2.06 -43.09 29.82
N LEU C 157 -1.13 -42.15 30.02
CA LEU C 157 -0.25 -41.66 28.97
C LEU C 157 1.10 -42.39 29.00
N GLY C 158 1.14 -43.55 29.65
CA GLY C 158 2.40 -44.27 29.86
C GLY C 158 3.15 -44.68 28.62
N LEU C 159 2.44 -44.88 27.53
CA LEU C 159 3.01 -45.30 26.24
C LEU C 159 2.90 -44.22 25.18
N ALA C 160 2.57 -42.99 25.57
CA ALA C 160 2.39 -41.94 24.58
C ALA C 160 3.68 -41.62 23.79
N VAL C 161 3.51 -41.17 22.55
CA VAL C 161 4.60 -40.71 21.72
C VAL C 161 4.28 -39.33 21.18
N MET C 162 5.32 -38.53 20.98
CA MET C 162 5.17 -37.12 20.65
C MET C 162 5.96 -36.74 19.41
N HIS C 163 5.41 -35.78 18.68
CA HIS C 163 6.06 -35.20 17.52
C HIS C 163 5.71 -33.72 17.48
N SER C 164 6.66 -32.91 17.04
CA SER C 164 6.41 -31.49 16.77
C SER C 164 6.67 -31.23 15.30
N GLN C 165 5.78 -30.45 14.67
CA GLN C 165 6.04 -30.03 13.30
C GLN C 165 7.38 -29.29 13.31
N GLY C 166 8.30 -29.78 12.50
CA GLY C 166 9.71 -29.37 12.58
C GLY C 166 10.53 -30.51 12.03
N SER C 167 11.13 -31.31 12.91
CA SER C 167 11.86 -32.50 12.44
C SER C 167 12.18 -33.48 13.54
N ASP C 168 12.59 -34.68 13.12
CA ASP C 168 13.04 -35.75 14.02
C ASP C 168 14.21 -35.20 14.85
N TYR C 169 14.24 -35.50 16.16
CA TYR C 169 13.59 -36.65 16.81
C TYR C 169 12.07 -36.75 16.76
N LEU C 170 11.58 -37.98 16.88
CA LEU C 170 10.21 -38.28 17.24
C LEU C 170 10.29 -38.87 18.65
N ASP C 171 9.76 -38.15 19.65
CA ASP C 171 9.87 -38.54 21.06
C ASP C 171 9.01 -39.78 21.37
N ILE C 172 9.67 -40.93 21.37
CA ILE C 172 9.00 -42.24 21.42
C ILE C 172 9.19 -42.97 22.76
N GLY C 173 10.19 -42.61 23.54
CA GLY C 173 10.33 -43.15 24.90
C GLY C 173 11.13 -44.44 25.01
N ASN C 174 11.04 -45.08 26.16
CA ASN C 174 11.84 -46.27 26.46
C ASN C 174 11.04 -47.24 27.32
N ASN C 175 9.79 -47.48 26.92
CA ASN C 175 8.88 -48.32 27.67
C ASN C 175 8.71 -49.71 27.01
N PRO C 176 9.13 -50.79 27.70
CA PRO C 176 8.96 -52.15 27.18
C PRO C 176 7.49 -52.56 26.94
N ARG C 177 6.56 -51.95 27.67
CA ARG C 177 5.15 -52.29 27.56
C ARG C 177 4.69 -52.07 26.12
N VAL C 178 3.64 -52.79 25.72
CA VAL C 178 2.98 -52.57 24.42
C VAL C 178 1.50 -52.38 24.64
N GLY C 179 0.80 -52.04 23.57
CA GLY C 179 -0.65 -51.87 23.62
C GLY C 179 -1.41 -53.11 24.07
N THR C 180 -2.61 -52.89 24.58
CA THR C 180 -3.51 -54.00 24.91
C THR C 180 -3.79 -54.78 23.63
N LYS C 181 -3.48 -56.07 23.68
CA LYS C 181 -3.52 -56.95 22.51
C LYS C 181 -4.89 -56.92 21.79
N ARG C 182 -6.00 -56.93 22.55
CA ARG C 182 -7.37 -56.93 22.00
C ARG C 182 -7.63 -55.74 21.06
N TYR C 183 -6.90 -54.65 21.28
CA TYR C 183 -7.17 -53.39 20.58
C TYR C 183 -6.12 -53.04 19.51
N MET C 184 -5.20 -53.95 19.24
CA MET C 184 -4.12 -53.68 18.29
C MET C 184 -4.63 -53.69 16.89
N ALA C 185 -4.23 -52.68 16.11
CA ALA C 185 -4.61 -52.58 14.72
C ALA C 185 -3.93 -53.68 13.89
N PRO C 186 -4.42 -53.94 12.67
CA PRO C 186 -3.81 -54.98 11.85
C PRO C 186 -2.32 -54.73 11.62
N GLU C 187 -1.98 -53.48 11.33
CA GLU C 187 -0.60 -53.11 11.03
C GLU C 187 0.35 -53.28 12.23
N VAL C 188 -0.19 -53.30 13.44
CA VAL C 188 0.63 -53.59 14.64
C VAL C 188 0.82 -55.09 14.82
N LEU C 189 -0.21 -55.87 14.52
CA LEU C 189 -0.15 -57.32 14.63
C LEU C 189 0.67 -57.92 13.48
N ASP C 190 0.60 -57.29 12.32
CA ASP C 190 1.43 -57.69 11.18
C ASP C 190 2.90 -57.33 11.37
N GLU C 191 3.15 -56.36 12.25
CA GLU C 191 4.48 -55.75 12.42
C GLU C 191 4.90 -55.05 11.13
N GLN C 192 3.91 -54.57 10.37
CA GLN C 192 4.17 -53.86 9.11
C GLN C 192 4.07 -52.35 9.30
N ILE C 193 3.85 -51.92 10.54
CA ILE C 193 3.77 -50.49 10.87
C ILE C 193 5.16 -49.84 10.79
N ARG C 194 5.20 -48.60 10.28
CA ARG C 194 6.45 -47.83 10.21
C ARG C 194 6.68 -47.07 11.53
N THR C 195 7.58 -47.57 12.37
CA THR C 195 7.78 -47.05 13.73
C THR C 195 8.54 -45.71 13.82
N ASP C 196 8.98 -45.18 12.69
CA ASP C 196 9.61 -43.85 12.65
C ASP C 196 8.71 -42.82 11.95
N CYS C 197 7.40 -43.08 11.95
CA CYS C 197 6.41 -42.15 11.40
C CYS C 197 5.32 -41.88 12.43
N PHE C 198 5.13 -40.61 12.78
CA PHE C 198 4.18 -40.26 13.83
C PHE C 198 2.74 -40.54 13.42
N GLU C 199 2.39 -40.23 12.17
CA GLU C 199 1.04 -40.44 11.67
C GLU C 199 0.56 -41.88 11.91
N SER C 200 1.43 -42.85 11.66
CA SER C 200 1.12 -44.25 11.92
C SER C 200 0.53 -44.50 13.31
N TYR C 201 1.14 -43.93 14.34
CA TYR C 201 0.69 -44.17 15.70
C TYR C 201 -0.69 -43.56 15.95
N LYS C 202 -0.97 -42.42 15.31
CA LYS C 202 -2.30 -41.81 15.36
C LYS C 202 -3.35 -42.75 14.76
N TRP C 203 -3.00 -43.39 13.67
CA TRP C 203 -3.93 -44.28 12.98
C TRP C 203 -4.26 -45.52 13.80
N THR C 204 -3.37 -45.92 14.69
CA THR C 204 -3.66 -47.06 15.59
C THR C 204 -4.58 -46.63 16.74
N ASP C 205 -4.45 -45.37 17.16
CA ASP C 205 -5.37 -44.80 18.15
C ASP C 205 -6.77 -44.86 17.58
N ILE C 206 -6.89 -44.49 16.30
CA ILE C 206 -8.20 -44.41 15.64
C ILE C 206 -8.86 -45.78 15.56
N TRP C 207 -8.14 -46.78 15.07
CA TRP C 207 -8.60 -48.17 15.10
C TRP C 207 -9.24 -48.50 16.46
N ALA C 208 -8.43 -48.38 17.50
CA ALA C 208 -8.87 -48.65 18.87
C ALA C 208 -10.08 -47.82 19.26
N PHE C 209 -10.18 -46.59 18.74
CA PHE C 209 -11.33 -45.73 19.05
C PHE C 209 -12.61 -46.34 18.49
N GLY C 210 -12.53 -46.79 17.24
CA GLY C 210 -13.64 -47.52 16.59
C GLY C 210 -14.14 -48.67 17.43
N LEU C 211 -13.21 -49.40 18.04
CA LEU C 211 -13.56 -50.52 18.90
C LEU C 211 -14.29 -50.02 20.13
N VAL C 212 -13.84 -48.89 20.69
CA VAL C 212 -14.53 -48.34 21.86
C VAL C 212 -15.96 -47.85 21.52
N LEU C 213 -16.15 -47.30 20.32
CA LEU C 213 -17.50 -46.89 19.87
C LEU C 213 -18.45 -48.10 19.85
N TRP C 214 -17.99 -49.19 19.24
CA TRP C 214 -18.70 -50.45 19.25
C TRP C 214 -19.17 -50.81 20.65
N GLU C 215 -18.25 -50.78 21.62
CA GLU C 215 -18.60 -51.08 23.02
C GLU C 215 -19.75 -50.20 23.52
N ILE C 216 -19.72 -48.91 23.16
CA ILE C 216 -20.75 -47.96 23.57
C ILE C 216 -22.04 -48.30 22.83
N ALA C 217 -21.92 -48.53 21.52
CA ALA C 217 -23.05 -48.84 20.67
C ALA C 217 -23.80 -50.06 21.18
N ARG C 218 -23.07 -51.14 21.47
CA ARG C 218 -23.65 -52.42 21.93
C ARG C 218 -24.54 -52.23 23.14
N ARG C 219 -24.14 -51.26 23.97
CA ARG C 219 -24.78 -51.02 25.26
C ARG C 219 -25.83 -49.89 25.20
N THR C 220 -26.14 -49.43 23.98
CA THR C 220 -27.15 -48.41 23.73
C THR C 220 -28.54 -49.03 23.43
N ILE C 221 -29.57 -48.43 24.02
CA ILE C 221 -30.92 -49.00 24.00
C ILE C 221 -31.68 -48.41 22.83
N VAL C 222 -32.12 -49.27 21.92
CA VAL C 222 -32.97 -48.82 20.81
C VAL C 222 -34.26 -49.66 20.76
N ASN C 223 -35.38 -49.02 20.40
CA ASN C 223 -36.65 -49.71 20.22
C ASN C 223 -37.09 -50.56 21.41
N GLY C 224 -36.30 -50.54 22.49
CA GLY C 224 -36.52 -51.41 23.64
C GLY C 224 -35.41 -52.41 23.87
N ILE C 225 -34.54 -52.60 22.88
CA ILE C 225 -33.56 -53.68 22.93
C ILE C 225 -32.13 -53.17 23.16
N VAL C 226 -31.39 -53.95 23.94
CA VAL C 226 -29.99 -53.74 24.22
C VAL C 226 -29.35 -55.06 24.65
N GLU C 227 -28.08 -55.21 24.31
CA GLU C 227 -27.25 -56.38 24.66
C GLU C 227 -26.46 -56.21 25.95
N ASP C 228 -26.12 -57.31 26.61
CA ASP C 228 -25.24 -57.29 27.78
C ASP C 228 -23.86 -56.92 27.30
N TYR C 229 -23.06 -56.34 28.19
CA TYR C 229 -21.71 -55.91 27.82
C TYR C 229 -20.86 -57.10 27.36
N ARG C 230 -20.17 -56.90 26.24
CA ARG C 230 -19.10 -57.81 25.81
C ARG C 230 -17.94 -56.97 25.26
N PRO C 231 -16.69 -57.44 25.43
CA PRO C 231 -15.55 -56.72 24.85
C PRO C 231 -15.48 -56.93 23.33
N PRO C 232 -14.75 -56.07 22.61
CA PRO C 232 -14.55 -56.34 21.19
C PRO C 232 -13.94 -57.73 20.96
N PHE C 233 -14.37 -58.38 19.89
CA PHE C 233 -13.91 -59.71 19.51
C PHE C 233 -14.23 -60.81 20.51
N TYR C 234 -15.19 -60.55 21.40
CA TYR C 234 -15.62 -61.52 22.40
C TYR C 234 -15.95 -62.89 21.81
N ASP C 235 -16.40 -62.91 20.56
CA ASP C 235 -16.93 -64.12 19.92
C ASP C 235 -15.88 -64.92 19.16
N VAL C 236 -14.73 -64.33 18.96
CA VAL C 236 -13.70 -64.98 18.16
C VAL C 236 -12.40 -65.24 18.89
N VAL C 237 -12.23 -64.69 20.11
CA VAL C 237 -11.01 -64.89 20.89
C VAL C 237 -11.30 -65.12 22.39
N PRO C 238 -10.41 -65.83 23.11
CA PRO C 238 -10.55 -66.07 24.53
C PRO C 238 -10.29 -64.83 25.38
N ASN C 239 -10.26 -65.05 26.69
CA ASN C 239 -9.95 -64.02 27.70
C ASN C 239 -8.65 -63.17 27.56
N ASP C 240 -7.46 -63.76 27.63
CA ASP C 240 -6.19 -62.97 27.66
C ASP C 240 -5.52 -63.07 26.28
N PRO C 241 -6.25 -62.69 25.19
CA PRO C 241 -5.83 -63.02 23.83
C PRO C 241 -4.33 -62.87 23.56
N SER C 242 -3.76 -63.91 22.95
CA SER C 242 -2.38 -63.90 22.51
C SER C 242 -2.26 -63.07 21.26
N PHE C 243 -1.09 -62.45 21.08
CA PHE C 243 -0.78 -61.73 19.84
C PHE C 243 -1.08 -62.66 18.71
N GLU C 244 -0.83 -63.95 18.94
CA GLU C 244 -1.11 -64.90 17.88
C GLU C 244 -2.64 -65.05 17.68
N ASP C 245 -3.39 -65.08 18.76
CA ASP C 245 -4.86 -65.16 18.66
C ASP C 245 -5.42 -63.97 17.87
N MET C 246 -4.90 -62.77 18.17
CA MET C 246 -5.34 -61.55 17.51
C MET C 246 -4.83 -61.47 16.09
N LYS C 247 -3.55 -61.81 15.88
CA LYS C 247 -2.96 -61.84 14.54
C LYS C 247 -3.84 -62.66 13.61
N LYS C 248 -4.26 -63.84 14.05
CA LYS C 248 -5.12 -64.72 13.23
C LYS C 248 -6.47 -64.09 12.92
N VAL C 249 -7.12 -63.54 13.93
CA VAL C 249 -8.46 -62.97 13.77
C VAL C 249 -8.45 -61.67 12.96
N VAL C 250 -7.54 -60.77 13.30
CA VAL C 250 -7.52 -59.42 12.70
C VAL C 250 -6.81 -59.37 11.36
N CYS C 251 -5.73 -60.14 11.20
CA CYS C 251 -4.93 -60.10 9.98
C CYS C 251 -5.25 -61.22 9.01
N VAL C 252 -5.17 -62.47 9.48
CA VAL C 252 -5.46 -63.62 8.59
C VAL C 252 -6.93 -63.68 8.21
N ASP C 253 -7.82 -63.68 9.20
CA ASP C 253 -9.28 -63.79 8.94
C ASP C 253 -9.91 -62.44 8.54
N GLN C 254 -9.14 -61.35 8.68
CA GLN C 254 -9.59 -59.98 8.34
C GLN C 254 -10.91 -59.59 9.02
N GLN C 255 -11.05 -60.02 10.27
CA GLN C 255 -12.29 -59.80 11.02
C GLN C 255 -12.34 -58.41 11.65
N THR C 256 -13.55 -57.87 11.76
CA THR C 256 -13.81 -56.66 12.55
C THR C 256 -15.10 -56.94 13.33
N PRO C 257 -15.37 -56.21 14.44
CA PRO C 257 -16.61 -56.49 15.17
C PRO C 257 -17.82 -56.33 14.26
N THR C 258 -18.72 -57.32 14.26
CA THR C 258 -19.88 -57.23 13.38
C THR C 258 -20.70 -56.05 13.90
N ILE C 259 -21.01 -55.11 13.00
CA ILE C 259 -21.65 -53.84 13.41
C ILE C 259 -23.14 -54.05 13.51
N PRO C 260 -23.73 -53.76 14.69
CA PRO C 260 -25.13 -54.14 14.84
C PRO C 260 -25.95 -53.75 13.62
N ASN C 261 -26.63 -54.74 13.03
CA ASN C 261 -27.59 -54.52 11.93
C ASN C 261 -28.92 -53.97 12.44
N ARG C 262 -28.95 -53.59 13.71
CA ARG C 262 -30.05 -52.87 14.34
C ARG C 262 -29.86 -51.36 14.11
N LEU C 263 -29.30 -51.00 12.96
CA LEU C 263 -28.72 -49.66 12.74
C LEU C 263 -29.55 -48.78 11.81
N ALA C 264 -29.92 -49.35 10.67
CA ALA C 264 -30.60 -48.62 9.59
C ALA C 264 -31.92 -48.00 10.02
N ALA C 265 -32.58 -48.65 10.99
CA ALA C 265 -33.87 -48.17 11.51
C ALA C 265 -33.64 -47.24 12.71
N ASP C 266 -32.68 -46.33 12.57
CA ASP C 266 -32.25 -45.47 13.66
C ASP C 266 -32.08 -44.02 13.17
N PRO C 267 -32.58 -43.03 13.93
CA PRO C 267 -32.46 -41.61 13.54
C PRO C 267 -31.18 -40.88 13.98
N VAL C 268 -30.58 -41.27 15.09
CA VAL C 268 -29.28 -40.67 15.52
C VAL C 268 -28.10 -41.65 15.39
N LEU C 269 -28.33 -42.91 15.75
CA LEU C 269 -27.24 -43.92 15.85
C LEU C 269 -26.78 -44.59 14.53
N SER C 270 -27.54 -44.44 13.43
CA SER C 270 -27.11 -44.99 12.13
C SER C 270 -25.74 -44.48 11.61
N GLY C 271 -25.37 -43.24 11.95
CA GLY C 271 -24.13 -42.62 11.45
C GLY C 271 -22.85 -43.07 12.15
N LEU C 272 -23.01 -43.48 13.40
CA LEU C 272 -21.95 -44.14 14.19
C LEU C 272 -21.46 -45.41 13.51
N ALA C 273 -22.38 -46.15 12.89
CA ALA C 273 -22.03 -47.38 12.17
C ALA C 273 -21.04 -47.10 11.04
N GLN C 274 -21.30 -46.03 10.29
CA GLN C 274 -20.43 -45.64 9.18
C GLN C 274 -19.08 -45.20 9.69
N MET C 275 -19.07 -44.45 10.80
CA MET C 275 -17.81 -43.98 11.41
C MET C 275 -16.98 -45.15 11.96
N MET C 276 -17.67 -46.15 12.53
CA MET C 276 -17.03 -47.40 12.97
C MET C 276 -16.27 -48.03 11.81
N ARG C 277 -16.96 -48.22 10.68
CA ARG C 277 -16.35 -48.77 9.47
C ARG C 277 -15.12 -47.94 9.07
N GLU C 278 -15.22 -46.62 9.23
CA GLU C 278 -14.18 -45.73 8.73
C GLU C 278 -12.99 -45.59 9.68
N CYS C 279 -13.12 -46.20 10.86
CA CYS C 279 -12.01 -46.42 11.78
C CYS C 279 -11.32 -47.76 11.51
N TRP C 280 -12.00 -48.66 10.80
CA TRP C 280 -11.50 -50.02 10.63
C TRP C 280 -11.01 -50.36 9.24
N TYR C 281 -10.82 -49.37 8.37
CA TYR C 281 -10.25 -49.64 7.05
C TYR C 281 -8.85 -50.24 7.23
N PRO C 282 -8.56 -51.37 6.55
CA PRO C 282 -7.26 -52.02 6.63
C PRO C 282 -6.07 -51.14 6.30
N ASN C 283 -6.22 -50.28 5.29
CA ASN C 283 -5.20 -49.30 4.90
C ASN C 283 -5.32 -48.09 5.84
N PRO C 284 -4.35 -47.94 6.78
CA PRO C 284 -4.42 -46.96 7.86
C PRO C 284 -4.72 -45.51 7.42
N SER C 285 -4.19 -45.11 6.28
CA SER C 285 -4.33 -43.72 5.83
C SER C 285 -5.73 -43.41 5.32
N ALA C 286 -6.53 -44.45 5.08
CA ALA C 286 -7.91 -44.27 4.67
C ALA C 286 -8.84 -43.91 5.84
N ARG C 287 -8.34 -44.05 7.07
CA ARG C 287 -9.18 -43.87 8.25
C ARG C 287 -9.44 -42.41 8.57
N LEU C 288 -10.55 -42.15 9.26
CA LEU C 288 -10.86 -40.81 9.74
C LEU C 288 -9.83 -40.35 10.76
N THR C 289 -9.62 -39.04 10.83
CA THR C 289 -8.82 -38.45 11.87
C THR C 289 -9.70 -38.22 13.10
N ALA C 290 -9.08 -37.99 14.24
CA ALA C 290 -9.84 -37.73 15.47
C ALA C 290 -10.63 -36.41 15.36
N LEU C 291 -10.03 -35.43 14.71
CA LEU C 291 -10.71 -34.14 14.45
C LEU C 291 -12.00 -34.37 13.64
N ARG C 292 -11.90 -35.15 12.57
CA ARG C 292 -13.02 -35.41 11.67
C ARG C 292 -14.14 -36.15 12.39
N ILE C 293 -13.76 -37.08 13.27
CA ILE C 293 -14.75 -37.83 14.08
C ILE C 293 -15.45 -36.86 15.04
N LYS C 294 -14.65 -36.12 15.81
CA LYS C 294 -15.19 -35.05 16.67
C LYS C 294 -16.22 -34.23 15.91
N LYS C 295 -15.82 -33.66 14.77
CA LYS C 295 -16.71 -32.78 14.01
C LYS C 295 -18.00 -33.46 13.57
N THR C 296 -17.90 -34.66 13.01
CA THR C 296 -19.09 -35.40 12.60
C THR C 296 -20.04 -35.48 13.81
N LEU C 297 -19.44 -35.38 15.01
CA LEU C 297 -20.14 -35.41 16.31
C LEU C 297 -20.53 -34.06 16.93
N GLN C 298 -19.96 -32.96 16.45
CA GLN C 298 -20.46 -31.61 16.83
C GLN C 298 -21.29 -30.93 15.74
N LYS C 299 -21.57 -31.68 14.67
CA LYS C 299 -22.79 -31.49 13.90
C LYS C 299 -23.90 -32.11 14.76
N ILE C 300 -23.73 -33.42 15.04
CA ILE C 300 -24.85 -34.32 15.38
C ILE C 300 -25.56 -33.97 16.66
N MET D 2 -86.36 -38.11 -6.33
CA MET D 2 -85.14 -38.28 -5.45
C MET D 2 -84.77 -36.91 -4.90
N GLN D 3 -84.14 -36.06 -5.73
CA GLN D 3 -83.60 -34.73 -5.32
C GLN D 3 -84.30 -34.02 -4.15
N ARG D 4 -85.63 -34.20 -4.08
CA ARG D 4 -86.51 -33.48 -3.14
C ARG D 4 -86.04 -33.45 -1.67
N THR D 5 -85.90 -34.63 -1.06
CA THR D 5 -85.56 -34.73 0.37
C THR D 5 -84.04 -34.64 0.60
N VAL D 6 -83.42 -33.68 -0.07
CA VAL D 6 -82.11 -33.15 0.28
C VAL D 6 -82.28 -31.66 0.51
N ALA D 7 -83.06 -31.02 -0.38
CA ALA D 7 -83.56 -29.66 -0.24
C ALA D 7 -84.36 -29.52 1.03
N ARG D 8 -85.13 -30.55 1.32
CA ARG D 8 -85.87 -30.58 2.59
C ARG D 8 -84.95 -30.88 3.77
N GLN D 9 -83.97 -31.76 3.56
CA GLN D 9 -83.05 -32.15 4.63
C GLN D 9 -81.86 -31.22 4.82
N VAL D 10 -81.48 -30.46 3.78
CA VAL D 10 -80.31 -29.57 3.85
C VAL D 10 -80.48 -28.48 4.91
N ALA D 11 -79.51 -28.38 5.82
CA ALA D 11 -79.48 -27.32 6.82
C ALA D 11 -78.52 -26.25 6.37
N LEU D 12 -78.94 -25.00 6.45
CA LEU D 12 -78.11 -23.88 6.03
C LEU D 12 -77.31 -23.39 7.20
N VAL D 13 -75.98 -23.28 7.04
CA VAL D 13 -75.08 -22.97 8.14
C VAL D 13 -74.45 -21.58 8.02
N GLU D 14 -73.88 -21.28 6.86
CA GLU D 14 -73.13 -20.02 6.69
C GLU D 14 -73.40 -19.43 5.32
N CYS D 15 -73.63 -18.12 5.27
CA CYS D 15 -73.75 -17.40 3.99
C CYS D 15 -72.37 -16.95 3.57
N VAL D 16 -71.89 -17.47 2.44
CA VAL D 16 -70.52 -17.23 1.97
C VAL D 16 -70.51 -16.30 0.74
N GLY D 17 -71.69 -15.85 0.29
CA GLY D 17 -71.76 -14.94 -0.85
C GLY D 17 -73.12 -14.28 -1.00
N LYS D 18 -73.12 -13.04 -1.48
CA LYS D 18 -74.36 -12.26 -1.68
C LYS D 18 -74.15 -11.23 -2.82
N GLY D 19 -75.18 -11.01 -3.61
CA GLY D 19 -75.08 -10.17 -4.81
C GLY D 19 -76.42 -10.04 -5.54
N ARG D 20 -76.37 -9.51 -6.75
CA ARG D 20 -77.57 -9.28 -7.57
C ARG D 20 -78.16 -10.60 -8.05
N TYR D 21 -77.32 -11.62 -8.14
CA TYR D 21 -77.77 -12.98 -8.50
C TYR D 21 -78.61 -13.64 -7.40
N GLY D 22 -78.44 -13.19 -6.16
CA GLY D 22 -79.06 -13.84 -5.00
C GLY D 22 -78.05 -14.03 -3.88
N GLU D 23 -77.94 -15.24 -3.35
CA GLU D 23 -77.01 -15.56 -2.27
C GLU D 23 -76.52 -17.00 -2.44
N VAL D 24 -75.32 -17.29 -1.97
CA VAL D 24 -74.85 -18.67 -1.87
C VAL D 24 -74.55 -18.98 -0.43
N TRP D 25 -75.04 -20.13 0.05
CA TRP D 25 -74.86 -20.57 1.44
C TRP D 25 -74.11 -21.87 1.48
N ARG D 26 -73.28 -22.08 2.50
CA ARG D 26 -72.75 -23.39 2.78
C ARG D 26 -73.80 -24.14 3.58
N GLY D 27 -74.09 -25.37 3.17
CA GLY D 27 -75.10 -26.19 3.83
C GLY D 27 -74.58 -27.57 4.23
N LEU D 28 -75.22 -28.17 5.23
CA LEU D 28 -74.89 -29.54 5.67
C LEU D 28 -75.97 -30.48 5.24
N TRP D 29 -75.59 -31.55 4.54
CA TRP D 29 -76.52 -32.63 4.22
C TRP D 29 -75.88 -33.98 4.53
N HIS D 30 -76.47 -34.70 5.49
CA HIS D 30 -75.95 -35.99 5.94
C HIS D 30 -74.43 -35.97 6.10
N GLY D 31 -73.94 -35.05 6.92
CA GLY D 31 -72.52 -34.96 7.22
C GLY D 31 -71.67 -34.17 6.23
N GLU D 32 -71.98 -34.27 4.94
CA GLU D 32 -71.19 -33.61 3.88
C GLU D 32 -71.60 -32.14 3.71
N SER D 33 -70.71 -31.36 3.09
CA SER D 33 -70.97 -29.96 2.80
C SER D 33 -71.49 -29.77 1.36
N VAL D 34 -72.53 -28.94 1.22
CA VAL D 34 -73.09 -28.59 -0.08
C VAL D 34 -73.23 -27.07 -0.20
N ALA D 35 -73.25 -26.58 -1.44
CA ALA D 35 -73.56 -25.19 -1.73
C ALA D 35 -75.04 -25.09 -2.05
N VAL D 36 -75.71 -24.11 -1.47
CA VAL D 36 -77.10 -23.82 -1.80
C VAL D 36 -77.21 -22.39 -2.33
N LYS D 37 -77.39 -22.25 -3.64
CA LYS D 37 -77.61 -20.93 -4.24
C LYS D 37 -79.11 -20.57 -4.23
N ILE D 38 -79.47 -19.57 -3.43
CA ILE D 38 -80.84 -19.07 -3.39
C ILE D 38 -80.89 -17.87 -4.34
N PHE D 39 -81.70 -17.98 -5.41
CA PHE D 39 -81.72 -16.99 -6.47
C PHE D 39 -82.61 -15.81 -6.10
N SER D 40 -82.26 -14.62 -6.58
CA SER D 40 -83.09 -13.44 -6.38
C SER D 40 -84.21 -13.44 -7.41
N SER D 41 -85.26 -12.69 -7.13
CA SER D 41 -86.44 -12.59 -8.00
C SER D 41 -86.06 -12.05 -9.39
N ARG D 42 -85.11 -11.13 -9.43
CA ARG D 42 -84.64 -10.55 -10.68
C ARG D 42 -83.88 -11.56 -11.57
N ASP D 43 -83.52 -12.74 -11.04
CA ASP D 43 -82.68 -13.70 -11.76
C ASP D 43 -83.31 -15.10 -11.85
N GLU D 44 -84.63 -15.18 -11.71
CA GLU D 44 -85.37 -16.43 -11.78
C GLU D 44 -85.11 -17.20 -13.07
N GLN D 45 -84.90 -16.49 -14.16
CA GLN D 45 -84.70 -17.13 -15.45
C GLN D 45 -83.34 -17.84 -15.56
N SER D 46 -82.36 -17.42 -14.76
CA SER D 46 -81.08 -18.11 -14.68
C SER D 46 -81.22 -19.44 -13.97
N TRP D 47 -82.03 -19.47 -12.91
CA TRP D 47 -82.35 -20.71 -12.21
C TRP D 47 -83.02 -21.70 -13.13
N PHE D 48 -83.94 -21.22 -13.95
CA PHE D 48 -84.69 -22.09 -14.86
C PHE D 48 -83.73 -22.73 -15.88
N ARG D 49 -82.95 -21.89 -16.54
CA ARG D 49 -82.00 -22.38 -17.55
C ARG D 49 -81.01 -23.38 -16.95
N GLU D 50 -80.53 -23.07 -15.77
CA GLU D 50 -79.52 -23.89 -15.13
C GLU D 50 -80.12 -25.21 -14.67
N THR D 51 -81.38 -25.16 -14.21
CA THR D 51 -82.12 -26.35 -13.86
C THR D 51 -82.35 -27.22 -15.10
N GLU D 52 -82.82 -26.61 -16.19
CA GLU D 52 -83.08 -27.34 -17.44
C GLU D 52 -81.79 -28.08 -17.84
N ILE D 53 -80.69 -27.33 -17.98
CA ILE D 53 -79.45 -27.88 -18.52
C ILE D 53 -78.87 -29.02 -17.69
N TYR D 54 -78.86 -28.82 -16.37
CA TYR D 54 -78.36 -29.83 -15.46
C TYR D 54 -79.21 -31.12 -15.43
N ASN D 55 -80.53 -31.00 -15.63
CA ASN D 55 -81.41 -32.17 -15.64
C ASN D 55 -81.46 -32.85 -17.00
N THR D 56 -81.03 -32.15 -18.05
CA THR D 56 -81.26 -32.53 -19.43
C THR D 56 -80.01 -32.99 -20.18
N VAL D 57 -78.86 -32.45 -19.83
CA VAL D 57 -77.61 -32.68 -20.52
C VAL D 57 -76.68 -33.50 -19.64
N LEU D 58 -76.12 -34.57 -20.21
CA LEU D 58 -75.13 -35.40 -19.50
C LEU D 58 -73.82 -34.67 -19.41
N LEU D 59 -73.62 -33.95 -18.30
CA LEU D 59 -72.57 -32.92 -18.24
C LEU D 59 -71.46 -33.20 -17.20
N ARG D 60 -71.68 -34.18 -16.31
CA ARG D 60 -70.71 -34.46 -15.24
C ARG D 60 -69.29 -34.42 -15.77
N HIS D 61 -68.42 -33.72 -15.04
CA HIS D 61 -67.02 -33.60 -15.41
C HIS D 61 -66.28 -33.04 -14.22
N ASP D 62 -65.06 -33.51 -13.99
CA ASP D 62 -64.23 -32.98 -12.89
C ASP D 62 -64.09 -31.45 -12.90
N ASN D 63 -64.10 -30.85 -14.08
CA ASN D 63 -63.92 -29.40 -14.22
C ASN D 63 -65.21 -28.64 -14.51
N ILE D 64 -66.34 -29.18 -14.05
CA ILE D 64 -67.63 -28.52 -14.10
C ILE D 64 -68.36 -28.76 -12.76
N LEU D 65 -68.97 -27.72 -12.20
CA LEU D 65 -69.53 -27.80 -10.87
C LEU D 65 -70.59 -28.92 -10.81
N GLY D 66 -70.45 -29.79 -9.83
CA GLY D 66 -71.33 -30.90 -9.66
C GLY D 66 -72.70 -30.47 -9.20
N PHE D 67 -73.74 -31.01 -9.84
CA PHE D 67 -75.14 -30.73 -9.55
C PHE D 67 -75.68 -31.78 -8.58
N ILE D 68 -76.43 -31.34 -7.59
CA ILE D 68 -77.09 -32.26 -6.66
C ILE D 68 -78.61 -32.18 -6.77
N ALA D 69 -79.16 -30.97 -6.72
CA ALA D 69 -80.62 -30.84 -6.77
C ALA D 69 -81.05 -29.43 -7.18
N SER D 70 -82.32 -29.31 -7.57
CA SER D 70 -82.95 -28.02 -7.83
C SER D 70 -84.35 -28.05 -7.23
N ASP D 71 -84.71 -27.02 -6.49
CA ASP D 71 -85.99 -26.99 -5.80
C ASP D 71 -86.62 -25.62 -5.82
N MET D 72 -87.96 -25.63 -5.78
CA MET D 72 -88.74 -24.46 -5.39
C MET D 72 -89.23 -24.83 -3.99
N THR D 73 -88.97 -23.99 -2.99
CA THR D 73 -89.18 -24.42 -1.60
C THR D 73 -89.78 -23.34 -0.73
N SER D 74 -90.42 -23.78 0.35
CA SER D 74 -91.04 -22.90 1.33
C SER D 74 -90.47 -23.24 2.68
N ARG D 75 -89.28 -23.83 2.67
CA ARG D 75 -88.58 -24.20 3.91
C ARG D 75 -88.34 -22.92 4.68
N ASN D 76 -87.54 -22.02 4.11
CA ASN D 76 -87.48 -20.65 4.57
C ASN D 76 -88.83 -20.07 4.15
N SER D 77 -89.39 -19.13 4.90
CA SER D 77 -90.81 -18.78 4.72
C SER D 77 -91.25 -18.61 3.27
N SER D 78 -90.93 -17.48 2.65
CA SER D 78 -91.34 -17.20 1.30
C SER D 78 -90.77 -18.21 0.32
N THR D 79 -91.45 -18.39 -0.82
CA THR D 79 -91.02 -19.45 -1.76
C THR D 79 -89.86 -18.94 -2.55
N GLN D 80 -88.76 -19.70 -2.47
CA GLN D 80 -87.50 -19.32 -3.09
C GLN D 80 -87.01 -20.43 -4.00
N LEU D 81 -86.27 -20.05 -5.03
CA LEU D 81 -85.73 -20.97 -6.00
C LEU D 81 -84.31 -21.35 -5.58
N TRP D 82 -84.06 -22.65 -5.41
CA TRP D 82 -82.79 -23.15 -4.92
C TRP D 82 -82.08 -23.99 -5.96
N LEU D 83 -80.75 -23.85 -6.00
CA LEU D 83 -79.89 -24.78 -6.70
C LEU D 83 -78.90 -25.30 -5.69
N ILE D 84 -78.82 -26.62 -5.52
CA ILE D 84 -77.89 -27.25 -4.57
C ILE D 84 -76.79 -27.97 -5.37
N THR D 85 -75.53 -27.71 -5.00
CA THR D 85 -74.38 -28.26 -5.73
C THR D 85 -73.30 -28.72 -4.78
N HIS D 86 -72.22 -29.27 -5.32
CA HIS D 86 -71.02 -29.51 -4.50
C HIS D 86 -70.54 -28.18 -3.93
N TYR D 87 -69.90 -28.24 -2.76
CA TYR D 87 -69.33 -27.07 -2.11
C TYR D 87 -67.82 -27.11 -2.18
N HIS D 88 -67.21 -25.97 -2.50
CA HIS D 88 -65.74 -25.86 -2.56
C HIS D 88 -65.22 -24.74 -1.67
N GLU D 89 -64.50 -25.13 -0.61
CA GLU D 89 -64.10 -24.22 0.47
C GLU D 89 -63.31 -23.00 0.04
N HIS D 90 -62.41 -23.17 -0.92
CA HIS D 90 -61.58 -22.07 -1.42
C HIS D 90 -62.39 -21.00 -2.11
N GLY D 91 -63.67 -21.29 -2.43
CA GLY D 91 -64.52 -20.33 -3.09
C GLY D 91 -64.07 -20.18 -4.53
N SER D 92 -64.41 -19.04 -5.13
CA SER D 92 -64.12 -18.81 -6.54
C SER D 92 -62.64 -18.54 -6.78
N LEU D 93 -62.27 -18.55 -8.07
CA LEU D 93 -60.93 -18.16 -8.48
C LEU D 93 -60.64 -16.71 -8.10
N TYR D 94 -61.66 -15.87 -8.19
CA TYR D 94 -61.60 -14.50 -7.70
C TYR D 94 -61.15 -14.49 -6.24
N ASP D 95 -61.88 -15.23 -5.41
CA ASP D 95 -61.59 -15.33 -3.99
C ASP D 95 -60.18 -15.83 -3.74
N PHE D 96 -59.80 -16.93 -4.40
CA PHE D 96 -58.52 -17.60 -4.22
C PHE D 96 -57.36 -16.68 -4.61
N LEU D 97 -57.50 -16.05 -5.77
CA LEU D 97 -56.48 -15.11 -6.23
C LEU D 97 -56.36 -13.86 -5.35
N GLN D 98 -57.41 -13.55 -4.58
CA GLN D 98 -57.38 -12.42 -3.65
C GLN D 98 -56.34 -12.65 -2.57
N ARG D 99 -56.43 -13.82 -1.95
CA ARG D 99 -55.61 -14.14 -0.77
C ARG D 99 -54.29 -14.82 -1.09
N GLN D 100 -54.25 -15.65 -2.12
CA GLN D 100 -53.10 -16.53 -2.38
C GLN D 100 -52.31 -16.04 -3.58
N THR D 101 -50.99 -16.22 -3.49
CA THR D 101 -50.07 -15.99 -4.59
C THR D 101 -49.69 -17.36 -5.19
N LEU D 102 -49.32 -17.37 -6.46
CA LEU D 102 -49.20 -18.63 -7.20
C LEU D 102 -47.78 -18.91 -7.68
N GLU D 103 -47.25 -20.05 -7.26
CA GLU D 103 -46.06 -20.62 -7.88
C GLU D 103 -46.42 -20.91 -9.36
N PRO D 104 -45.45 -20.77 -10.27
CA PRO D 104 -45.73 -21.04 -11.69
C PRO D 104 -46.41 -22.37 -11.98
N HIS D 105 -46.02 -23.44 -11.28
CA HIS D 105 -46.67 -24.76 -11.38
C HIS D 105 -48.17 -24.69 -11.08
N LEU D 106 -48.53 -23.96 -10.03
CA LEU D 106 -49.92 -23.84 -9.61
C LEU D 106 -50.71 -23.02 -10.60
N ALA D 107 -50.10 -21.93 -11.09
CA ALA D 107 -50.70 -21.09 -12.12
C ALA D 107 -51.11 -21.89 -13.34
N LEU D 108 -50.24 -22.80 -13.77
CA LEU D 108 -50.54 -23.69 -14.93
C LEU D 108 -51.61 -24.72 -14.60
N ARG D 109 -51.63 -25.19 -13.35
CA ARG D 109 -52.59 -26.19 -12.93
C ARG D 109 -54.00 -25.62 -12.98
N LEU D 110 -54.16 -24.40 -12.47
CA LEU D 110 -55.45 -23.71 -12.53
C LEU D 110 -55.82 -23.38 -13.97
N ALA D 111 -54.85 -22.92 -14.74
CA ALA D 111 -55.08 -22.55 -16.14
C ALA D 111 -55.45 -23.76 -17.00
N VAL D 112 -54.75 -24.89 -16.81
CA VAL D 112 -55.06 -26.09 -17.62
C VAL D 112 -56.43 -26.66 -17.29
N SER D 113 -56.76 -26.72 -16.01
CA SER D 113 -58.02 -27.33 -15.56
C SER D 113 -59.24 -26.49 -15.96
N ALA D 114 -59.13 -25.18 -15.85
CA ALA D 114 -60.15 -24.28 -16.36
C ALA D 114 -60.35 -24.51 -17.85
N ALA D 115 -59.25 -24.63 -18.59
CA ALA D 115 -59.32 -24.91 -20.03
C ALA D 115 -60.02 -26.24 -20.32
N CYS D 116 -59.80 -27.24 -19.47
CA CYS D 116 -60.45 -28.54 -19.65
C CYS D 116 -61.95 -28.35 -19.52
N GLY D 117 -62.36 -27.60 -18.50
CA GLY D 117 -63.76 -27.29 -18.29
C GLY D 117 -64.41 -26.67 -19.51
N LEU D 118 -63.82 -25.58 -20.01
CA LEU D 118 -64.36 -24.86 -21.15
C LEU D 118 -64.35 -25.70 -22.44
N ALA D 119 -63.28 -26.47 -22.65
CA ALA D 119 -63.22 -27.37 -23.83
C ALA D 119 -64.36 -28.38 -23.79
N HIS D 120 -64.62 -28.92 -22.62
CA HIS D 120 -65.67 -29.91 -22.43
C HIS D 120 -67.04 -29.35 -22.75
N LEU D 121 -67.29 -28.12 -22.32
CA LEU D 121 -68.52 -27.37 -22.62
C LEU D 121 -68.69 -27.14 -24.10
N HIS D 122 -67.64 -26.67 -24.75
CA HIS D 122 -67.69 -26.29 -26.17
C HIS D 122 -67.84 -27.49 -27.13
N VAL D 123 -67.18 -28.61 -26.85
CA VAL D 123 -67.08 -29.71 -27.81
C VAL D 123 -68.30 -30.55 -27.68
N GLU D 124 -68.96 -30.79 -28.81
CA GLU D 124 -70.09 -31.71 -28.85
C GLU D 124 -69.52 -33.09 -28.78
N ILE D 125 -70.09 -33.90 -27.89
CA ILE D 125 -69.85 -35.36 -27.95
C ILE D 125 -71.10 -35.88 -28.66
N PHE D 126 -71.03 -37.06 -29.30
CA PHE D 126 -72.18 -37.68 -29.94
C PHE D 126 -72.50 -39.00 -29.28
N GLY D 127 -73.74 -39.44 -29.49
CA GLY D 127 -74.14 -40.74 -29.04
C GLY D 127 -75.00 -40.67 -27.81
N THR D 128 -75.71 -41.76 -27.50
CA THR D 128 -76.57 -41.80 -26.34
C THR D 128 -75.79 -41.31 -25.11
N GLN D 129 -74.47 -41.37 -25.16
CA GLN D 129 -73.69 -41.00 -24.00
C GLN D 129 -73.03 -39.65 -24.13
N GLY D 130 -73.53 -38.83 -25.06
CA GLY D 130 -72.96 -37.56 -25.40
C GLY D 130 -73.72 -36.35 -24.91
N LYS D 131 -73.49 -35.21 -25.57
CA LYS D 131 -73.91 -33.91 -25.06
C LYS D 131 -73.75 -32.84 -26.14
N PRO D 132 -74.71 -31.91 -26.27
CA PRO D 132 -74.54 -30.89 -27.31
C PRO D 132 -73.44 -29.94 -26.98
N ALA D 133 -73.04 -29.13 -27.96
CA ALA D 133 -72.02 -28.10 -27.77
C ALA D 133 -72.63 -27.01 -26.91
N ILE D 134 -71.92 -26.53 -25.89
CA ILE D 134 -72.44 -25.53 -24.95
C ILE D 134 -71.49 -24.34 -24.81
N ALA D 135 -72.02 -23.13 -24.96
CA ALA D 135 -71.25 -21.89 -24.71
C ALA D 135 -71.74 -21.24 -23.43
N HIS D 136 -70.82 -20.75 -22.60
CA HIS D 136 -71.13 -20.25 -21.26
C HIS D 136 -71.85 -18.88 -21.30
N ARG D 137 -71.21 -17.92 -21.97
CA ARG D 137 -71.74 -16.56 -22.13
C ARG D 137 -71.60 -15.64 -20.90
N ASP D 138 -71.03 -16.16 -19.79
CA ASP D 138 -70.65 -15.32 -18.64
C ASP D 138 -69.38 -15.86 -17.93
N PHE D 139 -68.38 -16.20 -18.75
CA PHE D 139 -67.17 -16.78 -18.22
C PHE D 139 -66.34 -15.69 -17.59
N LYS D 140 -66.04 -15.85 -16.30
CA LYS D 140 -65.28 -14.90 -15.50
C LYS D 140 -64.73 -15.59 -14.27
N SER D 141 -63.76 -14.96 -13.59
CA SER D 141 -63.11 -15.62 -12.46
C SER D 141 -64.06 -15.91 -11.31
N ARG D 142 -65.15 -15.16 -11.21
CA ARG D 142 -66.15 -15.40 -10.15
C ARG D 142 -67.01 -16.62 -10.42
N ASN D 143 -67.04 -17.08 -11.67
CA ASN D 143 -67.83 -18.25 -12.05
C ASN D 143 -66.95 -19.48 -12.26
N VAL D 144 -65.74 -19.45 -11.70
CA VAL D 144 -64.85 -20.59 -11.69
C VAL D 144 -64.48 -20.84 -10.25
N LEU D 145 -64.70 -22.06 -9.76
CA LEU D 145 -64.39 -22.42 -8.38
C LEU D 145 -63.03 -23.14 -8.32
N VAL D 146 -62.35 -23.06 -7.18
CA VAL D 146 -61.11 -23.77 -6.94
C VAL D 146 -61.31 -24.90 -5.92
N LYS D 147 -61.04 -26.12 -6.38
CA LYS D 147 -61.28 -27.34 -5.59
C LYS D 147 -60.16 -27.59 -4.60
N SER D 148 -60.36 -28.56 -3.72
CA SER D 148 -59.34 -28.98 -2.75
C SER D 148 -58.03 -29.35 -3.40
N ASN D 149 -58.09 -30.04 -4.54
CA ASN D 149 -56.89 -30.42 -5.25
C ASN D 149 -56.36 -29.32 -6.15
N LEU D 150 -56.81 -28.09 -5.89
CA LEU D 150 -56.32 -26.89 -6.60
C LEU D 150 -56.46 -27.04 -8.11
N GLN D 151 -57.54 -27.69 -8.52
CA GLN D 151 -57.99 -27.66 -9.92
C GLN D 151 -59.26 -26.85 -9.93
N CYS D 152 -59.54 -26.23 -11.07
CA CYS D 152 -60.75 -25.42 -11.24
C CYS D 152 -61.93 -26.28 -11.70
N CYS D 153 -63.13 -25.76 -11.46
CA CYS D 153 -64.33 -26.23 -12.16
C CYS D 153 -65.27 -25.07 -12.45
N ILE D 154 -65.88 -25.09 -13.63
CA ILE D 154 -66.75 -24.00 -14.07
C ILE D 154 -68.14 -24.09 -13.48
N ALA D 155 -68.70 -22.94 -13.09
CA ALA D 155 -70.09 -22.86 -12.58
C ALA D 155 -70.89 -21.86 -13.38
N ASP D 156 -72.18 -21.77 -13.02
CA ASP D 156 -73.15 -20.77 -13.50
C ASP D 156 -73.45 -20.95 -14.96
N LEU D 157 -74.36 -21.87 -15.25
CA LEU D 157 -74.79 -22.14 -16.61
C LEU D 157 -76.06 -21.37 -16.99
N GLY D 158 -76.40 -20.34 -16.21
CA GLY D 158 -77.67 -19.62 -16.35
C GLY D 158 -77.91 -18.93 -17.66
N LEU D 159 -76.84 -18.60 -18.38
CA LEU D 159 -76.93 -17.92 -19.68
C LEU D 159 -76.51 -18.80 -20.84
N ALA D 160 -76.27 -20.08 -20.59
CA ALA D 160 -75.64 -20.96 -21.57
C ALA D 160 -76.51 -21.11 -22.80
N VAL D 161 -75.88 -21.32 -23.95
CA VAL D 161 -76.58 -21.58 -25.20
C VAL D 161 -76.09 -22.89 -25.80
N MET D 162 -77.01 -23.61 -26.45
CA MET D 162 -76.75 -24.98 -26.93
C MET D 162 -77.01 -25.13 -28.43
N HIS D 163 -76.21 -26.00 -29.04
CA HIS D 163 -76.36 -26.34 -30.42
C HIS D 163 -75.97 -27.80 -30.58
N SER D 164 -76.69 -28.50 -31.47
CA SER D 164 -76.33 -29.86 -31.85
C SER D 164 -75.99 -29.86 -33.32
N GLN D 165 -74.93 -30.58 -33.70
CA GLN D 165 -74.62 -30.77 -35.11
C GLN D 165 -75.87 -31.43 -35.73
N GLY D 166 -76.40 -30.78 -36.75
CA GLY D 166 -77.72 -31.11 -37.28
C GLY D 166 -78.27 -29.85 -37.89
N SER D 167 -79.18 -29.17 -37.19
CA SER D 167 -79.68 -27.89 -37.69
C SER D 167 -80.44 -27.07 -36.67
N ASP D 168 -80.66 -25.81 -37.03
CA ASP D 168 -81.44 -24.88 -36.21
C ASP D 168 -82.81 -25.49 -36.01
N TYR D 169 -83.37 -25.41 -34.79
CA TYR D 169 -83.04 -24.43 -33.74
C TYR D 169 -81.61 -24.40 -33.18
N LEU D 170 -81.25 -23.22 -32.68
CA LEU D 170 -80.13 -23.01 -31.78
C LEU D 170 -80.76 -22.68 -30.43
N ASP D 171 -80.66 -23.60 -29.46
CA ASP D 171 -81.30 -23.41 -28.15
C ASP D 171 -80.62 -22.28 -27.36
N ILE D 172 -81.26 -21.11 -27.40
CA ILE D 172 -80.71 -19.85 -26.86
C ILE D 172 -81.38 -19.36 -25.57
N GLY D 173 -82.59 -19.81 -25.29
CA GLY D 173 -83.24 -19.46 -24.02
C GLY D 173 -84.05 -18.16 -24.04
N ASN D 174 -84.44 -17.71 -22.85
CA ASN D 174 -85.31 -16.54 -22.72
C ASN D 174 -84.93 -15.76 -21.49
N ASN D 175 -83.63 -15.53 -21.30
CA ASN D 175 -83.10 -14.85 -20.14
C ASN D 175 -82.70 -13.40 -20.44
N PRO D 176 -83.36 -12.42 -19.80
CA PRO D 176 -83.02 -10.98 -19.96
C PRO D 176 -81.58 -10.61 -19.56
N ARG D 177 -81.00 -11.36 -18.62
CA ARG D 177 -79.64 -11.16 -18.13
C ARG D 177 -78.66 -11.14 -19.29
N VAL D 178 -77.57 -10.41 -19.13
CA VAL D 178 -76.47 -10.46 -20.09
C VAL D 178 -75.16 -10.78 -19.37
N GLY D 179 -74.10 -10.94 -20.15
CA GLY D 179 -72.79 -11.18 -19.57
C GLY D 179 -72.29 -10.07 -18.64
N THR D 180 -71.34 -10.44 -17.78
CA THR D 180 -70.64 -9.47 -16.94
C THR D 180 -69.92 -8.48 -17.84
N LYS D 181 -70.29 -7.21 -17.71
CA LYS D 181 -69.84 -6.15 -18.63
C LYS D 181 -68.33 -6.09 -18.77
N ARG D 182 -67.64 -6.23 -17.64
CA ARG D 182 -66.18 -6.20 -17.65
C ARG D 182 -65.60 -7.21 -18.65
N TYR D 183 -66.33 -8.30 -18.93
CA TYR D 183 -65.81 -9.43 -19.70
C TYR D 183 -66.34 -9.53 -21.13
N MET D 184 -67.19 -8.59 -21.51
CA MET D 184 -67.84 -8.63 -22.80
C MET D 184 -66.80 -8.42 -23.89
N ALA D 185 -66.85 -9.23 -24.94
CA ALA D 185 -65.95 -9.09 -26.09
C ALA D 185 -66.31 -7.83 -26.88
N PRO D 186 -65.40 -7.38 -27.76
CA PRO D 186 -65.67 -6.19 -28.57
C PRO D 186 -66.96 -6.32 -29.36
N GLU D 187 -67.14 -7.47 -30.01
CA GLU D 187 -68.32 -7.71 -30.85
C GLU D 187 -69.65 -7.69 -30.07
N VAL D 188 -69.60 -7.93 -28.76
CA VAL D 188 -70.81 -7.84 -27.93
C VAL D 188 -71.09 -6.38 -27.57
N LEU D 189 -70.04 -5.61 -27.29
CA LEU D 189 -70.18 -4.19 -26.97
C LEU D 189 -70.49 -3.35 -28.19
N ASP D 190 -69.99 -3.77 -29.35
CA ASP D 190 -70.34 -3.15 -30.64
C ASP D 190 -71.77 -3.46 -31.07
N GLU D 191 -72.33 -4.54 -30.52
CA GLU D 191 -73.61 -5.10 -30.99
C GLU D 191 -73.51 -5.54 -32.45
N GLN D 192 -72.30 -5.94 -32.86
CA GLN D 192 -72.04 -6.41 -34.22
C GLN D 192 -72.00 -7.93 -34.30
N ILE D 193 -72.23 -8.60 -33.16
CA ILE D 193 -72.22 -10.07 -33.09
C ILE D 193 -73.45 -10.65 -33.81
N ARG D 194 -73.27 -11.76 -34.51
CA ARG D 194 -74.39 -12.44 -35.17
C ARG D 194 -75.03 -13.40 -34.17
N THR D 195 -76.16 -13.02 -33.59
CA THR D 195 -76.80 -13.79 -32.50
C THR D 195 -77.48 -15.09 -32.92
N ASP D 196 -77.46 -15.40 -34.22
CA ASP D 196 -78.00 -16.67 -34.73
C ASP D 196 -76.87 -17.59 -35.22
N CYS D 197 -75.66 -17.37 -34.70
CA CYS D 197 -74.52 -18.24 -35.02
C CYS D 197 -73.90 -18.72 -33.72
N PHE D 198 -73.80 -20.05 -33.55
CA PHE D 198 -73.29 -20.62 -32.31
C PHE D 198 -71.81 -20.34 -32.13
N GLU D 199 -71.04 -20.44 -33.21
CA GLU D 199 -69.59 -20.21 -33.13
C GLU D 199 -69.25 -18.87 -32.47
N SER D 200 -69.99 -17.82 -32.84
CA SER D 200 -69.85 -16.49 -32.23
C SER D 200 -69.83 -16.49 -30.70
N TYR D 201 -70.76 -17.20 -30.08
CA TYR D 201 -70.84 -17.25 -28.63
C TYR D 201 -69.61 -17.94 -28.02
N LYS D 202 -69.10 -18.96 -28.68
CA LYS D 202 -67.87 -19.63 -28.24
C LYS D 202 -66.70 -18.64 -28.24
N TRP D 203 -66.64 -17.79 -29.25
CA TRP D 203 -65.55 -16.85 -29.40
C TRP D 203 -65.59 -15.78 -28.30
N THR D 204 -66.76 -15.51 -27.74
CA THR D 204 -66.85 -14.58 -26.60
C THR D 204 -66.43 -15.24 -25.31
N ASP D 205 -66.66 -16.54 -25.19
CA ASP D 205 -66.15 -17.32 -24.06
C ASP D 205 -64.63 -17.20 -24.06
N ILE D 206 -64.02 -17.34 -25.23
CA ILE D 206 -62.57 -17.36 -25.37
C ILE D 206 -61.98 -16.01 -24.90
N TRP D 207 -62.49 -14.92 -25.47
CA TRP D 207 -62.10 -13.57 -25.03
C TRP D 207 -62.03 -13.54 -23.51
N ALA D 208 -63.17 -13.85 -22.88
CA ALA D 208 -63.27 -13.84 -21.43
C ALA D 208 -62.26 -14.75 -20.78
N PHE D 209 -61.96 -15.87 -21.41
CA PHE D 209 -60.98 -16.82 -20.88
C PHE D 209 -59.61 -16.16 -20.81
N GLY D 210 -59.20 -15.49 -21.88
CA GLY D 210 -57.97 -14.71 -21.94
C GLY D 210 -57.85 -13.75 -20.78
N LEU D 211 -58.95 -13.06 -20.45
CA LEU D 211 -58.95 -12.12 -19.32
C LEU D 211 -58.75 -12.87 -18.01
N VAL D 212 -59.31 -14.08 -17.89
CA VAL D 212 -59.08 -14.87 -16.70
C VAL D 212 -57.65 -15.35 -16.57
N LEU D 213 -57.01 -15.69 -17.69
CA LEU D 213 -55.57 -16.05 -17.67
C LEU D 213 -54.73 -14.90 -17.09
N TRP D 214 -54.97 -13.70 -17.61
CA TRP D 214 -54.34 -12.47 -17.14
C TRP D 214 -54.42 -12.39 -15.61
N GLU D 215 -55.62 -12.56 -15.07
CA GLU D 215 -55.84 -12.53 -13.61
C GLU D 215 -54.94 -13.52 -12.86
N ILE D 216 -54.82 -14.72 -13.42
CA ILE D 216 -53.94 -15.76 -12.87
C ILE D 216 -52.48 -15.33 -13.00
N ALA D 217 -52.13 -14.86 -14.20
CA ALA D 217 -50.75 -14.46 -14.53
C ALA D 217 -50.25 -13.34 -13.62
N ARG D 218 -51.08 -12.32 -13.42
CA ARG D 218 -50.75 -11.18 -12.53
C ARG D 218 -50.36 -11.63 -11.13
N ARG D 219 -51.00 -12.70 -10.66
CA ARG D 219 -50.86 -13.18 -9.30
C ARG D 219 -49.79 -14.28 -9.17
N THR D 220 -49.02 -14.52 -10.24
CA THR D 220 -48.03 -15.60 -10.26
C THR D 220 -46.61 -15.07 -10.01
N ILE D 221 -45.79 -15.81 -9.24
CA ILE D 221 -44.44 -15.35 -8.86
C ILE D 221 -43.41 -15.78 -9.91
N VAL D 222 -42.56 -14.84 -10.37
CA VAL D 222 -41.42 -15.17 -11.23
C VAL D 222 -40.08 -14.83 -10.53
N ASN D 223 -39.55 -13.61 -10.69
CA ASN D 223 -38.31 -13.26 -9.96
C ASN D 223 -38.54 -12.77 -8.51
N GLY D 224 -39.48 -13.39 -7.79
CA GLY D 224 -39.89 -12.92 -6.45
C GLY D 224 -40.95 -11.82 -6.54
N ILE D 225 -41.18 -11.35 -7.76
CA ILE D 225 -42.08 -10.25 -8.02
C ILE D 225 -43.47 -10.83 -8.22
N VAL D 226 -44.45 -10.28 -7.52
CA VAL D 226 -45.85 -10.58 -7.78
C VAL D 226 -46.71 -9.41 -7.31
N GLU D 227 -47.64 -9.04 -8.18
CA GLU D 227 -48.53 -7.91 -7.99
C GLU D 227 -49.73 -8.28 -7.13
N ASP D 228 -50.30 -7.30 -6.42
CA ASP D 228 -51.58 -7.51 -5.72
C ASP D 228 -52.70 -7.75 -6.74
N TYR D 229 -53.75 -8.45 -6.33
CA TYR D 229 -54.83 -8.75 -7.24
C TYR D 229 -55.48 -7.47 -7.77
N ARG D 230 -55.78 -7.46 -9.07
CA ARG D 230 -56.62 -6.44 -9.69
C ARG D 230 -57.44 -7.11 -10.77
N PRO D 231 -58.68 -6.62 -11.00
CA PRO D 231 -59.50 -7.18 -12.05
C PRO D 231 -59.03 -6.69 -13.42
N PRO D 232 -59.43 -7.37 -14.50
CA PRO D 232 -59.09 -6.87 -15.84
C PRO D 232 -59.62 -5.45 -16.05
N PHE D 233 -58.84 -4.62 -16.73
CA PHE D 233 -59.15 -3.22 -16.99
C PHE D 233 -59.29 -2.36 -15.72
N TYR D 234 -58.69 -2.81 -14.62
CA TYR D 234 -58.70 -2.02 -13.38
C TYR D 234 -58.18 -0.58 -13.55
N ASP D 235 -57.29 -0.38 -14.53
CA ASP D 235 -56.61 0.90 -14.72
C ASP D 235 -57.37 1.83 -15.65
N VAL D 236 -58.39 1.29 -16.33
CA VAL D 236 -59.11 2.09 -17.33
C VAL D 236 -60.63 2.26 -17.06
N VAL D 237 -61.19 1.48 -16.14
CA VAL D 237 -62.62 1.58 -15.85
C VAL D 237 -62.93 1.50 -14.34
N PRO D 238 -64.00 2.17 -13.90
CA PRO D 238 -64.42 2.09 -12.49
C PRO D 238 -64.92 0.71 -12.04
N ASN D 239 -65.28 0.65 -10.75
CA ASN D 239 -65.86 -0.54 -10.05
C ASN D 239 -66.90 -1.43 -10.71
N ASP D 240 -68.02 -0.85 -11.12
CA ASP D 240 -69.17 -1.62 -11.62
C ASP D 240 -69.41 -1.05 -13.01
N PRO D 241 -68.47 -1.31 -13.93
CA PRO D 241 -68.36 -0.51 -15.17
C PRO D 241 -69.65 -0.53 -16.01
N SER D 242 -69.90 0.58 -16.67
CA SER D 242 -71.05 0.70 -17.54
C SER D 242 -70.84 -0.06 -18.84
N PHE D 243 -71.96 -0.32 -19.50
CA PHE D 243 -71.95 -0.81 -20.86
C PHE D 243 -71.12 0.17 -21.70
N GLU D 244 -71.27 1.47 -21.44
CA GLU D 244 -70.62 2.56 -22.20
C GLU D 244 -69.15 2.76 -21.86
N ASP D 245 -68.81 2.60 -20.58
CA ASP D 245 -67.43 2.62 -20.12
C ASP D 245 -66.59 1.56 -20.84
N MET D 246 -67.15 0.36 -20.99
CA MET D 246 -66.45 -0.74 -21.64
C MET D 246 -66.39 -0.56 -23.14
N LYS D 247 -67.51 -0.14 -23.74
CA LYS D 247 -67.57 0.18 -25.17
C LYS D 247 -66.41 1.12 -25.54
N LYS D 248 -66.21 2.19 -24.76
CA LYS D 248 -65.14 3.17 -25.04
C LYS D 248 -63.73 2.58 -24.95
N VAL D 249 -63.49 1.82 -23.89
CA VAL D 249 -62.18 1.22 -23.63
C VAL D 249 -61.86 0.07 -24.58
N VAL D 250 -62.81 -0.84 -24.82
CA VAL D 250 -62.56 -2.05 -25.61
C VAL D 250 -62.72 -1.82 -27.11
N CYS D 251 -63.68 -1.00 -27.50
CA CYS D 251 -63.97 -0.79 -28.93
C CYS D 251 -63.33 0.47 -29.47
N VAL D 252 -63.59 1.62 -28.85
CA VAL D 252 -63.06 2.89 -29.35
C VAL D 252 -61.54 2.98 -29.14
N ASP D 253 -61.10 2.74 -27.91
CA ASP D 253 -59.67 2.83 -27.59
C ASP D 253 -58.90 1.56 -27.94
N GLN D 254 -59.62 0.49 -28.31
CA GLN D 254 -59.00 -0.76 -28.72
C GLN D 254 -57.98 -1.27 -27.68
N GLN D 255 -58.35 -1.12 -26.42
CA GLN D 255 -57.50 -1.56 -25.29
C GLN D 255 -57.69 -3.02 -24.89
N THR D 256 -56.58 -3.65 -24.51
CA THR D 256 -56.56 -4.98 -23.90
C THR D 256 -55.62 -4.89 -22.67
N PRO D 257 -55.70 -5.83 -21.70
CA PRO D 257 -54.81 -5.78 -20.54
C PRO D 257 -53.31 -5.89 -20.88
N THR D 258 -52.48 -5.11 -20.16
CA THR D 258 -51.01 -5.13 -20.38
C THR D 258 -50.49 -6.48 -19.95
N ILE D 259 -49.85 -7.19 -20.88
CA ILE D 259 -49.39 -8.56 -20.59
C ILE D 259 -48.11 -8.41 -19.81
N PRO D 260 -48.05 -8.99 -18.59
CA PRO D 260 -46.86 -8.81 -17.75
C PRO D 260 -45.60 -9.26 -18.47
N ASN D 261 -44.68 -8.33 -18.72
CA ASN D 261 -43.50 -8.61 -19.53
C ASN D 261 -42.66 -9.64 -18.79
N ARG D 262 -42.60 -9.49 -17.48
CA ARG D 262 -41.98 -10.48 -16.59
C ARG D 262 -42.19 -11.91 -17.04
N LEU D 263 -43.44 -12.29 -17.31
CA LEU D 263 -43.76 -13.67 -17.73
C LEU D 263 -42.71 -14.20 -18.72
N ALA D 264 -42.21 -13.33 -19.59
CA ALA D 264 -41.26 -13.72 -20.63
C ALA D 264 -40.13 -14.59 -20.12
N ALA D 265 -39.84 -14.45 -18.82
CA ALA D 265 -38.65 -15.03 -18.22
C ALA D 265 -38.85 -16.44 -17.66
N ASP D 266 -39.98 -17.09 -17.94
CA ASP D 266 -40.17 -18.49 -17.54
C ASP D 266 -40.75 -19.34 -18.67
N PRO D 267 -40.19 -20.54 -18.86
CA PRO D 267 -40.50 -21.36 -20.01
C PRO D 267 -41.81 -22.09 -19.78
N VAL D 268 -42.16 -22.18 -18.49
CA VAL D 268 -43.42 -22.67 -17.99
C VAL D 268 -44.52 -21.71 -18.41
N LEU D 269 -44.18 -20.43 -18.41
CA LEU D 269 -45.13 -19.31 -18.46
C LEU D 269 -45.19 -18.58 -19.79
N SER D 270 -44.12 -18.63 -20.58
CA SER D 270 -43.98 -17.70 -21.70
C SER D 270 -45.16 -17.85 -22.64
N GLY D 271 -45.34 -19.06 -23.16
CA GLY D 271 -46.51 -19.41 -23.97
C GLY D 271 -47.77 -18.64 -23.60
N LEU D 272 -48.12 -18.65 -22.31
CA LEU D 272 -49.37 -18.06 -21.81
C LEU D 272 -49.61 -16.66 -22.37
N ALA D 273 -48.54 -15.91 -22.52
CA ALA D 273 -48.60 -14.56 -23.07
C ALA D 273 -49.09 -14.56 -24.49
N GLN D 274 -48.60 -15.51 -25.28
CA GLN D 274 -49.01 -15.64 -26.67
C GLN D 274 -50.46 -16.07 -26.75
N MET D 275 -50.86 -17.02 -25.88
CA MET D 275 -52.26 -17.49 -25.88
C MET D 275 -53.20 -16.38 -25.49
N MET D 276 -52.77 -15.54 -24.55
CA MET D 276 -53.53 -14.35 -24.13
C MET D 276 -53.81 -13.47 -25.31
N ARG D 277 -52.77 -13.16 -26.08
CA ARG D 277 -52.93 -12.38 -27.32
C ARG D 277 -53.94 -13.04 -28.27
N GLU D 278 -53.94 -14.41 -28.29
CA GLU D 278 -54.70 -15.17 -29.30
C GLU D 278 -56.14 -15.42 -28.89
N CYS D 279 -56.46 -15.07 -27.64
CA CYS D 279 -57.85 -14.99 -27.19
C CYS D 279 -58.45 -13.60 -27.45
N TRP D 280 -57.58 -12.60 -27.69
CA TRP D 280 -58.02 -11.21 -27.79
C TRP D 280 -57.95 -10.59 -29.18
N TYR D 281 -57.79 -11.43 -30.20
CA TYR D 281 -57.84 -10.92 -31.57
C TYR D 281 -59.21 -10.27 -31.78
N PRO D 282 -59.24 -9.03 -32.33
CA PRO D 282 -60.50 -8.32 -32.61
C PRO D 282 -61.46 -9.06 -33.56
N ASN D 283 -60.92 -9.75 -34.55
CA ASN D 283 -61.72 -10.60 -35.44
C ASN D 283 -61.92 -11.96 -34.74
N PRO D 284 -63.15 -12.24 -34.27
CA PRO D 284 -63.47 -13.39 -33.43
C PRO D 284 -63.02 -14.76 -33.98
N SER D 285 -63.07 -14.93 -35.30
CA SER D 285 -62.72 -16.23 -35.91
C SER D 285 -61.23 -16.50 -35.94
N ALA D 286 -60.41 -15.49 -35.65
CA ALA D 286 -58.97 -15.66 -35.57
C ALA D 286 -58.54 -16.25 -34.23
N ARG D 287 -59.46 -16.31 -33.27
CA ARG D 287 -59.11 -16.73 -31.91
C ARG D 287 -58.96 -18.23 -31.78
N LEU D 288 -58.18 -18.66 -30.79
CA LEU D 288 -58.03 -20.07 -30.50
C LEU D 288 -59.35 -20.66 -30.03
N THR D 289 -59.54 -21.94 -30.26
CA THR D 289 -60.68 -22.66 -29.73
C THR D 289 -60.30 -23.16 -28.33
N ALA D 290 -61.30 -23.55 -27.53
CA ALA D 290 -61.05 -24.08 -26.19
C ALA D 290 -60.22 -25.37 -26.25
N LEU D 291 -60.51 -26.20 -27.25
CA LEU D 291 -59.78 -27.45 -27.47
C LEU D 291 -58.30 -27.15 -27.71
N ARG D 292 -58.02 -26.15 -28.56
CA ARG D 292 -56.62 -25.83 -28.88
C ARG D 292 -55.88 -25.28 -27.67
N ILE D 293 -56.57 -24.50 -26.84
CA ILE D 293 -55.99 -23.96 -25.63
C ILE D 293 -55.67 -25.10 -24.67
N LYS D 294 -56.66 -25.95 -24.40
CA LYS D 294 -56.46 -27.17 -23.62
C LYS D 294 -55.19 -27.90 -24.06
N LYS D 295 -55.12 -28.23 -25.36
CA LYS D 295 -53.99 -28.99 -25.90
C LYS D 295 -52.64 -28.30 -25.70
N THR D 296 -52.58 -27.00 -25.99
CA THR D 296 -51.34 -26.26 -25.81
C THR D 296 -50.80 -26.28 -24.38
N LEU D 297 -51.65 -26.02 -23.41
CA LEU D 297 -51.22 -26.05 -22.01
C LEU D 297 -50.87 -27.46 -21.60
N GLN D 298 -51.45 -28.44 -22.31
CA GLN D 298 -51.16 -29.85 -22.07
C GLN D 298 -49.80 -30.32 -22.63
N LYS D 299 -49.14 -29.56 -23.50
CA LYS D 299 -47.74 -29.83 -23.92
C LYS D 299 -46.96 -28.55 -24.32
N MET E 2 6.08 -16.70 -55.87
CA MET E 2 5.13 -17.35 -56.84
C MET E 2 3.93 -16.47 -57.24
N GLN E 3 3.48 -15.63 -56.32
CA GLN E 3 2.30 -14.81 -56.58
C GLN E 3 2.48 -13.78 -57.72
N ARG E 4 3.73 -13.49 -58.08
CA ARG E 4 4.01 -12.54 -59.16
C ARG E 4 3.89 -13.22 -60.52
N THR E 5 4.19 -14.51 -60.55
CA THR E 5 4.00 -15.26 -61.79
C THR E 5 2.50 -15.36 -62.09
N VAL E 6 1.64 -15.26 -61.06
CA VAL E 6 0.20 -15.07 -61.27
C VAL E 6 -0.04 -13.79 -62.09
N ALA E 7 0.04 -12.63 -61.47
CA ALA E 7 -0.21 -11.41 -62.23
C ALA E 7 0.73 -11.26 -63.44
N ARG E 8 1.79 -12.08 -63.56
CA ARG E 8 2.55 -12.10 -64.83
C ARG E 8 1.86 -12.99 -65.87
N GLN E 9 1.31 -14.12 -65.44
CA GLN E 9 0.65 -15.07 -66.36
C GLN E 9 -0.81 -14.73 -66.63
N VAL E 10 -1.47 -14.03 -65.71
CA VAL E 10 -2.88 -13.74 -65.86
C VAL E 10 -3.14 -12.95 -67.14
N ALA E 11 -4.11 -13.42 -67.93
CA ALA E 11 -4.58 -12.71 -69.11
C ALA E 11 -5.92 -12.04 -68.81
N LEU E 12 -6.03 -10.77 -69.13
CA LEU E 12 -7.24 -10.00 -68.86
C LEU E 12 -8.18 -10.15 -70.05
N VAL E 13 -9.43 -10.51 -69.78
CA VAL E 13 -10.37 -10.83 -70.84
C VAL E 13 -11.53 -9.83 -70.95
N GLU E 14 -12.18 -9.54 -69.83
CA GLU E 14 -13.35 -8.66 -69.83
C GLU E 14 -13.40 -7.76 -68.60
N CYS E 15 -13.67 -6.48 -68.82
CA CYS E 15 -13.86 -5.54 -67.73
C CYS E 15 -15.28 -5.62 -67.29
N VAL E 16 -15.49 -6.03 -66.03
CA VAL E 16 -16.84 -6.25 -65.51
C VAL E 16 -17.26 -5.19 -64.48
N GLY E 17 -16.38 -4.22 -64.23
CA GLY E 17 -16.68 -3.14 -63.28
C GLY E 17 -15.72 -1.97 -63.43
N LYS E 18 -16.21 -0.77 -63.13
CA LYS E 18 -15.40 0.46 -63.18
C LYS E 18 -16.02 1.51 -62.25
N GLY E 19 -15.16 2.27 -61.57
CA GLY E 19 -15.59 3.25 -60.57
C GLY E 19 -14.43 4.06 -59.98
N ARG E 20 -14.72 4.75 -58.88
CA ARG E 20 -13.72 5.59 -58.21
C ARG E 20 -12.64 4.73 -57.50
N TYR E 21 -13.01 3.49 -57.19
CA TYR E 21 -12.06 2.53 -56.62
C TYR E 21 -11.04 1.99 -57.62
N GLY E 22 -11.35 2.12 -58.91
CA GLY E 22 -10.50 1.58 -59.99
C GLY E 22 -11.34 0.76 -60.96
N GLU E 23 -10.89 -0.46 -61.29
CA GLU E 23 -11.62 -1.34 -62.21
C GLU E 23 -11.47 -2.78 -61.75
N VAL E 24 -12.50 -3.59 -62.02
CA VAL E 24 -12.38 -5.04 -61.83
C VAL E 24 -12.53 -5.73 -63.18
N TRP E 25 -11.61 -6.64 -63.46
CA TRP E 25 -11.59 -7.39 -64.71
C TRP E 25 -11.80 -8.88 -64.44
N ARG E 26 -12.38 -9.58 -65.41
CA ARG E 26 -12.33 -11.06 -65.40
C ARG E 26 -11.07 -11.49 -66.14
N GLY E 27 -10.29 -12.36 -65.49
CA GLY E 27 -9.01 -12.80 -66.04
C GLY E 27 -8.95 -14.31 -66.12
N LEU E 28 -8.10 -14.80 -67.02
CA LEU E 28 -7.87 -16.24 -67.19
C LEU E 28 -6.46 -16.57 -66.69
N TRP E 29 -6.37 -17.56 -65.81
CA TRP E 29 -5.11 -18.08 -65.33
C TRP E 29 -5.13 -19.60 -65.33
N HIS E 30 -4.30 -20.20 -66.19
CA HIS E 30 -4.25 -21.66 -66.37
C HIS E 30 -5.64 -22.26 -66.41
N GLY E 31 -6.47 -21.79 -67.33
CA GLY E 31 -7.80 -22.34 -67.55
C GLY E 31 -8.91 -21.79 -66.67
N GLU E 32 -8.59 -21.48 -65.40
CA GLU E 32 -9.59 -21.01 -64.45
C GLU E 32 -9.78 -19.49 -64.53
N SER E 33 -10.92 -19.03 -64.01
CA SER E 33 -11.27 -17.60 -64.01
C SER E 33 -10.88 -16.95 -62.70
N VAL E 34 -10.28 -15.77 -62.78
CA VAL E 34 -9.90 -14.98 -61.60
C VAL E 34 -10.37 -13.53 -61.75
N ALA E 35 -10.58 -12.85 -60.62
CA ALA E 35 -10.89 -11.41 -60.64
C ALA E 35 -9.58 -10.66 -60.47
N VAL E 36 -9.37 -9.62 -61.28
CA VAL E 36 -8.22 -8.75 -61.13
C VAL E 36 -8.71 -7.31 -60.89
N LYS E 37 -8.60 -6.85 -59.65
CA LYS E 37 -8.93 -5.46 -59.31
C LYS E 37 -7.70 -4.55 -59.47
N ILE E 38 -7.75 -3.66 -60.46
CA ILE E 38 -6.74 -2.68 -60.73
C ILE E 38 -7.18 -1.41 -60.02
N PHE E 39 -6.39 -0.96 -59.04
CA PHE E 39 -6.79 0.14 -58.17
C PHE E 39 -6.49 1.47 -58.81
N SER E 40 -7.27 2.48 -58.50
CA SER E 40 -6.99 3.83 -58.98
C SER E 40 -5.95 4.50 -58.10
N SER E 41 -5.31 5.54 -58.61
CA SER E 41 -4.30 6.29 -57.86
C SER E 41 -4.86 6.91 -56.57
N ARG E 42 -6.11 7.32 -56.62
CA ARG E 42 -6.78 7.90 -55.45
C ARG E 42 -7.10 6.87 -54.36
N ASP E 43 -6.93 5.57 -54.63
CA ASP E 43 -7.29 4.52 -53.68
C ASP E 43 -6.14 3.55 -53.36
N GLU E 44 -4.90 3.99 -53.60
CA GLU E 44 -3.71 3.17 -53.34
C GLU E 44 -3.66 2.62 -51.91
N GLN E 45 -4.15 3.39 -50.95
CA GLN E 45 -4.05 2.98 -49.56
C GLN E 45 -4.99 1.84 -49.21
N SER E 46 -6.08 1.70 -49.98
CA SER E 46 -6.96 0.52 -49.86
C SER E 46 -6.27 -0.74 -50.32
N TRP E 47 -5.53 -0.66 -51.42
CA TRP E 47 -4.73 -1.80 -51.90
C TRP E 47 -3.72 -2.26 -50.87
N PHE E 48 -3.05 -1.28 -50.23
CA PHE E 48 -2.01 -1.57 -49.23
C PHE E 48 -2.59 -2.29 -48.02
N ARG E 49 -3.69 -1.76 -47.50
CA ARG E 49 -4.37 -2.34 -46.35
C ARG E 49 -4.89 -3.74 -46.65
N GLU E 50 -5.44 -3.89 -47.84
CA GLU E 50 -6.03 -5.16 -48.24
C GLU E 50 -4.92 -6.16 -48.50
N THR E 51 -3.81 -5.71 -49.05
CA THR E 51 -2.63 -6.55 -49.22
C THR E 51 -2.01 -6.98 -47.89
N GLU E 52 -1.90 -6.03 -46.95
CA GLU E 52 -1.39 -6.35 -45.61
C GLU E 52 -2.24 -7.43 -44.95
N ILE E 53 -3.55 -7.18 -44.86
CA ILE E 53 -4.47 -8.08 -44.15
C ILE E 53 -4.50 -9.49 -44.72
N TYR E 54 -4.57 -9.59 -46.04
CA TYR E 54 -4.62 -10.88 -46.73
C TYR E 54 -3.33 -11.66 -46.59
N ASN E 55 -2.19 -10.98 -46.53
CA ASN E 55 -0.88 -11.64 -46.34
C ASN E 55 -0.55 -11.96 -44.88
N THR E 56 -1.28 -11.36 -43.95
CA THR E 56 -0.94 -11.33 -42.53
C THR E 56 -1.89 -12.09 -41.60
N VAL E 57 -3.18 -12.19 -42.01
CA VAL E 57 -4.23 -12.73 -41.18
C VAL E 57 -4.78 -14.00 -41.82
N LEU E 58 -4.84 -15.09 -41.04
CA LEU E 58 -5.41 -16.35 -41.51
C LEU E 58 -6.94 -16.18 -41.59
N LEU E 59 -7.41 -15.86 -42.79
CA LEU E 59 -8.77 -15.38 -43.00
C LEU E 59 -9.66 -16.26 -43.88
N ARG E 60 -9.07 -17.25 -44.55
CA ARG E 60 -9.79 -18.09 -45.49
C ARG E 60 -11.12 -18.57 -44.87
N HIS E 61 -12.19 -18.45 -45.64
CA HIS E 61 -13.53 -18.82 -45.19
C HIS E 61 -14.49 -18.79 -46.38
N ASP E 62 -15.35 -19.79 -46.47
CA ASP E 62 -16.30 -19.90 -47.58
C ASP E 62 -17.03 -18.56 -47.85
N ASN E 63 -17.28 -17.77 -46.80
CA ASN E 63 -18.04 -16.52 -46.92
C ASN E 63 -17.18 -15.26 -46.89
N ILE E 64 -15.92 -15.39 -47.31
CA ILE E 64 -14.99 -14.26 -47.46
C ILE E 64 -14.23 -14.46 -48.75
N LEU E 65 -14.09 -13.40 -49.52
CA LEU E 65 -13.54 -13.53 -50.88
C LEU E 65 -12.14 -14.10 -50.82
N GLY E 66 -11.91 -15.16 -51.60
CA GLY E 66 -10.61 -15.81 -51.64
C GLY E 66 -9.53 -14.97 -52.29
N PHE E 67 -8.39 -14.93 -51.65
CA PHE E 67 -7.23 -14.17 -52.09
C PHE E 67 -6.28 -15.07 -52.85
N ILE E 68 -5.78 -14.58 -53.99
CA ILE E 68 -4.79 -15.32 -54.76
C ILE E 68 -3.43 -14.62 -54.77
N ALA E 69 -3.42 -13.35 -55.08
CA ALA E 69 -2.16 -12.62 -55.20
C ALA E 69 -2.34 -11.11 -55.09
N SER E 70 -1.23 -10.40 -54.85
CA SER E 70 -1.19 -8.95 -54.88
C SER E 70 0.08 -8.56 -55.58
N ASP E 71 0.01 -7.63 -56.53
CA ASP E 71 1.22 -7.22 -57.29
C ASP E 71 1.25 -5.72 -57.57
N MET E 72 2.43 -5.20 -57.89
CA MET E 72 2.58 -3.77 -58.19
C MET E 72 2.68 -3.63 -59.69
N THR E 79 2.79 2.36 -63.20
CA THR E 79 2.71 1.06 -62.55
C THR E 79 1.40 0.97 -61.82
N GLN E 80 0.67 -0.10 -62.07
CA GLN E 80 -0.64 -0.25 -61.45
C GLN E 80 -0.41 -1.08 -60.22
N LEU E 81 -1.40 -1.05 -59.35
CA LEU E 81 -1.49 -1.93 -58.19
C LEU E 81 -2.63 -2.92 -58.43
N TRP E 82 -2.31 -4.20 -58.34
CA TRP E 82 -3.28 -5.26 -58.62
C TRP E 82 -3.60 -6.07 -57.39
N LEU E 83 -4.84 -6.51 -57.28
CA LEU E 83 -5.26 -7.53 -56.31
C LEU E 83 -6.00 -8.60 -57.10
N ILE E 84 -5.52 -9.83 -57.07
CA ILE E 84 -6.11 -10.93 -57.83
C ILE E 84 -6.80 -11.88 -56.83
N THR E 85 -8.06 -12.21 -57.12
CA THR E 85 -8.89 -13.03 -56.23
C THR E 85 -9.71 -14.08 -56.99
N HIS E 86 -10.44 -14.91 -56.27
CA HIS E 86 -11.45 -15.74 -56.93
C HIS E 86 -12.45 -14.87 -57.69
N TYR E 87 -12.99 -15.41 -58.78
CA TYR E 87 -13.97 -14.71 -59.61
C TYR E 87 -15.33 -15.33 -59.39
N HIS E 88 -16.35 -14.49 -59.23
CA HIS E 88 -17.73 -14.97 -59.12
C HIS E 88 -18.62 -14.33 -60.17
N GLU E 89 -19.16 -15.16 -61.07
CA GLU E 89 -19.88 -14.74 -62.26
C GLU E 89 -21.07 -13.84 -61.97
N HIS E 90 -21.84 -14.19 -60.93
CA HIS E 90 -23.06 -13.47 -60.60
C HIS E 90 -22.77 -12.02 -60.20
N GLY E 91 -21.51 -11.74 -59.88
CA GLY E 91 -21.09 -10.41 -59.50
C GLY E 91 -21.49 -10.17 -58.07
N SER E 92 -21.71 -8.89 -57.74
CA SER E 92 -22.07 -8.50 -56.38
C SER E 92 -23.53 -8.78 -56.10
N LEU E 93 -23.91 -8.69 -54.82
CA LEU E 93 -25.29 -8.81 -54.39
C LEU E 93 -26.13 -7.70 -55.03
N TYR E 94 -25.53 -6.53 -55.18
CA TYR E 94 -26.16 -5.41 -55.89
C TYR E 94 -26.56 -5.87 -57.28
N ASP E 95 -25.60 -6.45 -58.00
CA ASP E 95 -25.82 -6.93 -59.35
C ASP E 95 -26.90 -7.99 -59.42
N PHE E 96 -26.79 -8.97 -58.53
CA PHE E 96 -27.69 -10.12 -58.49
C PHE E 96 -29.12 -9.67 -58.23
N LEU E 97 -29.27 -8.81 -57.22
CA LEU E 97 -30.57 -8.29 -56.83
C LEU E 97 -31.21 -7.40 -57.91
N GLN E 98 -30.38 -6.85 -58.79
CA GLN E 98 -30.87 -6.04 -59.90
C GLN E 98 -31.71 -6.90 -60.83
N ARG E 99 -31.14 -8.03 -61.25
CA ARG E 99 -31.75 -8.87 -62.29
C ARG E 99 -32.67 -9.95 -61.74
N GLN E 100 -32.35 -10.50 -60.57
CA GLN E 100 -33.01 -11.69 -60.05
C GLN E 100 -34.00 -11.36 -58.93
N THR E 101 -35.10 -12.12 -58.89
CA THR E 101 -36.06 -12.04 -57.79
C THR E 101 -35.82 -13.26 -56.90
N LEU E 102 -36.16 -13.14 -55.62
CA LEU E 102 -35.78 -14.20 -54.67
C LEU E 102 -36.99 -14.90 -54.05
N GLU E 103 -37.02 -16.22 -54.19
CA GLU E 103 -37.89 -17.07 -53.38
C GLU E 103 -37.46 -16.89 -51.91
N PRO E 104 -38.40 -17.01 -50.96
CA PRO E 104 -38.05 -16.82 -49.55
C PRO E 104 -36.87 -17.68 -49.08
N HIS E 105 -36.80 -18.93 -49.52
CA HIS E 105 -35.69 -19.84 -49.20
C HIS E 105 -34.36 -19.25 -49.66
N LEU E 106 -34.33 -18.66 -50.85
CA LEU E 106 -33.10 -18.08 -51.38
C LEU E 106 -32.73 -16.81 -50.62
N ALA E 107 -33.73 -15.99 -50.30
CA ALA E 107 -33.48 -14.79 -49.51
C ALA E 107 -32.78 -15.13 -48.20
N LEU E 108 -33.22 -16.19 -47.55
CA LEU E 108 -32.61 -16.63 -46.28
C LEU E 108 -31.18 -17.17 -46.48
N ARG E 109 -30.95 -17.83 -47.61
CA ARG E 109 -29.66 -18.45 -47.89
C ARG E 109 -28.61 -17.37 -48.07
N LEU E 110 -28.95 -16.33 -48.83
CA LEU E 110 -28.08 -15.18 -48.99
C LEU E 110 -27.86 -14.46 -47.66
N ALA E 111 -28.94 -14.27 -46.89
CA ALA E 111 -28.88 -13.56 -45.63
C ALA E 111 -28.04 -14.32 -44.61
N VAL E 112 -28.23 -15.64 -44.53
CA VAL E 112 -27.50 -16.42 -43.52
C VAL E 112 -26.00 -16.46 -43.85
N SER E 113 -25.68 -16.63 -45.13
CA SER E 113 -24.30 -16.77 -45.56
C SER E 113 -23.53 -15.49 -45.39
N ALA E 114 -24.19 -14.35 -45.69
CA ALA E 114 -23.59 -13.03 -45.44
C ALA E 114 -23.30 -12.86 -43.96
N ALA E 115 -24.28 -13.24 -43.14
CA ALA E 115 -24.12 -13.19 -41.69
C ALA E 115 -22.96 -14.06 -41.20
N CYS E 116 -22.75 -15.21 -41.85
CA CYS E 116 -21.62 -16.09 -41.48
C CYS E 116 -20.30 -15.35 -41.74
N GLY E 117 -20.19 -14.73 -42.92
CA GLY E 117 -19.05 -13.93 -43.27
C GLY E 117 -18.75 -12.85 -42.25
N LEU E 118 -19.74 -12.03 -41.92
CA LEU E 118 -19.55 -10.93 -40.97
C LEU E 118 -19.22 -11.41 -39.56
N ALA E 119 -19.85 -12.49 -39.12
CA ALA E 119 -19.55 -13.07 -37.80
C ALA E 119 -18.10 -13.53 -37.73
N HIS E 120 -17.64 -14.14 -38.82
CA HIS E 120 -16.29 -14.66 -38.90
C HIS E 120 -15.26 -13.53 -38.82
N LEU E 121 -15.57 -12.41 -39.49
CA LEU E 121 -14.74 -11.21 -39.40
C LEU E 121 -14.68 -10.69 -37.96
N HIS E 122 -15.83 -10.54 -37.35
CA HIS E 122 -15.96 -9.89 -36.06
C HIS E 122 -15.36 -10.71 -34.89
N VAL E 123 -15.48 -12.03 -34.95
CA VAL E 123 -15.12 -12.87 -33.81
C VAL E 123 -13.65 -13.21 -33.86
N GLU E 124 -12.95 -12.92 -32.77
CA GLU E 124 -11.55 -13.27 -32.61
C GLU E 124 -11.43 -14.77 -32.45
N ILE E 125 -10.58 -15.39 -33.29
CA ILE E 125 -10.24 -16.83 -33.22
C ILE E 125 -8.90 -17.02 -32.49
N PHE E 126 -8.86 -17.94 -31.53
CA PHE E 126 -7.77 -17.98 -30.53
C PHE E 126 -6.71 -19.08 -30.75
N GLY E 127 -5.46 -18.72 -30.43
CA GLY E 127 -4.32 -19.64 -30.50
C GLY E 127 -3.37 -19.32 -31.63
N THR E 128 -2.41 -20.24 -31.84
CA THR E 128 -1.33 -20.06 -32.83
C THR E 128 -1.88 -19.61 -34.17
N GLN E 129 -2.69 -20.49 -34.79
CA GLN E 129 -3.05 -20.36 -36.20
C GLN E 129 -4.36 -19.69 -36.17
N GLY E 130 -4.35 -18.46 -35.61
CA GLY E 130 -5.55 -17.76 -35.22
C GLY E 130 -5.75 -16.50 -36.01
N LYS E 131 -6.61 -15.61 -35.51
CA LYS E 131 -6.90 -14.38 -36.22
C LYS E 131 -7.55 -13.36 -35.27
N PRO E 132 -7.17 -12.08 -35.39
CA PRO E 132 -7.78 -11.02 -34.57
C PRO E 132 -9.22 -10.72 -34.98
N ALA E 133 -9.94 -9.95 -34.17
CA ALA E 133 -11.29 -9.47 -34.51
C ALA E 133 -11.14 -8.39 -35.58
N ILE E 134 -11.96 -8.45 -36.64
CA ILE E 134 -11.88 -7.52 -37.77
C ILE E 134 -13.25 -6.87 -38.01
N ALA E 135 -13.25 -5.54 -38.16
CA ALA E 135 -14.47 -4.79 -38.56
C ALA E 135 -14.26 -4.27 -39.98
N HIS E 136 -15.31 -4.35 -40.81
CA HIS E 136 -15.22 -4.05 -42.24
C HIS E 136 -15.14 -2.57 -42.50
N ARG E 137 -16.09 -1.82 -41.96
CA ARG E 137 -16.15 -0.34 -42.10
C ARG E 137 -16.66 0.17 -43.47
N ASP E 138 -16.88 -0.72 -44.43
CA ASP E 138 -17.59 -0.36 -45.69
C ASP E 138 -18.48 -1.53 -46.17
N PHE E 139 -19.30 -2.06 -45.26
CA PHE E 139 -20.20 -3.15 -45.59
C PHE E 139 -21.40 -2.62 -46.35
N LYS E 140 -21.57 -3.16 -47.56
CA LYS E 140 -22.66 -2.78 -48.45
C LYS E 140 -22.92 -3.89 -49.47
N SER E 141 -24.01 -3.81 -50.21
CA SER E 141 -24.36 -4.88 -51.13
C SER E 141 -23.35 -5.00 -52.27
N ARG E 142 -22.67 -3.91 -52.60
CA ARG E 142 -21.65 -3.91 -53.65
C ARG E 142 -20.37 -4.62 -53.22
N ASN E 143 -20.17 -4.74 -51.92
CA ASN E 143 -18.97 -5.42 -51.37
C ASN E 143 -19.28 -6.82 -50.89
N VAL E 144 -20.38 -7.40 -51.37
CA VAL E 144 -20.75 -8.78 -51.10
C VAL E 144 -20.96 -9.44 -52.45
N LEU E 145 -20.27 -10.55 -52.69
CA LEU E 145 -20.40 -11.27 -53.94
C LEU E 145 -21.34 -12.42 -53.78
N VAL E 146 -21.96 -12.87 -54.87
CA VAL E 146 -22.82 -14.07 -54.85
C VAL E 146 -22.16 -15.21 -55.66
N LYS E 147 -21.89 -16.30 -54.96
CA LYS E 147 -21.21 -17.46 -55.54
C LYS E 147 -22.15 -18.34 -56.36
N SER E 148 -21.56 -19.31 -57.07
CA SER E 148 -22.31 -20.28 -57.87
C SER E 148 -23.38 -21.01 -57.08
N ASN E 149 -23.06 -21.34 -55.84
CA ASN E 149 -24.02 -22.03 -54.96
C ASN E 149 -24.94 -21.07 -54.23
N LEU E 150 -25.07 -19.87 -54.78
CA LEU E 150 -25.97 -18.86 -54.27
C LEU E 150 -25.78 -18.60 -52.78
N GLN E 151 -24.54 -18.66 -52.33
CA GLN E 151 -24.16 -18.18 -51.00
C GLN E 151 -23.30 -16.94 -51.19
N CYS E 152 -23.32 -16.06 -50.20
CA CYS E 152 -22.55 -14.82 -50.27
C CYS E 152 -21.10 -15.00 -49.77
N CYS E 153 -20.21 -14.13 -50.22
CA CYS E 153 -18.95 -13.94 -49.52
C CYS E 153 -18.56 -12.47 -49.54
N ILE E 154 -18.00 -12.00 -48.42
CA ILE E 154 -17.66 -10.59 -48.25
C ILE E 154 -16.31 -10.22 -48.90
N ALA E 155 -16.27 -9.04 -49.54
CA ALA E 155 -15.07 -8.54 -50.18
C ALA E 155 -14.70 -7.14 -49.69
N ASP E 156 -13.56 -6.64 -50.17
CA ASP E 156 -13.10 -5.27 -49.93
C ASP E 156 -12.74 -4.97 -48.50
N LEU E 157 -11.56 -5.41 -48.10
CA LEU E 157 -11.07 -5.20 -46.75
C LEU E 157 -10.18 -3.94 -46.65
N GLY E 158 -10.31 -3.04 -47.61
CA GLY E 158 -9.45 -1.87 -47.70
C GLY E 158 -9.51 -0.92 -46.53
N LEU E 159 -10.65 -0.90 -45.84
CA LEU E 159 -10.85 0.01 -44.70
C LEU E 159 -10.89 -0.72 -43.36
N ALA E 160 -10.62 -2.02 -43.36
CA ALA E 160 -10.84 -2.84 -42.18
C ALA E 160 -9.96 -2.36 -41.02
N VAL E 161 -10.45 -2.58 -39.80
CA VAL E 161 -9.70 -2.28 -38.57
C VAL E 161 -9.74 -3.50 -37.65
N MET E 162 -8.83 -3.58 -36.70
CA MET E 162 -8.70 -4.79 -35.90
C MET E 162 -8.20 -4.47 -34.48
N HIS E 163 -8.08 -5.54 -33.69
CA HIS E 163 -7.74 -5.47 -32.27
C HIS E 163 -7.80 -6.90 -31.73
N SER E 164 -6.82 -7.26 -30.91
CA SER E 164 -6.76 -8.59 -30.32
C SER E 164 -7.12 -8.51 -28.83
N GLN E 165 -7.18 -9.68 -28.22
CA GLN E 165 -7.23 -9.85 -26.77
C GLN E 165 -5.80 -10.09 -26.32
N GLY E 166 -4.83 -9.83 -27.22
CA GLY E 166 -3.39 -9.75 -26.90
C GLY E 166 -2.68 -8.43 -27.26
N SER E 167 -3.36 -7.57 -28.02
CA SER E 167 -2.89 -6.21 -28.29
C SER E 167 -4.08 -5.29 -28.06
N ASP E 168 -4.45 -5.12 -26.78
CA ASP E 168 -5.76 -4.56 -26.46
C ASP E 168 -5.79 -3.04 -26.72
N TYR E 169 -6.15 -2.75 -27.98
CA TYR E 169 -6.53 -1.45 -28.53
C TYR E 169 -6.42 -1.56 -30.07
N LEU E 170 -6.95 -0.55 -30.78
CA LEU E 170 -7.19 -0.64 -32.23
C LEU E 170 -5.96 -0.58 -33.16
N ASP E 171 -5.83 -1.60 -34.01
CA ASP E 171 -5.03 -1.56 -35.24
C ASP E 171 -5.87 -0.85 -36.33
N ILE E 172 -5.30 0.20 -36.94
CA ILE E 172 -6.00 1.07 -37.89
C ILE E 172 -5.03 1.91 -38.71
N GLY E 173 -5.01 1.69 -40.02
CA GLY E 173 -4.13 2.39 -40.94
C GLY E 173 -4.46 3.86 -41.08
N ASN E 174 -4.04 4.45 -42.18
CA ASN E 174 -3.97 5.90 -42.35
C ASN E 174 -4.83 6.44 -43.51
N ASN E 175 -5.73 5.60 -44.00
CA ASN E 175 -6.58 5.95 -45.14
C ASN E 175 -7.48 7.18 -44.88
N PRO E 176 -7.45 8.20 -45.78
CA PRO E 176 -8.40 9.32 -45.70
C PRO E 176 -9.84 8.94 -46.12
N ARG E 177 -9.96 7.88 -46.92
CA ARG E 177 -11.25 7.39 -47.38
C ARG E 177 -12.17 7.06 -46.20
N VAL E 178 -13.46 7.31 -46.36
CA VAL E 178 -14.44 6.99 -45.34
C VAL E 178 -15.46 6.02 -45.93
N GLY E 179 -16.32 5.49 -45.08
CA GLY E 179 -17.36 4.59 -45.55
C GLY E 179 -18.18 5.25 -46.64
N THR E 180 -18.82 4.43 -47.48
CA THR E 180 -19.74 4.93 -48.49
C THR E 180 -20.87 5.64 -47.76
N LYS E 181 -21.18 6.85 -48.18
CA LYS E 181 -22.14 7.68 -47.44
C LYS E 181 -23.55 7.06 -47.25
N ARG E 182 -24.11 6.38 -48.25
CA ARG E 182 -25.48 5.82 -48.14
C ARG E 182 -25.64 4.84 -46.98
N TYR E 183 -24.56 4.22 -46.56
CA TYR E 183 -24.61 3.18 -45.55
C TYR E 183 -24.05 3.59 -44.19
N MET E 184 -23.69 4.86 -44.02
CA MET E 184 -23.09 5.34 -42.76
C MET E 184 -24.10 5.37 -41.63
N ALA E 185 -23.72 4.84 -40.47
CA ALA E 185 -24.62 4.83 -39.33
C ALA E 185 -24.83 6.24 -38.81
N PRO E 186 -25.85 6.46 -37.95
CA PRO E 186 -26.08 7.79 -37.41
C PRO E 186 -24.88 8.35 -36.68
N GLU E 187 -24.25 7.51 -35.86
CA GLU E 187 -23.09 7.90 -35.07
C GLU E 187 -21.85 8.26 -35.92
N VAL E 188 -21.78 7.77 -37.16
CA VAL E 188 -20.70 8.19 -38.08
C VAL E 188 -21.00 9.55 -38.71
N LEU E 189 -22.28 9.74 -39.07
CA LEU E 189 -22.73 11.02 -39.67
C LEU E 189 -22.81 12.15 -38.63
N ASP E 190 -23.08 11.80 -37.38
CA ASP E 190 -23.00 12.75 -36.26
C ASP E 190 -21.57 13.11 -35.88
N GLU E 191 -20.62 12.24 -36.24
CA GLU E 191 -19.23 12.33 -35.78
C GLU E 191 -19.15 12.16 -34.27
N GLN E 192 -20.13 11.44 -33.71
CA GLN E 192 -20.19 11.19 -32.27
C GLN E 192 -19.63 9.80 -31.94
N ILE E 193 -19.15 9.07 -32.95
CA ILE E 193 -18.55 7.75 -32.74
C ILE E 193 -17.20 7.86 -32.04
N ARG E 194 -16.92 6.94 -31.13
CA ARG E 194 -15.64 6.88 -30.44
C ARG E 194 -14.63 6.10 -31.29
N THR E 195 -13.68 6.82 -31.91
CA THR E 195 -12.74 6.22 -32.87
C THR E 195 -11.58 5.42 -32.27
N ASP E 196 -11.48 5.40 -30.94
CA ASP E 196 -10.47 4.58 -30.25
C ASP E 196 -11.11 3.38 -29.52
N CYS E 197 -12.29 2.99 -29.96
CA CYS E 197 -13.00 1.84 -29.40
C CYS E 197 -13.40 0.88 -30.52
N PHE E 198 -12.93 -0.36 -30.44
CA PHE E 198 -13.15 -1.32 -31.52
C PHE E 198 -14.64 -1.70 -31.66
N GLU E 199 -15.31 -1.87 -30.53
CA GLU E 199 -16.71 -2.26 -30.52
C GLU E 199 -17.58 -1.30 -31.37
N SER E 200 -17.28 0.00 -31.30
CA SER E 200 -17.97 1.01 -32.13
C SER E 200 -18.00 0.65 -33.61
N TYR E 201 -16.84 0.29 -34.16
CA TYR E 201 -16.73 -0.03 -35.59
C TYR E 201 -17.53 -1.27 -35.98
N LYS E 202 -17.59 -2.25 -35.07
CA LYS E 202 -18.47 -3.41 -35.26
C LYS E 202 -19.94 -3.00 -35.35
N TRP E 203 -20.35 -2.07 -34.50
CA TRP E 203 -21.74 -1.63 -34.49
C TRP E 203 -22.15 -0.88 -35.76
N THR E 204 -21.18 -0.29 -36.47
CA THR E 204 -21.47 0.38 -37.75
C THR E 204 -21.56 -0.62 -38.87
N ASP E 205 -20.81 -1.73 -38.76
CA ASP E 205 -20.97 -2.85 -39.68
C ASP E 205 -22.40 -3.34 -39.60
N ILE E 206 -22.91 -3.49 -38.38
CA ILE E 206 -24.23 -4.06 -38.13
C ILE E 206 -25.32 -3.18 -38.77
N TRP E 207 -25.27 -1.89 -38.48
CA TRP E 207 -26.18 -0.93 -39.12
C TRP E 207 -26.28 -1.21 -40.61
N ALA E 208 -25.13 -1.14 -41.27
CA ALA E 208 -25.01 -1.40 -42.70
C ALA E 208 -25.57 -2.77 -43.10
N PHE E 209 -25.39 -3.77 -42.24
CA PHE E 209 -25.88 -5.11 -42.51
C PHE E 209 -27.42 -5.10 -42.58
N GLY E 210 -28.06 -4.43 -41.62
CA GLY E 210 -29.51 -4.24 -41.65
C GLY E 210 -29.98 -3.67 -42.95
N LEU E 211 -29.27 -2.66 -43.45
CA LEU E 211 -29.61 -2.03 -44.73
C LEU E 211 -29.52 -3.03 -45.88
N VAL E 212 -28.53 -3.93 -45.82
CA VAL E 212 -28.38 -4.96 -46.85
C VAL E 212 -29.48 -5.99 -46.74
N LEU E 213 -29.94 -6.30 -45.52
CA LEU E 213 -31.11 -7.19 -45.36
C LEU E 213 -32.35 -6.63 -46.05
N TRP E 214 -32.61 -5.34 -45.78
CA TRP E 214 -33.69 -4.59 -46.45
C TRP E 214 -33.66 -4.76 -47.96
N GLU E 215 -32.48 -4.58 -48.55
CA GLU E 215 -32.29 -4.77 -50.00
C GLU E 215 -32.69 -6.16 -50.48
N ILE E 216 -32.32 -7.19 -49.71
CA ILE E 216 -32.69 -8.59 -50.00
C ILE E 216 -34.21 -8.74 -49.85
N ALA E 217 -34.75 -8.24 -48.74
CA ALA E 217 -36.16 -8.38 -48.40
C ALA E 217 -37.03 -7.76 -49.48
N ARG E 218 -36.70 -6.54 -49.90
CA ARG E 218 -37.44 -5.83 -50.94
C ARG E 218 -37.58 -6.64 -52.22
N ARG E 219 -36.57 -7.46 -52.48
CA ARG E 219 -36.50 -8.22 -53.72
C ARG E 219 -37.07 -9.65 -53.58
N THR E 220 -37.79 -9.93 -52.49
CA THR E 220 -38.30 -11.28 -52.21
C THR E 220 -39.81 -11.44 -52.53
N ILE E 221 -40.16 -12.58 -53.13
CA ILE E 221 -41.48 -12.80 -53.67
C ILE E 221 -42.44 -13.25 -52.61
N VAL E 222 -43.41 -12.38 -52.27
CA VAL E 222 -44.57 -12.79 -51.44
C VAL E 222 -45.86 -12.55 -52.20
N ASN E 223 -46.79 -13.50 -52.09
CA ASN E 223 -48.08 -13.53 -52.83
C ASN E 223 -47.85 -13.30 -54.28
N GLY E 224 -46.71 -13.75 -54.77
CA GLY E 224 -46.31 -13.45 -56.13
C GLY E 224 -45.66 -12.12 -56.45
N ILE E 225 -45.59 -11.17 -55.52
CA ILE E 225 -45.22 -9.84 -55.96
C ILE E 225 -43.82 -9.42 -55.47
N VAL E 226 -43.08 -8.76 -56.35
CA VAL E 226 -41.72 -8.36 -56.06
C VAL E 226 -41.53 -6.92 -56.49
N GLU E 227 -41.12 -6.07 -55.54
CA GLU E 227 -40.79 -4.71 -55.91
C GLU E 227 -39.51 -4.73 -56.74
N ASP E 228 -39.38 -3.76 -57.63
CA ASP E 228 -38.14 -3.58 -58.40
C ASP E 228 -37.03 -3.09 -57.45
N TYR E 229 -35.79 -3.40 -57.79
CA TYR E 229 -34.67 -3.05 -56.92
C TYR E 229 -34.54 -1.55 -56.68
N ARG E 230 -34.38 -1.17 -55.42
CA ARG E 230 -34.02 0.19 -55.03
C ARG E 230 -32.99 0.14 -53.92
N PRO E 231 -32.09 1.13 -53.88
CA PRO E 231 -31.11 1.17 -52.80
C PRO E 231 -31.75 1.67 -51.50
N PRO E 232 -31.09 1.43 -50.37
CA PRO E 232 -31.60 2.04 -49.13
C PRO E 232 -31.69 3.58 -49.21
N PHE E 233 -32.78 4.10 -48.67
CA PHE E 233 -33.05 5.54 -48.68
C PHE E 233 -33.27 6.12 -50.07
N TYR E 234 -33.66 5.26 -51.00
CA TYR E 234 -33.96 5.69 -52.37
C TYR E 234 -35.00 6.79 -52.44
N ASP E 235 -35.91 6.83 -51.46
CA ASP E 235 -37.07 7.75 -51.49
C ASP E 235 -36.82 9.06 -50.76
N VAL E 236 -35.62 9.23 -50.23
CA VAL E 236 -35.30 10.43 -49.48
C VAL E 236 -33.98 11.12 -49.87
N VAL E 237 -33.15 10.47 -50.68
CA VAL E 237 -31.87 11.06 -51.08
C VAL E 237 -31.55 10.83 -52.56
N PRO E 238 -30.81 11.77 -53.20
CA PRO E 238 -30.43 11.62 -54.61
C PRO E 238 -29.48 10.47 -54.87
N ASN E 239 -29.41 10.14 -56.16
CA ASN E 239 -28.50 9.12 -56.71
C ASN E 239 -27.17 9.01 -56.03
N ASP E 240 -26.34 10.06 -56.07
CA ASP E 240 -25.00 10.03 -55.41
C ASP E 240 -24.94 10.98 -54.22
N PRO E 241 -25.22 10.46 -53.01
CA PRO E 241 -25.58 11.30 -51.88
C PRO E 241 -24.46 11.76 -50.98
N SER E 242 -24.34 13.07 -50.82
CA SER E 242 -23.35 13.67 -49.96
C SER E 242 -23.60 13.44 -48.47
N PHE E 243 -22.52 13.45 -47.69
CA PHE E 243 -22.57 13.44 -46.22
C PHE E 243 -23.70 14.26 -45.58
N GLU E 244 -23.96 15.47 -46.09
CA GLU E 244 -24.96 16.37 -45.50
C GLU E 244 -26.38 15.84 -45.77
N ASP E 245 -26.61 15.32 -46.98
CA ASP E 245 -27.89 14.70 -47.33
C ASP E 245 -28.23 13.57 -46.37
N MET E 246 -27.23 12.74 -46.06
CA MET E 246 -27.43 11.62 -45.15
C MET E 246 -27.57 12.06 -43.70
N LYS E 247 -26.71 12.99 -43.29
CA LYS E 247 -26.81 13.59 -41.95
C LYS E 247 -28.24 14.07 -41.65
N LYS E 248 -28.84 14.77 -42.61
CA LYS E 248 -30.21 15.27 -42.44
C LYS E 248 -31.22 14.16 -42.27
N VAL E 249 -31.14 13.18 -43.16
CA VAL E 249 -32.11 12.06 -43.21
C VAL E 249 -31.95 11.14 -42.01
N VAL E 250 -30.73 10.70 -41.74
CA VAL E 250 -30.48 9.68 -40.71
C VAL E 250 -30.40 10.24 -39.30
N CYS E 251 -29.85 11.45 -39.13
CA CYS E 251 -29.69 12.05 -37.81
C CYS E 251 -30.79 13.05 -37.44
N VAL E 252 -31.01 14.05 -38.29
CA VAL E 252 -32.03 15.06 -37.98
C VAL E 252 -33.45 14.49 -38.10
N ASP E 253 -33.77 13.88 -39.22
CA ASP E 253 -35.12 13.31 -39.44
C ASP E 253 -35.30 11.92 -38.79
N GLN E 254 -34.21 11.34 -38.28
CA GLN E 254 -34.26 10.04 -37.60
C GLN E 254 -34.94 8.96 -38.45
N GLN E 255 -34.63 8.98 -39.75
CA GLN E 255 -35.20 8.05 -40.70
C GLN E 255 -34.49 6.72 -40.82
N THR E 256 -35.26 5.66 -41.00
CA THR E 256 -34.73 4.36 -41.34
C THR E 256 -35.56 3.86 -42.52
N PRO E 257 -34.98 2.99 -43.36
CA PRO E 257 -35.74 2.49 -44.47
C PRO E 257 -37.08 1.91 -44.00
N THR E 258 -38.17 2.48 -44.51
CA THR E 258 -39.47 1.89 -44.33
C THR E 258 -39.26 0.40 -44.56
N ILE E 259 -39.76 -0.41 -43.61
CA ILE E 259 -39.74 -1.88 -43.72
C ILE E 259 -41.17 -2.31 -43.99
N PRO E 260 -41.43 -3.04 -45.10
CA PRO E 260 -42.82 -3.26 -45.52
C PRO E 260 -43.69 -4.12 -44.59
N ASN E 261 -44.83 -3.57 -44.15
CA ASN E 261 -45.91 -4.37 -43.50
C ASN E 261 -46.04 -5.78 -44.09
N ARG E 262 -45.92 -5.87 -45.41
CA ARG E 262 -45.83 -7.17 -46.15
C ARG E 262 -44.98 -8.23 -45.46
N LEU E 263 -43.78 -7.84 -45.08
CA LEU E 263 -42.82 -8.72 -44.38
C LEU E 263 -43.33 -9.55 -43.21
N ALA E 264 -44.26 -9.04 -42.42
CA ALA E 264 -44.77 -9.77 -41.25
C ALA E 264 -45.58 -11.06 -41.52
N ALA E 265 -45.91 -11.36 -42.77
CA ALA E 265 -46.60 -12.62 -43.09
C ALA E 265 -45.57 -13.71 -43.29
N ASP E 266 -44.55 -13.45 -44.11
CA ASP E 266 -43.64 -14.52 -44.52
C ASP E 266 -42.90 -15.03 -43.28
N PRO E 267 -42.89 -16.36 -43.05
CA PRO E 267 -42.16 -16.88 -41.87
C PRO E 267 -40.73 -16.37 -41.80
N VAL E 268 -40.09 -16.32 -42.96
CA VAL E 268 -38.68 -16.01 -43.09
C VAL E 268 -38.45 -14.53 -43.09
N LEU E 269 -39.22 -13.79 -43.90
CA LEU E 269 -38.91 -12.36 -44.08
C LEU E 269 -39.15 -11.52 -42.81
N SER E 270 -39.84 -12.11 -41.86
CA SER E 270 -40.36 -11.44 -40.69
C SER E 270 -39.25 -11.44 -39.63
N GLY E 271 -38.60 -12.59 -39.47
CA GLY E 271 -37.41 -12.69 -38.65
C GLY E 271 -36.23 -11.92 -39.23
N LEU E 272 -36.30 -11.61 -40.51
CA LEU E 272 -35.46 -10.58 -41.14
C LEU E 272 -35.91 -9.15 -40.80
N ALA E 273 -37.20 -8.90 -40.80
CA ALA E 273 -37.76 -7.59 -40.45
C ALA E 273 -37.36 -7.16 -39.03
N GLN E 274 -37.47 -8.09 -38.10
CA GLN E 274 -37.15 -7.84 -36.70
C GLN E 274 -35.66 -7.63 -36.52
N MET E 275 -34.86 -8.38 -37.27
CA MET E 275 -33.42 -8.20 -37.23
C MET E 275 -33.01 -6.87 -37.84
N MET E 276 -33.71 -6.45 -38.90
CA MET E 276 -33.49 -5.13 -39.51
C MET E 276 -33.66 -4.04 -38.45
N ARG E 277 -34.79 -4.09 -37.74
CA ARG E 277 -35.09 -3.12 -36.69
C ARG E 277 -33.96 -3.11 -35.67
N GLU E 278 -33.52 -4.31 -35.35
CA GLU E 278 -32.57 -4.47 -34.27
C GLU E 278 -31.15 -4.21 -34.75
N CYS E 279 -31.00 -3.99 -36.05
CA CYS E 279 -29.75 -3.45 -36.59
C CYS E 279 -29.75 -1.92 -36.62
N TRP E 280 -30.95 -1.32 -36.55
CA TRP E 280 -31.09 0.12 -36.74
C TRP E 280 -31.44 0.90 -35.47
N TYR E 281 -31.26 0.30 -34.30
CA TYR E 281 -31.43 1.05 -33.06
C TYR E 281 -30.42 2.22 -33.05
N PRO E 282 -30.89 3.45 -32.74
CA PRO E 282 -30.02 4.64 -32.69
C PRO E 282 -28.84 4.52 -31.74
N ASN E 283 -29.08 3.92 -30.57
CA ASN E 283 -28.04 3.62 -29.60
C ASN E 283 -27.29 2.35 -30.06
N PRO E 284 -26.04 2.52 -30.54
CA PRO E 284 -25.27 1.42 -31.15
C PRO E 284 -25.16 0.13 -30.34
N SER E 285 -25.08 0.24 -29.01
CA SER E 285 -24.89 -0.92 -28.15
C SER E 285 -26.14 -1.75 -27.97
N ALA E 286 -27.28 -1.20 -28.40
CA ALA E 286 -28.55 -1.93 -28.35
C ALA E 286 -28.69 -2.91 -29.51
N ARG E 287 -27.82 -2.79 -30.52
CA ARG E 287 -27.94 -3.57 -31.73
C ARG E 287 -27.49 -5.02 -31.56
N LEU E 288 -28.03 -5.91 -32.39
CA LEU E 288 -27.61 -7.30 -32.39
C LEU E 288 -26.17 -7.40 -32.86
N THR E 289 -25.48 -8.43 -32.40
CA THR E 289 -24.14 -8.74 -32.89
C THR E 289 -24.28 -9.60 -34.15
N ALA E 290 -23.21 -9.72 -34.92
CA ALA E 290 -23.23 -10.56 -36.13
C ALA E 290 -23.50 -12.04 -35.78
N LEU E 291 -22.92 -12.51 -34.67
CA LEU E 291 -23.10 -13.88 -34.20
C LEU E 291 -24.57 -14.14 -33.89
N ARG E 292 -25.22 -13.19 -33.20
CA ARG E 292 -26.63 -13.34 -32.83
C ARG E 292 -27.52 -13.36 -34.06
N ILE E 293 -27.17 -12.56 -35.07
CA ILE E 293 -27.91 -12.54 -36.32
C ILE E 293 -27.75 -13.87 -37.04
N LYS E 294 -26.49 -14.31 -37.22
CA LYS E 294 -26.21 -15.64 -37.76
C LYS E 294 -27.12 -16.66 -37.09
N LYS E 295 -27.05 -16.75 -35.77
CA LYS E 295 -27.76 -17.79 -35.03
C LYS E 295 -29.26 -17.75 -35.28
N THR E 296 -29.85 -16.55 -35.21
CA THR E 296 -31.28 -16.39 -35.42
C THR E 296 -31.74 -16.88 -36.80
N LEU E 297 -31.16 -16.31 -37.85
CA LEU E 297 -31.53 -16.64 -39.24
C LEU E 297 -31.39 -18.12 -39.50
N GLN E 298 -30.40 -18.73 -38.86
CA GLN E 298 -30.25 -20.19 -38.91
C GLN E 298 -31.51 -20.88 -38.39
N LYS E 299 -31.84 -20.66 -37.11
CA LYS E 299 -33.00 -21.28 -36.48
C LYS E 299 -34.24 -21.38 -37.39
N ILE E 300 -34.52 -20.32 -38.16
CA ILE E 300 -35.66 -20.29 -39.10
C ILE E 300 -35.52 -21.40 -40.15
N SER E 301 -34.27 -21.63 -40.57
CA SER E 301 -33.87 -22.75 -41.44
C SER E 301 -33.03 -23.80 -40.70
N MET F 2 -85.06 17.84 1.58
CA MET F 2 -84.99 16.37 1.90
C MET F 2 -83.56 15.83 1.67
N GLN F 3 -83.41 14.53 1.82
CA GLN F 3 -82.10 13.87 1.83
C GLN F 3 -81.65 13.40 0.46
N ARG F 4 -82.52 12.68 -0.26
CA ARG F 4 -82.08 11.96 -1.47
C ARG F 4 -81.60 12.89 -2.60
N THR F 5 -81.89 14.20 -2.48
CA THR F 5 -81.26 15.22 -3.34
C THR F 5 -79.75 15.34 -3.05
N VAL F 6 -79.32 15.08 -1.82
CA VAL F 6 -77.89 15.14 -1.51
C VAL F 6 -77.13 14.03 -2.23
N ALA F 7 -77.62 12.79 -2.11
CA ALA F 7 -77.11 11.68 -2.91
C ALA F 7 -77.47 11.83 -4.39
N ARG F 8 -78.32 12.80 -4.74
CA ARG F 8 -78.58 13.06 -6.16
C ARG F 8 -77.58 14.07 -6.68
N GLN F 9 -77.31 15.11 -5.89
CA GLN F 9 -76.41 16.20 -6.30
C GLN F 9 -74.92 15.92 -6.03
N VAL F 10 -74.63 14.97 -5.15
CA VAL F 10 -73.24 14.62 -4.83
C VAL F 10 -72.51 14.08 -6.06
N ALA F 11 -71.34 14.65 -6.35
CA ALA F 11 -70.45 14.14 -7.39
C ALA F 11 -69.32 13.38 -6.72
N LEU F 12 -69.03 12.18 -7.23
CA LEU F 12 -67.97 11.35 -6.67
C LEU F 12 -66.69 11.67 -7.41
N VAL F 13 -65.63 11.96 -6.64
CA VAL F 13 -64.36 12.40 -7.22
C VAL F 13 -63.25 11.36 -7.11
N GLU F 14 -63.02 10.86 -5.89
CA GLU F 14 -61.89 9.98 -5.62
C GLU F 14 -62.26 8.86 -4.64
N CYS F 15 -61.89 7.62 -4.98
CA CYS F 15 -62.07 6.49 -4.08
C CYS F 15 -60.89 6.40 -3.12
N VAL F 16 -61.16 6.62 -1.85
CA VAL F 16 -60.12 6.68 -0.83
C VAL F 16 -60.06 5.43 0.08
N GLY F 17 -60.96 4.46 -0.17
CA GLY F 17 -61.00 3.22 0.59
C GLY F 17 -61.83 2.13 -0.10
N LYS F 18 -61.42 0.87 0.11
CA LYS F 18 -62.08 -0.30 -0.46
C LYS F 18 -61.85 -1.52 0.42
N GLY F 19 -62.86 -2.36 0.56
CA GLY F 19 -62.78 -3.53 1.44
C GLY F 19 -64.04 -4.38 1.43
N ARG F 20 -64.16 -5.27 2.39
CA ARG F 20 -65.32 -6.18 2.47
C ARG F 20 -66.59 -5.44 2.87
N TYR F 21 -66.42 -4.30 3.52
CA TYR F 21 -67.53 -3.43 3.88
C TYR F 21 -68.14 -2.68 2.69
N GLY F 22 -67.38 -2.59 1.60
CA GLY F 22 -67.77 -1.80 0.42
C GLY F 22 -66.65 -0.85 0.01
N GLU F 23 -66.99 0.42 -0.23
CA GLU F 23 -66.01 1.44 -0.66
C GLU F 23 -66.36 2.79 -0.06
N VAL F 24 -65.35 3.60 0.24
CA VAL F 24 -65.56 4.98 0.64
C VAL F 24 -64.97 5.92 -0.38
N TRP F 25 -65.76 6.90 -0.81
CA TRP F 25 -65.35 7.86 -1.81
C TRP F 25 -65.38 9.27 -1.25
N ARG F 26 -64.47 10.12 -1.74
CA ARG F 26 -64.53 11.55 -1.46
C ARG F 26 -65.44 12.13 -2.50
N GLY F 27 -66.44 12.90 -2.05
CA GLY F 27 -67.43 13.51 -2.94
C GLY F 27 -67.52 15.01 -2.74
N LEU F 28 -67.99 15.71 -3.77
CA LEU F 28 -68.20 17.16 -3.76
C LEU F 28 -69.69 17.45 -3.76
N TRP F 29 -70.13 18.24 -2.78
CA TRP F 29 -71.51 18.69 -2.73
C TRP F 29 -71.56 20.18 -2.43
N HIS F 30 -72.03 20.95 -3.40
CA HIS F 30 -72.07 22.41 -3.31
C HIS F 30 -70.78 22.97 -2.72
N GLY F 31 -69.65 22.65 -3.37
CA GLY F 31 -68.34 23.21 -2.99
C GLY F 31 -67.60 22.47 -1.88
N GLU F 32 -68.35 21.92 -0.92
CA GLU F 32 -67.76 21.25 0.24
C GLU F 32 -67.49 19.78 -0.04
N SER F 33 -66.60 19.18 0.76
CA SER F 33 -66.25 17.77 0.64
C SER F 33 -67.09 16.89 1.58
N VAL F 34 -67.58 15.76 1.04
CA VAL F 34 -68.32 14.78 1.82
C VAL F 34 -67.77 13.38 1.55
N ALA F 35 -67.93 12.48 2.53
CA ALA F 35 -67.59 11.07 2.37
C ALA F 35 -68.84 10.33 1.97
N VAL F 36 -68.73 9.49 0.94
CA VAL F 36 -69.81 8.64 0.48
C VAL F 36 -69.42 7.16 0.61
N LYS F 37 -69.96 6.48 1.62
CA LYS F 37 -69.72 5.05 1.78
C LYS F 37 -70.76 4.21 1.02
N ILE F 38 -70.32 3.56 -0.04
CA ILE F 38 -71.17 2.68 -0.82
C ILE F 38 -70.97 1.30 -0.23
N PHE F 39 -72.05 0.70 0.28
CA PHE F 39 -71.96 -0.58 1.00
C PHE F 39 -71.95 -1.74 0.04
N SER F 40 -71.27 -2.82 0.42
CA SER F 40 -71.32 -4.06 -0.37
C SER F 40 -72.60 -4.83 -0.06
N SER F 41 -72.96 -5.75 -0.95
CA SER F 41 -74.15 -6.59 -0.79
C SER F 41 -74.06 -7.45 0.48
N ARG F 42 -72.86 -7.87 0.83
CA ARG F 42 -72.64 -8.67 2.05
C ARG F 42 -72.76 -7.89 3.35
N ASP F 43 -72.92 -6.57 3.28
CA ASP F 43 -72.95 -5.72 4.46
C ASP F 43 -74.16 -4.78 4.49
N GLU F 44 -75.22 -5.13 3.75
CA GLU F 44 -76.44 -4.33 3.71
C GLU F 44 -77.04 -4.04 5.08
N GLN F 45 -76.92 -4.99 6.00
CA GLN F 45 -77.53 -4.85 7.31
C GLN F 45 -76.83 -3.79 8.16
N SER F 46 -75.54 -3.56 7.91
CA SER F 46 -74.79 -2.50 8.57
C SER F 46 -75.27 -1.13 8.13
N TRP F 47 -75.60 -0.98 6.85
CA TRP F 47 -76.20 0.25 6.32
C TRP F 47 -77.54 0.52 6.95
N PHE F 48 -78.34 -0.52 7.17
CA PHE F 48 -79.68 -0.39 7.73
C PHE F 48 -79.58 0.08 9.16
N ARG F 49 -78.74 -0.59 9.94
CA ARG F 49 -78.57 -0.27 11.36
C ARG F 49 -78.04 1.15 11.53
N GLU F 50 -77.09 1.50 10.68
CA GLU F 50 -76.45 2.81 10.78
C GLU F 50 -77.47 3.88 10.38
N THR F 51 -78.28 3.57 9.37
CA THR F 51 -79.32 4.50 8.93
C THR F 51 -80.42 4.68 10.00
N GLU F 52 -80.80 3.59 10.65
CA GLU F 52 -81.78 3.66 11.72
C GLU F 52 -81.26 4.55 12.84
N ILE F 53 -80.07 4.25 13.36
CA ILE F 53 -79.49 4.98 14.50
C ILE F 53 -79.33 6.46 14.22
N TYR F 54 -78.78 6.80 13.06
CA TYR F 54 -78.48 8.19 12.71
C TYR F 54 -79.77 8.99 12.51
N ASN F 55 -80.82 8.34 12.03
CA ASN F 55 -82.14 9.00 11.87
C ASN F 55 -82.98 9.07 13.14
N THR F 56 -82.62 8.27 14.13
CA THR F 56 -83.43 8.00 15.30
C THR F 56 -82.89 8.56 16.60
N VAL F 57 -81.55 8.60 16.72
CA VAL F 57 -80.89 8.96 17.96
C VAL F 57 -80.21 10.33 17.81
N LEU F 58 -80.51 11.26 18.73
CA LEU F 58 -79.87 12.57 18.75
C LEU F 58 -78.41 12.38 19.21
N LEU F 59 -77.50 12.26 18.23
CA LEU F 59 -76.13 11.77 18.47
C LEU F 59 -75.03 12.79 18.19
N ARG F 60 -75.37 13.89 17.52
CA ARG F 60 -74.39 14.87 17.09
C ARG F 60 -73.40 15.20 18.21
N HIS F 61 -72.11 15.15 17.88
CA HIS F 61 -71.01 15.37 18.83
C HIS F 61 -69.68 15.53 18.05
N ASP F 62 -68.88 16.48 18.49
CA ASP F 62 -67.58 16.76 17.87
C ASP F 62 -66.76 15.47 17.63
N ASN F 63 -66.89 14.50 18.53
CA ASN F 63 -66.10 13.28 18.47
C ASN F 63 -66.85 12.06 17.95
N ILE F 64 -67.90 12.31 17.15
CA ILE F 64 -68.66 11.26 16.48
C ILE F 64 -68.91 11.73 15.05
N LEU F 65 -68.71 10.84 14.07
CA LEU F 65 -68.74 11.22 12.66
C LEU F 65 -70.10 11.82 12.35
N GLY F 66 -70.07 13.00 11.73
CA GLY F 66 -71.26 13.72 11.34
C GLY F 66 -71.98 13.04 10.21
N PHE F 67 -73.30 12.89 10.37
CA PHE F 67 -74.18 12.28 9.38
C PHE F 67 -74.78 13.37 8.51
N ILE F 68 -74.87 13.11 7.20
CA ILE F 68 -75.53 14.04 6.28
C ILE F 68 -76.78 13.43 5.66
N ALA F 69 -76.65 12.22 5.13
CA ALA F 69 -77.77 11.57 4.43
C ALA F 69 -77.59 10.07 4.28
N SER F 70 -78.68 9.38 3.95
CA SER F 70 -78.67 7.95 3.65
C SER F 70 -79.59 7.74 2.46
N ASP F 71 -79.15 6.99 1.46
CA ASP F 71 -79.97 6.78 0.25
C ASP F 71 -79.88 5.34 -0.35
N MET F 72 -80.88 4.97 -1.18
CA MET F 72 -80.82 3.78 -2.08
C MET F 72 -81.04 4.21 -3.54
N THR F 73 -80.13 3.83 -4.42
CA THR F 73 -80.18 4.25 -5.83
C THR F 73 -80.89 3.23 -6.74
N GLN F 80 -77.59 0.11 -5.28
CA GLN F 80 -76.66 0.19 -4.16
C GLN F 80 -77.28 0.95 -2.97
N LEU F 81 -76.56 0.93 -1.84
CA LEU F 81 -76.92 1.63 -0.60
C LEU F 81 -75.83 2.62 -0.16
N TRP F 82 -76.20 3.89 0.03
CA TRP F 82 -75.23 4.94 0.33
C TRP F 82 -75.39 5.52 1.73
N LEU F 83 -74.25 5.86 2.34
CA LEU F 83 -74.25 6.66 3.57
C LEU F 83 -73.33 7.83 3.33
N ILE F 84 -73.85 9.05 3.41
CA ILE F 84 -73.06 10.25 3.15
C ILE F 84 -72.81 10.93 4.48
N THR F 85 -71.56 11.31 4.73
CA THR F 85 -71.13 11.91 6.01
C THR F 85 -70.13 13.04 5.80
N HIS F 86 -69.73 13.69 6.87
CA HIS F 86 -68.57 14.61 6.78
C HIS F 86 -67.36 13.84 6.27
N TYR F 87 -66.47 14.55 5.59
CA TYR F 87 -65.22 13.98 5.09
C TYR F 87 -64.10 14.52 5.92
N HIS F 88 -63.15 13.63 6.25
CA HIS F 88 -61.92 14.01 6.95
C HIS F 88 -60.69 13.54 6.18
N GLU F 89 -59.90 14.52 5.72
CA GLU F 89 -58.77 14.32 4.81
C GLU F 89 -57.74 13.35 5.33
N HIS F 90 -57.41 13.46 6.62
CA HIS F 90 -56.36 12.62 7.21
C HIS F 90 -56.74 11.15 7.20
N GLY F 91 -58.01 10.86 6.99
CA GLY F 91 -58.50 9.50 6.98
C GLY F 91 -58.64 8.96 8.37
N SER F 92 -58.53 7.64 8.50
CA SER F 92 -58.63 6.99 9.80
C SER F 92 -57.35 7.13 10.62
N LEU F 93 -57.49 6.81 11.91
CA LEU F 93 -56.38 6.80 12.85
C LEU F 93 -55.33 5.81 12.36
N TYR F 94 -55.80 4.70 11.81
CA TYR F 94 -54.92 3.71 11.18
C TYR F 94 -54.04 4.40 10.14
N ASP F 95 -54.69 5.10 9.20
CA ASP F 95 -54.02 5.83 8.13
C ASP F 95 -53.03 6.87 8.68
N PHE F 96 -53.48 7.66 9.66
CA PHE F 96 -52.70 8.75 10.24
C PHE F 96 -51.46 8.21 10.92
N LEU F 97 -51.66 7.20 11.77
CA LEU F 97 -50.55 6.55 12.48
C LEU F 97 -49.59 5.81 11.56
N GLN F 98 -50.02 5.48 10.34
CA GLN F 98 -49.12 4.90 9.34
C GLN F 98 -48.00 5.89 8.99
N ARG F 99 -48.41 7.10 8.60
CA ARG F 99 -47.49 8.09 8.02
C ARG F 99 -46.88 9.03 9.04
N GLN F 100 -47.62 9.35 10.10
CA GLN F 100 -47.21 10.39 11.04
C GLN F 100 -46.72 9.83 12.36
N THR F 101 -45.73 10.50 12.93
CA THR F 101 -45.23 10.18 14.28
C THR F 101 -45.79 11.23 15.23
N LEU F 102 -45.94 10.86 16.50
CA LEU F 102 -46.68 11.70 17.44
C LEU F 102 -45.81 12.26 18.56
N GLU F 103 -45.82 13.59 18.69
CA GLU F 103 -45.30 14.24 19.90
C GLU F 103 -46.22 13.82 21.04
N PRO F 104 -45.68 13.65 22.26
CA PRO F 104 -46.53 13.27 23.41
C PRO F 104 -47.82 14.09 23.55
N HIS F 105 -47.74 15.41 23.36
CA HIS F 105 -48.93 16.26 23.39
C HIS F 105 -50.01 15.79 22.40
N LEU F 106 -49.58 15.45 21.20
CA LEU F 106 -50.52 15.05 20.14
C LEU F 106 -51.09 13.66 20.45
N ALA F 107 -50.24 12.78 20.98
CA ALA F 107 -50.72 11.44 21.41
C ALA F 107 -51.87 11.54 22.41
N LEU F 108 -51.75 12.46 23.38
CA LEU F 108 -52.77 12.68 24.39
C LEU F 108 -54.03 13.30 23.79
N ARG F 109 -53.84 14.20 22.81
CA ARG F 109 -54.97 14.88 22.17
C ARG F 109 -55.85 13.89 21.46
N LEU F 110 -55.24 12.99 20.70
CA LEU F 110 -55.97 11.93 19.99
C LEU F 110 -56.61 10.97 20.98
N ALA F 111 -55.87 10.64 22.04
CA ALA F 111 -56.38 9.71 23.05
C ALA F 111 -57.58 10.29 23.83
N VAL F 112 -57.49 11.57 24.22
CA VAL F 112 -58.55 12.19 25.01
C VAL F 112 -59.81 12.40 24.20
N SER F 113 -59.66 12.77 22.93
CA SER F 113 -60.79 13.01 22.04
C SER F 113 -61.50 11.72 21.68
N ALA F 114 -60.75 10.66 21.42
CA ALA F 114 -61.33 9.35 21.17
C ALA F 114 -62.13 8.91 22.40
N ALA F 115 -61.54 9.12 23.58
CA ALA F 115 -62.19 8.80 24.83
C ALA F 115 -63.47 9.59 25.03
N CYS F 116 -63.51 10.84 24.57
CA CYS F 116 -64.74 11.64 24.65
C CYS F 116 -65.85 11.04 23.78
N GLY F 117 -65.49 10.69 22.54
CA GLY F 117 -66.40 9.98 21.64
C GLY F 117 -67.02 8.74 22.28
N LEU F 118 -66.17 7.85 22.79
CA LEU F 118 -66.69 6.60 23.40
C LEU F 118 -67.53 6.84 24.66
N ALA F 119 -67.12 7.78 25.50
CA ALA F 119 -67.89 8.12 26.69
C ALA F 119 -69.28 8.60 26.30
N HIS F 120 -69.35 9.43 25.26
CA HIS F 120 -70.60 9.99 24.80
C HIS F 120 -71.54 8.90 24.31
N LEU F 121 -71.00 7.93 23.57
CA LEU F 121 -71.75 6.77 23.12
C LEU F 121 -72.30 5.99 24.31
N HIS F 122 -71.42 5.71 25.27
CA HIS F 122 -71.77 4.81 26.39
C HIS F 122 -72.79 5.40 27.36
N VAL F 123 -72.69 6.71 27.62
CA VAL F 123 -73.49 7.33 28.69
C VAL F 123 -74.85 7.69 28.19
N GLU F 124 -75.88 7.23 28.90
CA GLU F 124 -77.25 7.64 28.57
C GLU F 124 -77.43 9.10 29.00
N ILE F 125 -77.93 9.93 28.08
CA ILE F 125 -78.30 11.33 28.38
C ILE F 125 -79.81 11.39 28.42
N PHE F 126 -80.36 11.89 29.52
CA PHE F 126 -81.82 11.99 29.72
C PHE F 126 -82.26 13.45 29.53
N GLY F 127 -83.53 13.64 29.16
CA GLY F 127 -84.11 14.98 29.00
C GLY F 127 -84.41 15.38 27.56
N THR F 128 -85.20 16.46 27.42
CA THR F 128 -85.77 16.93 26.13
C THR F 128 -85.12 16.38 24.83
N GLN F 129 -83.79 16.50 24.70
CA GLN F 129 -83.06 16.06 23.52
C GLN F 129 -82.15 14.93 23.97
N GLY F 130 -82.68 13.71 23.93
CA GLY F 130 -82.05 12.58 24.60
C GLY F 130 -81.24 11.70 23.70
N LYS F 131 -80.69 10.65 24.30
CA LYS F 131 -80.08 9.54 23.58
C LYS F 131 -79.86 8.38 24.57
N PRO F 132 -80.19 7.15 24.17
CA PRO F 132 -79.93 5.96 24.97
C PRO F 132 -78.45 5.66 25.07
N ALA F 133 -78.07 4.73 25.93
CA ALA F 133 -76.68 4.28 26.02
C ALA F 133 -76.40 3.41 24.81
N ILE F 134 -75.26 3.64 24.15
CA ILE F 134 -74.89 2.94 22.90
C ILE F 134 -73.51 2.31 23.03
N ALA F 135 -73.39 1.04 22.68
CA ALA F 135 -72.09 0.34 22.61
C ALA F 135 -71.75 0.08 21.12
N HIS F 136 -70.48 0.30 20.78
CA HIS F 136 -70.03 0.24 19.39
C HIS F 136 -69.99 -1.20 18.84
N ARG F 137 -69.23 -2.06 19.52
CA ARG F 137 -69.04 -3.46 19.15
C ARG F 137 -68.06 -3.71 17.99
N ASP F 138 -67.51 -2.66 17.40
CA ASP F 138 -66.42 -2.80 16.42
C ASP F 138 -65.41 -1.60 16.51
N PHE F 139 -65.01 -1.30 17.74
CA PHE F 139 -64.12 -0.20 17.98
C PHE F 139 -62.69 -0.62 17.63
N LYS F 140 -62.10 0.13 16.70
CA LYS F 140 -60.77 -0.13 16.21
C LYS F 140 -60.23 1.14 15.57
N SER F 141 -58.92 1.17 15.31
CA SER F 141 -58.29 2.38 14.76
C SER F 141 -58.80 2.72 13.38
N ARG F 142 -59.26 1.72 12.62
CA ARG F 142 -59.85 1.95 11.29
C ARG F 142 -61.26 2.58 11.34
N ASN F 143 -61.92 2.51 12.48
CA ASN F 143 -63.24 3.14 12.68
C ASN F 143 -63.17 4.41 13.54
N VAL F 144 -61.99 5.02 13.60
CA VAL F 144 -61.82 6.32 14.22
C VAL F 144 -61.15 7.19 13.17
N LEU F 145 -61.74 8.36 12.89
CA LEU F 145 -61.17 9.31 11.93
C LEU F 145 -60.40 10.37 12.66
N VAL F 146 -59.42 10.99 11.97
CA VAL F 146 -58.68 12.13 12.50
C VAL F 146 -59.06 13.38 11.74
N LYS F 147 -59.56 14.38 12.46
CA LYS F 147 -60.03 15.65 11.92
C LYS F 147 -58.88 16.61 11.64
N SER F 148 -59.22 17.73 10.99
CA SER F 148 -58.28 18.83 10.72
C SER F 148 -57.60 19.33 11.99
N ASN F 149 -58.35 19.48 13.07
CA ASN F 149 -57.80 19.94 14.34
C ASN F 149 -57.14 18.82 15.13
N LEU F 150 -56.80 17.74 14.44
CA LEU F 150 -56.13 16.61 15.06
C LEU F 150 -56.86 16.13 16.33
N GLN F 151 -58.20 16.13 16.27
CA GLN F 151 -59.02 15.43 17.26
C GLN F 151 -59.65 14.27 16.56
N CYS F 152 -59.98 13.22 17.30
CA CYS F 152 -60.63 12.03 16.72
C CYS F 152 -62.15 12.18 16.70
N CYS F 153 -62.81 11.43 15.82
CA CYS F 153 -64.22 11.18 15.93
C CYS F 153 -64.55 9.74 15.49
N ILE F 154 -65.45 9.10 16.22
CA ILE F 154 -65.78 7.69 16.00
C ILE F 154 -66.77 7.50 14.85
N ALA F 155 -66.54 6.47 14.04
CA ALA F 155 -67.41 6.14 12.91
C ALA F 155 -67.88 4.68 12.99
N ASP F 156 -68.74 4.32 12.03
CA ASP F 156 -69.23 2.96 11.81
C ASP F 156 -70.07 2.45 12.96
N LEU F 157 -71.35 2.80 12.95
CA LEU F 157 -72.29 2.36 13.97
C LEU F 157 -73.11 1.13 13.53
N GLY F 158 -72.62 0.44 12.51
CA GLY F 158 -73.34 -0.67 11.91
C GLY F 158 -73.69 -1.83 12.82
N LEU F 159 -72.90 -2.03 13.87
CA LEU F 159 -73.07 -3.14 14.81
C LEU F 159 -73.50 -2.67 16.17
N ALA F 160 -73.83 -1.39 16.30
CA ALA F 160 -74.09 -0.80 17.62
C ALA F 160 -75.32 -1.45 18.28
N VAL F 161 -75.31 -1.48 19.61
CA VAL F 161 -76.44 -1.96 20.41
C VAL F 161 -76.79 -0.88 21.44
N MET F 162 -78.07 -0.75 21.82
CA MET F 162 -78.53 0.35 22.71
C MET F 162 -79.46 -0.13 23.80
N HIS F 163 -79.82 0.77 24.71
CA HIS F 163 -80.41 0.36 25.97
C HIS F 163 -80.64 1.59 26.85
N SER F 164 -81.72 1.53 27.61
CA SER F 164 -82.28 2.66 28.32
C SER F 164 -82.66 2.20 29.72
N GLN F 165 -82.75 3.12 30.66
CA GLN F 165 -83.06 2.72 32.04
C GLN F 165 -84.45 2.08 32.15
N GLY F 166 -85.46 2.77 31.63
CA GLY F 166 -86.87 2.44 31.85
C GLY F 166 -87.24 0.98 31.64
N SER F 167 -86.68 0.41 30.58
CA SER F 167 -86.75 -1.03 30.34
C SER F 167 -85.35 -1.51 30.04
N ASP F 168 -84.76 -2.30 30.94
CA ASP F 168 -83.48 -2.96 30.65
C ASP F 168 -83.78 -4.04 29.62
N TYR F 169 -83.62 -3.68 28.36
CA TYR F 169 -83.83 -4.61 27.25
C TYR F 169 -83.02 -4.12 26.05
N LEU F 170 -82.34 -5.05 25.39
CA LEU F 170 -81.28 -4.68 24.44
C LEU F 170 -81.83 -4.21 23.09
N ASP F 171 -81.53 -2.97 22.72
CA ASP F 171 -81.69 -2.50 21.33
C ASP F 171 -80.61 -3.16 20.48
N ILE F 172 -80.86 -4.38 20.02
CA ILE F 172 -79.97 -5.03 19.07
C ILE F 172 -80.47 -4.88 17.62
N GLY F 173 -79.55 -4.59 16.71
CA GLY F 173 -79.86 -4.61 15.28
C GLY F 173 -80.27 -5.99 14.78
N ASN F 174 -79.96 -6.26 13.51
CA ASN F 174 -80.01 -7.60 12.94
C ASN F 174 -78.76 -7.95 12.12
N ASN F 175 -77.72 -7.14 12.24
CA ASN F 175 -76.50 -7.32 11.44
C ASN F 175 -75.80 -8.67 11.72
N PRO F 176 -75.46 -9.44 10.65
CA PRO F 176 -74.66 -10.67 10.80
C PRO F 176 -73.19 -10.38 11.07
N ARG F 177 -72.72 -9.20 10.67
CA ARG F 177 -71.35 -8.80 10.89
C ARG F 177 -71.00 -8.92 12.38
N VAL F 178 -69.75 -9.27 12.66
CA VAL F 178 -69.24 -9.30 14.02
C VAL F 178 -68.06 -8.33 14.14
N GLY F 179 -67.57 -8.13 15.35
CA GLY F 179 -66.41 -7.27 15.60
C GLY F 179 -65.20 -7.75 14.81
N THR F 180 -64.31 -6.81 14.48
CA THR F 180 -63.05 -7.18 13.82
C THR F 180 -62.34 -8.17 14.73
N LYS F 181 -61.91 -9.30 14.17
CA LYS F 181 -61.38 -10.40 14.98
C LYS F 181 -60.13 -10.01 15.79
N ARG F 182 -59.26 -9.17 15.21
CA ARG F 182 -58.05 -8.70 15.92
C ARG F 182 -58.37 -7.99 17.23
N TYR F 183 -59.57 -7.39 17.32
CA TYR F 183 -59.92 -6.52 18.46
C TYR F 183 -60.92 -7.15 19.44
N MET F 184 -61.30 -8.41 19.20
CA MET F 184 -62.29 -9.09 20.03
C MET F 184 -61.74 -9.38 21.41
N ALA F 185 -62.53 -9.08 22.44
CA ALA F 185 -62.11 -9.32 23.83
C ALA F 185 -62.08 -10.82 24.13
N PRO F 186 -61.40 -11.24 25.22
CA PRO F 186 -61.36 -12.66 25.54
C PRO F 186 -62.75 -13.28 25.65
N GLU F 187 -63.65 -12.57 26.32
CA GLU F 187 -65.00 -13.07 26.56
C GLU F 187 -65.82 -13.23 25.27
N VAL F 188 -65.44 -12.52 24.21
CA VAL F 188 -66.10 -12.69 22.90
C VAL F 188 -65.56 -13.91 22.17
N LEU F 189 -64.25 -14.11 22.28
CA LEU F 189 -63.58 -15.25 21.67
C LEU F 189 -63.88 -16.56 22.40
N ASP F 190 -64.07 -16.47 23.71
CA ASP F 190 -64.51 -17.60 24.53
C ASP F 190 -65.97 -17.96 24.27
N GLU F 191 -66.75 -17.00 23.78
CA GLU F 191 -68.20 -17.10 23.67
C GLU F 191 -68.83 -17.22 25.07
N GLN F 192 -68.16 -16.66 26.07
CA GLN F 192 -68.62 -16.68 27.45
C GLN F 192 -69.33 -15.38 27.82
N ILE F 193 -69.43 -14.44 26.86
CA ILE F 193 -70.08 -13.15 27.10
C ILE F 193 -71.60 -13.34 27.22
N ARG F 194 -72.20 -12.58 28.14
CA ARG F 194 -73.66 -12.60 28.32
C ARG F 194 -74.32 -11.66 27.29
N THR F 195 -74.88 -12.25 26.23
CA THR F 195 -75.41 -11.47 25.10
C THR F 195 -76.73 -10.74 25.40
N ASP F 196 -77.32 -10.98 26.57
CA ASP F 196 -78.53 -10.28 26.99
C ASP F 196 -78.24 -9.26 28.09
N CYS F 197 -76.97 -8.84 28.21
CA CYS F 197 -76.56 -7.84 29.18
C CYS F 197 -75.85 -6.73 28.44
N PHE F 198 -76.34 -5.50 28.59
CA PHE F 198 -75.76 -4.35 27.88
C PHE F 198 -74.36 -4.02 28.38
N GLU F 199 -74.14 -4.06 29.69
CA GLU F 199 -72.85 -3.74 30.28
C GLU F 199 -71.71 -4.54 29.62
N SER F 200 -71.95 -5.84 29.38
CA SER F 200 -70.98 -6.69 28.71
C SER F 200 -70.41 -6.05 27.43
N TYR F 201 -71.30 -5.55 26.57
CA TYR F 201 -70.88 -5.00 25.27
C TYR F 201 -70.02 -3.74 25.46
N LYS F 202 -70.35 -2.94 26.48
CA LYS F 202 -69.52 -1.79 26.82
C LYS F 202 -68.11 -2.21 27.20
N TRP F 203 -68.00 -3.31 27.94
CA TRP F 203 -66.70 -3.82 28.39
C TRP F 203 -65.84 -4.35 27.24
N THR F 204 -66.47 -4.75 26.12
CA THR F 204 -65.70 -5.16 24.94
C THR F 204 -65.21 -3.95 24.16
N ASP F 205 -65.99 -2.87 24.18
CA ASP F 205 -65.57 -1.60 23.60
C ASP F 205 -64.31 -1.14 24.31
N ILE F 206 -64.27 -1.29 25.63
CA ILE F 206 -63.14 -0.84 26.45
C ILE F 206 -61.86 -1.62 26.12
N TRP F 207 -61.94 -2.94 26.11
CA TRP F 207 -60.84 -3.80 25.67
C TRP F 207 -60.24 -3.24 24.39
N ALA F 208 -61.07 -3.14 23.36
CA ALA F 208 -60.65 -2.63 22.06
C ALA F 208 -60.03 -1.25 22.15
N PHE F 209 -60.53 -0.42 23.06
CA PHE F 209 -60.02 0.94 23.24
C PHE F 209 -58.56 0.87 23.72
N GLY F 210 -58.32 0.02 24.71
CA GLY F 210 -56.97 -0.24 25.18
C GLY F 210 -56.03 -0.56 24.03
N LEU F 211 -56.48 -1.42 23.11
CA LEU F 211 -55.66 -1.80 21.98
C LEU F 211 -55.38 -0.59 21.09
N VAL F 212 -56.35 0.28 20.95
CA VAL F 212 -56.15 1.51 20.15
C VAL F 212 -55.15 2.47 20.85
N LEU F 213 -55.18 2.52 22.19
CA LEU F 213 -54.19 3.33 22.92
C LEU F 213 -52.77 2.85 22.64
N TRP F 214 -52.57 1.54 22.73
CA TRP F 214 -51.31 0.90 22.38
C TRP F 214 -50.79 1.38 21.02
N GLU F 215 -51.65 1.32 19.99
CA GLU F 215 -51.31 1.77 18.63
C GLU F 215 -50.85 3.22 18.58
N ILE F 216 -51.50 4.07 19.36
CA ILE F 216 -51.10 5.49 19.51
C ILE F 216 -49.75 5.55 20.23
N ALA F 217 -49.64 4.83 21.35
CA ALA F 217 -48.45 4.85 22.19
C ALA F 217 -47.20 4.45 21.41
N ARG F 218 -47.30 3.34 20.66
CA ARG F 218 -46.20 2.80 19.85
C ARG F 218 -45.64 3.83 18.87
N ARG F 219 -46.51 4.71 18.43
CA ARG F 219 -46.15 5.66 17.41
C ARG F 219 -45.68 7.02 18.00
N THR F 220 -45.33 7.05 19.27
CA THR F 220 -45.06 8.31 19.91
C THR F 220 -43.55 8.49 20.13
N ILE F 221 -43.08 9.71 19.88
CA ILE F 221 -41.67 10.00 19.86
C ILE F 221 -41.18 10.27 21.28
N VAL F 222 -40.38 9.33 21.78
CA VAL F 222 -39.68 9.38 23.05
C VAL F 222 -38.23 9.40 22.68
N ASN F 223 -37.49 10.40 23.18
CA ASN F 223 -36.06 10.43 22.98
C ASN F 223 -35.66 10.71 21.53
N GLY F 224 -36.64 10.99 20.68
CA GLY F 224 -36.41 11.26 19.27
C GLY F 224 -36.48 10.07 18.34
N ILE F 225 -36.73 8.87 18.87
CA ILE F 225 -36.96 7.70 18.03
C ILE F 225 -38.41 7.26 18.22
N VAL F 226 -38.96 6.61 17.19
CA VAL F 226 -40.33 6.15 17.20
C VAL F 226 -40.44 4.83 16.44
N GLU F 227 -41.10 3.80 17.02
CA GLU F 227 -41.25 2.52 16.33
C GLU F 227 -42.12 2.74 15.09
N ASP F 228 -41.89 1.96 14.05
CA ASP F 228 -42.78 1.96 12.88
C ASP F 228 -44.11 1.38 13.29
N TYR F 229 -45.18 1.76 12.58
CA TYR F 229 -46.52 1.28 12.92
C TYR F 229 -46.63 -0.23 12.82
N ARG F 230 -47.27 -0.84 13.82
CA ARG F 230 -47.69 -2.24 13.76
C ARG F 230 -49.09 -2.33 14.39
N PRO F 231 -49.93 -3.27 13.91
CA PRO F 231 -51.22 -3.48 14.55
C PRO F 231 -51.07 -4.23 15.87
N PRO F 232 -52.09 -4.20 16.72
CA PRO F 232 -52.04 -5.05 17.93
C PRO F 232 -51.86 -6.54 17.61
N PHE F 233 -51.09 -7.24 18.44
CA PHE F 233 -50.75 -8.65 18.24
C PHE F 233 -49.98 -8.95 16.96
N TYR F 234 -49.30 -7.95 16.39
CA TYR F 234 -48.56 -8.13 15.16
C TYR F 234 -47.52 -9.25 15.26
N ASP F 235 -47.05 -9.51 16.48
CA ASP F 235 -45.97 -10.46 16.72
C ASP F 235 -46.47 -11.88 17.01
N VAL F 236 -47.78 -12.09 17.01
CA VAL F 236 -48.35 -13.40 17.34
C VAL F 236 -49.44 -13.94 16.39
N VAL F 237 -49.94 -13.12 15.47
CA VAL F 237 -50.96 -13.59 14.51
C VAL F 237 -50.68 -13.07 13.10
N PRO F 238 -51.16 -13.81 12.07
CA PRO F 238 -50.96 -13.39 10.69
C PRO F 238 -51.71 -12.10 10.33
N ASN F 239 -51.27 -11.50 9.22
CA ASN F 239 -51.88 -10.32 8.62
C ASN F 239 -53.38 -10.20 8.94
N ASP F 240 -54.21 -11.08 8.37
CA ASP F 240 -55.68 -11.02 8.54
C ASP F 240 -56.15 -12.15 9.43
N PRO F 241 -56.04 -11.96 10.76
CA PRO F 241 -56.16 -13.05 11.71
C PRO F 241 -57.51 -13.71 11.64
N SER F 242 -57.49 -15.04 11.74
CA SER F 242 -58.70 -15.85 11.90
C SER F 242 -59.26 -15.68 13.30
N PHE F 243 -60.30 -16.43 13.63
CA PHE F 243 -60.94 -16.39 14.94
C PHE F 243 -60.40 -17.46 15.91
N GLU F 244 -59.85 -18.55 15.37
CA GLU F 244 -59.10 -19.56 16.14
C GLU F 244 -57.69 -19.04 16.52
N ASP F 245 -57.05 -18.31 15.61
CA ASP F 245 -55.75 -17.69 15.87
C ASP F 245 -55.84 -16.79 17.09
N MET F 246 -56.90 -15.98 17.15
CA MET F 246 -57.07 -15.04 18.26
C MET F 246 -57.46 -15.76 19.55
N LYS F 247 -58.36 -16.74 19.44
CA LYS F 247 -58.75 -17.56 20.59
C LYS F 247 -57.52 -18.14 21.31
N LYS F 248 -56.59 -18.68 20.53
CA LYS F 248 -55.35 -19.25 21.08
C LYS F 248 -54.47 -18.21 21.79
N VAL F 249 -54.27 -17.08 21.12
CA VAL F 249 -53.41 -16.02 21.64
C VAL F 249 -54.02 -15.32 22.85
N VAL F 250 -55.28 -14.93 22.75
CA VAL F 250 -55.92 -14.10 23.77
C VAL F 250 -56.47 -14.91 24.93
N CYS F 251 -56.97 -16.11 24.67
CA CYS F 251 -57.61 -16.92 25.71
C CYS F 251 -56.72 -18.01 26.26
N VAL F 252 -56.15 -18.84 25.38
CA VAL F 252 -55.29 -19.94 25.83
C VAL F 252 -53.94 -19.41 26.35
N ASP F 253 -53.26 -18.60 25.54
CA ASP F 253 -51.96 -18.05 25.95
C ASP F 253 -52.07 -16.84 26.87
N GLN F 254 -53.29 -16.32 27.03
CA GLN F 254 -53.54 -15.16 27.91
C GLN F 254 -52.65 -13.94 27.59
N GLN F 255 -52.40 -13.73 26.30
CA GLN F 255 -51.52 -12.67 25.82
C GLN F 255 -52.22 -11.30 25.70
N THR F 256 -51.47 -10.25 25.99
CA THR F 256 -51.87 -8.87 25.74
C THR F 256 -50.68 -8.17 25.10
N PRO F 257 -50.90 -7.09 24.31
CA PRO F 257 -49.81 -6.38 23.61
C PRO F 257 -48.73 -5.82 24.55
N THR F 258 -47.48 -5.80 24.11
CA THR F 258 -46.37 -5.51 25.02
C THR F 258 -46.19 -3.98 25.21
N ILE F 259 -46.30 -3.53 26.46
CA ILE F 259 -46.23 -2.10 26.78
C ILE F 259 -44.76 -1.70 26.86
N PRO F 260 -44.29 -0.82 25.95
CA PRO F 260 -42.83 -0.61 25.91
C PRO F 260 -42.27 -0.12 27.24
N ASN F 261 -41.35 -0.87 27.85
CA ASN F 261 -40.67 -0.42 29.06
C ASN F 261 -40.29 1.09 29.05
N ARG F 262 -40.25 1.67 27.85
CA ARG F 262 -39.95 3.09 27.62
C ARG F 262 -41.12 4.08 27.80
N LEU F 263 -42.28 3.59 28.22
CA LEU F 263 -43.39 4.50 28.47
C LEU F 263 -43.49 4.92 29.94
N ALA F 264 -42.40 4.84 30.67
CA ALA F 264 -42.42 5.00 32.13
C ALA F 264 -42.10 6.43 32.56
N ALA F 265 -41.24 7.09 31.79
CA ALA F 265 -40.61 8.37 32.15
C ALA F 265 -41.09 9.61 31.36
N ASP F 266 -41.93 9.43 30.35
CA ASP F 266 -42.60 10.56 29.67
C ASP F 266 -44.01 10.65 30.22
N PRO F 267 -44.28 11.66 31.09
CA PRO F 267 -45.44 11.71 32.00
C PRO F 267 -46.78 11.31 31.36
N VAL F 268 -46.98 11.77 30.13
CA VAL F 268 -48.18 11.43 29.34
C VAL F 268 -48.28 9.92 29.03
N LEU F 269 -47.13 9.30 28.73
CA LEU F 269 -47.04 7.90 28.28
C LEU F 269 -47.02 6.95 29.45
N SER F 270 -46.70 7.47 30.62
CA SER F 270 -46.88 6.70 31.82
C SER F 270 -48.38 6.47 32.05
N GLY F 271 -49.18 7.53 31.89
CA GLY F 271 -50.62 7.46 32.09
C GLY F 271 -51.28 6.47 31.13
N LEU F 272 -51.09 6.73 29.84
CA LEU F 272 -51.67 5.90 28.80
C LEU F 272 -51.32 4.43 29.03
N ALA F 273 -50.08 4.16 29.40
CA ALA F 273 -49.62 2.79 29.66
C ALA F 273 -50.44 2.14 30.76
N GLN F 274 -50.67 2.88 31.85
CA GLN F 274 -51.43 2.37 32.99
C GLN F 274 -52.90 2.16 32.60
N MET F 275 -53.45 3.07 31.81
CA MET F 275 -54.83 2.93 31.33
C MET F 275 -55.00 1.74 30.38
N MET F 276 -53.97 1.49 29.57
CA MET F 276 -53.92 0.30 28.72
C MET F 276 -54.07 -0.96 29.57
N ARG F 277 -53.25 -1.06 30.61
CA ARG F 277 -53.28 -2.21 31.52
C ARG F 277 -54.68 -2.48 32.10
N GLU F 278 -55.39 -1.41 32.42
CA GLU F 278 -56.70 -1.51 33.07
C GLU F 278 -57.86 -1.65 32.10
N CYS F 279 -57.55 -1.60 30.81
CA CYS F 279 -58.50 -1.95 29.76
C CYS F 279 -58.44 -3.44 29.46
N TRP F 280 -57.36 -4.10 29.85
CA TRP F 280 -57.08 -5.48 29.42
C TRP F 280 -57.22 -6.53 30.55
N TYR F 281 -57.81 -6.15 31.67
CA TYR F 281 -58.11 -7.11 32.73
C TYR F 281 -59.04 -8.22 32.16
N PRO F 282 -58.68 -9.50 32.37
CA PRO F 282 -59.48 -10.63 31.87
C PRO F 282 -60.93 -10.64 32.35
N ASN F 283 -61.14 -10.27 33.62
CA ASN F 283 -62.50 -10.13 34.17
C ASN F 283 -63.05 -8.76 33.75
N PRO F 284 -64.02 -8.74 32.81
CA PRO F 284 -64.54 -7.53 32.17
C PRO F 284 -64.96 -6.41 33.12
N SER F 285 -65.53 -6.76 34.26
CA SER F 285 -66.05 -5.76 35.20
C SER F 285 -64.94 -5.03 35.98
N ALA F 286 -63.72 -5.56 35.94
CA ALA F 286 -62.57 -4.91 36.57
C ALA F 286 -62.03 -3.74 35.72
N ARG F 287 -62.48 -3.63 34.48
CA ARG F 287 -61.94 -2.64 33.54
C ARG F 287 -62.46 -1.24 33.82
N LEU F 288 -61.69 -0.25 33.40
CA LEU F 288 -62.11 1.14 33.52
C LEU F 288 -63.29 1.39 32.61
N THR F 289 -64.12 2.36 32.98
CA THR F 289 -65.20 2.82 32.13
C THR F 289 -64.63 3.90 31.22
N ALA F 290 -65.35 4.22 30.15
CA ALA F 290 -64.93 5.25 29.20
C ALA F 290 -64.87 6.61 29.89
N LEU F 291 -65.81 6.88 30.78
CA LEU F 291 -65.87 8.12 31.55
C LEU F 291 -64.61 8.28 32.41
N ARG F 292 -64.23 7.21 33.09
CA ARG F 292 -63.04 7.21 33.95
C ARG F 292 -61.76 7.45 33.13
N ILE F 293 -61.70 6.84 31.95
CA ILE F 293 -60.55 7.01 31.06
C ILE F 293 -60.49 8.46 30.61
N LYS F 294 -61.61 8.98 30.09
CA LYS F 294 -61.71 10.39 29.73
C LYS F 294 -61.14 11.28 30.85
N LYS F 295 -61.68 11.10 32.07
CA LYS F 295 -61.29 11.94 33.20
C LYS F 295 -59.80 11.86 33.51
N THR F 296 -59.26 10.65 33.57
CA THR F 296 -57.83 10.47 33.86
C THR F 296 -56.95 11.23 32.87
N LEU F 297 -57.29 11.19 31.57
CA LEU F 297 -56.46 11.84 30.54
C LEU F 297 -56.49 13.38 30.56
N GLN F 298 -57.50 13.99 31.20
CA GLN F 298 -57.56 15.47 31.32
C GLN F 298 -56.69 16.01 32.44
N LYS F 299 -56.57 15.26 33.53
CA LYS F 299 -55.70 15.66 34.63
C LYS F 299 -54.30 15.95 34.10
N ILE F 300 -53.76 15.02 33.29
CA ILE F 300 -52.37 15.12 32.80
C ILE F 300 -52.13 16.49 32.15
N SER F 301 -53.19 17.05 31.56
CA SER F 301 -53.11 18.27 30.74
C SER F 301 -53.25 19.56 31.57
N MET G 2 16.80 -76.93 -23.96
CA MET G 2 15.60 -77.70 -24.41
C MET G 2 14.45 -76.74 -24.80
N GLN G 3 13.86 -76.07 -23.81
CA GLN G 3 12.81 -75.10 -24.08
C GLN G 3 13.30 -74.04 -25.11
N ARG G 4 14.51 -73.55 -24.93
CA ARG G 4 15.15 -72.71 -25.94
C ARG G 4 14.72 -73.02 -27.39
N THR G 5 14.96 -74.26 -27.84
CA THR G 5 14.89 -74.61 -29.27
C THR G 5 13.52 -75.17 -29.72
N VAL G 6 12.48 -74.43 -29.34
CA VAL G 6 11.15 -74.57 -29.90
C VAL G 6 10.80 -73.27 -30.66
N ALA G 7 11.04 -72.15 -29.99
CA ALA G 7 10.70 -70.84 -30.53
C ALA G 7 11.54 -70.49 -31.76
N ARG G 8 12.74 -71.07 -31.86
CA ARG G 8 13.51 -70.96 -33.10
C ARG G 8 12.86 -71.78 -34.20
N GLN G 9 12.32 -72.94 -33.82
CA GLN G 9 11.65 -73.83 -34.80
C GLN G 9 10.17 -73.49 -35.06
N VAL G 10 9.51 -72.81 -34.12
CA VAL G 10 8.09 -72.48 -34.28
C VAL G 10 7.87 -71.60 -35.50
N ALA G 11 6.94 -72.02 -36.36
CA ALA G 11 6.49 -71.22 -37.49
C ALA G 11 5.16 -70.58 -37.15
N LEU G 12 5.04 -69.27 -37.39
CA LEU G 12 3.80 -68.55 -37.12
C LEU G 12 2.89 -68.65 -38.32
N VAL G 13 1.62 -69.02 -38.10
CA VAL G 13 0.70 -69.24 -39.21
C VAL G 13 -0.42 -68.21 -39.27
N GLU G 14 -1.12 -68.00 -38.16
CA GLU G 14 -2.28 -67.14 -38.13
C GLU G 14 -2.32 -66.31 -36.85
N CYS G 15 -2.60 -65.01 -36.98
CA CYS G 15 -2.82 -64.12 -35.84
C CYS G 15 -4.27 -64.23 -35.40
N VAL G 16 -4.49 -64.73 -34.19
CA VAL G 16 -5.84 -64.98 -33.69
C VAL G 16 -6.29 -63.96 -32.63
N GLY G 17 -5.40 -63.03 -32.28
CA GLY G 17 -5.71 -62.00 -31.27
C GLY G 17 -4.76 -60.83 -31.34
N LYS G 18 -5.27 -59.66 -30.97
CA LYS G 18 -4.49 -58.42 -30.94
C LYS G 18 -5.08 -57.45 -29.91
N GLY G 19 -4.22 -56.72 -29.21
CA GLY G 19 -4.67 -55.79 -28.16
C GLY G 19 -3.52 -55.04 -27.49
N ARG G 20 -3.80 -54.41 -26.36
CA ARG G 20 -2.80 -53.61 -25.64
C ARG G 20 -1.76 -54.49 -25.00
N TYR G 21 -2.12 -55.74 -24.76
CA TYR G 21 -1.19 -56.74 -24.23
C TYR G 21 -0.15 -57.21 -25.24
N GLY G 22 -0.46 -57.03 -26.54
CA GLY G 22 0.39 -57.50 -27.63
C GLY G 22 -0.43 -58.26 -28.65
N GLU G 23 0.03 -59.43 -29.06
CA GLU G 23 -0.67 -60.27 -30.05
C GLU G 23 -0.51 -61.73 -29.70
N VAL G 24 -1.51 -62.54 -30.01
CA VAL G 24 -1.41 -63.98 -29.89
C VAL G 24 -1.55 -64.58 -31.26
N TRP G 25 -0.64 -65.50 -31.60
CA TRP G 25 -0.59 -66.17 -32.91
C TRP G 25 -0.75 -67.66 -32.75
N ARG G 26 -1.36 -68.33 -33.73
CA ARG G 26 -1.33 -69.77 -33.81
C ARG G 26 -0.05 -70.15 -34.53
N GLY G 27 0.70 -71.08 -33.94
CA GLY G 27 1.98 -71.51 -34.51
C GLY G 27 2.06 -73.02 -34.65
N LEU G 28 2.90 -73.45 -35.57
CA LEU G 28 3.11 -74.87 -35.82
C LEU G 28 4.52 -75.23 -35.32
N TRP G 29 4.59 -76.26 -34.47
CA TRP G 29 5.86 -76.84 -34.05
C TRP G 29 5.78 -78.36 -34.18
N HIS G 30 6.66 -78.89 -35.03
CA HIS G 30 6.71 -80.33 -35.30
C HIS G 30 5.33 -80.92 -35.37
N GLY G 31 4.52 -80.40 -36.29
CA GLY G 31 3.19 -80.94 -36.55
C GLY G 31 2.07 -80.43 -35.67
N GLU G 32 2.36 -80.21 -34.37
CA GLU G 32 1.34 -79.79 -33.41
C GLU G 32 1.14 -78.28 -33.45
N SER G 33 0.03 -77.83 -32.88
CA SER G 33 -0.29 -76.40 -32.80
C SER G 33 0.09 -75.82 -31.44
N VAL G 34 0.72 -74.64 -31.47
CA VAL G 34 1.04 -73.93 -30.24
C VAL G 34 0.53 -72.51 -30.34
N ALA G 35 0.32 -71.88 -29.18
CA ALA G 35 0.01 -70.44 -29.10
C ALA G 35 1.29 -69.69 -28.82
N VAL G 36 1.53 -68.63 -29.57
CA VAL G 36 2.70 -67.76 -29.36
C VAL G 36 2.23 -66.34 -29.05
N LYS G 37 2.31 -65.94 -27.78
CA LYS G 37 1.98 -64.57 -27.35
C LYS G 37 3.20 -63.69 -27.48
N ILE G 38 3.16 -62.73 -28.40
CA ILE G 38 4.22 -61.72 -28.56
C ILE G 38 3.77 -60.49 -27.79
N PHE G 39 4.54 -60.13 -26.76
CA PHE G 39 4.14 -59.05 -25.85
C PHE G 39 4.47 -57.68 -26.43
N SER G 40 3.65 -56.69 -26.09
CA SER G 40 3.93 -55.29 -26.46
C SER G 40 4.91 -54.70 -25.49
N SER G 41 5.58 -53.65 -25.92
CA SER G 41 6.58 -53.00 -25.12
C SER G 41 6.02 -52.40 -23.85
N ARG G 42 4.78 -51.96 -23.88
CA ARG G 42 4.11 -51.46 -22.67
C ARG G 42 3.77 -52.54 -21.63
N ASP G 43 3.98 -53.83 -21.96
CA ASP G 43 3.59 -54.93 -21.08
C ASP G 43 4.73 -55.92 -20.83
N GLU G 44 5.96 -55.48 -21.03
CA GLU G 44 7.14 -56.32 -20.81
C GLU G 44 7.20 -56.95 -19.42
N GLN G 45 6.71 -56.24 -18.42
CA GLN G 45 6.76 -56.73 -17.04
C GLN G 45 5.81 -57.91 -16.81
N SER G 46 4.75 -58.01 -17.62
CA SER G 46 3.84 -59.17 -17.56
C SER G 46 4.55 -60.43 -18.07
N TRP G 47 5.28 -60.29 -19.16
CA TRP G 47 6.10 -61.38 -19.70
C TRP G 47 7.12 -61.90 -18.68
N PHE G 48 7.72 -60.96 -17.93
CA PHE G 48 8.72 -61.29 -16.94
C PHE G 48 8.13 -62.12 -15.81
N ARG G 49 7.03 -61.61 -15.25
CA ARG G 49 6.34 -62.24 -14.14
C ARG G 49 5.85 -63.62 -14.54
N GLU G 50 5.31 -63.70 -15.74
CA GLU G 50 4.73 -64.94 -16.23
C GLU G 50 5.83 -65.93 -16.51
N THR G 51 6.97 -65.46 -17.01
CA THR G 51 8.13 -66.31 -17.22
C THR G 51 8.74 -66.81 -15.91
N GLU G 52 8.82 -65.94 -14.91
CA GLU G 52 9.34 -66.28 -13.61
C GLU G 52 8.49 -67.38 -13.01
N ILE G 53 7.16 -67.17 -12.94
CA ILE G 53 6.22 -68.09 -12.32
C ILE G 53 6.25 -69.46 -13.01
N TYR G 54 6.20 -69.47 -14.33
CA TYR G 54 6.13 -70.72 -15.07
C TYR G 54 7.44 -71.53 -14.99
N ASN G 55 8.57 -70.87 -14.80
CA ASN G 55 9.86 -71.55 -14.64
C ASN G 55 10.15 -71.96 -13.20
N THR G 56 9.41 -71.37 -12.26
CA THR G 56 9.75 -71.43 -10.83
C THR G 56 8.79 -72.23 -9.98
N VAL G 57 7.51 -72.28 -10.38
CA VAL G 57 6.45 -72.90 -9.61
C VAL G 57 5.92 -74.13 -10.36
N LEU G 58 5.85 -75.26 -9.65
CA LEU G 58 5.30 -76.48 -10.20
C LEU G 58 3.79 -76.28 -10.26
N LEU G 59 3.30 -75.93 -11.45
CA LEU G 59 1.93 -75.45 -11.64
C LEU G 59 1.07 -76.26 -12.59
N ARG G 60 1.66 -77.21 -13.33
CA ARG G 60 0.93 -78.00 -14.30
C ARG G 60 -0.38 -78.47 -13.71
N HIS G 61 -1.47 -78.31 -14.47
CA HIS G 61 -2.81 -78.74 -14.08
C HIS G 61 -3.72 -78.66 -15.31
N ASP G 62 -4.63 -79.59 -15.45
CA ASP G 62 -5.53 -79.59 -16.58
C ASP G 62 -6.23 -78.27 -16.79
N ASN G 63 -6.53 -77.57 -15.71
CA ASN G 63 -7.30 -76.32 -15.76
C ASN G 63 -6.44 -75.06 -15.60
N ILE G 64 -5.19 -75.15 -16.02
CA ILE G 64 -4.28 -74.03 -16.12
C ILE G 64 -3.53 -74.18 -17.46
N LEU G 65 -3.36 -73.07 -18.16
CA LEU G 65 -2.77 -73.11 -19.52
C LEU G 65 -1.37 -73.68 -19.42
N GLY G 66 -1.12 -74.67 -20.26
CA GLY G 66 0.16 -75.31 -20.32
C GLY G 66 1.24 -74.43 -20.92
N PHE G 67 2.40 -74.45 -20.26
CA PHE G 67 3.56 -73.70 -20.65
C PHE G 67 4.50 -74.58 -21.47
N ILE G 68 5.02 -74.02 -22.55
CA ILE G 68 6.02 -74.70 -23.36
C ILE G 68 7.37 -74.03 -23.29
N ALA G 69 7.42 -72.72 -23.52
CA ALA G 69 8.67 -71.99 -23.56
C ALA G 69 8.48 -70.48 -23.42
N SER G 70 9.58 -69.80 -23.08
CA SER G 70 9.65 -68.36 -23.02
C SER G 70 10.97 -67.93 -23.68
N ASP G 71 10.91 -66.90 -24.54
CA ASP G 71 12.09 -66.51 -25.28
C ASP G 71 12.15 -65.04 -25.49
N MET G 72 13.33 -64.63 -25.92
CA MET G 72 13.61 -63.27 -26.29
C MET G 72 14.36 -63.34 -27.63
N THR G 73 13.66 -62.94 -28.71
CA THR G 73 14.20 -63.11 -30.07
C THR G 73 14.12 -61.84 -30.92
N GLN G 80 11.97 -58.29 -29.00
CA GLN G 80 10.63 -58.91 -28.80
C GLN G 80 10.63 -60.05 -27.81
N LEU G 81 9.59 -60.10 -26.97
CA LEU G 81 9.44 -61.10 -25.90
C LEU G 81 8.35 -62.08 -26.27
N TRP G 82 8.62 -63.38 -26.22
CA TRP G 82 7.62 -64.41 -26.58
C TRP G 82 7.29 -65.30 -25.40
N LEU G 83 6.03 -65.75 -25.34
CA LEU G 83 5.58 -66.80 -24.46
C LEU G 83 4.89 -67.80 -25.34
N ILE G 84 5.38 -69.05 -25.35
CA ILE G 84 4.77 -70.12 -26.15
C ILE G 84 4.06 -71.11 -25.22
N THR G 85 2.81 -71.44 -25.54
CA THR G 85 1.96 -72.29 -24.69
C THR G 85 1.14 -73.24 -25.53
N HIS G 86 0.40 -74.14 -24.91
CA HIS G 86 -0.58 -74.96 -25.65
C HIS G 86 -1.54 -74.06 -26.39
N TYR G 87 -2.10 -74.56 -27.49
CA TYR G 87 -3.08 -73.80 -28.27
C TYR G 87 -4.43 -74.43 -28.14
N HIS G 88 -5.46 -73.62 -27.94
CA HIS G 88 -6.85 -74.08 -27.85
C HIS G 88 -7.69 -73.38 -28.87
N GLU G 89 -8.22 -74.17 -29.81
CA GLU G 89 -8.94 -73.67 -30.98
C GLU G 89 -10.13 -72.78 -30.65
N HIS G 90 -10.90 -73.17 -29.64
CA HIS G 90 -12.14 -72.44 -29.30
C HIS G 90 -11.85 -71.02 -28.84
N GLY G 91 -10.60 -70.76 -28.50
CA GLY G 91 -10.18 -69.45 -28.01
C GLY G 91 -10.58 -69.30 -26.56
N SER G 92 -10.78 -68.05 -26.14
CA SER G 92 -11.22 -67.75 -24.78
C SER G 92 -12.71 -68.02 -24.56
N LEU G 93 -13.11 -68.01 -23.27
CA LEU G 93 -14.47 -68.16 -22.85
C LEU G 93 -15.28 -67.01 -23.44
N TYR G 94 -14.68 -65.84 -23.48
CA TYR G 94 -15.30 -64.69 -24.14
C TYR G 94 -15.68 -65.04 -25.56
N ASP G 95 -14.69 -65.54 -26.31
CA ASP G 95 -14.90 -65.95 -27.69
C ASP G 95 -15.97 -67.04 -27.83
N PHE G 96 -15.92 -68.06 -26.97
CA PHE G 96 -16.81 -69.22 -27.03
C PHE G 96 -18.24 -68.78 -26.76
N LEU G 97 -18.42 -68.01 -25.69
CA LEU G 97 -19.73 -67.50 -25.31
C LEU G 97 -20.30 -66.53 -26.34
N GLN G 98 -19.44 -65.93 -27.16
CA GLN G 98 -19.89 -65.06 -28.24
C GLN G 98 -20.72 -65.83 -29.25
N ARG G 99 -20.18 -66.96 -29.73
CA ARG G 99 -20.82 -67.74 -30.81
C ARG G 99 -21.73 -68.85 -30.34
N GLN G 100 -21.44 -69.47 -29.20
CA GLN G 100 -22.11 -70.69 -28.77
C GLN G 100 -23.08 -70.43 -27.63
N THR G 101 -24.18 -71.15 -27.64
CA THR G 101 -25.17 -71.14 -26.56
C THR G 101 -24.94 -72.40 -25.76
N LEU G 102 -25.31 -72.39 -24.48
CA LEU G 102 -24.94 -73.48 -23.57
C LEU G 102 -26.16 -74.21 -23.03
N GLU G 103 -26.20 -75.51 -23.24
CA GLU G 103 -27.09 -76.42 -22.49
C GLU G 103 -26.68 -76.34 -21.01
N PRO G 104 -27.62 -76.46 -20.07
CA PRO G 104 -27.27 -76.39 -18.65
C PRO G 104 -26.11 -77.28 -18.23
N HIS G 105 -26.03 -78.51 -18.75
CA HIS G 105 -24.92 -79.44 -18.47
C HIS G 105 -23.59 -78.80 -18.84
N LEU G 106 -23.55 -78.17 -20.00
CA LEU G 106 -22.32 -77.57 -20.51
C LEU G 106 -21.93 -76.35 -19.68
N ALA G 107 -22.94 -75.56 -19.29
CA ALA G 107 -22.70 -74.40 -18.43
C ALA G 107 -21.99 -74.83 -17.13
N LEU G 108 -22.44 -75.94 -16.55
CA LEU G 108 -21.86 -76.44 -15.30
C LEU G 108 -20.46 -76.98 -15.53
N ARG G 109 -20.22 -77.59 -16.66
CA ARG G 109 -18.91 -78.14 -16.95
C ARG G 109 -17.85 -77.04 -17.04
N LEU G 110 -18.17 -75.98 -17.77
CA LEU G 110 -17.29 -74.83 -17.86
C LEU G 110 -17.13 -74.19 -16.51
N ALA G 111 -18.21 -74.06 -15.75
CA ALA G 111 -18.18 -73.42 -14.45
C ALA G 111 -17.35 -74.25 -13.47
N VAL G 112 -17.54 -75.57 -13.47
CA VAL G 112 -16.81 -76.41 -12.50
C VAL G 112 -15.31 -76.42 -12.79
N SER G 113 -14.96 -76.53 -14.07
CA SER G 113 -13.59 -76.63 -14.49
C SER G 113 -12.83 -75.34 -14.26
N ALA G 114 -13.47 -74.20 -14.51
CA ALA G 114 -12.86 -72.91 -14.17
C ALA G 114 -12.62 -72.83 -12.68
N ALA G 115 -13.59 -73.29 -11.89
CA ALA G 115 -13.44 -73.30 -10.42
C ALA G 115 -12.28 -74.19 -9.98
N CYS G 116 -12.06 -75.30 -10.68
CA CYS G 116 -10.93 -76.17 -10.33
C CYS G 116 -9.64 -75.40 -10.56
N GLY G 117 -9.54 -74.73 -11.69
CA GLY G 117 -8.39 -73.93 -11.99
C GLY G 117 -8.07 -72.97 -10.86
N LEU G 118 -9.05 -72.12 -10.49
CA LEU G 118 -8.86 -71.07 -9.49
C LEU G 118 -8.56 -71.64 -8.11
N ALA G 119 -9.21 -72.72 -7.72
CA ALA G 119 -8.91 -73.37 -6.42
C ALA G 119 -7.46 -73.85 -6.38
N HIS G 120 -6.99 -74.39 -7.52
CA HIS G 120 -5.65 -74.91 -7.61
C HIS G 120 -4.69 -73.76 -7.39
N LEU G 121 -4.96 -72.62 -8.00
CA LEU G 121 -4.14 -71.45 -7.87
C LEU G 121 -4.09 -70.99 -6.44
N HIS G 122 -5.24 -70.88 -5.83
CA HIS G 122 -5.36 -70.31 -4.49
C HIS G 122 -4.79 -71.19 -3.37
N VAL G 123 -4.91 -72.51 -3.49
CA VAL G 123 -4.57 -73.42 -2.39
C VAL G 123 -3.10 -73.73 -2.44
N GLU G 124 -2.42 -73.54 -1.30
CA GLU G 124 -1.01 -73.86 -1.14
C GLU G 124 -0.87 -75.36 -1.06
N ILE G 125 0.09 -75.92 -1.80
CA ILE G 125 0.42 -77.33 -1.62
C ILE G 125 1.72 -77.38 -0.92
N PHE G 126 1.75 -78.22 0.09
CA PHE G 126 2.82 -78.29 1.03
C PHE G 126 3.69 -79.48 0.67
N GLY G 127 5.00 -79.33 0.90
CA GLY G 127 5.98 -80.35 0.60
C GLY G 127 7.10 -79.79 -0.24
N THR G 128 8.16 -80.59 -0.39
CA THR G 128 9.17 -80.34 -1.41
C THR G 128 8.44 -79.80 -2.63
N GLN G 129 7.68 -80.72 -3.25
CA GLN G 129 7.21 -80.54 -4.59
C GLN G 129 5.86 -79.88 -4.45
N GLY G 130 5.85 -78.84 -3.62
CA GLY G 130 4.68 -78.17 -3.16
C GLY G 130 4.50 -77.02 -4.08
N LYS G 131 3.67 -76.05 -3.69
CA LYS G 131 3.47 -74.85 -4.49
C LYS G 131 2.82 -73.75 -3.70
N PRO G 132 3.38 -72.53 -3.80
CA PRO G 132 2.78 -71.53 -2.96
C PRO G 132 1.34 -71.20 -3.38
N ALA G 133 0.60 -70.50 -2.51
CA ALA G 133 -0.73 -70.01 -2.85
C ALA G 133 -0.56 -68.89 -3.87
N ILE G 134 -1.36 -68.89 -4.93
CA ILE G 134 -1.24 -67.88 -6.00
C ILE G 134 -2.60 -67.22 -6.26
N ALA G 135 -2.61 -65.89 -6.31
CA ALA G 135 -3.82 -65.12 -6.68
C ALA G 135 -3.62 -64.47 -8.03
N HIS G 136 -4.65 -64.53 -8.89
CA HIS G 136 -4.54 -64.13 -10.33
C HIS G 136 -4.42 -62.62 -10.48
N ARG G 137 -5.41 -61.90 -9.96
CA ARG G 137 -5.47 -60.43 -9.97
C ARG G 137 -5.95 -59.82 -11.30
N ASP G 138 -6.20 -60.67 -12.32
CA ASP G 138 -6.89 -60.25 -13.57
C ASP G 138 -7.76 -61.38 -14.11
N PHE G 139 -8.60 -61.95 -13.25
CA PHE G 139 -9.49 -63.02 -13.65
C PHE G 139 -10.68 -62.44 -14.41
N LYS G 140 -10.85 -62.88 -15.65
CA LYS G 140 -11.91 -62.46 -16.54
C LYS G 140 -12.12 -63.50 -17.64
N SER G 141 -13.22 -63.39 -18.39
CA SER G 141 -13.57 -64.41 -19.37
C SER G 141 -12.56 -64.47 -20.50
N ARG G 142 -11.91 -63.35 -20.75
CA ARG G 142 -10.86 -63.29 -21.77
C ARG G 142 -9.56 -64.00 -21.38
N ASN G 143 -9.38 -64.23 -20.08
CA ASN G 143 -8.21 -64.96 -19.56
C ASN G 143 -8.51 -66.39 -19.15
N VAL G 144 -9.61 -66.94 -19.68
CA VAL G 144 -9.93 -68.36 -19.48
C VAL G 144 -10.11 -68.93 -20.86
N LEU G 145 -9.46 -70.04 -21.15
CA LEU G 145 -9.59 -70.66 -22.47
C LEU G 145 -10.56 -71.82 -22.42
N VAL G 146 -11.15 -72.19 -23.55
CA VAL G 146 -11.97 -73.38 -23.60
C VAL G 146 -11.29 -74.47 -24.43
N LYS G 147 -11.04 -75.60 -23.79
CA LYS G 147 -10.37 -76.73 -24.44
C LYS G 147 -11.32 -77.54 -25.36
N SER G 148 -10.73 -78.48 -26.09
CA SER G 148 -11.45 -79.41 -26.96
C SER G 148 -12.52 -80.19 -26.23
N ASN G 149 -12.21 -80.62 -25.01
CA ASN G 149 -13.19 -81.37 -24.20
C ASN G 149 -14.13 -80.46 -23.42
N LEU G 150 -14.26 -79.22 -23.91
CA LEU G 150 -15.15 -78.22 -23.34
C LEU G 150 -14.95 -78.08 -21.83
N GLN G 151 -13.72 -78.15 -21.38
CA GLN G 151 -13.35 -77.75 -20.01
C GLN G 151 -12.51 -76.48 -20.11
N CYS G 152 -12.55 -75.65 -19.08
CA CYS G 152 -11.76 -74.42 -19.09
C CYS G 152 -10.33 -74.65 -18.60
N CYS G 153 -9.45 -73.73 -18.93
CA CYS G 153 -8.19 -73.59 -18.20
C CYS G 153 -7.85 -72.12 -18.13
N ILE G 154 -7.29 -71.72 -17.01
CA ILE G 154 -6.91 -70.31 -16.75
C ILE G 154 -5.58 -69.91 -17.38
N ALA G 155 -5.51 -68.70 -17.92
CA ALA G 155 -4.27 -68.16 -18.50
C ALA G 155 -3.94 -66.81 -17.90
N ASP G 156 -2.82 -66.26 -18.36
CA ASP G 156 -2.34 -64.91 -18.04
C ASP G 156 -1.98 -64.73 -16.58
N LEU G 157 -0.77 -65.14 -16.21
CA LEU G 157 -0.32 -65.03 -14.82
C LEU G 157 0.54 -63.76 -14.60
N GLY G 158 0.42 -62.83 -15.53
CA GLY G 158 1.29 -61.67 -15.56
C GLY G 158 1.25 -60.79 -14.34
N LEU G 159 0.10 -60.81 -13.64
CA LEU G 159 -0.11 -59.95 -12.45
C LEU G 159 -0.16 -60.78 -11.19
N ALA G 160 0.14 -62.05 -11.26
CA ALA G 160 -0.12 -62.93 -10.15
C ALA G 160 0.71 -62.53 -8.93
N VAL G 161 0.20 -62.82 -7.73
CA VAL G 161 0.92 -62.61 -6.46
C VAL G 161 0.88 -63.90 -5.65
N MET G 162 1.87 -64.15 -4.79
CA MET G 162 1.98 -65.48 -4.22
C MET G 162 2.26 -65.41 -2.74
N HIS G 163 2.07 -66.51 -2.06
CA HIS G 163 2.26 -66.50 -0.64
C HIS G 163 2.34 -67.90 -0.11
N SER G 164 3.29 -68.15 0.78
CA SER G 164 3.47 -69.45 1.41
C SER G 164 3.24 -69.25 2.88
N GLN G 165 2.32 -69.99 3.48
CA GLN G 165 2.34 -70.10 4.91
C GLN G 165 3.78 -70.52 5.32
N GLY G 166 4.52 -71.18 4.43
CA GLY G 166 5.92 -71.54 4.69
C GLY G 166 6.94 -70.39 4.74
N SER G 167 6.46 -69.16 4.61
CA SER G 167 7.28 -67.94 4.60
C SER G 167 6.38 -66.76 4.31
N ASP G 168 5.67 -66.30 5.34
CA ASP G 168 4.46 -65.46 5.17
C ASP G 168 4.78 -64.03 4.65
N TYR G 169 5.34 -64.03 3.44
CA TYR G 169 5.92 -62.84 2.76
C TYR G 169 5.05 -62.68 1.52
N LEU G 170 5.09 -61.49 0.86
CA LEU G 170 4.18 -61.21 -0.30
C LEU G 170 4.93 -61.09 -1.59
N ASP G 171 5.10 -62.19 -2.30
CA ASP G 171 5.77 -62.17 -3.58
C ASP G 171 4.90 -61.52 -4.62
N ILE G 172 5.13 -60.24 -4.86
CA ILE G 172 4.56 -59.48 -6.01
C ILE G 172 5.67 -58.92 -6.93
N GLY G 173 5.43 -58.94 -8.22
CA GLY G 173 6.24 -58.22 -9.15
C GLY G 173 6.09 -56.71 -9.06
N ASN G 174 6.61 -56.05 -10.08
CA ASN G 174 6.74 -54.61 -10.17
C ASN G 174 5.88 -53.99 -11.29
N ASN G 175 4.97 -54.77 -11.82
CA ASN G 175 4.11 -54.36 -12.95
C ASN G 175 3.22 -53.14 -12.67
N PRO G 176 3.26 -52.11 -13.53
CA PRO G 176 2.35 -50.95 -13.40
C PRO G 176 0.91 -51.27 -13.79
N ARG G 177 0.74 -52.30 -14.60
CA ARG G 177 -0.56 -52.72 -15.07
C ARG G 177 -1.47 -53.02 -13.89
N VAL G 178 -2.76 -52.74 -14.02
CA VAL G 178 -3.72 -53.08 -13.00
C VAL G 178 -4.74 -54.03 -13.60
N GLY G 179 -5.60 -54.58 -12.76
CA GLY G 179 -6.68 -55.45 -13.25
C GLY G 179 -7.50 -54.74 -14.31
N THR G 180 -8.18 -55.51 -15.16
CA THR G 180 -9.13 -54.95 -16.13
C THR G 180 -10.21 -54.25 -15.36
N LYS G 181 -10.50 -52.99 -15.71
CA LYS G 181 -11.41 -52.15 -14.89
C LYS G 181 -12.83 -52.71 -14.64
N ARG G 182 -13.43 -53.30 -15.68
CA ARG G 182 -14.80 -53.88 -15.58
C ARG G 182 -14.97 -54.90 -14.44
N TYR G 183 -13.87 -55.56 -14.05
CA TYR G 183 -13.91 -56.67 -13.12
C TYR G 183 -13.35 -56.35 -11.73
N MET G 184 -13.04 -55.09 -11.48
CA MET G 184 -12.48 -54.70 -10.21
C MET G 184 -13.49 -54.71 -9.11
N ALA G 185 -13.14 -55.29 -7.96
CA ALA G 185 -14.04 -55.39 -6.82
C ALA G 185 -14.26 -54.00 -6.22
N PRO G 186 -15.28 -53.85 -5.36
CA PRO G 186 -15.53 -52.56 -4.75
C PRO G 186 -14.33 -52.06 -4.02
N GLU G 187 -13.71 -52.95 -3.25
CA GLU G 187 -12.58 -52.59 -2.39
C GLU G 187 -11.33 -52.17 -3.18
N VAL G 188 -11.22 -52.55 -4.45
CA VAL G 188 -10.14 -52.06 -5.33
C VAL G 188 -10.48 -50.66 -5.90
N LEU G 189 -11.74 -50.46 -6.24
CA LEU G 189 -12.19 -49.17 -6.78
C LEU G 189 -12.28 -48.11 -5.68
N ASP G 190 -12.57 -48.54 -4.46
CA ASP G 190 -12.53 -47.66 -3.29
C ASP G 190 -11.11 -47.32 -2.88
N GLU G 191 -10.15 -48.15 -3.27
CA GLU G 191 -8.74 -48.06 -2.82
C GLU G 191 -8.70 -48.29 -1.30
N GLN G 192 -9.65 -49.07 -0.79
CA GLN G 192 -9.69 -49.40 0.64
C GLN G 192 -9.11 -50.78 0.91
N ILE G 193 -8.63 -51.47 -0.14
CA ILE G 193 -8.02 -52.80 0.02
C ILE G 193 -6.72 -52.72 0.75
N ARG G 194 -6.42 -53.72 1.58
CA ARG G 194 -5.12 -53.83 2.24
C ARG G 194 -4.10 -54.55 1.32
N THR G 195 -3.14 -53.83 0.70
CA THR G 195 -2.18 -54.41 -0.30
C THR G 195 -1.03 -55.26 0.24
N ASP G 196 -0.92 -55.35 1.56
CA ASP G 196 0.09 -56.23 2.21
C ASP G 196 -0.58 -57.47 2.85
N CYS G 197 -1.76 -57.84 2.36
CA CYS G 197 -2.47 -59.02 2.85
C CYS G 197 -2.83 -59.88 1.67
N PHE G 198 -2.38 -61.13 1.67
CA PHE G 198 -2.60 -62.03 0.53
C PHE G 198 -4.10 -62.42 0.37
N GLU G 199 -4.79 -62.64 1.49
CA GLU G 199 -6.18 -63.02 1.46
C GLU G 199 -7.02 -62.03 0.68
N SER G 200 -6.75 -60.75 0.84
CA SER G 200 -7.42 -59.70 0.04
C SER G 200 -7.41 -59.96 -1.46
N TYR G 201 -6.26 -60.32 -2.01
CA TYR G 201 -6.15 -60.53 -3.46
C TYR G 201 -6.99 -61.73 -3.90
N LYS G 202 -7.01 -62.76 -3.06
CA LYS G 202 -7.86 -63.90 -3.34
C LYS G 202 -9.33 -63.48 -3.45
N TRP G 203 -9.78 -62.62 -2.55
CA TRP G 203 -11.14 -62.18 -2.52
C TRP G 203 -11.52 -61.38 -3.75
N THR G 204 -10.55 -60.72 -4.38
CA THR G 204 -10.83 -59.97 -5.63
C THR G 204 -10.94 -60.91 -6.80
N ASP G 205 -10.17 -62.01 -6.77
CA ASP G 205 -10.33 -63.09 -7.74
C ASP G 205 -11.78 -63.57 -7.70
N ILE G 206 -12.30 -63.79 -6.50
CA ILE G 206 -13.61 -64.39 -6.31
C ILE G 206 -14.74 -63.49 -6.85
N TRP G 207 -14.70 -62.20 -6.51
CA TRP G 207 -15.57 -61.21 -7.13
C TRP G 207 -15.62 -61.43 -8.64
N ALA G 208 -14.46 -61.27 -9.27
CA ALA G 208 -14.30 -61.46 -10.71
C ALA G 208 -14.80 -62.79 -11.19
N PHE G 209 -14.69 -63.83 -10.37
CA PHE G 209 -15.19 -65.15 -10.73
C PHE G 209 -16.71 -65.15 -10.84
N GLY G 210 -17.37 -64.52 -9.87
CA GLY G 210 -18.81 -64.33 -9.88
C GLY G 210 -19.25 -63.70 -11.17
N LEU G 211 -18.52 -62.68 -11.62
CA LEU G 211 -18.85 -61.95 -12.84
C LEU G 211 -18.73 -62.85 -14.03
N VAL G 212 -17.74 -63.74 -14.02
CA VAL G 212 -17.63 -64.73 -15.09
C VAL G 212 -18.76 -65.75 -15.07
N LEU G 213 -19.24 -66.16 -13.89
CA LEU G 213 -20.39 -67.08 -13.81
C LEU G 213 -21.61 -66.46 -14.50
N TRP G 214 -21.90 -65.21 -14.15
CA TRP G 214 -22.98 -64.43 -14.79
C TRP G 214 -22.90 -64.53 -16.32
N GLU G 215 -21.70 -64.30 -16.86
CA GLU G 215 -21.48 -64.40 -18.31
C GLU G 215 -21.88 -65.77 -18.88
N ILE G 216 -21.51 -66.83 -18.16
CA ILE G 216 -21.90 -68.19 -18.53
C ILE G 216 -23.43 -68.35 -18.40
N ALA G 217 -23.98 -67.90 -17.28
CA ALA G 217 -25.41 -68.03 -16.97
C ALA G 217 -26.28 -67.37 -18.01
N ARG G 218 -25.96 -66.12 -18.35
CA ARG G 218 -26.66 -65.38 -19.39
C ARG G 218 -26.74 -66.12 -20.72
N ARG G 219 -25.76 -66.92 -21.01
CA ARG G 219 -25.65 -67.57 -22.30
C ARG G 219 -26.13 -69.02 -22.28
N THR G 220 -26.82 -69.38 -21.20
CA THR G 220 -27.33 -70.73 -21.03
C THR G 220 -28.82 -70.76 -21.33
N ILE G 221 -29.22 -71.76 -22.12
CA ILE G 221 -30.54 -71.84 -22.69
C ILE G 221 -31.50 -72.55 -21.75
N VAL G 222 -32.51 -71.82 -21.27
CA VAL G 222 -33.60 -72.36 -20.44
C VAL G 222 -34.93 -72.28 -21.18
N ASN G 223 -35.85 -73.18 -20.85
CA ASN G 223 -37.21 -73.31 -21.48
C ASN G 223 -37.24 -72.98 -22.98
N GLY G 224 -36.08 -73.10 -23.63
CA GLY G 224 -35.97 -72.90 -25.03
C GLY G 224 -35.21 -71.71 -25.57
N ILE G 225 -34.67 -70.84 -24.74
CA ILE G 225 -34.40 -69.47 -25.21
C ILE G 225 -33.14 -68.92 -24.55
N VAL G 226 -32.48 -67.94 -25.16
CA VAL G 226 -31.17 -67.52 -24.71
C VAL G 226 -30.87 -66.09 -25.02
N GLU G 227 -30.32 -65.34 -24.05
CA GLU G 227 -29.94 -63.97 -24.33
C GLU G 227 -28.67 -63.96 -25.17
N ASP G 228 -28.50 -62.92 -25.97
CA ASP G 228 -27.26 -62.72 -26.70
C ASP G 228 -26.21 -62.32 -25.69
N TYR G 229 -24.94 -62.56 -26.01
CA TYR G 229 -23.83 -62.27 -25.11
C TYR G 229 -23.75 -60.80 -24.78
N ARG G 230 -23.58 -60.47 -23.51
CA ARG G 230 -23.19 -59.14 -23.05
C ARG G 230 -22.15 -59.23 -21.92
N PRO G 231 -21.24 -58.24 -21.82
CA PRO G 231 -20.28 -58.29 -20.74
C PRO G 231 -20.95 -57.85 -19.43
N PRO G 232 -20.32 -58.13 -18.28
CA PRO G 232 -20.85 -57.63 -17.01
C PRO G 232 -20.92 -56.13 -17.00
N PHE G 233 -21.98 -55.60 -16.40
CA PHE G 233 -22.27 -54.17 -16.37
C PHE G 233 -22.48 -53.52 -17.73
N TYR G 234 -22.87 -54.30 -18.76
CA TYR G 234 -23.18 -53.76 -20.10
C TYR G 234 -24.19 -52.62 -20.07
N ASP G 235 -25.08 -52.66 -19.09
CA ASP G 235 -26.25 -51.77 -19.07
C ASP G 235 -26.03 -50.50 -18.28
N VAL G 236 -24.88 -50.41 -17.61
CA VAL G 236 -24.61 -49.25 -16.75
C VAL G 236 -23.28 -48.52 -17.08
N VAL G 237 -22.42 -49.13 -17.91
CA VAL G 237 -21.16 -48.48 -18.27
C VAL G 237 -20.84 -48.63 -19.77
N PRO G 238 -20.05 -47.68 -20.33
CA PRO G 238 -19.66 -47.75 -21.75
C PRO G 238 -18.72 -48.94 -22.01
N ASN G 239 -18.45 -49.31 -23.27
CA ASN G 239 -17.48 -50.39 -23.54
C ASN G 239 -16.08 -50.24 -22.88
N ASP G 240 -15.66 -49.00 -22.61
CA ASP G 240 -14.29 -48.73 -22.22
C ASP G 240 -14.20 -48.36 -20.75
N PRO G 241 -15.05 -48.99 -19.93
CA PRO G 241 -15.45 -48.42 -18.65
C PRO G 241 -14.25 -47.79 -17.98
N SER G 242 -14.33 -46.49 -17.72
CA SER G 242 -13.26 -45.80 -17.04
C SER G 242 -13.23 -46.20 -15.58
N PHE G 243 -12.06 -46.20 -14.97
CA PHE G 243 -11.96 -46.36 -13.55
C PHE G 243 -13.16 -45.68 -12.93
N GLU G 244 -13.25 -44.37 -13.15
CA GLU G 244 -14.25 -43.54 -12.46
C GLU G 244 -15.68 -44.06 -12.80
N ASP G 245 -15.86 -44.52 -14.03
CA ASP G 245 -17.13 -45.11 -14.44
C ASP G 245 -17.47 -46.27 -13.51
N MET G 246 -16.47 -47.12 -13.25
CA MET G 246 -16.69 -48.31 -12.43
C MET G 246 -16.87 -47.94 -10.98
N LYS G 247 -16.03 -47.04 -10.48
CA LYS G 247 -16.13 -46.55 -9.09
C LYS G 247 -17.56 -46.05 -8.78
N LYS G 248 -18.15 -45.28 -9.70
CA LYS G 248 -19.53 -44.80 -9.54
C LYS G 248 -20.55 -45.95 -9.48
N VAL G 249 -20.43 -46.88 -10.41
CA VAL G 249 -21.39 -47.99 -10.54
C VAL G 249 -21.27 -49.01 -9.41
N VAL G 250 -20.04 -49.43 -9.11
CA VAL G 250 -19.80 -50.49 -8.15
C VAL G 250 -19.78 -50.00 -6.72
N CYS G 251 -19.23 -48.82 -6.47
CA CYS G 251 -19.07 -48.32 -5.11
C CYS G 251 -20.16 -47.35 -4.70
N VAL G 252 -20.38 -46.29 -5.49
CA VAL G 252 -21.39 -45.29 -5.15
C VAL G 252 -22.80 -45.85 -5.31
N ASP G 253 -23.10 -46.41 -6.48
CA ASP G 253 -24.44 -46.95 -6.75
C ASP G 253 -24.63 -48.38 -6.20
N GLN G 254 -23.54 -48.98 -5.71
CA GLN G 254 -23.61 -50.32 -5.08
C GLN G 254 -24.27 -51.36 -6.00
N GLN G 255 -24.00 -51.26 -7.29
CA GLN G 255 -24.58 -52.13 -8.31
C GLN G 255 -23.84 -53.44 -8.42
N THR G 256 -24.59 -54.49 -8.73
CA THR G 256 -24.05 -55.78 -9.15
C THR G 256 -24.85 -56.22 -10.36
N PRO G 257 -24.26 -57.09 -11.17
CA PRO G 257 -25.01 -57.53 -12.35
C PRO G 257 -26.34 -58.17 -11.96
N THR G 258 -27.42 -57.75 -12.58
CA THR G 258 -28.75 -58.19 -12.10
C THR G 258 -28.94 -59.69 -12.39
N ILE G 259 -29.10 -60.51 -11.36
CA ILE G 259 -29.36 -61.94 -11.56
C ILE G 259 -30.82 -62.19 -12.05
N PRO G 260 -30.95 -62.84 -13.23
CA PRO G 260 -32.25 -63.11 -13.84
C PRO G 260 -33.04 -64.12 -13.09
N ASN G 261 -34.32 -63.78 -12.85
CA ASN G 261 -35.28 -64.64 -12.15
C ASN G 261 -35.49 -65.96 -12.82
N ARG G 262 -35.21 -66.01 -14.11
CA ARG G 262 -35.26 -67.25 -14.87
C ARG G 262 -34.45 -68.37 -14.24
N LEU G 263 -33.29 -68.03 -13.72
CA LEU G 263 -32.30 -69.00 -13.20
C LEU G 263 -32.82 -69.93 -12.08
N ALA G 264 -33.69 -69.39 -11.22
CA ALA G 264 -34.34 -70.15 -10.14
C ALA G 264 -35.08 -71.44 -10.51
N ALA G 265 -35.15 -71.83 -11.78
CA ALA G 265 -35.97 -73.01 -12.16
C ALA G 265 -35.15 -74.10 -12.85
N ASP G 266 -33.84 -73.93 -12.84
CA ASP G 266 -32.91 -74.91 -13.36
C ASP G 266 -32.08 -75.37 -12.17
N PRO G 267 -32.09 -76.68 -11.89
CA PRO G 267 -31.29 -77.12 -10.74
C PRO G 267 -29.88 -76.54 -10.80
N VAL G 268 -29.29 -76.64 -11.97
CA VAL G 268 -27.91 -76.24 -12.13
C VAL G 268 -27.85 -74.75 -11.96
N LEU G 269 -28.47 -73.98 -12.85
CA LEU G 269 -28.27 -72.53 -12.85
C LEU G 269 -28.74 -71.81 -11.58
N SER G 270 -29.58 -72.42 -10.77
CA SER G 270 -29.98 -71.79 -9.50
C SER G 270 -28.79 -71.79 -8.58
N GLY G 271 -28.03 -72.88 -8.55
CA GLY G 271 -26.81 -72.94 -7.75
C GLY G 271 -25.79 -71.92 -8.18
N LEU G 272 -25.53 -71.83 -9.49
CA LEU G 272 -24.64 -70.81 -10.02
C LEU G 272 -25.08 -69.41 -9.58
N ALA G 273 -26.39 -69.18 -9.60
CA ALA G 273 -26.97 -67.92 -9.16
C ALA G 273 -26.62 -67.62 -7.71
N GLN G 274 -26.80 -68.62 -6.86
CA GLN G 274 -26.50 -68.45 -5.44
C GLN G 274 -24.98 -68.23 -5.23
N MET G 275 -24.16 -68.92 -6.00
CA MET G 275 -22.71 -68.71 -5.90
C MET G 275 -22.27 -67.33 -6.37
N MET G 276 -22.93 -66.84 -7.43
CA MET G 276 -22.72 -65.47 -7.90
C MET G 276 -22.94 -64.50 -6.74
N ARG G 277 -24.11 -64.62 -6.09
CA ARG G 277 -24.47 -63.76 -4.97
C ARG G 277 -23.38 -63.73 -3.91
N GLU G 278 -22.88 -64.90 -3.58
CA GLU G 278 -21.95 -65.04 -2.48
C GLU G 278 -20.54 -64.73 -2.88
N CYS G 279 -20.36 -64.43 -4.16
CA CYS G 279 -19.11 -63.84 -4.66
C CYS G 279 -19.19 -62.31 -4.58
N TRP G 280 -20.38 -61.73 -4.49
CA TRP G 280 -20.55 -60.28 -4.59
C TRP G 280 -20.92 -59.56 -3.30
N TYR G 281 -20.76 -60.24 -2.16
CA TYR G 281 -20.90 -59.57 -0.90
C TYR G 281 -19.88 -58.42 -0.78
N PRO G 282 -20.36 -57.20 -0.44
CA PRO G 282 -19.49 -56.02 -0.30
C PRO G 282 -18.33 -56.18 0.69
N ASN G 283 -18.57 -56.86 1.82
CA ASN G 283 -17.53 -57.19 2.78
C ASN G 283 -16.78 -58.43 2.27
N PRO G 284 -15.55 -58.25 1.78
CA PRO G 284 -14.77 -59.30 1.09
C PRO G 284 -14.68 -60.63 1.83
N SER G 285 -14.61 -60.59 3.15
CA SER G 285 -14.38 -61.82 3.94
C SER G 285 -15.63 -62.66 4.05
N ALA G 286 -16.75 -62.09 3.66
CA ALA G 286 -18.04 -62.82 3.65
C ALA G 286 -18.18 -63.73 2.43
N ARG G 287 -17.31 -63.54 1.44
CA ARG G 287 -17.40 -64.24 0.18
C ARG G 287 -16.92 -65.68 0.26
N LEU G 288 -17.47 -66.53 -0.61
CA LEU G 288 -17.01 -67.93 -0.71
C LEU G 288 -15.56 -68.01 -1.17
N THR G 289 -14.87 -69.06 -0.77
CA THR G 289 -13.53 -69.33 -1.24
C THR G 289 -13.66 -70.12 -2.54
N ALA G 290 -12.58 -70.20 -3.32
CA ALA G 290 -12.59 -70.96 -4.56
C ALA G 290 -12.82 -72.43 -4.27
N LEU G 291 -12.26 -72.92 -3.18
CA LEU G 291 -12.41 -74.33 -2.81
C LEU G 291 -13.89 -74.64 -2.57
N ARG G 292 -14.57 -73.75 -1.86
CA ARG G 292 -15.97 -73.93 -1.51
C ARG G 292 -16.83 -73.90 -2.75
N ILE G 293 -16.51 -73.02 -3.68
CA ILE G 293 -17.22 -72.92 -4.94
C ILE G 293 -17.03 -74.20 -5.75
N LYS G 294 -15.78 -74.62 -5.93
CA LYS G 294 -15.50 -75.91 -6.55
C LYS G 294 -16.38 -76.98 -5.94
N LYS G 295 -16.33 -77.14 -4.62
CA LYS G 295 -17.05 -78.23 -3.96
C LYS G 295 -18.57 -78.15 -4.24
N THR G 296 -19.14 -76.96 -4.11
CA THR G 296 -20.58 -76.80 -4.32
C THR G 296 -21.09 -77.21 -5.74
N LEU G 297 -20.51 -76.68 -6.80
CA LEU G 297 -20.98 -76.94 -8.17
C LEU G 297 -20.79 -78.41 -8.53
N GLN G 298 -19.67 -78.96 -8.07
CA GLN G 298 -19.48 -80.43 -8.12
C GLN G 298 -20.63 -81.23 -7.54
N LYS G 299 -21.31 -80.69 -6.52
CA LYS G 299 -22.47 -81.33 -5.88
C LYS G 299 -23.70 -81.25 -6.76
N ILE G 300 -23.67 -80.43 -7.80
CA ILE G 300 -24.78 -80.41 -8.79
C ILE G 300 -24.58 -81.49 -9.83
N SER G 301 -23.33 -81.87 -10.06
CA SER G 301 -23.01 -82.98 -10.95
C SER G 301 -22.95 -84.32 -10.21
N MET H 2 -59.93 -97.70 28.28
CA MET H 2 -59.85 -96.62 27.25
C MET H 2 -59.14 -95.35 27.76
N GLN H 3 -59.13 -94.31 26.93
CA GLN H 3 -58.53 -93.03 27.27
C GLN H 3 -59.26 -92.25 28.38
N ARG H 4 -60.56 -92.53 28.56
CA ARG H 4 -61.29 -91.94 29.67
C ARG H 4 -60.73 -92.48 30.97
N THR H 5 -60.84 -93.80 31.15
CA THR H 5 -60.49 -94.43 32.43
C THR H 5 -59.03 -94.16 32.76
N VAL H 6 -58.16 -94.23 31.75
CA VAL H 6 -56.78 -93.75 31.90
C VAL H 6 -56.71 -92.39 32.60
N ALA H 7 -57.48 -91.42 32.14
CA ALA H 7 -57.45 -90.04 32.65
C ALA H 7 -57.97 -89.86 34.07
N ARG H 8 -59.21 -90.29 34.30
CA ARG H 8 -59.85 -90.27 35.64
C ARG H 8 -58.87 -90.61 36.77
N GLN H 9 -57.94 -91.53 36.51
CA GLN H 9 -57.00 -92.02 37.51
C GLN H 9 -55.77 -91.12 37.69
N VAL H 10 -55.45 -90.33 36.68
CA VAL H 10 -54.27 -89.46 36.73
C VAL H 10 -54.37 -88.44 37.85
N ALA H 11 -53.34 -88.39 38.69
CA ALA H 11 -53.23 -87.41 39.76
C ALA H 11 -52.27 -86.34 39.30
N LEU H 12 -52.64 -85.07 39.45
CA LEU H 12 -51.79 -83.95 39.06
C LEU H 12 -50.92 -83.54 40.25
N VAL H 13 -49.62 -83.45 40.01
CA VAL H 13 -48.67 -83.20 41.08
C VAL H 13 -47.99 -81.85 41.00
N GLU H 14 -47.45 -81.49 39.84
CA GLU H 14 -46.70 -80.25 39.69
C GLU H 14 -46.95 -79.56 38.37
N CYS H 15 -47.23 -78.25 38.41
CA CYS H 15 -47.40 -77.45 37.21
C CYS H 15 -46.03 -77.02 36.71
N VAL H 16 -45.66 -77.49 35.53
CA VAL H 16 -44.33 -77.26 34.99
C VAL H 16 -44.33 -76.27 33.83
N GLY H 17 -45.51 -75.79 33.45
CA GLY H 17 -45.65 -74.82 32.36
C GLY H 17 -46.97 -74.09 32.35
N LYS H 18 -46.94 -72.82 31.90
CA LYS H 18 -48.16 -72.00 31.79
C LYS H 18 -47.99 -70.99 30.67
N GLY H 19 -49.06 -70.69 29.94
CA GLY H 19 -49.01 -69.78 28.79
C GLY H 19 -50.36 -69.60 28.12
N ARG H 20 -50.36 -68.98 26.94
CA ARG H 20 -51.59 -68.71 26.19
C ARG H 20 -52.23 -70.01 25.69
N TYR H 21 -51.39 -71.03 25.51
CA TYR H 21 -51.89 -72.35 25.09
C TYR H 21 -52.67 -73.07 26.21
N GLY H 22 -52.46 -72.66 27.46
CA GLY H 22 -53.05 -73.35 28.62
C GLY H 22 -52.02 -73.61 29.70
N GLU H 23 -51.94 -74.84 30.19
CA GLU H 23 -50.97 -75.25 31.19
C GLU H 23 -50.54 -76.68 30.95
N VAL H 24 -49.29 -77.02 31.30
CA VAL H 24 -48.83 -78.42 31.30
C VAL H 24 -48.43 -78.81 32.70
N TRP H 25 -48.91 -79.97 33.13
CA TRP H 25 -48.66 -80.47 34.48
C TRP H 25 -47.92 -81.78 34.42
N ARG H 26 -47.11 -82.05 35.43
CA ARG H 26 -46.61 -83.41 35.64
C ARG H 26 -47.62 -84.18 36.45
N GLY H 27 -47.97 -85.38 36.00
CA GLY H 27 -48.99 -86.20 36.65
C GLY H 27 -48.50 -87.61 36.92
N LEU H 28 -49.09 -88.25 37.92
CA LEU H 28 -48.76 -89.63 38.27
C LEU H 28 -49.92 -90.56 37.83
N TRP H 29 -49.55 -91.61 37.12
CA TRP H 29 -50.52 -92.63 36.72
C TRP H 29 -49.91 -94.03 36.93
N HIS H 30 -50.46 -94.75 37.90
CA HIS H 30 -49.95 -96.04 38.32
C HIS H 30 -48.42 -96.05 38.39
N GLY H 31 -47.88 -95.19 39.25
CA GLY H 31 -46.44 -95.15 39.51
C GLY H 31 -45.62 -94.33 38.52
N GLU H 32 -45.99 -94.36 37.24
CA GLU H 32 -45.21 -93.67 36.18
C GLU H 32 -45.61 -92.21 36.08
N SER H 33 -44.75 -91.41 35.46
CA SER H 33 -44.99 -89.97 35.25
C SER H 33 -45.56 -89.70 33.87
N VAL H 34 -46.57 -88.84 33.81
CA VAL H 34 -47.17 -88.43 32.53
C VAL H 34 -47.28 -86.92 32.47
N ALA H 35 -47.34 -86.37 31.27
CA ALA H 35 -47.62 -84.95 31.07
C ALA H 35 -49.10 -84.80 30.79
N VAL H 36 -49.74 -83.84 31.46
CA VAL H 36 -51.13 -83.50 31.21
C VAL H 36 -51.23 -82.05 30.80
N LYS H 37 -51.43 -81.81 29.51
CA LYS H 37 -51.69 -80.47 29.00
C LYS H 37 -53.21 -80.17 29.09
N ILE H 38 -53.54 -79.19 29.93
CA ILE H 38 -54.90 -78.66 30.02
C ILE H 38 -54.98 -77.42 29.13
N PHE H 39 -55.85 -77.44 28.13
CA PHE H 39 -55.87 -76.39 27.11
C PHE H 39 -56.72 -75.20 27.56
N SER H 40 -56.34 -74.00 27.11
CA SER H 40 -57.12 -72.81 27.40
C SER H 40 -58.31 -72.71 26.44
N SER H 41 -59.33 -71.97 26.84
CA SER H 41 -60.51 -71.80 25.99
C SER H 41 -60.17 -71.19 24.62
N ARG H 42 -59.18 -70.32 24.58
CA ARG H 42 -58.77 -69.70 23.32
C ARG H 42 -58.03 -70.63 22.37
N ASP H 43 -57.71 -71.85 22.81
CA ASP H 43 -56.93 -72.79 22.02
C ASP H 43 -57.61 -74.17 21.89
N GLU H 44 -58.93 -74.22 22.10
CA GLU H 44 -59.70 -75.46 22.00
C GLU H 44 -59.54 -76.18 20.67
N GLN H 45 -59.36 -75.44 19.58
CA GLN H 45 -59.23 -76.04 18.26
C GLN H 45 -57.87 -76.76 18.06
N SER H 46 -56.85 -76.38 18.83
CA SER H 46 -55.59 -77.11 18.82
C SER H 46 -55.76 -78.48 19.46
N TRP H 47 -56.53 -78.54 20.55
CA TRP H 47 -56.82 -79.81 21.23
C TRP H 47 -57.58 -80.75 20.32
N PHE H 48 -58.50 -80.20 19.53
CA PHE H 48 -59.29 -80.99 18.61
C PHE H 48 -58.42 -81.59 17.52
N ARG H 49 -57.61 -80.75 16.89
CA ARG H 49 -56.73 -81.18 15.80
C ARG H 49 -55.73 -82.21 16.27
N GLU H 50 -55.20 -82.00 17.47
CA GLU H 50 -54.17 -82.87 18.03
C GLU H 50 -54.81 -84.19 18.43
N THR H 51 -56.04 -84.14 18.92
CA THR H 51 -56.78 -85.35 19.28
C THR H 51 -57.15 -86.14 18.03
N GLU H 52 -57.57 -85.46 16.97
CA GLU H 52 -57.88 -86.15 15.70
C GLU H 52 -56.68 -86.88 15.17
N ILE H 53 -55.55 -86.16 15.04
CA ILE H 53 -54.31 -86.71 14.45
C ILE H 53 -53.76 -87.89 15.24
N TYR H 54 -53.76 -87.78 16.55
CA TYR H 54 -53.18 -88.84 17.39
C TYR H 54 -54.06 -90.09 17.41
N ASN H 55 -55.37 -89.92 17.29
CA ASN H 55 -56.31 -91.06 17.23
C ASN H 55 -56.42 -91.68 15.83
N THR H 56 -55.96 -90.95 14.81
CA THR H 56 -56.24 -91.27 13.41
C THR H 56 -55.03 -91.72 12.60
N VAL H 57 -53.86 -91.21 12.96
CA VAL H 57 -52.63 -91.42 12.21
C VAL H 57 -51.66 -92.30 13.01
N LEU H 58 -51.20 -93.39 12.38
CA LEU H 58 -50.19 -94.24 13.00
C LEU H 58 -48.88 -93.47 12.98
N LEU H 59 -48.58 -92.85 14.12
CA LEU H 59 -47.51 -91.84 14.22
C LEU H 59 -46.42 -92.18 15.20
N ARG H 60 -46.60 -93.23 16.00
CA ARG H 60 -45.60 -93.58 17.03
C ARG H 60 -44.17 -93.56 16.46
N HIS H 61 -43.26 -92.93 17.20
CA HIS H 61 -41.87 -92.80 16.76
C HIS H 61 -41.01 -92.23 17.90
N ASP H 62 -39.81 -92.78 18.07
CA ASP H 62 -38.92 -92.36 19.17
C ASP H 62 -38.76 -90.84 19.24
N ASN H 63 -38.82 -90.18 18.09
CA ASN H 63 -38.63 -88.74 18.01
C ASN H 63 -39.90 -87.92 17.81
N ILE H 64 -41.03 -88.47 18.28
CA ILE H 64 -42.32 -87.77 18.31
C ILE H 64 -42.99 -88.06 19.64
N LEU H 65 -43.55 -87.04 20.28
CA LEU H 65 -44.07 -87.18 21.64
C LEU H 65 -45.16 -88.25 21.69
N GLY H 66 -44.99 -89.18 22.62
CA GLY H 66 -45.92 -90.29 22.79
C GLY H 66 -47.26 -89.82 23.33
N PHE H 67 -48.31 -90.33 22.70
CA PHE H 67 -49.71 -90.04 23.07
C PHE H 67 -50.26 -91.14 23.99
N ILE H 68 -50.96 -90.74 25.04
CA ILE H 68 -51.56 -91.71 25.96
C ILE H 68 -53.09 -91.61 25.88
N ALA H 69 -53.59 -90.39 26.04
CA ALA H 69 -55.02 -90.20 26.08
C ALA H 69 -55.44 -88.77 25.75
N SER H 70 -56.73 -88.61 25.45
CA SER H 70 -57.35 -87.30 25.27
C SER H 70 -58.73 -87.34 25.92
N ASP H 71 -59.06 -86.35 26.72
CA ASP H 71 -60.31 -86.34 27.47
C ASP H 71 -60.97 -84.96 27.51
N MET H 72 -62.31 -85.00 27.41
CA MET H 72 -63.14 -83.83 27.63
C MET H 72 -63.91 -84.17 28.89
N THR H 73 -63.65 -83.45 29.98
CA THR H 73 -64.34 -83.67 31.25
C THR H 73 -64.81 -82.31 31.83
N SER H 74 -65.12 -82.28 33.13
CA SER H 74 -65.50 -81.02 33.82
C SER H 74 -65.67 -81.20 35.34
N GLN H 80 -63.26 -78.27 30.59
CA GLN H 80 -61.82 -78.49 30.41
C GLN H 80 -61.47 -79.61 29.43
N LEU H 81 -60.46 -79.37 28.59
CA LEU H 81 -59.95 -80.30 27.58
C LEU H 81 -58.51 -80.75 27.92
N TRP H 82 -58.28 -82.06 27.99
CA TRP H 82 -56.99 -82.60 28.39
C TRP H 82 -56.32 -83.41 27.27
N LEU H 83 -55.00 -83.27 27.18
CA LEU H 83 -54.17 -84.18 26.37
C LEU H 83 -53.09 -84.76 27.30
N ILE H 84 -53.07 -86.09 27.43
CA ILE H 84 -52.12 -86.76 28.33
C ILE H 84 -51.10 -87.50 27.47
N THR H 85 -49.81 -87.26 27.76
CA THR H 85 -48.72 -87.82 26.94
C THR H 85 -47.62 -88.32 27.84
N HIS H 86 -46.56 -88.88 27.25
CA HIS H 86 -45.33 -89.18 28.00
C HIS H 86 -44.78 -87.90 28.59
N TYR H 87 -44.11 -88.02 29.74
CA TYR H 87 -43.48 -86.88 30.42
C TYR H 87 -42.00 -86.99 30.28
N HIS H 88 -41.35 -85.87 29.98
CA HIS H 88 -39.90 -85.85 29.96
C HIS H 88 -39.36 -84.73 30.84
N GLU H 89 -38.55 -85.14 31.81
CA GLU H 89 -38.09 -84.30 32.91
C GLU H 89 -37.34 -83.07 32.50
N HIS H 90 -36.47 -83.20 31.51
CA HIS H 90 -35.65 -82.08 31.02
C HIS H 90 -36.49 -80.94 30.42
N GLY H 91 -37.75 -81.22 30.10
CA GLY H 91 -38.63 -80.22 29.52
C GLY H 91 -38.30 -80.02 28.06
N SER H 92 -38.57 -78.82 27.54
CA SER H 92 -38.31 -78.52 26.16
C SER H 92 -36.84 -78.24 25.86
N LEU H 93 -36.54 -78.18 24.57
CA LEU H 93 -35.19 -77.83 24.11
C LEU H 93 -34.85 -76.43 24.55
N TYR H 94 -35.85 -75.57 24.58
CA TYR H 94 -35.74 -74.21 25.12
C TYR H 94 -35.24 -74.28 26.54
N ASP H 95 -35.94 -75.07 27.36
CA ASP H 95 -35.59 -75.21 28.79
C ASP H 95 -34.18 -75.76 28.95
N PHE H 96 -33.86 -76.80 28.20
CA PHE H 96 -32.59 -77.51 28.29
C PHE H 96 -31.44 -76.61 27.90
N LEU H 97 -31.59 -75.89 26.80
CA LEU H 97 -30.56 -74.96 26.34
C LEU H 97 -30.39 -73.76 27.25
N GLN H 98 -31.40 -73.45 28.07
CA GLN H 98 -31.31 -72.38 29.05
C GLN H 98 -30.25 -72.69 30.08
N ARG H 99 -30.33 -73.88 30.66
CA ARG H 99 -29.47 -74.26 31.79
C ARG H 99 -28.17 -74.94 31.36
N GLN H 100 -28.22 -75.75 30.31
CA GLN H 100 -27.09 -76.64 29.95
C GLN H 100 -26.31 -76.11 28.76
N THR H 101 -25.00 -76.35 28.80
CA THR H 101 -24.13 -76.07 27.67
C THR H 101 -23.85 -77.40 26.97
N LEU H 102 -23.50 -77.36 25.68
CA LEU H 102 -23.43 -78.57 24.87
C LEU H 102 -22.05 -78.84 24.33
N GLU H 103 -21.53 -80.03 24.66
CA GLU H 103 -20.34 -80.57 23.96
C GLU H 103 -20.76 -80.79 22.49
N PRO H 104 -19.84 -80.64 21.54
CA PRO H 104 -20.18 -80.83 20.12
C PRO H 104 -20.94 -82.15 19.81
N HIS H 105 -20.49 -83.24 20.42
CA HIS H 105 -21.15 -84.56 20.34
C HIS H 105 -22.64 -84.45 20.69
N LEU H 106 -22.94 -83.77 21.79
CA LEU H 106 -24.32 -83.65 22.28
C LEU H 106 -25.14 -82.76 21.37
N ALA H 107 -24.55 -81.65 20.91
CA ALA H 107 -25.20 -80.76 19.96
C ALA H 107 -25.66 -81.51 18.71
N LEU H 108 -24.81 -82.42 18.19
CA LEU H 108 -25.16 -83.23 17.01
C LEU H 108 -26.23 -84.25 17.32
N ARG H 109 -26.20 -84.81 18.52
CA ARG H 109 -27.19 -85.81 18.94
C ARG H 109 -28.58 -85.20 18.98
N LEU H 110 -28.70 -84.03 19.59
CA LEU H 110 -29.98 -83.30 19.62
C LEU H 110 -30.42 -82.88 18.21
N ALA H 111 -29.47 -82.38 17.41
CA ALA H 111 -29.79 -81.95 16.05
C ALA H 111 -30.23 -83.11 15.16
N VAL H 112 -29.56 -84.27 15.26
CA VAL H 112 -29.88 -85.41 14.40
C VAL H 112 -31.24 -85.98 14.75
N SER H 113 -31.52 -86.10 16.05
CA SER H 113 -32.75 -86.72 16.53
C SER H 113 -33.94 -85.82 16.21
N ALA H 114 -33.79 -84.51 16.39
CA ALA H 114 -34.82 -83.57 15.96
C ALA H 114 -35.11 -83.71 14.47
N ALA H 115 -34.04 -83.82 13.67
CA ALA H 115 -34.18 -84.04 12.23
C ALA H 115 -34.91 -85.36 11.89
N CYS H 116 -34.68 -86.40 12.70
CA CYS H 116 -35.38 -87.68 12.51
C CYS H 116 -36.89 -87.49 12.69
N GLY H 117 -37.25 -86.79 13.76
CA GLY H 117 -38.61 -86.42 14.04
C GLY H 117 -39.28 -85.72 12.89
N LEU H 118 -38.66 -84.66 12.39
CA LEU H 118 -39.25 -83.86 11.31
C LEU H 118 -39.32 -84.63 10.00
N ALA H 119 -38.29 -85.41 9.69
CA ALA H 119 -38.31 -86.25 8.49
C ALA H 119 -39.48 -87.22 8.53
N HIS H 120 -39.72 -87.80 9.70
CA HIS H 120 -40.77 -88.79 9.88
C HIS H 120 -42.14 -88.18 9.66
N LEU H 121 -42.31 -86.97 10.15
CA LEU H 121 -43.52 -86.20 9.93
C LEU H 121 -43.75 -85.93 8.46
N HIS H 122 -42.70 -85.46 7.78
CA HIS H 122 -42.81 -84.99 6.39
C HIS H 122 -43.04 -86.12 5.37
N VAL H 123 -42.38 -87.26 5.59
CA VAL H 123 -42.38 -88.35 4.60
C VAL H 123 -43.63 -89.18 4.74
N GLU H 124 -44.33 -89.37 3.62
CA GLU H 124 -45.50 -90.25 3.56
C GLU H 124 -45.09 -91.74 3.62
N ILE H 125 -45.80 -92.49 4.48
CA ILE H 125 -45.70 -93.98 4.63
C ILE H 125 -47.00 -94.69 4.24
N PHE H 126 -46.88 -95.84 3.58
CA PHE H 126 -48.02 -96.47 2.93
C PHE H 126 -48.60 -97.73 3.54
N GLY H 127 -49.82 -98.04 3.08
CA GLY H 127 -50.52 -99.22 3.51
C GLY H 127 -50.98 -99.08 4.94
N THR H 128 -51.10 -100.22 5.62
CA THR H 128 -51.95 -100.31 6.81
C THR H 128 -51.26 -99.76 8.04
N GLN H 129 -49.96 -100.02 8.21
CA GLN H 129 -49.20 -99.39 9.31
C GLN H 129 -48.51 -98.08 8.89
N GLY H 130 -48.84 -97.60 7.69
CA GLY H 130 -48.37 -96.34 7.15
C GLY H 130 -49.11 -95.12 7.66
N LYS H 131 -49.19 -94.06 6.85
CA LYS H 131 -49.59 -92.71 7.30
C LYS H 131 -49.39 -91.67 6.16
N PRO H 132 -49.95 -90.45 6.33
CA PRO H 132 -49.80 -89.39 5.34
C PRO H 132 -48.64 -88.46 5.67
N ALA H 133 -48.26 -87.64 4.70
CA ALA H 133 -47.25 -86.64 4.91
C ALA H 133 -47.84 -85.59 5.85
N ILE H 134 -47.07 -85.15 6.84
CA ILE H 134 -47.56 -84.18 7.85
C ILE H 134 -46.56 -83.02 8.00
N ALA H 135 -47.06 -81.79 7.94
CA ALA H 135 -46.25 -80.59 8.20
C ALA H 135 -46.67 -79.99 9.54
N HIS H 136 -45.69 -79.57 10.33
CA HIS H 136 -45.94 -79.12 11.69
C HIS H 136 -46.62 -77.76 11.75
N ARG H 137 -46.02 -76.77 11.10
CA ARG H 137 -46.53 -75.39 11.04
C ARG H 137 -46.30 -74.54 12.31
N ASP H 138 -45.72 -75.12 13.36
CA ASP H 138 -45.27 -74.34 14.54
C ASP H 138 -44.00 -74.92 15.18
N PHE H 139 -43.04 -75.23 14.32
CA PHE H 139 -41.80 -75.85 14.76
C PHE H 139 -40.91 -74.78 15.42
N LYS H 140 -40.57 -75.04 16.68
CA LYS H 140 -39.78 -74.15 17.47
C LYS H 140 -39.20 -74.93 18.64
N SER H 141 -38.20 -74.35 19.33
CA SER H 141 -37.49 -75.07 20.40
C SER H 141 -38.37 -75.40 21.59
N ARG H 142 -39.42 -74.60 21.78
CA ARG H 142 -40.42 -74.88 22.83
C ARG H 142 -41.31 -76.07 22.55
N ASN H 143 -41.40 -76.47 21.28
CA ASN H 143 -42.23 -77.62 20.86
C ASN H 143 -41.39 -78.86 20.54
N VAL H 144 -40.16 -78.88 21.05
CA VAL H 144 -39.28 -80.04 20.97
C VAL H 144 -38.84 -80.36 22.40
N LEU H 145 -39.06 -81.60 22.83
CA LEU H 145 -38.70 -82.04 24.18
C LEU H 145 -37.37 -82.77 24.14
N VAL H 146 -36.65 -82.77 25.27
CA VAL H 146 -35.41 -83.52 25.40
C VAL H 146 -35.57 -84.70 26.37
N LYS H 147 -35.37 -85.90 25.84
CA LYS H 147 -35.59 -87.13 26.59
C LYS H 147 -34.43 -87.46 27.52
N SER H 148 -34.62 -88.48 28.37
CA SER H 148 -33.57 -88.94 29.27
C SER H 148 -32.28 -89.30 28.55
N ASN H 149 -32.41 -89.93 27.38
CA ASN H 149 -31.23 -90.31 26.59
C ASN H 149 -30.71 -89.14 25.73
N LEU H 150 -31.10 -87.92 26.11
CA LEU H 150 -30.67 -86.72 25.45
C LEU H 150 -30.90 -86.79 23.92
N GLN H 151 -32.02 -87.39 23.53
CA GLN H 151 -32.53 -87.30 22.15
C GLN H 151 -33.81 -86.49 22.17
N CYS H 152 -34.09 -85.81 21.06
CA CYS H 152 -35.27 -84.97 20.97
C CYS H 152 -36.50 -85.74 20.54
N CYS H 153 -37.68 -85.21 20.86
CA CYS H 153 -38.91 -85.64 20.21
C CYS H 153 -39.87 -84.49 20.05
N ILE H 154 -40.51 -84.43 18.89
CA ILE H 154 -41.35 -83.28 18.52
C ILE H 154 -42.72 -83.38 19.16
N ALA H 155 -43.24 -82.24 19.61
CA ALA H 155 -44.59 -82.14 20.21
C ALA H 155 -45.44 -81.07 19.53
N ASP H 156 -46.70 -81.00 19.96
CA ASP H 156 -47.68 -79.96 19.56
C ASP H 156 -48.06 -80.06 18.09
N LEU H 157 -48.97 -80.97 17.81
CA LEU H 157 -49.47 -81.16 16.44
C LEU H 157 -50.73 -80.35 16.17
N GLY H 158 -51.02 -79.35 17.01
CA GLY H 158 -52.25 -78.57 16.96
C GLY H 158 -52.55 -77.83 15.68
N LEU H 159 -51.52 -77.49 14.93
CA LEU H 159 -51.66 -76.75 13.67
C LEU H 159 -51.26 -77.59 12.46
N ALA H 160 -51.05 -78.89 12.65
CA ALA H 160 -50.50 -79.71 11.59
C ALA H 160 -51.43 -79.77 10.37
N VAL H 161 -50.86 -79.96 9.19
CA VAL H 161 -51.62 -80.15 7.97
C VAL H 161 -51.11 -81.43 7.34
N MET H 162 -52.02 -82.18 6.76
CA MET H 162 -51.73 -83.51 6.27
C MET H 162 -52.02 -83.59 4.77
N HIS H 163 -51.26 -84.46 4.11
CA HIS H 163 -51.43 -84.75 2.71
C HIS H 163 -51.09 -86.21 2.50
N SER H 164 -51.81 -86.86 1.60
CA SER H 164 -51.48 -88.21 1.15
C SER H 164 -51.16 -88.18 -0.34
N GLN H 165 -50.12 -88.90 -0.76
CA GLN H 165 -49.85 -89.03 -2.19
C GLN H 165 -51.10 -89.65 -2.83
N GLY H 166 -51.64 -88.95 -3.81
CA GLY H 166 -52.96 -89.23 -4.31
C GLY H 166 -53.48 -87.91 -4.86
N SER H 167 -54.40 -87.27 -4.14
CA SER H 167 -54.91 -85.98 -4.60
C SER H 167 -55.65 -85.19 -3.53
N ASP H 168 -55.85 -83.90 -3.82
CA ASP H 168 -56.59 -83.01 -2.96
C ASP H 168 -57.98 -83.60 -2.71
N TYR H 169 -58.51 -83.57 -1.48
CA TYR H 169 -58.13 -82.64 -0.40
C TYR H 169 -56.70 -82.64 0.15
N LEU H 170 -56.30 -81.47 0.67
CA LEU H 170 -55.18 -81.32 1.56
C LEU H 170 -55.78 -81.01 2.93
N ASP H 171 -55.69 -81.97 3.86
CA ASP H 171 -56.29 -81.84 5.19
C ASP H 171 -55.57 -80.76 6.01
N ILE H 172 -56.17 -79.57 6.03
CA ILE H 172 -55.56 -78.37 6.63
C ILE H 172 -56.24 -77.90 7.91
N GLY H 173 -57.46 -78.33 8.18
CA GLY H 173 -58.09 -78.02 9.48
C GLY H 173 -58.83 -76.70 9.52
N ASN H 174 -59.26 -76.31 10.73
CA ASN H 174 -60.11 -75.13 10.93
C ASN H 174 -59.69 -74.39 12.19
N ASN H 175 -58.38 -74.19 12.36
CA ASN H 175 -57.83 -73.57 13.56
C ASN H 175 -57.42 -72.12 13.31
N PRO H 176 -58.07 -71.16 13.97
CA PRO H 176 -57.70 -69.74 13.85
C PRO H 176 -56.25 -69.41 14.27
N ARG H 177 -55.66 -70.21 15.15
CA ARG H 177 -54.28 -70.00 15.62
C ARG H 177 -53.32 -69.97 14.43
N VAL H 178 -52.22 -69.24 14.60
CA VAL H 178 -51.12 -69.25 13.64
C VAL H 178 -49.81 -69.56 14.37
N GLY H 179 -48.77 -69.79 13.57
CA GLY H 179 -47.44 -70.10 14.08
C GLY H 179 -46.91 -69.03 15.01
N THR H 180 -45.95 -69.42 15.84
CA THR H 180 -45.24 -68.48 16.68
C THR H 180 -44.54 -67.45 15.79
N LYS H 181 -44.84 -66.19 16.02
CA LYS H 181 -44.40 -65.09 15.15
C LYS H 181 -42.89 -65.02 14.92
N ARG H 182 -42.12 -65.22 15.98
CA ARG H 182 -40.66 -65.21 15.88
C ARG H 182 -40.10 -66.19 14.84
N TYR H 183 -40.87 -67.25 14.52
CA TYR H 183 -40.37 -68.35 13.69
C TYR H 183 -41.02 -68.42 12.31
N MET H 184 -41.80 -67.41 11.97
CA MET H 184 -42.48 -67.37 10.68
C MET H 184 -41.46 -67.14 9.57
N ALA H 185 -41.55 -67.94 8.50
CA ALA H 185 -40.68 -67.76 7.33
C ALA H 185 -41.04 -66.46 6.60
N PRO H 186 -40.14 -65.96 5.72
CA PRO H 186 -40.43 -64.74 4.97
C PRO H 186 -41.75 -64.83 4.21
N GLU H 187 -41.96 -65.96 3.52
CA GLU H 187 -43.16 -66.17 2.70
C GLU H 187 -44.46 -66.17 3.50
N VAL H 188 -44.40 -66.48 4.79
CA VAL H 188 -45.59 -66.41 5.65
C VAL H 188 -45.85 -64.96 6.07
N LEU H 189 -44.78 -64.22 6.35
CA LEU H 189 -44.90 -62.82 6.76
C LEU H 189 -45.29 -61.95 5.56
N ASP H 190 -44.79 -62.30 4.38
CA ASP H 190 -45.16 -61.62 3.13
C ASP H 190 -46.62 -61.87 2.77
N GLU H 191 -47.15 -63.00 3.26
CA GLU H 191 -48.44 -63.52 2.81
C GLU H 191 -48.38 -63.91 1.33
N GLN H 192 -47.19 -64.31 0.87
CA GLN H 192 -46.97 -64.72 -0.50
C GLN H 192 -46.93 -66.26 -0.62
N ILE H 193 -47.13 -66.94 0.50
CA ILE H 193 -47.18 -68.40 0.52
C ILE H 193 -48.42 -68.91 -0.21
N ARG H 194 -48.27 -70.01 -0.97
CA ARG H 194 -49.41 -70.67 -1.63
C ARG H 194 -50.10 -71.65 -0.65
N THR H 195 -51.26 -71.25 -0.07
CA THR H 195 -51.92 -72.02 1.03
C THR H 195 -52.64 -73.30 0.57
N ASP H 196 -52.71 -73.53 -0.74
CA ASP H 196 -53.30 -74.77 -1.27
C ASP H 196 -52.22 -75.70 -1.84
N CYS H 197 -50.98 -75.54 -1.36
CA CYS H 197 -49.87 -76.39 -1.76
C CYS H 197 -49.21 -76.94 -0.51
N PHE H 198 -49.13 -78.27 -0.41
CA PHE H 198 -48.57 -78.91 0.78
C PHE H 198 -47.08 -78.67 0.92
N GLU H 199 -46.35 -78.73 -0.21
CA GLU H 199 -44.89 -78.55 -0.17
C GLU H 199 -44.50 -77.22 0.52
N SER H 200 -45.27 -76.16 0.26
CA SER H 200 -45.06 -74.87 0.91
C SER H 200 -44.95 -74.99 2.43
N TYR H 201 -45.89 -75.70 3.04
CA TYR H 201 -45.91 -75.79 4.50
C TYR H 201 -44.67 -76.53 5.03
N LYS H 202 -44.21 -77.54 4.29
CA LYS H 202 -42.97 -78.23 4.61
C LYS H 202 -41.78 -77.28 4.61
N TRP H 203 -41.75 -76.38 3.63
CA TRP H 203 -40.64 -75.45 3.53
C TRP H 203 -40.62 -74.44 4.68
N THR H 204 -41.76 -74.17 5.30
CA THR H 204 -41.80 -73.27 6.48
C THR H 204 -41.37 -73.99 7.74
N ASP H 205 -41.58 -75.30 7.79
CA ASP H 205 -41.03 -76.13 8.86
C ASP H 205 -39.52 -76.07 8.82
N ILE H 206 -38.95 -76.16 7.61
CA ILE H 206 -37.52 -76.20 7.41
C ILE H 206 -36.88 -74.88 7.87
N TRP H 207 -37.41 -73.76 7.41
CA TRP H 207 -36.95 -72.44 7.87
C TRP H 207 -36.80 -72.46 9.39
N ALA H 208 -37.91 -72.73 10.07
CA ALA H 208 -37.96 -72.82 11.52
C ALA H 208 -36.92 -73.79 12.10
N PHE H 209 -36.69 -74.90 11.38
CA PHE H 209 -35.72 -75.90 11.82
C PHE H 209 -34.31 -75.29 11.85
N GLY H 210 -33.97 -74.55 10.79
CA GLY H 210 -32.74 -73.81 10.73
C GLY H 210 -32.53 -72.89 11.92
N LEU H 211 -33.60 -72.20 12.33
CA LEU H 211 -33.56 -71.32 13.51
C LEU H 211 -33.29 -72.11 14.79
N VAL H 212 -33.85 -73.30 14.88
CA VAL H 212 -33.60 -74.16 16.03
C VAL H 212 -32.17 -74.68 16.04
N LEU H 213 -31.59 -74.93 14.87
CA LEU H 213 -30.17 -75.35 14.82
C LEU H 213 -29.26 -74.25 15.37
N TRP H 214 -29.49 -73.02 14.92
CA TRP H 214 -28.86 -71.84 15.47
C TRP H 214 -28.87 -71.83 17.00
N GLU H 215 -30.05 -71.99 17.59
CA GLU H 215 -30.18 -72.04 19.06
C GLU H 215 -29.30 -73.11 19.72
N ILE H 216 -29.24 -74.28 19.09
CA ILE H 216 -28.36 -75.37 19.55
C ILE H 216 -26.90 -74.92 19.39
N ALA H 217 -26.58 -74.39 18.22
CA ALA H 217 -25.20 -74.01 17.85
C ALA H 217 -24.62 -72.97 18.80
N ARG H 218 -25.42 -71.94 19.07
CA ARG H 218 -25.02 -70.86 19.99
C ARG H 218 -24.62 -71.37 21.36
N ARG H 219 -25.25 -72.46 21.79
CA ARG H 219 -25.07 -72.99 23.11
C ARG H 219 -24.00 -74.09 23.16
N THR H 220 -23.28 -74.23 22.04
CA THR H 220 -22.25 -75.25 21.86
C THR H 220 -20.85 -74.70 22.07
N ILE H 221 -20.08 -75.42 22.88
CA ILE H 221 -18.74 -75.03 23.27
C ILE H 221 -17.71 -75.36 22.21
N VAL H 222 -16.98 -74.34 21.78
CA VAL H 222 -15.81 -74.57 20.95
C VAL H 222 -14.66 -73.63 21.33
N ASN H 223 -13.48 -74.19 21.51
CA ASN H 223 -12.35 -73.44 22.06
C ASN H 223 -12.76 -72.74 23.35
N GLY H 224 -13.43 -73.47 24.25
CA GLY H 224 -13.88 -72.92 25.53
C GLY H 224 -14.63 -71.62 25.43
N ILE H 225 -15.41 -71.49 24.35
CA ILE H 225 -16.10 -70.26 23.95
C ILE H 225 -17.57 -70.56 23.68
N VAL H 226 -18.43 -70.28 24.65
CA VAL H 226 -19.85 -70.53 24.49
C VAL H 226 -20.69 -69.41 25.09
N GLU H 227 -21.67 -68.99 24.32
CA GLU H 227 -22.56 -67.87 24.62
C GLU H 227 -23.75 -68.28 25.48
N ASP H 228 -24.29 -67.32 26.23
CA ASP H 228 -25.51 -67.53 26.99
C ASP H 228 -26.65 -67.67 26.02
N TYR H 229 -27.71 -68.35 26.44
CA TYR H 229 -28.86 -68.60 25.56
C TYR H 229 -29.50 -67.28 25.12
N ARG H 230 -29.81 -67.19 23.83
CA ARG H 230 -30.68 -66.16 23.29
C ARG H 230 -31.62 -66.79 22.23
N PRO H 231 -32.82 -66.24 22.09
CA PRO H 231 -33.69 -66.71 21.01
C PRO H 231 -33.27 -66.17 19.67
N PRO H 232 -33.78 -66.77 18.57
CA PRO H 232 -33.47 -66.22 17.24
C PRO H 232 -33.97 -64.79 17.09
N PHE H 233 -33.18 -63.96 16.42
CA PHE H 233 -33.47 -62.54 16.25
C PHE H 233 -33.53 -61.71 17.55
N TYR H 234 -32.86 -62.21 18.60
CA TYR H 234 -32.79 -61.50 19.89
C TYR H 234 -32.27 -60.08 19.76
N ASP H 235 -31.44 -59.85 18.74
CA ASP H 235 -30.75 -58.55 18.58
C ASP H 235 -31.55 -57.52 17.73
N VAL H 236 -32.72 -57.88 17.24
CA VAL H 236 -33.47 -56.98 16.35
C VAL H 236 -34.96 -56.81 16.67
N VAL H 237 -35.52 -57.63 17.57
CA VAL H 237 -36.97 -57.53 17.89
C VAL H 237 -37.24 -57.65 19.40
N PRO H 238 -38.31 -57.01 19.91
CA PRO H 238 -38.68 -57.11 21.34
C PRO H 238 -39.15 -58.53 21.74
N ASN H 239 -39.65 -58.74 22.97
CA ASN H 239 -39.93 -60.12 23.48
C ASN H 239 -41.36 -60.69 23.28
N ASP H 240 -42.24 -59.96 22.61
CA ASP H 240 -43.41 -60.59 21.98
C ASP H 240 -43.45 -60.02 20.55
N PRO H 241 -42.44 -60.37 19.73
CA PRO H 241 -42.36 -59.78 18.39
C PRO H 241 -43.73 -59.63 17.70
N SER H 242 -44.03 -58.41 17.27
CA SER H 242 -45.30 -58.16 16.59
C SER H 242 -45.16 -58.62 15.14
N PHE H 243 -46.23 -59.16 14.56
CA PHE H 243 -46.16 -59.56 13.15
C PHE H 243 -45.31 -58.54 12.38
N GLU H 244 -45.64 -57.29 12.54
CA GLU H 244 -44.99 -56.21 11.79
C GLU H 244 -43.50 -56.08 12.11
N ASP H 245 -43.12 -56.34 13.37
CA ASP H 245 -41.71 -56.38 13.77
C ASP H 245 -40.94 -57.43 12.94
N MET H 246 -41.51 -58.62 12.79
CA MET H 246 -40.88 -59.69 12.05
C MET H 246 -40.89 -59.42 10.55
N LYS H 247 -42.02 -58.95 10.04
CA LYS H 247 -42.13 -58.57 8.62
C LYS H 247 -40.95 -57.67 8.23
N LYS H 248 -40.68 -56.65 9.06
CA LYS H 248 -39.63 -55.66 8.78
C LYS H 248 -38.24 -56.28 8.78
N VAL H 249 -37.97 -57.09 9.81
CA VAL H 249 -36.67 -57.74 9.97
C VAL H 249 -36.42 -58.84 8.95
N VAL H 250 -37.39 -59.72 8.73
CA VAL H 250 -37.20 -60.89 7.88
C VAL H 250 -37.41 -60.59 6.39
N CYS H 251 -38.37 -59.73 6.07
CA CYS H 251 -38.74 -59.45 4.67
C CYS H 251 -38.13 -58.16 4.12
N VAL H 252 -38.36 -57.04 4.81
CA VAL H 252 -37.80 -55.76 4.37
C VAL H 252 -36.27 -55.72 4.52
N ASP H 253 -35.77 -56.01 5.72
CA ASP H 253 -34.31 -55.97 5.98
C ASP H 253 -33.58 -57.25 5.51
N GLN H 254 -34.35 -58.28 5.15
CA GLN H 254 -33.78 -59.54 4.66
C GLN H 254 -32.78 -60.17 5.62
N GLN H 255 -33.05 -60.04 6.91
CA GLN H 255 -32.15 -60.55 7.94
C GLN H 255 -32.33 -62.03 8.28
N THR H 256 -31.23 -62.66 8.63
CA THR H 256 -31.21 -64.02 9.17
C THR H 256 -30.28 -64.01 10.39
N PRO H 257 -30.51 -64.89 11.39
CA PRO H 257 -29.59 -64.87 12.54
C PRO H 257 -28.12 -64.93 12.13
N THR H 258 -27.32 -64.13 12.81
CA THR H 258 -25.88 -64.08 12.59
C THR H 258 -25.26 -65.39 13.02
N ILE H 259 -24.65 -66.10 12.07
CA ILE H 259 -24.02 -67.39 12.37
C ILE H 259 -22.68 -67.17 13.14
N PRO H 260 -22.60 -67.67 14.39
CA PRO H 260 -21.42 -67.57 15.20
C PRO H 260 -20.16 -67.90 14.40
N ASN H 261 -19.16 -67.01 14.36
CA ASN H 261 -17.96 -67.22 13.54
C ASN H 261 -16.98 -68.15 14.24
N ARG H 262 -17.50 -68.88 15.21
CA ARG H 262 -16.74 -69.69 16.14
C ARG H 262 -16.78 -71.14 15.69
N LEU H 263 -17.85 -71.52 14.98
CA LEU H 263 -18.05 -72.88 14.42
C LEU H 263 -17.30 -73.14 13.09
N ALA H 264 -16.88 -72.06 12.42
CA ALA H 264 -15.95 -72.16 11.29
C ALA H 264 -14.67 -72.86 11.76
N ALA H 265 -14.29 -72.57 13.01
CA ALA H 265 -13.06 -73.09 13.59
C ALA H 265 -13.18 -74.50 14.24
N ASP H 266 -14.33 -75.18 14.15
CA ASP H 266 -14.50 -76.55 14.71
C ASP H 266 -14.97 -77.59 13.67
N PRO H 267 -14.31 -78.78 13.64
CA PRO H 267 -14.30 -79.70 12.48
C PRO H 267 -15.50 -80.66 12.33
N VAL H 268 -16.13 -81.03 13.44
CA VAL H 268 -17.39 -81.79 13.44
C VAL H 268 -18.60 -80.85 13.44
N LEU H 269 -18.37 -79.55 13.64
CA LEU H 269 -19.44 -78.55 13.69
C LEU H 269 -19.45 -77.63 12.46
N SER H 270 -18.39 -77.68 11.66
CA SER H 270 -18.28 -76.82 10.48
C SER H 270 -19.61 -76.86 9.70
N GLY H 271 -19.99 -78.06 9.27
CA GLY H 271 -21.28 -78.32 8.57
C GLY H 271 -22.52 -77.58 9.07
N LEU H 272 -22.79 -77.63 10.37
CA LEU H 272 -24.03 -77.07 10.94
C LEU H 272 -24.28 -75.67 10.38
N ALA H 273 -23.21 -74.86 10.29
CA ALA H 273 -23.29 -73.50 9.76
C ALA H 273 -23.82 -73.48 8.35
N GLN H 274 -23.30 -74.39 7.53
CA GLN H 274 -23.72 -74.49 6.13
C GLN H 274 -25.18 -74.96 6.04
N MET H 275 -25.55 -75.92 6.90
CA MET H 275 -26.93 -76.41 6.92
C MET H 275 -27.89 -75.33 7.35
N MET H 276 -27.48 -74.51 8.32
CA MET H 276 -28.26 -73.35 8.77
C MET H 276 -28.59 -72.45 7.57
N ARG H 277 -27.55 -72.08 6.82
CA ARG H 277 -27.69 -71.23 5.64
C ARG H 277 -28.73 -71.82 4.69
N GLU H 278 -28.75 -73.15 4.60
CA GLU H 278 -29.55 -73.79 3.58
C GLU H 278 -30.98 -74.03 4.02
N CYS H 279 -31.28 -73.71 5.27
CA CYS H 279 -32.66 -73.65 5.76
C CYS H 279 -33.23 -72.26 5.55
N TRP H 280 -32.38 -71.26 5.36
CA TRP H 280 -32.81 -69.85 5.35
C TRP H 280 -32.82 -69.19 3.97
N TYR H 281 -32.65 -69.97 2.90
CA TYR H 281 -32.75 -69.39 1.57
C TYR H 281 -34.13 -68.75 1.37
N PRO H 282 -34.15 -67.48 0.90
CA PRO H 282 -35.41 -66.75 0.68
C PRO H 282 -36.41 -67.47 -0.25
N ASN H 283 -35.90 -68.11 -1.31
CA ASN H 283 -36.72 -68.93 -2.20
C ASN H 283 -36.92 -70.31 -1.55
N PRO H 284 -38.15 -70.60 -1.06
CA PRO H 284 -38.46 -71.79 -0.26
C PRO H 284 -38.06 -73.14 -0.87
N SER H 285 -38.11 -73.26 -2.19
CA SER H 285 -37.78 -74.53 -2.85
C SER H 285 -36.27 -74.80 -2.92
N ALA H 286 -35.45 -73.78 -2.62
CA ALA H 286 -34.00 -73.94 -2.60
C ALA H 286 -33.53 -74.58 -1.28
N ARG H 287 -34.43 -74.70 -0.31
CA ARG H 287 -34.06 -75.18 1.02
C ARG H 287 -33.91 -76.68 1.08
N LEU H 288 -33.10 -77.16 2.02
CA LEU H 288 -32.95 -78.59 2.27
C LEU H 288 -34.28 -79.19 2.75
N THR H 289 -34.47 -80.47 2.47
CA THR H 289 -35.61 -81.20 3.01
C THR H 289 -35.19 -81.75 4.36
N ALA H 290 -36.16 -82.17 5.17
CA ALA H 290 -35.85 -82.75 6.48
C ALA H 290 -35.03 -84.02 6.34
N LEU H 291 -35.37 -84.83 5.33
CA LEU H 291 -34.65 -86.07 5.07
C LEU H 291 -33.17 -85.77 4.79
N ARG H 292 -32.91 -84.76 3.97
CA ARG H 292 -31.53 -84.41 3.60
C ARG H 292 -30.74 -83.92 4.79
N ILE H 293 -31.42 -83.16 5.66
CA ILE H 293 -30.79 -82.68 6.90
C ILE H 293 -30.45 -83.87 7.78
N LYS H 294 -31.45 -84.71 8.05
CA LYS H 294 -31.22 -85.97 8.79
C LYS H 294 -29.95 -86.66 8.28
N LYS H 295 -29.93 -86.95 6.98
CA LYS H 295 -28.82 -87.70 6.38
C LYS H 295 -27.45 -87.03 6.57
N THR H 296 -27.39 -85.73 6.32
CA THR H 296 -26.15 -84.99 6.47
C THR H 296 -25.58 -85.09 7.90
N LEU H 297 -26.42 -84.90 8.92
CA LEU H 297 -25.92 -84.97 10.30
C LEU H 297 -25.35 -86.37 10.65
N GLN H 298 -25.63 -87.37 9.81
CA GLN H 298 -25.33 -88.77 10.11
C GLN H 298 -24.00 -89.28 9.55
N LYS H 299 -23.27 -88.44 8.80
CA LYS H 299 -21.90 -88.81 8.34
C LYS H 299 -20.80 -88.24 9.24
N ILE H 300 -21.10 -87.08 9.82
CA ILE H 300 -20.13 -86.30 10.60
C ILE H 300 -19.96 -86.92 11.99
N MET I 2 -76.45 -38.34 -36.11
CA MET I 2 -76.14 -39.39 -35.07
C MET I 2 -74.89 -40.14 -35.52
N GLN I 3 -74.61 -41.28 -34.87
CA GLN I 3 -73.58 -42.27 -35.24
C GLN I 3 -73.68 -42.85 -36.68
N ARG I 4 -74.87 -42.86 -37.28
CA ARG I 4 -75.09 -43.60 -38.52
C ARG I 4 -74.50 -42.89 -39.75
N THR I 5 -74.61 -41.57 -39.81
CA THR I 5 -74.10 -40.82 -40.95
C THR I 5 -72.57 -40.63 -40.92
N VAL I 6 -71.92 -40.96 -39.79
CA VAL I 6 -70.47 -40.87 -39.75
C VAL I 6 -69.90 -42.13 -40.41
N ALA I 7 -70.38 -43.28 -39.95
CA ALA I 7 -70.05 -44.56 -40.60
C ALA I 7 -70.21 -44.48 -42.11
N ARG I 8 -71.20 -43.72 -42.58
CA ARG I 8 -71.46 -43.62 -44.03
C ARG I 8 -70.50 -42.65 -44.72
N GLN I 9 -70.17 -41.55 -44.03
CA GLN I 9 -69.32 -40.50 -44.60
C GLN I 9 -67.81 -40.81 -44.48
N VAL I 10 -67.43 -41.62 -43.50
CA VAL I 10 -66.02 -41.91 -43.27
C VAL I 10 -65.39 -42.57 -44.50
N ALA I 11 -64.26 -42.01 -44.95
CA ALA I 11 -63.47 -42.60 -46.02
C ALA I 11 -62.26 -43.28 -45.37
N LEU I 12 -61.98 -44.52 -45.80
CA LEU I 12 -60.89 -45.29 -45.26
C LEU I 12 -59.68 -45.02 -46.11
N VAL I 13 -58.55 -44.68 -45.46
CA VAL I 13 -57.35 -44.28 -46.17
C VAL I 13 -56.19 -45.26 -46.04
N GLU I 14 -55.88 -45.67 -44.82
CA GLU I 14 -54.70 -46.52 -44.56
C GLU I 14 -55.02 -47.56 -43.49
N CYS I 15 -54.63 -48.80 -43.73
CA CYS I 15 -54.71 -49.86 -42.72
C CYS I 15 -53.47 -49.84 -41.87
N VAL I 16 -53.64 -49.56 -40.59
CA VAL I 16 -52.53 -49.41 -39.67
C VAL I 16 -52.41 -50.58 -38.67
N GLY I 17 -53.30 -51.55 -38.78
CA GLY I 17 -53.23 -52.73 -37.91
C GLY I 17 -54.08 -53.88 -38.40
N LYS I 18 -53.61 -55.10 -38.14
CA LYS I 18 -54.31 -56.33 -38.55
C LYS I 18 -53.98 -57.46 -37.59
N GLY I 19 -54.98 -58.28 -37.28
CA GLY I 19 -54.82 -59.35 -36.29
C GLY I 19 -56.10 -60.16 -36.13
N ARG I 20 -56.12 -61.02 -35.11
CA ARG I 20 -57.23 -61.95 -34.87
C ARG I 20 -58.48 -61.17 -34.47
N TYR I 21 -58.28 -59.98 -33.92
CA TYR I 21 -59.37 -59.10 -33.52
C TYR I 21 -60.08 -58.45 -34.69
N GLY I 22 -59.44 -58.43 -35.86
CA GLY I 22 -59.94 -57.76 -37.06
C GLY I 22 -58.86 -56.84 -37.64
N GLU I 23 -59.22 -55.62 -37.97
CA GLU I 23 -58.30 -54.66 -38.57
C GLU I 23 -58.62 -53.27 -38.06
N VAL I 24 -57.61 -52.42 -37.94
CA VAL I 24 -57.82 -51.02 -37.62
C VAL I 24 -57.30 -50.17 -38.79
N TRP I 25 -58.11 -49.21 -39.22
CA TRP I 25 -57.80 -48.35 -40.35
C TRP I 25 -57.77 -46.90 -39.86
N ARG I 26 -56.94 -46.10 -40.52
CA ARG I 26 -57.05 -44.63 -40.38
C ARG I 26 -58.07 -44.15 -41.37
N GLY I 27 -59.00 -43.32 -40.93
CA GLY I 27 -60.04 -42.80 -41.79
C GLY I 27 -60.18 -41.31 -41.70
N LEU I 28 -60.73 -40.72 -42.76
CA LEU I 28 -60.96 -39.29 -42.83
C LEU I 28 -62.46 -39.00 -42.71
N TRP I 29 -62.82 -38.13 -41.78
CA TRP I 29 -64.20 -37.69 -41.66
C TRP I 29 -64.22 -36.16 -41.50
N HIS I 30 -64.77 -35.46 -42.49
CA HIS I 30 -64.81 -34.01 -42.52
C HIS I 30 -63.48 -33.42 -42.08
N GLY I 31 -62.42 -33.77 -42.79
CA GLY I 31 -61.10 -33.18 -42.56
C GLY I 31 -60.27 -33.82 -41.44
N GLU I 32 -60.94 -34.26 -40.38
CA GLU I 32 -60.26 -34.84 -39.22
C GLU I 32 -60.01 -36.32 -39.41
N SER I 33 -59.06 -36.86 -38.64
CA SER I 33 -58.68 -38.27 -38.69
C SER I 33 -59.40 -39.08 -37.62
N VAL I 34 -59.89 -40.25 -37.99
CA VAL I 34 -60.55 -41.15 -37.05
C VAL I 34 -59.99 -42.54 -37.23
N ALA I 35 -60.14 -43.37 -36.20
CA ALA I 35 -59.78 -44.77 -36.26
C ALA I 35 -61.05 -45.59 -36.53
N VAL I 36 -61.01 -46.50 -37.49
CA VAL I 36 -62.10 -47.40 -37.74
C VAL I 36 -61.62 -48.84 -37.52
N LYS I 37 -62.10 -49.45 -36.43
CA LYS I 37 -61.85 -50.85 -36.17
C LYS I 37 -62.95 -51.72 -36.78
N ILE I 38 -62.58 -52.51 -37.80
CA ILE I 38 -63.47 -53.47 -38.44
C ILE I 38 -63.22 -54.82 -37.78
N PHE I 39 -64.24 -55.37 -37.11
CA PHE I 39 -64.04 -56.57 -36.30
C PHE I 39 -64.12 -57.81 -37.15
N SER I 40 -63.41 -58.86 -36.72
CA SER I 40 -63.51 -60.15 -37.40
C SER I 40 -64.71 -60.91 -36.88
N SER I 41 -65.16 -61.88 -37.68
CA SER I 41 -66.31 -62.69 -37.33
C SER I 41 -66.12 -63.47 -36.03
N ARG I 42 -64.89 -63.85 -35.75
CA ARG I 42 -64.55 -64.56 -34.52
C ARG I 42 -64.59 -63.67 -33.28
N ASP I 43 -64.77 -62.37 -33.46
CA ASP I 43 -64.72 -61.42 -32.34
C ASP I 43 -65.91 -60.50 -32.29
N GLU I 44 -67.03 -60.90 -32.88
CA GLU I 44 -68.27 -60.13 -32.91
C GLU I 44 -68.75 -59.75 -31.53
N GLN I 45 -68.55 -60.61 -30.54
CA GLN I 45 -69.02 -60.35 -29.17
C GLN I 45 -68.25 -59.25 -28.44
N SER I 46 -67.02 -58.98 -28.88
CA SER I 46 -66.26 -57.85 -28.38
C SER I 46 -66.89 -56.55 -28.89
N TRP I 47 -67.26 -56.52 -30.16
CA TRP I 47 -67.92 -55.32 -30.73
C TRP I 47 -69.20 -55.02 -30.00
N PHE I 48 -69.94 -56.07 -29.64
CA PHE I 48 -71.23 -55.89 -28.98
C PHE I 48 -71.06 -55.29 -27.60
N ARG I 49 -70.12 -55.86 -26.85
CA ARG I 49 -69.83 -55.40 -25.49
C ARG I 49 -69.33 -53.97 -25.48
N GLU I 50 -68.44 -53.68 -26.41
CA GLU I 50 -67.82 -52.37 -26.49
C GLU I 50 -68.86 -51.36 -26.94
N THR I 51 -69.74 -51.77 -27.84
CA THR I 51 -70.86 -50.91 -28.27
C THR I 51 -71.84 -50.63 -27.13
N GLU I 52 -72.18 -51.66 -26.37
CA GLU I 52 -73.07 -51.50 -25.21
C GLU I 52 -72.46 -50.51 -24.23
N ILE I 53 -71.21 -50.74 -23.81
CA ILE I 53 -70.56 -49.92 -22.77
C ILE I 53 -70.42 -48.44 -23.19
N TYR I 54 -69.99 -48.22 -24.43
CA TYR I 54 -69.77 -46.87 -24.89
C TYR I 54 -71.09 -46.09 -25.08
N ASN I 55 -72.18 -46.80 -25.38
CA ASN I 55 -73.51 -46.15 -25.52
C ASN I 55 -74.24 -45.98 -24.17
N THR I 56 -73.80 -46.73 -23.16
CA THR I 56 -74.53 -46.91 -21.93
C THR I 56 -73.90 -46.27 -20.67
N VAL I 57 -72.56 -46.16 -20.67
CA VAL I 57 -71.81 -45.66 -19.52
C VAL I 57 -71.14 -44.30 -19.82
N LEU I 58 -71.40 -43.33 -18.97
CA LEU I 58 -70.77 -42.00 -19.10
C LEU I 58 -69.26 -42.13 -18.75
N LEU I 59 -68.45 -42.33 -19.79
CA LEU I 59 -67.06 -42.81 -19.63
C LEU I 59 -66.01 -41.85 -20.14
N ARG I 60 -66.40 -40.76 -20.81
CA ARG I 60 -65.44 -39.86 -21.40
C ARG I 60 -64.35 -39.50 -20.38
N HIS I 61 -63.10 -39.51 -20.82
CA HIS I 61 -61.95 -39.15 -19.97
C HIS I 61 -60.72 -39.04 -20.86
N ASP I 62 -59.91 -38.05 -20.58
CA ASP I 62 -58.68 -37.81 -21.34
C ASP I 62 -57.82 -39.08 -21.57
N ASN I 63 -57.82 -39.97 -20.59
CA ASN I 63 -57.03 -41.21 -20.60
C ASN I 63 -57.85 -42.48 -20.91
N ILE I 64 -58.93 -42.31 -21.65
CA ILE I 64 -59.72 -43.42 -22.21
C ILE I 64 -60.05 -43.06 -23.67
N LEU I 65 -59.93 -44.03 -24.56
CA LEU I 65 -60.10 -43.77 -26.00
C LEU I 65 -61.48 -43.22 -26.27
N GLY I 66 -61.54 -42.09 -26.98
CA GLY I 66 -62.78 -41.42 -27.29
C GLY I 66 -63.60 -42.18 -28.32
N PHE I 67 -64.89 -42.31 -28.04
CA PHE I 67 -65.84 -43.03 -28.87
C PHE I 67 -66.59 -42.07 -29.79
N ILE I 68 -66.71 -42.42 -31.07
CA ILE I 68 -67.43 -41.57 -32.02
C ILE I 68 -68.70 -42.23 -32.53
N ALA I 69 -68.59 -43.49 -32.96
CA ALA I 69 -69.76 -44.22 -33.47
C ALA I 69 -69.54 -45.70 -33.49
N SER I 70 -70.64 -46.44 -33.65
CA SER I 70 -70.64 -47.88 -33.84
C SER I 70 -71.70 -48.20 -34.93
N ASP I 71 -71.33 -49.02 -35.91
CA ASP I 71 -72.23 -49.33 -37.01
C ASP I 71 -72.12 -50.77 -37.51
N MET I 72 -73.12 -51.16 -38.31
CA MET I 72 -73.20 -52.46 -38.95
C MET I 72 -73.78 -52.28 -40.34
N GLN I 80 -70.71 -56.17 -42.04
CA GLN I 80 -69.60 -56.03 -41.12
C GLN I 80 -69.83 -55.10 -39.92
N LEU I 81 -69.00 -55.26 -38.88
CA LEU I 81 -69.22 -54.53 -37.65
C LEU I 81 -68.10 -53.52 -37.47
N TRP I 82 -68.46 -52.23 -37.33
CA TRP I 82 -67.46 -51.15 -37.18
C TRP I 82 -67.53 -50.49 -35.82
N LEU I 83 -66.38 -50.06 -35.34
CA LEU I 83 -66.26 -49.16 -34.20
C LEU I 83 -65.40 -48.01 -34.65
N ILE I 84 -65.92 -46.78 -34.60
CA ILE I 84 -65.15 -45.60 -35.00
C ILE I 84 -64.81 -44.79 -33.74
N THR I 85 -63.55 -44.37 -33.62
CA THR I 85 -63.04 -43.67 -32.44
C THR I 85 -62.04 -42.59 -32.83
N HIS I 86 -61.55 -41.84 -31.84
CA HIS I 86 -60.45 -40.90 -32.10
C HIS I 86 -59.28 -41.69 -32.66
N TYR I 87 -58.44 -41.02 -33.46
CA TYR I 87 -57.24 -41.64 -34.01
C TYR I 87 -56.05 -41.03 -33.33
N HIS I 88 -55.08 -41.88 -32.98
CA HIS I 88 -53.80 -41.42 -32.42
C HIS I 88 -52.63 -41.91 -33.24
N GLU I 89 -51.88 -40.98 -33.82
CA GLU I 89 -50.83 -41.27 -34.81
C GLU I 89 -49.74 -42.17 -34.31
N HIS I 90 -49.33 -41.97 -33.05
CA HIS I 90 -48.23 -42.75 -32.47
C HIS I 90 -48.59 -44.21 -32.32
N GLY I 91 -49.88 -44.52 -32.40
CA GLY I 91 -50.34 -45.90 -32.27
C GLY I 91 -50.29 -46.32 -30.82
N SER I 92 -50.17 -47.62 -30.59
CA SER I 92 -50.19 -48.14 -29.24
C SER I 92 -48.87 -47.90 -28.50
N LEU I 93 -48.89 -48.12 -27.20
CA LEU I 93 -47.71 -48.05 -26.38
C LEU I 93 -46.68 -49.07 -26.86
N TYR I 94 -47.15 -50.23 -27.30
CA TYR I 94 -46.31 -51.27 -27.91
C TYR I 94 -45.54 -50.66 -29.07
N ASP I 95 -46.29 -50.02 -29.97
CA ASP I 95 -45.71 -49.40 -31.17
C ASP I 95 -44.70 -48.32 -30.80
N PHE I 96 -45.09 -47.45 -29.86
CA PHE I 96 -44.28 -46.33 -29.42
C PHE I 96 -42.98 -46.80 -28.77
N LEU I 97 -43.09 -47.74 -27.85
CA LEU I 97 -41.92 -48.30 -27.19
C LEU I 97 -40.97 -49.05 -28.17
N GLN I 98 -41.49 -49.51 -29.30
CA GLN I 98 -40.68 -50.19 -30.31
C GLN I 98 -39.64 -49.24 -30.88
N ARG I 99 -40.10 -48.07 -31.30
CA ARG I 99 -39.27 -47.08 -32.02
C ARG I 99 -38.58 -46.07 -31.11
N GLN I 100 -39.22 -45.70 -30.03
CA GLN I 100 -38.76 -44.60 -29.20
C GLN I 100 -38.14 -45.06 -27.91
N THR I 101 -37.15 -44.32 -27.45
CA THR I 101 -36.54 -44.52 -26.14
C THR I 101 -37.06 -43.40 -25.24
N LEU I 102 -37.07 -43.64 -23.93
CA LEU I 102 -37.75 -42.71 -23.01
C LEU I 102 -36.79 -42.05 -22.04
N GLU I 103 -36.80 -40.73 -22.00
CA GLU I 103 -36.23 -39.98 -20.88
C GLU I 103 -37.04 -40.36 -19.64
N PRO I 104 -36.42 -40.34 -18.46
CA PRO I 104 -37.17 -40.64 -17.23
C PRO I 104 -38.47 -39.85 -17.04
N HIS I 105 -38.43 -38.56 -17.31
CA HIS I 105 -39.61 -37.68 -17.28
C HIS I 105 -40.73 -38.27 -18.15
N LEU I 106 -40.38 -38.71 -19.35
CA LEU I 106 -41.38 -39.21 -20.30
C LEU I 106 -41.96 -40.54 -19.83
N ALA I 107 -41.08 -41.40 -19.33
CA ALA I 107 -41.50 -42.69 -18.73
C ALA I 107 -42.54 -42.49 -17.63
N LEU I 108 -42.37 -41.49 -16.78
CA LEU I 108 -43.34 -41.20 -15.72
C LEU I 108 -44.65 -40.65 -16.27
N ARG I 109 -44.57 -39.85 -17.32
CA ARG I 109 -45.72 -39.22 -17.90
C ARG I 109 -46.64 -40.29 -18.47
N LEU I 110 -46.07 -41.22 -19.22
CA LEU I 110 -46.84 -42.33 -19.77
C LEU I 110 -47.37 -43.17 -18.63
N ALA I 111 -46.51 -43.46 -17.65
CA ALA I 111 -46.94 -44.29 -16.50
C ALA I 111 -48.06 -43.66 -15.68
N VAL I 112 -48.02 -42.34 -15.47
CA VAL I 112 -49.02 -41.67 -14.64
C VAL I 112 -50.36 -41.56 -15.35
N SER I 113 -50.30 -41.26 -16.64
CA SER I 113 -51.51 -41.11 -17.42
C SER I 113 -52.22 -42.44 -17.63
N ALA I 114 -51.45 -43.51 -17.86
CA ALA I 114 -52.03 -44.85 -17.94
C ALA I 114 -52.72 -45.13 -16.62
N ALA I 115 -52.05 -44.88 -15.52
CA ALA I 115 -52.63 -45.10 -14.19
C ALA I 115 -53.92 -44.32 -13.97
N CYS I 116 -54.00 -43.12 -14.54
CA CYS I 116 -55.21 -42.31 -14.44
C CYS I 116 -56.34 -43.03 -15.11
N GLY I 117 -56.11 -43.49 -16.34
CA GLY I 117 -57.09 -44.24 -17.10
C GLY I 117 -57.63 -45.43 -16.31
N LEU I 118 -56.73 -46.29 -15.84
CA LEU I 118 -57.15 -47.46 -15.07
C LEU I 118 -57.90 -47.09 -13.77
N ALA I 119 -57.43 -46.09 -13.04
CA ALA I 119 -58.13 -45.64 -11.82
C ALA I 119 -59.53 -45.19 -12.12
N HIS I 120 -59.69 -44.46 -13.22
CA HIS I 120 -60.99 -43.97 -13.65
C HIS I 120 -61.95 -45.12 -13.97
N LEU I 121 -61.45 -46.14 -14.66
CA LEU I 121 -62.23 -47.35 -14.95
C LEU I 121 -62.67 -48.03 -13.67
N HIS I 122 -61.71 -48.21 -12.76
CA HIS I 122 -61.95 -49.03 -11.54
C HIS I 122 -62.85 -48.38 -10.50
N VAL I 123 -62.79 -47.05 -10.37
CA VAL I 123 -63.53 -46.36 -9.30
C VAL I 123 -64.95 -46.08 -9.76
N GLU I 124 -65.91 -46.43 -8.92
CA GLU I 124 -67.30 -46.06 -9.15
C GLU I 124 -67.49 -44.57 -8.87
N ILE I 125 -68.15 -43.89 -9.79
CA ILE I 125 -68.70 -42.56 -9.56
C ILE I 125 -70.22 -42.77 -9.38
N PHE I 126 -70.76 -42.31 -8.26
CA PHE I 126 -72.19 -42.45 -7.95
C PHE I 126 -72.93 -41.21 -8.46
N GLY I 127 -74.22 -41.10 -8.15
CA GLY I 127 -75.00 -39.90 -8.45
C GLY I 127 -75.64 -40.09 -9.81
N THR I 128 -76.68 -39.29 -10.10
CA THR I 128 -77.54 -39.58 -11.24
C THR I 128 -76.71 -39.87 -12.46
N GLN I 129 -75.62 -39.13 -12.67
CA GLN I 129 -74.75 -39.39 -13.84
C GLN I 129 -73.36 -39.88 -13.46
N GLY I 130 -73.29 -40.76 -12.49
CA GLY I 130 -72.10 -41.51 -12.25
C GLY I 130 -71.76 -42.49 -13.36
N LYS I 131 -70.92 -43.45 -12.99
CA LYS I 131 -70.55 -44.58 -13.84
C LYS I 131 -70.25 -45.73 -12.89
N PRO I 132 -70.56 -46.97 -13.29
CA PRO I 132 -70.22 -48.06 -12.39
C PRO I 132 -68.71 -48.29 -12.38
N ALA I 133 -68.26 -49.15 -11.47
CA ALA I 133 -66.89 -49.63 -11.49
C ALA I 133 -66.70 -50.56 -12.67
N ILE I 134 -65.61 -50.41 -13.41
CA ILE I 134 -65.34 -51.20 -14.61
C ILE I 134 -63.95 -51.82 -14.53
N ALA I 135 -63.85 -53.12 -14.81
CA ALA I 135 -62.56 -53.81 -14.93
C ALA I 135 -62.28 -54.19 -16.39
N HIS I 136 -61.05 -53.98 -16.85
CA HIS I 136 -60.70 -54.12 -18.27
C HIS I 136 -60.71 -55.60 -18.70
N ARG I 137 -59.88 -56.41 -18.02
CA ARG I 137 -59.74 -57.86 -18.27
C ARG I 137 -58.86 -58.21 -19.48
N ASP I 138 -58.33 -57.20 -20.20
CA ASP I 138 -57.28 -57.43 -21.22
C ASP I 138 -56.28 -56.26 -21.29
N PHE I 139 -55.79 -55.84 -20.13
CA PHE I 139 -54.90 -54.71 -20.05
C PHE I 139 -53.47 -55.07 -20.48
N LYS I 140 -53.00 -54.41 -21.54
CA LYS I 140 -51.72 -54.73 -22.13
C LYS I 140 -51.25 -53.52 -22.91
N SER I 141 -49.97 -53.52 -23.31
CA SER I 141 -49.42 -52.35 -23.97
C SER I 141 -50.01 -52.11 -25.32
N ARG I 142 -50.54 -53.16 -25.95
CA ARG I 142 -51.21 -53.03 -27.25
C ARG I 142 -52.59 -52.40 -27.14
N ASN I 143 -53.18 -52.41 -25.95
CA ASN I 143 -54.51 -51.78 -25.72
C ASN I 143 -54.40 -50.41 -25.01
N VAL I 144 -53.21 -49.82 -25.05
CA VAL I 144 -52.98 -48.45 -24.55
C VAL I 144 -52.44 -47.67 -25.73
N LEU I 145 -53.03 -46.53 -26.02
CA LEU I 145 -52.57 -45.69 -27.13
C LEU I 145 -51.78 -44.54 -26.56
N VAL I 146 -50.86 -43.98 -27.37
CA VAL I 146 -50.09 -42.80 -26.99
C VAL I 146 -50.54 -41.61 -27.82
N LYS I 147 -51.00 -40.55 -27.14
CA LYS I 147 -51.54 -39.35 -27.76
C LYS I 147 -50.45 -38.38 -28.19
N SER I 148 -50.83 -37.35 -28.93
CA SER I 148 -49.93 -36.28 -29.35
C SER I 148 -49.17 -35.63 -28.19
N ASN I 149 -49.85 -35.43 -27.06
CA ASN I 149 -49.22 -34.87 -25.88
C ASN I 149 -48.53 -35.92 -25.03
N LEU I 150 -48.18 -37.04 -25.66
CA LEU I 150 -47.42 -38.11 -25.03
C LEU I 150 -48.04 -38.51 -23.69
N GLN I 151 -49.36 -38.50 -23.64
CA GLN I 151 -50.11 -39.11 -22.54
C GLN I 151 -50.76 -40.35 -23.09
N CYS I 152 -51.00 -41.33 -22.23
CA CYS I 152 -51.71 -42.55 -22.64
C CYS I 152 -53.23 -42.44 -22.55
N CYS I 153 -53.93 -43.28 -23.29
CA CYS I 153 -55.38 -43.51 -23.04
C CYS I 153 -55.72 -44.95 -23.34
N ILE I 154 -56.53 -45.54 -22.48
CA ILE I 154 -56.86 -46.96 -22.59
C ILE I 154 -57.90 -47.23 -23.69
N ALA I 155 -57.73 -48.36 -24.40
CA ALA I 155 -58.68 -48.83 -25.40
C ALA I 155 -59.14 -50.28 -25.20
N ASP I 156 -60.03 -50.72 -26.06
CA ASP I 156 -60.53 -52.09 -26.08
C ASP I 156 -61.31 -52.52 -24.82
N LEU I 157 -62.59 -52.17 -24.76
CA LEU I 157 -63.42 -52.52 -23.62
C LEU I 157 -64.21 -53.78 -23.87
N GLY I 158 -63.81 -54.58 -24.87
CA GLY I 158 -64.57 -55.74 -25.33
C GLY I 158 -64.81 -56.84 -24.33
N LEU I 159 -63.95 -56.92 -23.32
CA LEU I 159 -64.06 -57.94 -22.28
C LEU I 159 -64.38 -57.34 -20.93
N ALA I 160 -64.71 -56.05 -20.89
CA ALA I 160 -64.88 -55.36 -19.61
C ALA I 160 -66.06 -55.92 -18.77
N VAL I 161 -65.90 -55.90 -17.45
CA VAL I 161 -66.96 -56.31 -16.51
C VAL I 161 -67.27 -55.14 -15.54
N MET I 162 -68.51 -54.98 -15.06
CA MET I 162 -68.90 -53.83 -14.18
C MET I 162 -69.64 -54.19 -12.90
N HIS I 163 -69.74 -53.26 -11.97
CA HIS I 163 -70.37 -53.52 -10.70
C HIS I 163 -70.57 -52.20 -9.97
N SER I 164 -71.81 -51.87 -9.64
CA SER I 164 -72.12 -50.68 -8.85
C SER I 164 -72.63 -51.15 -7.50
N GLN I 165 -72.10 -50.56 -6.44
CA GLN I 165 -72.62 -50.69 -5.09
C GLN I 165 -74.02 -50.04 -4.97
N GLY I 166 -74.96 -50.37 -5.83
CA GLY I 166 -76.36 -49.98 -5.65
C GLY I 166 -77.14 -51.23 -5.26
N SER I 167 -77.13 -52.20 -6.19
CA SER I 167 -77.53 -53.60 -5.91
C SER I 167 -76.42 -54.59 -6.40
N ASP I 168 -75.89 -55.36 -5.45
CA ASP I 168 -74.82 -56.27 -5.79
C ASP I 168 -75.30 -57.41 -6.73
N TYR I 169 -74.72 -57.38 -7.93
CA TYR I 169 -74.68 -58.51 -8.86
C TYR I 169 -73.59 -58.11 -9.86
N LEU I 170 -73.10 -59.06 -10.65
CA LEU I 170 -72.00 -58.76 -11.57
C LEU I 170 -72.38 -58.72 -13.06
N ASP I 171 -72.00 -57.62 -13.69
CA ASP I 171 -72.30 -57.38 -15.09
C ASP I 171 -71.21 -58.02 -15.94
N ILE I 172 -71.51 -59.21 -16.45
CA ILE I 172 -70.57 -60.09 -17.19
C ILE I 172 -70.99 -60.37 -18.67
N GLY I 173 -70.10 -60.07 -19.61
CA GLY I 173 -70.38 -60.27 -21.04
C GLY I 173 -70.42 -61.74 -21.38
N ASN I 174 -70.96 -62.07 -22.55
CA ASN I 174 -71.09 -63.47 -22.95
C ASN I 174 -69.90 -63.89 -23.82
N ASN I 175 -68.89 -63.03 -23.91
CA ASN I 175 -67.75 -63.24 -24.76
C ASN I 175 -66.95 -64.49 -24.38
N PRO I 176 -66.61 -65.37 -25.37
CA PRO I 176 -65.74 -66.54 -25.12
C PRO I 176 -64.27 -66.15 -25.01
N ARG I 177 -63.91 -65.01 -25.60
CA ARG I 177 -62.55 -64.51 -25.56
C ARG I 177 -62.08 -64.38 -24.10
N VAL I 178 -60.81 -64.65 -23.88
CA VAL I 178 -60.19 -64.44 -22.57
C VAL I 178 -59.07 -63.40 -22.68
N GLY I 179 -58.53 -63.01 -21.55
CA GLY I 179 -57.39 -62.10 -21.55
C GLY I 179 -56.22 -62.62 -22.42
N THR I 180 -55.41 -61.71 -22.93
CA THR I 180 -54.20 -62.10 -23.62
C THR I 180 -53.34 -62.91 -22.66
N LYS I 181 -52.90 -64.09 -23.10
CA LYS I 181 -52.24 -65.04 -22.21
C LYS I 181 -50.97 -64.50 -21.60
N ARG I 182 -50.19 -63.74 -22.37
CA ARG I 182 -48.93 -63.21 -21.83
C ARG I 182 -49.17 -62.42 -20.54
N TYR I 183 -50.38 -61.86 -20.38
CA TYR I 183 -50.64 -60.91 -19.31
C TYR I 183 -51.55 -61.41 -18.22
N MET I 184 -51.89 -62.69 -18.30
CA MET I 184 -52.81 -63.28 -17.34
C MET I 184 -52.15 -63.42 -16.01
N ALA I 185 -52.86 -63.09 -14.95
CA ALA I 185 -52.33 -63.20 -13.59
C ALA I 185 -52.26 -64.66 -13.18
N PRO I 186 -51.53 -64.97 -12.10
CA PRO I 186 -51.43 -66.38 -11.67
C PRO I 186 -52.80 -66.99 -11.42
N GLU I 187 -53.66 -66.24 -10.73
CA GLU I 187 -54.99 -66.72 -10.35
C GLU I 187 -55.91 -66.97 -11.56
N VAL I 188 -55.62 -66.36 -12.70
CA VAL I 188 -56.35 -66.65 -13.92
C VAL I 188 -55.84 -67.93 -14.59
N LEU I 189 -54.54 -68.13 -14.54
CA LEU I 189 -53.90 -69.31 -15.13
C LEU I 189 -54.09 -70.54 -14.25
N ASP I 190 -54.17 -70.33 -12.94
CA ASP I 190 -54.54 -71.43 -12.00
C ASP I 190 -56.01 -71.81 -12.15
N GLU I 191 -56.84 -70.89 -12.64
CA GLU I 191 -58.31 -71.02 -12.61
C GLU I 191 -58.83 -71.00 -11.18
N GLN I 192 -58.07 -70.35 -10.29
CA GLN I 192 -58.43 -70.25 -8.87
C GLN I 192 -59.11 -68.91 -8.56
N ILE I 193 -59.31 -68.09 -9.59
CA ILE I 193 -59.98 -66.80 -9.43
C ILE I 193 -61.48 -66.99 -9.16
N ARG I 194 -62.03 -66.15 -8.27
CA ARG I 194 -63.45 -66.17 -7.95
C ARG I 194 -64.19 -65.34 -9.01
N THR I 195 -64.82 -66.03 -9.98
CA THR I 195 -65.46 -65.37 -11.13
C THR I 195 -66.77 -64.66 -10.81
N ASP I 196 -67.23 -64.78 -9.57
CA ASP I 196 -68.45 -64.05 -9.12
C ASP I 196 -68.08 -62.93 -8.13
N CYS I 197 -66.82 -62.49 -8.17
CA CYS I 197 -66.34 -61.40 -7.31
C CYS I 197 -65.66 -60.33 -8.17
N PHE I 198 -66.18 -59.11 -8.13
CA PHE I 198 -65.68 -58.03 -8.96
C PHE I 198 -64.23 -57.61 -8.60
N GLU I 199 -63.93 -57.59 -7.30
CA GLU I 199 -62.60 -57.18 -6.84
C GLU I 199 -61.50 -58.05 -7.49
N SER I 200 -61.76 -59.36 -7.64
CA SER I 200 -60.86 -60.26 -8.35
C SER I 200 -60.43 -59.75 -9.71
N TYR I 201 -61.38 -59.32 -10.52
CA TYR I 201 -61.08 -58.89 -11.88
C TYR I 201 -60.26 -57.61 -11.91
N LYS I 202 -60.49 -56.72 -10.95
CA LYS I 202 -59.62 -55.55 -10.75
C LYS I 202 -58.18 -55.97 -10.49
N TRP I 203 -57.97 -56.97 -9.63
CA TRP I 203 -56.64 -57.41 -9.24
C TRP I 203 -55.85 -57.99 -10.39
N THR I 204 -56.53 -58.54 -11.40
CA THR I 204 -55.87 -59.05 -12.61
C THR I 204 -55.49 -57.89 -13.54
N ASP I 205 -56.30 -56.84 -13.57
CA ASP I 205 -55.92 -55.60 -14.27
C ASP I 205 -54.58 -55.09 -13.71
N ILE I 206 -54.44 -55.11 -12.39
CA ILE I 206 -53.27 -54.57 -11.70
C ILE I 206 -52.00 -55.37 -12.04
N TRP I 207 -52.07 -56.69 -11.91
CA TRP I 207 -51.01 -57.55 -12.40
C TRP I 207 -50.54 -57.06 -13.76
N ALA I 208 -51.43 -57.10 -14.73
CA ALA I 208 -51.11 -56.67 -16.11
C ALA I 208 -50.49 -55.26 -16.16
N PHE I 209 -50.91 -54.40 -15.26
CA PHE I 209 -50.44 -53.05 -15.27
C PHE I 209 -48.96 -53.02 -14.89
N GLY I 210 -48.61 -53.80 -13.86
CA GLY I 210 -47.23 -54.00 -13.49
C GLY I 210 -46.37 -54.44 -14.65
N LEU I 211 -46.89 -55.35 -15.48
CA LEU I 211 -46.16 -55.86 -16.65
C LEU I 211 -45.96 -54.75 -17.66
N VAL I 212 -46.95 -53.86 -17.80
CA VAL I 212 -46.85 -52.73 -18.70
C VAL I 212 -45.82 -51.70 -18.19
N LEU I 213 -45.72 -51.53 -16.87
CA LEU I 213 -44.69 -50.67 -16.28
C LEU I 213 -43.29 -51.18 -16.63
N TRP I 214 -43.08 -52.47 -16.44
CA TRP I 214 -41.83 -53.13 -16.83
C TRP I 214 -41.45 -52.76 -18.28
N GLU I 215 -42.40 -52.88 -19.20
CA GLU I 215 -42.17 -52.54 -20.63
C GLU I 215 -41.71 -51.11 -20.81
N ILE I 216 -42.32 -50.19 -20.06
CA ILE I 216 -41.93 -48.77 -20.06
C ILE I 216 -40.55 -48.62 -19.46
N ALA I 217 -40.32 -49.24 -18.30
CA ALA I 217 -39.04 -49.15 -17.57
C ALA I 217 -37.85 -49.63 -18.41
N ARG I 218 -37.99 -50.79 -19.04
CA ARG I 218 -36.96 -51.37 -19.89
C ARG I 218 -36.49 -50.41 -20.97
N ARG I 219 -37.40 -49.57 -21.43
CA ARG I 219 -37.13 -48.71 -22.58
C ARG I 219 -36.79 -47.30 -22.13
N THR I 220 -36.60 -47.13 -20.84
CA THR I 220 -36.14 -45.85 -20.29
C THR I 220 -34.62 -45.80 -20.25
N ILE I 221 -34.05 -44.63 -20.51
CA ILE I 221 -32.62 -44.46 -20.67
C ILE I 221 -31.90 -44.15 -19.37
N VAL I 222 -30.93 -44.97 -18.99
CA VAL I 222 -30.16 -44.63 -17.80
C VAL I 222 -28.64 -44.77 -18.03
N ASN I 223 -27.89 -43.88 -17.40
CA ASN I 223 -26.47 -43.74 -17.69
C ASN I 223 -26.18 -43.71 -19.21
N GLY I 224 -27.09 -43.14 -19.99
CA GLY I 224 -26.90 -43.05 -21.44
C GLY I 224 -27.03 -44.35 -22.20
N ILE I 225 -27.55 -45.40 -21.56
CA ILE I 225 -27.78 -46.70 -22.22
C ILE I 225 -29.23 -47.10 -22.13
N VAL I 226 -29.61 -48.06 -22.97
CA VAL I 226 -30.98 -48.53 -22.95
C VAL I 226 -31.20 -49.85 -23.70
N GLU I 227 -32.03 -50.71 -23.13
CA GLU I 227 -32.28 -52.00 -23.74
C GLU I 227 -33.28 -51.84 -24.90
N ASP I 228 -33.15 -52.74 -25.87
CA ASP I 228 -34.09 -52.81 -26.99
C ASP I 228 -35.40 -53.39 -26.47
N TYR I 229 -36.51 -53.04 -27.12
CA TYR I 229 -37.82 -53.51 -26.63
C TYR I 229 -37.93 -55.04 -26.59
N ARG I 230 -38.42 -55.54 -25.47
CA ARG I 230 -38.88 -56.94 -25.39
C ARG I 230 -40.24 -57.00 -24.65
N PRO I 231 -41.06 -58.00 -24.97
CA PRO I 231 -42.29 -58.13 -24.22
C PRO I 231 -42.03 -58.78 -22.87
N PRO I 232 -43.02 -58.74 -21.95
CA PRO I 232 -42.83 -59.40 -20.67
C PRO I 232 -42.67 -60.88 -20.87
N PHE I 233 -41.81 -61.51 -20.08
CA PHE I 233 -41.48 -62.94 -20.18
C PHE I 233 -40.84 -63.35 -21.50
N TYR I 234 -40.21 -62.40 -22.19
CA TYR I 234 -39.50 -62.70 -23.45
C TYR I 234 -38.47 -63.79 -23.33
N ASP I 235 -37.91 -63.93 -22.13
CA ASP I 235 -36.78 -64.84 -21.90
C ASP I 235 -37.22 -66.23 -21.46
N VAL I 236 -38.52 -66.39 -21.20
CA VAL I 236 -39.03 -67.66 -20.71
C VAL I 236 -40.15 -68.32 -21.56
N VAL I 237 -40.78 -67.58 -22.48
CA VAL I 237 -41.85 -68.14 -23.33
C VAL I 237 -41.73 -67.72 -24.81
N PRO I 238 -42.28 -68.54 -25.74
CA PRO I 238 -42.24 -68.23 -27.18
C PRO I 238 -43.19 -67.05 -27.50
N ASN I 239 -43.44 -66.70 -28.76
CA ASN I 239 -44.20 -65.48 -29.05
C ASN I 239 -45.76 -65.58 -29.16
N ASP I 240 -46.32 -66.76 -29.33
CA ASP I 240 -47.77 -66.87 -29.06
C ASP I 240 -48.03 -67.77 -27.87
N PRO I 241 -47.55 -67.34 -26.69
CA PRO I 241 -47.61 -68.20 -25.55
C PRO I 241 -48.93 -68.90 -25.51
N SER I 242 -48.87 -70.24 -25.50
CA SER I 242 -50.01 -71.06 -25.08
C SER I 242 -50.39 -70.74 -23.65
N PHE I 243 -51.54 -71.26 -23.24
CA PHE I 243 -51.97 -71.16 -21.83
C PHE I 243 -50.94 -71.91 -20.97
N GLU I 244 -50.58 -73.12 -21.41
CA GLU I 244 -49.75 -74.05 -20.65
C GLU I 244 -48.35 -73.50 -20.45
N ASP I 245 -47.83 -72.82 -21.46
CA ASP I 245 -46.50 -72.17 -21.37
C ASP I 245 -46.49 -71.16 -20.23
N MET I 246 -47.54 -70.36 -20.13
CA MET I 246 -47.65 -69.36 -19.08
C MET I 246 -47.93 -69.98 -17.69
N LYS I 247 -48.84 -70.95 -17.66
CA LYS I 247 -49.16 -71.69 -16.45
C LYS I 247 -47.84 -72.18 -15.80
N LYS I 248 -46.95 -72.76 -16.61
CA LYS I 248 -45.66 -73.30 -16.10
C LYS I 248 -44.75 -72.20 -15.57
N VAL I 249 -44.61 -71.13 -16.32
CA VAL I 249 -43.74 -70.02 -15.98
C VAL I 249 -44.25 -69.19 -14.79
N VAL I 250 -45.53 -68.83 -14.82
CA VAL I 250 -46.10 -67.93 -13.81
C VAL I 250 -46.53 -68.66 -12.55
N CYS I 251 -47.07 -69.88 -12.67
CA CYS I 251 -47.60 -70.61 -11.51
C CYS I 251 -46.61 -71.62 -10.97
N VAL I 252 -46.16 -72.55 -11.82
CA VAL I 252 -45.23 -73.61 -11.36
C VAL I 252 -43.86 -73.06 -10.98
N ASP I 253 -43.25 -72.29 -11.88
CA ASP I 253 -41.93 -71.70 -11.63
C ASP I 253 -41.98 -70.41 -10.81
N GLN I 254 -43.17 -69.87 -10.59
CA GLN I 254 -43.35 -68.65 -9.80
C GLN I 254 -42.53 -67.48 -10.31
N GLN I 255 -42.42 -67.36 -11.62
CA GLN I 255 -41.61 -66.31 -12.24
C GLN I 255 -42.36 -64.98 -12.39
N THR I 256 -41.59 -63.90 -12.27
CA THR I 256 -42.03 -62.57 -12.61
C THR I 256 -40.92 -61.96 -13.44
N PRO I 257 -41.23 -60.95 -14.25
CA PRO I 257 -40.16 -60.37 -15.06
C PRO I 257 -39.00 -59.80 -14.22
N THR I 258 -37.77 -60.08 -14.64
CA THR I 258 -36.61 -59.57 -13.95
C THR I 258 -36.52 -58.05 -13.92
N ILE I 259 -36.36 -57.52 -12.69
CA ILE I 259 -36.14 -56.06 -12.50
C ILE I 259 -34.64 -55.72 -12.43
N PRO I 260 -34.13 -55.11 -13.50
CA PRO I 260 -32.79 -54.55 -13.47
C PRO I 260 -32.42 -53.83 -12.17
N ASN I 261 -31.32 -54.26 -11.57
CA ASN I 261 -30.71 -53.62 -10.39
C ASN I 261 -30.32 -52.15 -10.63
N ARG I 262 -30.02 -51.84 -11.87
CA ARG I 262 -29.79 -50.50 -12.38
C ARG I 262 -30.80 -49.43 -11.99
N LEU I 263 -32.07 -49.85 -11.96
CA LEU I 263 -33.21 -49.01 -11.58
C LEU I 263 -33.09 -48.37 -10.21
N ALA I 264 -32.69 -49.12 -9.20
CA ALA I 264 -32.68 -48.61 -7.81
C ALA I 264 -32.05 -47.23 -7.72
N ALA I 265 -31.08 -46.97 -8.61
CA ALA I 265 -30.26 -45.77 -8.57
C ALA I 265 -30.91 -44.53 -9.15
N ASP I 266 -32.12 -44.63 -9.71
CA ASP I 266 -32.80 -43.46 -10.25
C ASP I 266 -34.11 -43.12 -9.49
N PRO I 267 -34.24 -41.88 -8.98
CA PRO I 267 -35.41 -41.46 -8.23
C PRO I 267 -36.75 -41.88 -8.87
N VAL I 268 -36.81 -41.91 -10.19
CA VAL I 268 -38.06 -42.24 -10.88
C VAL I 268 -38.17 -43.74 -11.09
N LEU I 269 -37.18 -44.39 -11.69
CA LEU I 269 -37.30 -45.81 -12.00
C LEU I 269 -37.31 -46.70 -10.73
N SER I 270 -36.56 -46.31 -9.72
CA SER I 270 -36.77 -46.88 -8.40
C SER I 270 -38.24 -46.88 -7.98
N GLY I 271 -38.94 -45.79 -8.29
CA GLY I 271 -40.32 -45.64 -7.86
C GLY I 271 -41.22 -46.65 -8.52
N LEU I 272 -41.00 -46.79 -9.82
CA LEU I 272 -41.70 -47.74 -10.67
C LEU I 272 -41.33 -49.19 -10.32
N ALA I 273 -40.07 -49.44 -9.99
CA ALA I 273 -39.63 -50.79 -9.64
C ALA I 273 -40.42 -51.36 -8.46
N GLN I 274 -40.63 -50.53 -7.44
CA GLN I 274 -41.31 -50.96 -6.23
C GLN I 274 -42.78 -51.19 -6.56
N MET I 275 -43.34 -50.34 -7.40
CA MET I 275 -44.73 -50.48 -7.81
C MET I 275 -44.93 -51.73 -8.63
N MET I 276 -43.96 -52.04 -9.47
CA MET I 276 -43.95 -53.29 -10.24
C MET I 276 -44.08 -54.48 -9.31
N ARG I 277 -43.23 -54.52 -8.30
CA ARG I 277 -43.24 -55.60 -7.29
C ARG I 277 -44.63 -55.71 -6.63
N GLU I 278 -45.21 -54.57 -6.28
CA GLU I 278 -46.44 -54.56 -5.49
C GLU I 278 -47.69 -54.77 -6.36
N CYS I 279 -47.46 -54.83 -7.68
CA CYS I 279 -48.47 -55.29 -8.62
C CYS I 279 -48.37 -56.80 -8.81
N TRP I 280 -47.26 -57.39 -8.43
CA TRP I 280 -47.00 -58.79 -8.73
C TRP I 280 -47.05 -59.72 -7.52
N TYR I 281 -47.54 -59.26 -6.37
CA TYR I 281 -47.72 -60.17 -5.23
C TYR I 281 -48.68 -61.32 -5.62
N PRO I 282 -48.28 -62.57 -5.38
CA PRO I 282 -49.11 -63.76 -5.69
C PRO I 282 -50.51 -63.73 -5.10
N ASN I 283 -50.64 -63.25 -3.87
CA ASN I 283 -51.95 -63.09 -3.21
C ASN I 283 -52.57 -61.78 -3.68
N PRO I 284 -53.61 -61.86 -4.54
CA PRO I 284 -54.18 -60.71 -5.24
C PRO I 284 -54.55 -59.50 -4.37
N SER I 285 -54.98 -59.76 -3.14
CA SER I 285 -55.49 -58.70 -2.26
C SER I 285 -54.36 -57.91 -1.62
N ALA I 286 -53.13 -58.41 -1.75
CA ALA I 286 -51.95 -57.69 -1.28
C ALA I 286 -51.50 -56.59 -2.25
N ARG I 287 -52.08 -56.58 -3.46
CA ARG I 287 -51.64 -55.69 -4.52
C ARG I 287 -52.15 -54.27 -4.33
N LEU I 288 -51.43 -53.28 -4.85
CA LEU I 288 -51.85 -51.90 -4.82
C LEU I 288 -53.05 -51.74 -5.69
N THR I 289 -53.90 -50.77 -5.35
CA THR I 289 -55.04 -50.42 -6.15
C THR I 289 -54.55 -49.42 -7.20
N ALA I 290 -55.35 -49.21 -8.25
CA ALA I 290 -55.02 -48.25 -9.28
C ALA I 290 -54.93 -46.83 -8.72
N LEU I 291 -55.83 -46.50 -7.79
CA LEU I 291 -55.85 -45.19 -7.14
C LEU I 291 -54.52 -44.95 -6.40
N ARG I 292 -54.06 -45.96 -5.63
CA ARG I 292 -52.82 -45.82 -4.89
C ARG I 292 -51.62 -45.67 -5.81
N ILE I 293 -51.65 -46.37 -6.93
CA ILE I 293 -50.56 -46.26 -7.92
C ILE I 293 -50.54 -44.84 -8.51
N LYS I 294 -51.68 -44.41 -9.03
CA LYS I 294 -51.83 -43.02 -9.47
C LYS I 294 -51.18 -42.10 -8.42
N LYS I 295 -51.64 -42.17 -7.17
CA LYS I 295 -51.21 -41.22 -6.15
C LYS I 295 -49.69 -41.25 -5.97
N THR I 296 -49.13 -42.45 -5.84
CA THR I 296 -47.68 -42.58 -5.64
C THR I 296 -46.86 -41.98 -6.78
N LEU I 297 -47.15 -42.41 -8.01
CA LEU I 297 -46.46 -41.91 -9.19
C LEU I 297 -46.62 -40.41 -9.29
N GLN I 298 -47.73 -39.89 -8.76
CA GLN I 298 -47.85 -38.43 -8.67
C GLN I 298 -46.88 -37.82 -7.63
N LYS I 299 -46.63 -38.47 -6.49
CA LYS I 299 -45.60 -37.90 -5.60
C LYS I 299 -44.27 -37.76 -6.32
N ILE I 300 -43.73 -38.84 -6.83
CA ILE I 300 -42.52 -38.73 -7.65
C ILE I 300 -42.63 -37.49 -8.56
N SER I 301 -43.73 -37.37 -9.32
CA SER I 301 -44.01 -36.18 -10.15
C SER I 301 -44.87 -35.09 -9.45
N ARG J 8 -81.85 -37.01 70.43
CA ARG J 8 -82.55 -37.06 71.76
C ARG J 8 -81.59 -37.46 72.88
N GLN J 9 -80.66 -38.36 72.59
CA GLN J 9 -79.72 -38.86 73.59
C GLN J 9 -78.49 -37.97 73.81
N VAL J 10 -78.16 -37.15 72.81
CA VAL J 10 -76.97 -36.30 72.88
C VAL J 10 -77.09 -35.30 74.04
N ALA J 11 -76.07 -35.27 74.90
CA ALA J 11 -75.97 -34.30 75.99
C ALA J 11 -74.98 -33.22 75.56
N LEU J 12 -75.38 -31.96 75.74
CA LEU J 12 -74.54 -30.81 75.39
C LEU J 12 -73.66 -30.47 76.59
N VAL J 13 -72.36 -30.35 76.36
CA VAL J 13 -71.40 -30.12 77.45
C VAL J 13 -70.75 -28.74 77.40
N GLU J 14 -70.21 -28.38 76.23
CA GLU J 14 -69.44 -27.15 76.09
C GLU J 14 -69.74 -26.43 74.77
N CYS J 15 -69.99 -25.11 74.84
CA CYS J 15 -70.13 -24.27 73.66
C CYS J 15 -68.75 -23.81 73.20
N VAL J 16 -68.35 -24.28 72.02
CA VAL J 16 -67.01 -24.02 71.51
C VAL J 16 -67.01 -22.99 70.36
N GLY J 17 -68.18 -22.48 70.00
CA GLY J 17 -68.30 -21.49 68.94
C GLY J 17 -69.65 -20.78 68.93
N LYS J 18 -69.64 -19.52 68.50
CA LYS J 18 -70.85 -18.70 68.41
C LYS J 18 -70.68 -17.61 67.35
N GLY J 19 -71.74 -17.33 66.60
CA GLY J 19 -71.69 -16.39 65.49
C GLY J 19 -73.04 -16.17 64.82
N ARG J 20 -73.02 -15.54 63.65
CA ARG J 20 -74.26 -15.25 62.89
C ARG J 20 -74.89 -16.53 62.33
N TYR J 21 -74.07 -17.57 62.13
CA TYR J 21 -74.54 -18.89 61.69
C TYR J 21 -75.32 -19.65 62.77
N GLY J 22 -75.12 -19.26 64.04
CA GLY J 22 -75.71 -19.96 65.18
C GLY J 22 -74.64 -20.25 66.22
N GLU J 23 -74.59 -21.51 66.70
CA GLU J 23 -73.64 -21.94 67.72
C GLU J 23 -73.21 -23.38 67.46
N VAL J 24 -71.95 -23.69 67.79
CA VAL J 24 -71.50 -25.08 67.76
C VAL J 24 -71.16 -25.49 69.19
N TRP J 25 -71.62 -26.67 69.58
CA TRP J 25 -71.40 -27.21 70.91
C TRP J 25 -70.66 -28.54 70.82
N ARG J 26 -69.85 -28.84 71.83
CA ARG J 26 -69.31 -30.19 72.00
C ARG J 26 -70.33 -30.99 72.78
N GLY J 27 -70.69 -32.17 72.27
CA GLY J 27 -71.70 -33.01 72.89
C GLY J 27 -71.20 -34.43 73.13
N LEU J 28 -71.80 -35.09 74.12
CA LEU J 28 -71.48 -36.47 74.47
C LEU J 28 -72.62 -37.39 74.03
N TRP J 29 -72.28 -38.41 73.25
CA TRP J 29 -73.25 -39.43 72.83
C TRP J 29 -72.62 -40.82 73.01
N HIS J 30 -73.18 -41.59 73.96
CA HIS J 30 -72.66 -42.92 74.32
C HIS J 30 -71.13 -42.92 74.42
N GLY J 31 -70.59 -42.06 75.29
CA GLY J 31 -69.15 -42.03 75.55
C GLY J 31 -68.32 -41.18 74.59
N GLU J 32 -68.68 -41.18 73.31
CA GLU J 32 -67.92 -40.45 72.28
C GLU J 32 -68.32 -38.98 72.18
N SER J 33 -67.44 -38.18 71.60
CA SER J 33 -67.67 -36.75 71.43
C SER J 33 -68.23 -36.45 70.05
N VAL J 34 -69.26 -35.60 70.01
CA VAL J 34 -69.87 -35.16 68.74
C VAL J 34 -69.99 -33.64 68.74
N ALA J 35 -70.04 -33.06 67.54
CA ALA J 35 -70.30 -31.63 67.37
C ALA J 35 -71.79 -31.46 67.10
N VAL J 36 -72.43 -30.51 67.79
CA VAL J 36 -73.83 -30.18 67.54
C VAL J 36 -73.93 -28.71 67.13
N LYS J 37 -74.16 -28.46 65.85
CA LYS J 37 -74.38 -27.11 65.36
C LYS J 37 -75.88 -26.73 65.44
N ILE J 38 -76.19 -25.79 66.33
CA ILE J 38 -77.54 -25.26 66.45
C ILE J 38 -77.62 -24.01 65.60
N PHE J 39 -78.47 -24.04 64.57
CA PHE J 39 -78.52 -22.95 63.59
C PHE J 39 -79.35 -21.78 64.09
N SER J 40 -78.99 -20.58 63.67
CA SER J 40 -79.79 -19.38 63.96
C SER J 40 -80.97 -19.29 63.00
N SER J 41 -81.99 -18.53 63.41
CA SER J 41 -83.18 -18.33 62.58
C SER J 41 -82.85 -17.70 61.22
N ARG J 42 -81.85 -16.82 61.20
CA ARG J 42 -81.41 -16.17 59.97
C ARG J 42 -80.67 -17.09 59.00
N ASP J 43 -80.37 -18.32 59.41
CA ASP J 43 -79.58 -19.26 58.59
C ASP J 43 -80.26 -20.62 58.41
N GLU J 44 -81.58 -20.68 58.60
CA GLU J 44 -82.34 -21.92 58.46
C GLU J 44 -82.15 -22.61 57.12
N GLN J 45 -81.98 -21.83 56.05
CA GLN J 45 -81.83 -22.40 54.71
C GLN J 45 -80.48 -23.11 54.51
N SER J 46 -79.46 -22.75 55.30
CA SER J 46 -78.20 -23.46 55.28
C SER J 46 -78.35 -24.84 55.89
N TRP J 47 -79.11 -24.94 57.00
CA TRP J 47 -79.44 -26.22 57.62
C TRP J 47 -80.17 -27.15 56.66
N PHE J 48 -81.11 -26.59 55.90
CA PHE J 48 -81.91 -27.37 54.95
C PHE J 48 -81.04 -27.94 53.82
N ARG J 49 -80.22 -27.07 53.23
CA ARG J 49 -79.32 -27.47 52.16
C ARG J 49 -78.34 -28.54 52.63
N GLU J 50 -77.78 -28.33 53.81
CA GLU J 50 -76.78 -29.22 54.35
C GLU J 50 -77.42 -30.57 54.70
N THR J 51 -78.65 -30.52 55.22
CA THR J 51 -79.40 -31.75 55.53
C THR J 51 -79.79 -32.52 54.26
N GLU J 52 -80.18 -31.79 53.22
CA GLU J 52 -80.49 -32.42 51.94
C GLU J 52 -79.27 -33.16 51.41
N ILE J 53 -78.16 -32.43 51.27
CA ILE J 53 -76.93 -32.96 50.67
C ILE J 53 -76.37 -34.16 51.42
N TYR J 54 -76.33 -34.07 52.75
CA TYR J 54 -75.78 -35.14 53.56
C TYR J 54 -76.64 -36.41 53.52
N ASN J 55 -77.95 -36.25 53.39
CA ASN J 55 -78.88 -37.39 53.30
C ASN J 55 -78.99 -37.98 51.90
N THR J 56 -78.54 -37.21 50.90
CA THR J 56 -78.84 -37.48 49.49
C THR J 56 -77.61 -37.91 48.67
N VAL J 57 -76.44 -37.41 49.04
CA VAL J 57 -75.22 -37.61 48.28
C VAL J 57 -74.25 -38.49 49.06
N LEU J 58 -73.77 -39.55 48.42
CA LEU J 58 -72.78 -40.44 49.03
C LEU J 58 -71.45 -39.69 49.07
N LEU J 59 -71.17 -39.07 50.21
CA LEU J 59 -70.12 -38.08 50.34
C LEU J 59 -68.99 -38.44 51.31
N ARG J 60 -69.18 -39.50 52.10
CA ARG J 60 -68.19 -39.92 53.09
C ARG J 60 -66.77 -39.88 52.53
N HIS J 61 -65.87 -39.23 53.27
CA HIS J 61 -64.47 -39.12 52.89
C HIS J 61 -63.66 -38.61 54.08
N ASP J 62 -62.45 -39.13 54.23
CA ASP J 62 -61.57 -38.71 55.32
C ASP J 62 -61.41 -37.20 55.44
N ASN J 63 -61.45 -36.50 54.30
CA ASN J 63 -61.24 -35.05 54.26
C ASN J 63 -62.52 -34.23 54.08
N ILE J 64 -63.64 -34.79 54.54
CA ILE J 64 -64.92 -34.09 54.58
C ILE J 64 -65.57 -34.43 55.91
N LEU J 65 -66.15 -33.43 56.58
CA LEU J 65 -66.68 -33.60 57.93
C LEU J 65 -67.77 -34.65 57.94
N GLY J 66 -67.62 -35.62 58.85
CA GLY J 66 -68.53 -36.74 58.96
C GLY J 66 -69.86 -36.33 59.52
N PHE J 67 -70.92 -36.80 58.86
CA PHE J 67 -72.31 -36.51 59.23
C PHE J 67 -72.85 -37.62 60.11
N ILE J 68 -73.55 -37.26 61.18
CA ILE J 68 -74.18 -38.24 62.06
C ILE J 68 -75.70 -38.15 61.98
N ALA J 69 -76.24 -36.94 62.16
CA ALA J 69 -77.69 -36.74 62.16
C ALA J 69 -78.10 -35.30 61.88
N SER J 70 -79.39 -35.13 61.60
CA SER J 70 -80.01 -33.82 61.45
C SER J 70 -81.39 -33.88 62.10
N ASP J 71 -81.73 -32.89 62.91
CA ASP J 71 -82.97 -32.92 63.69
C ASP J 71 -83.69 -31.58 63.87
N MET J 72 -85.00 -31.68 64.11
CA MET J 72 -85.81 -30.56 64.59
C MET J 72 -86.37 -30.82 65.99
N GLN J 80 -85.90 -25.05 67.12
CA GLN J 80 -84.68 -24.75 66.39
C GLN J 80 -84.30 -25.95 65.50
N LEU J 81 -83.11 -25.89 64.90
CA LEU J 81 -82.58 -26.86 63.92
C LEU J 81 -81.16 -27.32 64.24
N TRP J 82 -80.94 -28.63 64.31
CA TRP J 82 -79.65 -29.20 64.71
C TRP J 82 -79.00 -29.97 63.57
N LEU J 83 -77.67 -29.88 63.53
CA LEU J 83 -76.84 -30.74 62.69
C LEU J 83 -75.79 -31.35 63.62
N ILE J 84 -75.78 -32.67 63.71
CA ILE J 84 -74.82 -33.37 64.55
C ILE J 84 -73.77 -34.06 63.65
N THR J 85 -72.48 -33.84 63.95
CA THR J 85 -71.37 -34.37 63.14
C THR J 85 -70.27 -34.91 64.02
N HIS J 86 -69.21 -35.44 63.41
CA HIS J 86 -67.99 -35.75 64.19
C HIS J 86 -67.47 -34.47 64.85
N TYR J 87 -66.79 -34.64 65.98
CA TYR J 87 -66.17 -33.52 66.70
C TYR J 87 -64.65 -33.59 66.56
N HIS J 88 -64.03 -32.45 66.29
CA HIS J 88 -62.58 -32.36 66.20
C HIS J 88 -62.03 -31.33 67.17
N GLU J 89 -61.25 -31.81 68.14
CA GLU J 89 -60.79 -30.99 69.28
C GLU J 89 -60.02 -29.73 68.88
N HIS J 90 -59.15 -29.86 67.87
CA HIS J 90 -58.32 -28.74 67.43
C HIS J 90 -59.14 -27.59 66.87
N GLY J 91 -60.41 -27.85 66.56
CA GLY J 91 -61.28 -26.84 66.00
C GLY J 91 -60.94 -26.61 64.54
N SER J 92 -61.25 -25.42 64.05
CA SER J 92 -61.00 -25.06 62.67
C SER J 92 -59.53 -24.77 62.40
N LEU J 93 -59.18 -24.69 61.11
CA LEU J 93 -57.84 -24.31 60.67
C LEU J 93 -57.51 -22.90 61.15
N TYR J 94 -58.53 -22.05 61.17
CA TYR J 94 -58.42 -20.71 61.74
C TYR J 94 -57.92 -20.79 63.18
N ASP J 95 -58.61 -21.61 63.99
CA ASP J 95 -58.27 -21.81 65.40
C ASP J 95 -56.86 -22.38 65.58
N PHE J 96 -56.55 -23.41 64.80
CA PHE J 96 -55.26 -24.12 64.88
C PHE J 96 -54.10 -23.18 64.53
N LEU J 97 -54.26 -22.45 63.42
CA LEU J 97 -53.25 -21.50 62.96
C LEU J 97 -53.07 -20.32 63.92
N GLN J 98 -54.08 -20.04 64.74
CA GLN J 98 -53.99 -19.00 65.76
C GLN J 98 -52.91 -19.33 66.79
N ARG J 99 -53.00 -20.55 67.34
CA ARG J 99 -52.16 -20.98 68.46
C ARG J 99 -50.87 -21.67 68.03
N GLN J 100 -50.91 -22.43 66.94
CA GLN J 100 -49.81 -23.29 66.55
C GLN J 100 -49.00 -22.71 65.39
N THR J 101 -47.70 -22.96 65.41
CA THR J 101 -46.81 -22.65 64.31
C THR J 101 -46.51 -23.96 63.56
N LEU J 102 -46.19 -23.87 62.28
CA LEU J 102 -46.11 -25.07 61.44
C LEU J 102 -44.72 -25.34 60.89
N GLU J 103 -44.20 -26.53 61.20
CA GLU J 103 -43.03 -27.07 60.51
C GLU J 103 -43.43 -27.23 59.04
N PRO J 104 -42.48 -27.03 58.10
CA PRO J 104 -42.82 -27.19 56.67
C PRO J 104 -43.56 -28.50 56.34
N HIS J 105 -43.14 -29.62 56.94
CA HIS J 105 -43.78 -30.91 56.74
C HIS J 105 -45.28 -30.86 57.12
N LEU J 106 -45.58 -30.20 58.24
CA LEU J 106 -46.95 -30.07 58.73
C LEU J 106 -47.78 -29.15 57.82
N ALA J 107 -47.18 -28.05 57.38
CA ALA J 107 -47.82 -27.13 56.44
C ALA J 107 -48.30 -27.86 55.18
N LEU J 108 -47.45 -28.74 54.65
CA LEU J 108 -47.78 -29.51 53.45
C LEU J 108 -48.87 -30.55 53.73
N ARG J 109 -48.83 -31.14 54.93
CA ARG J 109 -49.81 -32.16 55.34
C ARG J 109 -51.22 -31.56 55.38
N LEU J 110 -51.34 -30.38 55.98
CA LEU J 110 -52.60 -29.66 56.03
C LEU J 110 -53.04 -29.23 54.63
N ALA J 111 -52.09 -28.71 53.85
CA ALA J 111 -52.38 -28.23 52.50
C ALA J 111 -52.82 -29.37 51.56
N VAL J 112 -52.15 -30.51 51.64
CA VAL J 112 -52.48 -31.64 50.76
C VAL J 112 -53.85 -32.24 51.11
N SER J 113 -54.13 -32.38 52.40
CA SER J 113 -55.36 -33.00 52.86
C SER J 113 -56.57 -32.10 52.55
N ALA J 114 -56.41 -30.80 52.76
CA ALA J 114 -57.45 -29.84 52.36
C ALA J 114 -57.71 -29.94 50.86
N ALA J 115 -56.64 -30.04 50.06
CA ALA J 115 -56.77 -30.22 48.61
C ALA J 115 -57.48 -31.52 48.22
N CYS J 116 -57.29 -32.58 49.01
CA CYS J 116 -57.97 -33.85 48.78
C CYS J 116 -59.48 -33.67 48.96
N GLY J 117 -59.84 -33.00 50.07
CA GLY J 117 -61.22 -32.66 50.35
C GLY J 117 -61.88 -31.92 49.20
N LEU J 118 -61.26 -30.83 48.76
CA LEU J 118 -61.84 -30.01 47.68
C LEU J 118 -61.91 -30.77 46.34
N ALA J 119 -60.86 -31.54 46.01
CA ALA J 119 -60.86 -32.33 44.79
C ALA J 119 -62.02 -33.33 44.78
N HIS J 120 -62.26 -33.95 45.94
CA HIS J 120 -63.32 -34.94 46.09
C HIS J 120 -64.70 -34.31 45.87
N LEU J 121 -64.89 -33.12 46.43
CA LEU J 121 -66.11 -32.34 46.21
C LEU J 121 -66.31 -32.03 44.73
N HIS J 122 -65.25 -31.51 44.09
CA HIS J 122 -65.36 -31.02 42.71
C HIS J 122 -65.56 -32.12 41.66
N VAL J 123 -64.91 -33.27 41.85
CA VAL J 123 -64.91 -34.32 40.83
C VAL J 123 -66.18 -35.15 40.93
N GLU J 124 -66.87 -35.31 39.80
CA GLU J 124 -68.01 -36.21 39.72
C GLU J 124 -67.54 -37.66 39.72
N PRO J 132 -72.54 -36.50 42.46
CA PRO J 132 -72.37 -35.41 41.50
C PRO J 132 -71.18 -34.51 41.85
N ALA J 133 -70.80 -33.64 40.92
CA ALA J 133 -69.78 -32.62 41.18
C ALA J 133 -70.38 -31.59 42.12
N ILE J 134 -69.64 -31.20 43.15
CA ILE J 134 -70.11 -30.26 44.18
C ILE J 134 -69.13 -29.10 44.35
N ALA J 135 -69.64 -27.87 44.32
CA ALA J 135 -68.83 -26.67 44.62
C ALA J 135 -69.27 -26.09 45.96
N HIS J 136 -68.30 -25.69 46.78
CA HIS J 136 -68.54 -25.28 48.16
C HIS J 136 -69.24 -23.91 48.24
N ARG J 137 -68.60 -22.90 47.64
CA ARG J 137 -69.11 -21.52 47.60
C ARG J 137 -68.89 -20.71 48.89
N ASP J 138 -68.32 -21.32 49.93
CA ASP J 138 -67.88 -20.58 51.12
C ASP J 138 -66.62 -21.22 51.72
N PHE J 139 -65.64 -21.48 50.87
CA PHE J 139 -64.41 -22.10 51.32
C PHE J 139 -63.54 -21.07 52.01
N LYS J 140 -63.20 -21.35 53.28
CA LYS J 140 -62.38 -20.47 54.09
C LYS J 140 -61.78 -21.29 55.23
N SER J 141 -60.80 -20.72 55.93
CA SER J 141 -60.10 -21.47 56.99
C SER J 141 -61.01 -21.82 58.17
N ARG J 142 -62.07 -21.03 58.38
CA ARG J 142 -63.05 -21.31 59.43
C ARG J 142 -63.96 -22.51 59.11
N ASN J 143 -64.05 -22.88 57.82
CA ASN J 143 -64.86 -24.02 57.37
C ASN J 143 -64.03 -25.25 57.04
N VAL J 144 -62.79 -25.28 57.54
CA VAL J 144 -61.90 -26.44 57.44
C VAL J 144 -61.48 -26.79 58.86
N LEU J 145 -61.71 -28.05 59.24
CA LEU J 145 -61.35 -28.52 60.59
C LEU J 145 -60.01 -29.25 60.55
N VAL J 146 -59.31 -29.26 61.68
CA VAL J 146 -58.08 -30.02 61.81
C VAL J 146 -58.28 -31.24 62.74
N LYS J 147 -58.05 -32.43 62.19
CA LYS J 147 -58.26 -33.68 62.90
C LYS J 147 -57.11 -34.02 63.82
N SER J 148 -57.29 -35.05 64.64
CA SER J 148 -56.25 -35.57 65.54
C SER J 148 -54.96 -35.92 64.82
N ASN J 149 -55.06 -36.51 63.63
CA ASN J 149 -53.89 -36.86 62.83
C ASN J 149 -53.36 -35.68 62.01
N LEU J 150 -53.74 -34.47 62.41
CA LEU J 150 -53.30 -33.25 61.75
C LEU J 150 -53.53 -33.27 60.25
N GLN J 151 -54.65 -33.86 59.83
CA GLN J 151 -55.14 -33.74 58.45
C GLN J 151 -56.42 -32.91 58.51
N CYS J 152 -56.71 -32.20 57.42
CA CYS J 152 -57.89 -31.35 57.35
C CYS J 152 -59.12 -32.13 56.89
N CYS J 153 -60.30 -31.61 57.21
CA CYS J 153 -61.52 -32.02 56.53
C CYS J 153 -62.46 -30.83 56.38
N ILE J 154 -63.12 -30.75 55.23
CA ILE J 154 -63.96 -29.61 54.89
C ILE J 154 -65.35 -29.73 55.53
N ALA J 155 -65.88 -28.60 56.00
CA ALA J 155 -67.22 -28.54 56.59
C ALA J 155 -68.06 -27.47 55.93
N ASP J 156 -69.31 -27.38 56.38
CA ASP J 156 -70.27 -26.34 56.00
C ASP J 156 -70.66 -26.39 54.51
N LEU J 157 -71.59 -27.28 54.19
CA LEU J 157 -72.08 -27.44 52.82
C LEU J 157 -73.35 -26.62 52.57
N GLY J 158 -73.63 -25.67 53.45
CA GLY J 158 -74.89 -24.90 53.41
C GLY J 158 -75.17 -24.12 52.14
N LEU J 159 -74.11 -23.76 51.41
CA LEU J 159 -74.22 -22.98 50.17
C LEU J 159 -73.85 -23.80 48.93
N ALA J 160 -73.61 -25.10 49.10
CA ALA J 160 -73.05 -25.89 48.02
C ALA J 160 -73.98 -25.93 46.81
N VAL J 161 -73.40 -26.06 45.63
CA VAL J 161 -74.16 -26.22 44.39
C VAL J 161 -73.66 -27.46 43.65
N ARG J 182 -64.67 -11.78 52.78
CA ARG J 182 -63.23 -11.74 52.69
C ARG J 182 -62.67 -12.68 51.61
N TYR J 183 -63.40 -13.76 51.31
CA TYR J 183 -62.89 -14.84 50.44
C TYR J 183 -63.52 -14.86 49.04
N MET J 184 -64.36 -13.87 48.75
CA MET J 184 -65.05 -13.80 47.47
C MET J 184 -64.07 -13.48 46.33
N ALA J 185 -64.17 -14.23 45.24
CA ALA J 185 -63.30 -14.02 44.07
C ALA J 185 -63.69 -12.71 43.39
N PRO J 186 -62.80 -12.19 42.52
CA PRO J 186 -63.12 -10.95 41.79
C PRO J 186 -64.45 -11.04 41.04
N GLU J 187 -64.65 -12.15 40.34
CA GLU J 187 -65.85 -12.34 39.53
C GLU J 187 -67.17 -12.40 40.33
N VAL J 188 -67.07 -12.72 41.62
CA VAL J 188 -68.24 -12.69 42.51
C VAL J 188 -68.51 -11.26 42.96
N LEU J 189 -67.45 -10.52 43.27
CA LEU J 189 -67.57 -9.12 43.69
C LEU J 189 -67.95 -8.20 42.53
N ASP J 190 -67.50 -8.56 41.33
CA ASP J 190 -67.91 -7.85 40.11
C ASP J 190 -69.37 -8.12 39.76
N GLU J 191 -69.90 -9.24 40.23
CA GLU J 191 -71.18 -9.78 39.77
C GLU J 191 -71.12 -10.16 38.29
N GLN J 192 -69.93 -10.49 37.80
CA GLN J 192 -69.73 -10.85 36.39
C GLN J 192 -69.71 -12.38 36.21
N ILE J 193 -69.87 -13.11 37.32
CA ILE J 193 -69.87 -14.57 37.28
C ILE J 193 -71.12 -15.09 36.57
N ARG J 194 -70.95 -16.15 35.80
CA ARG J 194 -72.06 -16.78 35.08
C ARG J 194 -72.75 -17.73 36.04
N THR J 195 -73.83 -17.22 36.63
CA THR J 195 -74.50 -17.95 37.69
C THR J 195 -75.25 -19.19 37.18
N ASP J 196 -75.27 -19.39 35.87
CA ASP J 196 -75.84 -20.61 35.27
C ASP J 196 -74.76 -21.54 34.69
N CYS J 197 -73.52 -21.36 35.17
CA CYS J 197 -72.41 -22.21 34.74
C CYS J 197 -71.74 -22.80 35.98
N PHE J 198 -71.67 -24.14 36.05
CA PHE J 198 -71.12 -24.81 37.22
C PHE J 198 -69.62 -24.56 37.38
N GLU J 199 -68.88 -24.60 36.28
CA GLU J 199 -67.42 -24.39 36.31
C GLU J 199 -67.04 -23.09 37.03
N SER J 200 -67.80 -22.02 36.79
CA SER J 200 -67.60 -20.74 37.48
C SER J 200 -67.50 -20.88 39.00
N TYR J 201 -68.44 -21.61 39.60
CA TYR J 201 -68.47 -21.78 41.05
C TYR J 201 -67.25 -22.53 41.57
N LYS J 202 -66.78 -23.51 40.80
CA LYS J 202 -65.54 -24.23 41.13
C LYS J 202 -64.35 -23.27 41.16
N TRP J 203 -64.30 -22.34 40.21
CA TRP J 203 -63.19 -21.40 40.10
C TRP J 203 -63.16 -20.41 41.28
N THR J 204 -64.32 -20.16 41.92
CA THR J 204 -64.36 -19.30 43.11
C THR J 204 -63.92 -20.06 44.36
N ASP J 205 -64.18 -21.37 44.38
CA ASP J 205 -63.62 -22.23 45.42
C ASP J 205 -62.09 -22.15 45.38
N ILE J 206 -61.53 -22.22 44.17
CA ILE J 206 -60.08 -22.25 43.96
C ILE J 206 -59.42 -20.96 44.45
N TRP J 207 -59.96 -19.81 44.02
CA TRP J 207 -59.53 -18.52 44.55
C TRP J 207 -59.39 -18.57 46.07
N ALA J 208 -60.51 -18.88 46.73
CA ALA J 208 -60.56 -18.99 48.19
C ALA J 208 -59.52 -19.97 48.73
N PHE J 209 -59.27 -21.05 48.00
CA PHE J 209 -58.29 -22.05 48.42
C PHE J 209 -56.89 -21.44 48.48
N GLY J 210 -56.54 -20.69 47.43
CA GLY J 210 -55.28 -19.94 47.39
C GLY J 210 -55.10 -19.06 48.61
N LEU J 211 -56.18 -18.40 49.03
CA LEU J 211 -56.16 -17.54 50.21
C LEU J 211 -55.89 -18.35 51.48
N VAL J 212 -56.46 -19.56 51.53
CA VAL J 212 -56.23 -20.45 52.68
C VAL J 212 -54.78 -20.97 52.72
N LEU J 213 -54.20 -21.22 51.54
CA LEU J 213 -52.78 -21.61 51.47
C LEU J 213 -51.90 -20.52 52.09
N TRP J 214 -52.13 -19.28 51.66
CA TRP J 214 -51.46 -18.11 52.21
C TRP J 214 -51.47 -18.12 53.74
N GLU J 215 -52.65 -18.33 54.32
CA GLU J 215 -52.80 -18.39 55.77
C GLU J 215 -51.89 -19.47 56.40
N ILE J 216 -51.82 -20.62 55.74
CA ILE J 216 -50.97 -21.72 56.19
C ILE J 216 -49.50 -21.31 56.03
N ALA J 217 -49.18 -20.75 54.87
CA ALA J 217 -47.82 -20.35 54.53
C ALA J 217 -47.26 -19.32 55.52
N ARG J 218 -48.06 -18.30 55.82
CA ARG J 218 -47.68 -17.24 56.77
C ARG J 218 -47.27 -17.79 58.13
N ARG J 219 -47.90 -18.89 58.52
CA ARG J 219 -47.73 -19.46 59.82
C ARG J 219 -46.65 -20.55 59.83
N THR J 220 -45.84 -20.58 58.77
CA THR J 220 -44.79 -21.58 58.60
C THR J 220 -43.41 -21.04 59.00
N ILE J 221 -42.78 -21.66 60.00
CA ILE J 221 -41.44 -21.28 60.46
C ILE J 221 -40.36 -21.76 59.51
N VAL J 222 -39.35 -20.91 59.28
CA VAL J 222 -38.24 -21.26 58.39
C VAL J 222 -37.01 -20.39 58.68
N VAL J 226 -41.61 -17.10 61.57
CA VAL J 226 -43.02 -17.50 61.61
C VAL J 226 -43.89 -16.34 62.12
N GLU J 227 -44.40 -15.55 61.17
CA GLU J 227 -45.23 -14.37 61.46
C GLU J 227 -46.42 -14.77 62.32
N ASP J 228 -46.94 -13.83 63.11
CA ASP J 228 -48.17 -14.07 63.87
C ASP J 228 -49.32 -14.18 62.89
N TYR J 229 -50.38 -14.91 63.27
CA TYR J 229 -51.52 -15.11 62.37
C TYR J 229 -52.18 -13.80 61.96
N ARG J 230 -52.46 -13.67 60.67
CA ARG J 230 -53.32 -12.61 60.15
C ARG J 230 -54.23 -13.19 59.07
N PRO J 231 -55.45 -12.66 58.94
CA PRO J 231 -56.32 -13.12 57.87
C PRO J 231 -55.88 -12.56 56.52
N PRO J 232 -56.36 -13.14 55.40
CA PRO J 232 -56.05 -12.55 54.10
C PRO J 232 -56.53 -11.10 54.01
N PHE J 233 -55.75 -10.25 53.34
CA PHE J 233 -56.05 -8.82 53.20
C PHE J 233 -56.12 -8.06 54.52
N TYR J 234 -55.47 -8.58 55.56
CA TYR J 234 -55.42 -7.91 56.86
C TYR J 234 -54.88 -6.48 56.79
N ASP J 235 -54.04 -6.21 55.79
CA ASP J 235 -53.38 -4.90 55.65
C ASP J 235 -54.18 -3.90 54.80
N VAL J 236 -55.32 -4.33 54.23
CA VAL J 236 -56.12 -3.46 53.33
C VAL J 236 -57.62 -3.31 53.65
N VAL J 237 -58.18 -4.15 54.53
CA VAL J 237 -59.60 -4.08 54.88
C VAL J 237 -59.84 -4.23 56.40
N PRO J 238 -60.94 -3.65 56.92
CA PRO J 238 -61.27 -3.77 58.35
C PRO J 238 -61.70 -5.18 58.73
N GLU J 244 -68.25 -3.55 49.56
CA GLU J 244 -67.63 -2.41 48.87
C GLU J 244 -66.13 -2.29 49.19
N ASP J 245 -65.76 -2.58 50.44
CA ASP J 245 -64.34 -2.63 50.84
C ASP J 245 -63.56 -3.63 50.01
N MET J 246 -64.13 -4.83 49.82
CA MET J 246 -63.48 -5.88 49.05
C MET J 246 -63.48 -5.59 47.55
N LYS J 247 -64.61 -5.08 47.04
CA LYS J 247 -64.71 -4.66 45.63
C LYS J 247 -63.56 -3.72 45.26
N LYS J 248 -63.31 -2.73 46.11
CA LYS J 248 -62.24 -1.74 45.88
C LYS J 248 -60.84 -2.39 45.88
N VAL J 249 -60.58 -3.22 46.88
CA VAL J 249 -59.28 -3.87 47.04
C VAL J 249 -59.01 -4.93 45.96
N VAL J 250 -59.98 -5.81 45.72
CA VAL J 250 -59.77 -6.96 44.84
C VAL J 250 -60.00 -6.63 43.37
N CYS J 251 -60.96 -5.76 43.07
CA CYS J 251 -61.31 -5.45 41.68
C CYS J 251 -60.67 -4.14 41.18
N VAL J 252 -60.89 -3.05 41.89
CA VAL J 252 -60.35 -1.74 41.48
C VAL J 252 -58.83 -1.70 41.63
N ASP J 253 -58.32 -2.02 42.83
CA ASP J 253 -56.88 -1.98 43.11
C ASP J 253 -56.15 -3.24 42.60
N GLN J 254 -56.90 -4.26 42.20
CA GLN J 254 -56.34 -5.52 41.68
C GLN J 254 -55.33 -6.15 42.64
N GLN J 255 -55.63 -6.07 43.94
CA GLN J 255 -54.75 -6.58 44.99
C GLN J 255 -54.93 -8.08 45.24
N THR J 256 -53.81 -8.74 45.59
CA THR J 256 -53.81 -10.11 46.08
C THR J 256 -52.85 -10.18 47.30
N PRO J 257 -52.99 -11.21 48.18
CA PRO J 257 -52.13 -11.28 49.39
C PRO J 257 -50.62 -11.41 49.10
N THR J 258 -49.80 -10.91 50.02
CA THR J 258 -48.35 -10.84 49.84
C THR J 258 -47.64 -12.20 49.63
N ILE J 259 -46.64 -12.18 48.74
CA ILE J 259 -45.56 -13.14 48.73
C ILE J 259 -44.35 -12.36 49.25
N PRO J 260 -44.11 -12.41 50.58
CA PRO J 260 -43.00 -11.68 51.18
C PRO J 260 -41.71 -12.44 50.98
N ASN J 261 -40.65 -11.78 50.54
CA ASN J 261 -39.37 -12.44 50.28
C ASN J 261 -39.02 -13.40 51.43
N ARG J 262 -39.50 -14.66 51.31
CA ARG J 262 -39.50 -15.62 52.44
C ARG J 262 -39.81 -17.04 51.96
N LEU J 263 -40.95 -17.20 51.30
CA LEU J 263 -41.38 -18.48 50.71
C LEU J 263 -40.44 -18.98 49.61
N ALA J 264 -39.45 -18.16 49.27
CA ALA J 264 -38.30 -18.62 48.51
C ALA J 264 -37.51 -19.68 49.30
N ALA J 265 -37.23 -19.38 50.56
CA ALA J 265 -36.13 -20.04 51.31
C ALA J 265 -36.39 -21.46 51.85
N ASP J 266 -37.50 -22.09 51.49
CA ASP J 266 -37.75 -23.47 51.88
C ASP J 266 -38.06 -24.36 50.66
N PRO J 267 -37.31 -25.46 50.47
CA PRO J 267 -37.68 -26.46 49.45
C PRO J 267 -38.92 -27.32 49.80
N VAL J 268 -39.72 -26.88 50.79
CA VAL J 268 -41.05 -27.46 51.03
C VAL J 268 -42.15 -26.44 50.69
N LEU J 269 -41.99 -25.19 51.18
CA LEU J 269 -42.89 -24.08 50.81
C LEU J 269 -42.51 -23.47 49.45
N SER J 270 -41.74 -24.22 48.66
CA SER J 270 -41.20 -23.76 47.38
C SER J 270 -42.29 -23.77 46.29
N GLY J 271 -43.01 -24.89 46.19
CA GLY J 271 -44.14 -25.01 45.25
C GLY J 271 -45.40 -24.25 45.66
N LEU J 272 -45.68 -24.17 46.96
CA LEU J 272 -46.91 -23.55 47.46
C LEU J 272 -47.10 -22.11 46.97
N ALA J 273 -46.00 -21.35 46.96
CA ALA J 273 -46.00 -19.96 46.50
C ALA J 273 -46.45 -19.87 45.04
N GLN J 274 -45.92 -20.75 44.20
CA GLN J 274 -46.26 -20.78 42.78
C GLN J 274 -47.72 -21.21 42.58
N MET J 275 -48.18 -22.17 43.37
CA MET J 275 -49.57 -22.61 43.31
C MET J 275 -50.54 -21.52 43.76
N MET J 276 -50.14 -20.77 44.79
CA MET J 276 -50.91 -19.61 45.24
C MET J 276 -51.13 -18.63 44.09
N ARG J 277 -50.05 -18.27 43.40
CA ARG J 277 -50.12 -17.38 42.23
C ARG J 277 -51.15 -17.89 41.20
N GLU J 278 -51.28 -19.21 41.08
CA GLU J 278 -52.12 -19.83 40.05
C GLU J 278 -53.55 -20.10 40.50
N CYS J 279 -53.84 -19.81 41.77
CA CYS J 279 -55.21 -19.78 42.27
C CYS J 279 -55.81 -18.39 42.12
N TRP J 280 -54.97 -17.39 41.94
CA TRP J 280 -55.40 -15.99 41.95
C TRP J 280 -55.37 -15.28 40.60
N TYR J 281 -55.26 -16.03 39.51
CA TYR J 281 -55.38 -15.44 38.18
C TYR J 281 -56.77 -14.79 38.02
N PRO J 282 -56.82 -13.51 37.59
CA PRO J 282 -58.10 -12.80 37.41
C PRO J 282 -59.09 -13.49 36.47
N ASN J 283 -58.59 -14.08 35.38
CA ASN J 283 -59.42 -14.91 34.49
C ASN J 283 -59.61 -16.29 35.11
N PRO J 284 -60.83 -16.59 35.59
CA PRO J 284 -61.10 -17.81 36.36
C PRO J 284 -60.65 -19.12 35.72
N SER J 285 -60.74 -19.21 34.39
CA SER J 285 -60.43 -20.45 33.67
C SER J 285 -58.92 -20.72 33.57
N ALA J 286 -58.11 -19.71 33.89
CA ALA J 286 -56.65 -19.87 33.92
C ALA J 286 -56.17 -20.55 35.21
N ARG J 287 -57.05 -20.67 36.19
CA ARG J 287 -56.67 -21.20 37.50
C ARG J 287 -56.49 -22.71 37.50
N LEU J 288 -55.67 -23.20 38.42
CA LEU J 288 -55.50 -24.64 38.62
C LEU J 288 -56.81 -25.25 39.10
N THR J 289 -57.00 -26.53 38.78
CA THR J 289 -58.12 -27.29 39.31
C THR J 289 -57.68 -27.87 40.67
N ALA J 290 -58.64 -28.34 41.46
CA ALA J 290 -58.33 -28.94 42.76
C ALA J 290 -57.51 -30.21 42.58
N LEU J 291 -57.83 -30.97 41.55
CA LEU J 291 -57.09 -32.21 41.24
C LEU J 291 -55.61 -31.89 40.96
N ARG J 292 -55.37 -30.87 40.15
CA ARG J 292 -54.00 -30.48 39.79
C ARG J 292 -53.21 -29.98 40.98
N ILE J 293 -53.88 -29.26 41.88
CA ILE J 293 -53.25 -28.81 43.13
C ILE J 293 -52.89 -30.02 44.00
N LYS J 294 -53.87 -30.90 44.24
CA LYS J 294 -53.62 -32.18 44.92
C LYS J 294 -52.37 -32.85 44.39
N LYS J 295 -52.34 -33.09 43.08
CA LYS J 295 -51.24 -33.82 42.45
C LYS J 295 -49.89 -33.15 42.66
N THR J 296 -49.84 -31.83 42.42
CA THR J 296 -48.59 -31.08 42.59
C THR J 296 -48.05 -31.23 44.01
N LEU J 297 -48.95 -31.15 44.99
CA LEU J 297 -48.57 -31.29 46.42
C LEU J 297 -48.22 -32.73 46.84
N GLN J 298 -48.31 -33.67 45.90
CA GLN J 298 -47.85 -35.05 46.14
C GLN J 298 -46.45 -35.31 45.54
N LYS J 299 -45.89 -34.29 44.87
CA LYS J 299 -44.51 -34.35 44.37
C LYS J 299 -43.49 -33.84 45.42
N ILE J 300 -43.77 -32.71 46.07
CA ILE J 300 -42.82 -32.09 47.04
C ILE J 300 -42.53 -32.95 48.28
N SER J 301 -43.57 -33.50 48.89
CA SER J 301 -43.42 -34.26 50.15
C SER J 301 -42.56 -35.50 49.96
N GLN K 3 15.52 -25.94 -22.08
CA GLN K 3 17.00 -26.33 -22.26
C GLN K 3 17.34 -27.69 -21.60
N ARG K 4 18.62 -28.06 -21.55
CA ARG K 4 18.99 -29.34 -20.90
C ARG K 4 18.56 -29.39 -19.43
N THR K 5 18.26 -28.21 -18.87
CA THR K 5 17.78 -28.06 -17.49
C THR K 5 16.22 -28.08 -17.38
N VAL K 6 15.53 -27.86 -18.50
CA VAL K 6 14.06 -27.95 -18.58
C VAL K 6 13.51 -29.40 -18.44
N ALA K 7 14.36 -30.40 -18.68
CA ALA K 7 14.03 -31.80 -18.33
C ALA K 7 14.50 -32.17 -16.91
N ARG K 8 14.80 -31.16 -16.09
CA ARG K 8 15.08 -31.38 -14.67
C ARG K 8 13.81 -31.23 -13.84
N GLN K 9 12.95 -30.28 -14.23
CA GLN K 9 11.71 -30.01 -13.50
C GLN K 9 10.55 -30.93 -13.89
N VAL K 10 10.58 -31.49 -15.09
CA VAL K 10 9.48 -32.34 -15.57
C VAL K 10 9.30 -33.58 -14.69
N ALA K 11 8.08 -33.79 -14.22
CA ALA K 11 7.70 -34.98 -13.47
C ALA K 11 6.98 -35.94 -14.41
N LEU K 12 7.38 -37.20 -14.40
CA LEU K 12 6.76 -38.22 -15.25
C LEU K 12 5.59 -38.83 -14.51
N VAL K 13 4.43 -38.89 -15.16
CA VAL K 13 3.21 -39.35 -14.50
C VAL K 13 2.70 -40.69 -15.04
N GLU K 14 2.57 -40.78 -16.37
CA GLU K 14 1.98 -41.97 -17.00
C GLU K 14 2.72 -42.35 -18.28
N CYS K 15 3.01 -43.65 -18.42
CA CYS K 15 3.58 -44.18 -19.66
C CYS K 15 2.43 -44.49 -20.62
N VAL K 16 2.39 -43.77 -21.74
CA VAL K 16 1.31 -43.90 -22.70
C VAL K 16 1.73 -44.63 -23.99
N GLY K 17 2.99 -45.05 -24.06
CA GLY K 17 3.50 -45.78 -25.23
C GLY K 17 4.82 -46.47 -24.96
N LYS K 18 5.02 -47.60 -25.63
CA LYS K 18 6.27 -48.37 -25.51
C LYS K 18 6.50 -49.17 -26.79
N GLY K 19 7.76 -49.28 -27.20
CA GLY K 19 8.12 -49.95 -28.45
C GLY K 19 9.62 -50.03 -28.68
N ARG K 20 10.01 -50.39 -29.90
CA ARG K 20 11.44 -50.51 -30.26
C ARG K 20 12.14 -49.15 -30.30
N TYR K 21 11.35 -48.09 -30.52
CA TYR K 21 11.84 -46.72 -30.49
C TYR K 21 12.19 -46.23 -29.09
N GLY K 22 11.63 -46.88 -28.06
CA GLY K 22 11.78 -46.45 -26.66
C GLY K 22 10.45 -46.40 -25.95
N GLU K 23 10.17 -45.30 -25.25
CA GLU K 23 8.90 -45.10 -24.54
C GLU K 23 8.46 -43.64 -24.62
N VAL K 24 7.15 -43.41 -24.63
CA VAL K 24 6.63 -42.05 -24.50
C VAL K 24 5.84 -41.96 -23.22
N TRP K 25 6.09 -40.90 -22.44
CA TRP K 25 5.43 -40.67 -21.16
C TRP K 25 4.68 -39.35 -21.19
N ARG K 26 3.56 -39.29 -20.45
CA ARG K 26 2.91 -38.01 -20.16
C ARG K 26 3.61 -37.43 -18.95
N GLY K 27 4.00 -36.16 -19.04
CA GLY K 27 4.70 -35.50 -17.96
C GLY K 27 4.07 -34.18 -17.59
N LEU K 28 4.28 -33.76 -16.35
CA LEU K 28 3.78 -32.49 -15.83
C LEU K 28 4.93 -31.50 -15.69
N TRP K 29 4.78 -30.33 -16.29
CA TRP K 29 5.76 -29.24 -16.13
C TRP K 29 5.02 -27.94 -15.85
N HIS K 30 5.20 -27.41 -14.64
CA HIS K 30 4.53 -26.20 -14.18
C HIS K 30 3.05 -26.19 -14.56
N GLY K 31 2.32 -27.22 -14.13
CA GLY K 31 0.88 -27.31 -14.36
C GLY K 31 0.43 -27.90 -15.70
N GLU K 32 1.18 -27.61 -16.77
CA GLU K 32 0.83 -28.09 -18.12
C GLU K 32 1.33 -29.51 -18.38
N SER K 33 0.73 -30.15 -19.38
CA SER K 33 1.11 -31.51 -19.79
C SER K 33 2.10 -31.47 -20.94
N VAL K 34 3.14 -32.30 -20.84
CA VAL K 34 4.14 -32.45 -21.91
C VAL K 34 4.36 -33.93 -22.22
N ALA K 35 4.83 -34.21 -23.43
CA ALA K 35 5.23 -35.57 -23.81
C ALA K 35 6.72 -35.70 -23.65
N VAL K 36 7.17 -36.78 -23.01
CA VAL K 36 8.59 -37.06 -22.84
C VAL K 36 8.90 -38.39 -23.51
N LYS K 37 9.56 -38.32 -24.67
CA LYS K 37 10.02 -39.53 -25.35
C LYS K 37 11.42 -39.94 -24.89
N ILE K 38 11.50 -41.06 -24.17
CA ILE K 38 12.77 -41.61 -23.73
C ILE K 38 13.18 -42.62 -24.80
N PHE K 39 14.32 -42.38 -25.45
CA PHE K 39 14.75 -43.21 -26.58
C PHE K 39 15.47 -44.47 -26.10
N SER K 40 15.34 -45.54 -26.87
CA SER K 40 16.08 -46.76 -26.60
C SER K 40 17.50 -46.63 -27.13
N SER K 41 18.40 -47.47 -26.61
CA SER K 41 19.80 -47.47 -27.02
C SER K 41 19.95 -47.79 -28.52
N ARG K 42 19.06 -48.64 -29.05
CA ARG K 42 19.08 -49.00 -30.47
C ARG K 42 18.62 -47.87 -31.41
N ASP K 43 18.11 -46.77 -30.85
CA ASP K 43 17.56 -45.68 -31.67
C ASP K 43 18.15 -44.31 -31.30
N GLU K 44 19.34 -44.31 -30.69
CA GLU K 44 20.03 -43.06 -30.30
C GLU K 44 20.22 -42.07 -31.44
N GLN K 45 20.44 -42.59 -32.65
CA GLN K 45 20.69 -41.74 -33.82
C GLN K 45 19.44 -40.98 -34.26
N SER K 46 18.25 -41.52 -33.97
CA SER K 46 16.99 -40.80 -34.22
C SER K 46 16.86 -39.59 -33.30
N TRP K 47 17.23 -39.77 -32.03
CA TRP K 47 17.26 -38.66 -31.07
C TRP K 47 18.19 -37.55 -31.51
N PHE K 48 19.36 -37.93 -32.04
CA PHE K 48 20.37 -36.96 -32.49
C PHE K 48 19.86 -36.14 -33.67
N ARG K 49 19.33 -36.84 -34.68
CA ARG K 49 18.79 -36.21 -35.87
C ARG K 49 17.63 -35.29 -35.54
N GLU K 50 16.75 -35.75 -34.65
CA GLU K 50 15.57 -35.00 -34.27
C GLU K 50 15.96 -33.78 -33.44
N THR K 51 16.97 -33.94 -32.59
CA THR K 51 17.51 -32.83 -31.80
C THR K 51 18.22 -31.77 -32.68
N GLU K 52 18.99 -32.25 -33.66
CA GLU K 52 19.64 -31.34 -34.62
C GLU K 52 18.59 -30.49 -35.35
N ILE K 53 17.62 -31.17 -35.98
CA ILE K 53 16.60 -30.51 -36.81
C ILE K 53 15.76 -29.50 -36.03
N TYR K 54 15.31 -29.89 -34.84
CA TYR K 54 14.46 -29.02 -34.01
C TYR K 54 15.21 -27.78 -33.49
N ASN K 55 16.51 -27.92 -33.24
CA ASN K 55 17.35 -26.79 -32.78
C ASN K 55 17.86 -25.90 -33.91
N THR K 56 17.80 -26.43 -35.14
CA THR K 56 18.50 -25.85 -36.30
C THR K 56 17.57 -25.23 -37.35
N VAL K 57 16.37 -25.79 -37.49
CA VAL K 57 15.43 -25.42 -38.55
C VAL K 57 14.23 -24.71 -37.94
N LEU K 58 13.88 -23.53 -38.47
CA LEU K 58 12.69 -22.81 -38.04
C LEU K 58 11.46 -23.53 -38.59
N LEU K 59 10.87 -24.38 -37.75
CA LEU K 59 9.91 -25.39 -38.17
C LEU K 59 8.52 -25.26 -37.54
N ARG K 60 8.37 -24.40 -36.53
CA ARG K 60 7.09 -24.24 -35.83
C ARG K 60 5.94 -24.12 -36.82
N HIS K 61 4.88 -24.90 -36.57
CA HIS K 61 3.69 -24.95 -37.44
C HIS K 61 2.60 -25.71 -36.69
N ASP K 62 1.37 -25.22 -36.79
CA ASP K 62 0.22 -25.86 -36.15
C ASP K 62 0.15 -27.36 -36.43
N ASN K 63 0.58 -27.78 -37.62
CA ASN K 63 0.49 -29.17 -38.04
C ASN K 63 1.81 -29.93 -38.00
N ILE K 64 2.69 -29.51 -37.09
CA ILE K 64 3.95 -30.20 -36.80
C ILE K 64 4.15 -30.18 -35.28
N LEU K 65 4.54 -31.32 -34.71
CA LEU K 65 4.60 -31.47 -33.26
C LEU K 65 5.54 -30.42 -32.65
N GLY K 66 5.05 -29.70 -31.65
CA GLY K 66 5.81 -28.64 -31.00
C GLY K 66 6.94 -29.19 -30.16
N PHE K 67 8.12 -28.58 -30.32
CA PHE K 67 9.33 -28.96 -29.61
C PHE K 67 9.50 -28.10 -28.36
N ILE K 68 9.87 -28.70 -27.24
CA ILE K 68 10.11 -27.95 -26.01
C ILE K 68 11.57 -28.04 -25.59
N ALA K 69 12.11 -29.26 -25.55
CA ALA K 69 13.48 -29.46 -25.13
C ALA K 69 14.06 -30.79 -25.61
N SER K 70 15.37 -30.91 -25.49
CA SER K 70 16.08 -32.15 -25.71
C SER K 70 17.18 -32.24 -24.64
N ASP K 71 17.31 -33.40 -23.99
CA ASP K 71 18.27 -33.56 -22.90
C ASP K 71 18.94 -34.91 -22.92
N MET K 72 20.20 -34.92 -22.47
CA MET K 72 20.77 -36.10 -21.87
C MET K 72 20.52 -35.85 -20.39
N THR K 73 19.85 -36.78 -19.72
CA THR K 73 19.48 -36.64 -18.30
C THR K 73 20.46 -37.42 -17.40
N THR K 79 22.04 -42.91 -17.94
CA THR K 79 20.68 -42.42 -17.71
C THR K 79 19.80 -42.51 -18.97
N GLN K 80 19.75 -41.47 -19.80
CA GLN K 80 18.80 -41.47 -20.93
C GLN K 80 19.06 -40.40 -21.99
N LEU K 81 18.44 -40.57 -23.16
CA LEU K 81 18.25 -39.48 -24.12
C LEU K 81 16.77 -39.11 -24.16
N TRP K 82 16.45 -37.86 -23.89
CA TRP K 82 15.06 -37.39 -23.81
C TRP K 82 14.74 -36.37 -24.90
N LEU K 83 13.51 -36.45 -25.39
CA LEU K 83 12.93 -35.40 -26.23
C LEU K 83 11.59 -35.02 -25.60
N ILE K 84 11.45 -33.75 -25.22
CA ILE K 84 10.24 -33.26 -24.59
C ILE K 84 9.48 -32.38 -25.60
N THR K 85 8.18 -32.64 -25.77
CA THR K 85 7.36 -31.94 -26.74
C THR K 85 5.98 -31.63 -26.15
N HIS K 86 5.13 -30.95 -26.94
CA HIS K 86 3.72 -30.80 -26.57
C HIS K 86 3.08 -32.18 -26.43
N TYR K 87 2.08 -32.28 -25.56
CA TYR K 87 1.35 -33.52 -25.34
C TYR K 87 -0.04 -33.41 -25.94
N HIS K 88 -0.47 -34.47 -26.63
CA HIS K 88 -1.80 -34.53 -27.20
C HIS K 88 -2.57 -35.77 -26.72
N GLU K 89 -3.63 -35.52 -25.96
CA GLU K 89 -4.37 -36.57 -25.24
C GLU K 89 -4.90 -37.69 -26.11
N HIS K 90 -5.41 -37.32 -27.29
CA HIS K 90 -5.98 -38.31 -28.21
C HIS K 90 -4.94 -39.31 -28.72
N GLY K 91 -3.67 -38.99 -28.54
CA GLY K 91 -2.60 -39.86 -29.00
C GLY K 91 -2.45 -39.74 -30.50
N SER K 92 -1.94 -40.80 -31.12
CA SER K 92 -1.72 -40.81 -32.56
C SER K 92 -3.01 -41.03 -33.34
N LEU K 93 -2.92 -40.81 -34.65
CA LEU K 93 -4.03 -41.07 -35.57
C LEU K 93 -4.40 -42.55 -35.54
N TYR K 94 -3.38 -43.39 -35.39
CA TYR K 94 -3.58 -44.83 -35.18
C TYR K 94 -4.50 -45.08 -34.00
N ASP K 95 -4.15 -44.47 -32.86
CA ASP K 95 -4.93 -44.59 -31.62
C ASP K 95 -6.36 -44.08 -31.80
N PHE K 96 -6.48 -42.89 -32.38
CA PHE K 96 -7.77 -42.21 -32.56
C PHE K 96 -8.70 -43.02 -33.47
N LEU K 97 -8.16 -43.48 -34.59
CA LEU K 97 -8.92 -44.31 -35.53
C LEU K 97 -9.30 -45.68 -34.96
N GLN K 98 -8.58 -46.13 -33.93
CA GLN K 98 -8.91 -47.38 -33.26
C GLN K 98 -10.28 -47.28 -32.59
N ARG K 99 -10.46 -46.24 -31.79
CA ARG K 99 -11.63 -46.08 -30.93
C ARG K 99 -12.77 -45.31 -31.60
N GLN K 100 -12.43 -44.31 -32.41
CA GLN K 100 -13.41 -43.37 -32.94
C GLN K 100 -13.78 -43.66 -34.39
N THR K 101 -15.04 -43.40 -34.73
CA THR K 101 -15.52 -43.44 -36.11
C THR K 101 -15.66 -42.00 -36.57
N LEU K 102 -15.55 -41.78 -37.88
CA LEU K 102 -15.46 -40.42 -38.42
C LEU K 102 -16.64 -40.03 -39.30
N GLU K 103 -17.30 -38.94 -38.93
CA GLU K 103 -18.22 -38.26 -39.84
C GLU K 103 -17.38 -37.74 -41.02
N PRO K 104 -17.96 -37.71 -42.24
CA PRO K 104 -17.21 -37.24 -43.42
C PRO K 104 -16.49 -35.90 -43.20
N HIS K 105 -17.16 -34.95 -42.54
CA HIS K 105 -16.57 -33.64 -42.20
C HIS K 105 -15.27 -33.81 -41.41
N LEU K 106 -15.28 -34.70 -40.42
CA LEU K 106 -14.12 -34.93 -39.56
C LEU K 106 -13.00 -35.63 -40.33
N ALA K 107 -13.36 -36.60 -41.16
CA ALA K 107 -12.38 -37.29 -42.03
C ALA K 107 -11.60 -36.30 -42.89
N LEU K 108 -12.29 -35.31 -43.46
CA LEU K 108 -11.65 -34.28 -44.30
C LEU K 108 -10.79 -33.34 -43.45
N ARG K 109 -11.24 -33.05 -42.23
CA ARG K 109 -10.49 -32.15 -41.35
C ARG K 109 -9.14 -32.76 -40.98
N LEU K 110 -9.14 -34.05 -40.62
CA LEU K 110 -7.90 -34.78 -40.34
C LEU K 110 -7.03 -34.87 -41.58
N ALA K 111 -7.65 -35.18 -42.72
CA ALA K 111 -6.92 -35.34 -43.98
C ALA K 111 -6.30 -34.03 -44.47
N VAL K 112 -7.03 -32.93 -44.36
CA VAL K 112 -6.51 -31.63 -44.82
C VAL K 112 -5.36 -31.13 -43.94
N SER K 113 -5.51 -31.30 -42.62
CA SER K 113 -4.52 -30.81 -41.66
C SER K 113 -3.22 -31.63 -41.73
N ALA K 114 -3.35 -32.94 -41.90
CA ALA K 114 -2.19 -33.79 -42.15
C ALA K 114 -1.47 -33.33 -43.43
N ALA K 115 -2.24 -33.05 -44.48
CA ALA K 115 -1.68 -32.55 -45.75
C ALA K 115 -0.97 -31.19 -45.58
N CYS K 116 -1.49 -30.34 -44.69
CA CYS K 116 -0.85 -29.05 -44.40
C CYS K 116 0.53 -29.29 -43.79
N GLY K 117 0.58 -30.20 -42.80
CA GLY K 117 1.83 -30.61 -42.18
C GLY K 117 2.88 -31.08 -43.17
N LEU K 118 2.50 -32.03 -44.04
CA LEU K 118 3.43 -32.58 -45.03
C LEU K 118 3.86 -31.55 -46.08
N ALA K 119 2.93 -30.72 -46.55
CA ALA K 119 3.26 -29.65 -47.49
C ALA K 119 4.30 -28.68 -46.91
N HIS K 120 4.12 -28.35 -45.63
CA HIS K 120 5.02 -27.44 -44.93
C HIS K 120 6.43 -28.00 -44.82
N LEU K 121 6.52 -29.30 -44.52
CA LEU K 121 7.79 -30.02 -44.51
C LEU K 121 8.47 -29.98 -45.88
N HIS K 122 7.71 -30.32 -46.92
CA HIS K 122 8.26 -30.49 -48.26
C HIS K 122 8.71 -29.18 -48.93
N VAL K 123 7.96 -28.10 -48.70
CA VAL K 123 8.21 -26.84 -49.41
C VAL K 123 9.31 -26.03 -48.74
N GLU K 124 10.30 -25.64 -49.52
CA GLU K 124 11.36 -24.77 -49.04
C GLU K 124 10.86 -23.33 -48.91
N ILE K 125 11.30 -22.67 -47.83
CA ILE K 125 10.90 -21.30 -47.52
C ILE K 125 11.93 -20.26 -47.97
N LYS K 131 13.21 -21.89 -44.26
CA LYS K 131 13.88 -23.14 -43.88
C LYS K 131 13.85 -24.17 -45.03
N PRO K 132 14.81 -25.12 -45.02
CA PRO K 132 15.00 -25.99 -46.19
C PRO K 132 13.84 -26.95 -46.43
N ALA K 133 13.82 -27.58 -47.60
CA ALA K 133 12.83 -28.60 -47.91
C ALA K 133 13.17 -29.84 -47.08
N ILE K 134 12.16 -30.44 -46.45
CA ILE K 134 12.35 -31.60 -45.56
C ILE K 134 11.44 -32.75 -45.96
N ALA K 135 12.01 -33.95 -46.10
CA ALA K 135 11.24 -35.17 -46.33
C ALA K 135 11.27 -36.03 -45.07
N HIS K 136 10.13 -36.61 -44.73
CA HIS K 136 9.95 -37.35 -43.46
C HIS K 136 10.65 -38.70 -43.47
N ARG K 137 10.32 -39.54 -44.46
CA ARG K 137 10.92 -40.88 -44.63
C ARG K 137 10.35 -41.96 -43.71
N ASP K 138 9.46 -41.60 -42.79
CA ASP K 138 8.72 -42.59 -41.99
C ASP K 138 7.30 -42.11 -41.69
N PHE K 139 6.61 -41.63 -42.73
CA PHE K 139 5.26 -41.12 -42.57
C PHE K 139 4.29 -42.28 -42.43
N LYS K 140 3.56 -42.29 -41.32
CA LYS K 140 2.58 -43.33 -41.02
C LYS K 140 1.61 -42.81 -39.98
N SER K 141 0.49 -43.51 -39.77
CA SER K 141 -0.54 -43.03 -38.86
C SER K 141 -0.07 -42.96 -37.41
N ARG K 142 0.92 -43.79 -37.05
CA ARG K 142 1.51 -43.75 -35.71
C ARG K 142 2.38 -42.50 -35.46
N ASN K 143 2.84 -41.86 -36.55
CA ASN K 143 3.67 -40.65 -36.45
C ASN K 143 2.90 -39.38 -36.75
N VAL K 144 1.58 -39.45 -36.66
CA VAL K 144 0.70 -38.30 -36.78
C VAL K 144 -0.16 -38.27 -35.52
N LEU K 145 -0.16 -37.14 -34.82
CA LEU K 145 -0.95 -36.99 -33.59
C LEU K 145 -2.25 -36.26 -33.90
N VAL K 146 -3.28 -36.49 -33.08
CA VAL K 146 -4.54 -35.77 -33.20
C VAL K 146 -4.71 -34.82 -32.01
N LYS K 147 -4.85 -33.53 -32.33
CA LYS K 147 -4.95 -32.48 -31.32
C LYS K 147 -6.37 -32.34 -30.76
N SER K 148 -6.51 -31.52 -29.73
CA SER K 148 -7.81 -31.23 -29.12
C SER K 148 -8.84 -30.72 -30.12
N ASN K 149 -8.41 -29.87 -31.04
CA ASN K 149 -9.29 -29.33 -32.09
C ASN K 149 -9.44 -30.28 -33.29
N LEU K 150 -9.13 -31.56 -33.06
CA LEU K 150 -9.27 -32.60 -34.07
C LEU K 150 -8.59 -32.21 -35.39
N GLN K 151 -7.43 -31.56 -35.28
CA GLN K 151 -6.53 -31.38 -36.41
C GLN K 151 -5.28 -32.21 -36.14
N CYS K 152 -4.61 -32.64 -37.20
CA CYS K 152 -3.40 -33.45 -37.07
C CYS K 152 -2.16 -32.59 -36.95
N CYS K 153 -1.11 -33.18 -36.39
CA CYS K 153 0.24 -32.64 -36.52
C CYS K 153 1.25 -33.77 -36.62
N ILE K 154 2.22 -33.60 -37.49
CA ILE K 154 3.21 -34.64 -37.78
C ILE K 154 4.31 -34.66 -36.72
N ALA K 155 4.74 -35.88 -36.37
CA ALA K 155 5.84 -36.09 -35.42
C ALA K 155 6.92 -37.00 -35.99
N ASP K 156 7.98 -37.18 -35.20
CA ASP K 156 9.09 -38.11 -35.49
C ASP K 156 9.88 -37.72 -36.72
N LEU K 157 10.82 -36.79 -36.52
CA LEU K 157 11.70 -36.33 -37.59
C LEU K 157 13.04 -37.08 -37.60
N GLY K 158 13.10 -38.22 -36.91
CA GLY K 158 14.35 -38.95 -36.70
C GLY K 158 15.05 -39.42 -37.96
N LEU K 159 14.30 -39.62 -39.03
CA LEU K 159 14.86 -40.09 -40.32
C LEU K 159 14.81 -39.01 -41.39
N ALA K 160 14.48 -37.78 -41.02
CA ALA K 160 14.25 -36.74 -42.02
C ALA K 160 15.51 -36.42 -42.83
N VAL K 161 15.30 -36.02 -44.08
CA VAL K 161 16.39 -35.58 -44.95
C VAL K 161 16.07 -34.20 -45.54
N ASP K 171 21.23 -34.95 -49.17
CA ASP K 171 21.52 -34.70 -47.76
C ASP K 171 20.90 -35.77 -46.84
N ILE K 172 21.13 -37.04 -47.18
CA ILE K 172 20.62 -38.17 -46.40
C ILE K 172 21.54 -38.50 -45.22
N GLY K 173 21.02 -38.39 -44.00
CA GLY K 173 21.79 -38.48 -42.74
C GLY K 173 22.40 -39.85 -42.45
N ASN K 174 22.93 -40.05 -41.23
CA ASN K 174 23.70 -41.26 -40.95
C ASN K 174 22.87 -42.32 -40.22
N ASN K 175 21.56 -42.07 -40.13
CA ASN K 175 20.65 -42.94 -39.41
C ASN K 175 20.58 -44.38 -40.01
N PRO K 176 20.76 -45.42 -39.15
CA PRO K 176 20.57 -46.82 -39.59
C PRO K 176 19.09 -47.19 -39.78
N ARG K 177 18.21 -46.47 -39.11
CA ARG K 177 16.78 -46.69 -39.22
C ARG K 177 16.32 -46.61 -40.67
N VAL K 178 15.35 -47.43 -41.04
CA VAL K 178 14.76 -47.38 -42.36
C VAL K 178 13.28 -47.05 -42.22
N GLY K 179 12.61 -46.82 -43.35
CA GLY K 179 11.17 -46.58 -43.35
C GLY K 179 10.41 -47.71 -42.68
N THR K 180 9.23 -47.41 -42.15
CA THR K 180 8.36 -48.45 -41.60
C THR K 180 8.05 -49.42 -42.72
N LYS K 181 8.25 -50.71 -42.47
CA LYS K 181 8.18 -51.74 -43.52
C LYS K 181 6.83 -51.81 -44.22
N ARG K 182 5.76 -51.70 -43.43
CA ARG K 182 4.40 -51.66 -43.98
C ARG K 182 4.14 -50.48 -44.93
N TYR K 183 4.88 -49.38 -44.77
CA TYR K 183 4.62 -48.13 -45.48
C TYR K 183 5.64 -47.79 -46.57
N MET K 184 6.58 -48.69 -46.79
CA MET K 184 7.64 -48.45 -47.77
C MET K 184 7.06 -48.46 -49.19
N ALA K 185 7.45 -47.48 -49.99
CA ALA K 185 7.02 -47.40 -51.38
C ALA K 185 7.68 -48.52 -52.18
N PRO K 186 7.14 -48.82 -53.39
CA PRO K 186 7.75 -49.85 -54.24
C PRO K 186 9.23 -49.61 -54.51
N GLU K 187 9.57 -48.36 -54.83
CA GLU K 187 10.95 -48.00 -55.17
C GLU K 187 11.93 -48.14 -54.00
N VAL K 188 11.42 -48.12 -52.76
CA VAL K 188 12.26 -48.39 -51.59
C VAL K 188 12.48 -49.90 -51.40
N LEU K 189 11.42 -50.68 -51.62
CA LEU K 189 11.50 -52.13 -51.49
C LEU K 189 12.27 -52.77 -52.66
N ASP K 190 12.19 -52.13 -53.83
CA ASP K 190 12.99 -52.53 -54.99
C ASP K 190 14.46 -52.19 -54.80
N GLU K 191 14.74 -51.21 -53.94
CA GLU K 191 16.08 -50.60 -53.82
C GLU K 191 16.46 -49.91 -55.12
N GLN K 192 15.47 -49.45 -55.87
CA GLN K 192 15.68 -48.76 -57.14
C GLN K 192 15.61 -47.24 -56.97
N ILE K 193 15.38 -46.78 -55.74
CA ILE K 193 15.31 -45.35 -55.46
C ILE K 193 16.68 -44.70 -55.60
N ARG K 194 16.71 -43.48 -56.14
CA ARG K 194 17.94 -42.71 -56.27
C ARG K 194 18.21 -42.02 -54.95
N THR K 195 19.11 -42.61 -54.17
CA THR K 195 19.36 -42.13 -52.82
C THR K 195 20.13 -40.80 -52.78
N ASP K 196 20.57 -40.31 -53.95
CA ASP K 196 21.21 -39.00 -54.05
C ASP K 196 20.31 -37.96 -54.74
N CYS K 197 19.00 -38.22 -54.73
CA CYS K 197 18.01 -37.28 -55.27
C CYS K 197 16.95 -37.00 -54.21
N PHE K 198 16.77 -35.72 -53.88
CA PHE K 198 15.84 -35.32 -52.84
C PHE K 198 14.39 -35.58 -53.22
N GLU K 199 14.04 -35.29 -54.47
CA GLU K 199 12.66 -35.49 -54.95
C GLU K 199 12.15 -36.92 -54.70
N SER K 200 13.02 -37.92 -54.91
CA SER K 200 12.70 -39.32 -54.61
C SER K 200 12.12 -39.54 -53.21
N TYR K 201 12.77 -38.96 -52.20
CA TYR K 201 12.33 -39.14 -50.81
C TYR K 201 10.96 -38.51 -50.56
N LYS K 202 10.69 -37.37 -51.20
CA LYS K 202 9.37 -36.74 -51.15
C LYS K 202 8.29 -37.67 -51.70
N TRP K 203 8.62 -38.35 -52.81
CA TRP K 203 7.67 -39.25 -53.46
C TRP K 203 7.34 -40.48 -52.61
N THR K 204 8.24 -40.87 -51.71
CA THR K 204 7.96 -41.98 -50.78
C THR K 204 7.09 -41.52 -49.61
N ASP K 205 7.24 -40.24 -49.22
CA ASP K 205 6.33 -39.63 -48.26
C ASP K 205 4.90 -39.66 -48.78
N ILE K 206 4.76 -39.34 -50.07
CA ILE K 206 3.45 -39.28 -50.71
C ILE K 206 2.75 -40.64 -50.75
N TRP K 207 3.46 -41.66 -51.23
CA TRP K 207 2.98 -43.04 -51.16
C TRP K 207 2.38 -43.31 -49.79
N ALA K 208 3.21 -43.18 -48.76
CA ALA K 208 2.81 -43.40 -47.37
C ALA K 208 1.59 -42.56 -46.96
N PHE K 209 1.51 -41.35 -47.50
CA PHE K 209 0.38 -40.46 -47.21
C PHE K 209 -0.92 -41.06 -47.75
N GLY K 210 -0.88 -41.55 -48.99
CA GLY K 210 -2.00 -42.26 -49.57
C GLY K 210 -2.50 -43.39 -48.68
N LEU K 211 -1.57 -44.16 -48.11
CA LEU K 211 -1.92 -45.27 -47.21
C LEU K 211 -2.60 -44.76 -45.95
N VAL K 212 -2.17 -43.61 -45.46
CA VAL K 212 -2.80 -42.99 -44.29
C VAL K 212 -4.22 -42.50 -44.62
N LEU K 213 -4.43 -41.98 -45.84
CA LEU K 213 -5.77 -41.57 -46.26
C LEU K 213 -6.72 -42.76 -46.22
N TRP K 214 -6.28 -43.87 -46.80
CA TRP K 214 -7.02 -45.13 -46.77
C TRP K 214 -7.48 -45.47 -45.35
N GLU K 215 -6.55 -45.41 -44.39
CA GLU K 215 -6.86 -45.68 -42.97
C GLU K 215 -7.99 -44.78 -42.45
N ILE K 216 -7.94 -43.49 -42.83
CA ILE K 216 -8.97 -42.52 -42.46
C ILE K 216 -10.29 -42.88 -43.16
N ALA K 217 -10.20 -43.14 -44.46
CA ALA K 217 -11.35 -43.45 -45.28
C ALA K 217 -12.12 -44.66 -44.77
N ARG K 218 -11.39 -45.74 -44.48
CA ARG K 218 -11.98 -46.98 -43.97
C ARG K 218 -12.83 -46.76 -42.71
N ARG K 219 -12.41 -45.77 -41.92
CA ARG K 219 -13.02 -45.50 -40.63
C ARG K 219 -14.04 -44.36 -40.72
N THR K 220 -14.29 -43.91 -41.95
CA THR K 220 -15.34 -42.96 -42.24
C THR K 220 -16.65 -43.72 -42.42
N ILE K 225 -22.12 -48.61 -43.42
CA ILE K 225 -21.34 -49.59 -42.66
C ILE K 225 -19.92 -49.07 -42.44
N VAL K 226 -19.59 -48.74 -41.20
CA VAL K 226 -18.25 -48.20 -40.89
C VAL K 226 -17.31 -49.30 -40.42
N GLU K 227 -16.37 -49.67 -41.28
CA GLU K 227 -15.55 -50.85 -41.04
C GLU K 227 -14.74 -50.66 -39.75
N ASP K 228 -14.43 -51.76 -39.07
CA ASP K 228 -13.50 -51.71 -37.93
C ASP K 228 -12.11 -51.39 -38.45
N TYR K 229 -11.28 -50.79 -37.60
CA TYR K 229 -9.94 -50.37 -38.02
C TYR K 229 -9.10 -51.57 -38.48
N ARG K 230 -8.42 -51.40 -39.61
CA ARG K 230 -7.37 -52.32 -40.05
C ARG K 230 -6.21 -51.50 -40.63
N PRO K 231 -4.97 -52.01 -40.48
CA PRO K 231 -3.85 -51.32 -41.09
C PRO K 231 -3.81 -51.55 -42.60
N PRO K 232 -3.05 -50.73 -43.35
CA PRO K 232 -2.89 -51.00 -44.78
C PRO K 232 -2.29 -52.38 -45.02
N PHE K 233 -2.78 -53.06 -46.06
CA PHE K 233 -2.35 -54.42 -46.41
C PHE K 233 -2.66 -55.48 -45.35
N TYR K 234 -3.63 -55.20 -44.47
CA TYR K 234 -4.04 -56.15 -43.42
C TYR K 234 -4.42 -57.54 -43.96
N ASP K 235 -4.88 -57.57 -45.22
CA ASP K 235 -5.38 -58.79 -45.85
C ASP K 235 -4.31 -59.61 -46.60
N VAL K 236 -3.07 -59.11 -46.72
CA VAL K 236 -2.00 -59.77 -47.51
C VAL K 236 -0.65 -60.00 -46.81
N VAL K 237 -0.45 -59.42 -45.62
CA VAL K 237 0.80 -59.60 -44.86
C VAL K 237 0.54 -59.79 -43.37
N PRO K 238 1.44 -60.51 -42.67
CA PRO K 238 1.32 -60.72 -41.22
C PRO K 238 1.47 -59.42 -40.42
N ASN K 239 1.11 -59.46 -39.14
CA ASN K 239 1.23 -58.30 -38.25
C ASN K 239 2.57 -58.30 -37.50
N ASP K 240 3.63 -58.60 -38.25
CA ASP K 240 5.02 -58.52 -37.76
C ASP K 240 5.89 -57.96 -38.90
N PRO K 241 5.57 -56.74 -39.38
CA PRO K 241 6.16 -56.14 -40.61
C PRO K 241 7.59 -56.57 -40.94
N SER K 242 7.79 -57.12 -42.14
CA SER K 242 9.14 -57.50 -42.60
C SER K 242 9.32 -57.15 -44.09
N PHE K 243 10.55 -57.24 -44.58
CA PHE K 243 10.89 -56.68 -45.90
C PHE K 243 10.36 -57.52 -47.05
N GLU K 244 10.67 -58.82 -47.02
CA GLU K 244 10.38 -59.74 -48.13
C GLU K 244 8.87 -59.91 -48.34
N ASP K 245 8.11 -59.93 -47.24
CA ASP K 245 6.64 -59.99 -47.30
C ASP K 245 6.09 -58.81 -48.11
N MET K 246 6.61 -57.61 -47.82
CA MET K 246 6.16 -56.40 -48.52
C MET K 246 6.65 -56.35 -49.96
N LYS K 247 7.91 -56.72 -50.19
CA LYS K 247 8.46 -56.78 -51.55
C LYS K 247 7.55 -57.62 -52.45
N LYS K 248 7.11 -58.78 -51.97
CA LYS K 248 6.25 -59.70 -52.73
C LYS K 248 4.89 -59.06 -53.05
N VAL K 249 4.27 -58.47 -52.03
CA VAL K 249 2.94 -57.87 -52.16
C VAL K 249 2.95 -56.59 -53.00
N VAL K 250 3.88 -55.68 -52.71
CA VAL K 250 3.89 -54.36 -53.34
C VAL K 250 4.59 -54.35 -54.71
N CYS K 251 5.66 -55.14 -54.86
CA CYS K 251 6.43 -55.13 -56.09
C CYS K 251 6.07 -56.28 -57.04
N VAL K 252 6.13 -57.52 -56.54
CA VAL K 252 5.82 -58.69 -57.37
C VAL K 252 4.34 -58.77 -57.74
N ASP K 253 3.48 -58.70 -56.73
CA ASP K 253 2.03 -58.78 -56.95
C ASP K 253 1.40 -57.44 -57.37
N GLN K 254 2.19 -56.36 -57.28
CA GLN K 254 1.74 -55.01 -57.67
C GLN K 254 0.44 -54.60 -56.97
N GLN K 255 0.31 -54.99 -55.70
CA GLN K 255 -0.89 -54.72 -54.91
C GLN K 255 -0.91 -53.33 -54.28
N THR K 256 -2.11 -52.75 -54.19
CA THR K 256 -2.37 -51.52 -53.42
C THR K 256 -3.64 -51.75 -52.59
N PRO K 257 -3.85 -50.98 -51.48
CA PRO K 257 -5.06 -51.21 -50.67
C PRO K 257 -6.36 -51.05 -51.48
N LEU K 272 -11.50 -38.21 -52.33
CA LEU K 272 -10.46 -38.90 -51.57
C LEU K 272 -10.00 -40.16 -52.29
N ALA K 273 -10.94 -40.92 -52.83
CA ALA K 273 -10.64 -42.15 -53.56
C ALA K 273 -9.70 -41.89 -54.73
N GLN K 274 -10.00 -40.83 -55.48
CA GLN K 274 -9.19 -40.46 -56.65
C GLN K 274 -7.80 -39.98 -56.21
N MET K 275 -7.74 -39.23 -55.13
CA MET K 275 -6.46 -38.76 -54.59
C MET K 275 -5.60 -39.91 -54.06
N MET K 276 -6.26 -40.91 -53.46
CA MET K 276 -5.59 -42.14 -53.04
C MET K 276 -4.90 -42.82 -54.21
N ARG K 277 -5.64 -43.00 -55.30
CA ARG K 277 -5.08 -43.58 -56.52
C ARG K 277 -3.84 -42.83 -56.99
N GLU K 278 -3.80 -41.52 -56.78
CA GLU K 278 -2.73 -40.67 -57.31
C GLU K 278 -1.52 -40.52 -56.38
N CYS K 279 -1.62 -41.12 -55.19
CA CYS K 279 -0.47 -41.29 -54.30
C CYS K 279 0.24 -42.62 -54.56
N TRP K 280 -0.45 -43.56 -55.22
CA TRP K 280 0.05 -44.93 -55.38
C TRP K 280 0.50 -45.30 -56.79
N TYR K 281 0.67 -44.31 -57.67
CA TYR K 281 1.22 -44.56 -58.99
C TYR K 281 2.62 -45.16 -58.85
N PRO K 282 2.89 -46.29 -59.52
CA PRO K 282 4.20 -46.97 -59.44
C PRO K 282 5.41 -46.09 -59.83
N ASN K 283 5.24 -45.27 -60.86
CA ASN K 283 6.25 -44.26 -61.23
C ASN K 283 6.13 -43.05 -60.30
N PRO K 284 7.12 -42.88 -59.40
CA PRO K 284 7.06 -41.88 -58.33
C PRO K 284 6.75 -40.45 -58.77
N SER K 285 7.25 -40.05 -59.93
CA SER K 285 7.09 -38.67 -60.41
C SER K 285 5.67 -38.38 -60.90
N ALA K 286 4.86 -39.42 -61.10
CA ALA K 286 3.47 -39.25 -61.51
C ALA K 286 2.55 -38.89 -60.33
N ARG K 287 3.08 -39.00 -59.12
CA ARG K 287 2.27 -38.80 -57.92
C ARG K 287 2.03 -37.34 -57.62
N LEU K 288 0.93 -37.07 -56.92
CA LEU K 288 0.61 -35.72 -56.47
C LEU K 288 1.64 -35.26 -55.46
N THR K 289 1.85 -33.94 -55.40
CA THR K 289 2.70 -33.34 -54.38
C THR K 289 1.83 -33.09 -53.15
N ALA K 290 2.47 -32.83 -52.01
CA ALA K 290 1.73 -32.55 -50.77
C ALA K 290 0.93 -31.25 -50.91
N LEU K 291 1.52 -30.28 -51.58
CA LEU K 291 0.86 -28.99 -51.85
C LEU K 291 -0.45 -29.20 -52.63
N ARG K 292 -0.38 -30.02 -53.68
CA ARG K 292 -1.53 -30.29 -54.55
C ARG K 292 -2.62 -31.04 -53.80
N ILE K 293 -2.23 -31.97 -52.91
CA ILE K 293 -3.17 -32.69 -52.06
C ILE K 293 -3.86 -31.73 -51.09
N LYS K 294 -3.06 -30.95 -50.37
CA LYS K 294 -3.59 -29.88 -49.53
C LYS K 294 -4.67 -29.09 -50.27
N LYS K 295 -4.30 -28.53 -51.42
CA LYS K 295 -5.19 -27.65 -52.18
C LYS K 295 -6.49 -28.34 -52.58
N THR K 296 -6.39 -29.56 -53.09
CA THR K 296 -7.58 -30.33 -53.48
C THR K 296 -8.57 -30.47 -52.29
N LEU K 297 -8.05 -30.57 -51.07
CA LEU K 297 -8.92 -30.69 -49.87
C LEU K 297 -9.84 -29.50 -49.61
N GLN K 298 -9.31 -28.27 -49.68
CA GLN K 298 -10.05 -27.06 -49.25
C GLN K 298 -11.28 -26.65 -50.10
N LYS K 299 -11.51 -27.33 -51.23
CA LYS K 299 -12.78 -27.21 -51.96
C LYS K 299 -13.83 -28.13 -51.37
N ILE K 300 -13.39 -29.13 -50.60
CA ILE K 300 -14.28 -30.13 -49.98
C ILE K 300 -14.52 -29.81 -48.49
N MET L 2 3.87 -10.31 36.49
CA MET L 2 3.62 -8.96 37.09
C MET L 2 4.70 -7.96 36.63
N GLN L 3 4.97 -7.94 35.32
CA GLN L 3 5.82 -6.95 34.68
C GLN L 3 5.30 -5.50 34.66
N ARG L 4 3.99 -5.33 34.55
CA ARG L 4 3.40 -4.01 34.27
C ARG L 4 3.49 -3.03 35.42
N THR L 5 3.36 -3.52 36.67
CA THR L 5 3.45 -2.63 37.84
C THR L 5 4.87 -2.11 38.04
N VAL L 6 5.87 -3.00 37.90
CA VAL L 6 7.28 -2.63 37.91
C VAL L 6 7.51 -1.40 37.04
N ALA L 7 7.02 -1.45 35.80
CA ALA L 7 7.20 -0.36 34.84
C ALA L 7 6.36 0.87 35.17
N ARG L 8 5.38 0.67 36.04
CA ARG L 8 4.57 1.78 36.55
C ARG L 8 5.24 2.43 37.75
N GLN L 9 5.94 1.62 38.54
CA GLN L 9 6.59 2.11 39.78
C GLN L 9 8.00 2.66 39.57
N VAL L 10 8.66 2.28 38.48
CA VAL L 10 10.02 2.76 38.21
C VAL L 10 10.04 4.27 37.99
N ALA L 11 10.91 4.95 38.74
CA ALA L 11 11.18 6.37 38.58
C ALA L 11 12.44 6.50 37.75
N LEU L 12 12.43 7.41 36.76
CA LEU L 12 13.59 7.66 35.92
C LEU L 12 14.40 8.79 36.53
N VAL L 13 15.71 8.58 36.69
CA VAL L 13 16.58 9.55 37.37
C VAL L 13 17.63 10.19 36.45
N GLU L 14 18.33 9.39 35.68
CA GLU L 14 19.43 9.93 34.87
C GLU L 14 19.50 9.24 33.51
N CYS L 15 19.61 10.04 32.44
CA CYS L 15 19.79 9.52 31.09
C CYS L 15 21.25 9.30 30.88
N VAL L 16 21.63 8.03 30.72
CA VAL L 16 23.03 7.65 30.63
C VAL L 16 23.45 7.27 29.20
N GLY L 17 22.50 7.29 28.28
CA GLY L 17 22.80 6.95 26.89
C GLY L 17 21.73 7.40 25.90
N LYS L 18 22.15 7.77 24.69
CA LYS L 18 21.25 8.22 23.63
C LYS L 18 21.82 7.86 22.26
N GLY L 19 20.97 7.50 21.32
CA GLY L 19 21.40 7.08 19.99
C GLY L 19 20.22 6.75 19.09
N ARG L 20 20.54 6.12 17.95
CA ARG L 20 19.54 5.74 16.95
C ARG L 20 18.64 4.60 17.46
N TYR L 21 19.17 3.82 18.42
CA TYR L 21 18.39 2.76 19.08
C TYR L 21 17.29 3.33 20.01
N GLY L 22 17.45 4.58 20.46
CA GLY L 22 16.57 5.20 21.48
C GLY L 22 17.39 5.82 22.60
N GLU L 23 17.03 5.53 23.85
CA GLU L 23 17.73 6.06 25.02
C GLU L 23 17.77 5.04 26.14
N VAL L 24 18.85 5.04 26.93
CA VAL L 24 18.91 4.23 28.15
C VAL L 24 18.98 5.17 29.34
N TRP L 25 18.17 4.88 30.36
CA TRP L 25 18.07 5.69 31.56
C TRP L 25 18.40 4.84 32.76
N ARG L 26 19.03 5.47 33.78
CA ARG L 26 19.12 4.85 35.12
C ARG L 26 17.81 5.13 35.83
N GLY L 27 17.22 4.10 36.42
CA GLY L 27 15.96 4.24 37.13
C GLY L 27 16.01 3.62 38.50
N LEU L 28 15.11 4.09 39.38
CA LEU L 28 14.99 3.60 40.74
C LEU L 28 13.71 2.77 40.87
N TRP L 29 13.85 1.56 41.39
CA TRP L 29 12.68 0.74 41.70
C TRP L 29 12.88 0.11 43.08
N HIS L 30 12.02 0.51 44.02
CA HIS L 30 12.12 0.06 45.41
C HIS L 30 13.56 0.03 45.89
N GLY L 31 14.20 1.18 45.88
CA GLY L 31 15.56 1.32 46.41
C GLY L 31 16.69 0.93 45.45
N GLU L 32 16.49 -0.13 44.67
CA GLU L 32 17.52 -0.64 43.76
C GLU L 32 17.56 0.13 42.44
N SER L 33 18.67 0.02 41.74
CA SER L 33 18.86 0.66 40.45
C SER L 33 18.53 -0.29 39.32
N VAL L 34 17.80 0.21 38.32
CA VAL L 34 17.52 -0.56 37.11
C VAL L 34 17.85 0.26 35.87
N ALA L 35 18.03 -0.42 34.73
CA ALA L 35 18.21 0.24 33.43
C ALA L 35 16.89 0.21 32.70
N VAL L 36 16.48 1.36 32.15
CA VAL L 36 15.28 1.44 31.36
C VAL L 36 15.61 1.91 29.94
N LYS L 37 15.60 0.98 28.99
CA LYS L 37 15.82 1.34 27.60
C LYS L 37 14.48 1.69 26.89
N ILE L 38 14.35 2.96 26.56
CA ILE L 38 13.20 3.46 25.83
C ILE L 38 13.54 3.43 24.36
N PHE L 39 12.82 2.63 23.57
CA PHE L 39 13.20 2.38 22.17
C PHE L 39 12.68 3.50 21.25
N SER L 40 13.42 3.78 20.18
CA SER L 40 12.96 4.73 19.19
C SER L 40 11.93 4.07 18.24
N SER L 41 11.15 4.90 17.55
CA SER L 41 10.19 4.38 16.60
C SER L 41 10.84 3.56 15.47
N ARG L 42 12.04 3.94 15.08
CA ARG L 42 12.76 3.25 14.00
C ARG L 42 13.31 1.89 14.42
N ASP L 43 13.23 1.56 15.71
CA ASP L 43 13.80 0.31 16.23
C ASP L 43 12.80 -0.54 17.03
N GLU L 44 11.51 -0.33 16.78
CA GLU L 44 10.44 -1.08 17.46
C GLU L 44 10.57 -2.59 17.33
N GLN L 45 11.04 -3.06 16.18
CA GLN L 45 11.16 -4.49 15.97
C GLN L 45 12.26 -5.13 16.86
N SER L 46 13.27 -4.36 17.26
CA SER L 46 14.29 -4.85 18.19
C SER L 46 13.65 -5.07 19.55
N TRP L 47 12.79 -4.16 19.97
CA TRP L 47 12.07 -4.32 21.25
C TRP L 47 11.21 -5.57 21.27
N PHE L 48 10.56 -5.84 20.15
CA PHE L 48 9.68 -6.99 20.02
C PHE L 48 10.49 -8.29 20.13
N ARG L 49 11.59 -8.37 19.37
CA ARG L 49 12.43 -9.57 19.33
C ARG L 49 13.06 -9.83 20.68
N GLU L 50 13.48 -8.76 21.34
CA GLU L 50 14.12 -8.86 22.63
C GLU L 50 13.12 -9.23 23.70
N THR L 51 11.90 -8.73 23.57
CA THR L 51 10.80 -9.09 24.48
C THR L 51 10.37 -10.54 24.31
N GLU L 52 10.31 -10.99 23.06
CA GLU L 52 9.97 -12.38 22.77
C GLU L 52 10.98 -13.32 23.43
N ILE L 53 12.26 -13.09 23.12
CA ILE L 53 13.34 -13.96 23.58
C ILE L 53 13.43 -14.02 25.11
N TYR L 54 13.36 -12.87 25.75
CA TYR L 54 13.51 -12.81 27.20
C TYR L 54 12.36 -13.46 27.92
N ASN L 55 11.15 -13.42 27.34
CA ASN L 55 9.94 -14.05 27.92
C ASN L 55 9.77 -15.53 27.55
N THR L 56 10.55 -15.98 26.57
CA THR L 56 10.36 -17.30 25.95
C THR L 56 11.48 -18.29 26.19
N VAL L 57 12.71 -17.78 26.37
CA VAL L 57 13.91 -18.60 26.47
C VAL L 57 14.49 -18.50 27.89
N LEU L 58 14.70 -19.65 28.53
CA LEU L 58 15.34 -19.66 29.85
C LEU L 58 16.81 -19.34 29.63
N LEU L 59 17.15 -18.07 29.84
CA LEU L 59 18.44 -17.49 29.42
C LEU L 59 19.28 -16.96 30.56
N ARG L 60 18.71 -16.86 31.76
CA ARG L 60 19.44 -16.29 32.91
C ARG L 60 20.88 -16.85 32.99
N HIS L 61 21.85 -15.96 33.15
CA HIS L 61 23.26 -16.33 33.25
C HIS L 61 24.06 -15.11 33.74
N ASP L 62 25.06 -15.35 34.59
CA ASP L 62 25.88 -14.26 35.11
C ASP L 62 26.47 -13.36 34.02
N ASN L 63 26.70 -13.91 32.84
CA ASN L 63 27.33 -13.17 31.73
C ASN L 63 26.37 -12.78 30.61
N ILE L 64 25.09 -12.63 30.99
CA ILE L 64 24.05 -12.15 30.09
C ILE L 64 23.18 -11.16 30.87
N LEU L 65 22.82 -10.04 30.24
CA LEU L 65 22.13 -8.97 30.96
C LEU L 65 20.80 -9.48 31.50
N GLY L 66 20.59 -9.24 32.80
CA GLY L 66 19.39 -9.69 33.48
C GLY L 66 18.18 -8.91 33.05
N PHE L 67 17.10 -9.62 32.76
CA PHE L 67 15.82 -9.06 32.33
C PHE L 67 14.90 -8.91 33.54
N ILE L 68 14.21 -7.77 33.61
CA ILE L 68 13.23 -7.53 34.67
C ILE L 68 11.83 -7.44 34.10
N ALA L 69 11.65 -6.61 33.08
CA ALA L 69 10.33 -6.39 32.52
C ALA L 69 10.37 -5.79 31.12
N SER L 70 9.22 -5.85 30.46
CA SER L 70 9.00 -5.22 29.17
C SER L 70 7.58 -4.63 29.17
N ASP L 71 7.45 -3.39 28.72
CA ASP L 71 6.18 -2.69 28.78
C ASP L 71 5.90 -1.73 27.60
N MET L 72 4.62 -1.35 27.48
CA MET L 72 4.21 -0.31 26.51
C MET L 72 3.56 0.89 27.20
N THR L 73 4.33 1.97 27.39
CA THR L 73 3.73 3.25 27.80
C THR L 73 3.38 3.99 26.54
N SER L 78 2.71 9.34 22.08
CA SER L 78 1.56 8.66 22.64
C SER L 78 1.71 7.13 22.61
N THR L 79 2.86 6.66 22.13
CA THR L 79 3.29 5.25 22.26
C THR L 79 4.80 5.12 22.57
N GLN L 80 5.14 4.47 23.68
CA GLN L 80 6.55 4.12 23.93
C GLN L 80 6.75 2.69 24.37
N LEU L 81 7.89 2.15 23.97
CA LEU L 81 8.26 0.77 24.26
C LEU L 81 9.42 0.74 25.24
N TRP L 82 9.26 0.03 26.35
CA TRP L 82 10.29 -0.03 27.39
C TRP L 82 10.82 -1.43 27.59
N LEU L 83 12.13 -1.52 27.86
CA LEU L 83 12.74 -2.75 28.33
C LEU L 83 13.49 -2.39 29.60
N ILE L 84 13.13 -3.03 30.71
CA ILE L 84 13.76 -2.74 31.99
C ILE L 84 14.67 -3.94 32.35
N THR L 85 15.91 -3.65 32.74
CA THR L 85 16.89 -4.71 33.04
C THR L 85 17.70 -4.34 34.27
N HIS L 86 18.64 -5.20 34.68
CA HIS L 86 19.62 -4.81 35.70
C HIS L 86 20.41 -3.61 35.20
N TYR L 87 20.90 -2.80 36.12
CA TYR L 87 21.73 -1.62 35.81
C TYR L 87 23.16 -1.92 36.22
N HIS L 88 24.12 -1.54 35.37
CA HIS L 88 25.53 -1.66 35.66
C HIS L 88 26.26 -0.29 35.51
N GLU L 89 26.78 0.21 36.64
CA GLU L 89 27.33 1.56 36.76
C GLU L 89 28.44 1.86 35.81
N HIS L 90 29.33 0.89 35.59
CA HIS L 90 30.49 1.07 34.71
C HIS L 90 30.08 1.27 33.24
N GLY L 91 28.84 0.95 32.93
CA GLY L 91 28.36 1.10 31.57
C GLY L 91 28.89 -0.01 30.67
N SER L 92 28.99 0.27 29.37
CA SER L 92 29.48 -0.72 28.43
C SER L 92 31.00 -0.87 28.45
N LEU L 93 31.46 -1.94 27.81
CA LEU L 93 32.88 -2.19 27.68
C LEU L 93 33.54 -1.05 26.94
N TYR L 94 32.81 -0.49 25.99
CA TYR L 94 33.23 0.70 25.29
C TYR L 94 33.53 1.82 26.25
N ASP L 95 32.57 2.10 27.13
CA ASP L 95 32.69 3.14 28.14
C ASP L 95 33.85 2.88 29.09
N PHE L 96 33.95 1.65 29.58
CA PHE L 96 34.97 1.24 30.55
C PHE L 96 36.37 1.40 29.96
N LEU L 97 36.54 0.89 28.74
CA LEU L 97 37.81 0.95 28.06
C LEU L 97 38.20 2.39 27.69
N GLN L 98 37.21 3.29 27.63
CA GLN L 98 37.50 4.70 27.37
C GLN L 98 38.33 5.32 28.50
N ARG L 99 37.87 5.11 29.73
CA ARG L 99 38.44 5.75 30.92
C ARG L 99 39.51 4.94 31.60
N GLN L 100 39.38 3.62 31.59
CA GLN L 100 40.26 2.75 32.38
C GLN L 100 41.31 2.06 31.55
N THR L 101 42.48 1.86 32.15
CA THR L 101 43.54 1.02 31.58
C THR L 101 43.54 -0.31 32.32
N LEU L 102 44.02 -1.37 31.65
CA LEU L 102 43.84 -2.73 32.18
C LEU L 102 45.14 -3.43 32.50
N GLU L 103 45.28 -3.87 33.75
CA GLU L 103 46.31 -4.83 34.13
C GLU L 103 46.02 -6.11 33.35
N PRO L 104 47.06 -6.85 32.94
CA PRO L 104 46.85 -8.11 32.21
C PRO L 104 45.79 -9.04 32.85
N HIS L 105 45.85 -9.18 34.17
CA HIS L 105 44.88 -9.99 34.91
C HIS L 105 43.46 -9.55 34.58
N LEU L 106 43.23 -8.24 34.61
CA LEU L 106 41.89 -7.68 34.39
C LEU L 106 41.44 -7.86 32.93
N ALA L 107 42.37 -7.67 31.99
CA ALA L 107 42.10 -7.92 30.58
C ALA L 107 41.59 -9.33 30.34
N LEU L 108 42.21 -10.32 30.99
CA LEU L 108 41.80 -11.74 30.85
C LEU L 108 40.44 -12.00 31.50
N ARG L 109 40.17 -11.30 32.61
CA ARG L 109 38.93 -11.46 33.36
C ARG L 109 37.74 -11.00 32.52
N LEU L 110 37.90 -9.83 31.88
CA LEU L 110 36.89 -9.33 30.94
C LEU L 110 36.76 -10.23 29.73
N ALA L 111 37.87 -10.67 29.18
CA ALA L 111 37.87 -11.52 28.00
C ALA L 111 37.23 -12.88 28.27
N VAL L 112 37.56 -13.48 29.42
CA VAL L 112 37.02 -14.82 29.71
C VAL L 112 35.52 -14.74 29.95
N SER L 113 35.07 -13.73 30.68
CA SER L 113 33.65 -13.60 31.07
C SER L 113 32.78 -13.29 29.85
N ALA L 114 33.28 -12.43 28.97
CA ALA L 114 32.61 -12.18 27.69
C ALA L 114 32.48 -13.48 26.90
N ALA L 115 33.53 -14.27 26.86
CA ALA L 115 33.54 -15.55 26.17
C ALA L 115 32.54 -16.53 26.80
N CYS L 116 32.37 -16.48 28.11
CA CYS L 116 31.39 -17.32 28.77
C CYS L 116 29.99 -16.95 28.32
N GLY L 117 29.69 -15.65 28.30
CA GLY L 117 28.46 -15.12 27.76
C GLY L 117 28.18 -15.64 26.37
N LEU L 118 29.12 -15.45 25.45
CA LEU L 118 28.89 -15.88 24.05
C LEU L 118 28.75 -17.40 23.88
N ALA L 119 29.54 -18.15 24.63
CA ALA L 119 29.47 -19.61 24.59
C ALA L 119 28.08 -20.07 25.02
N HIS L 120 27.56 -19.43 26.07
CA HIS L 120 26.26 -19.78 26.62
C HIS L 120 25.15 -19.52 25.61
N LEU L 121 25.23 -18.41 24.91
CA LEU L 121 24.30 -18.08 23.83
C LEU L 121 24.34 -19.16 22.76
N HIS L 122 25.54 -19.47 22.29
CA HIS L 122 25.75 -20.35 21.12
C HIS L 122 25.34 -21.82 21.38
N VAL L 123 25.58 -22.32 22.58
CA VAL L 123 25.42 -23.74 22.86
C VAL L 123 23.98 -24.07 23.22
N GLU L 124 23.42 -25.03 22.52
CA GLU L 124 22.08 -25.49 22.86
C GLU L 124 22.09 -26.35 24.14
N ILE L 125 21.09 -26.16 25.00
CA ILE L 125 20.88 -26.98 26.22
C ILE L 125 19.47 -27.62 26.23
N PHE L 126 19.44 -28.95 26.13
CA PHE L 126 18.19 -29.69 26.21
C PHE L 126 17.53 -29.54 27.59
N GLY L 127 16.23 -29.82 27.66
CA GLY L 127 15.56 -29.91 28.96
C GLY L 127 14.75 -28.71 29.41
N THR L 128 13.86 -28.97 30.35
CA THR L 128 12.83 -28.00 30.72
C THR L 128 13.46 -26.68 31.05
N GLN L 129 14.43 -26.69 31.96
CA GLN L 129 15.20 -25.49 32.30
C GLN L 129 16.29 -25.23 31.24
N GLY L 130 15.94 -25.29 29.95
CA GLY L 130 16.98 -25.27 28.88
C GLY L 130 16.97 -24.03 27.99
N LYS L 131 17.31 -24.22 26.71
CA LYS L 131 17.30 -23.13 25.72
C LYS L 131 17.92 -23.57 24.38
N PRO L 132 17.42 -23.03 23.24
CA PRO L 132 17.98 -23.26 21.91
C PRO L 132 19.33 -22.55 21.73
N ALA L 133 20.03 -22.87 20.64
CA ALA L 133 21.25 -22.20 20.31
C ALA L 133 20.86 -20.82 19.80
N ILE L 134 21.58 -19.78 20.25
CA ILE L 134 21.27 -18.39 19.92
C ILE L 134 22.53 -17.69 19.41
N ALA L 135 22.40 -16.99 18.28
CA ALA L 135 23.48 -16.16 17.73
C ALA L 135 23.09 -14.71 17.89
N HIS L 136 24.05 -13.86 18.27
CA HIS L 136 23.77 -12.45 18.62
C HIS L 136 23.47 -11.56 17.40
N ARG L 137 24.42 -11.54 16.45
CA ARG L 137 24.33 -10.80 15.19
C ARG L 137 24.63 -9.30 15.30
N ASP L 138 24.85 -8.81 16.51
CA ASP L 138 25.37 -7.44 16.70
C ASP L 138 26.33 -7.35 17.90
N PHE L 139 27.29 -8.29 17.93
CA PHE L 139 28.25 -8.35 19.02
C PHE L 139 29.32 -7.28 18.83
N LYS L 140 29.43 -6.40 19.81
CA LYS L 140 30.35 -5.29 19.78
C LYS L 140 30.55 -4.82 21.21
N SER L 141 31.59 -3.99 21.43
CA SER L 141 31.92 -3.55 22.79
C SER L 141 30.82 -2.72 23.45
N ARG L 142 30.02 -2.05 22.63
CA ARG L 142 28.89 -1.24 23.15
C ARG L 142 27.72 -2.08 23.63
N ASN L 143 27.65 -3.35 23.21
CA ASN L 143 26.61 -4.30 23.65
C ASN L 143 27.11 -5.30 24.69
N VAL L 144 28.23 -4.97 25.34
CA VAL L 144 28.77 -5.75 26.46
C VAL L 144 28.92 -4.81 27.64
N LEU L 145 28.33 -5.17 28.77
CA LEU L 145 28.38 -4.32 29.96
C LEU L 145 29.44 -4.84 30.90
N VAL L 146 30.02 -3.96 31.72
CA VAL L 146 30.96 -4.35 32.75
C VAL L 146 30.28 -4.20 34.13
N LYS L 147 30.26 -5.31 34.87
CA LYS L 147 29.61 -5.39 36.19
C LYS L 147 30.55 -4.91 37.30
N SER L 148 29.99 -4.79 38.50
CA SER L 148 30.75 -4.39 39.70
C SER L 148 31.97 -5.25 39.96
N ASN L 149 31.81 -6.56 39.78
CA ASN L 149 32.93 -7.49 39.96
C ASN L 149 33.83 -7.58 38.71
N LEU L 150 33.78 -6.55 37.88
CA LEU L 150 34.60 -6.46 36.69
C LEU L 150 34.55 -7.72 35.82
N GLN L 151 33.36 -8.31 35.72
CA GLN L 151 33.08 -9.34 34.73
C GLN L 151 32.09 -8.75 33.74
N CYS L 152 32.09 -9.28 32.52
CA CYS L 152 31.21 -8.79 31.49
C CYS L 152 29.90 -9.53 31.49
N CYS L 153 28.89 -8.91 30.89
CA CYS L 153 27.68 -9.61 30.50
C CYS L 153 27.12 -9.02 29.21
N ILE L 154 26.65 -9.89 28.33
CA ILE L 154 26.18 -9.50 27.00
C ILE L 154 24.75 -8.95 27.02
N ALA L 155 24.49 -7.90 26.24
CA ALA L 155 23.16 -7.28 26.11
C ALA L 155 22.75 -7.17 24.66
N ASP L 156 21.54 -6.67 24.46
CA ASP L 156 20.95 -6.36 23.14
C ASP L 156 20.74 -7.57 22.28
N LEU L 157 19.66 -8.29 22.54
CA LEU L 157 19.29 -9.50 21.79
C LEU L 157 18.33 -9.19 20.64
N GLY L 158 18.22 -7.91 20.26
CA GLY L 158 17.25 -7.45 19.27
C GLY L 158 17.31 -8.05 17.88
N LEU L 159 18.50 -8.55 17.52
CA LEU L 159 18.75 -9.15 16.20
C LEU L 159 19.03 -10.64 16.30
N ALA L 160 18.86 -11.22 17.47
CA ALA L 160 19.30 -12.59 17.68
C ALA L 160 18.51 -13.58 16.80
N VAL L 161 19.16 -14.68 16.43
CA VAL L 161 18.52 -15.77 15.68
C VAL L 161 18.74 -17.08 16.46
N MET L 162 17.81 -18.03 16.39
CA MET L 162 17.82 -19.16 17.34
C MET L 162 17.79 -20.54 16.65
N HIS L 163 18.35 -21.56 17.31
CA HIS L 163 18.32 -22.93 16.78
C HIS L 163 18.13 -24.00 17.86
N SER L 164 17.26 -24.98 17.57
CA SER L 164 17.15 -26.19 18.38
C SER L 164 17.65 -27.38 17.56
N GLN L 165 18.21 -28.37 18.25
CA GLN L 165 18.70 -29.61 17.63
C GLN L 165 17.59 -30.31 16.86
N GLY L 166 16.39 -30.31 17.43
CA GLY L 166 15.25 -31.01 16.84
C GLY L 166 14.67 -30.38 15.59
N SER L 167 14.53 -29.05 15.60
CA SER L 167 13.82 -28.31 14.56
C SER L 167 14.64 -28.10 13.29
N ASP L 168 13.99 -28.27 12.15
CA ASP L 168 14.63 -28.04 10.85
C ASP L 168 14.11 -26.77 10.18
N TYR L 169 14.44 -25.66 10.83
CA TYR L 169 14.23 -24.33 10.28
C TYR L 169 15.14 -23.30 10.98
N LEU L 170 15.04 -22.05 10.53
CA LEU L 170 15.89 -20.98 11.02
C LEU L 170 14.98 -19.97 11.65
N ASP L 171 15.14 -19.75 12.95
CA ASP L 171 14.30 -18.83 13.71
C ASP L 171 14.81 -17.37 13.57
N ILE L 172 14.07 -16.55 12.82
CA ILE L 172 14.55 -15.23 12.37
C ILE L 172 13.53 -14.09 12.63
N GLY L 173 13.99 -13.01 13.25
CA GLY L 173 13.13 -11.85 13.49
C GLY L 173 12.86 -11.07 12.21
N ASN L 174 11.95 -10.09 12.29
CA ASN L 174 11.53 -9.33 11.12
C ASN L 174 12.18 -7.95 11.13
N ASN L 175 13.18 -7.78 11.98
CA ASN L 175 13.88 -6.50 12.13
C ASN L 175 14.61 -6.07 10.84
N PRO L 176 14.39 -4.81 10.38
CA PRO L 176 15.15 -4.23 9.25
C PRO L 176 16.57 -3.86 9.63
N ARG L 177 16.80 -3.59 10.90
CA ARG L 177 18.14 -3.24 11.38
C ARG L 177 19.15 -4.32 10.99
N VAL L 178 20.38 -3.89 10.71
CA VAL L 178 21.48 -4.82 10.44
C VAL L 178 22.57 -4.60 11.47
N GLY L 179 23.57 -5.47 11.46
CA GLY L 179 24.72 -5.33 12.34
C GLY L 179 25.34 -3.96 12.22
N THR L 180 26.04 -3.52 13.28
CA THR L 180 26.81 -2.29 13.22
C THR L 180 27.87 -2.48 12.15
N LYS L 181 27.95 -1.53 11.23
CA LYS L 181 28.78 -1.71 10.03
C LYS L 181 30.29 -1.99 10.35
N ARG L 182 30.85 -1.41 11.41
CA ARG L 182 32.27 -1.63 11.79
C ARG L 182 32.65 -3.09 12.13
N TYR L 183 31.67 -3.87 12.60
CA TYR L 183 31.93 -5.22 13.13
C TYR L 183 31.51 -6.36 12.21
N MET L 184 31.01 -6.02 11.03
CA MET L 184 30.52 -7.02 10.09
C MET L 184 31.66 -7.86 9.53
N ALA L 185 31.46 -9.17 9.52
CA ALA L 185 32.45 -10.11 9.00
C ALA L 185 32.55 -9.95 7.47
N PRO L 186 33.63 -10.47 6.87
CA PRO L 186 33.77 -10.40 5.41
C PRO L 186 32.58 -11.00 4.67
N GLU L 187 32.12 -12.17 5.12
CA GLU L 187 31.01 -12.86 4.49
C GLU L 187 29.67 -12.12 4.59
N VAL L 188 29.52 -11.20 5.55
CA VAL L 188 28.33 -10.37 5.61
C VAL L 188 28.44 -9.21 4.62
N LEU L 189 29.63 -8.62 4.53
CA LEU L 189 29.87 -7.50 3.63
C LEU L 189 29.88 -7.94 2.15
N ASP L 190 30.34 -9.18 1.92
CA ASP L 190 30.28 -9.81 0.59
C ASP L 190 28.86 -10.17 0.19
N GLU L 191 28.01 -10.36 1.19
CA GLU L 191 26.67 -10.93 1.00
C GLU L 191 26.76 -12.37 0.50
N GLN L 192 27.85 -13.05 0.87
CA GLN L 192 28.09 -14.44 0.48
C GLN L 192 27.68 -15.41 1.61
N ILE L 193 27.21 -14.85 2.73
CA ILE L 193 26.80 -15.66 3.87
C ILE L 193 25.53 -16.44 3.52
N ARG L 194 25.44 -17.68 3.99
CA ARG L 194 24.24 -18.51 3.79
C ARG L 194 23.20 -18.16 4.86
N THR L 195 22.20 -17.35 4.45
CA THR L 195 21.25 -16.80 5.41
C THR L 195 20.25 -17.85 5.93
N ASP L 196 20.28 -19.06 5.37
CA ASP L 196 19.45 -20.17 5.84
C ASP L 196 20.30 -21.24 6.56
N CYS L 197 21.47 -20.83 7.05
CA CYS L 197 22.35 -21.72 7.83
C CYS L 197 22.70 -21.05 9.15
N PHE L 198 22.39 -21.73 10.25
CA PHE L 198 22.59 -21.15 11.58
C PHE L 198 24.07 -20.97 11.93
N GLU L 199 24.89 -21.97 11.56
CA GLU L 199 26.32 -21.93 11.84
C GLU L 199 26.97 -20.64 11.32
N SER L 200 26.58 -20.21 10.12
CA SER L 200 27.06 -18.95 9.54
C SER L 200 26.95 -17.76 10.49
N TYR L 201 25.79 -17.60 11.12
CA TYR L 201 25.56 -16.47 12.02
C TYR L 201 26.45 -16.55 13.26
N LYS L 202 26.70 -17.75 13.76
CA LYS L 202 27.66 -17.94 14.85
C LYS L 202 29.05 -17.47 14.45
N TRP L 203 29.46 -17.78 13.23
CA TRP L 203 30.78 -17.42 12.75
C TRP L 203 30.96 -15.92 12.59
N THR L 204 29.86 -15.18 12.42
CA THR L 204 29.93 -13.71 12.38
C THR L 204 30.02 -13.10 13.77
N ASP L 205 29.43 -13.79 14.75
CA ASP L 205 29.60 -13.42 16.16
C ASP L 205 31.07 -13.52 16.53
N ILE L 206 31.70 -14.62 16.08
CA ILE L 206 33.10 -14.87 16.43
C ILE L 206 34.04 -13.79 15.85
N TRP L 207 33.89 -13.48 14.57
CA TRP L 207 34.63 -12.38 13.94
C TRP L 207 34.57 -11.16 14.84
N ALA L 208 33.33 -10.70 15.10
CA ALA L 208 33.09 -9.55 15.97
C ALA L 208 33.77 -9.68 17.35
N PHE L 209 33.77 -10.89 17.89
CA PHE L 209 34.38 -11.15 19.17
C PHE L 209 35.89 -10.83 19.12
N GLY L 210 36.55 -11.33 18.07
CA GLY L 210 37.96 -11.06 17.82
C GLY L 210 38.25 -9.57 17.87
N LEU L 211 37.37 -8.77 17.25
CA LEU L 211 37.53 -7.32 17.23
C LEU L 211 37.38 -6.74 18.63
N VAL L 212 36.48 -7.30 19.43
CA VAL L 212 36.34 -6.87 20.83
C VAL L 212 37.60 -7.21 21.66
N LEU L 213 38.23 -8.35 21.39
CA LEU L 213 39.47 -8.74 22.07
C LEU L 213 40.56 -7.71 21.79
N TRP L 214 40.73 -7.37 20.53
CA TRP L 214 41.63 -6.31 20.12
C TRP L 214 41.44 -5.04 20.94
N GLU L 215 40.19 -4.59 21.06
CA GLU L 215 39.88 -3.40 21.87
C GLU L 215 40.37 -3.52 23.32
N ILE L 216 40.20 -4.71 23.91
CA ILE L 216 40.67 -4.98 25.27
C ILE L 216 42.21 -4.95 25.27
N ALA L 217 42.81 -5.66 24.32
CA ALA L 217 44.24 -5.81 24.22
C ALA L 217 44.95 -4.46 24.09
N ARG L 218 44.43 -3.62 23.19
CA ARG L 218 45.00 -2.28 22.97
C ARG L 218 45.09 -1.45 24.25
N ARG L 219 44.14 -1.68 25.16
CA ARG L 219 44.01 -0.91 26.37
C ARG L 219 44.68 -1.58 27.57
N THR L 220 45.53 -2.60 27.29
CA THR L 220 46.22 -3.42 28.30
C THR L 220 47.65 -2.94 28.53
N ILE L 221 48.05 -2.80 29.80
CA ILE L 221 49.34 -2.23 30.17
C ILE L 221 50.38 -3.36 30.25
N VAL L 222 51.44 -3.22 29.48
CA VAL L 222 52.45 -4.26 29.43
C VAL L 222 53.79 -3.55 29.31
N ASN L 223 54.66 -3.78 30.31
CA ASN L 223 55.97 -3.12 30.49
C ASN L 223 55.97 -1.60 30.71
N GLY L 224 54.81 -1.03 31.03
CA GLY L 224 54.66 0.41 31.21
C GLY L 224 53.97 1.12 30.05
N ILE L 225 53.85 0.43 28.91
CA ILE L 225 53.23 0.98 27.66
C ILE L 225 51.73 0.64 27.51
N VAL L 226 50.94 1.65 27.16
CA VAL L 226 49.56 1.42 26.81
C VAL L 226 49.10 2.51 25.83
N GLU L 227 48.24 2.12 24.89
CA GLU L 227 47.65 3.05 23.92
C GLU L 227 46.30 3.61 24.40
N ASP L 228 45.97 4.82 23.93
CA ASP L 228 44.64 5.41 24.17
C ASP L 228 43.61 4.59 23.39
N TYR L 229 42.36 4.61 23.86
CA TYR L 229 41.32 3.84 23.21
C TYR L 229 41.11 4.28 21.76
N ARG L 230 41.01 3.28 20.89
CA ARG L 230 40.53 3.48 19.50
C ARG L 230 39.60 2.31 19.12
N PRO L 231 38.62 2.56 18.25
CA PRO L 231 37.78 1.47 17.78
C PRO L 231 38.51 0.61 16.73
N PRO L 232 38.02 -0.60 16.48
CA PRO L 232 38.61 -1.39 15.38
C PRO L 232 38.53 -0.65 14.05
N PHE L 233 39.57 -0.79 13.24
CA PHE L 233 39.71 -0.11 11.95
C PHE L 233 39.72 1.43 12.02
N TYR L 234 40.05 1.98 13.19
CA TYR L 234 40.19 3.44 13.39
C TYR L 234 41.09 4.11 12.34
N ASP L 235 42.08 3.37 11.84
CA ASP L 235 43.12 3.93 10.95
C ASP L 235 42.78 3.82 9.45
N VAL L 236 41.72 3.10 9.10
CA VAL L 236 41.40 2.85 7.68
C VAL L 236 40.00 3.30 7.26
N VAL L 237 39.13 3.65 8.22
CA VAL L 237 37.75 4.09 7.91
C VAL L 237 37.31 5.27 8.77
N PRO L 238 36.38 6.10 8.26
CA PRO L 238 35.89 7.25 9.00
C PRO L 238 35.08 6.90 10.22
N ASN L 239 34.82 7.95 11.00
CA ASN L 239 34.10 7.85 12.27
C ASN L 239 32.90 6.96 12.11
N ASP L 240 32.06 7.29 11.11
CA ASP L 240 30.78 6.61 10.85
C ASP L 240 30.96 5.83 9.57
N PRO L 241 31.48 4.60 9.66
CA PRO L 241 31.80 3.89 8.44
C PRO L 241 30.53 3.47 7.74
N SER L 242 30.59 3.51 6.41
CA SER L 242 29.53 3.07 5.54
C SER L 242 29.68 1.58 5.25
N PHE L 243 28.66 1.02 4.61
CA PHE L 243 28.73 -0.35 4.12
C PHE L 243 29.90 -0.43 3.13
N GLU L 244 29.98 0.57 2.25
CA GLU L 244 30.98 0.58 1.18
C GLU L 244 32.41 0.81 1.70
N ASP L 245 32.53 1.66 2.72
CA ASP L 245 33.83 1.88 3.38
C ASP L 245 34.37 0.57 3.96
N MET L 246 33.50 -0.19 4.62
CA MET L 246 33.92 -1.45 5.23
C MET L 246 34.20 -2.51 4.16
N LYS L 247 33.28 -2.64 3.20
CA LYS L 247 33.45 -3.58 2.08
C LYS L 247 34.87 -3.43 1.50
N LYS L 248 35.27 -2.18 1.23
CA LYS L 248 36.59 -1.92 0.64
C LYS L 248 37.74 -2.38 1.55
N VAL L 249 37.67 -2.00 2.81
CA VAL L 249 38.71 -2.33 3.78
C VAL L 249 38.78 -3.83 4.10
N VAL L 250 37.62 -4.43 4.41
CA VAL L 250 37.59 -5.81 4.89
C VAL L 250 37.62 -6.86 3.78
N CYS L 251 37.01 -6.55 2.63
CA CYS L 251 36.91 -7.52 1.53
C CYS L 251 37.91 -7.28 0.41
N VAL L 252 37.92 -6.07 -0.13
CA VAL L 252 38.86 -5.75 -1.21
C VAL L 252 40.31 -5.69 -0.71
N ASP L 253 40.58 -4.89 0.32
CA ASP L 253 41.93 -4.75 0.86
C ASP L 253 42.33 -5.92 1.79
N GLN L 254 41.37 -6.76 2.16
CA GLN L 254 41.63 -7.91 3.04
C GLN L 254 42.32 -7.52 4.36
N GLN L 255 41.93 -6.37 4.91
CA GLN L 255 42.52 -5.85 6.14
C GLN L 255 41.87 -6.40 7.42
N THR L 256 42.69 -6.57 8.45
CA THR L 256 42.26 -6.90 9.80
C THR L 256 43.02 -5.98 10.75
N PRO L 257 42.49 -5.74 11.97
CA PRO L 257 43.24 -4.84 12.87
C PRO L 257 44.68 -5.34 13.11
N THR L 258 45.66 -4.43 13.13
CA THR L 258 47.03 -4.88 13.35
C THR L 258 47.16 -5.30 14.79
N ILE L 259 47.79 -6.44 15.01
CA ILE L 259 48.12 -6.87 16.37
C ILE L 259 49.41 -6.16 16.80
N PRO L 260 49.31 -5.35 17.86
CA PRO L 260 50.51 -4.72 18.39
C PRO L 260 51.59 -5.76 18.67
N ASN L 261 52.69 -5.70 17.92
CA ASN L 261 53.80 -6.68 18.06
C ASN L 261 54.17 -6.92 19.54
N ARG L 262 53.91 -5.92 20.37
CA ARG L 262 54.16 -5.97 21.83
C ARG L 262 53.45 -7.08 22.59
N LEU L 263 52.27 -7.51 22.11
CA LEU L 263 51.53 -8.66 22.72
C LEU L 263 52.34 -9.99 22.79
N ALA L 264 53.31 -10.11 21.88
CA ALA L 264 54.23 -11.26 21.78
C ALA L 264 55.15 -11.40 22.97
N ALA L 265 55.47 -10.29 23.64
CA ALA L 265 56.55 -10.25 24.63
C ALA L 265 56.04 -10.49 26.04
N ASP L 266 55.10 -11.43 26.17
CA ASP L 266 54.40 -11.73 27.43
C ASP L 266 53.84 -13.16 27.37
N PRO L 267 53.67 -13.82 28.53
CA PRO L 267 52.96 -15.11 28.59
C PRO L 267 51.45 -14.96 28.56
N VAL L 268 50.97 -13.87 29.14
CA VAL L 268 49.55 -13.59 29.21
C VAL L 268 49.06 -13.10 27.85
N LEU L 269 49.74 -12.10 27.30
CA LEU L 269 49.48 -11.63 25.93
C LEU L 269 49.62 -12.73 24.87
N SER L 270 50.73 -13.46 24.94
CA SER L 270 51.01 -14.67 24.14
C SER L 270 49.76 -15.23 23.45
N GLY L 271 48.82 -15.73 24.25
CA GLY L 271 47.60 -16.39 23.76
C GLY L 271 46.55 -15.52 23.10
N LEU L 272 46.33 -14.30 23.63
CA LEU L 272 45.26 -13.43 23.11
C LEU L 272 45.49 -13.09 21.63
N ALA L 273 46.74 -12.79 21.28
CA ALA L 273 47.09 -12.45 19.90
C ALA L 273 46.74 -13.58 18.94
N GLN L 274 47.07 -14.80 19.34
CA GLN L 274 46.82 -15.98 18.51
C GLN L 274 45.33 -16.24 18.39
N MET L 275 44.59 -16.04 19.49
CA MET L 275 43.15 -16.19 19.47
C MET L 275 42.49 -15.16 18.59
N MET L 276 42.99 -13.93 18.63
CA MET L 276 42.53 -12.85 17.74
C MET L 276 42.62 -13.30 16.30
N ARG L 277 43.80 -13.78 15.92
CA ARG L 277 44.03 -14.28 14.56
C ARG L 277 42.99 -15.35 14.19
N GLU L 278 42.64 -16.22 15.14
CA GLU L 278 41.81 -17.39 14.84
C GLU L 278 40.33 -17.05 14.85
N CYS L 279 40.01 -15.81 15.22
CA CYS L 279 38.67 -15.27 15.04
C CYS L 279 38.51 -14.65 13.65
N TRP L 280 39.62 -14.30 13.02
CA TRP L 280 39.58 -13.50 11.79
C TRP L 280 39.97 -14.25 10.54
N TYR L 281 39.99 -15.59 10.60
CA TYR L 281 40.19 -16.37 9.39
C TYR L 281 39.08 -16.06 8.37
N PRO L 282 39.46 -15.75 7.11
CA PRO L 282 38.47 -15.44 6.06
C PRO L 282 37.41 -16.51 5.81
N ASN L 283 37.83 -17.78 5.88
CA ASN L 283 36.91 -18.91 5.77
C ASN L 283 36.28 -19.16 7.14
N PRO L 284 34.97 -18.84 7.28
CA PRO L 284 34.27 -18.80 8.58
C PRO L 284 34.38 -20.07 9.43
N SER L 285 34.42 -21.23 8.77
CA SER L 285 34.42 -22.51 9.47
C SER L 285 35.79 -22.84 10.10
N ALA L 286 36.82 -22.09 9.71
CA ALA L 286 38.15 -22.26 10.27
C ALA L 286 38.27 -21.57 11.64
N ARG L 287 37.28 -20.75 11.99
CA ARG L 287 37.38 -19.94 13.22
C ARG L 287 37.10 -20.76 14.48
N LEU L 288 37.64 -20.31 15.60
CA LEU L 288 37.38 -20.93 16.88
C LEU L 288 35.91 -20.74 17.25
N THR L 289 35.37 -21.67 18.03
CA THR L 289 34.04 -21.56 18.58
C THR L 289 34.15 -20.78 19.89
N ALA L 290 33.04 -20.27 20.38
CA ALA L 290 33.03 -19.54 21.64
C ALA L 290 33.45 -20.44 22.80
N LEU L 291 33.00 -21.70 22.77
CA LEU L 291 33.38 -22.69 23.79
C LEU L 291 34.89 -22.87 23.84
N ARG L 292 35.51 -23.01 22.67
CA ARG L 292 36.96 -23.19 22.59
C ARG L 292 37.74 -21.96 23.06
N ILE L 293 37.22 -20.77 22.78
CA ILE L 293 37.80 -19.53 23.26
C ILE L 293 37.72 -19.46 24.77
N LYS L 294 36.51 -19.67 25.30
CA LYS L 294 36.28 -19.78 26.75
C LYS L 294 37.33 -20.67 27.40
N LYS L 295 37.42 -21.91 26.91
CA LYS L 295 38.33 -22.90 27.49
C LYS L 295 39.80 -22.44 27.46
N THR L 296 40.27 -21.95 26.30
CA THR L 296 41.65 -21.48 26.18
C THR L 296 41.99 -20.37 27.17
N LEU L 297 41.13 -19.35 27.23
CA LEU L 297 41.37 -18.17 28.08
C LEU L 297 41.51 -18.52 29.56
N GLN L 298 40.66 -19.46 30.01
CA GLN L 298 40.74 -19.98 31.37
C GLN L 298 42.06 -20.72 31.70
N LYS L 299 42.80 -21.15 30.68
CA LYS L 299 44.11 -21.76 30.91
C LYS L 299 45.17 -20.66 31.06
N ILE L 300 44.84 -19.46 30.57
CA ILE L 300 45.77 -18.34 30.61
C ILE L 300 45.65 -17.59 31.93
N SER L 301 44.46 -17.62 32.51
CA SER L 301 44.22 -17.07 33.85
C SER L 301 44.65 -18.08 34.92
N MET M 2 -10.86 22.93 -10.59
CA MET M 2 -9.71 22.60 -11.51
C MET M 2 -8.70 21.75 -10.79
N GLN M 3 -9.00 21.44 -9.53
CA GLN M 3 -8.05 20.77 -8.64
C GLN M 3 -8.51 19.38 -8.18
N ARG M 4 -9.70 18.95 -8.64
CA ARG M 4 -10.31 17.67 -8.23
C ARG M 4 -9.59 16.48 -8.85
N THR M 5 -8.62 16.80 -9.69
CA THR M 5 -7.85 15.85 -10.48
C THR M 5 -6.36 16.18 -10.46
N VAL M 6 -5.98 17.38 -10.01
CA VAL M 6 -4.57 17.66 -9.76
C VAL M 6 -4.04 16.59 -8.79
N ALA M 7 -4.84 16.33 -7.74
CA ALA M 7 -4.54 15.27 -6.75
C ALA M 7 -4.65 13.90 -7.40
N ARG M 8 -5.46 13.81 -8.45
CA ARG M 8 -5.55 12.59 -9.23
C ARG M 8 -4.28 12.38 -10.06
N GLN M 9 -3.70 13.47 -10.55
CA GLN M 9 -2.52 13.39 -11.40
C GLN M 9 -1.21 13.29 -10.62
N VAL M 10 -1.19 13.75 -9.38
CA VAL M 10 0.02 13.74 -8.57
C VAL M 10 0.53 12.31 -8.39
N ALA M 11 1.81 12.10 -8.71
CA ALA M 11 2.49 10.84 -8.45
C ALA M 11 3.35 11.03 -7.21
N LEU M 12 3.26 10.08 -6.28
CA LEU M 12 4.03 10.10 -5.04
C LEU M 12 5.38 9.40 -5.26
N VAL M 13 6.47 10.05 -4.91
CA VAL M 13 7.81 9.53 -5.19
C VAL M 13 8.56 9.12 -3.93
N GLU M 14 8.62 10.00 -2.93
CA GLU M 14 9.42 9.75 -1.74
C GLU M 14 8.73 10.26 -0.49
N CYS M 15 8.73 9.42 0.56
CA CYS M 15 8.23 9.82 1.87
C CYS M 15 9.34 10.53 2.64
N VAL M 16 9.13 11.81 2.92
CA VAL M 16 10.16 12.63 3.56
C VAL M 16 9.82 12.95 5.02
N GLY M 17 8.70 12.44 5.51
CA GLY M 17 8.30 12.65 6.91
C GLY M 17 7.20 11.71 7.34
N LYS M 18 7.21 11.36 8.63
CA LYS M 18 6.20 10.49 9.24
C LYS M 18 6.07 10.77 10.74
N GLY M 19 4.84 10.72 11.25
CA GLY M 19 4.55 11.11 12.64
C GLY M 19 3.09 10.92 13.02
N ARG M 20 2.71 11.47 14.18
CA ARG M 20 1.35 11.34 14.70
C ARG M 20 0.36 12.16 13.85
N TYR M 21 0.87 13.19 13.20
CA TYR M 21 0.08 14.00 12.26
C TYR M 21 -0.31 13.24 10.97
N GLY M 22 0.46 12.21 10.63
CA GLY M 22 0.31 11.48 9.37
C GLY M 22 1.66 11.32 8.68
N GLU M 23 1.71 11.63 7.38
CA GLU M 23 2.95 11.51 6.59
C GLU M 23 3.02 12.62 5.57
N VAL M 24 4.23 13.06 5.25
CA VAL M 24 4.43 14.00 4.14
C VAL M 24 5.27 13.32 3.10
N TRP M 25 4.85 13.46 1.84
CA TRP M 25 5.52 12.84 0.71
C TRP M 25 5.96 13.90 -0.28
N ARG M 26 7.06 13.66 -0.98
CA ARG M 26 7.41 14.48 -2.14
C ARG M 26 6.73 13.88 -3.34
N GLY M 27 6.04 14.73 -4.10
CA GLY M 27 5.27 14.28 -5.26
C GLY M 27 5.60 15.07 -6.52
N LEU M 28 5.36 14.42 -7.67
CA LEU M 28 5.59 15.02 -8.98
C LEU M 28 4.25 15.34 -9.65
N TRP M 29 4.07 16.59 -10.05
CA TRP M 29 2.90 17.01 -10.80
C TRP M 29 3.32 17.85 -11.99
N HIS M 30 3.12 17.32 -13.19
CA HIS M 30 3.54 17.96 -14.43
C HIS M 30 4.94 18.55 -14.34
N GLY M 31 5.91 17.70 -14.02
CA GLY M 31 7.32 18.10 -13.97
C GLY M 31 7.80 18.73 -12.66
N GLU M 32 6.94 19.52 -12.00
CA GLU M 32 7.32 20.23 -10.78
C GLU M 32 7.13 19.35 -9.55
N SER M 33 7.79 19.73 -8.46
CA SER M 33 7.69 19.01 -7.19
C SER M 33 6.67 19.65 -6.26
N VAL M 34 5.83 18.81 -5.65
CA VAL M 34 4.84 19.25 -4.66
C VAL M 34 4.92 18.40 -3.39
N ALA M 35 4.46 18.97 -2.27
CA ALA M 35 4.36 18.23 -1.00
C ALA M 35 2.94 17.72 -0.87
N VAL M 36 2.80 16.46 -0.49
CA VAL M 36 1.49 15.85 -0.24
C VAL M 36 1.43 15.34 1.18
N LYS M 37 0.72 16.05 2.03
CA LYS M 37 0.53 15.62 3.42
C LYS M 37 -0.70 14.74 3.53
N ILE M 38 -0.47 13.46 3.81
CA ILE M 38 -1.57 12.52 4.04
C ILE M 38 -1.81 12.47 5.55
N PHE M 39 -3.01 12.88 5.97
CA PHE M 39 -3.32 13.02 7.39
C PHE M 39 -3.69 11.70 8.02
N SER M 40 -3.37 11.51 9.30
CA SER M 40 -3.79 10.33 10.04
C SER M 40 -5.23 10.49 10.51
N SER M 41 -5.86 9.37 10.83
CA SER M 41 -7.25 9.38 11.30
C SER M 41 -7.42 10.19 12.59
N ARG M 42 -6.40 10.17 13.44
CA ARG M 42 -6.42 10.92 14.68
C ARG M 42 -6.30 12.45 14.51
N ASP M 43 -6.03 12.91 13.29
CA ASP M 43 -5.79 14.33 13.02
C ASP M 43 -6.68 14.87 11.86
N GLU M 44 -7.79 14.22 11.60
CA GLU M 44 -8.72 14.65 10.55
C GLU M 44 -9.21 16.08 10.69
N GLN M 45 -9.35 16.54 11.94
CA GLN M 45 -9.87 17.88 12.20
C GLN M 45 -8.86 18.94 11.83
N SER M 46 -7.58 18.61 11.84
CA SER M 46 -6.55 19.55 11.37
C SER M 46 -6.65 19.74 9.84
N TRP M 47 -6.89 18.66 9.12
CA TRP M 47 -7.07 18.74 7.69
C TRP M 47 -8.28 19.62 7.34
N PHE M 48 -9.34 19.51 8.13
CA PHE M 48 -10.55 20.26 7.89
C PHE M 48 -10.27 21.75 8.07
N ARG M 49 -9.69 22.10 9.20
CA ARG M 49 -9.41 23.48 9.52
C ARG M 49 -8.49 24.10 8.49
N GLU M 50 -7.47 23.35 8.13
CA GLU M 50 -6.48 23.86 7.19
C GLU M 50 -7.13 24.03 5.81
N THR M 51 -7.98 23.10 5.43
CA THR M 51 -8.71 23.19 4.17
C THR M 51 -9.73 24.34 4.15
N GLU M 52 -10.42 24.56 5.27
CA GLU M 52 -11.29 25.72 5.38
C GLU M 52 -10.50 27.03 5.20
N ILE M 53 -9.44 27.22 6.01
CA ILE M 53 -8.66 28.47 5.99
C ILE M 53 -8.00 28.78 4.62
N TYR M 54 -7.42 27.77 4.01
CA TYR M 54 -6.77 27.97 2.71
C TYR M 54 -7.81 28.25 1.58
N ASN M 55 -9.00 27.71 1.69
CA ASN M 55 -10.05 27.99 0.67
C ASN M 55 -10.81 29.31 0.91
N THR M 56 -10.68 29.84 2.11
CA THR M 56 -11.56 30.90 2.60
C THR M 56 -10.87 32.25 2.83
N VAL M 57 -9.59 32.21 3.18
CA VAL M 57 -8.83 33.39 3.53
C VAL M 57 -7.76 33.68 2.46
N LEU M 58 -7.73 34.92 1.97
CA LEU M 58 -6.71 35.35 1.01
C LEU M 58 -5.42 35.51 1.76
N LEU M 59 -4.61 34.45 1.73
CA LEU M 59 -3.47 34.29 2.66
C LEU M 59 -2.12 34.24 1.96
N ARG M 60 -2.09 34.15 0.63
CA ARG M 60 -0.84 34.04 -0.14
C ARG M 60 0.22 35.02 0.37
N HIS M 61 1.43 34.51 0.61
CA HIS M 61 2.55 35.35 1.06
C HIS M 61 3.82 34.56 0.89
N ASP M 62 4.89 35.24 0.48
CA ASP M 62 6.22 34.58 0.35
C ASP M 62 6.62 33.79 1.59
N ASN M 63 6.19 34.22 2.77
CA ASN M 63 6.57 33.58 4.04
C ASN M 63 5.46 32.74 4.69
N ILE M 64 4.58 32.21 3.86
CA ILE M 64 3.55 31.29 4.30
C ILE M 64 3.50 30.20 3.24
N LEU M 65 3.40 28.94 3.68
CA LEU M 65 3.45 27.81 2.75
C LEU M 65 2.33 27.94 1.71
N GLY M 66 2.70 27.81 0.45
CA GLY M 66 1.77 27.89 -0.66
C GLY M 66 0.84 26.69 -0.74
N PHE M 67 -0.44 26.96 -0.92
CA PHE M 67 -1.50 25.95 -1.01
C PHE M 67 -1.75 25.64 -2.48
N ILE M 68 -1.90 24.36 -2.81
CA ILE M 68 -2.25 23.95 -4.18
C ILE M 68 -3.62 23.34 -4.22
N ALA M 69 -3.88 22.36 -3.36
CA ALA M 69 -5.15 21.63 -3.37
C ALA M 69 -5.41 20.88 -2.05
N SER M 70 -6.67 20.50 -1.85
CA SER M 70 -7.06 19.64 -0.75
C SER M 70 -8.04 18.64 -1.30
N ASP M 71 -7.88 17.37 -0.92
CA ASP M 71 -8.70 16.32 -1.49
C ASP M 71 -9.04 15.22 -0.52
N MET M 72 -10.12 14.53 -0.88
CA MET M 72 -10.49 13.24 -0.35
C MET M 72 -10.28 12.25 -1.49
N THR M 73 -9.93 11.01 -1.16
CA THR M 73 -9.72 9.97 -2.19
C THR M 73 -9.74 8.56 -1.56
N SER M 74 -10.02 7.57 -2.39
CA SER M 74 -9.79 6.18 -2.00
C SER M 74 -8.61 5.69 -2.82
N ARG M 75 -7.40 5.83 -2.27
CA ARG M 75 -6.21 5.36 -2.98
C ARG M 75 -5.90 3.95 -2.51
N THR M 79 -10.91 5.89 2.74
CA THR M 79 -10.55 7.22 2.26
C THR M 79 -9.37 7.78 3.05
N GLN M 80 -8.42 8.40 2.36
CA GLN M 80 -7.43 9.21 3.05
C GLN M 80 -7.60 10.67 2.65
N LEU M 81 -7.22 11.58 3.57
CA LEU M 81 -7.36 13.05 3.45
C LEU M 81 -6.03 13.67 3.07
N TRP M 82 -6.00 14.41 1.97
CA TRP M 82 -4.76 14.97 1.41
C TRP M 82 -4.74 16.50 1.45
N LEU M 83 -3.56 17.04 1.70
CA LEU M 83 -3.30 18.45 1.50
C LEU M 83 -2.07 18.55 0.62
N ILE M 84 -2.19 19.18 -0.55
CA ILE M 84 -1.07 19.30 -1.49
C ILE M 84 -0.61 20.76 -1.52
N THR M 85 0.70 20.98 -1.32
CA THR M 85 1.29 22.32 -1.20
C THR M 85 2.60 22.41 -1.97
N HIS M 86 3.19 23.60 -2.03
CA HIS M 86 4.56 23.72 -2.56
C HIS M 86 5.50 22.81 -1.76
N TYR M 87 6.55 22.34 -2.43
CA TYR M 87 7.56 21.49 -1.79
C TYR M 87 8.83 22.27 -1.61
N HIS M 88 9.45 22.15 -0.43
CA HIS M 88 10.72 22.78 -0.16
C HIS M 88 11.75 21.74 0.25
N GLU M 89 12.81 21.61 -0.57
CA GLU M 89 13.82 20.55 -0.44
C GLU M 89 14.52 20.53 0.91
N HIS M 90 14.84 21.70 1.44
CA HIS M 90 15.58 21.79 2.71
C HIS M 90 14.78 21.25 3.89
N GLY M 91 13.48 21.10 3.68
CA GLY M 91 12.60 20.61 4.73
C GLY M 91 12.33 21.71 5.74
N SER M 92 12.03 21.32 6.97
CA SER M 92 11.75 22.28 8.03
C SER M 92 13.03 22.94 8.57
N LEU M 93 12.83 24.00 9.35
CA LEU M 93 13.91 24.69 10.04
C LEU M 93 14.57 23.70 11.02
N TYR M 94 13.76 22.83 11.62
CA TYR M 94 14.28 21.77 12.46
C TYR M 94 15.33 20.97 11.70
N ASP M 95 14.94 20.49 10.51
CA ASP M 95 15.80 19.70 9.62
C ASP M 95 17.05 20.47 9.21
N PHE M 96 16.86 21.73 8.81
CA PHE M 96 17.94 22.59 8.30
C PHE M 96 18.98 22.87 9.38
N LEU M 97 18.50 23.21 10.57
CA LEU M 97 19.37 23.48 11.70
C LEU M 97 20.07 22.23 12.22
N GLN M 98 19.55 21.06 11.92
CA GLN M 98 20.20 19.80 12.28
C GLN M 98 21.55 19.67 11.57
N ARG M 99 21.53 19.87 10.25
CA ARG M 99 22.68 19.61 9.38
C ARG M 99 23.59 20.84 9.21
N GLN M 100 22.99 22.01 9.14
CA GLN M 100 23.70 23.21 8.73
C GLN M 100 24.04 24.11 9.92
N THR M 101 25.16 24.80 9.81
CA THR M 101 25.54 25.84 10.76
C THR M 101 25.33 27.21 10.08
N LEU M 102 25.10 28.25 10.87
CA LEU M 102 24.65 29.53 10.32
C LEU M 102 25.65 30.63 10.51
N GLU M 103 26.06 31.26 9.42
CA GLU M 103 26.76 32.55 9.48
C GLU M 103 25.73 33.54 10.09
N PRO M 104 26.19 34.55 10.84
CA PRO M 104 25.28 35.54 11.42
C PRO M 104 24.31 36.18 10.43
N HIS M 105 24.78 36.49 9.23
CA HIS M 105 23.93 37.01 8.14
C HIS M 105 22.74 36.08 7.85
N LEU M 106 23.02 34.78 7.77
CA LEU M 106 22.00 33.79 7.46
C LEU M 106 21.03 33.63 8.62
N ALA M 107 21.56 33.64 9.84
CA ALA M 107 20.70 33.56 11.03
C ALA M 107 19.64 34.66 11.00
N LEU M 108 20.06 35.89 10.69
CA LEU M 108 19.15 37.02 10.63
C LEU M 108 18.12 36.87 9.51
N ARG M 109 18.58 36.32 8.38
CA ARG M 109 17.73 36.16 7.22
C ARG M 109 16.58 35.22 7.54
N LEU M 110 16.89 34.08 8.16
CA LEU M 110 15.85 33.14 8.59
C LEU M 110 14.97 33.76 9.65
N ALA M 111 15.56 34.46 10.61
CA ALA M 111 14.80 35.09 11.68
C ALA M 111 13.87 36.18 11.15
N VAL M 112 14.34 37.04 10.24
CA VAL M 112 13.51 38.15 9.73
C VAL M 112 12.35 37.63 8.88
N SER M 113 12.60 36.62 8.07
CA SER M 113 11.58 36.06 7.18
C SER M 113 10.51 35.31 7.93
N ALA M 114 10.91 34.53 8.94
CA ALA M 114 9.95 33.90 9.86
C ALA M 114 9.10 34.96 10.55
N ALA M 115 9.72 36.04 10.99
CA ALA M 115 8.99 37.16 11.58
C ALA M 115 8.00 37.79 10.62
N CYS M 116 8.34 37.84 9.32
CA CYS M 116 7.41 38.41 8.32
C CYS M 116 6.18 37.52 8.25
N GLY M 117 6.41 36.22 8.13
CA GLY M 117 5.35 35.25 8.14
C GLY M 117 4.37 35.43 9.30
N LEU M 118 4.89 35.44 10.53
CA LEU M 118 4.04 35.58 11.73
C LEU M 118 3.34 36.94 11.81
N ALA M 119 4.02 38.02 11.45
CA ALA M 119 3.38 39.35 11.41
C ALA M 119 2.22 39.38 10.42
N HIS M 120 2.41 38.75 9.26
CA HIS M 120 1.36 38.69 8.24
C HIS M 120 0.13 37.90 8.74
N LEU M 121 0.35 36.80 9.44
CA LEU M 121 -0.72 36.04 10.06
C LEU M 121 -1.47 36.92 11.06
N HIS M 122 -0.72 37.56 11.97
CA HIS M 122 -1.32 38.28 13.11
C HIS M 122 -2.09 39.56 12.75
N VAL M 123 -1.62 40.28 11.73
CA VAL M 123 -2.18 41.57 11.39
C VAL M 123 -3.38 41.37 10.49
N GLU M 124 -4.50 41.98 10.87
CA GLU M 124 -5.68 42.03 10.05
C GLU M 124 -5.45 43.04 8.95
N ILE M 125 -5.79 42.66 7.72
CA ILE M 125 -5.79 43.61 6.62
C ILE M 125 -7.25 43.90 6.37
N PHE M 126 -7.55 45.19 6.38
CA PHE M 126 -8.91 45.69 6.16
C PHE M 126 -9.23 45.87 4.67
N GLY M 127 -10.53 45.94 4.35
CA GLY M 127 -10.99 46.15 2.99
C GLY M 127 -11.75 44.93 2.54
N THR M 128 -12.38 45.04 1.37
CA THR M 128 -13.29 43.98 0.85
C THR M 128 -12.47 42.86 0.22
N GLN M 129 -11.13 42.96 0.30
CA GLN M 129 -10.26 41.89 -0.10
C GLN M 129 -9.17 41.73 0.91
N GLY M 130 -9.58 41.63 2.15
CA GLY M 130 -8.71 41.54 3.28
C GLY M 130 -8.56 40.14 3.78
N LYS M 131 -8.03 40.03 4.98
CA LYS M 131 -8.03 38.78 5.71
C LYS M 131 -8.21 39.17 7.14
N PRO M 132 -8.68 38.23 7.93
CA PRO M 132 -8.79 38.45 9.34
C PRO M 132 -7.46 38.22 10.02
N ALA M 133 -7.35 38.63 11.28
CA ALA M 133 -6.16 38.34 12.08
C ALA M 133 -6.16 36.85 12.36
N ILE M 134 -5.00 36.22 12.26
CA ILE M 134 -4.87 34.77 12.46
C ILE M 134 -3.75 34.46 13.43
N ALA M 135 -4.02 33.63 14.43
CA ALA M 135 -3.00 33.14 15.37
C ALA M 135 -2.75 31.66 15.08
N HIS M 136 -1.48 31.26 15.12
CA HIS M 136 -1.06 29.90 14.69
C HIS M 136 -1.43 28.81 15.70
N ARG M 137 -1.02 29.02 16.96
CA ARG M 137 -1.32 28.10 18.06
C ARG M 137 -0.42 26.82 18.12
N ASP M 138 0.43 26.62 17.11
CA ASP M 138 1.43 25.54 17.14
C ASP M 138 2.70 25.96 16.41
N PHE M 139 3.20 27.15 16.75
CA PHE M 139 4.40 27.65 16.15
C PHE M 139 5.63 26.96 16.75
N LYS M 140 6.40 26.33 15.87
CA LYS M 140 7.58 25.60 16.27
C LYS M 140 8.49 25.41 15.04
N SER M 141 9.75 25.05 15.27
CA SER M 141 10.71 24.94 14.17
C SER M 141 10.34 23.87 13.15
N ARG M 142 9.58 22.87 13.57
CA ARG M 142 9.11 21.85 12.65
C ARG M 142 7.99 22.31 11.74
N ASN M 143 7.32 23.41 12.10
CA ASN M 143 6.21 23.97 11.28
C ASN M 143 6.65 25.21 10.50
N VAL M 144 7.95 25.38 10.35
CA VAL M 144 8.55 26.43 9.52
C VAL M 144 9.46 25.74 8.50
N LEU M 145 9.26 26.02 7.23
CA LEU M 145 10.06 25.45 6.17
C LEU M 145 11.14 26.43 5.74
N VAL M 146 12.26 25.92 5.22
CA VAL M 146 13.31 26.75 4.64
C VAL M 146 13.33 26.60 3.11
N LYS M 147 13.14 27.71 2.42
CA LYS M 147 13.06 27.74 0.97
C LYS M 147 14.45 27.73 0.31
N SER M 148 14.46 27.60 -1.02
CA SER M 148 15.70 27.65 -1.81
C SER M 148 16.53 28.91 -1.59
N ASN M 149 15.85 30.05 -1.44
CA ASN M 149 16.51 31.32 -1.19
C ASN M 149 16.81 31.53 0.29
N LEU M 150 16.81 30.44 1.04
CA LEU M 150 17.12 30.47 2.48
C LEU M 150 16.25 31.51 3.20
N GLN M 151 15.00 31.63 2.79
CA GLN M 151 14.00 32.37 3.57
C GLN M 151 13.01 31.38 4.12
N CYS M 152 12.39 31.69 5.26
CA CYS M 152 11.42 30.79 5.88
C CYS M 152 10.00 31.03 5.35
N CYS M 153 9.15 30.02 5.47
CA CYS M 153 7.71 30.24 5.35
C CYS M 153 6.99 29.32 6.31
N ILE M 154 5.95 29.86 6.95
CA ILE M 154 5.22 29.14 7.99
C ILE M 154 4.26 28.12 7.39
N ALA M 155 4.14 26.96 8.05
CA ALA M 155 3.20 25.91 7.68
C ALA M 155 2.25 25.49 8.84
N ASP M 156 1.33 24.58 8.52
CA ASP M 156 0.45 23.92 9.49
C ASP M 156 -0.51 24.88 10.15
N LEU M 157 -1.62 25.17 9.48
CA LEU M 157 -2.64 26.07 10.02
C LEU M 157 -3.75 25.30 10.74
N GLY M 158 -3.52 24.02 11.04
CA GLY M 158 -4.55 23.14 11.56
C GLY M 158 -5.20 23.55 12.87
N LEU M 159 -4.52 24.36 13.65
CA LEU M 159 -5.03 24.80 14.95
C LEU M 159 -5.28 26.28 14.96
N ALA M 160 -5.24 26.93 13.81
CA ALA M 160 -5.33 28.38 13.76
C ALA M 160 -6.66 28.90 14.28
N VAL M 161 -6.64 30.10 14.84
CA VAL M 161 -7.86 30.79 15.28
C VAL M 161 -7.87 32.17 14.64
N MET M 162 -9.07 32.66 14.30
CA MET M 162 -9.24 33.87 13.49
C MET M 162 -10.19 34.86 14.16
N HIS M 163 -10.00 36.16 13.91
CA HIS M 163 -10.86 37.21 14.45
C HIS M 163 -10.74 38.44 13.57
N SER M 164 -11.88 38.90 13.03
CA SER M 164 -11.95 40.20 12.37
C SER M 164 -12.43 41.20 13.41
N GLN M 165 -11.70 42.30 13.55
CA GLN M 165 -12.18 43.42 14.33
C GLN M 165 -13.64 43.71 13.99
N GLY M 166 -13.97 43.64 12.70
CA GLY M 166 -15.26 44.08 12.15
C GLY M 166 -16.52 43.67 12.88
N SER M 167 -16.50 42.46 13.41
CA SER M 167 -17.45 42.03 14.43
C SER M 167 -16.65 41.10 15.30
N ASP M 168 -16.60 41.42 16.59
CA ASP M 168 -15.82 40.63 17.55
C ASP M 168 -16.53 39.29 17.83
N TYR M 169 -16.00 38.23 17.23
CA TYR M 169 -16.38 36.85 17.54
C TYR M 169 -15.18 36.00 17.14
N LEU M 170 -14.92 34.97 17.95
CA LEU M 170 -13.73 34.16 17.79
C LEU M 170 -14.00 33.02 16.79
N ASP M 171 -13.31 33.07 15.64
CA ASP M 171 -13.35 31.96 14.67
C ASP M 171 -12.32 30.90 15.08
N ILE M 172 -12.79 29.92 15.85
CA ILE M 172 -12.06 28.72 16.25
C ILE M 172 -12.62 27.53 15.48
N GLY M 173 -11.90 26.42 15.49
CA GLY M 173 -12.38 25.13 14.99
C GLY M 173 -12.86 24.26 16.13
N ASN M 174 -12.83 22.94 15.94
CA ASN M 174 -13.23 21.98 16.97
C ASN M 174 -12.17 20.93 17.32
N ASN M 175 -10.93 21.15 16.88
CA ASN M 175 -9.83 20.21 17.08
C ASN M 175 -9.50 19.96 18.57
N PRO M 176 -9.38 18.68 19.00
CA PRO M 176 -8.94 18.34 20.37
C PRO M 176 -7.43 18.52 20.57
N ARG M 177 -6.68 18.46 19.46
CA ARG M 177 -5.22 18.64 19.49
C ARG M 177 -4.89 19.98 20.17
N VAL M 178 -3.79 19.99 20.91
CA VAL M 178 -3.28 21.25 21.49
C VAL M 178 -1.90 21.49 20.91
N GLY M 179 -1.33 22.64 21.24
CA GLY M 179 0.03 22.96 20.81
C GLY M 179 1.02 21.89 21.25
N THR M 180 2.15 21.80 20.56
CA THR M 180 3.23 20.93 20.99
C THR M 180 3.66 21.39 22.38
N LYS M 181 3.76 20.46 23.32
CA LYS M 181 3.98 20.84 24.72
C LYS M 181 5.28 21.61 24.93
N ARG M 182 6.30 21.18 24.23
CA ARG M 182 7.57 21.82 24.45
C ARG M 182 7.48 23.35 24.28
N TYR M 183 6.50 23.80 23.49
CA TYR M 183 6.42 25.20 23.09
C TYR M 183 5.24 25.97 23.72
N MET M 184 4.55 25.34 24.66
CA MET M 184 3.43 25.99 25.29
C MET M 184 3.87 27.05 26.24
N ALA M 185 3.20 28.20 26.19
CA ALA M 185 3.53 29.34 27.04
C ALA M 185 3.12 29.02 28.47
N PRO M 186 3.65 29.78 29.46
CA PRO M 186 3.26 29.54 30.86
C PRO M 186 1.74 29.58 31.05
N GLU M 187 1.09 30.58 30.45
CA GLU M 187 -0.36 30.80 30.61
C GLU M 187 -1.21 29.68 30.01
N VAL M 188 -0.64 28.88 29.08
CA VAL M 188 -1.32 27.70 28.55
C VAL M 188 -1.15 26.52 29.48
N LEU M 189 0.02 26.40 30.06
CA LEU M 189 0.32 25.30 30.99
C LEU M 189 -0.33 25.52 32.36
N ASP M 190 -0.50 26.79 32.74
CA ASP M 190 -1.27 27.18 33.92
C ASP M 190 -2.76 26.93 33.73
N GLU M 191 -3.21 26.94 32.48
CA GLU M 191 -4.65 27.01 32.14
C GLU M 191 -5.27 28.32 32.62
N GLN M 192 -4.46 29.37 32.67
CA GLN M 192 -4.90 30.69 33.12
C GLN M 192 -5.21 31.59 31.93
N ILE M 193 -5.01 31.08 30.72
CA ILE M 193 -5.24 31.84 29.49
C ILE M 193 -6.73 32.08 29.29
N ARG M 194 -7.08 33.28 28.83
CA ARG M 194 -8.47 33.60 28.54
C ARG M 194 -8.78 33.08 27.14
N THR M 195 -9.45 31.93 27.07
CA THR M 195 -9.71 31.27 25.78
C THR M 195 -10.75 32.01 24.89
N ASP M 196 -11.38 33.06 25.41
CA ASP M 196 -12.33 33.86 24.62
C ASP M 196 -11.73 35.24 24.27
N CYS M 197 -10.40 35.32 24.34
CA CYS M 197 -9.69 36.55 23.95
C CYS M 197 -8.65 36.21 22.88
N PHE M 198 -8.77 36.86 21.73
CA PHE M 198 -7.89 36.58 20.60
C PHE M 198 -6.44 36.98 20.93
N GLU M 199 -6.25 38.15 21.54
CA GLU M 199 -4.90 38.65 21.83
C GLU M 199 -4.05 37.62 22.57
N SER M 200 -4.65 36.93 23.54
CA SER M 200 -3.99 35.83 24.26
C SER M 200 -3.31 34.82 23.34
N TYR M 201 -4.01 34.36 22.30
CA TYR M 201 -3.46 33.33 21.41
C TYR M 201 -2.29 33.85 20.61
N LYS M 202 -2.33 35.14 20.27
CA LYS M 202 -1.18 35.81 19.64
C LYS M 202 0.05 35.80 20.56
N TRP M 203 -0.17 36.03 21.86
CA TRP M 203 0.91 36.09 22.82
C TRP M 203 1.58 34.72 23.03
N THR M 204 0.82 33.65 22.78
CA THR M 204 1.40 32.30 22.87
C THR M 204 2.21 31.96 21.62
N ASP M 205 1.80 32.52 20.47
CA ASP M 205 2.64 32.44 19.26
C ASP M 205 3.99 33.06 19.52
N ILE M 206 3.99 34.23 20.17
CA ILE M 206 5.20 35.00 20.39
C ILE M 206 6.19 34.24 21.26
N TRP M 207 5.71 33.75 22.41
CA TRP M 207 6.50 32.88 23.29
C TRP M 207 7.23 31.87 22.43
N ALA M 208 6.45 31.06 21.71
CA ALA M 208 6.99 30.01 20.83
C ALA M 208 8.03 30.55 19.82
N PHE M 209 7.79 31.76 19.33
CA PHE M 209 8.69 32.37 18.38
C PHE M 209 10.05 32.61 19.03
N GLY M 210 10.05 33.16 20.24
CA GLY M 210 11.26 33.30 21.02
C GLY M 210 12.07 32.00 21.12
N LEU M 211 11.37 30.91 21.38
CA LEU M 211 12.01 29.60 21.47
C LEU M 211 12.63 29.20 20.13
N VAL M 212 11.97 29.55 19.03
CA VAL M 212 12.53 29.29 17.70
C VAL M 212 13.78 30.14 17.45
N LEU M 213 13.79 31.40 17.90
CA LEU M 213 14.97 32.25 17.76
C LEU M 213 16.15 31.59 18.46
N TRP M 214 15.94 31.15 19.70
CA TRP M 214 16.94 30.44 20.47
C TRP M 214 17.57 29.33 19.63
N GLU M 215 16.73 28.51 19.03
CA GLU M 215 17.19 27.39 18.19
C GLU M 215 18.08 27.82 17.06
N ILE M 216 17.76 28.96 16.46
CA ILE M 216 18.54 29.58 15.38
C ILE M 216 19.85 30.11 15.97
N ALA M 217 19.72 30.84 17.07
CA ALA M 217 20.88 31.44 17.75
C ALA M 217 21.92 30.38 18.15
N ARG M 218 21.47 29.29 18.74
CA ARG M 218 22.35 28.21 19.19
C ARG M 218 23.22 27.67 18.06
N ARG M 219 22.64 27.68 16.87
CA ARG M 219 23.29 27.08 15.71
C ARG M 219 24.12 28.09 14.91
N THR M 220 24.40 29.24 15.53
CA THR M 220 25.06 30.34 14.80
C THR M 220 26.52 30.45 15.18
N ILE M 221 27.38 30.56 14.17
CA ILE M 221 28.83 30.57 14.42
C ILE M 221 29.28 31.93 14.93
N VAL M 222 29.83 31.92 16.15
CA VAL M 222 30.60 33.03 16.70
C VAL M 222 32.02 32.52 16.95
N ASN M 223 32.99 33.43 16.87
CA ASN M 223 34.42 33.11 17.01
C ASN M 223 34.77 31.74 16.36
N GLY M 224 34.08 31.38 15.28
CA GLY M 224 34.23 30.07 14.66
C GLY M 224 33.85 28.87 15.53
N ILE M 225 33.09 29.09 16.60
CA ILE M 225 32.65 28.00 17.46
C ILE M 225 31.11 27.95 17.40
N VAL M 226 30.56 26.74 17.46
CA VAL M 226 29.13 26.56 17.28
C VAL M 226 28.59 25.30 17.93
N GLU M 227 27.50 25.44 18.68
CA GLU M 227 26.96 24.27 19.41
C GLU M 227 26.17 23.34 18.48
N ASP M 228 26.16 22.05 18.79
CA ASP M 228 25.32 21.09 18.05
C ASP M 228 23.86 21.37 18.35
N TYR M 229 22.98 21.02 17.43
CA TYR M 229 21.56 21.31 17.59
C TYR M 229 20.96 20.64 18.82
N ARG M 230 20.19 21.42 19.60
CA ARG M 230 19.38 20.89 20.68
C ARG M 230 18.06 21.61 20.66
N PRO M 231 16.96 20.94 21.04
CA PRO M 231 15.68 21.60 21.13
C PRO M 231 15.60 22.49 22.36
N PRO M 232 14.64 23.42 22.41
CA PRO M 232 14.43 24.19 23.64
C PRO M 232 14.13 23.32 24.85
N PHE M 233 14.70 23.67 26.00
CA PHE M 233 14.58 22.90 27.24
C PHE M 233 15.18 21.49 27.17
N TYR M 234 16.13 21.29 26.26
CA TYR M 234 16.81 20.00 26.14
C TYR M 234 17.41 19.54 27.45
N ASP M 235 17.79 20.50 28.30
CA ASP M 235 18.56 20.23 29.52
C ASP M 235 17.67 20.05 30.77
N VAL M 236 16.36 20.30 30.65
CA VAL M 236 15.44 20.21 31.82
C VAL M 236 14.20 19.30 31.62
N VAL M 237 13.96 18.79 30.41
CA VAL M 237 12.86 17.85 30.15
C VAL M 237 13.24 16.72 29.20
N PRO M 238 12.54 15.55 29.29
CA PRO M 238 12.82 14.39 28.40
C PRO M 238 12.35 14.60 26.96
N ASN M 239 12.41 13.55 26.13
CA ASN M 239 12.19 13.60 24.67
C ASN M 239 10.77 13.81 24.11
N ASP M 240 9.71 13.61 24.90
CA ASP M 240 8.37 13.87 24.38
C ASP M 240 7.58 14.45 25.56
N PRO M 241 8.05 15.59 26.08
CA PRO M 241 7.53 15.96 27.38
C PRO M 241 6.00 16.05 27.39
N SER M 242 5.42 15.53 28.46
CA SER M 242 4.01 15.76 28.80
C SER M 242 3.69 17.22 29.19
N PHE M 243 2.41 17.43 29.45
CA PHE M 243 1.92 18.63 30.10
C PHE M 243 2.62 18.82 31.46
N GLU M 244 2.83 17.72 32.23
CA GLU M 244 3.31 17.84 33.61
C GLU M 244 4.76 18.19 33.70
N ASP M 245 5.61 17.57 32.87
CA ASP M 245 7.04 17.90 32.80
C ASP M 245 7.22 19.38 32.50
N MET M 246 6.50 19.89 31.51
CA MET M 246 6.62 21.29 31.09
C MET M 246 6.03 22.24 32.13
N LYS M 247 4.88 21.88 32.70
CA LYS M 247 4.29 22.65 33.78
C LYS M 247 5.31 22.92 34.88
N LYS M 248 6.03 21.87 35.30
CA LYS M 248 7.02 21.98 36.38
C LYS M 248 8.17 22.92 36.02
N VAL M 249 8.70 22.75 34.81
CA VAL M 249 9.85 23.52 34.32
C VAL M 249 9.49 24.99 34.02
N VAL M 250 8.41 25.20 33.28
CA VAL M 250 8.04 26.53 32.83
C VAL M 250 7.30 27.35 33.90
N CYS M 251 6.42 26.71 34.66
CA CYS M 251 5.60 27.43 35.63
C CYS M 251 6.20 27.39 37.03
N VAL M 252 6.42 26.19 37.56
CA VAL M 252 6.91 26.05 38.94
C VAL M 252 8.36 26.55 39.05
N ASP M 253 9.25 26.06 38.20
CA ASP M 253 10.62 26.44 38.23
C ASP M 253 10.94 27.76 37.50
N GLN M 254 9.94 28.31 36.82
CA GLN M 254 10.05 29.59 36.11
C GLN M 254 11.28 29.62 35.18
N GLN M 255 11.55 28.48 34.55
CA GLN M 255 12.66 28.32 33.63
C GLN M 255 12.38 28.87 32.22
N THR M 256 13.42 29.45 31.61
CA THR M 256 13.45 29.80 30.21
C THR M 256 14.79 29.32 29.65
N PRO M 257 14.84 29.05 28.36
CA PRO M 257 16.11 28.56 27.83
C PRO M 257 17.28 29.53 28.10
N THR M 258 18.42 28.96 28.47
CA THR M 258 19.58 29.79 28.74
C THR M 258 19.98 30.50 27.45
N ILE M 259 20.02 31.83 27.51
CA ILE M 259 20.60 32.61 26.43
C ILE M 259 22.11 32.65 26.68
N PRO M 260 22.91 31.84 25.96
CA PRO M 260 24.41 31.93 26.05
C PRO M 260 25.00 33.36 26.11
N ASN M 261 25.66 33.74 27.19
CA ASN M 261 26.31 35.07 27.27
C ASN M 261 27.11 35.52 25.99
N ARG M 262 27.66 34.57 25.24
CA ARG M 262 28.20 34.80 23.86
C ARG M 262 27.62 35.99 23.13
N LEU M 263 26.30 35.96 23.06
CA LEU M 263 25.50 36.75 22.13
C LEU M 263 25.49 38.26 22.37
N ALA M 264 25.99 38.73 23.52
CA ALA M 264 26.10 40.20 23.69
C ALA M 264 27.16 40.70 22.73
N ALA M 265 28.20 39.90 22.60
CA ALA M 265 29.37 40.24 21.79
C ALA M 265 29.16 40.16 20.26
N ASP M 266 28.00 39.73 19.76
CA ASP M 266 27.77 39.73 18.28
C ASP M 266 26.55 40.56 17.87
N PRO M 267 26.67 41.32 16.77
CA PRO M 267 25.64 42.35 16.56
C PRO M 267 24.30 41.79 16.09
N VAL M 268 24.33 40.74 15.26
CA VAL M 268 23.09 40.02 14.88
C VAL M 268 22.43 39.34 16.07
N LEU M 269 23.25 38.83 16.98
CA LEU M 269 22.80 37.93 18.07
C LEU M 269 22.40 38.67 19.35
N SER M 270 23.10 39.74 19.69
CA SER M 270 22.68 40.57 20.81
C SER M 270 21.20 40.87 20.68
N GLY M 271 20.81 41.35 19.49
CA GLY M 271 19.42 41.71 19.20
C GLY M 271 18.45 40.55 19.17
N LEU M 272 18.88 39.45 18.59
CA LEU M 272 18.08 38.21 18.72
C LEU M 272 17.92 37.84 20.18
N ALA M 273 18.99 37.99 20.96
CA ALA M 273 18.97 37.69 22.39
C ALA M 273 17.95 38.52 23.13
N GLN M 274 17.96 39.81 22.85
CA GLN M 274 17.03 40.74 23.51
C GLN M 274 15.58 40.43 23.07
N MET M 275 15.38 40.08 21.81
CA MET M 275 14.04 39.71 21.31
C MET M 275 13.54 38.42 21.92
N MET M 276 14.46 37.48 22.13
CA MET M 276 14.15 36.24 22.85
C MET M 276 13.58 36.53 24.21
N ARG M 277 14.29 37.35 24.97
CA ARG M 277 13.88 37.77 26.31
C ARG M 277 12.50 38.41 26.32
N GLU M 278 12.26 39.32 25.38
CA GLU M 278 11.02 40.12 25.34
C GLU M 278 9.88 39.34 24.73
N CYS M 279 10.17 38.11 24.30
CA CYS M 279 9.14 37.12 23.93
C CYS M 279 8.78 36.26 25.11
N TRP M 280 9.62 36.28 26.15
CA TRP M 280 9.46 35.34 27.27
C TRP M 280 9.03 35.98 28.58
N TYR M 281 8.57 37.21 28.54
CA TYR M 281 8.02 37.84 29.75
C TYR M 281 6.80 37.06 30.23
N PRO M 282 6.75 36.73 31.54
CA PRO M 282 5.65 35.94 32.10
C PRO M 282 4.26 36.55 31.88
N ASN M 283 4.16 37.87 32.01
CA ASN M 283 2.91 38.57 31.73
C ASN M 283 2.82 38.75 30.22
N PRO M 284 1.87 38.06 29.58
CA PRO M 284 1.77 38.00 28.12
C PRO M 284 1.70 39.34 27.39
N SER M 285 1.06 40.33 28.01
CA SER M 285 0.85 41.63 27.35
C SER M 285 2.10 42.48 27.31
N ALA M 286 3.12 42.08 28.07
CA ALA M 286 4.41 42.77 28.09
C ALA M 286 5.27 42.36 26.92
N ARG M 287 4.86 41.33 26.17
CA ARG M 287 5.67 40.78 25.07
C ARG M 287 5.60 41.60 23.81
N LEU M 288 6.66 41.56 23.01
CA LEU M 288 6.67 42.22 21.70
C LEU M 288 5.64 41.60 20.79
N THR M 289 5.12 42.40 19.87
CA THR M 289 4.23 41.89 18.83
C THR M 289 5.09 41.37 17.68
N ALA M 290 4.48 40.60 16.79
CA ALA M 290 5.18 40.09 15.61
C ALA M 290 5.64 41.21 14.70
N LEU M 291 4.81 42.25 14.56
CA LEU M 291 5.17 43.44 13.77
C LEU M 291 6.41 44.11 14.33
N ARG M 292 6.46 44.30 15.65
CA ARG M 292 7.59 44.96 16.29
C ARG M 292 8.87 44.15 16.14
N ILE M 293 8.73 42.83 16.22
CA ILE M 293 9.90 41.93 16.03
C ILE M 293 10.41 42.05 14.59
N LYS M 294 9.51 41.90 13.63
CA LYS M 294 9.84 42.16 12.22
C LYS M 294 10.66 43.45 12.10
N LYS M 295 10.08 44.55 12.56
CA LYS M 295 10.68 45.88 12.35
C LYS M 295 12.06 45.96 12.93
N THR M 296 12.23 45.49 14.18
CA THR M 296 13.53 45.50 14.85
C THR M 296 14.60 44.74 14.09
N LEU M 297 14.36 43.47 13.78
CA LEU M 297 15.31 42.68 12.99
C LEU M 297 15.53 43.31 11.62
N GLN M 298 14.48 43.88 11.05
CA GLN M 298 14.60 44.56 9.79
C GLN M 298 15.53 45.77 9.87
N LYS M 299 15.70 46.35 11.06
CA LYS M 299 16.61 47.51 11.25
C LYS M 299 18.05 47.02 11.33
N ILE M 300 18.31 46.11 12.26
CA ILE M 300 19.66 45.55 12.49
C ILE M 300 20.29 45.19 11.14
N SER M 301 19.44 44.90 10.15
CA SER M 301 19.86 44.58 8.78
C SER M 301 19.97 45.80 7.83
N ASN M 302 20.41 46.94 8.33
CA ASN M 302 20.51 48.18 7.53
C ASN M 302 21.96 48.71 7.47
N MET N 2 -19.83 49.63 2.29
CA MET N 2 -20.55 50.92 2.17
C MET N 2 -19.88 51.72 1.04
N GLN N 3 -19.47 51.00 0.00
CA GLN N 3 -18.70 51.59 -1.12
C GLN N 3 -19.29 52.91 -1.65
N ARG N 4 -20.62 52.92 -1.81
CA ARG N 4 -21.34 54.15 -2.15
C ARG N 4 -20.88 55.27 -1.22
N THR N 5 -21.29 55.23 0.06
CA THR N 5 -20.97 56.31 1.04
C THR N 5 -19.50 56.79 1.09
N VAL N 6 -18.56 55.89 0.79
CA VAL N 6 -17.14 56.27 0.70
C VAL N 6 -16.96 57.50 -0.22
N ALA N 7 -17.50 57.43 -1.43
CA ALA N 7 -17.25 58.45 -2.45
C ALA N 7 -17.95 59.78 -2.13
N ARG N 8 -19.07 59.70 -1.44
CA ARG N 8 -19.87 60.86 -1.05
C ARG N 8 -19.21 61.64 0.10
N GLN N 9 -18.52 60.93 0.99
CA GLN N 9 -17.89 61.56 2.15
C GLN N 9 -16.50 62.14 1.84
N VAL N 10 -15.82 61.63 0.82
CA VAL N 10 -14.45 62.08 0.51
C VAL N 10 -14.45 63.56 0.17
N ALA N 11 -13.57 64.31 0.83
CA ALA N 11 -13.36 65.72 0.54
C ALA N 11 -12.07 65.82 -0.24
N LEU N 12 -12.09 66.59 -1.32
CA LEU N 12 -10.94 66.80 -2.17
C LEU N 12 -10.15 67.98 -1.66
N VAL N 13 -8.84 67.81 -1.51
CA VAL N 13 -8.01 68.86 -0.91
C VAL N 13 -7.04 69.47 -1.93
N GLU N 14 -6.25 68.62 -2.58
CA GLU N 14 -5.15 69.06 -3.45
C GLU N 14 -5.07 68.22 -4.75
N CYS N 15 -4.92 68.91 -5.88
CA CYS N 15 -4.68 68.25 -7.17
C CYS N 15 -3.20 67.99 -7.33
N VAL N 16 -2.83 66.72 -7.36
CA VAL N 16 -1.43 66.34 -7.39
C VAL N 16 -1.00 65.78 -8.74
N GLY N 17 -1.91 65.73 -9.71
CA GLY N 17 -1.60 65.29 -11.08
C GLY N 17 -2.69 65.66 -12.06
N LYS N 18 -2.29 65.91 -13.32
CA LYS N 18 -3.21 66.24 -14.42
C LYS N 18 -2.62 65.82 -15.76
N GLY N 19 -3.46 65.31 -16.65
CA GLY N 19 -3.00 64.75 -17.94
C GLY N 19 -4.16 64.30 -18.81
N ARG N 20 -3.85 63.54 -19.86
CA ARG N 20 -4.87 63.07 -20.82
C ARG N 20 -5.75 62.00 -20.20
N TYR N 21 -5.22 61.32 -19.20
CA TYR N 21 -5.98 60.32 -18.46
C TYR N 21 -7.07 60.93 -17.56
N GLY N 22 -6.93 62.21 -17.24
CA GLY N 22 -7.82 62.89 -16.29
C GLY N 22 -6.96 63.61 -15.25
N GLU N 23 -7.33 63.48 -13.97
CA GLU N 23 -6.67 64.18 -12.86
C GLU N 23 -6.63 63.28 -11.66
N VAL N 24 -5.58 63.37 -10.86
CA VAL N 24 -5.53 62.69 -9.57
C VAL N 24 -5.48 63.73 -8.48
N TRP N 25 -6.29 63.53 -7.43
CA TRP N 25 -6.42 64.45 -6.32
C TRP N 25 -6.06 63.74 -5.02
N ARG N 26 -5.50 64.47 -4.06
CA ARG N 26 -5.38 63.97 -2.70
C ARG N 26 -6.67 64.30 -2.02
N GLY N 27 -7.25 63.31 -1.34
CA GLY N 27 -8.55 63.50 -0.65
C GLY N 27 -8.48 63.03 0.79
N LEU N 28 -9.36 63.58 1.61
CA LEU N 28 -9.45 63.20 3.03
C LEU N 28 -10.73 62.43 3.25
N TRP N 29 -10.61 61.25 3.87
CA TRP N 29 -11.77 60.44 4.26
C TRP N 29 -11.56 60.00 5.69
N HIS N 30 -12.46 60.43 6.58
CA HIS N 30 -12.36 60.11 8.01
C HIS N 30 -10.91 60.15 8.51
N GLY N 31 -10.29 61.30 8.36
CA GLY N 31 -8.94 61.51 8.88
C GLY N 31 -7.80 61.06 7.98
N GLU N 32 -7.96 59.94 7.29
CA GLU N 32 -6.89 59.36 6.46
C GLU N 32 -6.89 59.96 5.05
N SER N 33 -5.76 59.82 4.37
CA SER N 33 -5.58 60.35 3.02
C SER N 33 -5.87 59.29 1.96
N VAL N 34 -6.59 59.68 0.91
CA VAL N 34 -6.88 58.78 -0.19
C VAL N 34 -6.58 59.49 -1.49
N ALA N 35 -6.35 58.72 -2.55
CA ALA N 35 -6.20 59.25 -3.91
C ALA N 35 -7.53 59.11 -4.64
N VAL N 36 -7.98 60.17 -5.30
CA VAL N 36 -9.17 60.18 -6.13
C VAL N 36 -8.80 60.50 -7.59
N LYS N 37 -8.79 59.49 -8.43
CA LYS N 37 -8.56 59.69 -9.85
C LYS N 37 -9.87 59.95 -10.59
N ILE N 38 -10.05 61.18 -11.06
CA ILE N 38 -11.20 61.59 -11.82
C ILE N 38 -10.83 61.43 -13.28
N PHE N 39 -11.56 60.55 -14.00
CA PHE N 39 -11.16 60.19 -15.36
C PHE N 39 -11.67 61.17 -16.38
N SER N 40 -10.95 61.36 -17.47
CA SER N 40 -11.42 62.19 -18.55
C SER N 40 -12.39 61.44 -19.43
N SER N 41 -13.20 62.17 -20.18
CA SER N 41 -14.18 61.57 -21.07
C SER N 41 -13.53 60.69 -22.12
N ARG N 42 -12.33 61.05 -22.56
CA ARG N 42 -11.60 60.28 -23.54
C ARG N 42 -11.04 58.99 -22.99
N ASP N 43 -11.14 58.75 -21.69
CA ASP N 43 -10.54 57.56 -21.08
C ASP N 43 -11.54 56.76 -20.23
N GLU N 44 -12.83 56.96 -20.46
CA GLU N 44 -13.89 56.27 -19.72
C GLU N 44 -13.75 54.77 -19.70
N GLN N 45 -13.23 54.21 -20.77
CA GLN N 45 -13.10 52.76 -20.87
C GLN N 45 -12.02 52.20 -19.96
N SER N 46 -11.05 53.05 -19.58
CA SER N 46 -10.00 52.64 -18.60
C SER N 46 -10.59 52.55 -17.22
N TRP N 47 -11.50 53.47 -16.90
CA TRP N 47 -12.23 53.41 -15.63
C TRP N 47 -13.08 52.17 -15.53
N PHE N 48 -13.69 51.78 -16.63
CA PHE N 48 -14.53 50.60 -16.64
C PHE N 48 -13.69 49.34 -16.38
N ARG N 49 -12.65 49.17 -17.16
CA ARG N 49 -11.79 47.99 -17.05
C ARG N 49 -11.18 47.87 -15.66
N GLU N 50 -10.70 48.99 -15.14
CA GLU N 50 -10.09 49.03 -13.83
C GLU N 50 -11.13 48.72 -12.74
N THR N 51 -12.35 49.22 -12.90
CA THR N 51 -13.43 48.98 -11.96
C THR N 51 -13.87 47.51 -12.01
N GLU N 52 -13.95 46.94 -13.20
CA GLU N 52 -14.27 45.51 -13.34
C GLU N 52 -13.20 44.66 -12.60
N ILE N 53 -11.94 44.87 -12.95
CA ILE N 53 -10.85 44.04 -12.40
C ILE N 53 -10.71 44.13 -10.88
N TYR N 54 -10.84 45.32 -10.33
CA TYR N 54 -10.70 45.50 -8.91
C TYR N 54 -11.83 44.91 -8.12
N ASN N 55 -13.04 44.89 -8.69
CA ASN N 55 -14.22 44.32 -8.03
C ASN N 55 -14.32 42.83 -8.22
N THR N 56 -13.58 42.30 -9.20
CA THR N 56 -13.78 40.94 -9.69
C THR N 56 -12.65 39.98 -9.33
N VAL N 57 -11.42 40.51 -9.29
CA VAL N 57 -10.22 39.70 -9.11
C VAL N 57 -9.68 39.94 -7.70
N LEU N 58 -9.36 38.86 -6.98
CA LEU N 58 -8.76 38.94 -5.66
C LEU N 58 -7.29 39.32 -5.81
N LEU N 59 -7.02 40.62 -5.73
CA LEU N 59 -5.75 41.17 -6.21
C LEU N 59 -4.92 41.87 -5.13
N ARG N 60 -5.47 42.07 -3.92
CA ARG N 60 -4.74 42.74 -2.87
C ARG N 60 -3.31 42.21 -2.77
N HIS N 61 -2.35 43.11 -2.64
CA HIS N 61 -0.97 42.74 -2.51
C HIS N 61 -0.22 44.00 -2.14
N ASP N 62 0.81 43.87 -1.29
CA ASP N 62 1.60 45.04 -0.86
C ASP N 62 2.17 45.82 -2.00
N ASN N 63 2.46 45.15 -3.12
CA ASN N 63 3.07 45.78 -4.29
C ASN N 63 2.11 45.99 -5.45
N ILE N 64 0.84 46.22 -5.13
CA ILE N 64 -0.21 46.63 -6.06
C ILE N 64 -1.09 47.67 -5.39
N LEU N 65 -1.41 48.74 -6.08
CA LEU N 65 -2.12 49.88 -5.47
C LEU N 65 -3.47 49.42 -4.90
N GLY N 66 -3.71 49.75 -3.64
CA GLY N 66 -4.90 49.36 -2.94
C GLY N 66 -6.12 50.07 -3.47
N PHE N 67 -7.19 49.31 -3.66
CA PHE N 67 -8.48 49.81 -4.14
C PHE N 67 -9.36 50.09 -2.96
N ILE N 68 -10.10 51.20 -3.00
CA ILE N 68 -11.08 51.54 -1.97
C ILE N 68 -12.48 51.57 -2.54
N ALA N 69 -12.68 52.31 -3.63
CA ALA N 69 -14.01 52.45 -4.20
C ALA N 69 -13.98 52.88 -5.67
N SER N 70 -15.11 52.69 -6.34
CA SER N 70 -15.33 53.22 -7.68
C SER N 70 -16.71 53.81 -7.75
N ASP N 71 -16.86 55.01 -8.30
CA ASP N 71 -18.14 55.72 -8.31
C ASP N 71 -18.34 56.56 -9.53
N MET N 72 -19.59 56.93 -9.71
CA MET N 72 -20.02 57.86 -10.72
C MET N 72 -20.65 58.93 -9.87
N THR N 73 -20.28 60.19 -10.07
CA THR N 73 -20.75 61.25 -9.18
C THR N 73 -21.09 62.53 -9.90
N SER N 74 -21.96 63.32 -9.26
CA SER N 74 -22.38 64.64 -9.71
C SER N 74 -22.01 65.68 -8.65
N ARG N 75 -21.02 65.35 -7.81
CA ARG N 75 -20.51 66.26 -6.77
C ARG N 75 -19.98 67.52 -7.45
N ASN N 76 -18.91 67.37 -8.23
CA ASN N 76 -18.54 68.38 -9.22
C ASN N 76 -19.64 68.32 -10.28
N SER N 77 -20.01 69.45 -10.87
CA SER N 77 -21.27 69.56 -11.63
C SER N 77 -21.57 68.38 -12.56
N SER N 78 -20.91 68.32 -13.73
CA SER N 78 -21.16 67.24 -14.68
C SER N 78 -20.80 65.90 -14.06
N THR N 79 -21.41 64.83 -14.56
CA THR N 79 -21.20 63.51 -13.97
C THR N 79 -19.86 62.99 -14.42
N GLN N 80 -19.00 62.66 -13.46
CA GLN N 80 -17.66 62.15 -13.76
C GLN N 80 -17.46 60.80 -13.08
N LEU N 81 -16.47 60.06 -13.60
CA LEU N 81 -16.13 58.74 -13.15
C LEU N 81 -14.96 58.81 -12.20
N TRP N 82 -15.12 58.24 -11.01
CA TRP N 82 -14.08 58.28 -9.97
C TRP N 82 -13.53 56.91 -9.65
N LEU N 83 -12.22 56.85 -9.39
CA LEU N 83 -11.60 55.69 -8.75
C LEU N 83 -10.90 56.18 -7.51
N ILE N 84 -11.26 55.64 -6.35
CA ILE N 84 -10.63 56.02 -5.09
C ILE N 84 -9.70 54.88 -4.60
N THR N 85 -8.47 55.21 -4.26
CA THR N 85 -7.46 54.24 -3.85
C THR N 85 -6.63 54.76 -2.67
N HIS N 86 -5.72 53.94 -2.16
CA HIS N 86 -4.73 54.42 -1.17
C HIS N 86 -3.95 55.58 -1.78
N TYR N 87 -3.49 56.50 -0.95
CA TYR N 87 -2.67 57.62 -1.40
C TYR N 87 -1.28 57.42 -0.92
N HIS N 88 -0.31 57.70 -1.79
CA HIS N 88 1.10 57.62 -1.50
C HIS N 88 1.79 58.96 -1.77
N GLU N 89 2.33 59.57 -0.71
CA GLU N 89 2.86 60.94 -0.72
C GLU N 89 3.97 61.18 -1.70
N HIS N 90 4.91 60.22 -1.80
CA HIS N 90 6.09 60.35 -2.70
C HIS N 90 5.68 60.41 -4.13
N GLY N 91 4.42 60.05 -4.46
CA GLY N 91 3.94 60.07 -5.82
C GLY N 91 4.49 58.88 -6.55
N SER N 92 4.63 59.00 -7.88
CA SER N 92 5.11 57.93 -8.74
C SER N 92 6.62 57.77 -8.70
N LEU N 93 7.11 56.67 -9.23
CA LEU N 93 8.54 56.42 -9.34
C LEU N 93 9.19 57.50 -10.21
N TYR N 94 8.47 57.95 -11.23
CA TYR N 94 8.86 59.08 -12.06
C TYR N 94 9.14 60.26 -11.17
N ASP N 95 8.17 60.62 -10.33
CA ASP N 95 8.28 61.78 -9.43
C ASP N 95 9.43 61.62 -8.47
N PHE N 96 9.53 60.43 -7.86
CA PHE N 96 10.53 60.15 -6.82
C PHE N 96 11.91 60.28 -7.39
N LEU N 97 12.12 59.65 -8.56
CA LEU N 97 13.39 59.65 -9.27
C LEU N 97 13.78 61.05 -9.77
N GLN N 98 12.79 61.91 -9.92
CA GLN N 98 13.06 63.31 -10.30
C GLN N 98 13.89 64.02 -9.24
N ARG N 99 13.42 63.93 -8.00
CA ARG N 99 13.97 64.71 -6.87
C ARG N 99 15.05 63.99 -6.08
N GLN N 100 14.97 62.67 -5.98
CA GLN N 100 15.83 61.91 -5.09
C GLN N 100 16.86 61.13 -5.87
N THR N 101 18.02 60.96 -5.25
CA THR N 101 19.07 60.10 -5.78
C THR N 101 19.05 58.83 -4.95
N LEU N 102 19.59 57.73 -5.47
CA LEU N 102 19.45 56.42 -4.82
C LEU N 102 20.75 55.77 -4.40
N GLU N 103 20.86 55.45 -3.12
CA GLU N 103 21.94 54.58 -2.64
C GLU N 103 21.68 53.22 -3.27
N PRO N 104 22.73 52.45 -3.61
CA PRO N 104 22.52 51.13 -4.23
C PRO N 104 21.47 50.24 -3.51
N HIS N 105 21.52 50.20 -2.19
CA HIS N 105 20.54 49.47 -1.39
C HIS N 105 19.10 49.87 -1.75
N LEU N 106 18.86 51.17 -1.85
CA LEU N 106 17.53 51.67 -2.12
C LEU N 106 17.11 51.33 -3.57
N ALA N 107 18.03 51.47 -4.50
CA ALA N 107 17.78 51.10 -5.90
C ALA N 107 17.30 49.67 -6.01
N LEU N 108 17.92 48.76 -5.26
CA LEU N 108 17.51 47.34 -5.26
C LEU N 108 16.14 47.16 -4.62
N ARG N 109 15.87 47.94 -3.58
CA ARG N 109 14.65 47.81 -2.82
C ARG N 109 13.48 48.16 -3.73
N LEU N 110 13.62 49.26 -4.47
CA LEU N 110 12.59 49.66 -5.41
C LEU N 110 12.48 48.63 -6.51
N ALA N 111 13.62 48.18 -7.01
CA ALA N 111 13.63 47.22 -8.11
C ALA N 111 12.99 45.91 -7.73
N VAL N 112 13.31 45.40 -6.53
CA VAL N 112 12.77 44.09 -6.10
C VAL N 112 11.27 44.14 -5.86
N SER N 113 10.81 45.22 -5.25
CA SER N 113 9.40 45.38 -4.91
C SER N 113 8.55 45.56 -6.16
N ALA N 114 9.05 46.33 -7.11
CA ALA N 114 8.39 46.48 -8.39
C ALA N 114 8.28 45.11 -9.06
N ALA N 115 9.35 44.35 -9.02
CA ALA N 115 9.34 42.97 -9.56
C ALA N 115 8.34 42.08 -8.87
N CYS N 116 8.16 42.26 -7.56
CA CYS N 116 7.21 41.46 -6.82
C CYS N 116 5.79 41.75 -7.33
N GLY N 117 5.48 43.03 -7.48
CA GLY N 117 4.25 43.47 -8.06
C GLY N 117 3.95 42.83 -9.40
N LEU N 118 4.91 42.92 -10.35
CA LEU N 118 4.71 42.38 -11.70
C LEU N 118 4.64 40.86 -11.74
N ALA N 119 5.41 40.20 -10.90
CA ALA N 119 5.31 38.72 -10.77
C ALA N 119 3.92 38.31 -10.31
N HIS N 120 3.41 39.04 -9.32
CA HIS N 120 2.10 38.74 -8.76
C HIS N 120 1.00 38.90 -9.77
N LEU N 121 1.08 39.93 -10.61
CA LEU N 121 0.16 40.13 -11.71
C LEU N 121 0.20 38.99 -12.73
N HIS N 122 1.42 38.63 -13.14
CA HIS N 122 1.61 37.63 -14.20
C HIS N 122 1.22 36.19 -13.80
N VAL N 123 1.49 35.81 -12.55
CA VAL N 123 1.38 34.41 -12.16
C VAL N 123 -0.03 34.12 -11.75
N GLU N 124 -0.61 33.10 -12.34
CA GLU N 124 -1.93 32.63 -12.01
C GLU N 124 -1.85 31.84 -10.71
N ILE N 125 -2.73 32.15 -9.79
CA ILE N 125 -2.94 31.31 -8.65
C ILE N 125 -4.24 30.60 -8.99
N PHE N 126 -4.26 29.28 -8.79
CA PHE N 126 -5.45 28.45 -9.01
C PHE N 126 -6.17 28.23 -7.69
N GLY N 127 -7.47 27.95 -7.78
CA GLY N 127 -8.26 27.62 -6.61
C GLY N 127 -9.03 28.83 -6.14
N THR N 128 -9.78 28.68 -5.05
CA THR N 128 -10.83 29.63 -4.68
C THR N 128 -10.29 31.00 -4.30
N GLN N 129 -9.23 31.06 -3.50
CA GLN N 129 -8.58 32.34 -3.24
C GLN N 129 -7.53 32.71 -4.30
N GLY N 130 -7.64 32.16 -5.50
CA GLY N 130 -6.64 32.35 -6.54
C GLY N 130 -6.80 33.63 -7.32
N LYS N 131 -6.41 33.61 -8.59
CA LYS N 131 -6.52 34.78 -9.46
C LYS N 131 -6.10 34.38 -10.86
N PRO N 132 -6.63 35.06 -11.89
CA PRO N 132 -6.10 34.69 -13.19
C PRO N 132 -4.81 35.39 -13.44
N ALA N 133 -4.08 34.96 -14.46
CA ALA N 133 -2.85 35.66 -14.88
C ALA N 133 -3.24 37.00 -15.50
N ILE N 134 -2.55 38.07 -15.11
CA ILE N 134 -2.86 39.42 -15.59
C ILE N 134 -1.62 40.09 -16.18
N ALA N 135 -1.74 40.65 -17.37
CA ALA N 135 -0.67 41.47 -17.98
C ALA N 135 -1.10 42.94 -17.94
N HIS N 136 -0.15 43.82 -17.67
CA HIS N 136 -0.45 45.24 -17.47
C HIS N 136 -0.73 45.98 -18.78
N ARG N 137 0.21 45.89 -19.70
CA ARG N 137 0.13 46.55 -21.03
C ARG N 137 0.43 48.06 -21.04
N ASP N 138 0.68 48.66 -19.89
CA ASP N 138 1.16 50.05 -19.84
C ASP N 138 2.10 50.25 -18.66
N PHE N 139 3.05 49.33 -18.51
CA PHE N 139 4.01 49.39 -17.43
C PHE N 139 5.05 50.44 -17.71
N LYS N 140 5.14 51.43 -16.82
CA LYS N 140 6.06 52.55 -16.94
C LYS N 140 6.26 53.16 -15.57
N SER N 141 7.26 54.05 -15.44
CA SER N 141 7.61 54.59 -14.12
C SER N 141 6.49 55.43 -13.55
N ARG N 142 5.70 56.03 -14.42
CA ARG N 142 4.55 56.85 -13.97
C ARG N 142 3.42 56.03 -13.41
N ASN N 143 3.38 54.72 -13.71
CA ASN N 143 2.32 53.84 -13.20
C ASN N 143 2.79 52.94 -12.07
N VAL N 144 3.91 53.33 -11.44
CA VAL N 144 4.45 52.68 -10.24
C VAL N 144 4.55 53.75 -9.19
N LEU N 145 3.98 53.49 -8.02
CA LEU N 145 4.03 54.46 -6.90
C LEU N 145 5.12 54.06 -5.92
N VAL N 146 5.66 55.02 -5.19
CA VAL N 146 6.58 54.74 -4.13
C VAL N 146 5.94 54.98 -2.76
N LYS N 147 5.93 53.94 -1.94
CA LYS N 147 5.29 53.99 -0.61
C LYS N 147 6.19 54.62 0.44
N SER N 148 5.63 54.88 1.63
CA SER N 148 6.35 55.38 2.77
C SER N 148 7.57 54.52 3.12
N ASN N 149 7.44 53.21 3.05
CA ASN N 149 8.56 52.30 3.32
C ASN N 149 9.50 52.12 2.11
N LEU N 150 9.42 53.05 1.17
CA LEU N 150 10.27 53.05 0.00
C LEU N 150 10.21 51.70 -0.73
N GLN N 151 9.00 51.10 -0.75
CA GLN N 151 8.74 49.99 -1.64
C GLN N 151 7.77 50.45 -2.68
N CYS N 152 7.81 49.83 -3.87
CA CYS N 152 6.92 50.19 -4.94
C CYS N 152 5.60 49.47 -4.88
N CYS N 153 4.59 50.04 -5.53
CA CYS N 153 3.38 49.26 -5.89
C CYS N 153 2.81 49.68 -7.24
N ILE N 154 2.36 48.72 -8.00
CA ILE N 154 1.89 48.98 -9.38
C ILE N 154 0.49 49.56 -9.43
N ALA N 155 0.27 50.51 -10.32
CA ALA N 155 -1.06 51.11 -10.53
C ALA N 155 -1.49 51.04 -11.98
N ASP N 156 -2.72 51.50 -12.21
CA ASP N 156 -3.33 51.69 -13.53
C ASP N 156 -3.51 50.40 -14.25
N LEU N 157 -4.62 49.69 -13.96
CA LEU N 157 -4.94 48.41 -14.59
C LEU N 157 -5.85 48.60 -15.79
N GLY N 158 -5.96 49.83 -16.27
CA GLY N 158 -6.97 50.17 -17.29
C GLY N 158 -6.91 49.39 -18.58
N LEU N 159 -5.73 48.93 -18.95
CA LEU N 159 -5.48 48.22 -20.18
C LEU N 159 -5.17 46.73 -19.94
N ALA N 160 -5.36 46.25 -18.72
CA ALA N 160 -4.90 44.92 -18.36
C ALA N 160 -5.66 43.89 -19.14
N VAL N 161 -5.02 42.74 -19.40
CA VAL N 161 -5.64 41.60 -20.07
C VAL N 161 -5.43 40.36 -19.23
N MET N 162 -6.35 39.39 -19.34
CA MET N 162 -6.38 38.23 -18.45
C MET N 162 -6.50 36.89 -19.21
N HIS N 163 -5.90 35.87 -18.61
CA HIS N 163 -5.97 34.53 -19.12
C HIS N 163 -6.00 33.59 -17.93
N SER N 164 -6.77 32.51 -18.06
CA SER N 164 -6.78 31.44 -17.09
C SER N 164 -6.30 30.14 -17.77
N GLN N 165 -5.43 29.39 -17.10
CA GLN N 165 -5.04 28.09 -17.61
C GLN N 165 -6.33 27.29 -17.79
N GLY N 166 -6.55 26.80 -19.00
CA GLY N 166 -7.85 26.26 -19.39
C GLY N 166 -8.00 26.43 -20.89
N SER N 167 -8.75 27.46 -21.32
CA SER N 167 -8.82 27.76 -22.76
C SER N 167 -9.44 29.10 -23.06
N ASP N 168 -9.26 29.52 -24.32
CA ASP N 168 -9.81 30.77 -24.85
C ASP N 168 -11.32 30.71 -24.65
N TYR N 169 -11.94 31.82 -24.20
CA TYR N 169 -11.45 33.19 -24.31
C TYR N 169 -10.14 33.62 -23.65
N LEU N 170 -9.53 34.64 -24.23
CA LEU N 170 -8.49 35.44 -23.57
C LEU N 170 -9.10 36.82 -23.30
N ASP N 171 -9.42 37.12 -22.05
CA ASP N 171 -10.13 38.34 -21.69
C ASP N 171 -9.25 39.56 -21.97
N ILE N 172 -9.54 40.23 -23.10
CA ILE N 172 -8.72 41.32 -23.63
C ILE N 172 -9.38 42.70 -23.59
N GLY N 173 -10.69 42.76 -23.42
CA GLY N 173 -11.34 44.05 -23.19
C GLY N 173 -11.73 44.78 -24.45
N ASN N 174 -12.09 46.06 -24.29
CA ASN N 174 -12.62 46.87 -25.39
C ASN N 174 -12.17 48.31 -25.24
N ASN N 175 -10.89 48.49 -24.99
CA ASN N 175 -10.33 49.82 -24.72
C ASN N 175 -9.51 50.34 -25.92
N PRO N 176 -9.95 51.45 -26.54
CA PRO N 176 -9.24 52.03 -27.67
C PRO N 176 -7.82 52.53 -27.32
N ARG N 177 -7.57 52.82 -26.05
CA ARG N 177 -6.28 53.28 -25.62
C ARG N 177 -5.20 52.26 -25.96
N VAL N 178 -3.96 52.73 -26.12
CA VAL N 178 -2.80 51.83 -26.27
C VAL N 178 -1.71 52.18 -25.27
N GLY N 179 -0.67 51.38 -25.25
CA GLY N 179 0.44 51.62 -24.35
C GLY N 179 1.13 52.95 -24.59
N THR N 180 1.82 53.43 -23.55
CA THR N 180 2.65 54.61 -23.68
C THR N 180 3.74 54.32 -24.74
N LYS N 181 3.72 55.14 -25.80
CA LYS N 181 4.55 54.93 -26.98
C LYS N 181 6.05 54.75 -26.64
N ARG N 182 6.57 55.54 -25.71
CA ARG N 182 7.95 55.43 -25.28
C ARG N 182 8.34 54.01 -24.80
N TYR N 183 7.37 53.23 -24.33
CA TYR N 183 7.65 51.94 -23.67
C TYR N 183 7.19 50.73 -24.50
N MET N 184 6.79 50.98 -25.74
CA MET N 184 6.26 49.90 -26.58
C MET N 184 7.40 49.04 -27.02
N ALA N 185 7.24 47.73 -26.92
CA ALA N 185 8.25 46.77 -27.38
C ALA N 185 8.37 46.81 -28.92
N PRO N 186 9.49 46.29 -29.46
CA PRO N 186 9.63 46.24 -30.91
C PRO N 186 8.45 45.56 -31.59
N GLU N 187 8.02 44.41 -31.06
CA GLU N 187 6.94 43.65 -31.64
C GLU N 187 5.59 44.37 -31.63
N VAL N 188 5.40 45.35 -30.75
CA VAL N 188 4.19 46.18 -30.75
C VAL N 188 4.27 47.29 -31.81
N LEU N 189 5.46 47.85 -31.98
CA LEU N 189 5.66 48.90 -32.97
C LEU N 189 5.73 48.32 -34.38
N ASP N 190 6.22 47.08 -34.50
CA ASP N 190 6.23 46.35 -35.78
C ASP N 190 4.81 45.93 -36.18
N GLU N 191 3.93 45.82 -35.18
CA GLU N 191 2.60 45.23 -35.32
C GLU N 191 2.70 43.75 -35.72
N GLN N 192 3.81 43.13 -35.30
CA GLN N 192 4.07 41.72 -35.58
C GLN N 192 3.70 40.85 -34.38
N ILE N 193 3.17 41.46 -33.32
CA ILE N 193 2.76 40.70 -32.13
C ILE N 193 1.51 39.88 -32.43
N ARG N 194 1.42 38.68 -31.84
CA ARG N 194 0.21 37.84 -31.95
C ARG N 194 -0.81 38.23 -30.85
N THR N 195 -1.85 38.99 -31.18
CA THR N 195 -2.80 39.56 -30.20
C THR N 195 -3.77 38.56 -29.57
N ASP N 196 -3.72 37.31 -30.01
CA ASP N 196 -4.57 36.24 -29.43
C ASP N 196 -3.72 35.25 -28.62
N CYS N 197 -2.55 35.71 -28.16
CA CYS N 197 -1.68 34.90 -27.31
C CYS N 197 -1.34 35.68 -26.05
N PHE N 198 -1.68 35.13 -24.89
CA PHE N 198 -1.48 35.86 -23.63
C PHE N 198 0.01 36.08 -23.34
N GLU N 199 0.84 35.06 -23.56
CA GLU N 199 2.28 35.15 -23.26
C GLU N 199 2.92 36.39 -23.93
N SER N 200 2.55 36.69 -25.16
CA SER N 200 3.01 37.91 -25.84
C SER N 200 2.86 39.18 -25.00
N TYR N 201 1.70 39.38 -24.39
CA TYR N 201 1.47 40.60 -23.62
C TYR N 201 2.38 40.67 -22.38
N LYS N 202 2.62 39.52 -21.75
CA LYS N 202 3.56 39.44 -20.64
C LYS N 202 4.96 39.87 -21.07
N TRP N 203 5.36 39.45 -22.26
CA TRP N 203 6.67 39.78 -22.76
C TRP N 203 6.85 41.27 -23.07
N THR N 204 5.76 41.99 -23.30
CA THR N 204 5.83 43.45 -23.49
C THR N 204 5.87 44.17 -22.17
N ASP N 205 5.30 43.57 -21.13
CA ASP N 205 5.44 44.09 -19.78
C ASP N 205 6.90 44.09 -19.42
N ILE N 206 7.57 42.96 -19.76
CA ILE N 206 8.97 42.72 -19.38
C ILE N 206 9.89 43.76 -20.04
N TRP N 207 9.74 43.93 -21.35
CA TRP N 207 10.46 44.99 -22.05
C TRP N 207 10.39 46.28 -21.26
N ALA N 208 9.17 46.76 -21.06
CA ALA N 208 8.92 47.99 -20.31
C ALA N 208 9.57 47.99 -18.93
N PHE N 209 9.59 46.82 -18.28
CA PHE N 209 10.18 46.71 -16.96
C PHE N 209 11.69 47.00 -17.04
N GLY N 210 12.37 46.40 -18.00
CA GLY N 210 13.75 46.69 -18.28
C GLY N 210 13.99 48.17 -18.38
N LEU N 211 13.11 48.90 -19.07
CA LEU N 211 13.26 50.34 -19.26
C LEU N 211 13.13 51.05 -17.96
N VAL N 212 12.26 50.56 -17.08
CA VAL N 212 12.10 51.16 -15.74
C VAL N 212 13.33 50.88 -14.84
N LEU N 213 13.97 49.72 -14.98
CA LEU N 213 15.24 49.45 -14.28
C LEU N 213 16.32 50.47 -14.68
N TRP N 214 16.48 50.67 -15.97
CA TRP N 214 17.37 51.71 -16.49
C TRP N 214 17.14 53.04 -15.79
N GLU N 215 15.89 53.47 -15.72
CA GLU N 215 15.55 54.73 -15.03
C GLU N 215 16.03 54.75 -13.58
N ILE N 216 15.87 53.63 -12.88
CA ILE N 216 16.32 53.48 -11.49
C ILE N 216 17.84 53.52 -11.46
N ALA N 217 18.46 52.76 -12.36
CA ALA N 217 19.91 52.60 -12.42
C ALA N 217 20.58 53.94 -12.65
N ARG N 218 20.11 54.68 -13.65
CA ARG N 218 20.66 56.01 -14.00
C ARG N 218 20.74 56.95 -12.79
N ARG N 219 19.78 56.82 -11.89
CA ARG N 219 19.63 57.71 -10.75
C ARG N 219 20.32 57.17 -9.49
N THR N 220 21.10 56.10 -9.65
CA THR N 220 21.76 55.42 -8.53
C THR N 220 23.22 55.86 -8.39
N ILE N 221 23.61 56.09 -7.13
CA ILE N 221 24.90 56.72 -6.79
C ILE N 221 25.98 55.65 -6.61
N VAL N 222 26.94 55.67 -7.52
CA VAL N 222 28.14 54.84 -7.41
C VAL N 222 29.34 55.78 -7.42
N ASN N 223 30.30 55.54 -6.53
CA ASN N 223 31.47 56.42 -6.37
C ASN N 223 31.07 57.90 -6.51
N GLY N 224 30.03 58.30 -5.77
CA GLY N 224 29.51 59.66 -5.81
C GLY N 224 29.12 60.25 -7.17
N ILE N 225 29.11 59.43 -8.22
CA ILE N 225 28.64 59.85 -9.56
C ILE N 225 27.18 59.53 -9.69
N VAL N 226 26.43 60.51 -10.20
CA VAL N 226 25.03 60.28 -10.50
C VAL N 226 24.52 61.23 -11.56
N GLU N 227 23.79 60.67 -12.49
CA GLU N 227 23.21 61.45 -13.58
C GLU N 227 21.88 62.05 -13.16
N ASP N 228 21.53 63.19 -13.74
CA ASP N 228 20.21 63.79 -13.57
C ASP N 228 19.21 62.89 -14.27
N TYR N 229 17.95 62.93 -13.81
CA TYR N 229 16.92 62.08 -14.37
C TYR N 229 16.71 62.37 -15.85
N ARG N 230 16.62 61.30 -16.64
CA ARG N 230 16.15 61.36 -18.01
C ARG N 230 15.24 60.13 -18.29
N PRO N 231 14.21 60.31 -19.14
CA PRO N 231 13.40 59.18 -19.54
C PRO N 231 14.13 58.25 -20.52
N PRO N 232 13.63 57.01 -20.71
CA PRO N 232 14.27 56.13 -21.67
C PRO N 232 14.22 56.73 -23.08
N PHE N 233 15.27 56.52 -23.85
CA PHE N 233 15.40 57.07 -25.19
C PHE N 233 15.43 58.61 -25.27
N TYR N 234 15.75 59.27 -24.17
CA TYR N 234 15.82 60.74 -24.13
C TYR N 234 16.72 61.31 -25.20
N ASP N 235 17.74 60.55 -25.61
CA ASP N 235 18.78 61.03 -26.54
C ASP N 235 18.43 60.79 -28.00
N VAL N 236 17.35 60.08 -28.28
CA VAL N 236 17.00 59.73 -29.66
C VAL N 236 15.57 60.11 -30.09
N VAL N 237 14.70 60.52 -29.16
CA VAL N 237 13.32 60.92 -29.53
C VAL N 237 12.86 62.18 -28.77
N PRO N 238 11.93 62.95 -29.37
CA PRO N 238 11.38 64.14 -28.71
C PRO N 238 10.46 63.80 -27.55
N ASN N 239 9.87 64.81 -26.93
CA ASN N 239 9.13 64.63 -25.68
C ASN N 239 7.75 63.97 -25.77
N ASP N 240 7.11 63.95 -26.94
CA ASP N 240 5.87 63.14 -27.11
C ASP N 240 6.06 62.12 -28.23
N PRO N 241 7.01 61.17 -28.05
CA PRO N 241 7.39 60.25 -29.09
C PRO N 241 6.19 59.74 -29.90
N SER N 242 6.23 59.97 -31.20
CA SER N 242 5.22 59.44 -32.08
C SER N 242 5.46 57.94 -32.17
N PHE N 243 4.45 57.23 -32.66
CA PHE N 243 4.58 55.81 -32.95
C PHE N 243 5.73 55.72 -33.95
N GLU N 244 5.74 56.63 -34.93
CA GLU N 244 6.72 56.56 -36.02
C GLU N 244 8.13 56.86 -35.51
N ASP N 245 8.25 57.82 -34.60
CA ASP N 245 9.54 58.11 -33.96
C ASP N 245 10.09 56.85 -33.28
N MET N 246 9.26 56.17 -32.52
CA MET N 246 9.68 55.00 -31.78
C MET N 246 9.97 53.84 -32.73
N LYS N 247 9.06 53.62 -33.69
CA LYS N 247 9.24 52.58 -34.70
C LYS N 247 10.64 52.66 -35.32
N LYS N 248 11.05 53.87 -35.69
CA LYS N 248 12.37 54.11 -36.29
C LYS N 248 13.51 53.76 -35.37
N VAL N 249 13.43 54.25 -34.14
CA VAL N 249 14.49 54.05 -33.14
C VAL N 249 14.55 52.59 -32.67
N VAL N 250 13.40 52.01 -32.30
CA VAL N 250 13.38 50.68 -31.69
C VAL N 250 13.41 49.53 -32.67
N CYS N 251 12.80 49.71 -33.85
CA CYS N 251 12.74 48.64 -34.85
C CYS N 251 13.77 48.81 -35.95
N VAL N 252 13.76 49.95 -36.62
CA VAL N 252 14.69 50.18 -37.74
C VAL N 252 16.13 50.28 -37.23
N ASP N 253 16.39 51.19 -36.29
CA ASP N 253 17.74 51.40 -35.76
C ASP N 253 18.13 50.35 -34.71
N GLN N 254 17.17 49.55 -34.25
CA GLN N 254 17.41 48.49 -33.27
C GLN N 254 18.08 48.99 -32.00
N GLN N 255 17.69 50.19 -31.58
CA GLN N 255 18.31 50.82 -30.41
C GLN N 255 17.68 50.37 -29.08
N THR N 256 18.52 50.33 -28.05
CA THR N 256 18.09 50.11 -26.67
C THR N 256 18.85 51.16 -25.83
N PRO N 257 18.37 51.48 -24.60
CA PRO N 257 19.05 52.49 -23.78
C PRO N 257 20.48 52.12 -23.44
N THR N 258 21.36 53.12 -23.53
CA THR N 258 22.78 52.96 -23.26
C THR N 258 22.95 52.73 -21.76
N ILE N 259 23.32 51.50 -21.40
CA ILE N 259 23.45 51.09 -20.00
C ILE N 259 24.71 51.76 -19.45
N PRO N 260 24.58 52.58 -18.39
CA PRO N 260 25.82 53.24 -17.92
C PRO N 260 26.97 52.25 -17.67
N ASN N 261 28.18 52.66 -18.00
CA ASN N 261 29.35 51.81 -17.79
C ASN N 261 29.60 51.58 -16.28
N ARG N 262 29.45 52.64 -15.50
CA ARG N 262 29.81 52.62 -14.08
C ARG N 262 29.00 51.71 -13.15
N LEU N 263 28.82 50.43 -13.49
CA LEU N 263 27.84 49.57 -12.78
C LEU N 263 28.35 48.23 -12.26
N ALA N 264 29.30 47.61 -12.97
CA ALA N 264 29.95 46.40 -12.47
C ALA N 264 30.85 46.75 -11.30
N ALA N 265 31.37 47.99 -11.30
CA ALA N 265 32.21 48.45 -10.21
C ALA N 265 31.37 48.43 -8.93
N ASP N 266 30.06 48.48 -9.10
CA ASP N 266 29.13 48.07 -8.05
C ASP N 266 28.93 46.56 -8.18
N PRO N 267 29.16 45.81 -7.08
CA PRO N 267 29.01 44.36 -7.16
C PRO N 267 27.58 43.94 -7.50
N VAL N 268 26.63 44.59 -6.82
CA VAL N 268 25.18 44.31 -6.92
C VAL N 268 24.51 44.86 -8.20
N LEU N 269 24.91 46.06 -8.61
CA LEU N 269 24.47 46.65 -9.86
C LEU N 269 25.23 46.09 -11.10
N SER N 270 25.90 44.96 -10.94
CA SER N 270 26.49 44.19 -12.03
C SER N 270 25.42 43.24 -12.60
N GLY N 271 24.46 42.86 -11.76
CA GLY N 271 23.35 42.01 -12.19
C GLY N 271 22.17 42.72 -12.83
N LEU N 272 21.83 43.91 -12.31
CA LEU N 272 20.76 44.74 -12.89
C LEU N 272 21.04 45.01 -14.37
N ALA N 273 22.29 45.33 -14.69
CA ALA N 273 22.72 45.57 -16.06
C ALA N 273 22.44 44.37 -16.93
N GLN N 274 22.81 43.20 -16.43
CA GLN N 274 22.61 41.94 -17.17
C GLN N 274 21.10 41.68 -17.36
N MET N 275 20.32 41.93 -16.30
CA MET N 275 18.87 41.71 -16.37
C MET N 275 18.23 42.68 -17.35
N MET N 276 18.74 43.90 -17.38
CA MET N 276 18.28 44.88 -18.38
C MET N 276 18.46 44.32 -19.76
N ARG N 277 19.65 43.85 -20.07
CA ARG N 277 19.93 43.23 -21.38
C ARG N 277 18.93 42.11 -21.71
N GLU N 278 18.50 41.36 -20.69
CA GLU N 278 17.68 40.15 -20.90
C GLU N 278 16.20 40.46 -20.96
N CYS N 279 15.83 41.70 -20.68
CA CYS N 279 14.49 42.20 -20.90
C CYS N 279 14.37 42.76 -22.31
N TRP N 280 15.49 43.06 -22.94
CA TRP N 280 15.49 43.76 -24.20
C TRP N 280 15.86 42.90 -25.42
N TYR N 281 15.90 41.58 -25.27
CA TYR N 281 16.15 40.73 -26.43
C TYR N 281 15.01 40.93 -27.47
N PRO N 282 15.37 41.16 -28.73
CA PRO N 282 14.39 41.37 -29.81
C PRO N 282 13.37 40.24 -29.98
N ASN N 283 13.82 38.99 -29.82
CA ASN N 283 12.92 37.85 -29.83
C ASN N 283 12.27 37.74 -28.46
N PRO N 284 10.97 38.05 -28.35
CA PRO N 284 10.24 38.14 -27.09
C PRO N 284 10.36 36.92 -26.18
N SER N 285 10.44 35.72 -26.73
CA SER N 285 10.47 34.50 -25.92
C SER N 285 11.81 34.25 -25.26
N ALA N 286 12.83 34.98 -25.69
CA ALA N 286 14.15 34.88 -25.11
C ALA N 286 14.28 35.71 -23.82
N ARG N 287 13.26 36.50 -23.51
CA ARG N 287 13.29 37.39 -22.35
C ARG N 287 13.01 36.66 -21.03
N LEU N 288 13.52 37.24 -19.94
CA LEU N 288 13.24 36.72 -18.61
C LEU N 288 11.79 36.89 -18.27
N THR N 289 11.27 36.01 -17.43
CA THR N 289 9.92 36.14 -16.92
C THR N 289 10.00 37.05 -15.73
N ALA N 290 8.86 37.53 -15.25
CA ALA N 290 8.81 38.36 -14.04
C ALA N 290 9.22 37.56 -12.83
N LEU N 291 8.82 36.30 -12.77
CA LEU N 291 9.21 35.43 -11.66
C LEU N 291 10.73 35.35 -11.56
N ARG N 292 11.38 35.10 -12.71
CA ARG N 292 12.82 34.91 -12.77
C ARG N 292 13.54 36.17 -12.35
N ILE N 293 13.01 37.32 -12.74
CA ILE N 293 13.60 38.59 -12.37
C ILE N 293 13.49 38.75 -10.86
N LYS N 294 12.27 38.59 -10.32
CA LYS N 294 12.01 38.60 -8.88
C LYS N 294 13.04 37.78 -8.16
N LYS N 295 13.19 36.51 -8.56
CA LYS N 295 14.12 35.58 -7.92
C LYS N 295 15.55 36.04 -7.95
N THR N 296 16.02 36.48 -9.12
CA THR N 296 17.39 36.95 -9.25
C THR N 296 17.65 38.10 -8.30
N LEU N 297 16.67 38.99 -8.19
CA LEU N 297 16.69 40.10 -7.25
C LEU N 297 16.36 39.61 -5.83
N GLN N 298 16.29 38.29 -5.66
CA GLN N 298 16.39 37.67 -4.34
C GLN N 298 17.66 36.83 -4.30
N LYS N 299 18.76 37.53 -4.58
CA LYS N 299 20.14 37.05 -4.41
C LYS N 299 20.98 38.27 -4.11
N ILE N 300 20.78 39.33 -4.90
CA ILE N 300 21.39 40.63 -4.62
C ILE N 300 20.73 41.33 -3.44
N SER N 301 20.25 40.58 -2.44
CA SER N 301 19.67 41.19 -1.22
C SER N 301 19.88 40.32 0.01
N MET O 2 82.41 42.19 13.66
CA MET O 2 81.17 42.01 12.87
C MET O 2 80.17 41.17 13.67
N GLN O 3 80.40 39.85 13.72
CA GLN O 3 79.71 38.95 14.64
C GLN O 3 79.88 39.34 16.12
N ARG O 4 80.93 40.10 16.42
CA ARG O 4 81.23 40.50 17.80
C ARG O 4 80.26 41.57 18.32
N THR O 5 79.34 42.02 17.47
CA THR O 5 78.37 43.07 17.83
C THR O 5 76.93 42.57 17.93
N VAL O 6 76.59 41.61 17.08
CA VAL O 6 75.33 40.87 17.20
C VAL O 6 75.38 40.03 18.49
N ALA O 7 76.61 39.71 18.95
CA ALA O 7 76.81 38.98 20.21
C ALA O 7 76.51 39.80 21.50
N ARG O 8 76.75 41.10 21.45
CA ARG O 8 76.68 42.03 22.59
C ARG O 8 75.38 42.84 22.55
N GLN O 9 74.88 43.08 21.35
CA GLN O 9 73.66 43.86 21.18
C GLN O 9 72.36 43.06 21.31
N VAL O 10 72.42 41.74 21.10
CA VAL O 10 71.22 40.90 21.17
C VAL O 10 70.59 40.99 22.56
N ALA O 11 69.30 41.27 22.59
CA ALA O 11 68.50 41.24 23.83
C ALA O 11 67.69 39.97 23.84
N LEU O 12 67.72 39.26 24.96
CA LEU O 12 67.00 38.00 25.09
C LEU O 12 65.61 38.28 25.61
N VAL O 13 64.60 37.75 24.93
CA VAL O 13 63.19 38.08 25.28
C VAL O 13 62.45 36.89 25.88
N GLU O 14 62.51 35.74 25.22
CA GLU O 14 61.69 34.60 25.61
C GLU O 14 62.49 33.32 25.47
N CYS O 15 62.40 32.45 26.48
CA CYS O 15 62.98 31.10 26.40
C CYS O 15 61.97 30.16 25.77
N VAL O 16 62.29 29.64 24.59
CA VAL O 16 61.38 28.80 23.82
C VAL O 16 61.76 27.31 23.80
N GLY O 17 62.84 26.96 24.49
CA GLY O 17 63.28 25.57 24.60
C GLY O 17 64.30 25.36 25.71
N LYS O 18 64.30 24.17 26.30
CA LYS O 18 65.24 23.81 27.37
C LYS O 18 65.45 22.30 27.41
N GLY O 19 66.68 21.87 27.66
CA GLY O 19 67.02 20.44 27.62
C GLY O 19 68.47 20.17 28.00
N ARG O 20 68.91 18.94 27.77
CA ARG O 20 70.27 18.53 28.11
C ARG O 20 71.32 19.24 27.23
N TYR O 21 70.91 19.66 26.04
CA TYR O 21 71.76 20.44 25.13
C TYR O 21 72.02 21.85 25.66
N GLY O 22 71.17 22.35 26.55
CA GLY O 22 71.21 23.75 26.98
C GLY O 22 69.83 24.40 26.87
N GLU O 23 69.76 25.60 26.29
CA GLU O 23 68.50 26.35 26.13
C GLU O 23 68.47 27.13 24.81
N VAL O 24 67.30 27.29 24.23
CA VAL O 24 67.16 28.18 23.08
C VAL O 24 66.25 29.33 23.44
N TRP O 25 66.68 30.55 23.11
CA TRP O 25 65.94 31.78 23.43
C TRP O 25 65.57 32.50 22.16
N ARG O 26 64.42 33.16 22.15
CA ARG O 26 64.10 34.14 21.11
C ARG O 26 64.72 35.47 21.50
N GLY O 27 65.49 36.06 20.59
CA GLY O 27 66.18 37.30 20.86
C GLY O 27 65.88 38.38 19.83
N LEU O 28 66.03 39.63 20.25
CA LEU O 28 65.80 40.78 19.38
C LEU O 28 67.15 41.40 19.03
N TRP O 29 67.42 41.57 17.74
CA TRP O 29 68.58 42.32 17.30
C TRP O 29 68.16 43.29 16.20
N HIS O 30 68.33 44.58 16.49
CA HIS O 30 67.96 45.66 15.57
C HIS O 30 66.64 45.39 14.90
N GLY O 31 65.61 45.20 15.72
CA GLY O 31 64.24 45.00 15.21
C GLY O 31 63.86 43.58 14.81
N GLU O 32 64.81 42.81 14.26
CA GLU O 32 64.56 41.45 13.78
C GLU O 32 64.68 40.41 14.90
N SER O 33 64.09 39.25 14.68
CA SER O 33 64.13 38.14 15.65
C SER O 33 65.25 37.16 15.32
N VAL O 34 65.99 36.74 16.35
CA VAL O 34 67.06 35.76 16.21
C VAL O 34 66.93 34.69 17.26
N ALA O 35 67.46 33.50 16.97
CA ALA O 35 67.54 32.41 17.94
C ALA O 35 68.89 32.44 18.60
N VAL O 36 68.91 32.33 19.92
CA VAL O 36 70.17 32.28 20.67
C VAL O 36 70.21 30.97 21.43
N LYS O 37 71.02 30.02 20.97
CA LYS O 37 71.23 28.78 21.69
C LYS O 37 72.37 28.88 22.69
N ILE O 38 72.03 28.85 23.98
CA ILE O 38 73.02 28.86 25.04
C ILE O 38 73.27 27.40 25.39
N PHE O 39 74.51 26.96 25.22
CA PHE O 39 74.87 25.55 25.38
C PHE O 39 75.16 25.21 26.84
N SER O 40 74.87 23.98 27.22
CA SER O 40 75.18 23.52 28.56
C SER O 40 76.67 23.13 28.62
N SER O 41 77.21 23.07 29.84
CA SER O 41 78.60 22.66 30.04
C SER O 41 78.87 21.23 29.54
N ARG O 42 77.88 20.34 29.64
CA ARG O 42 78.01 18.96 29.16
C ARG O 42 78.07 18.86 27.63
N ASP O 43 77.77 19.95 26.92
CA ASP O 43 77.66 19.89 25.46
C ASP O 43 78.57 20.91 24.75
N GLU O 44 79.59 21.39 25.44
CA GLU O 44 80.52 22.39 24.90
C GLU O 44 81.15 21.98 23.56
N GLN O 45 81.36 20.69 23.38
CA GLN O 45 82.00 20.19 22.18
C GLN O 45 81.09 20.26 20.95
N SER O 46 79.76 20.28 21.18
CA SER O 46 78.80 20.49 20.08
C SER O 46 78.83 21.91 19.60
N TRP O 47 78.97 22.87 20.53
CA TRP O 47 79.16 24.29 20.18
C TRP O 47 80.42 24.50 19.37
N PHE O 48 81.50 23.83 19.72
CA PHE O 48 82.80 23.98 19.04
C PHE O 48 82.69 23.49 17.62
N ARG O 49 82.15 22.28 17.47
CA ARG O 49 81.99 21.63 16.16
C ARG O 49 81.11 22.45 15.26
N GLU O 50 80.03 22.97 15.84
CA GLU O 50 79.07 23.73 15.08
C GLU O 50 79.66 25.09 14.70
N THR O 51 80.43 25.69 15.59
CA THR O 51 81.10 26.95 15.27
C THR O 51 82.19 26.77 14.22
N GLU O 52 82.96 25.68 14.30
CA GLU O 52 83.98 25.40 13.29
C GLU O 52 83.33 25.27 11.89
N ILE O 53 82.30 24.43 11.79
CA ILE O 53 81.67 24.12 10.49
C ILE O 53 80.98 25.33 9.83
N TYR O 54 80.26 26.11 10.65
CA TYR O 54 79.59 27.29 10.17
C TYR O 54 80.56 28.38 9.71
N ASN O 55 81.72 28.51 10.37
CA ASN O 55 82.72 29.50 9.99
C ASN O 55 83.61 29.02 8.84
N THR O 56 83.63 27.71 8.59
CA THR O 56 84.63 27.08 7.72
C THR O 56 84.12 26.57 6.39
N VAL O 57 82.85 26.18 6.36
CA VAL O 57 82.23 25.54 5.22
C VAL O 57 81.19 26.48 4.62
N LEU O 58 81.26 26.70 3.31
CA LEU O 58 80.25 27.51 2.60
C LEU O 58 78.96 26.70 2.50
N LEU O 59 78.05 26.95 3.45
CA LEU O 59 76.91 26.05 3.67
C LEU O 59 75.54 26.69 3.46
N ARG O 60 75.49 28.01 3.31
CA ARG O 60 74.22 28.72 3.18
C ARG O 60 73.28 28.00 2.21
N HIS O 61 72.03 27.82 2.63
CA HIS O 61 71.02 27.12 1.84
C HIS O 61 69.65 27.37 2.47
N ASP O 62 68.64 27.57 1.63
CA ASP O 62 67.28 27.78 2.11
C ASP O 62 66.82 26.70 3.10
N ASN O 63 67.32 25.49 2.95
CA ASN O 63 66.93 24.34 3.80
C ASN O 63 67.99 23.92 4.81
N ILE O 64 68.77 24.88 5.26
CA ILE O 64 69.71 24.69 6.35
C ILE O 64 69.69 25.96 7.22
N LEU O 65 69.67 25.79 8.53
CA LEU O 65 69.48 26.90 9.44
C LEU O 65 70.59 27.93 9.25
N GLY O 66 70.19 29.18 9.05
CA GLY O 66 71.08 30.29 8.81
C GLY O 66 71.86 30.65 10.06
N PHE O 67 73.16 30.82 9.89
CA PHE O 67 74.09 31.17 10.94
C PHE O 67 74.23 32.67 10.96
N ILE O 68 74.32 33.24 12.16
CA ILE O 68 74.58 34.69 12.31
C ILE O 68 75.89 34.94 13.06
N ALA O 69 76.05 34.28 14.20
CA ALA O 69 77.22 34.49 15.01
C ALA O 69 77.45 33.35 16.02
N SER O 70 78.68 33.30 16.54
CA SER O 70 79.05 32.41 17.63
C SER O 70 79.90 33.23 18.61
N ASP O 71 79.63 33.08 19.91
CA ASP O 71 80.32 33.88 20.92
C ASP O 71 80.60 33.17 22.21
N MET O 72 81.74 33.56 22.85
CA MET O 72 81.95 33.33 24.29
C MET O 72 81.66 34.70 24.90
N THR O 73 80.73 34.79 25.85
CA THR O 73 80.29 36.11 26.32
C THR O 73 80.04 36.17 27.81
N SER O 74 80.15 37.38 28.35
CA SER O 74 79.90 37.67 29.76
C SER O 74 78.80 38.72 29.85
N ARG O 75 77.98 38.81 28.80
CA ARG O 75 76.86 39.73 28.76
C ARG O 75 75.92 39.36 29.94
N ASN O 76 75.32 38.16 29.87
CA ASN O 76 74.68 37.57 31.04
C ASN O 76 75.86 37.24 31.93
N SER O 77 75.69 37.34 33.25
CA SER O 77 76.83 37.34 34.17
C SER O 77 77.91 36.31 33.87
N SER O 78 77.69 35.04 34.23
CA SER O 78 78.70 34.01 34.00
C SER O 78 78.99 33.81 32.50
N THR O 79 80.19 33.34 32.18
CA THR O 79 80.60 33.24 30.78
C THR O 79 79.91 32.04 30.16
N GLN O 80 79.15 32.29 29.09
CA GLN O 80 78.41 31.22 28.40
C GLN O 80 78.77 31.12 26.92
N LEU O 81 78.58 29.92 26.33
CA LEU O 81 78.86 29.68 24.91
C LEU O 81 77.59 29.86 24.13
N TRP O 82 77.60 30.76 23.16
CA TRP O 82 76.39 31.12 22.41
C TRP O 82 76.50 30.81 20.93
N LEU O 83 75.38 30.36 20.34
CA LEU O 83 75.22 30.26 18.88
C LEU O 83 73.99 31.05 18.51
N ILE O 84 74.15 32.08 17.68
CA ILE O 84 73.04 32.92 17.27
C ILE O 84 72.70 32.62 15.81
N THR O 85 71.43 32.36 15.52
CA THR O 85 70.97 31.96 14.18
C THR O 85 69.64 32.64 13.80
N HIS O 86 69.16 32.40 12.58
CA HIS O 86 67.82 32.83 12.23
C HIS O 86 66.80 32.17 13.19
N TYR O 87 65.68 32.86 13.42
CA TYR O 87 64.63 32.39 14.30
C TYR O 87 63.39 32.00 13.47
N HIS O 88 62.83 30.85 13.80
CA HIS O 88 61.63 30.37 13.11
C HIS O 88 60.51 30.12 14.12
N GLU O 89 59.46 30.93 14.01
CA GLU O 89 58.36 30.97 14.98
C GLU O 89 57.65 29.63 15.18
N HIS O 90 57.47 28.87 14.12
CA HIS O 90 56.80 27.58 14.20
C HIS O 90 57.55 26.58 15.03
N GLY O 91 58.82 26.85 15.28
CA GLY O 91 59.66 25.94 16.03
C GLY O 91 60.04 24.75 15.19
N SER O 92 60.36 23.64 15.87
CA SER O 92 60.78 22.43 15.17
C SER O 92 59.62 21.71 14.51
N LEU O 93 59.96 20.75 13.66
CA LEU O 93 58.97 19.87 13.02
C LEU O 93 58.22 19.07 14.09
N TYR O 94 58.93 18.69 15.14
CA TYR O 94 58.32 18.08 16.32
C TYR O 94 57.21 18.96 16.86
N ASP O 95 57.53 20.23 17.10
CA ASP O 95 56.58 21.22 17.63
C ASP O 95 55.38 21.43 16.70
N PHE O 96 55.67 21.58 15.41
CA PHE O 96 54.66 21.85 14.38
C PHE O 96 53.69 20.68 14.25
N LEU O 97 54.25 19.47 14.18
CA LEU O 97 53.44 18.25 14.04
C LEU O 97 52.63 17.97 15.31
N GLN O 98 53.05 18.54 16.43
CA GLN O 98 52.29 18.41 17.68
C GLN O 98 50.92 19.05 17.54
N ARG O 99 50.91 20.32 17.10
CA ARG O 99 49.70 21.16 17.08
C ARG O 99 48.93 21.05 15.77
N GLN O 100 49.64 20.94 14.64
CA GLN O 100 49.04 21.08 13.31
C GLN O 100 48.84 19.72 12.66
N THR O 101 47.77 19.61 11.87
CA THR O 101 47.52 18.44 11.02
C THR O 101 47.85 18.87 9.59
N LEU O 102 48.18 17.90 8.73
CA LEU O 102 48.75 18.21 7.41
C LEU O 102 47.86 17.75 6.27
N GLU O 103 47.47 18.69 5.43
CA GLU O 103 46.93 18.37 4.11
C GLU O 103 48.04 17.63 3.32
N PRO O 104 47.67 16.66 2.47
CA PRO O 104 48.70 15.93 1.69
C PRO O 104 49.72 16.82 0.97
N HIS O 105 49.26 17.93 0.38
CA HIS O 105 50.13 18.91 -0.27
C HIS O 105 51.23 19.40 0.69
N LEU O 106 50.82 19.75 1.92
CA LEU O 106 51.73 20.30 2.92
C LEU O 106 52.71 19.24 3.39
N ALA O 107 52.21 18.01 3.60
CA ALA O 107 53.06 16.87 3.97
C ALA O 107 54.21 16.69 2.98
N LEU O 108 53.91 16.80 1.69
CA LEU O 108 54.92 16.67 0.65
C LEU O 108 55.88 17.85 0.62
N ARG O 109 55.36 19.04 0.90
CA ARG O 109 56.15 20.26 0.90
C ARG O 109 57.22 20.21 2.00
N LEU O 110 56.83 19.75 3.20
CA LEU O 110 57.77 19.57 4.31
C LEU O 110 58.75 18.43 3.99
N ALA O 111 58.23 17.34 3.42
CA ALA O 111 59.07 16.20 3.09
C ALA O 111 60.11 16.51 2.01
N VAL O 112 59.70 17.24 0.97
CA VAL O 112 60.63 17.57 -0.12
C VAL O 112 61.72 18.55 0.34
N SER O 113 61.32 19.55 1.13
CA SER O 113 62.27 20.57 1.56
C SER O 113 63.29 20.00 2.55
N ALA O 114 62.83 19.15 3.47
CA ALA O 114 63.73 18.43 4.35
C ALA O 114 64.73 17.62 3.54
N ALA O 115 64.23 16.92 2.51
CA ALA O 115 65.11 16.14 1.61
C ALA O 115 66.13 17.02 0.88
N CYS O 116 65.75 18.24 0.52
CA CYS O 116 66.67 19.16 -0.16
C CYS O 116 67.81 19.51 0.80
N GLY O 117 67.47 19.80 2.05
CA GLY O 117 68.44 20.05 3.08
C GLY O 117 69.45 18.93 3.22
N LEU O 118 68.96 17.70 3.40
CA LEU O 118 69.83 16.54 3.59
C LEU O 118 70.66 16.23 2.38
N ALA O 119 70.10 16.35 1.18
CA ALA O 119 70.86 16.16 -0.06
C ALA O 119 72.04 17.15 -0.14
N HIS O 120 71.76 18.40 0.22
CA HIS O 120 72.73 19.46 0.16
C HIS O 120 73.91 19.18 1.09
N LEU O 121 73.60 18.70 2.29
CA LEU O 121 74.61 18.28 3.25
C LEU O 121 75.47 17.14 2.71
N HIS O 122 74.81 16.12 2.17
CA HIS O 122 75.49 14.89 1.75
C HIS O 122 76.35 15.06 0.49
N VAL O 123 75.91 15.87 -0.46
CA VAL O 123 76.60 15.96 -1.76
C VAL O 123 77.74 16.94 -1.68
N GLU O 124 78.92 16.48 -2.07
CA GLU O 124 80.10 17.34 -2.18
C GLU O 124 79.94 18.23 -3.40
N ILE O 125 80.11 19.53 -3.24
CA ILE O 125 80.37 20.42 -4.39
C ILE O 125 81.86 20.60 -4.52
N PHE O 126 82.37 20.53 -5.77
CA PHE O 126 83.78 20.77 -6.08
C PHE O 126 84.00 22.21 -6.56
N GLY O 127 85.21 22.72 -6.30
CA GLY O 127 85.57 24.10 -6.65
C GLY O 127 85.81 24.98 -5.44
N THR O 128 86.02 26.27 -5.68
CA THR O 128 86.38 27.20 -4.61
C THR O 128 85.11 27.77 -3.95
N GLN O 129 83.95 27.59 -4.61
CA GLN O 129 82.65 27.85 -3.97
C GLN O 129 81.96 26.56 -3.59
N GLY O 130 82.74 25.47 -3.47
CA GLY O 130 82.22 24.18 -3.08
C GLY O 130 82.19 23.99 -1.59
N LYS O 131 81.86 22.77 -1.17
CA LYS O 131 81.86 22.40 0.23
C LYS O 131 82.02 20.88 0.28
N PRO O 132 82.65 20.35 1.33
CA PRO O 132 82.81 18.91 1.43
C PRO O 132 81.48 18.20 1.71
N ALA O 133 81.46 16.89 1.56
CA ALA O 133 80.28 16.09 1.88
C ALA O 133 80.13 16.07 3.41
N ILE O 134 78.90 16.28 3.90
CA ILE O 134 78.65 16.37 5.33
C ILE O 134 77.52 15.43 5.72
N ALA O 135 77.76 14.62 6.75
CA ALA O 135 76.72 13.76 7.34
C ALA O 135 76.31 14.32 8.71
N HIS O 136 75.01 14.33 9.00
CA HIS O 136 74.47 14.98 10.21
C HIS O 136 74.80 14.19 11.49
N ARG O 137 74.41 12.92 11.50
CA ARG O 137 74.60 12.00 12.63
C ARG O 137 73.62 12.20 13.80
N ASP O 138 72.72 13.18 13.73
CA ASP O 138 71.63 13.31 14.72
C ASP O 138 70.37 13.87 14.05
N PHE O 139 70.02 13.29 12.92
CA PHE O 139 68.84 13.75 12.19
C PHE O 139 67.57 13.23 12.88
N LYS O 140 66.73 14.18 13.26
CA LYS O 140 65.47 13.89 13.93
C LYS O 140 64.54 15.08 13.77
N SER O 141 63.26 14.88 14.09
CA SER O 141 62.25 15.94 13.85
C SER O 141 62.51 17.17 14.72
N ARG O 142 63.19 16.96 15.85
CA ARG O 142 63.53 18.07 16.73
C ARG O 142 64.65 18.93 16.19
N ASN O 143 65.43 18.40 15.24
CA ASN O 143 66.55 19.13 14.63
C ASN O 143 66.22 19.60 13.20
N VAL O 144 64.91 19.69 12.89
CA VAL O 144 64.43 20.27 11.66
C VAL O 144 63.44 21.35 12.03
N LEU O 145 63.65 22.57 11.53
CA LEU O 145 62.73 23.70 11.84
C LEU O 145 61.71 23.89 10.71
N VAL O 146 60.56 24.48 11.03
CA VAL O 146 59.59 24.83 10.00
C VAL O 146 59.49 26.34 9.85
N LYS O 147 59.78 26.81 8.64
CA LYS O 147 59.83 28.24 8.31
C LYS O 147 58.43 28.80 8.08
N SER O 148 58.35 30.12 7.94
CA SER O 148 57.13 30.84 7.62
C SER O 148 56.45 30.31 6.35
N ASN O 149 57.25 30.02 5.33
CA ASN O 149 56.72 29.48 4.07
C ASN O 149 56.52 27.96 4.14
N LEU O 150 56.41 27.43 5.35
CA LEU O 150 56.12 26.01 5.56
C LEU O 150 57.06 25.13 4.75
N GLN O 151 58.31 25.54 4.65
CA GLN O 151 59.38 24.66 4.21
C GLN O 151 60.28 24.39 5.39
N CYS O 152 60.97 23.25 5.37
CA CYS O 152 61.88 22.87 6.45
C CYS O 152 63.27 23.43 6.23
N CYS O 153 64.03 23.53 7.32
CA CYS O 153 65.50 23.65 7.23
C CYS O 153 66.15 22.90 8.38
N ILE O 154 67.26 22.25 8.08
CA ILE O 154 67.96 21.42 9.06
C ILE O 154 68.87 22.23 9.98
N ALA O 155 68.88 21.84 11.27
CA ALA O 155 69.71 22.48 12.29
C ALA O 155 70.59 21.47 13.02
N ASP O 156 71.41 21.98 13.93
CA ASP O 156 72.24 21.21 14.85
C ASP O 156 73.29 20.38 14.12
N LEU O 157 74.40 21.03 13.78
CA LEU O 157 75.53 20.37 13.12
C LEU O 157 76.60 19.92 14.14
N GLY O 158 76.24 19.85 15.42
CA GLY O 158 77.20 19.55 16.47
C GLY O 158 77.94 18.23 16.38
N LEU O 159 77.33 17.25 15.73
CA LEU O 159 77.92 15.90 15.57
C LEU O 159 78.30 15.61 14.12
N ALA O 160 78.27 16.61 13.26
CA ALA O 160 78.48 16.38 11.84
C ALA O 160 79.88 15.84 11.56
N VAL O 161 79.99 15.01 10.54
CA VAL O 161 81.29 14.51 10.08
C VAL O 161 81.45 14.80 8.62
N MET O 162 82.71 14.94 8.23
CA MET O 162 83.04 15.44 6.93
C MET O 162 84.05 14.57 6.22
N HIS O 163 83.91 14.53 4.90
CA HIS O 163 84.80 13.83 4.02
C HIS O 163 84.90 14.63 2.74
N SER O 164 86.10 14.64 2.15
CA SER O 164 86.30 15.22 0.84
C SER O 164 86.80 14.13 -0.10
N GLN O 165 86.27 14.09 -1.33
CA GLN O 165 86.78 13.16 -2.32
C GLN O 165 88.28 13.47 -2.49
N GLY O 166 89.10 12.46 -2.29
CA GLY O 166 90.53 12.66 -2.11
C GLY O 166 91.04 11.50 -1.28
N SER O 167 91.27 11.76 0.01
CA SER O 167 91.66 10.66 0.90
C SER O 167 91.58 11.01 2.37
N ASP O 168 91.66 9.97 3.20
CA ASP O 168 91.67 10.10 4.65
C ASP O 168 92.82 11.01 5.03
N TYR O 169 92.62 11.94 5.99
CA TYR O 169 91.59 11.89 7.03
C TYR O 169 90.12 11.90 6.64
N LEU O 170 89.30 11.36 7.53
CA LEU O 170 87.86 11.57 7.56
C LEU O 170 87.56 12.41 8.80
N ASP O 171 87.22 13.69 8.61
CA ASP O 171 87.06 14.64 9.71
C ASP O 171 85.86 14.28 10.59
N ILE O 172 86.15 13.59 11.70
CA ILE O 172 85.12 12.97 12.56
C ILE O 172 84.91 13.67 13.90
N GLY O 173 85.89 14.46 14.35
CA GLY O 173 85.70 15.27 15.56
C GLY O 173 86.08 14.60 16.88
N ASN O 174 85.69 15.22 17.99
CA ASN O 174 86.06 14.74 19.32
C ASN O 174 84.92 14.95 20.30
N ASN O 175 83.71 14.58 19.88
CA ASN O 175 82.52 14.81 20.67
C ASN O 175 82.02 13.51 21.34
N PRO O 176 82.07 13.45 22.69
CA PRO O 176 81.55 12.29 23.42
C PRO O 176 80.04 11.98 23.17
N ARG O 177 79.26 13.00 22.81
CA ARG O 177 77.82 12.85 22.54
C ARG O 177 77.57 11.82 21.45
N VAL O 178 76.44 11.13 21.51
CA VAL O 178 76.04 10.22 20.43
C VAL O 178 74.67 10.60 19.95
N GLY O 179 74.21 9.94 18.88
CA GLY O 179 72.88 10.16 18.33
C GLY O 179 71.74 9.91 19.29
N THR O 180 70.62 10.55 19.03
CA THR O 180 69.39 10.28 19.78
C THR O 180 69.06 8.79 19.62
N LYS O 181 68.98 8.11 20.76
CA LYS O 181 68.84 6.66 20.82
C LYS O 181 67.64 6.19 19.98
N ARG O 182 66.54 6.95 20.02
CA ARG O 182 65.34 6.59 19.27
C ARG O 182 65.62 6.44 17.75
N TYR O 183 66.58 7.21 17.23
CA TYR O 183 66.77 7.31 15.78
C TYR O 183 67.98 6.53 15.28
N MET O 184 68.67 5.81 16.16
CA MET O 184 69.89 5.12 15.76
C MET O 184 69.58 3.96 14.86
N ALA O 185 70.35 3.82 13.79
CA ALA O 185 70.17 2.72 12.86
C ALA O 185 70.59 1.41 13.51
N PRO O 186 70.21 0.26 12.90
CA PRO O 186 70.60 -1.03 13.47
C PRO O 186 72.12 -1.15 13.61
N GLU O 187 72.85 -0.75 12.58
CA GLU O 187 74.30 -0.87 12.57
C GLU O 187 75.02 -0.01 13.63
N VAL O 188 74.34 1.03 14.14
CA VAL O 188 74.88 1.83 15.24
C VAL O 188 74.62 1.15 16.57
N LEU O 189 73.44 0.56 16.72
CA LEU O 189 73.06 -0.14 17.95
C LEU O 189 73.80 -1.47 18.07
N ASP O 190 74.07 -2.10 16.92
CA ASP O 190 74.88 -3.32 16.87
C ASP O 190 76.34 -3.03 17.18
N GLU O 191 76.76 -1.77 16.97
CA GLU O 191 78.18 -1.38 17.00
C GLU O 191 78.96 -2.07 15.87
N GLN O 192 78.25 -2.42 14.80
CA GLN O 192 78.86 -3.09 13.63
C GLN O 192 79.24 -2.10 12.53
N ILE O 193 78.97 -0.83 12.77
CA ILE O 193 79.25 0.21 11.80
C ILE O 193 80.76 0.41 11.66
N ARG O 194 81.20 0.65 10.43
CA ARG O 194 82.61 0.94 10.15
C ARG O 194 82.86 2.43 10.32
N THR O 195 83.39 2.81 11.47
CA THR O 195 83.51 4.23 11.83
C THR O 195 84.58 5.00 11.05
N ASP O 196 85.29 4.30 10.17
CA ASP O 196 86.29 4.94 9.30
C ASP O 196 85.82 4.96 7.83
N CYS O 197 84.50 4.88 7.62
CA CYS O 197 83.91 4.98 6.28
C CYS O 197 82.81 6.04 6.29
N PHE O 198 82.95 7.04 5.42
CA PHE O 198 82.02 8.16 5.40
C PHE O 198 80.62 7.74 4.94
N GLU O 199 80.57 6.88 3.93
CA GLU O 199 79.27 6.43 3.40
C GLU O 199 78.37 5.85 4.50
N SER O 200 78.95 5.08 5.42
CA SER O 200 78.21 4.56 6.59
C SER O 200 77.40 5.63 7.34
N TYR O 201 78.02 6.77 7.63
CA TYR O 201 77.35 7.82 8.38
C TYR O 201 76.19 8.43 7.60
N LYS O 202 76.34 8.52 6.28
CA LYS O 202 75.24 8.95 5.41
C LYS O 202 74.05 8.01 5.48
N TRP O 203 74.33 6.71 5.52
CA TRP O 203 73.27 5.71 5.59
C TRP O 203 72.50 5.75 6.91
N THR O 204 73.12 6.24 7.98
CA THR O 204 72.42 6.39 9.26
C THR O 204 71.56 7.62 9.26
N ASP O 205 71.97 8.66 8.51
CA ASP O 205 71.12 9.84 8.30
C ASP O 205 69.83 9.39 7.60
N ILE O 206 69.98 8.52 6.61
CA ILE O 206 68.86 8.09 5.78
C ILE O 206 67.82 7.31 6.61
N TRP O 207 68.28 6.32 7.37
CA TRP O 207 67.43 5.62 8.36
C TRP O 207 66.60 6.65 9.14
N ALA O 208 67.28 7.54 9.84
CA ALA O 208 66.62 8.58 10.63
C ALA O 208 65.63 9.42 9.79
N PHE O 209 65.94 9.64 8.53
CA PHE O 209 65.07 10.44 7.66
C PHE O 209 63.74 9.68 7.46
N GLY O 210 63.84 8.39 7.17
CA GLY O 210 62.68 7.53 7.06
C GLY O 210 61.77 7.63 8.26
N LEU O 211 62.36 7.67 9.45
CA LEU O 211 61.59 7.82 10.69
C LEU O 211 60.89 9.17 10.73
N VAL O 212 61.57 10.22 10.26
CA VAL O 212 60.93 11.53 10.21
C VAL O 212 59.76 11.58 9.21
N LEU O 213 59.88 10.87 8.08
CA LEU O 213 58.78 10.80 7.10
C LEU O 213 57.53 10.20 7.77
N TRP O 214 57.72 9.05 8.43
CA TRP O 214 56.70 8.42 9.22
C TRP O 214 55.97 9.41 10.12
N GLU O 215 56.72 10.20 10.88
CA GLU O 215 56.14 11.24 11.74
C GLU O 215 55.24 12.19 10.97
N ILE O 216 55.69 12.59 9.77
CA ILE O 216 54.94 13.50 8.90
C ILE O 216 53.68 12.77 8.38
N ALA O 217 53.89 11.55 7.91
CA ALA O 217 52.85 10.73 7.35
C ALA O 217 51.71 10.51 8.34
N ARG O 218 52.06 10.12 9.57
CA ARG O 218 51.08 9.86 10.64
C ARG O 218 50.13 11.03 10.86
N ARG O 219 50.67 12.24 10.66
CA ARG O 219 49.97 13.49 10.96
C ARG O 219 49.28 14.11 9.72
N THR O 220 49.32 13.39 8.60
CA THR O 220 48.66 13.80 7.35
C THR O 220 47.19 13.35 7.29
N ILE O 221 46.32 14.20 6.72
CA ILE O 221 44.88 13.92 6.61
C ILE O 221 44.54 13.20 5.31
N VAL O 222 44.11 11.95 5.40
CA VAL O 222 43.40 11.30 4.28
C VAL O 222 41.94 10.99 4.67
N ASN O 223 41.00 11.49 3.86
CA ASN O 223 39.55 11.44 4.15
C ASN O 223 39.06 12.14 5.43
N GLY O 224 39.96 12.77 6.17
CA GLY O 224 39.66 13.26 7.51
C GLY O 224 40.26 12.36 8.56
N ILE O 225 40.85 11.25 8.13
CA ILE O 225 41.53 10.31 9.03
C ILE O 225 42.95 10.79 9.33
N VAL O 226 43.15 11.20 10.58
CA VAL O 226 44.45 11.56 11.06
C VAL O 226 44.60 11.10 12.51
N GLU O 227 45.78 10.59 12.81
CA GLU O 227 46.17 10.19 14.15
C GLU O 227 46.81 11.35 14.91
N ASP O 228 46.73 11.30 16.24
CA ASP O 228 47.42 12.26 17.11
C ASP O 228 48.90 11.96 17.02
N TYR O 229 49.73 12.97 17.26
CA TYR O 229 51.18 12.81 17.12
C TYR O 229 51.72 11.75 18.07
N ARG O 230 52.57 10.89 17.54
CA ARG O 230 53.38 9.97 18.35
C ARG O 230 54.80 9.90 17.77
N PRO O 231 55.81 9.73 18.63
CA PRO O 231 57.17 9.58 18.11
C PRO O 231 57.37 8.18 17.50
N PRO O 232 58.41 7.99 16.68
CA PRO O 232 58.70 6.66 16.18
C PRO O 232 58.93 5.65 17.33
N PHE O 233 58.45 4.43 17.14
CA PHE O 233 58.53 3.36 18.15
C PHE O 233 57.78 3.65 19.46
N TYR O 234 56.85 4.60 19.43
CA TYR O 234 56.01 4.93 20.60
C TYR O 234 55.36 3.72 21.26
N ASP O 235 55.08 2.67 20.48
CA ASP O 235 54.36 1.49 20.93
C ASP O 235 55.25 0.37 21.46
N VAL O 236 56.55 0.44 21.22
CA VAL O 236 57.48 -0.64 21.60
C VAL O 236 58.60 -0.21 22.59
N VAL O 237 58.77 1.09 22.82
CA VAL O 237 59.77 1.57 23.80
C VAL O 237 59.23 2.72 24.67
N PRO O 238 59.76 2.87 25.90
CA PRO O 238 59.34 3.95 26.79
C PRO O 238 59.74 5.32 26.25
N ASN O 239 59.25 6.40 26.88
CA ASN O 239 59.43 7.77 26.36
C ASN O 239 60.83 8.35 26.68
N ASP O 240 61.84 7.47 26.76
CA ASP O 240 63.23 7.89 27.02
C ASP O 240 64.12 6.64 26.78
N PRO O 241 63.91 5.96 25.64
CA PRO O 241 64.43 4.61 25.44
C PRO O 241 65.94 4.50 25.61
N SER O 242 66.37 3.53 26.43
CA SER O 242 67.78 3.31 26.66
C SER O 242 68.43 2.74 25.43
N PHE O 243 69.76 2.75 25.43
CA PHE O 243 70.54 2.04 24.41
C PHE O 243 69.82 0.72 24.21
N GLU O 244 69.79 -0.03 25.31
CA GLU O 244 69.40 -1.45 25.32
C GLU O 244 67.96 -1.65 24.88
N ASP O 245 67.08 -0.73 25.25
CA ASP O 245 65.68 -0.76 24.81
C ASP O 245 65.61 -0.76 23.27
N MET O 246 66.40 0.12 22.65
CA MET O 246 66.40 0.25 21.20
C MET O 246 67.11 -0.92 20.53
N LYS O 247 68.23 -1.36 21.10
CA LYS O 247 68.93 -2.53 20.59
C LYS O 247 67.99 -3.72 20.49
N LYS O 248 67.18 -3.95 21.52
CA LYS O 248 66.22 -5.07 21.52
C LYS O 248 65.18 -4.91 20.42
N VAL O 249 64.59 -3.73 20.32
CA VAL O 249 63.48 -3.48 19.38
C VAL O 249 63.97 -3.45 17.93
N VAL O 250 65.06 -2.73 17.68
CA VAL O 250 65.52 -2.52 16.31
C VAL O 250 66.38 -3.67 15.80
N CYS O 251 67.19 -4.28 16.65
CA CYS O 251 68.13 -5.32 16.21
C CYS O 251 67.59 -6.72 16.49
N VAL O 252 67.26 -7.00 17.74
CA VAL O 252 66.78 -8.34 18.11
C VAL O 252 65.39 -8.64 17.50
N ASP O 253 64.43 -7.74 17.74
CA ASP O 253 63.07 -7.94 17.23
C ASP O 253 62.91 -7.52 15.76
N GLN O 254 63.93 -6.85 15.21
CA GLN O 254 63.91 -6.41 13.80
C GLN O 254 62.68 -5.56 13.46
N GLN O 255 62.26 -4.74 14.40
CA GLN O 255 61.07 -3.92 14.22
C GLN O 255 61.36 -2.62 13.45
N THR O 256 60.38 -2.18 12.67
CA THR O 256 60.38 -0.86 12.07
C THR O 256 59.03 -0.23 12.34
N PRO O 257 58.94 1.10 12.25
CA PRO O 257 57.62 1.67 12.50
C PRO O 257 56.58 1.14 11.51
N THR O 258 55.38 0.86 12.04
CA THR O 258 54.25 0.48 11.22
C THR O 258 53.84 1.65 10.33
N ILE O 259 53.83 1.42 9.02
CA ILE O 259 53.30 2.38 8.04
C ILE O 259 51.77 2.39 8.05
N PRO O 260 51.16 3.60 8.14
CA PRO O 260 49.70 3.72 8.22
C PRO O 260 49.01 3.28 6.94
N ASN O 261 48.25 2.18 7.01
CA ASN O 261 47.69 1.47 5.84
C ASN O 261 46.86 2.39 4.92
N ARG O 262 46.32 3.44 5.54
CA ARG O 262 45.74 4.62 4.87
C ARG O 262 46.48 5.09 3.62
N LEU O 263 47.81 5.11 3.69
CA LEU O 263 48.67 5.57 2.58
C LEU O 263 48.40 4.89 1.23
N ALA O 264 47.94 3.64 1.28
CA ALA O 264 47.73 2.85 0.07
C ALA O 264 46.83 3.53 -0.98
N ALA O 265 46.06 4.52 -0.55
CA ALA O 265 45.02 5.10 -1.39
C ALA O 265 45.39 6.50 -1.94
N ASP O 266 45.90 7.39 -1.07
CA ASP O 266 46.14 8.78 -1.46
C ASP O 266 47.19 8.96 -2.57
N PRO O 267 47.00 10.03 -3.39
CA PRO O 267 47.60 10.22 -4.72
C PRO O 267 49.07 10.46 -4.74
N VAL O 268 49.53 11.26 -3.77
CA VAL O 268 50.93 11.53 -3.54
C VAL O 268 51.23 11.02 -2.14
N LEU O 269 50.74 9.82 -1.85
CA LEU O 269 51.09 9.10 -0.64
C LEU O 269 51.57 7.66 -0.89
N SER O 270 51.58 7.24 -2.15
CA SER O 270 52.21 5.97 -2.57
C SER O 270 53.73 6.10 -2.62
N GLY O 271 54.20 7.33 -2.82
CA GLY O 271 55.61 7.60 -2.68
C GLY O 271 55.97 7.36 -1.24
N LEU O 272 55.54 8.26 -0.37
CA LEU O 272 56.18 8.43 0.92
C LEU O 272 56.35 7.08 1.63
N ALA O 273 55.32 6.24 1.58
CA ALA O 273 55.36 4.90 2.19
C ALA O 273 56.49 4.06 1.63
N GLN O 274 56.62 4.07 0.31
CA GLN O 274 57.66 3.31 -0.37
C GLN O 274 59.05 3.86 -0.04
N MET O 275 59.17 5.19 0.02
CA MET O 275 60.44 5.82 0.39
C MET O 275 60.83 5.51 1.82
N MET O 276 59.83 5.47 2.71
CA MET O 276 60.05 5.07 4.10
C MET O 276 60.72 3.71 4.14
N ARG O 277 60.13 2.75 3.43
CA ARG O 277 60.65 1.38 3.35
C ARG O 277 62.13 1.29 2.90
N GLU O 278 62.52 2.03 1.87
CA GLU O 278 63.85 1.92 1.26
C GLU O 278 64.91 2.72 2.03
N CYS O 279 64.47 3.38 3.09
CA CYS O 279 65.37 3.97 4.09
C CYS O 279 65.68 2.98 5.22
N TRP O 280 64.86 1.94 5.36
CA TRP O 280 64.97 1.05 6.52
C TRP O 280 65.53 -0.35 6.20
N TYR O 281 66.08 -0.54 5.01
CA TYR O 281 66.72 -1.83 4.70
C TYR O 281 67.85 -2.08 5.68
N PRO O 282 67.88 -3.27 6.30
CA PRO O 282 68.91 -3.62 7.28
C PRO O 282 70.35 -3.50 6.78
N ASN O 283 70.59 -3.87 5.53
CA ASN O 283 71.89 -3.69 4.89
C ASN O 283 72.00 -2.24 4.42
N PRO O 284 72.82 -1.42 5.10
CA PRO O 284 72.90 0.02 4.87
C PRO O 284 73.09 0.45 3.41
N SER O 285 73.87 -0.30 2.63
CA SER O 285 74.20 0.09 1.26
C SER O 285 73.02 -0.12 0.29
N ALA O 286 71.98 -0.83 0.74
CA ALA O 286 70.79 -1.04 -0.07
C ALA O 286 69.84 0.17 -0.01
N ARG O 287 70.11 1.12 0.90
CA ARG O 287 69.22 2.26 1.12
C ARG O 287 69.36 3.35 0.06
N LEU O 288 68.29 4.11 -0.13
CA LEU O 288 68.32 5.25 -1.04
C LEU O 288 69.28 6.30 -0.54
N THR O 289 69.86 7.06 -1.46
CA THR O 289 70.68 8.21 -1.10
C THR O 289 69.75 9.40 -0.92
N ALA O 290 70.26 10.47 -0.32
CA ALA O 290 69.45 11.68 -0.10
C ALA O 290 69.09 12.32 -1.43
N LEU O 291 70.04 12.31 -2.36
CA LEU O 291 69.81 12.79 -3.73
C LEU O 291 68.63 12.07 -4.40
N ARG O 292 68.62 10.75 -4.32
CA ARG O 292 67.59 9.94 -4.96
C ARG O 292 66.22 10.17 -4.34
N ILE O 293 66.19 10.38 -3.02
CA ILE O 293 64.95 10.70 -2.31
C ILE O 293 64.44 12.07 -2.77
N LYS O 294 65.30 13.08 -2.74
CA LYS O 294 65.00 14.40 -3.29
C LYS O 294 64.33 14.27 -4.66
N LYS O 295 65.02 13.60 -5.58
CA LYS O 295 64.53 13.48 -6.97
C LYS O 295 63.18 12.80 -7.08
N THR O 296 62.99 11.69 -6.37
CA THR O 296 61.72 10.97 -6.37
C THR O 296 60.60 11.90 -5.91
N LEU O 297 60.91 12.74 -4.92
CA LEU O 297 59.96 13.76 -4.48
C LEU O 297 59.71 14.77 -5.62
N GLN O 298 60.74 15.55 -5.99
CA GLN O 298 60.74 16.33 -7.24
C GLN O 298 60.30 15.40 -8.40
N GLN P 3 29.99 -30.64 -40.70
CA GLN P 3 30.10 -31.73 -39.67
C GLN P 3 29.53 -33.05 -40.20
N ARG P 4 28.31 -33.05 -40.75
CA ARG P 4 27.80 -34.25 -41.39
C ARG P 4 28.85 -34.76 -42.40
N THR P 5 29.27 -33.85 -43.29
CA THR P 5 30.31 -34.15 -44.27
C THR P 5 31.67 -34.13 -43.58
N VAL P 6 31.90 -33.10 -42.77
CA VAL P 6 33.23 -32.72 -42.27
C VAL P 6 33.79 -33.63 -41.15
N ALA P 7 32.93 -34.45 -40.54
CA ALA P 7 33.38 -35.49 -39.57
C ALA P 7 33.60 -36.85 -40.25
N ARG P 8 32.91 -37.02 -41.38
CA ARG P 8 33.04 -38.20 -42.25
C ARG P 8 34.36 -38.20 -43.03
N GLN P 9 34.85 -37.01 -43.35
CA GLN P 9 36.07 -36.86 -44.15
C GLN P 9 37.36 -36.90 -43.32
N VAL P 10 37.26 -36.60 -42.03
CA VAL P 10 38.45 -36.59 -41.15
C VAL P 10 39.09 -37.97 -41.09
N ALA P 11 40.40 -38.01 -41.35
CA ALA P 11 41.21 -39.23 -41.19
C ALA P 11 41.98 -39.11 -39.90
N LEU P 12 41.94 -40.18 -39.09
CA LEU P 12 42.65 -40.21 -37.81
C LEU P 12 44.05 -40.75 -38.03
N VAL P 13 45.05 -40.02 -37.53
CA VAL P 13 46.44 -40.37 -37.79
C VAL P 13 47.21 -40.84 -36.55
N GLU P 14 47.11 -40.07 -35.47
CA GLU P 14 47.87 -40.35 -34.25
C GLU P 14 47.07 -40.09 -32.99
N CYS P 15 47.10 -41.05 -32.06
CA CYS P 15 46.49 -40.87 -30.74
C CYS P 15 47.49 -40.16 -29.83
N VAL P 16 47.15 -38.94 -29.42
CA VAL P 16 48.05 -38.10 -28.64
C VAL P 16 47.62 -37.99 -27.17
N GLY P 17 46.53 -38.65 -26.79
CA GLY P 17 46.04 -38.63 -25.42
C GLY P 17 45.01 -39.72 -25.14
N LYS P 18 45.00 -40.21 -23.90
CA LYS P 18 44.05 -41.24 -23.46
C LYS P 18 43.82 -41.12 -21.95
N GLY P 19 42.59 -41.35 -21.52
CA GLY P 19 42.20 -41.20 -20.12
C GLY P 19 40.76 -41.57 -19.84
N ARG P 20 40.27 -41.20 -18.66
CA ARG P 20 38.90 -41.52 -18.24
C ARG P 20 37.87 -40.72 -19.04
N TYR P 21 38.30 -39.57 -19.58
CA TYR P 21 37.47 -38.74 -20.44
C TYR P 21 37.24 -39.36 -21.83
N GLY P 22 38.12 -40.29 -22.23
CA GLY P 22 38.11 -40.87 -23.57
C GLY P 22 39.51 -40.83 -24.20
N GLU P 23 39.59 -40.36 -25.45
CA GLU P 23 40.85 -40.26 -26.17
C GLU P 23 40.85 -39.02 -27.06
N VAL P 24 42.02 -38.43 -27.25
CA VAL P 24 42.17 -37.35 -28.24
C VAL P 24 43.14 -37.82 -29.31
N TRP P 25 42.75 -37.60 -30.57
CA TRP P 25 43.53 -38.01 -31.72
C TRP P 25 43.90 -36.79 -32.56
N ARG P 26 45.06 -36.83 -33.20
CA ARG P 26 45.40 -35.87 -34.26
C ARG P 26 44.82 -36.40 -35.56
N GLY P 27 44.06 -35.55 -36.25
CA GLY P 27 43.39 -35.94 -37.49
C GLY P 27 43.71 -35.01 -38.64
N LEU P 28 43.61 -35.53 -39.86
CA LEU P 28 43.84 -34.76 -41.07
C LEU P 28 42.51 -34.49 -41.76
N TRP P 29 42.23 -33.21 -42.05
CA TRP P 29 41.05 -32.83 -42.82
C TRP P 29 41.46 -31.81 -43.89
N HIS P 30 41.36 -32.22 -45.16
CA HIS P 30 41.75 -31.40 -46.30
C HIS P 30 43.08 -30.70 -46.08
N GLY P 31 44.12 -31.48 -45.78
CA GLY P 31 45.48 -30.96 -45.59
C GLY P 31 45.81 -30.45 -44.19
N GLU P 32 44.85 -29.82 -43.51
CA GLU P 32 45.08 -29.22 -42.19
C GLU P 32 44.93 -30.25 -41.07
N SER P 33 45.49 -29.93 -39.91
CA SER P 33 45.43 -30.79 -38.73
C SER P 33 44.29 -30.37 -37.80
N VAL P 34 43.54 -31.36 -37.32
CA VAL P 34 42.45 -31.15 -36.37
C VAL P 34 42.57 -32.11 -35.20
N ALA P 35 42.01 -31.72 -34.06
CA ALA P 35 41.93 -32.59 -32.89
C ALA P 35 40.56 -33.28 -32.89
N VAL P 36 40.55 -34.60 -32.68
CA VAL P 36 39.30 -35.35 -32.58
C VAL P 36 39.21 -36.03 -31.22
N LYS P 37 38.40 -35.47 -30.34
CA LYS P 37 38.16 -36.07 -29.02
C LYS P 37 37.02 -37.08 -29.07
N ILE P 38 37.36 -38.36 -28.92
CA ILE P 38 36.39 -39.43 -28.87
C ILE P 38 36.08 -39.66 -27.40
N PHE P 39 34.83 -39.43 -27.00
CA PHE P 39 34.45 -39.48 -25.59
C PHE P 39 34.17 -40.92 -25.13
N SER P 40 34.46 -41.19 -23.87
CA SER P 40 34.13 -42.49 -23.28
C SER P 40 32.67 -42.53 -22.89
N SER P 41 32.13 -43.73 -22.74
CA SER P 41 30.74 -43.93 -22.35
C SER P 41 30.41 -43.31 -20.99
N ARG P 42 31.37 -43.33 -20.07
CA ARG P 42 31.20 -42.72 -18.75
C ARG P 42 31.17 -41.17 -18.76
N ASP P 43 31.47 -40.55 -19.91
CA ASP P 43 31.56 -39.10 -19.99
C ASP P 43 30.69 -38.50 -21.12
N GLU P 44 29.67 -39.24 -21.54
CA GLU P 44 28.75 -38.79 -22.59
C GLU P 44 28.12 -37.43 -22.31
N GLN P 45 27.84 -37.14 -21.05
CA GLN P 45 27.17 -35.90 -20.67
C GLN P 45 28.07 -34.68 -20.85
N SER P 46 29.39 -34.88 -20.80
CA SER P 46 30.36 -33.82 -21.10
C SER P 46 30.35 -33.45 -22.59
N TRP P 47 30.24 -34.46 -23.45
CA TRP P 47 30.09 -34.24 -24.88
C TRP P 47 28.83 -33.46 -25.21
N PHE P 48 27.73 -33.78 -24.52
CA PHE P 48 26.44 -33.12 -24.75
C PHE P 48 26.52 -31.65 -24.37
N ARG P 49 27.00 -31.37 -23.17
CA ARG P 49 27.13 -30.01 -22.67
C ARG P 49 28.04 -29.18 -23.55
N GLU P 50 29.16 -29.78 -23.96
CA GLU P 50 30.15 -29.08 -24.76
C GLU P 50 29.58 -28.82 -26.15
N THR P 51 28.81 -29.77 -26.68
CA THR P 51 28.13 -29.62 -27.98
C THR P 51 27.03 -28.55 -27.94
N GLU P 52 26.26 -28.53 -26.85
CA GLU P 52 25.26 -27.50 -26.67
C GLU P 52 25.91 -26.12 -26.68
N ILE P 53 26.89 -25.91 -25.79
CA ILE P 53 27.53 -24.60 -25.61
C ILE P 53 28.19 -24.07 -26.88
N TYR P 54 28.93 -24.93 -27.57
CA TYR P 54 29.64 -24.54 -28.78
C TYR P 54 28.71 -24.20 -29.95
N ASN P 55 27.55 -24.86 -30.00
CA ASN P 55 26.54 -24.59 -31.04
C ASN P 55 25.62 -23.41 -30.70
N THR P 56 25.60 -23.03 -29.42
CA THR P 56 24.58 -22.11 -28.88
C THR P 56 25.12 -20.73 -28.49
N VAL P 57 26.38 -20.69 -28.06
CA VAL P 57 26.99 -19.47 -27.52
C VAL P 57 28.05 -18.95 -28.50
N LEU P 58 27.97 -17.65 -28.81
CA LEU P 58 28.99 -17.03 -29.66
C LEU P 58 30.25 -16.83 -28.82
N LEU P 59 31.18 -17.78 -28.96
CA LEU P 59 32.29 -17.91 -28.01
C LEU P 59 33.69 -17.76 -28.63
N ARG P 60 33.77 -17.73 -29.96
CA ARG P 60 35.06 -17.65 -30.64
C ARG P 60 35.97 -16.59 -30.00
N HIS P 61 37.20 -16.98 -29.73
CA HIS P 61 38.19 -16.10 -29.11
C HIS P 61 39.56 -16.75 -29.23
N ASP P 62 40.58 -15.94 -29.49
CA ASP P 62 41.94 -16.44 -29.64
C ASP P 62 42.39 -17.35 -28.47
N ASN P 63 41.86 -17.07 -27.27
CA ASN P 63 42.25 -17.80 -26.06
C ASN P 63 41.19 -18.79 -25.58
N ILE P 64 40.41 -19.31 -26.53
CA ILE P 64 39.46 -20.39 -26.27
C ILE P 64 39.54 -21.36 -27.44
N LEU P 65 39.57 -22.65 -27.14
CA LEU P 65 39.79 -23.68 -28.18
C LEU P 65 38.72 -23.58 -29.27
N GLY P 66 39.17 -23.51 -30.52
CA GLY P 66 38.29 -23.38 -31.67
C GLY P 66 37.50 -24.65 -31.94
N PHE P 67 36.19 -24.48 -32.14
CA PHE P 67 35.27 -25.57 -32.40
C PHE P 67 35.12 -25.71 -33.91
N ILE P 68 35.11 -26.96 -34.39
CA ILE P 68 34.88 -27.24 -35.80
C ILE P 68 33.57 -28.00 -36.00
N ALA P 69 33.40 -29.10 -35.27
CA ALA P 69 32.24 -29.95 -35.44
C ALA P 69 31.97 -30.86 -34.24
N SER P 70 30.76 -31.40 -34.20
CA SER P 70 30.36 -32.39 -33.21
C SER P 70 29.53 -33.44 -33.90
N ASP P 71 29.82 -34.72 -33.66
CA ASP P 71 29.14 -35.82 -34.38
C ASP P 71 28.96 -37.08 -33.53
N MET P 72 28.27 -38.06 -34.09
CA MET P 72 28.16 -39.38 -33.47
C MET P 72 28.46 -40.49 -34.49
N GLN P 80 29.65 -44.11 -29.81
CA GLN P 80 30.46 -43.08 -30.46
C GLN P 80 29.90 -41.69 -30.21
N LEU P 81 30.74 -40.82 -29.66
CA LEU P 81 30.55 -39.38 -29.70
C LEU P 81 31.87 -38.62 -29.97
N TRP P 82 31.86 -37.77 -30.99
CA TRP P 82 33.07 -37.02 -31.39
C TRP P 82 32.92 -35.53 -31.20
N LEU P 83 34.03 -34.89 -30.81
CA LEU P 83 34.16 -33.44 -30.83
C LEU P 83 35.42 -33.12 -31.62
N ILE P 84 35.28 -32.39 -32.72
CA ILE P 84 36.42 -32.02 -33.56
C ILE P 84 36.73 -30.54 -33.37
N THR P 85 38.00 -30.22 -33.13
CA THR P 85 38.43 -28.85 -32.84
C THR P 85 39.74 -28.54 -33.53
N HIS P 86 40.22 -27.30 -33.39
CA HIS P 86 41.59 -26.98 -33.82
C HIS P 86 42.59 -27.87 -33.08
N TYR P 87 43.71 -28.16 -33.73
CA TYR P 87 44.78 -28.96 -33.14
C TYR P 87 45.96 -28.07 -32.79
N HIS P 88 46.53 -28.29 -31.61
CA HIS P 88 47.71 -27.56 -31.17
C HIS P 88 48.84 -28.53 -30.81
N GLU P 89 49.93 -28.46 -31.58
CA GLU P 89 51.03 -29.43 -31.51
C GLU P 89 51.67 -29.55 -30.13
N HIS P 90 51.86 -28.42 -29.46
CA HIS P 90 52.52 -28.39 -28.15
C HIS P 90 51.73 -29.13 -27.09
N GLY P 91 50.45 -29.40 -27.38
CA GLY P 91 49.58 -30.07 -26.44
C GLY P 91 49.16 -29.14 -25.35
N SER P 92 48.83 -29.71 -24.19
CA SER P 92 48.37 -28.92 -23.06
C SER P 92 49.54 -28.18 -22.36
N LEU P 93 49.17 -27.25 -21.48
CA LEU P 93 50.14 -26.54 -20.64
C LEU P 93 50.88 -27.53 -19.74
N TYR P 94 50.17 -28.56 -19.29
CA TYR P 94 50.76 -29.65 -18.56
C TYR P 94 51.91 -30.26 -19.36
N ASP P 95 51.61 -30.63 -20.61
CA ASP P 95 52.60 -31.23 -21.52
C ASP P 95 53.79 -30.29 -21.78
N PHE P 96 53.48 -29.04 -22.07
CA PHE P 96 54.49 -28.02 -22.40
C PHE P 96 55.43 -27.79 -21.23
N LEU P 97 54.85 -27.60 -20.03
CA LEU P 97 55.62 -27.38 -18.81
C LEU P 97 56.45 -28.60 -18.40
N GLN P 98 56.06 -29.78 -18.88
CA GLN P 98 56.84 -31.00 -18.62
C GLN P 98 58.22 -30.90 -19.26
N ARG P 99 58.24 -30.57 -20.55
CA ARG P 99 59.46 -30.60 -21.36
C ARG P 99 60.22 -29.28 -21.39
N GLN P 100 59.49 -28.17 -21.36
CA GLN P 100 60.09 -26.85 -21.58
C GLN P 100 60.25 -26.07 -20.29
N THR P 101 61.33 -25.29 -20.23
CA THR P 101 61.55 -24.33 -19.15
C THR P 101 61.19 -22.94 -19.69
N LEU P 102 60.81 -22.02 -18.81
CA LEU P 102 60.27 -20.73 -19.25
C LEU P 102 61.15 -19.55 -18.86
N GLU P 103 61.56 -18.75 -19.86
CA GLU P 103 62.09 -17.42 -19.61
C GLU P 103 60.96 -16.60 -18.98
N PRO P 104 61.29 -15.65 -18.08
CA PRO P 104 60.25 -14.83 -17.45
C PRO P 104 59.25 -14.20 -18.44
N HIS P 105 59.74 -13.69 -19.57
CA HIS P 105 58.87 -13.14 -20.63
C HIS P 105 57.82 -14.15 -21.08
N LEU P 106 58.26 -15.40 -21.29
CA LEU P 106 57.36 -16.47 -21.77
C LEU P 106 56.35 -16.85 -20.69
N ALA P 107 56.81 -16.94 -19.44
CA ALA P 107 55.93 -17.22 -18.32
C ALA P 107 54.76 -16.23 -18.25
N LEU P 108 55.06 -14.94 -18.45
CA LEU P 108 54.04 -13.89 -18.44
C LEU P 108 53.11 -13.99 -19.64
N ARG P 109 53.66 -14.37 -20.79
CA ARG P 109 52.88 -14.50 -22.03
C ARG P 109 51.83 -15.59 -21.89
N LEU P 110 52.23 -16.74 -21.34
CA LEU P 110 51.30 -17.83 -21.06
C LEU P 110 50.28 -17.42 -19.99
N ALA P 111 50.75 -16.76 -18.94
CA ALA P 111 49.89 -16.32 -17.83
C ALA P 111 48.86 -15.28 -18.26
N VAL P 112 49.28 -14.30 -19.06
CA VAL P 112 48.36 -13.24 -19.51
C VAL P 112 47.30 -13.77 -20.48
N SER P 113 47.71 -14.66 -21.40
CA SER P 113 46.80 -15.21 -22.41
C SER P 113 45.78 -16.15 -21.80
N ALA P 114 46.21 -16.97 -20.84
CA ALA P 114 45.29 -17.80 -20.06
C ALA P 114 44.27 -16.93 -19.33
N ALA P 115 44.76 -15.84 -18.73
CA ALA P 115 43.89 -14.88 -18.05
C ALA P 115 42.88 -14.23 -19.00
N CYS P 116 43.29 -13.99 -20.24
CA CYS P 116 42.38 -13.43 -21.25
C CYS P 116 41.25 -14.41 -21.55
N GLY P 117 41.60 -15.67 -21.74
CA GLY P 117 40.63 -16.75 -21.92
C GLY P 117 39.60 -16.80 -20.80
N LEU P 118 40.07 -16.86 -19.55
CA LEU P 118 39.16 -16.96 -18.40
C LEU P 118 38.30 -15.70 -18.20
N ALA P 119 38.87 -14.53 -18.42
CA ALA P 119 38.12 -13.27 -18.35
C ALA P 119 37.00 -13.25 -19.38
N HIS P 120 37.30 -13.72 -20.58
CA HIS P 120 36.31 -13.77 -21.65
C HIS P 120 35.14 -14.70 -21.32
N LEU P 121 35.45 -15.85 -20.73
CA LEU P 121 34.43 -16.78 -20.25
C LEU P 121 33.54 -16.15 -19.20
N HIS P 122 34.17 -15.52 -18.21
CA HIS P 122 33.46 -15.00 -17.04
C HIS P 122 32.57 -13.77 -17.35
N VAL P 123 33.03 -12.89 -18.23
CA VAL P 123 32.35 -11.61 -18.46
C VAL P 123 31.21 -11.77 -19.44
N GLU P 124 30.02 -11.33 -19.04
CA GLU P 124 28.87 -11.33 -19.94
C GLU P 124 29.02 -10.18 -20.93
N ILE P 125 28.77 -10.45 -22.21
CA ILE P 125 28.80 -9.43 -23.27
C ILE P 125 27.40 -8.85 -23.48
N THR P 128 22.71 -9.33 -29.65
CA THR P 128 22.63 -10.61 -30.35
C THR P 128 23.96 -11.35 -30.25
N GLN P 129 25.02 -10.71 -30.77
CA GLN P 129 26.35 -11.34 -30.86
C GLN P 129 27.12 -11.37 -29.53
N GLY P 130 26.39 -11.33 -28.42
CA GLY P 130 26.95 -11.41 -27.08
C GLY P 130 26.62 -12.73 -26.41
N LYS P 131 27.58 -13.23 -25.63
CA LYS P 131 27.42 -14.45 -24.86
C LYS P 131 26.99 -14.15 -23.41
N PRO P 132 26.40 -15.14 -22.71
CA PRO P 132 26.21 -15.09 -21.26
C PRO P 132 27.54 -15.27 -20.49
N ALA P 133 27.51 -15.02 -19.19
CA ALA P 133 28.67 -15.28 -18.33
C ALA P 133 28.84 -16.79 -18.18
N ILE P 134 30.07 -17.29 -18.32
CA ILE P 134 30.35 -18.73 -18.28
C ILE P 134 31.44 -19.05 -17.28
N ALA P 135 31.20 -20.03 -16.40
CA ALA P 135 32.22 -20.51 -15.47
C ALA P 135 32.64 -21.92 -15.89
N HIS P 136 33.94 -22.19 -15.83
CA HIS P 136 34.52 -23.43 -16.37
C HIS P 136 34.19 -24.63 -15.48
N ARG P 137 34.55 -24.53 -14.20
CA ARG P 137 34.33 -25.60 -13.20
C ARG P 137 35.32 -26.79 -13.27
N ASP P 138 36.23 -26.80 -14.24
CA ASP P 138 37.33 -27.78 -14.26
C ASP P 138 38.61 -27.16 -14.85
N PHE P 139 38.95 -25.96 -14.36
CA PHE P 139 40.12 -25.25 -14.85
C PHE P 139 41.38 -25.86 -14.24
N LYS P 140 42.26 -26.31 -15.13
CA LYS P 140 43.52 -26.96 -14.75
C LYS P 140 44.50 -26.86 -15.92
N SER P 141 45.76 -27.18 -15.69
CA SER P 141 46.78 -27.06 -16.74
C SER P 141 46.55 -28.04 -17.90
N ARG P 142 45.90 -29.17 -17.62
CA ARG P 142 45.58 -30.15 -18.67
C ARG P 142 44.46 -29.68 -19.60
N ASN P 143 43.65 -28.71 -19.15
CA ASN P 143 42.56 -28.14 -19.96
C ASN P 143 42.91 -26.78 -20.54
N VAL P 144 44.21 -26.48 -20.62
CA VAL P 144 44.71 -25.28 -21.27
C VAL P 144 45.74 -25.74 -22.29
N LEU P 145 45.55 -25.35 -23.56
CA LEU P 145 46.47 -25.74 -24.64
C LEU P 145 47.46 -24.61 -24.90
N VAL P 146 48.62 -24.96 -25.43
CA VAL P 146 49.61 -23.96 -25.84
C VAL P 146 49.73 -23.93 -27.36
N LYS P 147 49.45 -22.76 -27.93
CA LYS P 147 49.44 -22.56 -29.38
C LYS P 147 50.85 -22.35 -29.95
N SER P 148 50.94 -22.35 -31.27
CA SER P 148 52.20 -22.10 -31.99
C SER P 148 52.86 -20.79 -31.55
N ASN P 149 52.06 -19.74 -31.38
CA ASN P 149 52.57 -18.44 -30.94
C ASN P 149 52.75 -18.36 -29.42
N LEU P 150 52.84 -19.53 -28.78
CA LEU P 150 53.10 -19.63 -27.35
C LEU P 150 52.11 -18.80 -26.52
N GLN P 151 50.86 -18.74 -26.99
CA GLN P 151 49.76 -18.20 -26.20
C GLN P 151 48.85 -19.36 -25.84
N CYS P 152 48.17 -19.24 -24.72
CA CYS P 152 47.26 -20.29 -24.26
C CYS P 152 45.87 -20.13 -24.88
N CYS P 153 45.13 -21.23 -24.89
CA CYS P 153 43.68 -21.15 -25.07
C CYS P 153 43.00 -22.24 -24.25
N ILE P 154 41.86 -21.90 -23.65
CA ILE P 154 41.16 -22.79 -22.73
C ILE P 154 40.30 -23.82 -23.49
N ALA P 155 40.28 -25.05 -22.98
CA ALA P 155 39.48 -26.13 -23.56
C ALA P 155 38.58 -26.79 -22.50
N ASP P 156 37.76 -27.74 -22.96
CA ASP P 156 36.91 -28.60 -22.11
C ASP P 156 35.81 -27.85 -21.37
N LEU P 157 34.73 -27.55 -22.08
CA LEU P 157 33.58 -26.85 -21.51
C LEU P 157 32.51 -27.81 -21.00
N GLY P 158 32.89 -29.07 -20.80
CA GLY P 158 31.93 -30.11 -20.44
C GLY P 158 31.16 -29.91 -19.15
N LEU P 159 31.75 -29.15 -18.22
CA LEU P 159 31.14 -28.89 -16.91
C LEU P 159 30.70 -27.45 -16.74
N ALA P 160 30.76 -26.65 -17.81
CA ALA P 160 30.53 -25.22 -17.70
C ALA P 160 29.10 -24.88 -17.24
N VAL P 161 28.96 -23.76 -16.52
CA VAL P 161 27.65 -23.25 -16.06
C VAL P 161 27.44 -21.74 -16.35
N MET P 162 26.22 -21.24 -16.07
CA MET P 162 25.80 -19.82 -16.30
C MET P 162 24.48 -19.32 -15.61
N HIS P 163 24.32 -17.99 -15.48
CA HIS P 163 23.21 -17.30 -14.74
C HIS P 163 23.45 -15.77 -14.87
N SER P 164 22.91 -15.17 -15.93
CA SER P 164 23.36 -13.86 -16.40
C SER P 164 22.29 -12.74 -16.30
N GLN P 165 22.29 -11.80 -17.25
CA GLN P 165 21.45 -10.61 -17.22
C GLN P 165 20.07 -10.85 -17.82
N GLY P 166 20.00 -11.78 -18.77
CA GLY P 166 18.75 -12.06 -19.51
C GLY P 166 17.69 -12.73 -18.66
N SER P 167 17.97 -13.97 -18.22
CA SER P 167 17.00 -14.75 -17.44
C SER P 167 17.52 -15.06 -16.03
N ASP P 168 17.09 -14.28 -15.04
CA ASP P 168 17.64 -14.34 -13.68
C ASP P 168 17.26 -15.62 -12.92
N TYR P 169 17.89 -16.73 -13.33
CA TYR P 169 17.99 -18.00 -12.56
C TYR P 169 18.79 -19.01 -13.37
N LEU P 170 19.68 -19.72 -12.69
CA LEU P 170 20.82 -20.38 -13.33
C LEU P 170 20.48 -21.41 -14.43
N ASP P 171 21.35 -21.48 -15.44
CA ASP P 171 21.50 -22.67 -16.30
C ASP P 171 22.50 -23.62 -15.63
N ILE P 172 21.99 -24.76 -15.16
CA ILE P 172 22.81 -25.90 -14.78
C ILE P 172 22.54 -27.01 -15.79
N GLY P 173 23.30 -28.10 -15.69
CA GLY P 173 23.14 -29.22 -16.59
C GLY P 173 22.48 -30.37 -15.85
N ASN P 174 23.04 -31.55 -16.03
CA ASN P 174 22.62 -32.72 -15.31
C ASN P 174 23.83 -33.64 -15.08
N ASN P 175 25.02 -33.05 -15.19
CA ASN P 175 26.26 -33.79 -15.20
C ASN P 175 26.68 -34.14 -13.78
N PRO P 176 26.87 -35.45 -13.51
CA PRO P 176 27.32 -35.88 -12.19
C PRO P 176 28.78 -35.45 -11.94
N ARG P 177 29.61 -35.53 -12.99
CA ARG P 177 31.07 -35.31 -12.89
C ARG P 177 31.44 -33.89 -12.44
N VAL P 178 32.72 -33.71 -12.09
CA VAL P 178 33.13 -32.57 -11.28
C VAL P 178 34.60 -32.15 -11.50
N GLY P 179 34.90 -30.94 -11.00
CA GLY P 179 36.22 -30.31 -11.12
C GLY P 179 37.33 -31.08 -10.44
N THR P 180 38.27 -31.54 -11.27
CA THR P 180 39.31 -32.51 -10.90
C THR P 180 39.90 -32.38 -9.50
N LYS P 181 39.69 -33.42 -8.69
CA LYS P 181 40.25 -33.58 -7.31
C LYS P 181 41.24 -32.49 -6.84
N ARG P 182 42.44 -32.54 -7.38
CA ARG P 182 43.60 -31.72 -6.98
C ARG P 182 43.35 -30.21 -6.99
N TYR P 183 42.39 -29.76 -7.80
CA TYR P 183 42.18 -28.32 -8.05
C TYR P 183 40.93 -27.75 -7.38
N MET P 184 40.24 -28.58 -6.59
CA MET P 184 39.00 -28.16 -5.92
C MET P 184 39.31 -27.12 -4.85
N ALA P 185 38.53 -26.04 -4.83
CA ALA P 185 38.68 -24.98 -3.82
C ALA P 185 38.23 -25.52 -2.45
N PRO P 186 38.61 -24.81 -1.36
CA PRO P 186 38.18 -25.24 -0.03
C PRO P 186 36.67 -25.40 0.09
N GLU P 187 35.94 -24.41 -0.43
CA GLU P 187 34.48 -24.39 -0.34
C GLU P 187 33.80 -25.53 -1.10
N VAL P 188 34.48 -26.11 -2.09
CA VAL P 188 33.98 -27.29 -2.79
C VAL P 188 34.23 -28.57 -1.99
N LEU P 189 35.41 -28.65 -1.37
CA LEU P 189 35.78 -29.79 -0.54
C LEU P 189 35.03 -29.80 0.80
N ASP P 190 34.70 -28.61 1.30
CA ASP P 190 33.86 -28.45 2.49
C ASP P 190 32.40 -28.77 2.22
N GLU P 191 32.01 -28.68 0.95
CA GLU P 191 30.61 -28.76 0.52
C GLU P 191 29.79 -27.61 1.13
N GLN P 192 30.48 -26.48 1.35
CA GLN P 192 29.88 -25.28 1.90
C GLN P 192 29.56 -24.26 0.81
N ILE P 193 29.84 -24.61 -0.46
CA ILE P 193 29.57 -23.73 -1.59
C ILE P 193 28.07 -23.64 -1.86
N ARG P 194 27.61 -22.44 -2.21
CA ARG P 194 26.20 -22.22 -2.55
C ARG P 194 25.98 -22.55 -4.04
N THR P 195 25.38 -23.70 -4.33
CA THR P 195 25.25 -24.20 -5.71
C THR P 195 24.18 -23.50 -6.58
N ASP P 196 23.43 -22.57 -5.98
CA ASP P 196 22.45 -21.76 -6.72
C ASP P 196 22.92 -20.31 -6.90
N CYS P 197 24.23 -20.08 -6.77
CA CYS P 197 24.81 -18.76 -6.95
C CYS P 197 25.92 -18.86 -8.00
N PHE P 198 25.81 -18.08 -9.07
CA PHE P 198 26.78 -18.13 -10.16
C PHE P 198 28.16 -17.63 -9.76
N GLU P 199 28.20 -16.54 -8.98
CA GLU P 199 29.48 -15.95 -8.53
C GLU P 199 30.39 -16.99 -7.84
N SER P 200 29.79 -17.85 -7.01
CA SER P 200 30.51 -18.95 -6.38
C SER P 200 31.36 -19.77 -7.35
N TYR P 201 30.76 -20.19 -8.48
CA TYR P 201 31.47 -21.03 -9.45
C TYR P 201 32.64 -20.30 -10.10
N LYS P 202 32.47 -18.99 -10.32
CA LYS P 202 33.57 -18.14 -10.81
C LYS P 202 34.75 -18.13 -9.84
N TRP P 203 34.43 -18.07 -8.55
CA TRP P 203 35.47 -18.02 -7.51
C TRP P 203 36.26 -19.33 -7.40
N THR P 204 35.65 -20.45 -7.82
CA THR P 204 36.36 -21.74 -7.85
C THR P 204 37.27 -21.85 -9.07
N ASP P 205 36.86 -21.21 -10.18
CA ASP P 205 37.72 -21.07 -11.35
C ASP P 205 38.99 -20.32 -10.97
N ILE P 206 38.82 -19.25 -10.19
CA ILE P 206 39.95 -18.39 -9.78
C ILE P 206 40.96 -19.17 -8.92
N TRP P 207 40.48 -19.83 -7.88
CA TRP P 207 41.32 -20.72 -7.06
C TRP P 207 42.21 -21.57 -7.96
N ALA P 208 41.56 -22.37 -8.81
CA ALA P 208 42.25 -23.25 -9.76
C ALA P 208 43.24 -22.48 -10.63
N PHE P 209 42.90 -21.25 -11.00
CA PHE P 209 43.78 -20.43 -11.84
C PHE P 209 45.08 -20.14 -11.09
N GLY P 210 44.96 -19.76 -9.82
CA GLY P 210 46.11 -19.55 -8.95
C GLY P 210 47.02 -20.75 -8.95
N LEU P 211 46.44 -21.94 -8.88
CA LEU P 211 47.22 -23.19 -8.90
C LEU P 211 47.95 -23.36 -10.24
N VAL P 212 47.33 -22.95 -11.32
CA VAL P 212 47.98 -23.02 -12.64
C VAL P 212 49.13 -22.01 -12.76
N LEU P 213 48.99 -20.83 -12.14
CA LEU P 213 50.08 -19.85 -12.11
C LEU P 213 51.29 -20.45 -11.41
N TRP P 214 51.06 -21.04 -10.24
CA TRP P 214 52.11 -21.76 -9.50
C TRP P 214 52.88 -22.73 -10.40
N GLU P 215 52.16 -23.55 -11.15
CA GLU P 215 52.77 -24.50 -12.10
C GLU P 215 53.67 -23.81 -13.12
N ILE P 216 53.22 -22.67 -13.63
CA ILE P 216 54.00 -21.85 -14.57
C ILE P 216 55.23 -21.28 -13.85
N ALA P 217 54.99 -20.71 -12.67
CA ALA P 217 56.04 -20.07 -11.87
C ALA P 217 57.16 -21.03 -11.53
N ARG P 218 56.81 -22.22 -11.05
CA ARG P 218 57.78 -23.25 -10.68
C ARG P 218 58.74 -23.56 -11.83
N ARG P 219 58.22 -23.47 -13.04
CA ARG P 219 58.96 -23.87 -14.24
C ARG P 219 59.67 -22.69 -14.91
N THR P 220 59.71 -21.53 -14.25
CA THR P 220 60.31 -20.34 -14.83
C THR P 220 61.77 -20.18 -14.39
N ILE P 221 62.59 -19.72 -15.33
CA ILE P 221 64.03 -19.55 -15.11
C ILE P 221 64.33 -18.19 -14.46
N VAL P 222 64.80 -18.22 -13.21
CA VAL P 222 65.40 -17.02 -12.59
C VAL P 222 66.80 -17.36 -12.10
N ASN P 223 67.75 -16.46 -12.34
CA ASN P 223 69.16 -16.78 -12.18
C ASN P 223 69.32 -18.18 -12.75
N GLY P 224 68.70 -18.38 -13.92
CA GLY P 224 68.75 -19.66 -14.62
C GLY P 224 68.05 -20.85 -14.00
N ILE P 225 68.26 -21.05 -12.71
CA ILE P 225 67.98 -22.31 -12.01
C ILE P 225 66.49 -22.57 -11.82
N VAL P 226 65.97 -23.57 -12.53
CA VAL P 226 64.52 -23.87 -12.54
C VAL P 226 64.17 -25.31 -12.12
N GLU P 227 63.17 -25.42 -11.24
CA GLU P 227 62.74 -26.71 -10.67
C GLU P 227 62.12 -27.59 -11.75
N ASP P 228 62.21 -28.91 -11.56
CA ASP P 228 61.53 -29.86 -12.44
C ASP P 228 60.04 -29.73 -12.20
N TYR P 229 59.24 -30.09 -13.21
CA TYR P 229 57.79 -29.96 -13.08
C TYR P 229 57.23 -30.82 -11.95
N ARG P 230 56.34 -30.23 -11.16
CA ARG P 230 55.52 -30.97 -10.21
C ARG P 230 54.12 -30.38 -10.22
N PRO P 231 53.10 -31.22 -9.99
CA PRO P 231 51.73 -30.70 -9.90
C PRO P 231 51.50 -29.98 -8.58
N PRO P 232 50.44 -29.15 -8.48
CA PRO P 232 50.11 -28.54 -7.20
C PRO P 232 49.86 -29.59 -6.10
N PHE P 233 50.32 -29.30 -4.89
CA PHE P 233 50.22 -30.21 -3.74
C PHE P 233 51.00 -31.55 -3.91
N TYR P 234 51.98 -31.56 -4.81
CA TYR P 234 52.83 -32.74 -5.03
C TYR P 234 53.45 -33.28 -3.75
N ASP P 235 53.68 -32.40 -2.78
CA ASP P 235 54.40 -32.74 -1.54
C ASP P 235 53.51 -33.16 -0.37
N VAL P 236 52.20 -33.01 -0.51
CA VAL P 236 51.28 -33.32 0.59
C VAL P 236 50.22 -34.36 0.23
N VAL P 237 50.09 -34.72 -1.04
CA VAL P 237 49.10 -35.72 -1.46
C VAL P 237 49.66 -36.69 -2.50
N PRO P 238 49.12 -37.93 -2.56
CA PRO P 238 49.53 -38.93 -3.55
C PRO P 238 49.03 -38.62 -4.96
N ASN P 239 49.11 -39.59 -5.87
CA ASN P 239 48.68 -39.43 -7.27
C ASN P 239 47.22 -38.92 -7.39
N ASP P 240 46.41 -39.55 -8.25
CA ASP P 240 44.96 -39.35 -8.21
C ASP P 240 44.45 -39.94 -6.90
N PRO P 241 43.63 -39.17 -6.15
CA PRO P 241 43.02 -39.76 -4.98
C PRO P 241 41.52 -39.51 -4.81
N SER P 242 40.97 -40.14 -3.78
CA SER P 242 39.65 -39.82 -3.24
C SER P 242 39.70 -38.45 -2.58
N PHE P 243 38.67 -37.64 -2.80
CA PHE P 243 38.65 -36.25 -2.32
C PHE P 243 38.65 -36.07 -0.79
N GLU P 244 38.92 -37.15 -0.04
CA GLU P 244 39.27 -37.06 1.39
C GLU P 244 40.70 -36.59 1.59
N ASP P 245 41.62 -37.03 0.73
CA ASP P 245 43.01 -36.57 0.77
C ASP P 245 43.08 -35.05 0.63
N MET P 246 42.32 -34.50 -0.31
CA MET P 246 42.30 -33.06 -0.56
C MET P 246 41.57 -32.27 0.54
N LYS P 247 40.44 -32.82 0.99
CA LYS P 247 39.69 -32.25 2.12
C LYS P 247 40.61 -32.01 3.32
N LYS P 248 41.43 -33.01 3.65
CA LYS P 248 42.37 -32.92 4.79
C LYS P 248 43.43 -31.84 4.58
N VAL P 249 44.05 -31.85 3.40
CA VAL P 249 45.11 -30.90 3.06
C VAL P 249 44.61 -29.46 2.90
N VAL P 250 43.54 -29.27 2.15
CA VAL P 250 43.08 -27.93 1.80
C VAL P 250 42.18 -27.31 2.89
N CYS P 251 41.36 -28.13 3.54
CA CYS P 251 40.40 -27.62 4.53
C CYS P 251 40.89 -27.76 5.96
N VAL P 252 41.25 -28.98 6.37
CA VAL P 252 41.70 -29.24 7.74
C VAL P 252 43.06 -28.58 7.99
N ASP P 253 44.05 -28.89 7.15
CA ASP P 253 45.40 -28.36 7.33
C ASP P 253 45.57 -26.94 6.78
N GLN P 254 44.56 -26.44 6.07
CA GLN P 254 44.56 -25.08 5.51
C GLN P 254 45.81 -24.80 4.65
N GLN P 255 46.24 -25.80 3.90
CA GLN P 255 47.44 -25.73 3.08
C GLN P 255 47.21 -25.10 1.70
N THR P 256 48.19 -24.35 1.22
CA THR P 256 48.21 -23.83 -0.14
C THR P 256 49.56 -24.08 -0.75
N PRO P 257 49.59 -24.13 -2.12
CA PRO P 257 50.87 -24.45 -2.74
C PRO P 257 51.89 -23.39 -2.30
N THR P 258 52.92 -23.80 -1.56
CA THR P 258 53.84 -22.82 -1.02
C THR P 258 54.50 -22.09 -2.19
N ILE P 259 54.39 -20.76 -2.16
CA ILE P 259 54.97 -19.89 -3.17
C ILE P 259 56.49 -19.92 -2.92
N PRO P 260 57.33 -19.93 -3.98
CA PRO P 260 58.76 -20.06 -3.69
C PRO P 260 59.44 -18.68 -3.56
N ASN P 261 59.75 -18.26 -2.32
CA ASN P 261 60.35 -16.92 -2.05
C ASN P 261 61.23 -16.39 -3.20
N ARG P 262 62.07 -17.26 -3.79
CA ARG P 262 62.77 -16.99 -5.07
C ARG P 262 61.95 -16.22 -6.13
N LEU P 263 60.63 -16.15 -5.94
CA LEU P 263 59.74 -15.38 -6.82
C LEU P 263 59.24 -14.11 -6.13
N ALA P 264 60.02 -13.65 -5.14
CA ALA P 264 60.03 -12.24 -4.74
C ALA P 264 61.26 -11.56 -5.38
N ALA P 265 62.23 -12.38 -5.83
CA ALA P 265 63.29 -11.95 -6.75
C ALA P 265 62.82 -11.94 -8.22
N ASP P 266 62.41 -10.75 -8.65
CA ASP P 266 62.24 -10.43 -10.07
C ASP P 266 61.39 -9.16 -10.16
N PRO P 267 61.42 -8.49 -11.32
CA PRO P 267 60.50 -7.37 -11.56
C PRO P 267 59.29 -7.76 -12.43
N VAL P 268 58.86 -9.02 -12.37
CA VAL P 268 57.81 -9.56 -13.24
C VAL P 268 57.01 -10.69 -12.60
N LEU P 269 57.67 -11.82 -12.35
CA LEU P 269 57.03 -12.96 -11.68
C LEU P 269 56.67 -12.70 -10.21
N SER P 270 57.33 -11.71 -9.62
CA SER P 270 56.95 -11.21 -8.29
C SER P 270 55.47 -10.82 -8.30
N GLY P 271 55.00 -10.30 -9.43
CA GLY P 271 53.59 -9.92 -9.62
C GLY P 271 52.63 -11.10 -9.74
N LEU P 272 53.11 -12.17 -10.37
CA LEU P 272 52.38 -13.44 -10.40
C LEU P 272 52.25 -14.06 -9.01
N ALA P 273 53.31 -13.99 -8.21
CA ALA P 273 53.30 -14.52 -6.84
C ALA P 273 52.21 -13.85 -6.00
N GLN P 274 52.13 -12.52 -6.11
CA GLN P 274 51.16 -11.74 -5.35
C GLN P 274 49.74 -12.04 -5.81
N MET P 275 49.56 -12.21 -7.12
CA MET P 275 48.25 -12.56 -7.69
C MET P 275 47.83 -13.96 -7.24
N MET P 276 48.80 -14.88 -7.17
CA MET P 276 48.55 -16.24 -6.65
C MET P 276 47.97 -16.17 -5.24
N ARG P 277 48.62 -15.41 -4.37
CA ARG P 277 48.15 -15.21 -3.00
C ARG P 277 46.69 -14.75 -2.96
N GLU P 278 46.30 -13.92 -3.92
CA GLU P 278 44.96 -13.34 -3.95
C GLU P 278 43.93 -14.19 -4.70
N CYS P 279 44.40 -15.30 -5.27
CA CYS P 279 43.51 -16.35 -5.79
C CYS P 279 43.18 -17.37 -4.70
N TRP P 280 43.96 -17.41 -3.63
CA TRP P 280 43.86 -18.48 -2.63
C TRP P 280 43.28 -18.04 -1.29
N TYR P 281 42.70 -16.85 -1.23
CA TYR P 281 42.03 -16.41 -0.01
C TYR P 281 40.90 -17.40 0.33
N PRO P 282 40.85 -17.90 1.57
CA PRO P 282 39.81 -18.85 2.00
C PRO P 282 38.37 -18.37 1.81
N ASN P 283 38.12 -17.08 2.07
CA ASN P 283 36.82 -16.46 1.79
C ASN P 283 36.74 -16.12 0.31
N PRO P 284 35.93 -16.87 -0.47
CA PRO P 284 35.88 -16.79 -1.93
C PRO P 284 35.69 -15.38 -2.53
N SER P 285 34.92 -14.54 -1.84
CA SER P 285 34.59 -13.21 -2.36
C SER P 285 35.75 -12.21 -2.21
N ALA P 286 36.77 -12.59 -1.45
CA ALA P 286 37.97 -11.77 -1.30
C ALA P 286 38.94 -11.93 -2.48
N ARG P 287 38.69 -12.93 -3.33
CA ARG P 287 39.59 -13.25 -4.42
C ARG P 287 39.47 -12.28 -5.58
N LEU P 288 40.55 -12.16 -6.36
CA LEU P 288 40.55 -11.36 -7.57
C LEU P 288 39.61 -11.99 -8.59
N THR P 289 39.04 -11.14 -9.45
CA THR P 289 38.26 -11.60 -10.59
C THR P 289 39.22 -11.90 -11.73
N ALA P 290 38.75 -12.62 -12.75
CA ALA P 290 39.58 -12.92 -13.93
C ALA P 290 39.96 -11.65 -14.68
N LEU P 291 39.03 -10.70 -14.76
CA LEU P 291 39.26 -9.40 -15.39
C LEU P 291 40.39 -8.64 -14.71
N ARG P 292 40.36 -8.61 -13.37
CA ARG P 292 41.38 -7.92 -12.59
C ARG P 292 42.75 -8.56 -12.75
N ILE P 293 42.78 -9.89 -12.83
CA ILE P 293 44.03 -10.63 -13.07
C ILE P 293 44.58 -10.29 -14.45
N LYS P 294 43.75 -10.44 -15.48
CA LYS P 294 44.08 -10.00 -16.83
C LYS P 294 44.73 -8.61 -16.83
N LYS P 295 44.04 -7.64 -16.25
CA LYS P 295 44.51 -6.24 -16.25
C LYS P 295 45.88 -6.07 -15.57
N THR P 296 46.03 -6.67 -14.40
CA THR P 296 47.30 -6.59 -13.66
C THR P 296 48.47 -7.08 -14.52
N LEU P 297 48.31 -8.18 -15.26
CA LEU P 297 49.34 -8.57 -16.23
C LEU P 297 49.25 -7.79 -17.55
N GLN P 298 48.08 -7.17 -17.80
CA GLN P 298 47.87 -6.32 -18.99
C GLN P 298 48.89 -5.18 -19.13
N LYS P 299 49.22 -4.54 -18.01
CA LYS P 299 50.11 -3.38 -18.01
C LYS P 299 51.60 -3.73 -17.90
N ILE P 300 51.92 -4.79 -17.15
CA ILE P 300 53.32 -5.07 -16.76
C ILE P 300 54.21 -5.48 -17.94
N SER P 301 53.70 -6.37 -18.80
CA SER P 301 54.45 -6.81 -19.98
C SER P 301 54.40 -5.78 -21.11
N MET Q 2 65.49 11.11 55.57
CA MET Q 2 65.92 11.64 54.23
C MET Q 2 64.91 11.27 53.13
N GLN Q 3 64.94 12.01 52.01
CA GLN Q 3 64.07 11.71 50.85
C GLN Q 3 64.75 10.89 49.74
N ARG Q 4 66.09 10.88 49.70
CA ARG Q 4 66.83 10.20 48.62
C ARG Q 4 66.66 8.65 48.55
N THR Q 5 66.09 8.02 49.58
CA THR Q 5 65.99 6.55 49.63
C THR Q 5 64.65 6.07 49.04
N VAL Q 6 63.65 6.95 49.14
CA VAL Q 6 62.32 6.68 48.67
C VAL Q 6 62.26 6.90 47.16
N ALA Q 7 63.00 7.88 46.69
CA ALA Q 7 63.26 8.08 45.27
C ALA Q 7 64.01 6.89 44.75
N ARG Q 8 64.68 6.17 45.66
CA ARG Q 8 65.46 5.01 45.24
C ARG Q 8 64.62 3.72 45.20
N GLN Q 9 63.76 3.52 46.20
CA GLN Q 9 62.97 2.28 46.28
C GLN Q 9 61.71 2.29 45.40
N VAL Q 10 61.20 3.47 45.07
CA VAL Q 10 59.96 3.55 44.29
C VAL Q 10 60.13 2.90 42.93
N ALA Q 11 59.19 2.03 42.58
CA ALA Q 11 59.12 1.41 41.28
C ALA Q 11 58.01 2.07 40.49
N LEU Q 12 58.31 2.46 39.25
CA LEU Q 12 57.36 3.14 38.38
C LEU Q 12 56.60 2.09 37.59
N VAL Q 13 55.26 2.18 37.60
CA VAL Q 13 54.41 1.16 37.00
C VAL Q 13 53.62 1.67 35.77
N GLU Q 14 52.95 2.79 35.93
CA GLU Q 14 52.11 3.31 34.86
C GLU Q 14 52.19 4.82 34.75
N CYS Q 15 52.29 5.31 33.52
CA CYS Q 15 52.25 6.74 33.24
C CYS Q 15 50.82 7.16 33.07
N VAL Q 16 50.33 8.00 33.97
CA VAL Q 16 48.93 8.41 33.99
C VAL Q 16 48.71 9.85 33.52
N GLY Q 17 49.80 10.54 33.18
CA GLY Q 17 49.71 11.93 32.70
C GLY Q 17 51.00 12.39 32.03
N LYS Q 18 50.85 13.29 31.05
CA LYS Q 18 51.98 13.84 30.28
C LYS Q 18 51.60 15.22 29.75
N GLY Q 19 52.57 16.14 29.73
CA GLY Q 19 52.29 17.51 29.31
C GLY Q 19 53.54 18.39 29.35
N ARG Q 20 53.34 19.70 29.24
CA ARG Q 20 54.46 20.65 29.26
C ARG Q 20 55.14 20.73 30.63
N TYR Q 21 54.38 20.39 31.67
CA TYR Q 21 54.90 20.34 33.04
C TYR Q 21 55.84 19.16 33.28
N GLY Q 22 55.76 18.15 32.43
CA GLY Q 22 56.52 16.90 32.59
C GLY Q 22 55.60 15.69 32.47
N GLU Q 23 55.71 14.75 33.41
CA GLU Q 23 54.89 13.54 33.42
C GLU Q 23 54.55 13.17 34.83
N VAL Q 24 53.38 12.56 35.04
CA VAL Q 24 53.05 11.94 36.32
C VAL Q 24 52.90 10.44 36.16
N TRP Q 25 53.49 9.69 37.07
CA TRP Q 25 53.48 8.24 37.01
C TRP Q 25 52.89 7.68 38.29
N ARG Q 26 52.20 6.54 38.17
CA ARG Q 26 51.79 5.77 39.34
C ARG Q 26 52.96 4.90 39.72
N GLY Q 27 53.35 4.94 40.99
CA GLY Q 27 54.50 4.16 41.48
C GLY Q 27 54.12 3.32 42.68
N LEU Q 28 54.87 2.22 42.86
CA LEU Q 28 54.69 1.33 44.01
C LEU Q 28 55.86 1.50 45.00
N TRP Q 29 55.53 1.75 46.27
CA TRP Q 29 56.51 1.84 47.33
C TRP Q 29 56.04 1.06 48.55
N HIS Q 30 56.77 -0.01 48.87
CA HIS Q 30 56.41 -0.92 49.95
C HIS Q 30 54.92 -1.20 49.94
N GLY Q 31 54.41 -1.74 48.83
CA GLY Q 31 53.00 -2.14 48.73
C GLY Q 31 51.98 -1.05 48.40
N GLU Q 32 52.21 0.16 48.89
CA GLU Q 32 51.27 1.26 48.66
C GLU Q 32 51.56 1.98 47.36
N SER Q 33 50.55 2.72 46.88
CA SER Q 33 50.64 3.49 45.64
C SER Q 33 51.04 4.95 45.91
N VAL Q 34 51.97 5.45 45.10
CA VAL Q 34 52.39 6.86 45.18
C VAL Q 34 52.37 7.48 43.79
N ALA Q 35 52.26 8.81 43.75
CA ALA Q 35 52.39 9.57 42.49
C ALA Q 35 53.82 10.08 42.40
N VAL Q 36 54.45 9.90 41.26
CA VAL Q 36 55.78 10.42 40.98
C VAL Q 36 55.74 11.40 39.80
N LYS Q 37 55.81 12.69 40.09
CA LYS Q 37 55.84 13.73 39.04
C LYS Q 37 57.30 14.01 38.64
N ILE Q 38 57.63 13.64 37.41
CA ILE Q 38 58.93 13.89 36.84
C ILE Q 38 58.79 15.19 36.05
N PHE Q 39 59.56 16.20 36.45
CA PHE Q 39 59.39 17.54 35.86
C PHE Q 39 60.15 17.64 34.56
N SER Q 40 59.65 18.47 33.66
CA SER Q 40 60.37 18.77 32.43
C SER Q 40 61.42 19.85 32.67
N SER Q 41 62.41 19.91 31.79
CA SER Q 41 63.50 20.90 31.90
C SER Q 41 62.99 22.34 31.88
N ARG Q 42 61.93 22.57 31.11
CA ARG Q 42 61.29 23.90 31.04
C ARG Q 42 60.51 24.30 32.32
N ASP Q 43 60.37 23.38 33.27
CA ASP Q 43 59.60 23.65 34.47
C ASP Q 43 60.36 23.34 35.77
N GLU Q 44 61.69 23.35 35.70
CA GLU Q 44 62.53 23.09 36.87
C GLU Q 44 62.21 24.00 38.05
N GLN Q 45 61.87 25.25 37.75
CA GLN Q 45 61.65 26.23 38.81
C GLN Q 45 60.40 25.96 39.62
N SER Q 46 59.43 25.27 39.02
CA SER Q 46 58.22 24.80 39.71
C SER Q 46 58.57 23.73 40.72
N TRP Q 47 59.46 22.81 40.34
CA TRP Q 47 59.93 21.76 41.25
C TRP Q 47 60.61 22.35 42.46
N PHE Q 48 61.41 23.40 42.23
CA PHE Q 48 62.18 24.04 43.28
C PHE Q 48 61.26 24.70 44.28
N ARG Q 49 60.32 25.48 43.77
CA ARG Q 49 59.32 26.18 44.59
C ARG Q 49 58.49 25.20 45.41
N GLU Q 50 58.09 24.13 44.75
CA GLU Q 50 57.22 23.16 45.38
C GLU Q 50 58.01 22.38 46.42
N THR Q 51 59.26 22.10 46.13
CA THR Q 51 60.12 21.46 47.11
C THR Q 51 60.38 22.35 48.32
N GLU Q 52 60.63 23.64 48.08
CA GLU Q 52 60.88 24.59 49.17
C GLU Q 52 59.68 24.64 50.10
N ILE Q 53 58.50 24.87 49.52
CA ILE Q 53 57.26 25.05 50.27
C ILE Q 53 56.88 23.83 51.08
N TYR Q 54 57.00 22.66 50.47
CA TYR Q 54 56.66 21.40 51.14
C TYR Q 54 57.64 21.05 52.26
N ASN Q 55 58.90 21.43 52.13
CA ASN Q 55 59.91 21.18 53.18
C ASN Q 55 59.94 22.25 54.26
N THR Q 56 59.28 23.38 54.02
CA THR Q 56 59.42 24.60 54.83
C THR Q 56 58.17 25.03 55.57
N VAL Q 57 57.00 24.70 55.01
CA VAL Q 57 55.71 25.16 55.54
C VAL Q 57 54.91 23.96 56.06
N LEU Q 58 54.43 24.06 57.31
CA LEU Q 58 53.60 23.03 57.91
C LEU Q 58 52.23 23.13 57.28
N LEU Q 59 52.02 22.30 56.25
CA LEU Q 59 50.89 22.46 55.33
C LEU Q 59 49.91 21.27 55.32
N ARG Q 60 50.30 20.16 55.91
CA ARG Q 60 49.47 18.93 55.85
C ARG Q 60 47.99 19.27 56.15
N HIS Q 61 47.12 18.73 55.32
CA HIS Q 61 45.68 18.96 55.42
C HIS Q 61 44.98 17.99 54.49
N ASP Q 62 43.86 17.45 54.96
CA ASP Q 62 43.08 16.49 54.17
C ASP Q 62 42.76 16.98 52.74
N ASN Q 63 42.62 18.30 52.56
CA ASN Q 63 42.29 18.90 51.26
C ASN Q 63 43.49 19.55 50.53
N ILE Q 64 44.68 19.07 50.84
CA ILE Q 64 45.91 19.48 50.15
C ILE Q 64 46.74 18.23 49.89
N LEU Q 65 47.29 18.11 48.70
CA LEU Q 65 47.96 16.87 48.29
C LEU Q 65 49.13 16.57 49.21
N GLY Q 66 49.15 15.35 49.74
CA GLY Q 66 50.16 14.92 50.66
C GLY Q 66 51.53 14.75 50.02
N PHE Q 67 52.54 15.30 50.68
CA PHE Q 67 53.91 15.25 50.21
C PHE Q 67 54.63 14.07 50.85
N ILE Q 68 55.41 13.34 50.06
CA ILE Q 68 56.23 12.24 50.58
C ILE Q 68 57.73 12.54 50.45
N ALA Q 69 58.16 12.93 49.26
CA ALA Q 69 59.58 13.18 49.02
C ALA Q 69 59.83 14.05 47.80
N SER Q 70 61.06 14.57 47.73
CA SER Q 70 61.55 15.31 46.58
C SER Q 70 62.97 14.86 46.34
N ASP Q 71 63.31 14.57 45.09
CA ASP Q 71 64.65 14.06 44.77
C ASP Q 71 65.17 14.59 43.44
N MET Q 72 66.49 14.52 43.30
CA MET Q 72 67.19 14.94 42.13
C MET Q 72 68.12 13.80 41.74
N THR Q 73 67.94 13.29 40.52
CA THR Q 73 68.87 12.35 39.94
C THR Q 73 70.07 13.09 39.34
N GLN Q 80 67.00 14.32 35.82
CA GLN Q 80 65.61 14.67 36.14
C GLN Q 80 65.33 14.92 37.63
N LEU Q 81 64.30 15.73 37.86
CA LEU Q 81 63.81 16.20 39.17
C LEU Q 81 62.47 15.53 39.50
N TRP Q 82 62.37 14.93 40.69
CA TRP Q 82 61.16 14.18 41.07
C TRP Q 82 60.44 14.83 42.23
N LEU Q 83 59.12 14.70 42.22
CA LEU Q 83 58.30 15.02 43.38
C LEU Q 83 57.39 13.82 43.62
N ILE Q 84 57.51 13.19 44.79
CA ILE Q 84 56.71 12.01 45.10
C ILE Q 84 55.61 12.39 46.13
N THR Q 85 54.37 12.02 45.83
CA THR Q 85 53.22 12.39 46.66
C THR Q 85 52.20 11.24 46.81
N HIS Q 86 51.18 11.45 47.62
CA HIS Q 86 50.10 10.47 47.66
C HIS Q 86 49.53 10.32 46.24
N TYR Q 87 49.00 9.12 45.97
CA TYR Q 87 48.37 8.84 44.67
C TYR Q 87 46.88 8.78 44.85
N HIS Q 88 46.13 9.39 43.93
CA HIS Q 88 44.68 9.33 43.91
C HIS Q 88 44.14 8.79 42.58
N GLU Q 89 43.52 7.61 42.65
CA GLU Q 89 43.10 6.83 41.47
C GLU Q 89 42.19 7.60 40.51
N HIS Q 90 41.24 8.34 41.08
CA HIS Q 90 40.27 9.08 40.26
C HIS Q 90 40.93 10.15 39.39
N GLY Q 91 42.18 10.48 39.72
CA GLY Q 91 42.92 11.52 39.00
C GLY Q 91 42.41 12.87 39.43
N SER Q 92 42.54 13.84 38.53
CA SER Q 92 42.10 15.22 38.76
C SER Q 92 40.60 15.36 38.64
N LEU Q 93 40.12 16.51 39.11
CA LEU Q 93 38.72 16.88 38.96
C LEU Q 93 38.34 16.97 37.49
N TYR Q 94 39.26 17.43 36.66
CA TYR Q 94 39.09 17.43 35.22
C TYR Q 94 38.75 16.03 34.74
N ASP Q 95 39.59 15.07 35.12
CA ASP Q 95 39.44 13.68 34.74
C ASP Q 95 38.11 13.10 35.24
N PHE Q 96 37.77 13.37 36.49
CA PHE Q 96 36.59 12.83 37.15
C PHE Q 96 35.36 13.37 36.47
N LEU Q 97 35.34 14.69 36.26
CA LEU Q 97 34.20 15.35 35.60
C LEU Q 97 34.02 14.90 34.15
N GLN Q 98 35.08 14.39 33.54
CA GLN Q 98 35.01 13.90 32.18
C GLN Q 98 34.08 12.70 32.11
N ARG Q 99 34.34 11.73 32.99
CA ARG Q 99 33.66 10.42 32.96
C ARG Q 99 32.40 10.34 33.80
N GLN Q 100 32.34 11.07 34.90
CA GLN Q 100 31.27 10.92 35.88
C GLN Q 100 30.31 12.09 35.86
N THR Q 101 29.05 11.79 36.14
CA THR Q 101 28.01 12.81 36.34
C THR Q 101 27.74 12.90 37.84
N LEU Q 102 27.29 14.06 38.29
CA LEU Q 102 27.22 14.34 39.73
C LEU Q 102 25.80 14.53 40.22
N GLU Q 103 25.40 13.73 41.22
CA GLU Q 103 24.20 14.01 42.00
C GLU Q 103 24.48 15.31 42.77
N PRO Q 104 23.45 16.15 42.98
CA PRO Q 104 23.64 17.41 43.71
C PRO Q 104 24.43 17.31 45.02
N HIS Q 105 24.17 16.28 45.82
CA HIS Q 105 24.91 16.00 47.04
C HIS Q 105 26.41 15.90 46.78
N LEU Q 106 26.78 15.16 45.72
CA LEU Q 106 28.19 14.95 45.40
C LEU Q 106 28.83 16.24 44.88
N ALA Q 107 28.09 16.99 44.06
CA ALA Q 107 28.56 18.28 43.58
C ALA Q 107 28.94 19.21 44.75
N LEU Q 108 28.12 19.22 45.80
CA LEU Q 108 28.39 20.04 46.99
C LEU Q 108 29.60 19.52 47.75
N ARG Q 109 29.74 18.20 47.80
CA ARG Q 109 30.83 17.60 48.54
C ARG Q 109 32.17 17.97 47.94
N LEU Q 110 32.28 17.88 46.63
CA LEU Q 110 33.47 18.30 45.91
C LEU Q 110 33.71 19.80 46.08
N ALA Q 111 32.64 20.58 45.96
CA ALA Q 111 32.74 22.04 46.06
C ALA Q 111 33.20 22.46 47.47
N VAL Q 112 32.62 21.86 48.50
CA VAL Q 112 32.94 22.27 49.86
C VAL Q 112 34.37 21.90 50.21
N SER Q 113 34.81 20.71 49.80
CA SER Q 113 36.13 20.20 50.14
C SER Q 113 37.21 20.98 49.41
N ALA Q 114 36.97 21.33 48.15
CA ALA Q 114 37.88 22.21 47.41
C ALA Q 114 37.99 23.55 48.10
N ALA Q 115 36.86 24.09 48.54
CA ALA Q 115 36.82 25.34 49.28
C ALA Q 115 37.59 25.27 50.60
N CYS Q 116 37.55 24.11 51.27
CA CYS Q 116 38.33 23.90 52.50
C CYS Q 116 39.81 24.02 52.20
N GLY Q 117 40.26 23.33 51.15
CA GLY Q 117 41.63 23.40 50.67
C GLY Q 117 42.10 24.82 50.43
N LEU Q 118 41.37 25.58 49.62
CA LEU Q 118 41.74 26.95 49.31
C LEU Q 118 41.72 27.88 50.53
N ALA Q 119 40.74 27.72 51.40
CA ALA Q 119 40.67 28.52 52.64
C ALA Q 119 41.87 28.27 53.52
N HIS Q 120 42.29 27.00 53.58
CA HIS Q 120 43.44 26.62 54.38
C HIS Q 120 44.72 27.27 53.84
N LEU Q 121 44.88 27.26 52.52
CA LEU Q 121 46.00 27.92 51.88
C LEU Q 121 46.02 29.40 52.22
N HIS Q 122 44.86 30.04 52.06
CA HIS Q 122 44.79 31.50 52.15
C HIS Q 122 44.97 32.05 53.57
N VAL Q 123 44.47 31.33 54.56
CA VAL Q 123 44.42 31.86 55.93
C VAL Q 123 45.73 31.62 56.63
N GLU Q 124 46.32 32.67 57.18
CA GLU Q 124 47.50 32.52 57.99
C GLU Q 124 47.10 31.91 59.32
N ILE Q 125 47.88 30.94 59.79
CA ILE Q 125 47.68 30.39 61.14
C ILE Q 125 48.85 30.82 61.99
N PHE Q 126 48.56 31.66 62.99
CA PHE Q 126 49.59 32.15 63.90
C PHE Q 126 49.63 31.26 65.13
N GLY Q 127 50.75 30.55 65.29
CA GLY Q 127 50.99 29.72 66.45
C GLY Q 127 52.36 29.10 66.33
N THR Q 128 52.70 28.27 67.31
CA THR Q 128 54.05 27.69 67.39
C THR Q 128 54.38 26.88 66.12
N GLN Q 129 53.34 26.23 65.56
CA GLN Q 129 53.44 25.33 64.40
C GLN Q 129 52.47 25.76 63.31
N GLY Q 130 52.40 27.06 63.06
CA GLY Q 130 51.38 27.63 62.19
C GLY Q 130 51.75 27.56 60.72
N LYS Q 131 51.35 28.56 59.95
CA LYS Q 131 51.68 28.65 58.51
C LYS Q 131 51.50 30.08 58.02
N PRO Q 132 52.29 30.51 56.99
CA PRO Q 132 51.97 31.81 56.40
C PRO Q 132 50.77 31.69 55.46
N ALA Q 133 50.20 32.82 55.07
CA ALA Q 133 49.14 32.84 54.07
C ALA Q 133 49.76 32.49 52.72
N ILE Q 134 49.12 31.58 51.99
CA ILE Q 134 49.61 31.09 50.70
C ILE Q 134 48.55 31.25 49.59
N ALA Q 135 48.95 31.84 48.46
CA ALA Q 135 48.06 31.97 47.28
C ALA Q 135 48.58 31.04 46.18
N HIS Q 136 47.68 30.33 45.54
CA HIS Q 136 48.04 29.27 44.59
C HIS Q 136 48.62 29.84 43.30
N ARG Q 137 47.85 30.71 42.64
CA ARG Q 137 48.24 31.35 41.37
C ARG Q 137 48.12 30.49 40.09
N ASP Q 138 47.70 29.23 40.24
CA ASP Q 138 47.32 28.37 39.10
C ASP Q 138 46.20 27.39 39.50
N PHE Q 139 45.15 27.94 40.15
CA PHE Q 139 44.04 27.13 40.57
C PHE Q 139 43.20 26.83 39.36
N LYS Q 140 42.98 25.53 39.11
CA LYS Q 140 42.21 25.02 37.99
C LYS Q 140 41.82 23.56 38.25
N SER Q 141 40.85 23.05 37.49
CA SER Q 141 40.33 21.69 37.76
C SER Q 141 41.40 20.61 37.60
N ARG Q 142 42.41 20.88 36.78
CA ARG Q 142 43.51 19.92 36.59
C ARG Q 142 44.48 19.87 37.76
N ASN Q 143 44.44 20.91 38.62
CA ASN Q 143 45.29 20.96 39.80
C ASN Q 143 44.52 20.66 41.08
N VAL Q 144 43.37 19.99 40.93
CA VAL Q 144 42.61 19.52 42.07
C VAL Q 144 42.44 18.03 41.81
N LEU Q 145 42.75 17.20 42.80
CA LEU Q 145 42.55 15.76 42.70
C LEU Q 145 41.31 15.36 43.44
N VAL Q 146 40.73 14.21 43.04
CA VAL Q 146 39.57 13.63 43.73
C VAL Q 146 39.94 12.33 44.46
N LYS Q 147 39.77 12.33 45.77
CA LYS Q 147 40.14 11.21 46.60
C LYS Q 147 39.10 10.08 46.60
N SER Q 148 39.47 8.95 47.19
CA SER Q 148 38.59 7.80 47.32
C SER Q 148 37.26 8.15 47.96
N ASN Q 149 37.29 9.00 48.97
CA ASN Q 149 36.06 9.42 49.66
C ASN Q 149 35.37 10.57 48.95
N LEU Q 150 35.69 10.75 47.67
CA LEU Q 150 35.08 11.79 46.82
C LEU Q 150 35.16 13.18 47.45
N GLN Q 151 36.25 13.46 48.15
CA GLN Q 151 36.56 14.83 48.55
C GLN Q 151 37.77 15.27 47.71
N CYS Q 152 37.88 16.56 47.49
CA CYS Q 152 38.98 17.13 46.72
C CYS Q 152 40.22 17.40 47.59
N CYS Q 153 41.38 17.46 46.95
CA CYS Q 153 42.57 18.09 47.57
C CYS Q 153 43.40 18.79 46.53
N ILE Q 154 43.91 19.97 46.90
CA ILE Q 154 44.59 20.85 45.96
C ILE Q 154 46.03 20.39 45.76
N ALA Q 155 46.51 20.48 44.53
CA ALA Q 155 47.90 20.14 44.20
C ALA Q 155 48.59 21.29 43.44
N ASP Q 156 49.88 21.10 43.16
CA ASP Q 156 50.70 21.99 42.32
C ASP Q 156 50.90 23.35 42.95
N LEU Q 157 51.88 23.43 43.85
CA LEU Q 157 52.23 24.67 44.53
C LEU Q 157 53.40 25.40 43.85
N GLY Q 158 53.69 25.04 42.60
CA GLY Q 158 54.86 25.53 41.91
C GLY Q 158 54.96 27.02 41.71
N LEU Q 159 53.81 27.69 41.70
CA LEU Q 159 53.74 29.15 41.49
C LEU Q 159 53.29 29.89 42.76
N ALA Q 160 53.20 29.20 43.88
CA ALA Q 160 52.58 29.77 45.06
C ALA Q 160 53.39 30.97 45.58
N VAL Q 161 52.68 31.92 46.20
CA VAL Q 161 53.29 33.08 46.83
C VAL Q 161 52.79 33.13 48.29
N MET Q 162 53.60 33.56 49.25
CA MET Q 162 53.21 33.51 50.67
C MET Q 162 53.34 34.89 51.33
N HIS Q 163 52.86 34.99 52.57
CA HIS Q 163 52.76 36.29 53.25
C HIS Q 163 52.35 36.19 54.74
N SER Q 164 53.10 36.92 55.59
CA SER Q 164 52.87 36.93 57.03
C SER Q 164 52.77 38.35 57.61
N GLN Q 165 51.65 38.62 58.30
CA GLN Q 165 51.36 39.90 58.96
C GLN Q 165 52.51 40.55 59.79
N GLY Q 166 53.37 39.73 60.39
CA GLY Q 166 54.35 40.21 61.35
C GLY Q 166 55.46 41.09 60.82
N SER Q 167 56.15 40.60 59.78
CA SER Q 167 57.08 41.40 59.01
C SER Q 167 56.53 41.41 57.60
N ASP Q 168 56.13 42.58 57.13
CA ASP Q 168 55.28 42.67 55.94
C ASP Q 168 55.97 42.24 54.66
N TYR Q 169 55.98 40.92 54.46
CA TYR Q 169 56.83 40.26 53.48
C TYR Q 169 56.10 39.34 52.52
N LEU Q 170 55.92 39.84 51.30
CA LEU Q 170 55.54 38.99 50.20
C LEU Q 170 56.72 38.06 49.95
N ASP Q 171 56.39 36.79 49.78
CA ASP Q 171 57.34 35.67 49.72
C ASP Q 171 57.03 35.10 48.33
N ILE Q 172 57.56 35.76 47.30
CA ILE Q 172 57.34 35.33 45.92
C ILE Q 172 58.57 34.57 45.42
N GLY Q 173 58.38 33.32 45.02
CA GLY Q 173 59.42 32.53 44.40
C GLY Q 173 59.57 32.95 42.95
N ASN Q 174 60.66 32.49 42.35
CA ASN Q 174 61.30 33.10 41.20
C ASN Q 174 60.87 32.45 39.88
N ASN Q 175 59.80 31.67 39.93
CA ASN Q 175 59.29 30.94 38.77
C ASN Q 175 58.83 31.85 37.59
N PRO Q 176 59.34 31.61 36.36
CA PRO Q 176 58.84 32.34 35.17
C PRO Q 176 57.44 31.89 34.74
N ARG Q 177 57.08 30.67 35.09
CA ARG Q 177 55.80 30.11 34.76
C ARG Q 177 54.69 31.06 35.25
N VAL Q 178 53.60 31.15 34.48
CA VAL Q 178 52.43 31.92 34.89
C VAL Q 178 51.23 30.97 34.97
N GLY Q 179 50.11 31.49 35.48
CA GLY Q 179 48.89 30.70 35.61
C GLY Q 179 48.49 30.18 34.26
N THR Q 180 47.76 29.06 34.23
CA THR Q 180 47.18 28.54 32.98
C THR Q 180 46.28 29.61 32.36
N LYS Q 181 46.49 29.91 31.10
CA LYS Q 181 45.81 31.07 30.47
C LYS Q 181 44.24 31.09 30.54
N ARG Q 182 43.56 29.98 30.35
CA ARG Q 182 42.08 29.93 30.44
C ARG Q 182 41.48 30.46 31.76
N TYR Q 183 42.27 30.42 32.84
CA TYR Q 183 41.79 30.71 34.18
C TYR Q 183 42.29 32.05 34.72
N MET Q 184 42.94 32.84 33.90
CA MET Q 184 43.48 34.12 34.36
C MET Q 184 42.36 35.14 34.59
N ALA Q 185 42.39 35.81 35.72
CA ALA Q 185 41.41 36.83 36.03
C ALA Q 185 41.61 38.03 35.09
N PRO Q 186 40.61 38.93 35.00
CA PRO Q 186 40.74 40.12 34.15
C PRO Q 186 41.95 40.94 34.47
N GLU Q 187 42.20 41.18 35.77
CA GLU Q 187 43.31 42.00 36.23
C GLU Q 187 44.69 41.42 35.90
N VAL Q 188 44.76 40.11 35.68
CA VAL Q 188 46.02 39.48 35.23
C VAL Q 188 46.19 39.69 33.73
N LEU Q 189 45.11 39.54 32.98
CA LEU Q 189 45.14 39.73 31.53
C LEU Q 189 45.34 41.21 31.12
N ASP Q 190 44.79 42.11 31.93
CA ASP Q 190 45.01 43.56 31.77
C ASP Q 190 46.42 43.97 32.12
N GLU Q 191 47.10 43.16 32.95
CA GLU Q 191 48.38 43.52 33.56
C GLU Q 191 48.22 44.72 34.48
N GLN Q 192 47.01 44.86 35.05
CA GLN Q 192 46.68 45.95 35.97
C GLN Q 192 46.78 45.51 37.45
N ILE Q 193 47.13 44.23 37.67
CA ILE Q 193 47.25 43.67 39.02
C ILE Q 193 48.48 44.24 39.73
N ARG Q 194 48.34 44.54 41.02
CA ARG Q 194 49.44 45.06 41.82
C ARG Q 194 50.26 43.86 42.29
N THR Q 195 51.41 43.67 41.65
CA THR Q 195 52.23 42.50 41.91
C THR Q 195 52.99 42.55 43.24
N ASP Q 196 52.90 43.67 43.97
CA ASP Q 196 53.51 43.79 45.29
C ASP Q 196 52.46 43.81 46.40
N CYS Q 197 51.28 43.28 46.10
CA CYS Q 197 50.20 43.19 47.09
C CYS Q 197 49.71 41.75 47.14
N PHE Q 198 49.77 41.14 48.32
CA PHE Q 198 49.40 39.74 48.48
C PHE Q 198 47.92 39.51 48.23
N GLU Q 199 47.07 40.40 48.75
CA GLU Q 199 45.62 40.23 48.60
C GLU Q 199 45.22 40.02 47.14
N SER Q 200 45.83 40.79 46.23
CA SER Q 200 45.60 40.65 44.78
C SER Q 200 45.67 39.19 44.29
N TYR Q 201 46.73 38.49 44.68
CA TYR Q 201 46.92 37.10 44.24
C TYR Q 201 45.83 36.17 44.78
N LYS Q 202 45.38 36.42 46.01
CA LYS Q 202 44.24 35.68 46.56
C LYS Q 202 42.99 35.87 45.69
N TRP Q 203 42.76 37.12 45.26
CA TRP Q 203 41.59 37.44 44.47
C TRP Q 203 41.60 36.75 43.10
N THR Q 204 42.79 36.45 42.57
CA THR Q 204 42.86 35.70 41.29
C THR Q 204 42.61 34.21 41.49
N ASP Q 205 42.96 33.69 42.68
CA ASP Q 205 42.61 32.32 43.06
C ASP Q 205 41.09 32.19 43.07
N ILE Q 206 40.42 33.21 43.63
CA ILE Q 206 38.98 33.19 43.78
C ILE Q 206 38.28 33.15 42.42
N TRP Q 207 38.67 34.05 41.53
CA TRP Q 207 38.18 34.06 40.16
C TRP Q 207 38.20 32.64 39.61
N ALA Q 208 39.41 32.08 39.57
CA ALA Q 208 39.63 30.70 39.08
C ALA Q 208 38.72 29.68 39.77
N PHE Q 209 38.50 29.87 41.07
CA PHE Q 209 37.67 28.96 41.84
C PHE Q 209 36.23 28.99 41.30
N GLY Q 210 35.71 30.19 41.06
CA GLY Q 210 34.41 30.35 40.42
C GLY Q 210 34.30 29.55 39.11
N LEU Q 211 35.35 29.60 38.30
CA LEU Q 211 35.37 28.86 37.04
C LEU Q 211 35.33 27.37 37.29
N VAL Q 212 36.01 26.90 38.35
CA VAL Q 212 35.95 25.48 38.71
C VAL Q 212 34.55 25.09 39.20
N LEU Q 213 33.87 25.95 39.96
CA LEU Q 213 32.50 25.66 40.41
C LEU Q 213 31.59 25.43 39.19
N TRP Q 214 31.69 26.33 38.22
CA TRP Q 214 30.97 26.22 36.94
C TRP Q 214 31.15 24.84 36.33
N GLU Q 215 32.41 24.38 36.25
CA GLU Q 215 32.72 23.05 35.71
C GLU Q 215 32.01 21.92 36.44
N ILE Q 216 31.94 22.05 37.76
CA ILE Q 216 31.22 21.09 38.63
C ILE Q 216 29.72 21.20 38.36
N ALA Q 217 29.22 22.44 38.33
CA ALA Q 217 27.78 22.70 38.14
C ALA Q 217 27.29 22.11 36.84
N ARG Q 218 28.01 22.40 35.76
CA ARG Q 218 27.64 21.93 34.42
C ARG Q 218 27.45 20.43 34.38
N ARG Q 219 28.20 19.74 35.23
CA ARG Q 219 28.21 18.28 35.22
C ARG Q 219 27.29 17.67 36.28
N THR Q 220 26.45 18.50 36.91
CA THR Q 220 25.51 18.03 37.94
C THR Q 220 24.17 17.67 37.29
N ILE Q 221 23.49 16.64 37.83
CA ILE Q 221 22.21 16.18 37.27
C ILE Q 221 21.02 16.95 37.86
N VAL Q 222 20.26 17.55 36.96
CA VAL Q 222 18.97 18.11 37.28
C VAL Q 222 18.00 17.51 36.25
N ASN Q 223 16.79 17.21 36.70
CA ASN Q 223 15.74 16.69 35.81
C ASN Q 223 16.25 15.52 34.93
N GLY Q 224 17.16 14.71 35.48
CA GLY Q 224 17.67 13.58 34.73
C GLY Q 224 18.59 13.85 33.54
N ILE Q 225 18.80 15.12 33.17
CA ILE Q 225 19.72 15.42 32.09
C ILE Q 225 20.97 16.07 32.66
N VAL Q 226 22.10 15.87 32.01
CA VAL Q 226 23.39 16.42 32.45
C VAL Q 226 24.23 16.83 31.22
N GLU Q 227 24.69 18.08 31.12
CA GLU Q 227 25.46 18.46 29.94
C GLU Q 227 26.76 17.64 29.92
N ASP Q 228 27.30 17.39 28.75
CA ASP Q 228 28.65 16.80 28.61
C ASP Q 228 29.66 17.82 29.10
N TYR Q 229 30.81 17.32 29.54
CA TYR Q 229 31.87 18.20 30.06
C TYR Q 229 32.36 19.18 29.02
N ARG Q 230 32.49 20.44 29.41
CA ARG Q 230 33.21 21.44 28.63
C ARG Q 230 34.04 22.32 29.57
N PRO Q 231 35.19 22.82 29.10
CA PRO Q 231 35.98 23.71 29.93
C PRO Q 231 35.37 25.11 29.96
N PRO Q 232 35.74 25.94 30.94
CA PRO Q 232 35.25 27.31 30.94
C PRO Q 232 35.63 28.04 29.64
N PHE Q 233 34.72 28.88 29.16
CA PHE Q 233 34.88 29.63 27.91
C PHE Q 233 34.99 28.74 26.66
N TYR Q 234 34.51 27.51 26.74
CA TYR Q 234 34.57 26.60 25.60
C TYR Q 234 33.94 27.17 24.34
N ASP Q 235 32.96 28.08 24.52
CA ASP Q 235 32.14 28.60 23.41
C ASP Q 235 32.69 29.89 22.80
N VAL Q 236 33.76 30.46 23.38
CA VAL Q 236 34.35 31.74 22.92
C VAL Q 236 35.85 31.71 22.63
N VAL Q 237 36.55 30.64 22.99
CA VAL Q 237 38.00 30.53 22.71
C VAL Q 237 38.39 29.14 22.23
N PRO Q 238 39.48 29.04 21.43
CA PRO Q 238 39.96 27.75 20.94
C PRO Q 238 40.47 26.86 22.05
N ASN Q 239 40.60 25.59 21.73
CA ASN Q 239 41.18 24.58 22.62
C ASN Q 239 42.38 25.07 23.50
N ASP Q 240 43.49 25.53 22.92
CA ASP Q 240 44.66 25.95 23.76
C ASP Q 240 44.87 27.47 23.78
N PRO Q 241 43.96 28.20 24.44
CA PRO Q 241 43.86 29.66 24.31
C PRO Q 241 45.18 30.42 24.57
N SER Q 242 45.53 31.33 23.67
CA SER Q 242 46.53 32.35 23.94
C SER Q 242 46.02 33.37 24.98
N PHE Q 243 46.92 34.29 25.35
CA PHE Q 243 46.65 35.39 26.24
C PHE Q 243 45.78 36.43 25.50
N GLU Q 244 46.05 36.64 24.21
CA GLU Q 244 45.30 37.64 23.44
C GLU Q 244 43.86 37.20 23.26
N ASP Q 245 43.65 35.90 23.02
CA ASP Q 245 42.29 35.33 22.92
C ASP Q 245 41.50 35.56 24.20
N MET Q 246 42.14 35.32 25.35
CA MET Q 246 41.52 35.52 26.64
C MET Q 246 41.32 37.00 26.95
N LYS Q 247 42.34 37.82 26.71
CA LYS Q 247 42.26 39.28 26.90
C LYS Q 247 41.00 39.83 26.22
N LYS Q 248 40.76 39.41 24.99
CA LYS Q 248 39.60 39.89 24.21
C LYS Q 248 38.27 39.46 24.83
N VAL Q 249 38.19 38.20 25.20
CA VAL Q 249 36.98 37.62 25.76
C VAL Q 249 36.68 38.13 27.18
N VAL Q 250 37.68 38.10 28.06
CA VAL Q 250 37.48 38.44 29.46
C VAL Q 250 37.52 39.92 29.75
N CYS Q 251 38.36 40.67 29.04
CA CYS Q 251 38.53 42.12 29.31
C CYS Q 251 37.72 42.99 28.35
N VAL Q 252 37.94 42.81 27.05
CA VAL Q 252 37.26 43.64 26.04
C VAL Q 252 35.75 43.32 25.97
N ASP Q 253 35.42 42.04 25.80
CA ASP Q 253 34.02 41.63 25.72
C ASP Q 253 33.36 41.48 27.09
N GLN Q 254 34.15 41.54 28.17
CA GLN Q 254 33.64 41.45 29.54
C GLN Q 254 32.77 40.19 29.77
N GLN Q 255 33.19 39.09 29.16
CA GLN Q 255 32.47 37.82 29.23
C GLN Q 255 32.83 36.96 30.46
N THR Q 256 31.80 36.29 30.99
CA THR Q 256 31.95 35.29 32.03
C THR Q 256 31.18 34.06 31.58
N PRO Q 257 31.54 32.86 32.08
CA PRO Q 257 30.82 31.66 31.67
C PRO Q 257 29.31 31.71 31.96
N THR Q 258 28.53 31.15 31.04
CA THR Q 258 27.08 31.25 31.04
C THR Q 258 26.48 30.33 32.09
N ILE Q 259 26.07 30.90 33.22
CA ILE Q 259 25.24 30.18 34.18
C ILE Q 259 23.92 29.86 33.45
N PRO Q 260 23.49 28.57 33.42
CA PRO Q 260 22.11 28.33 32.96
C PRO Q 260 21.02 28.85 33.89
N ASN Q 261 19.78 28.92 33.40
CA ASN Q 261 18.64 29.26 34.22
C ASN Q 261 18.27 28.10 35.17
N ARG Q 262 18.70 26.89 34.83
CA ARG Q 262 18.31 25.66 35.54
C ARG Q 262 19.04 25.29 36.84
N LEU Q 263 20.05 26.04 37.24
CA LEU Q 263 20.67 25.80 38.55
C LEU Q 263 19.85 26.39 39.73
N ALA Q 264 19.06 27.44 39.48
CA ALA Q 264 18.31 28.07 40.58
C ALA Q 264 17.08 27.32 41.22
N ALA Q 265 16.57 26.24 40.63
CA ALA Q 265 15.41 25.50 41.23
C ALA Q 265 15.78 24.37 42.23
N ASP Q 266 17.07 24.18 42.51
CA ASP Q 266 17.54 23.26 43.57
C ASP Q 266 18.46 24.04 44.53
N PRO Q 267 18.20 23.92 45.85
CA PRO Q 267 18.88 24.77 46.86
C PRO Q 267 20.41 24.61 46.87
N VAL Q 268 20.85 23.42 46.50
CA VAL Q 268 22.26 23.18 46.33
C VAL Q 268 22.72 24.11 45.23
N LEU Q 269 22.38 23.78 43.99
CA LEU Q 269 22.93 24.51 42.83
C LEU Q 269 22.52 25.98 42.84
N SER Q 270 21.44 26.29 43.55
CA SER Q 270 21.04 27.66 43.79
C SER Q 270 22.22 28.42 44.43
N GLY Q 271 22.74 27.88 45.52
CA GLY Q 271 23.89 28.50 46.19
C GLY Q 271 25.07 28.72 45.26
N LEU Q 272 25.57 27.62 44.70
CA LEU Q 272 26.80 27.62 43.89
C LEU Q 272 26.78 28.69 42.81
N ALA Q 273 25.61 28.86 42.18
CA ALA Q 273 25.43 29.85 41.14
C ALA Q 273 25.74 31.27 41.65
N GLN Q 274 25.22 31.58 42.83
CA GLN Q 274 25.44 32.90 43.43
C GLN Q 274 26.92 33.09 43.81
N MET Q 275 27.54 32.03 44.31
CA MET Q 275 28.96 32.09 44.66
C MET Q 275 29.85 32.26 43.43
N MET Q 276 29.46 31.61 42.33
CA MET Q 276 30.11 31.82 41.03
C MET Q 276 30.11 33.29 40.66
N ARG Q 277 28.92 33.89 40.67
CA ARG Q 277 28.78 35.30 40.35
C ARG Q 277 29.70 36.19 41.19
N GLU Q 278 29.77 35.88 42.49
CA GLU Q 278 30.51 36.71 43.44
C GLU Q 278 32.01 36.39 43.44
N CYS Q 279 32.39 35.39 42.65
CA CYS Q 279 33.78 35.12 42.34
C CYS Q 279 34.23 35.89 41.07
N TRP Q 280 33.28 36.36 40.27
CA TRP Q 280 33.59 36.94 38.98
C TRP Q 280 33.36 38.45 38.90
N TYR Q 281 33.18 39.11 40.04
CA TYR Q 281 33.11 40.56 40.04
C TYR Q 281 34.41 41.14 39.44
N PRO Q 282 34.29 42.06 38.46
CA PRO Q 282 35.47 42.68 37.83
C PRO Q 282 36.43 43.39 38.81
N ASN Q 283 35.87 44.09 39.81
CA ASN Q 283 36.67 44.71 40.86
C ASN Q 283 37.03 43.62 41.87
N PRO Q 284 38.32 43.20 41.91
CA PRO Q 284 38.80 42.07 42.70
C PRO Q 284 38.43 42.07 44.18
N SER Q 285 38.37 43.26 44.79
CA SER Q 285 38.10 43.36 46.23
C SER Q 285 36.62 43.14 46.56
N ALA Q 286 35.76 43.14 45.55
CA ALA Q 286 34.33 42.87 45.75
C ALA Q 286 34.05 41.36 45.87
N ARG Q 287 35.04 40.53 45.55
CA ARG Q 287 34.84 39.08 45.52
C ARG Q 287 34.80 38.46 46.91
N LEU Q 288 34.15 37.31 47.01
CA LEU Q 288 34.13 36.56 48.26
C LEU Q 288 35.53 36.04 48.58
N THR Q 289 35.79 35.84 49.87
CA THR Q 289 37.02 35.20 50.29
C THR Q 289 36.77 33.70 50.28
N ALA Q 290 37.84 32.91 50.32
CA ALA Q 290 37.72 31.44 50.36
C ALA Q 290 37.00 30.99 51.64
N LEU Q 291 37.30 31.66 52.75
CA LEU Q 291 36.65 31.34 54.03
C LEU Q 291 35.13 31.55 53.92
N ARG Q 292 34.72 32.66 53.31
CA ARG Q 292 33.30 32.98 53.17
C ARG Q 292 32.59 31.96 52.27
N ILE Q 293 33.29 31.52 51.22
CA ILE Q 293 32.76 30.50 50.33
C ILE Q 293 32.60 29.17 51.09
N LYS Q 294 33.68 28.74 51.75
CA LYS Q 294 33.62 27.57 52.64
C LYS Q 294 32.37 27.62 53.51
N LYS Q 295 32.23 28.70 54.27
CA LYS Q 295 31.15 28.84 55.24
C LYS Q 295 29.78 28.73 54.58
N THR Q 296 29.58 29.46 53.47
CA THR Q 296 28.30 29.45 52.78
C THR Q 296 27.92 28.06 52.32
N LEU Q 297 28.81 27.39 51.61
CA LEU Q 297 28.50 26.02 51.15
C LEU Q 297 28.22 25.09 52.31
N GLN Q 298 28.80 25.36 53.48
CA GLN Q 298 28.54 24.56 54.68
C GLN Q 298 27.14 24.84 55.22
N LYS Q 299 26.63 26.06 54.96
CA LYS Q 299 25.26 26.43 55.32
C LYS Q 299 24.23 26.01 54.25
N ILE Q 300 24.61 25.14 53.32
CA ILE Q 300 23.62 24.56 52.41
C ILE Q 300 23.24 23.14 52.89
N SER Q 301 24.20 22.47 53.56
CA SER Q 301 23.96 21.18 54.23
C SER Q 301 23.61 21.37 55.71
N MET R 2 15.69 30.52 -74.56
CA MET R 2 16.95 31.33 -74.62
C MET R 2 17.95 30.95 -73.50
N GLN R 3 17.72 31.42 -72.27
CA GLN R 3 18.60 31.07 -71.14
C GLN R 3 18.93 29.58 -71.13
N ARG R 4 17.93 28.75 -71.45
CA ARG R 4 18.01 27.30 -71.33
C ARG R 4 18.98 26.67 -72.34
N THR R 5 18.91 27.10 -73.60
CA THR R 5 19.69 26.50 -74.70
C THR R 5 21.16 26.92 -74.71
N VAL R 6 21.57 27.76 -73.75
CA VAL R 6 22.96 27.92 -73.37
C VAL R 6 23.44 26.75 -72.48
N ALA R 7 22.52 25.98 -71.91
CA ALA R 7 22.86 24.88 -70.97
C ALA R 7 23.08 23.55 -71.68
N ARG R 8 22.36 23.35 -72.77
CA ARG R 8 22.50 22.17 -73.62
C ARG R 8 23.82 22.18 -74.37
N GLN R 9 24.31 23.36 -74.70
CA GLN R 9 25.55 23.51 -75.47
C GLN R 9 26.82 23.47 -74.62
N VAL R 10 26.71 23.78 -73.34
CA VAL R 10 27.90 23.84 -72.47
C VAL R 10 28.56 22.46 -72.34
N ALA R 11 29.86 22.42 -72.61
CA ALA R 11 30.67 21.22 -72.43
C ALA R 11 31.44 21.35 -71.14
N LEU R 12 31.41 20.30 -70.31
CA LEU R 12 32.09 20.30 -69.02
C LEU R 12 33.48 19.76 -69.23
N VAL R 13 34.48 20.48 -68.72
CA VAL R 13 35.88 20.15 -68.97
C VAL R 13 36.67 19.71 -67.72
N GLU R 14 36.56 20.49 -66.64
CA GLU R 14 37.28 20.20 -65.41
C GLU R 14 36.44 20.48 -64.17
N CYS R 15 36.48 19.56 -63.20
CA CYS R 15 35.87 19.77 -61.90
C CYS R 15 36.83 20.50 -61.00
N VAL R 16 36.47 21.72 -60.62
CA VAL R 16 37.34 22.57 -59.82
C VAL R 16 36.88 22.73 -58.36
N GLY R 17 35.79 22.05 -57.98
CA GLY R 17 35.30 22.06 -56.60
C GLY R 17 34.27 20.95 -56.33
N LYS R 18 34.25 20.48 -55.08
CA LYS R 18 33.31 19.45 -54.65
C LYS R 18 33.06 19.60 -53.15
N GLY R 19 31.84 19.32 -52.72
CA GLY R 19 31.44 19.51 -51.31
C GLY R 19 29.98 19.17 -51.06
N ARG R 20 29.48 19.53 -49.89
CA ARG R 20 28.11 19.18 -49.49
C ARG R 20 27.07 19.95 -50.30
N TYR R 21 27.51 21.09 -50.85
CA TYR R 21 26.68 21.91 -51.74
C TYR R 21 26.49 21.29 -53.12
N GLY R 22 27.38 20.37 -53.50
CA GLY R 22 27.38 19.77 -54.85
C GLY R 22 28.77 19.84 -55.45
N GLU R 23 28.86 20.27 -56.70
CA GLU R 23 30.15 20.37 -57.41
C GLU R 23 30.17 21.61 -58.30
N VAL R 24 31.34 22.22 -58.49
CA VAL R 24 31.49 23.27 -59.48
C VAL R 24 32.48 22.84 -60.55
N TRP R 25 32.09 23.01 -61.82
CA TRP R 25 32.91 22.60 -62.95
C TRP R 25 33.24 23.79 -63.80
N ARG R 26 34.42 23.76 -64.42
CA ARG R 26 34.76 24.72 -65.48
C ARG R 26 34.21 24.18 -66.79
N GLY R 27 33.45 25.01 -67.49
CA GLY R 27 32.82 24.59 -68.74
C GLY R 27 33.19 25.51 -69.89
N LEU R 28 33.06 24.98 -71.11
CA LEU R 28 33.31 25.73 -72.34
C LEU R 28 31.98 25.97 -73.04
N TRP R 29 31.67 27.24 -73.33
CA TRP R 29 30.49 27.62 -74.14
C TRP R 29 30.89 28.62 -75.23
N HIS R 30 30.78 28.19 -76.49
CA HIS R 30 31.19 28.98 -77.63
C HIS R 30 32.50 29.70 -77.36
N GLY R 31 33.54 28.92 -77.06
CA GLY R 31 34.90 29.48 -76.88
C GLY R 31 35.22 30.01 -75.50
N GLU R 32 34.25 30.62 -74.83
CA GLU R 32 34.45 31.22 -73.50
C GLU R 32 34.27 30.22 -72.35
N SER R 33 34.84 30.58 -71.20
CA SER R 33 34.77 29.74 -70.01
C SER R 33 33.60 30.16 -69.11
N VAL R 34 32.86 29.15 -68.64
CA VAL R 34 31.78 29.36 -67.70
C VAL R 34 31.90 28.41 -66.52
N ALA R 35 31.36 28.81 -65.38
CA ALA R 35 31.26 27.95 -64.20
C ALA R 35 29.89 27.27 -64.21
N VAL R 36 29.86 25.96 -64.00
CA VAL R 36 28.64 25.21 -63.89
C VAL R 36 28.61 24.58 -62.50
N LYS R 37 27.72 25.10 -61.64
CA LYS R 37 27.47 24.48 -60.34
C LYS R 37 26.35 23.47 -60.43
N ILE R 38 26.68 22.19 -60.24
CA ILE R 38 25.71 21.13 -60.17
C ILE R 38 25.41 20.93 -58.70
N PHE R 39 24.14 21.12 -58.31
CA PHE R 39 23.75 21.10 -56.90
C PHE R 39 23.53 19.68 -56.43
N SER R 40 23.78 19.42 -55.15
CA SER R 40 23.44 18.13 -54.56
C SER R 40 21.96 18.09 -54.17
N SER R 41 21.44 16.87 -54.01
CA SER R 41 20.04 16.68 -53.66
C SER R 41 19.70 17.33 -52.31
N ARG R 42 20.64 17.31 -51.39
CA ARG R 42 20.45 17.93 -50.08
C ARG R 42 20.40 19.47 -50.10
N ASP R 43 20.69 20.08 -51.25
CA ASP R 43 20.78 21.54 -51.35
C ASP R 43 19.94 22.11 -52.48
N GLU R 44 18.92 21.36 -52.92
CA GLU R 44 18.01 21.77 -53.98
C GLU R 44 17.41 23.12 -53.72
N GLN R 45 17.07 23.41 -52.46
CA GLN R 45 16.37 24.65 -52.15
C GLN R 45 17.27 25.88 -52.35
N SER R 46 18.59 25.71 -52.25
CA SER R 46 19.54 26.78 -52.54
C SER R 46 19.51 27.11 -54.04
N TRP R 47 19.44 26.10 -54.88
CA TRP R 47 19.31 26.31 -56.32
C TRP R 47 18.06 27.08 -56.67
N PHE R 48 16.94 26.77 -55.98
CA PHE R 48 15.68 27.40 -56.24
C PHE R 48 15.75 28.87 -55.89
N ARG R 49 16.22 29.16 -54.68
CA ARG R 49 16.32 30.53 -54.19
C ARG R 49 17.22 31.34 -55.09
N GLU R 50 18.33 30.76 -55.48
CA GLU R 50 19.33 31.46 -56.26
C GLU R 50 18.77 31.71 -57.65
N THR R 51 18.03 30.73 -58.17
CA THR R 51 17.37 30.89 -59.47
C THR R 51 16.27 31.93 -59.46
N GLU R 52 15.49 31.97 -58.38
CA GLU R 52 14.45 32.98 -58.22
C GLU R 52 15.07 34.36 -58.22
N ILE R 53 16.07 34.57 -57.35
CA ILE R 53 16.69 35.89 -57.18
C ILE R 53 17.31 36.41 -58.47
N TYR R 54 18.10 35.56 -59.12
CA TYR R 54 18.84 35.96 -60.33
C TYR R 54 17.88 36.27 -61.51
N ASN R 55 16.74 35.59 -61.57
CA ASN R 55 15.72 35.84 -62.61
C ASN R 55 14.80 37.02 -62.29
N THR R 56 14.75 37.42 -61.03
CA THR R 56 13.74 38.35 -60.51
C THR R 56 14.29 39.74 -60.16
N VAL R 57 15.54 39.81 -59.70
CA VAL R 57 16.13 41.02 -59.16
C VAL R 57 17.23 41.55 -60.09
N LEU R 58 17.13 42.82 -60.48
CA LEU R 58 18.16 43.44 -61.33
C LEU R 58 19.41 43.65 -60.49
N LEU R 59 20.32 42.68 -60.57
CA LEU R 59 21.44 42.54 -59.62
C LEU R 59 22.84 42.75 -60.23
N ARG R 60 22.93 42.78 -61.55
CA ARG R 60 24.22 42.87 -62.24
C ARG R 60 25.12 43.97 -61.63
N HIS R 61 26.35 43.58 -61.32
CA HIS R 61 27.34 44.46 -60.69
C HIS R 61 28.72 43.83 -60.77
N ASP R 62 29.72 44.66 -61.01
CA ASP R 62 31.10 44.14 -61.13
C ASP R 62 31.54 43.25 -59.95
N ASN R 63 31.03 43.54 -58.75
CA ASN R 63 31.40 42.82 -57.55
C ASN R 63 30.36 41.81 -57.05
N ILE R 64 29.54 41.30 -57.99
CA ILE R 64 28.58 40.23 -57.74
C ILE R 64 28.67 39.24 -58.90
N LEU R 65 28.71 37.95 -58.59
CA LEU R 65 28.97 36.93 -59.62
C LEU R 65 27.91 37.07 -60.71
N GLY R 66 28.37 37.10 -61.96
CA GLY R 66 27.50 37.19 -63.11
C GLY R 66 26.75 35.89 -63.36
N PHE R 67 25.44 36.03 -63.59
CA PHE R 67 24.52 34.94 -63.88
C PHE R 67 24.36 34.74 -65.40
N ILE R 68 24.40 33.49 -65.84
CA ILE R 68 24.20 33.20 -67.26
C ILE R 68 22.90 32.42 -67.48
N ALA R 69 22.72 31.35 -66.72
CA ALA R 69 21.55 30.49 -66.90
C ALA R 69 21.28 29.60 -65.69
N SER R 70 20.07 29.05 -65.66
CA SER R 70 19.68 28.06 -64.66
C SER R 70 18.88 27.00 -65.34
N ASP R 71 19.17 25.73 -65.09
CA ASP R 71 18.49 24.64 -65.78
C ASP R 71 18.24 23.38 -64.93
N MET R 72 17.34 22.54 -65.44
CA MET R 72 16.98 21.29 -64.81
C MET R 72 16.94 20.21 -65.88
N THR R 73 17.68 19.13 -65.68
CA THR R 73 17.60 18.02 -66.61
C THR R 73 18.16 16.72 -66.06
N GLN R 80 18.93 16.64 -61.57
CA GLN R 80 20.10 17.43 -62.01
C GLN R 80 19.75 18.92 -62.13
N LEU R 81 20.12 19.70 -61.11
CA LEU R 81 19.88 21.14 -61.07
C LEU R 81 21.19 21.90 -61.32
N TRP R 82 21.20 22.75 -62.35
CA TRP R 82 22.42 23.48 -62.75
C TRP R 82 22.26 24.97 -62.58
N LEU R 83 23.36 25.63 -62.20
CA LEU R 83 23.46 27.07 -62.25
C LEU R 83 24.70 27.38 -63.02
N ILE R 84 24.59 28.11 -64.12
CA ILE R 84 25.75 28.46 -64.95
C ILE R 84 26.04 29.94 -64.76
N THR R 85 27.29 30.28 -64.50
CA THR R 85 27.71 31.68 -64.23
C THR R 85 29.01 32.01 -64.94
N HIS R 86 29.49 33.24 -64.78
CA HIS R 86 30.87 33.57 -65.20
C HIS R 86 31.86 32.71 -64.43
N TYR R 87 33.01 32.43 -65.07
CA TYR R 87 34.07 31.62 -64.46
C TYR R 87 35.23 32.51 -64.12
N HIS R 88 35.78 32.31 -62.92
CA HIS R 88 36.97 33.07 -62.48
C HIS R 88 38.10 32.15 -62.08
N GLU R 89 39.19 32.20 -62.86
CA GLU R 89 40.27 31.24 -62.76
C GLU R 89 40.86 31.14 -61.37
N HIS R 90 41.05 32.28 -60.71
CA HIS R 90 41.70 32.32 -59.40
C HIS R 90 40.90 31.58 -58.34
N GLY R 91 39.65 31.29 -58.65
CA GLY R 91 38.77 30.60 -57.71
C GLY R 91 38.31 31.54 -56.65
N SER R 92 38.03 31.01 -55.46
CA SER R 92 37.56 31.82 -54.34
C SER R 92 38.68 32.56 -53.65
N LEU R 93 38.29 33.49 -52.76
CA LEU R 93 39.24 34.21 -51.93
C LEU R 93 39.99 33.22 -51.03
N TYR R 94 39.28 32.22 -50.56
CA TYR R 94 39.88 31.13 -49.79
C TYR R 94 41.01 30.52 -50.59
N ASP R 95 40.72 30.12 -51.83
CA ASP R 95 41.74 29.53 -52.71
C ASP R 95 42.93 30.47 -52.97
N PHE R 96 42.64 31.73 -53.27
CA PHE R 96 43.65 32.75 -53.62
C PHE R 96 44.58 33.00 -52.43
N LEU R 97 43.98 33.22 -51.25
CA LEU R 97 44.73 33.44 -50.02
C LEU R 97 45.51 32.21 -49.57
N GLN R 98 45.15 31.03 -50.05
CA GLN R 98 45.93 29.83 -49.77
C GLN R 98 47.34 29.93 -50.38
N ARG R 99 47.38 30.25 -51.68
CA ARG R 99 48.62 30.21 -52.47
C ARG R 99 49.35 31.54 -52.52
N GLN R 100 48.64 32.65 -52.50
CA GLN R 100 49.22 33.96 -52.74
C GLN R 100 49.36 34.79 -51.48
N THR R 101 50.43 35.56 -51.41
CA THR R 101 50.63 36.54 -50.33
C THR R 101 50.31 37.93 -50.90
N LEU R 102 49.91 38.86 -50.04
CA LEU R 102 49.35 40.12 -50.50
C LEU R 102 50.16 41.33 -50.11
N GLU R 103 50.58 42.10 -51.11
CA GLU R 103 51.15 43.42 -50.85
C GLU R 103 50.01 44.27 -50.26
N PRO R 104 50.32 45.23 -49.38
CA PRO R 104 49.26 46.04 -48.77
C PRO R 104 48.25 46.66 -49.76
N HIS R 105 48.74 47.14 -50.90
CA HIS R 105 47.88 47.67 -51.97
C HIS R 105 46.84 46.63 -52.41
N LEU R 106 47.29 45.40 -52.60
CA LEU R 106 46.40 44.35 -53.09
C LEU R 106 45.40 43.98 -52.01
N ALA R 107 45.87 43.92 -50.77
CA ALA R 107 44.98 43.62 -49.65
C ALA R 107 43.82 44.59 -49.61
N LEU R 108 44.11 45.87 -49.85
CA LEU R 108 43.07 46.92 -49.86
C LEU R 108 42.13 46.80 -51.06
N ARG R 109 42.68 46.40 -52.20
CA ARG R 109 41.90 46.27 -53.43
C ARG R 109 40.87 45.18 -53.25
N LEU R 110 41.28 44.03 -52.69
CA LEU R 110 40.34 42.93 -52.43
C LEU R 110 39.31 43.35 -51.39
N ALA R 111 39.77 44.04 -50.35
CA ALA R 111 38.90 44.46 -49.25
C ALA R 111 37.87 45.48 -49.70
N VAL R 112 38.29 46.43 -50.53
CA VAL R 112 37.37 47.49 -50.99
C VAL R 112 36.33 46.94 -51.95
N SER R 113 36.76 46.05 -52.86
CA SER R 113 35.88 45.51 -53.86
C SER R 113 34.86 44.60 -53.22
N ALA R 114 35.28 43.79 -52.26
CA ALA R 114 34.34 42.94 -51.51
C ALA R 114 33.31 43.83 -50.82
N ALA R 115 33.79 44.92 -50.24
CA ALA R 115 32.89 45.88 -49.58
C ALA R 115 31.90 46.50 -50.53
N CYS R 116 32.32 46.72 -51.77
CA CYS R 116 31.42 47.27 -52.78
C CYS R 116 30.32 46.28 -53.07
N GLY R 117 30.69 45.02 -53.28
CA GLY R 117 29.73 43.95 -53.43
C GLY R 117 28.69 43.94 -52.32
N LEU R 118 29.13 43.85 -51.07
CA LEU R 118 28.19 43.76 -49.93
C LEU R 118 27.30 44.99 -49.78
N ALA R 119 27.86 46.17 -49.97
CA ALA R 119 27.07 47.41 -49.92
C ALA R 119 25.97 47.38 -50.95
N HIS R 120 26.30 46.92 -52.15
CA HIS R 120 25.35 46.87 -53.25
C HIS R 120 24.19 45.95 -52.93
N LEU R 121 24.50 44.79 -52.32
CA LEU R 121 23.48 43.86 -51.86
C LEU R 121 22.57 44.53 -50.84
N HIS R 122 23.18 45.16 -49.83
CA HIS R 122 22.45 45.67 -48.68
C HIS R 122 21.56 46.87 -48.99
N VAL R 123 22.02 47.75 -49.88
CA VAL R 123 21.33 49.02 -50.12
C VAL R 123 20.24 48.83 -51.10
N GLU R 124 19.04 49.28 -50.76
CA GLU R 124 17.93 49.27 -51.67
C GLU R 124 18.04 50.39 -52.71
N ILE R 125 17.72 50.08 -53.97
CA ILE R 125 17.57 51.05 -55.10
C ILE R 125 16.12 51.07 -55.58
N PHE R 126 15.56 52.26 -55.79
CA PHE R 126 14.12 52.44 -55.98
C PHE R 126 13.72 52.45 -57.45
N GLY R 127 12.41 52.49 -57.70
CA GLY R 127 11.88 52.52 -59.06
C GLY R 127 11.84 51.18 -59.79
N THR R 128 11.55 51.26 -61.09
CA THR R 128 11.31 50.09 -61.95
C THR R 128 12.49 49.12 -62.05
N GLN R 129 13.64 49.63 -62.48
CA GLN R 129 14.81 48.79 -62.71
C GLN R 129 15.79 48.92 -61.53
N GLY R 130 15.25 49.35 -60.37
CA GLY R 130 15.95 49.35 -59.10
C GLY R 130 16.05 47.95 -58.54
N LYS R 131 16.04 47.82 -57.21
CA LYS R 131 16.27 46.51 -56.53
C LYS R 131 15.92 46.59 -55.04
N PRO R 132 15.44 45.46 -54.41
CA PRO R 132 15.26 45.49 -52.96
C PRO R 132 16.59 45.33 -52.22
N ALA R 133 16.57 45.58 -50.90
CA ALA R 133 17.71 45.36 -50.03
C ALA R 133 17.88 43.86 -49.85
N ILE R 134 19.12 43.36 -49.97
CA ILE R 134 19.40 41.91 -49.90
C ILE R 134 20.47 41.64 -48.86
N ALA R 135 20.22 40.67 -47.99
CA ALA R 135 21.24 40.17 -47.04
C ALA R 135 21.67 38.76 -47.44
N HIS R 136 22.97 38.51 -47.40
CA HIS R 136 23.55 37.25 -47.89
C HIS R 136 23.20 36.06 -46.98
N ARG R 137 23.58 36.15 -45.71
CA ARG R 137 23.34 35.08 -44.72
C ARG R 137 24.33 33.91 -44.75
N ASP R 138 25.27 33.91 -45.69
CA ASP R 138 26.41 32.95 -45.68
C ASP R 138 27.68 33.59 -46.26
N PHE R 139 28.00 34.78 -45.79
CA PHE R 139 29.16 35.49 -46.27
C PHE R 139 30.43 34.88 -45.64
N LYS R 140 31.33 34.43 -46.51
CA LYS R 140 32.57 33.81 -46.10
C LYS R 140 33.54 33.85 -47.27
N SER R 141 34.81 33.59 -47.02
CA SER R 141 35.84 33.71 -48.07
C SER R 141 35.58 32.73 -49.21
N ARG R 142 34.96 31.60 -48.91
CA ARG R 142 34.65 30.59 -49.94
C ARG R 142 33.54 31.01 -50.90
N ASN R 143 32.74 31.99 -50.48
CA ASN R 143 31.68 32.56 -51.31
C ASN R 143 32.03 33.91 -51.90
N VAL R 144 33.32 34.22 -51.98
CA VAL R 144 33.79 35.42 -52.66
C VAL R 144 34.84 34.99 -53.66
N LEU R 145 34.65 35.33 -54.92
CA LEU R 145 35.60 34.94 -55.96
C LEU R 145 36.59 36.06 -56.21
N VAL R 146 37.77 35.71 -56.75
CA VAL R 146 38.74 36.71 -57.17
C VAL R 146 38.84 36.74 -58.70
N LYS R 147 38.59 37.92 -59.27
CA LYS R 147 38.63 38.11 -60.71
C LYS R 147 40.03 38.33 -61.26
N SER R 148 40.15 38.33 -62.60
CA SER R 148 41.41 38.56 -63.31
C SER R 148 42.08 39.87 -62.89
N ASN R 149 41.26 40.90 -62.71
CA ASN R 149 41.76 42.21 -62.28
C ASN R 149 41.92 42.30 -60.75
N LEU R 150 42.00 41.14 -60.10
CA LEU R 150 42.23 41.07 -58.67
C LEU R 150 41.22 41.93 -57.89
N GLN R 151 40.00 41.96 -58.36
CA GLN R 151 38.88 42.50 -57.59
C GLN R 151 37.97 41.32 -57.22
N CYS R 152 37.27 41.45 -56.11
CA CYS R 152 36.36 40.41 -55.65
C CYS R 152 34.97 40.53 -56.27
N CYS R 153 34.25 39.41 -56.32
CA CYS R 153 32.81 39.46 -56.51
C CYS R 153 32.12 38.40 -55.70
N ILE R 154 31.00 38.75 -55.08
CA ILE R 154 30.27 37.86 -54.17
C ILE R 154 29.43 36.84 -54.91
N ALA R 155 29.42 35.60 -54.40
CA ALA R 155 28.61 34.53 -54.98
C ALA R 155 27.71 33.89 -53.92
N ASP R 156 26.90 32.91 -54.36
CA ASP R 156 26.06 32.05 -53.53
C ASP R 156 24.96 32.80 -52.81
N LEU R 157 23.87 33.05 -53.52
CA LEU R 157 22.71 33.78 -52.97
C LEU R 157 21.64 32.81 -52.44
N GLY R 158 22.00 31.55 -52.24
CA GLY R 158 21.06 30.51 -51.90
C GLY R 158 20.30 30.73 -50.61
N LEU R 159 20.87 31.52 -49.70
CA LEU R 159 20.25 31.77 -48.40
C LEU R 159 19.80 33.22 -48.24
N ALA R 160 19.89 33.99 -49.32
CA ALA R 160 19.64 35.43 -49.21
C ALA R 160 18.21 35.72 -48.76
N VAL R 161 18.03 36.85 -48.08
CA VAL R 161 16.72 37.33 -47.68
C VAL R 161 16.57 38.77 -48.15
N MET R 162 15.38 39.12 -48.61
CA MET R 162 15.18 40.36 -49.33
C MET R 162 14.11 41.21 -48.71
N HIS R 163 14.23 42.51 -48.98
CA HIS R 163 13.39 43.52 -48.40
C HIS R 163 13.27 44.76 -49.31
N SER R 164 12.04 45.13 -49.69
CA SER R 164 11.82 46.42 -50.36
C SER R 164 11.26 47.46 -49.39
N GLN R 165 11.66 48.71 -49.56
CA GLN R 165 10.98 49.83 -48.90
C GLN R 165 9.60 49.99 -49.50
N GLY R 166 9.48 49.71 -50.79
CA GLY R 166 8.22 49.79 -51.51
C GLY R 166 7.06 49.53 -50.58
N SER R 167 7.07 48.35 -49.95
CA SER R 167 6.01 47.94 -49.05
C SER R 167 6.50 46.79 -48.17
N ASP R 168 6.99 47.14 -46.99
CA ASP R 168 7.79 46.21 -46.18
C ASP R 168 7.13 44.87 -45.91
N TYR R 169 7.90 43.82 -46.22
CA TYR R 169 7.91 42.59 -45.41
C TYR R 169 9.30 41.96 -45.42
N LEU R 170 9.37 40.68 -45.03
CA LEU R 170 10.57 39.88 -45.22
C LEU R 170 10.24 38.75 -46.20
N ASP R 171 10.91 38.74 -47.34
CA ASP R 171 10.89 37.62 -48.26
C ASP R 171 12.02 36.69 -47.84
N ILE R 172 11.64 35.44 -47.52
CA ILE R 172 12.56 34.40 -46.99
C ILE R 172 12.17 32.97 -47.46
N GLY R 173 13.12 32.29 -48.11
CA GLY R 173 12.97 30.91 -48.53
C GLY R 173 12.83 29.90 -47.39
N ASN R 174 12.62 28.64 -47.79
CA ASN R 174 12.18 27.56 -46.89
C ASN R 174 13.34 26.61 -46.57
N ASN R 175 14.53 27.03 -46.94
CA ASN R 175 15.73 26.21 -46.79
C ASN R 175 16.04 25.82 -45.31
N PRO R 176 16.23 24.51 -45.04
CA PRO R 176 16.66 24.08 -43.71
C PRO R 176 18.12 24.39 -43.41
N ARG R 177 18.91 24.56 -44.47
CA ARG R 177 20.33 24.87 -44.33
C ARG R 177 20.49 26.15 -43.49
N VAL R 178 21.55 26.19 -42.69
CA VAL R 178 21.90 27.39 -41.92
C VAL R 178 23.28 27.88 -42.34
N GLY R 179 23.68 29.05 -41.87
CA GLY R 179 25.00 29.61 -42.17
C GLY R 179 26.10 28.64 -41.79
N THR R 180 27.26 28.76 -42.43
CA THR R 180 28.40 27.94 -42.06
C THR R 180 28.74 28.28 -40.63
N LYS R 181 28.87 27.26 -39.78
CA LYS R 181 29.03 27.50 -38.34
C LYS R 181 30.20 28.42 -37.96
N ARG R 182 31.31 28.38 -38.71
CA ARG R 182 32.49 29.20 -38.38
C ARG R 182 32.24 30.71 -38.41
N TYR R 183 31.27 31.15 -39.23
CA TYR R 183 31.07 32.58 -39.52
C TYR R 183 29.82 33.14 -38.87
N MET R 184 29.13 32.33 -38.07
CA MET R 184 27.91 32.77 -37.42
C MET R 184 28.20 33.83 -36.36
N ALA R 185 27.41 34.90 -36.37
CA ALA R 185 27.54 35.96 -35.37
C ALA R 185 27.03 35.47 -34.01
N PRO R 186 27.42 36.17 -32.91
CA PRO R 186 26.98 35.73 -31.57
C PRO R 186 25.47 35.59 -31.47
N GLU R 187 24.75 36.57 -32.00
CA GLU R 187 23.31 36.58 -31.93
C GLU R 187 22.64 35.42 -32.71
N VAL R 188 23.34 34.83 -33.67
CA VAL R 188 22.82 33.65 -34.37
C VAL R 188 23.06 32.37 -33.55
N LEU R 189 24.22 32.30 -32.91
CA LEU R 189 24.57 31.16 -32.07
C LEU R 189 23.78 31.17 -30.76
N ASP R 190 23.49 32.37 -30.25
CA ASP R 190 22.63 32.52 -29.07
C ASP R 190 21.18 32.22 -29.38
N GLU R 191 20.81 32.28 -30.65
CA GLU R 191 19.40 32.21 -31.08
C GLU R 191 18.60 33.38 -30.52
N GLN R 192 19.28 34.50 -30.28
CA GLN R 192 18.65 35.71 -29.73
C GLN R 192 18.31 36.71 -30.86
N ILE R 193 18.64 36.37 -32.10
CA ILE R 193 18.40 37.23 -33.25
C ILE R 193 16.91 37.30 -33.51
N ARG R 194 16.44 38.50 -33.89
CA ARG R 194 15.04 38.69 -34.27
C ARG R 194 14.85 38.30 -35.75
N THR R 195 14.31 37.10 -35.98
CA THR R 195 14.20 36.54 -37.34
C THR R 195 13.14 37.24 -38.23
N ASP R 196 12.37 38.15 -37.65
CA ASP R 196 11.38 38.92 -38.41
C ASP R 196 11.85 40.38 -38.58
N CYS R 197 13.17 40.61 -38.44
CA CYS R 197 13.75 41.94 -38.65
C CYS R 197 14.87 41.83 -39.68
N PHE R 198 14.76 42.61 -40.76
CA PHE R 198 15.72 42.55 -41.83
C PHE R 198 17.10 43.08 -41.41
N GLU R 199 17.12 44.16 -40.63
CA GLU R 199 18.37 44.77 -40.19
C GLU R 199 19.25 43.76 -39.48
N SER R 200 18.66 42.90 -38.66
CA SER R 200 19.40 41.81 -38.00
C SER R 200 20.28 41.01 -38.96
N TYR R 201 19.71 40.56 -40.07
CA TYR R 201 20.42 39.72 -41.02
C TYR R 201 21.60 40.46 -41.65
N LYS R 202 21.42 41.75 -41.89
CA LYS R 202 22.52 42.60 -42.39
C LYS R 202 23.68 42.63 -41.39
N TRP R 203 23.35 42.71 -40.11
CA TRP R 203 24.37 42.76 -39.07
C TRP R 203 25.17 41.46 -38.94
N THR R 204 24.59 40.33 -39.37
CA THR R 204 25.32 39.05 -39.37
C THR R 204 26.22 38.95 -40.57
N ASP R 205 25.82 39.55 -41.68
CA ASP R 205 26.71 39.69 -42.84
C ASP R 205 27.97 40.45 -42.42
N ILE R 206 27.77 41.54 -41.68
CA ILE R 206 28.88 42.41 -41.29
C ILE R 206 29.89 41.68 -40.40
N TRP R 207 29.41 41.01 -39.35
CA TRP R 207 30.24 40.13 -38.52
C TRP R 207 31.16 39.29 -39.43
N ALA R 208 30.51 38.49 -40.27
CA ALA R 208 31.20 37.60 -41.20
C ALA R 208 32.20 38.35 -42.04
N PHE R 209 31.85 39.57 -42.44
CA PHE R 209 32.73 40.39 -43.27
C PHE R 209 34.03 40.68 -42.52
N GLY R 210 33.90 41.08 -41.26
CA GLY R 210 35.05 41.30 -40.38
C GLY R 210 35.98 40.10 -40.38
N LEU R 211 35.42 38.90 -40.26
CA LEU R 211 36.20 37.68 -40.24
C LEU R 211 36.93 37.51 -41.57
N VAL R 212 36.29 37.85 -42.68
CA VAL R 212 36.96 37.79 -43.99
C VAL R 212 38.12 38.81 -44.08
N LEU R 213 37.94 40.00 -43.50
CA LEU R 213 39.03 41.00 -43.47
C LEU R 213 40.24 40.44 -42.76
N TRP R 214 40.01 39.84 -41.59
CA TRP R 214 41.06 39.15 -40.83
C TRP R 214 41.85 38.21 -41.72
N GLU R 215 41.15 37.34 -42.44
CA GLU R 215 41.79 36.38 -43.37
C GLU R 215 42.70 37.06 -44.39
N ILE R 216 42.24 38.20 -44.93
CA ILE R 216 43.02 38.99 -45.88
C ILE R 216 44.24 39.55 -45.14
N ALA R 217 43.98 40.16 -43.97
CA ALA R 217 45.01 40.85 -43.19
C ALA R 217 46.14 39.88 -42.78
N ARG R 218 45.78 38.69 -42.32
CA ARG R 218 46.75 37.67 -41.94
C ARG R 218 47.74 37.33 -43.07
N ARG R 219 47.25 37.43 -44.29
CA ARG R 219 48.00 37.02 -45.45
C ARG R 219 48.68 38.20 -46.13
N THR R 220 48.78 39.32 -45.41
CA THR R 220 49.39 40.54 -45.96
C THR R 220 50.83 40.82 -45.47
N ILE R 221 51.67 41.28 -46.41
CA ILE R 221 53.11 41.42 -46.19
C ILE R 221 53.42 42.64 -45.34
N VAL R 222 54.25 42.46 -44.33
CA VAL R 222 54.77 43.57 -43.53
C VAL R 222 56.21 43.25 -43.13
N ASN R 223 57.09 44.23 -43.24
CA ASN R 223 58.53 44.01 -43.03
C ASN R 223 58.99 42.70 -43.69
N GLY R 224 58.49 42.43 -44.89
CA GLY R 224 58.88 41.26 -45.67
C GLY R 224 58.31 39.87 -45.35
N ILE R 225 57.57 39.75 -44.25
CA ILE R 225 57.06 38.44 -43.86
C ILE R 225 55.56 38.39 -44.04
N VAL R 226 55.01 37.20 -43.85
CA VAL R 226 53.60 36.96 -43.89
C VAL R 226 53.32 35.62 -43.22
N GLU R 227 52.24 35.52 -42.41
CA GLU R 227 51.81 34.24 -41.83
C GLU R 227 51.23 33.35 -42.91
N ASP R 228 51.31 32.03 -42.69
CA ASP R 228 50.63 31.06 -43.56
C ASP R 228 49.14 31.15 -43.31
N TYR R 229 48.33 30.82 -44.33
CA TYR R 229 46.86 30.96 -44.24
C TYR R 229 46.30 30.10 -43.11
N ARG R 230 45.39 30.69 -42.33
CA ARG R 230 44.56 29.94 -41.37
C ARG R 230 43.16 30.53 -41.42
N PRO R 231 42.13 29.69 -41.19
CA PRO R 231 40.77 30.20 -41.12
C PRO R 231 40.51 30.94 -39.82
N PRO R 232 39.44 31.74 -39.74
CA PRO R 232 39.09 32.36 -38.45
C PRO R 232 38.83 31.32 -37.36
N PHE R 233 39.27 31.63 -36.14
CA PHE R 233 39.16 30.74 -34.99
C PHE R 233 39.93 29.42 -35.14
N TYR R 234 40.95 29.41 -35.99
CA TYR R 234 41.79 28.24 -36.21
C TYR R 234 42.41 27.71 -34.92
N ASP R 235 42.59 28.59 -33.96
CA ASP R 235 43.31 28.26 -32.70
C ASP R 235 42.38 27.86 -31.56
N VAL R 236 41.07 27.95 -31.77
CA VAL R 236 40.10 27.65 -30.71
C VAL R 236 39.03 26.62 -31.08
N VAL R 237 38.91 26.26 -32.36
CA VAL R 237 37.92 25.25 -32.78
C VAL R 237 38.50 24.26 -33.81
N PRO R 238 37.97 23.02 -33.83
CA PRO R 238 38.43 22.01 -34.80
C PRO R 238 38.07 22.36 -36.25
N ASN R 239 38.46 21.48 -37.18
CA ASN R 239 38.09 21.65 -38.60
C ASN R 239 36.58 21.87 -38.84
N ASP R 240 35.75 20.97 -38.33
CA ASP R 240 34.29 21.14 -38.39
C ASP R 240 33.84 21.62 -37.00
N PRO R 241 33.67 22.94 -36.83
CA PRO R 241 33.20 23.42 -35.53
C PRO R 241 31.72 23.09 -35.37
N SER R 242 31.40 22.24 -34.40
CA SER R 242 30.02 21.87 -34.12
C SER R 242 29.32 23.10 -33.56
N PHE R 243 28.09 23.34 -33.99
CA PHE R 243 27.28 24.46 -33.52
C PHE R 243 27.59 24.78 -32.09
N GLU R 244 27.89 23.74 -31.32
CA GLU R 244 28.23 23.87 -29.91
C GLU R 244 29.66 24.39 -29.70
N ASP R 245 30.59 23.94 -30.55
CA ASP R 245 31.99 24.40 -30.49
C ASP R 245 32.03 25.92 -30.65
N MET R 246 31.26 26.43 -31.61
CA MET R 246 31.25 27.87 -31.88
C MET R 246 30.53 28.63 -30.76
N LYS R 247 29.37 28.10 -30.34
CA LYS R 247 28.61 28.69 -29.23
C LYS R 247 29.53 28.96 -28.03
N LYS R 248 30.34 27.97 -27.67
CA LYS R 248 31.25 28.07 -26.52
C LYS R 248 32.32 29.15 -26.72
N VAL R 249 32.93 29.15 -27.90
CA VAL R 249 33.99 30.09 -28.23
C VAL R 249 33.48 31.52 -28.39
N VAL R 250 32.42 31.69 -29.18
CA VAL R 250 31.96 33.03 -29.55
C VAL R 250 31.05 33.65 -28.49
N CYS R 251 30.24 32.83 -27.81
CA CYS R 251 29.27 33.36 -26.85
C CYS R 251 29.73 33.23 -25.43
N VAL R 252 30.08 32.02 -25.01
CA VAL R 252 30.51 31.80 -23.63
C VAL R 252 31.87 32.45 -23.36
N ASP R 253 32.87 32.14 -24.18
CA ASP R 253 34.22 32.69 -24.00
C ASP R 253 34.37 34.10 -24.58
N GLN R 254 33.37 34.57 -25.32
CA GLN R 254 33.37 35.93 -25.89
C GLN R 254 34.64 36.21 -26.72
N GLN R 255 35.10 35.19 -27.44
CA GLN R 255 36.31 35.30 -28.24
C GLN R 255 36.07 35.92 -29.62
N THR R 256 37.06 36.67 -30.07
CA THR R 256 37.09 37.15 -31.44
C THR R 256 38.45 36.85 -31.97
N PRO R 257 38.55 36.76 -33.30
CA PRO R 257 39.85 36.42 -33.83
C PRO R 257 40.86 37.46 -33.40
N THR R 258 42.02 37.00 -32.99
CA THR R 258 42.99 37.86 -32.35
C THR R 258 43.60 38.76 -33.44
N ILE R 259 43.82 40.05 -33.13
CA ILE R 259 44.26 41.06 -34.13
C ILE R 259 45.76 41.46 -34.03
N PRO R 260 46.65 40.77 -34.76
CA PRO R 260 48.11 40.91 -34.66
C PRO R 260 48.59 42.35 -34.47
N ASN R 261 49.53 42.56 -33.54
CA ASN R 261 50.09 43.88 -33.28
C ASN R 261 50.87 44.52 -34.44
N ARG R 262 51.18 43.71 -35.43
CA ARG R 262 51.79 44.13 -36.70
C ARG R 262 50.96 45.09 -37.60
N LEU R 263 49.63 45.08 -37.44
CA LEU R 263 48.73 45.88 -38.31
C LEU R 263 48.78 47.40 -38.04
N ALA R 264 48.97 47.80 -36.79
CA ALA R 264 49.21 49.22 -36.44
C ALA R 264 50.52 49.85 -36.98
N ALA R 265 51.19 49.19 -37.95
CA ALA R 265 52.35 49.75 -38.64
C ALA R 265 51.99 50.44 -39.98
N ASP R 266 51.63 49.64 -40.98
CA ASP R 266 51.30 50.18 -42.31
C ASP R 266 50.04 51.05 -42.21
N PRO R 267 49.91 52.04 -43.11
CA PRO R 267 48.70 52.88 -43.16
C PRO R 267 47.51 52.10 -43.69
N VAL R 268 47.81 51.16 -44.59
CA VAL R 268 46.79 50.31 -45.19
C VAL R 268 46.12 49.49 -44.12
N LEU R 269 46.89 48.61 -43.45
CA LEU R 269 46.33 47.61 -42.52
C LEU R 269 45.87 48.21 -41.19
N SER R 270 46.10 49.49 -40.99
CA SER R 270 45.41 50.24 -39.93
C SER R 270 43.92 50.23 -40.22
N GLY R 271 43.58 50.59 -41.46
CA GLY R 271 42.19 50.73 -41.85
C GLY R 271 41.49 49.42 -41.61
N LEU R 272 42.18 48.33 -41.97
CA LEU R 272 41.54 47.02 -41.88
C LEU R 272 41.36 46.53 -40.44
N ALA R 273 42.39 46.67 -39.62
CA ALA R 273 42.34 46.19 -38.23
C ALA R 273 41.22 46.87 -37.47
N GLN R 274 41.12 48.18 -37.64
CA GLN R 274 40.10 49.00 -36.96
C GLN R 274 38.71 48.65 -37.48
N MET R 275 38.59 48.44 -38.79
CA MET R 275 37.30 48.03 -39.38
C MET R 275 36.87 46.64 -38.91
N MET R 276 37.83 45.74 -38.76
CA MET R 276 37.59 44.41 -38.17
C MET R 276 36.90 44.58 -36.82
N ARG R 277 37.54 45.37 -35.96
CA ARG R 277 37.02 45.62 -34.61
C ARG R 277 35.54 46.08 -34.60
N GLU R 278 35.15 46.98 -35.48
CA GLU R 278 33.81 47.58 -35.50
C GLU R 278 32.79 46.72 -36.25
N CYS R 279 33.26 45.61 -36.81
CA CYS R 279 32.39 44.56 -37.34
C CYS R 279 32.03 43.56 -36.24
N TRP R 280 32.79 43.54 -35.16
CA TRP R 280 32.68 42.48 -34.16
C TRP R 280 32.12 42.92 -32.83
N TYR R 281 31.53 44.12 -32.77
CA TYR R 281 30.84 44.55 -31.54
C TYR R 281 29.72 43.56 -31.24
N PRO R 282 29.63 43.09 -29.97
CA PRO R 282 28.59 42.14 -29.57
C PRO R 282 27.16 42.64 -29.78
N ASN R 283 26.91 43.92 -29.54
CA ASN R 283 25.62 44.53 -29.86
C ASN R 283 25.55 44.87 -31.34
N PRO R 284 24.72 44.12 -32.11
CA PRO R 284 24.70 44.18 -33.58
C PRO R 284 24.49 45.56 -34.18
N SER R 285 23.72 46.41 -33.51
CA SER R 285 23.42 47.74 -34.04
C SER R 285 24.59 48.73 -33.90
N ALA R 286 25.61 48.36 -33.11
CA ALA R 286 26.81 49.20 -32.96
C ALA R 286 27.78 49.00 -34.12
N ARG R 287 27.53 48.01 -34.98
CA ARG R 287 28.44 47.67 -36.06
C ARG R 287 28.34 48.62 -37.24
N LEU R 288 29.43 48.74 -37.98
CA LEU R 288 29.43 49.54 -39.21
C LEU R 288 28.48 48.92 -40.24
N THR R 289 27.99 49.76 -41.12
CA THR R 289 27.20 49.31 -42.25
C THR R 289 28.16 49.03 -43.40
N ALA R 290 27.72 48.28 -44.40
CA ALA R 290 28.57 47.97 -45.55
C ALA R 290 28.95 49.24 -46.31
N LEU R 291 28.01 50.17 -46.42
CA LEU R 291 28.28 51.44 -47.07
C LEU R 291 29.40 52.20 -46.35
N ARG R 292 29.34 52.25 -45.02
CA ARG R 292 30.35 52.97 -44.24
C ARG R 292 31.72 52.30 -44.37
N ILE R 293 31.75 50.97 -44.45
CA ILE R 293 32.99 50.24 -44.66
C ILE R 293 33.56 50.59 -46.04
N LYS R 294 32.74 50.43 -47.08
CA LYS R 294 33.13 50.84 -48.43
C LYS R 294 33.77 52.23 -48.39
N LYS R 295 33.05 53.21 -47.84
CA LYS R 295 33.52 54.59 -47.86
C LYS R 295 34.86 54.76 -47.16
N THR R 296 35.01 54.19 -45.97
CA THR R 296 36.27 54.30 -45.23
C THR R 296 37.43 53.74 -46.06
N LEU R 297 37.21 52.61 -46.73
CA LEU R 297 38.23 51.98 -47.58
C LEU R 297 38.66 52.82 -48.81
N GLN R 298 37.75 53.68 -49.29
CA GLN R 298 38.00 54.52 -50.48
C GLN R 298 38.84 55.75 -50.15
N LYS R 299 39.01 56.02 -48.86
CA LYS R 299 39.75 57.19 -48.42
C LYS R 299 41.25 56.93 -48.44
N ILE R 300 41.65 55.67 -48.27
CA ILE R 300 43.08 55.33 -48.06
C ILE R 300 43.88 55.31 -49.37
N SER R 301 43.45 54.43 -50.30
CA SER R 301 43.94 54.42 -51.68
C SER R 301 43.12 55.38 -52.54
N MET S 2 58.63 99.33 -24.70
CA MET S 2 58.75 97.90 -24.25
C MET S 2 57.59 97.49 -23.34
N GLN S 3 57.54 96.20 -23.02
CA GLN S 3 56.73 95.65 -21.95
C GLN S 3 57.03 96.20 -20.52
N ARG S 4 58.25 96.70 -20.30
CA ARG S 4 58.70 97.21 -19.00
C ARG S 4 57.81 98.29 -18.42
N THR S 5 57.40 99.25 -19.25
CA THR S 5 56.39 100.23 -18.84
C THR S 5 55.01 99.55 -18.86
N VAL S 6 54.57 99.13 -20.05
CA VAL S 6 53.27 98.44 -20.22
C VAL S 6 52.74 97.71 -18.99
N ALA S 7 53.63 97.11 -18.21
CA ALA S 7 53.21 96.33 -17.04
C ALA S 7 52.83 97.26 -15.87
N ARG S 8 53.62 98.34 -15.73
CA ARG S 8 53.54 99.35 -14.66
C ARG S 8 52.27 100.19 -14.74
N GLN S 9 51.80 100.44 -15.96
CA GLN S 9 50.65 101.31 -16.21
C GLN S 9 49.30 100.58 -16.08
N VAL S 10 49.32 99.26 -16.25
CA VAL S 10 48.08 98.47 -16.19
C VAL S 10 47.41 98.56 -14.83
N ALA S 11 46.13 98.91 -14.83
CA ALA S 11 45.32 98.96 -13.61
C ALA S 11 44.45 97.73 -13.59
N LEU S 12 44.43 97.03 -12.45
CA LEU S 12 43.64 95.80 -12.30
C LEU S 12 42.26 96.17 -11.82
N VAL S 13 41.23 95.68 -12.49
CA VAL S 13 39.87 96.06 -12.18
C VAL S 13 39.09 94.91 -11.56
N GLU S 14 39.07 93.76 -12.23
CA GLU S 14 38.20 92.64 -11.85
C GLU S 14 38.92 91.31 -11.98
N CYS S 15 38.80 90.46 -10.95
CA CYS S 15 39.32 89.11 -11.00
C CYS S 15 38.27 88.20 -11.63
N VAL S 16 38.58 87.66 -12.79
CA VAL S 16 37.63 86.87 -13.55
C VAL S 16 37.95 85.36 -13.51
N GLY S 17 39.03 84.99 -12.81
CA GLY S 17 39.42 83.57 -12.69
C GLY S 17 40.44 83.32 -11.61
N LYS S 18 40.36 82.13 -11.01
CA LYS S 18 41.25 81.74 -9.91
C LYS S 18 41.38 80.21 -9.88
N GLY S 19 42.58 79.72 -9.58
CA GLY S 19 42.86 78.28 -9.61
C GLY S 19 44.29 77.96 -9.20
N ARG S 20 44.70 76.71 -9.44
CA ARG S 20 46.04 76.25 -9.06
C ARG S 20 47.14 76.90 -9.93
N TYR S 21 46.73 77.34 -11.12
CA TYR S 21 47.62 78.06 -12.02
C TYR S 21 47.94 79.48 -11.54
N GLY S 22 47.09 80.03 -10.67
CA GLY S 22 47.21 81.43 -10.22
C GLY S 22 45.86 82.14 -10.32
N GLU S 23 45.84 83.32 -10.92
CA GLU S 23 44.61 84.11 -11.10
C GLU S 23 44.69 84.85 -12.40
N VAL S 24 43.55 85.12 -13.01
CA VAL S 24 43.48 85.98 -14.20
C VAL S 24 42.60 87.16 -13.86
N TRP S 25 43.06 88.35 -14.20
CA TRP S 25 42.37 89.59 -13.92
C TRP S 25 42.09 90.35 -15.17
N ARG S 26 40.96 91.06 -15.23
CA ARG S 26 40.69 92.03 -16.29
C ARG S 26 41.37 93.31 -15.89
N GLY S 27 42.14 93.89 -16.81
CA GLY S 27 42.88 95.12 -16.53
C GLY S 27 42.62 96.21 -17.58
N LEU S 28 42.82 97.46 -17.19
CA LEU S 28 42.70 98.60 -18.08
C LEU S 28 44.11 99.14 -18.41
N TRP S 29 44.39 99.31 -19.69
CA TRP S 29 45.60 99.95 -20.12
C TRP S 29 45.30 100.93 -21.25
N HIS S 30 45.49 102.22 -20.97
CA HIS S 30 45.17 103.30 -21.90
C HIS S 30 43.83 103.06 -22.59
N GLY S 31 42.77 102.94 -21.79
CA GLY S 31 41.40 102.80 -22.31
C GLY S 31 40.96 101.41 -22.69
N GLU S 32 41.87 100.60 -23.24
CA GLU S 32 41.56 99.24 -23.70
C GLU S 32 41.63 98.22 -22.57
N SER S 33 40.98 97.08 -22.78
CA SER S 33 40.97 95.99 -21.81
C SER S 33 42.07 94.94 -22.11
N VAL S 34 42.78 94.52 -21.07
CA VAL S 34 43.79 93.45 -21.19
C VAL S 34 43.57 92.40 -20.12
N ALA S 35 44.06 91.19 -20.37
CA ALA S 35 44.05 90.13 -19.37
C ALA S 35 45.40 90.10 -18.71
N VAL S 36 45.41 90.00 -17.39
CA VAL S 36 46.65 89.88 -16.64
C VAL S 36 46.61 88.58 -15.83
N LYS S 37 47.35 87.58 -16.29
CA LYS S 37 47.51 86.33 -15.53
C LYS S 37 48.64 86.38 -14.51
N ILE S 38 48.30 86.42 -13.23
CA ILE S 38 49.28 86.40 -12.17
C ILE S 38 49.47 84.93 -11.81
N PHE S 39 50.69 84.41 -11.96
CA PHE S 39 50.96 82.99 -11.78
C PHE S 39 51.21 82.69 -10.33
N SER S 40 50.86 81.48 -9.91
CA SER S 40 51.15 81.02 -8.54
C SER S 40 52.58 80.55 -8.46
N SER S 41 53.09 80.47 -7.25
CA SER S 41 54.45 79.99 -7.00
C SER S 41 54.66 78.57 -7.51
N ARG S 42 53.65 77.74 -7.42
CA ARG S 42 53.75 76.35 -7.86
C ARG S 42 53.82 76.19 -9.37
N ASP S 43 53.63 77.28 -10.12
CA ASP S 43 53.52 77.22 -11.57
C ASP S 43 54.44 78.23 -12.26
N GLU S 44 55.47 78.66 -11.54
CA GLU S 44 56.46 79.59 -12.08
C GLU S 44 57.09 79.13 -13.40
N GLN S 45 57.28 77.82 -13.55
CA GLN S 45 57.94 77.30 -14.76
C GLN S 45 57.06 77.42 -16.02
N SER S 46 55.73 77.48 -15.83
CA SER S 46 54.80 77.73 -16.93
C SER S 46 54.92 79.16 -17.44
N TRP S 47 55.11 80.12 -16.53
CA TRP S 47 55.33 81.53 -16.89
C TRP S 47 56.64 81.68 -17.68
N PHE S 48 57.66 80.95 -17.26
CA PHE S 48 58.94 81.02 -17.92
C PHE S 48 58.84 80.52 -19.35
N ARG S 49 58.23 79.34 -19.51
CA ARG S 49 58.09 78.72 -20.82
C ARG S 49 57.27 79.57 -21.75
N GLU S 50 56.19 80.10 -21.22
CA GLU S 50 55.27 80.89 -22.00
C GLU S 50 55.93 82.19 -22.41
N THR S 51 56.71 82.78 -21.49
CA THR S 51 57.47 84.00 -21.77
C THR S 51 58.54 83.77 -22.82
N GLU S 52 59.27 82.65 -22.74
CA GLU S 52 60.28 82.30 -23.75
C GLU S 52 59.62 82.20 -25.12
N ILE S 53 58.57 81.37 -25.22
CA ILE S 53 57.91 81.10 -26.49
C ILE S 53 57.31 82.35 -27.18
N TYR S 54 56.64 83.17 -26.38
CA TYR S 54 56.01 84.37 -26.91
C TYR S 54 57.07 85.40 -27.36
N ASN S 55 58.20 85.48 -26.67
CA ASN S 55 59.26 86.41 -27.07
C ASN S 55 60.13 85.91 -28.21
N THR S 56 60.07 84.60 -28.45
CA THR S 56 61.06 83.91 -29.28
C THR S 56 60.52 83.41 -30.62
N VAL S 57 59.25 83.07 -30.65
CA VAL S 57 58.62 82.45 -31.78
C VAL S 57 57.64 83.45 -32.40
N LEU S 58 57.72 83.65 -33.71
CA LEU S 58 56.77 84.47 -34.46
C LEU S 58 55.43 83.74 -34.58
N LEU S 59 54.51 84.03 -33.67
CA LEU S 59 53.34 83.20 -33.45
C LEU S 59 52.00 83.89 -33.65
N ARG S 60 52.01 85.20 -33.80
CA ARG S 60 50.81 85.99 -33.95
C ARG S 60 49.88 85.32 -34.95
N HIS S 61 48.60 85.18 -34.56
CA HIS S 61 47.58 84.56 -35.39
C HIS S 61 46.22 84.84 -34.76
N ASP S 62 45.22 85.06 -35.60
CA ASP S 62 43.86 85.29 -35.15
C ASP S 62 43.37 84.24 -34.13
N ASN S 63 43.78 83.00 -34.30
CA ASN S 63 43.32 81.92 -33.44
C ASN S 63 44.31 81.46 -32.38
N ILE S 64 45.19 82.36 -31.98
CA ILE S 64 46.11 82.16 -30.86
C ILE S 64 46.08 83.43 -30.01
N LEU S 65 46.02 83.28 -28.70
CA LEU S 65 45.86 84.42 -27.81
C LEU S 65 47.04 85.42 -28.01
N GLY S 66 46.71 86.69 -28.18
CA GLY S 66 47.67 87.73 -28.42
C GLY S 66 48.45 88.05 -27.15
N PHE S 67 49.76 88.16 -27.32
CA PHE S 67 50.68 88.47 -26.26
C PHE S 67 50.87 89.99 -26.27
N ILE S 68 50.92 90.58 -25.07
CA ILE S 68 51.27 92.00 -24.94
C ILE S 68 52.60 92.18 -24.17
N ALA S 69 52.72 91.56 -23.01
CA ALA S 69 53.90 91.71 -22.18
C ALA S 69 54.08 90.59 -21.18
N SER S 70 55.29 90.53 -20.60
CA SER S 70 55.60 89.63 -19.52
C SER S 70 56.48 90.39 -18.52
N ASP S 71 56.16 90.30 -17.24
CA ASP S 71 56.88 91.07 -16.25
C ASP S 71 57.08 90.28 -14.98
N MET S 72 58.19 90.57 -14.29
CA MET S 72 58.35 90.23 -12.91
C MET S 72 58.01 91.53 -12.26
N THR S 73 57.19 91.55 -11.22
CA THR S 73 56.84 92.82 -10.56
C THR S 73 56.74 92.73 -9.05
N SER S 74 56.63 93.87 -8.38
CA SER S 74 56.33 93.90 -6.93
C SER S 74 56.15 95.31 -6.36
N GLN S 80 55.67 89.56 -8.35
CA GLN S 80 54.94 88.44 -8.89
C GLN S 80 55.41 88.15 -10.28
N LEU S 81 54.93 87.05 -10.84
CA LEU S 81 55.16 86.83 -12.25
C LEU S 81 53.87 87.10 -13.03
N TRP S 82 53.92 88.03 -13.97
CA TRP S 82 52.76 88.45 -14.76
C TRP S 82 52.92 88.10 -16.24
N LEU S 83 51.77 87.74 -16.84
CA LEU S 83 51.66 87.63 -18.28
C LEU S 83 50.46 88.45 -18.69
N ILE S 84 50.67 89.46 -19.53
CA ILE S 84 49.60 90.34 -19.98
C ILE S 84 49.25 90.03 -21.45
N THR S 85 47.98 89.84 -21.73
CA THR S 85 47.53 89.43 -23.08
C THR S 85 46.27 90.19 -23.47
N HIS S 86 45.79 89.97 -24.69
CA HIS S 86 44.46 90.47 -25.07
C HIS S 86 43.45 89.90 -24.08
N TYR S 87 42.34 90.62 -23.90
CA TYR S 87 41.24 90.18 -23.06
C TYR S 87 40.03 89.86 -23.90
N HIS S 88 39.39 88.71 -23.61
CA HIS S 88 38.17 88.29 -24.28
C HIS S 88 37.05 88.10 -23.29
N GLU S 89 36.01 88.92 -23.43
CA GLU S 89 34.89 89.03 -22.49
C GLU S 89 34.17 87.74 -22.25
N HIS S 90 33.93 86.99 -23.32
CA HIS S 90 33.18 85.74 -23.23
C HIS S 90 33.88 84.71 -22.36
N GLY S 91 35.16 84.92 -22.11
CA GLY S 91 35.93 83.98 -21.33
C GLY S 91 36.28 82.77 -22.17
N SER S 92 36.52 81.65 -21.49
CA SER S 92 36.90 80.41 -22.16
C SER S 92 35.74 79.71 -22.82
N LEU S 93 36.08 78.74 -23.64
CA LEU S 93 35.07 77.91 -24.29
C LEU S 93 34.24 77.20 -23.22
N TYR S 94 34.90 76.77 -22.15
CA TYR S 94 34.23 76.21 -21.00
C TYR S 94 33.13 77.15 -20.54
N ASP S 95 33.54 78.39 -20.27
CA ASP S 95 32.62 79.42 -19.75
C ASP S 95 31.45 79.65 -20.70
N PHE S 96 31.77 79.80 -21.99
CA PHE S 96 30.78 80.12 -23.03
C PHE S 96 29.77 78.99 -23.14
N LEU S 97 30.28 77.76 -23.23
CA LEU S 97 29.44 76.57 -23.33
C LEU S 97 28.57 76.36 -22.07
N GLN S 98 28.98 76.94 -20.95
CA GLN S 98 28.21 76.85 -19.72
C GLN S 98 26.88 77.55 -19.86
N ARG S 99 26.95 78.79 -20.35
CA ARG S 99 25.78 79.65 -20.43
C ARG S 99 25.00 79.56 -21.75
N GLN S 100 25.72 79.41 -22.86
CA GLN S 100 25.15 79.56 -24.19
C GLN S 100 24.93 78.21 -24.87
N THR S 101 23.84 78.13 -25.64
CA THR S 101 23.53 76.97 -26.47
C THR S 101 23.92 77.35 -27.89
N LEU S 102 24.24 76.37 -28.72
CA LEU S 102 24.83 76.68 -30.03
C LEU S 102 23.96 76.21 -31.18
N GLU S 103 23.61 77.14 -32.07
CA GLU S 103 23.06 76.78 -33.38
C GLU S 103 24.17 76.03 -34.14
N PRO S 104 23.79 75.05 -34.99
CA PRO S 104 24.78 74.27 -35.75
C PRO S 104 25.83 75.13 -36.45
N HIS S 105 25.43 76.24 -37.06
CA HIS S 105 26.37 77.17 -37.71
C HIS S 105 27.44 77.66 -36.73
N LEU S 106 27.02 78.00 -35.52
CA LEU S 106 27.95 78.53 -34.51
C LEU S 106 28.89 77.44 -33.98
N ALA S 107 28.34 76.25 -33.78
CA ALA S 107 29.14 75.10 -33.40
C ALA S 107 30.29 74.91 -34.38
N LEU S 108 30.02 75.00 -35.68
CA LEU S 108 31.03 74.77 -36.72
C LEU S 108 32.06 75.92 -36.74
N ARG S 109 31.59 77.12 -36.43
CA ARG S 109 32.48 78.28 -36.43
C ARG S 109 33.50 78.14 -35.32
N LEU S 110 33.03 77.77 -34.13
CA LEU S 110 33.95 77.55 -33.01
C LEU S 110 34.89 76.38 -33.31
N ALA S 111 34.35 75.30 -33.85
CA ALA S 111 35.16 74.11 -34.16
C ALA S 111 36.20 74.42 -35.21
N VAL S 112 35.85 75.14 -36.27
CA VAL S 112 36.80 75.39 -37.38
C VAL S 112 37.94 76.31 -36.94
N SER S 113 37.60 77.37 -36.20
CA SER S 113 38.57 78.34 -35.73
C SER S 113 39.50 77.72 -34.71
N ALA S 114 38.98 76.88 -33.82
CA ALA S 114 39.83 76.15 -32.89
C ALA S 114 40.83 75.30 -33.67
N ALA S 115 40.31 74.59 -34.68
CA ALA S 115 41.17 73.77 -35.55
C ALA S 115 42.23 74.63 -36.24
N CYS S 116 41.89 75.85 -36.63
CA CYS S 116 42.87 76.71 -37.33
C CYS S 116 44.04 76.99 -36.39
N GLY S 117 43.71 77.36 -35.15
CA GLY S 117 44.65 77.57 -34.10
C GLY S 117 45.57 76.37 -33.95
N LEU S 118 45.03 75.20 -33.70
CA LEU S 118 45.87 74.01 -33.48
C LEU S 118 46.74 73.66 -34.71
N ALA S 119 46.18 73.79 -35.91
CA ALA S 119 46.93 73.53 -37.13
C ALA S 119 48.15 74.44 -37.25
N HIS S 120 47.93 75.70 -36.88
CA HIS S 120 48.95 76.72 -36.95
C HIS S 120 50.09 76.42 -35.99
N LEU S 121 49.73 75.98 -34.80
CA LEU S 121 50.72 75.53 -33.82
C LEU S 121 51.55 74.35 -34.33
N HIS S 122 50.90 73.35 -34.91
CA HIS S 122 51.51 72.07 -35.25
C HIS S 122 52.43 72.16 -36.50
N VAL S 123 52.03 72.97 -37.48
CA VAL S 123 52.69 73.02 -38.76
C VAL S 123 53.87 73.94 -38.65
N GLU S 124 55.05 73.43 -39.02
CA GLU S 124 56.25 74.25 -39.12
C GLU S 124 56.12 75.09 -40.36
N ILE S 125 56.27 76.38 -40.23
CA ILE S 125 56.41 77.22 -41.40
C ILE S 125 57.88 77.51 -41.44
N PHE S 126 58.39 77.84 -42.62
CA PHE S 126 59.82 77.89 -42.89
C PHE S 126 60.27 79.28 -43.33
N GLY S 127 61.59 79.54 -43.26
CA GLY S 127 62.16 80.83 -43.66
C GLY S 127 62.10 81.82 -42.53
N THR S 128 62.82 82.94 -42.60
CA THR S 128 62.97 83.80 -41.42
C THR S 128 61.68 84.31 -40.82
N GLN S 129 60.59 84.35 -41.59
CA GLN S 129 59.24 84.69 -41.03
C GLN S 129 58.47 83.47 -40.55
N GLY S 130 59.21 82.42 -40.21
CA GLY S 130 58.68 81.12 -39.95
C GLY S 130 58.40 80.86 -38.50
N LYS S 131 58.11 79.59 -38.19
CA LYS S 131 57.95 79.13 -36.82
C LYS S 131 58.22 77.64 -36.71
N PRO S 132 58.78 77.18 -35.57
CA PRO S 132 58.97 75.75 -35.49
C PRO S 132 57.63 75.11 -35.24
N ALA S 133 57.56 73.78 -35.36
CA ALA S 133 56.35 73.06 -35.06
C ALA S 133 56.16 73.09 -33.56
N ILE S 134 54.94 73.33 -33.07
CA ILE S 134 54.65 73.45 -31.62
C ILE S 134 53.47 72.55 -31.25
N ALA S 135 53.63 71.75 -30.20
CA ALA S 135 52.57 70.93 -29.63
C ALA S 135 52.21 71.49 -28.26
N HIS S 136 50.90 71.58 -27.98
CA HIS S 136 50.35 72.28 -26.81
C HIS S 136 50.60 71.51 -25.52
N ARG S 137 50.14 70.26 -25.48
CA ARG S 137 50.29 69.36 -24.35
C ARG S 137 49.29 69.61 -23.19
N ASP S 138 48.47 70.65 -23.30
CA ASP S 138 47.37 70.85 -22.33
C ASP S 138 46.13 71.45 -23.00
N PHE S 139 45.73 70.86 -24.12
CA PHE S 139 44.60 71.35 -24.90
C PHE S 139 43.31 70.90 -24.25
N LYS S 140 42.50 71.89 -23.91
CA LYS S 140 41.23 71.68 -23.23
C LYS S 140 40.35 72.90 -23.40
N SER S 141 39.07 72.77 -23.09
CA SER S 141 38.11 73.87 -23.35
C SER S 141 38.35 75.07 -22.48
N ARG S 142 39.00 74.87 -21.33
CA ARG S 142 39.41 76.01 -20.47
C ARG S 142 40.57 76.79 -21.04
N ASN S 143 41.35 76.20 -21.95
CA ASN S 143 42.53 76.88 -22.57
C ASN S 143 42.24 77.39 -23.98
N VAL S 144 40.95 77.51 -24.30
CA VAL S 144 40.48 78.06 -25.57
C VAL S 144 39.55 79.19 -25.21
N LEU S 145 39.79 80.38 -25.75
CA LEU S 145 38.97 81.55 -25.46
C LEU S 145 38.05 81.82 -26.59
N VAL S 146 36.90 82.44 -26.33
CA VAL S 146 35.94 82.78 -27.39
C VAL S 146 35.90 84.29 -27.58
N LYS S 147 36.21 84.72 -28.80
CA LYS S 147 36.33 86.15 -29.10
C LYS S 147 34.98 86.80 -29.36
N SER S 148 34.99 88.12 -29.51
CA SER S 148 33.79 88.88 -29.86
C SER S 148 33.10 88.40 -31.12
N ASN S 149 33.87 88.05 -32.14
CA ASN S 149 33.34 87.51 -33.39
C ASN S 149 33.07 86.01 -33.30
N LEU S 150 32.92 85.49 -32.08
CA LEU S 150 32.58 84.10 -31.83
C LEU S 150 33.48 83.12 -32.60
N GLN S 151 34.76 83.48 -32.74
CA GLN S 151 35.81 82.56 -33.18
C GLN S 151 36.66 82.27 -31.97
N CYS S 152 37.33 81.12 -31.98
CA CYS S 152 38.20 80.71 -30.88
C CYS S 152 39.65 81.21 -31.04
N CYS S 153 40.38 81.28 -29.93
CA CYS S 153 41.82 81.34 -30.01
C CYS S 153 42.44 80.60 -28.85
N ILE S 154 43.52 79.88 -29.13
CA ILE S 154 44.15 79.02 -28.12
C ILE S 154 45.06 79.81 -27.18
N ALA S 155 45.04 79.43 -25.91
CA ALA S 155 45.89 80.04 -24.89
C ALA S 155 46.70 78.99 -24.13
N ASP S 156 47.56 79.47 -23.24
CA ASP S 156 48.33 78.66 -22.29
C ASP S 156 49.37 77.78 -22.95
N LEU S 157 50.49 78.39 -23.32
CA LEU S 157 51.58 77.67 -23.95
C LEU S 157 52.61 77.15 -22.95
N GLY S 158 52.25 77.17 -21.67
CA GLY S 158 53.16 76.84 -20.58
C GLY S 158 53.83 75.49 -20.64
N LEU S 159 53.21 74.51 -21.28
CA LEU S 159 53.74 73.16 -21.40
C LEU S 159 54.12 72.82 -22.83
N ALA S 160 54.20 73.81 -23.70
CA ALA S 160 54.43 73.52 -25.11
C ALA S 160 55.80 72.91 -25.34
N VAL S 161 55.89 72.10 -26.40
CA VAL S 161 57.15 71.53 -26.83
C VAL S 161 57.35 71.82 -28.30
N MET S 162 58.62 72.03 -28.62
CA MET S 162 58.97 72.51 -29.93
C MET S 162 59.98 71.64 -30.65
N HIS S 163 59.82 71.58 -31.96
CA HIS S 163 60.69 70.82 -32.81
C HIS S 163 60.86 71.55 -34.12
N SER S 164 62.06 71.52 -34.67
CA SER S 164 62.31 72.08 -35.99
C SER S 164 62.77 70.95 -36.90
N GLN S 165 62.25 70.90 -38.12
CA GLN S 165 62.73 69.91 -39.08
C GLN S 165 64.22 70.19 -39.24
N GLY S 166 65.02 69.15 -39.00
CA GLY S 166 66.44 69.30 -38.80
C GLY S 166 66.87 68.16 -37.91
N SER S 167 67.13 68.43 -36.64
CA SER S 167 67.49 67.33 -35.73
C SER S 167 67.39 67.71 -34.27
N ASP S 168 67.41 66.68 -33.42
CA ASP S 168 67.40 66.83 -31.97
C ASP S 168 68.59 67.73 -31.60
N TYR S 169 68.40 68.68 -30.67
CA TYR S 169 67.36 68.69 -29.64
C TYR S 169 65.88 68.75 -30.06
N LEU S 170 65.04 68.24 -29.17
CA LEU S 170 63.64 68.52 -29.16
C LEU S 170 63.40 69.39 -27.94
N ASP S 171 63.05 70.66 -28.17
CA ASP S 171 62.87 71.63 -27.09
C ASP S 171 61.64 71.29 -26.24
N ILE S 172 61.90 70.67 -25.08
CA ILE S 172 60.86 70.10 -24.23
C ILE S 172 60.67 70.84 -22.89
N GLY S 173 61.66 71.61 -22.46
CA GLY S 173 61.46 72.46 -21.27
C GLY S 173 61.78 71.76 -19.96
N ASN S 174 61.42 72.42 -18.85
CA ASN S 174 61.76 71.94 -17.50
C ASN S 174 60.59 72.21 -16.55
N ASN S 175 59.40 71.87 -16.99
CA ASN S 175 58.22 72.15 -16.20
C ASN S 175 57.70 70.89 -15.50
N PRO S 176 57.72 70.87 -14.14
CA PRO S 176 57.12 69.75 -13.42
C PRO S 176 55.62 69.49 -13.68
N ARG S 177 54.87 70.52 -14.08
CA ARG S 177 53.45 70.42 -14.39
C ARG S 177 53.19 69.33 -15.44
N VAL S 178 52.03 68.69 -15.37
CA VAL S 178 51.59 67.80 -16.44
C VAL S 178 50.22 68.25 -16.96
N GLY S 179 49.76 67.55 -17.99
CA GLY S 179 48.47 67.83 -18.58
C GLY S 179 47.32 67.67 -17.60
N THR S 180 46.20 68.31 -17.90
CA THR S 180 44.95 68.10 -17.17
C THR S 180 44.54 66.62 -17.27
N LYS S 181 44.42 65.97 -16.12
CA LYS S 181 44.22 64.53 -16.05
C LYS S 181 43.03 64.05 -16.86
N ARG S 182 41.93 64.80 -16.82
CA ARG S 182 40.72 64.46 -17.58
C ARG S 182 40.96 64.31 -19.08
N TYR S 183 41.98 64.97 -19.61
CA TYR S 183 42.21 65.06 -21.06
C TYR S 183 43.40 64.23 -21.55
N MET S 184 44.01 63.46 -20.66
CA MET S 184 45.19 62.70 -21.01
C MET S 184 44.83 61.55 -21.91
N ALA S 185 45.59 61.37 -22.99
CA ALA S 185 45.37 60.27 -23.93
C ALA S 185 45.68 58.95 -23.25
N PRO S 186 45.23 57.82 -23.83
CA PRO S 186 45.58 56.51 -23.26
C PRO S 186 47.08 56.30 -23.11
N GLU S 187 47.83 56.66 -24.14
CA GLU S 187 49.29 56.44 -24.15
C GLU S 187 50.02 57.28 -23.09
N VAL S 188 49.42 58.37 -22.62
CA VAL S 188 50.00 59.13 -21.52
C VAL S 188 49.69 58.44 -20.19
N LEU S 189 48.48 57.94 -20.05
CA LEU S 189 48.06 57.28 -18.82
C LEU S 189 48.69 55.89 -18.67
N ASP S 190 48.96 55.24 -19.79
CA ASP S 190 49.74 53.97 -19.81
C ASP S 190 51.22 54.21 -19.49
N GLU S 191 51.68 55.44 -19.73
CA GLU S 191 53.12 55.76 -19.71
C GLU S 191 53.85 55.00 -20.80
N GLN S 192 53.13 54.71 -21.89
CA GLN S 192 53.66 53.99 -23.05
C GLN S 192 54.06 54.94 -24.18
N ILE S 193 53.88 56.23 -23.95
CA ILE S 193 54.27 57.24 -24.93
C ILE S 193 55.80 57.36 -25.06
N ARG S 194 56.28 57.57 -26.28
CA ARG S 194 57.69 57.80 -26.54
C ARG S 194 58.03 59.31 -26.40
N THR S 195 58.63 59.71 -25.27
CA THR S 195 58.84 61.14 -24.94
C THR S 195 59.97 61.86 -25.70
N ASP S 196 60.67 61.14 -26.56
CA ASP S 196 61.71 61.74 -27.41
C ASP S 196 61.26 61.80 -28.87
N CYS S 197 59.95 61.74 -29.10
CA CYS S 197 59.39 61.84 -30.45
C CYS S 197 58.34 62.95 -30.48
N PHE S 198 58.53 63.93 -31.36
CA PHE S 198 57.66 65.09 -31.41
C PHE S 198 56.24 64.73 -31.88
N GLU S 199 56.13 63.86 -32.89
CA GLU S 199 54.82 63.46 -33.43
C GLU S 199 53.90 62.93 -32.34
N SER S 200 54.45 62.14 -31.41
CA SER S 200 53.67 61.68 -30.26
C SER S 200 52.90 62.79 -29.57
N TYR S 201 53.57 63.89 -29.23
CA TYR S 201 52.92 64.97 -28.50
C TYR S 201 51.78 65.62 -29.30
N LYS S 202 51.96 65.70 -30.63
CA LYS S 202 50.91 66.19 -31.51
C LYS S 202 49.67 65.30 -31.45
N TRP S 203 49.88 64.00 -31.38
CA TRP S 203 48.79 63.04 -31.34
C TRP S 203 47.99 63.13 -30.03
N THR S 204 48.62 63.61 -28.96
CA THR S 204 47.91 63.79 -27.69
C THR S 204 47.11 65.10 -27.73
N ASP S 205 47.62 66.09 -28.44
CA ASP S 205 46.84 67.30 -28.70
C ASP S 205 45.56 66.92 -29.40
N ILE S 206 45.66 66.03 -30.40
CA ILE S 206 44.52 65.62 -31.23
C ILE S 206 43.42 64.91 -30.40
N TRP S 207 43.80 63.90 -29.62
CA TRP S 207 42.91 63.25 -28.67
C TRP S 207 42.09 64.29 -27.93
N ALA S 208 42.80 65.18 -27.24
CA ALA S 208 42.18 66.23 -26.47
C ALA S 208 41.25 67.08 -27.28
N PHE S 209 41.61 67.31 -28.55
CA PHE S 209 40.81 68.12 -29.45
C PHE S 209 39.47 67.44 -29.68
N GLY S 210 39.49 66.14 -29.93
CA GLY S 210 38.30 65.35 -30.05
C GLY S 210 37.38 65.54 -28.88
N LEU S 211 37.94 65.57 -27.67
CA LEU S 211 37.15 65.73 -26.45
C LEU S 211 36.51 67.09 -26.42
N VAL S 212 37.22 68.10 -26.91
CA VAL S 212 36.65 69.45 -26.97
C VAL S 212 35.52 69.56 -28.01
N LEU S 213 35.61 68.81 -29.13
CA LEU S 213 34.53 68.79 -30.11
C LEU S 213 33.26 68.23 -29.47
N TRP S 214 33.42 67.12 -28.75
CA TRP S 214 32.32 66.53 -27.98
C TRP S 214 31.61 67.57 -27.11
N GLU S 215 32.38 68.36 -26.38
CA GLU S 215 31.83 69.42 -25.52
C GLU S 215 31.03 70.43 -26.31
N ILE S 216 31.52 70.78 -27.51
CA ILE S 216 30.81 71.69 -28.41
C ILE S 216 29.54 71.04 -28.94
N ALA S 217 29.67 69.78 -29.36
CA ALA S 217 28.59 68.99 -29.95
C ALA S 217 27.45 68.82 -28.98
N ARG S 218 27.76 68.41 -27.74
CA ARG S 218 26.74 68.22 -26.68
C ARG S 218 25.84 69.45 -26.49
N ARG S 219 26.42 70.62 -26.69
CA ARG S 219 25.76 71.87 -26.43
C ARG S 219 25.11 72.44 -27.70
N THR S 220 25.04 71.63 -28.76
CA THR S 220 24.48 72.10 -30.05
C THR S 220 23.03 71.61 -30.33
N ILE S 221 22.14 72.56 -30.54
CA ILE S 221 20.73 72.32 -30.78
C ILE S 221 20.52 71.60 -32.11
N VAL S 222 20.14 70.33 -32.02
CA VAL S 222 19.85 69.53 -33.23
C VAL S 222 18.33 69.39 -33.45
N ASN S 223 17.74 68.26 -33.03
CA ASN S 223 16.29 68.00 -33.19
C ASN S 223 15.47 68.64 -32.06
N GLY S 224 15.95 69.79 -31.58
CA GLY S 224 15.36 70.48 -30.45
C GLY S 224 15.88 70.09 -29.09
N ILE S 225 16.66 69.01 -29.03
CA ILE S 225 17.22 68.56 -27.76
C ILE S 225 18.66 69.05 -27.65
N VAL S 226 18.97 69.79 -26.58
CA VAL S 226 20.27 70.44 -26.39
C VAL S 226 20.70 70.34 -24.92
N GLU S 227 21.49 69.30 -24.64
CA GLU S 227 21.80 68.85 -23.28
C GLU S 227 22.50 69.97 -22.49
N ASP S 228 22.38 69.93 -21.17
CA ASP S 228 23.12 70.86 -20.31
C ASP S 228 24.60 70.52 -20.40
N TYR S 229 25.45 71.52 -20.13
CA TYR S 229 26.90 71.29 -20.21
C TYR S 229 27.38 70.22 -19.24
N ARG S 230 28.22 69.31 -19.74
CA ARG S 230 28.97 68.39 -18.91
C ARG S 230 30.39 68.26 -19.48
N PRO S 231 31.36 68.01 -18.61
CA PRO S 231 32.72 67.78 -19.11
C PRO S 231 32.89 66.38 -19.68
N PRO S 232 33.94 66.13 -20.44
CA PRO S 232 34.16 64.77 -20.94
C PRO S 232 34.33 63.77 -19.80
N PHE S 233 33.77 62.58 -19.98
CA PHE S 233 33.78 61.52 -18.97
C PHE S 233 33.01 61.86 -17.68
N TYR S 234 32.11 62.83 -17.76
CA TYR S 234 31.29 63.21 -16.61
C TYR S 234 30.53 62.04 -15.96
N ASP S 235 30.27 60.99 -16.73
CA ASP S 235 29.49 59.86 -16.27
C ASP S 235 30.33 58.71 -15.68
N VAL S 236 31.65 58.83 -15.65
CA VAL S 236 32.49 57.72 -15.18
C VAL S 236 33.58 58.07 -14.17
N VAL S 237 33.81 59.37 -13.94
CA VAL S 237 34.85 59.82 -13.01
C VAL S 237 34.39 61.00 -12.16
N PRO S 238 34.92 61.12 -10.91
CA PRO S 238 34.57 62.24 -10.04
C PRO S 238 35.07 63.59 -10.56
N ASN S 239 34.68 64.67 -9.89
CA ASN S 239 35.04 66.00 -10.38
C ASN S 239 36.54 66.23 -10.40
N ASP S 240 37.30 65.45 -9.62
CA ASP S 240 38.78 65.57 -9.67
C ASP S 240 39.48 64.28 -10.03
N PRO S 241 39.29 63.84 -11.27
CA PRO S 241 39.83 62.55 -11.67
C PRO S 241 41.30 62.41 -11.30
N SER S 242 41.63 61.26 -10.73
CA SER S 242 43.01 60.88 -10.46
C SER S 242 43.61 60.21 -11.67
N PHE S 243 44.89 60.45 -11.91
CA PHE S 243 45.65 59.67 -12.88
C PHE S 243 45.40 58.16 -12.73
N GLU S 244 44.83 57.70 -11.60
CA GLU S 244 44.33 56.32 -11.53
C GLU S 244 42.88 56.17 -11.99
N ASP S 245 42.03 57.14 -11.66
CA ASP S 245 40.63 57.16 -12.16
C ASP S 245 40.59 57.15 -13.69
N MET S 246 41.41 58.00 -14.31
CA MET S 246 41.45 58.09 -15.77
C MET S 246 42.10 56.86 -16.40
N LYS S 247 43.20 56.39 -15.82
CA LYS S 247 43.86 55.17 -16.29
C LYS S 247 42.86 54.02 -16.41
N LYS S 248 42.02 53.86 -15.40
CA LYS S 248 41.02 52.79 -15.39
C LYS S 248 40.00 52.98 -16.52
N VAL S 249 39.47 54.18 -16.62
CA VAL S 249 38.43 54.49 -17.60
C VAL S 249 38.92 54.46 -19.03
N VAL S 250 40.04 55.12 -19.28
CA VAL S 250 40.54 55.30 -20.65
C VAL S 250 41.38 54.13 -21.15
N CYS S 251 42.14 53.48 -20.27
CA CYS S 251 43.02 52.38 -20.67
C CYS S 251 42.42 51.00 -20.38
N VAL S 252 42.05 50.73 -19.13
CA VAL S 252 41.51 49.41 -18.77
C VAL S 252 40.13 49.20 -19.41
N ASP S 253 39.20 50.13 -19.17
CA ASP S 253 37.83 50.00 -19.70
C ASP S 253 37.70 50.44 -21.18
N GLN S 254 38.76 51.02 -21.72
CA GLN S 254 38.82 51.47 -23.13
C GLN S 254 37.63 52.37 -23.51
N GLN S 255 37.22 53.22 -22.58
CA GLN S 255 36.07 54.09 -22.78
C GLN S 255 36.41 55.38 -23.52
N THR S 256 35.45 55.84 -24.31
CA THR S 256 35.53 57.17 -24.94
C THR S 256 34.19 57.83 -24.73
N PRO S 257 34.13 59.19 -24.74
CA PRO S 257 32.84 59.83 -24.50
C PRO S 257 31.78 59.36 -25.50
N THR S 258 30.56 59.15 -25.00
CA THR S 258 29.46 58.72 -25.83
C THR S 258 29.18 59.76 -26.88
N ILE S 259 29.30 59.39 -28.15
CA ILE S 259 28.95 60.33 -29.19
C ILE S 259 27.42 60.35 -29.29
N PRO S 260 26.82 61.56 -29.32
CA PRO S 260 25.38 61.60 -29.45
C PRO S 260 24.95 60.81 -30.67
N ASN S 261 23.95 59.94 -30.49
CA ASN S 261 23.35 59.25 -31.62
C ASN S 261 22.70 60.25 -32.57
N ARG S 262 22.31 61.42 -32.04
CA ARG S 262 21.41 62.30 -32.74
C ARG S 262 22.09 63.37 -33.59
N LEU S 263 23.41 63.26 -33.74
CA LEU S 263 24.22 64.20 -34.51
C LEU S 263 24.61 63.60 -35.83
N ALA S 264 24.77 62.30 -35.86
CA ALA S 264 24.82 61.56 -37.11
C ALA S 264 23.46 61.60 -37.84
N ALA S 265 22.50 62.37 -37.31
CA ALA S 265 21.17 62.53 -37.94
C ALA S 265 21.09 63.85 -38.70
N ASP S 266 21.50 64.95 -38.08
CA ASP S 266 21.50 66.23 -38.77
C ASP S 266 22.72 66.21 -39.64
N PRO S 267 22.62 66.67 -40.89
CA PRO S 267 23.80 66.67 -41.80
C PRO S 267 25.03 67.34 -41.20
N VAL S 268 25.13 68.67 -41.33
CA VAL S 268 26.30 69.44 -40.84
C VAL S 268 27.03 68.67 -39.75
N LEU S 269 26.38 68.43 -38.61
CA LEU S 269 27.03 67.84 -37.42
C LEU S 269 27.24 66.29 -37.48
N SER S 270 27.27 65.73 -38.67
CA SER S 270 27.41 64.28 -38.84
C SER S 270 28.87 63.90 -39.18
N GLY S 271 29.57 64.83 -39.83
CA GLY S 271 31.02 64.71 -39.97
C GLY S 271 31.66 64.77 -38.59
N LEU S 272 31.16 65.68 -37.74
CA LEU S 272 31.79 65.92 -36.45
C LEU S 272 31.90 64.61 -35.69
N ALA S 273 30.83 63.83 -35.68
CA ALA S 273 30.81 62.56 -34.98
C ALA S 273 31.93 61.67 -35.46
N GLN S 274 32.06 61.58 -36.78
CA GLN S 274 33.06 60.72 -37.42
C GLN S 274 34.46 61.22 -37.10
N MET S 275 34.63 62.54 -37.11
CA MET S 275 35.92 63.15 -36.79
C MET S 275 36.28 62.91 -35.33
N MET S 276 35.27 62.98 -34.44
CA MET S 276 35.47 62.67 -33.03
C MET S 276 36.05 61.28 -32.87
N ARG S 277 35.44 60.29 -33.51
CA ARG S 277 35.92 58.91 -33.51
C ARG S 277 37.37 58.86 -33.96
N GLU S 278 37.73 59.72 -34.90
CA GLU S 278 39.04 59.63 -35.51
C GLU S 278 40.09 60.39 -34.76
N CYS S 279 39.69 61.10 -33.72
CA CYS S 279 40.62 61.66 -32.74
C CYS S 279 40.91 60.67 -31.64
N TRP S 280 40.02 59.69 -31.45
CA TRP S 280 40.08 58.78 -30.28
C TRP S 280 40.55 57.36 -30.58
N TYR S 281 41.14 57.13 -31.75
CA TYR S 281 41.69 55.82 -32.06
C TYR S 281 42.80 55.50 -31.06
N PRO S 282 42.76 54.32 -30.42
CA PRO S 282 43.78 53.91 -29.42
C PRO S 282 45.22 53.93 -29.91
N ASN S 283 45.43 53.56 -31.17
CA ASN S 283 46.74 53.69 -31.79
C ASN S 283 46.95 55.12 -32.30
N PRO S 284 47.81 55.90 -31.62
CA PRO S 284 47.97 57.33 -31.87
C PRO S 284 48.22 57.74 -33.33
N SER S 285 48.93 56.94 -34.10
CA SER S 285 49.26 57.29 -35.48
C SER S 285 48.08 57.13 -36.45
N ALA S 286 47.00 56.49 -35.99
CA ALA S 286 45.80 56.34 -36.81
C ALA S 286 44.93 57.59 -36.77
N ARG S 287 45.24 58.51 -35.87
CA ARG S 287 44.40 59.69 -35.66
C ARG S 287 44.60 60.73 -36.75
N LEU S 288 43.62 61.59 -36.91
CA LEU S 288 43.71 62.69 -37.86
C LEU S 288 44.75 63.68 -37.39
N THR S 289 45.34 64.41 -38.31
CA THR S 289 46.20 65.54 -37.95
C THR S 289 45.36 66.78 -37.79
N ALA S 290 45.89 67.82 -37.19
CA ALA S 290 45.14 69.06 -37.00
C ALA S 290 44.80 69.70 -38.36
N LEU S 291 45.74 69.61 -39.29
CA LEU S 291 45.56 70.13 -40.65
C LEU S 291 44.33 69.46 -41.29
N ARG S 292 44.28 68.14 -41.18
CA ARG S 292 43.18 67.38 -41.81
C ARG S 292 41.85 67.73 -41.20
N ILE S 293 41.84 67.91 -39.88
CA ILE S 293 40.62 68.32 -39.19
C ILE S 293 40.21 69.72 -39.69
N LYS S 294 41.13 70.67 -39.63
CA LYS S 294 40.87 71.99 -40.21
C LYS S 294 40.20 71.86 -41.58
N LYS S 295 40.84 71.14 -42.49
CA LYS S 295 40.36 71.05 -43.87
C LYS S 295 38.96 70.48 -43.94
N THR S 296 38.72 69.37 -43.24
CA THR S 296 37.41 68.73 -43.26
C THR S 296 36.30 69.69 -42.82
N LEU S 297 36.55 70.42 -41.75
CA LEU S 297 35.60 71.42 -41.29
C LEU S 297 35.39 72.47 -42.37
N GLN S 298 36.45 72.79 -43.12
CA GLN S 298 36.38 73.91 -44.06
C GLN S 298 35.72 73.53 -45.40
N LYS S 299 35.45 72.24 -45.63
CA LYS S 299 34.41 71.86 -46.59
C LYS S 299 33.11 72.41 -45.99
N ILE S 300 32.66 71.74 -44.93
CA ILE S 300 31.34 71.95 -44.34
C ILE S 300 31.18 73.36 -43.78
N MET T 2 90.50 18.34 -7.59
CA MET T 2 89.43 19.37 -7.45
C MET T 2 88.68 19.49 -8.78
N GLN T 3 88.48 20.73 -9.24
CA GLN T 3 88.09 20.98 -10.63
C GLN T 3 89.13 20.42 -11.61
N ARG T 4 90.31 20.08 -11.10
CA ARG T 4 91.51 19.90 -11.93
C ARG T 4 91.42 18.78 -12.98
N THR T 5 91.65 17.54 -12.58
CA THR T 5 91.84 16.44 -13.55
C THR T 5 90.51 15.72 -13.84
N VAL T 6 89.39 16.27 -13.39
CA VAL T 6 88.05 15.95 -13.94
C VAL T 6 87.95 16.50 -15.38
N ALA T 7 88.70 17.57 -15.66
CA ALA T 7 88.87 18.12 -17.02
C ALA T 7 89.85 17.30 -17.88
N ARG T 8 90.68 16.51 -17.21
CA ARG T 8 91.60 15.55 -17.86
C ARG T 8 90.92 14.19 -18.04
N GLN T 9 90.07 13.83 -17.08
CA GLN T 9 89.41 12.52 -17.08
C GLN T 9 88.15 12.47 -17.98
N VAL T 10 87.56 13.63 -18.23
CA VAL T 10 86.33 13.72 -19.02
C VAL T 10 86.54 13.21 -20.44
N ALA T 11 85.70 12.26 -20.86
CA ALA T 11 85.69 11.74 -22.22
C ALA T 11 84.52 12.38 -22.94
N LEU T 12 84.78 12.89 -24.14
CA LEU T 12 83.76 13.53 -24.95
C LEU T 12 83.11 12.49 -25.83
N VAL T 13 81.77 12.45 -25.82
CA VAL T 13 81.03 11.42 -26.52
C VAL T 13 80.23 11.95 -27.71
N GLU T 14 79.43 12.99 -27.47
CA GLU T 14 78.51 13.50 -28.50
C GLU T 14 78.48 15.03 -28.49
N CYS T 15 78.56 15.64 -29.66
CA CYS T 15 78.37 17.08 -29.83
C CYS T 15 76.89 17.38 -29.98
N VAL T 16 76.32 18.08 -29.00
CA VAL T 16 74.89 18.35 -28.96
C VAL T 16 74.54 19.80 -29.34
N GLY T 17 75.57 20.61 -29.60
CA GLY T 17 75.35 22.01 -29.97
C GLY T 17 76.57 22.64 -30.61
N LYS T 18 76.32 23.58 -31.52
CA LYS T 18 77.38 24.31 -32.21
C LYS T 18 76.89 25.70 -32.64
N GLY T 19 77.77 26.70 -32.54
CA GLY T 19 77.40 28.09 -32.83
C GLY T 19 78.56 29.07 -32.73
N ARG T 20 78.23 30.36 -32.71
CA ARG T 20 79.25 31.42 -32.63
C ARG T 20 79.92 31.44 -31.26
N TYR T 21 79.19 30.96 -30.25
CA TYR T 21 79.72 30.84 -28.89
C TYR T 21 80.80 29.75 -28.75
N GLY T 22 80.78 28.77 -29.67
CA GLY T 22 81.65 27.58 -29.61
C GLY T 22 80.86 26.30 -29.85
N GLU T 23 81.05 25.31 -28.98
CA GLU T 23 80.36 24.04 -29.06
C GLU T 23 80.06 23.50 -27.67
N VAL T 24 78.94 22.78 -27.54
CA VAL T 24 78.67 22.06 -26.31
C VAL T 24 78.67 20.57 -26.64
N TRP T 25 79.30 19.79 -25.78
CA TRP T 25 79.39 18.34 -25.94
C TRP T 25 78.82 17.63 -24.73
N ARG T 26 78.27 16.45 -24.94
CA ARG T 26 77.96 15.57 -23.83
C ARG T 26 79.23 14.79 -23.51
N GLY T 27 79.60 14.75 -22.23
CA GLY T 27 80.78 14.02 -21.81
C GLY T 27 80.49 13.05 -20.68
N LEU T 28 81.34 12.03 -20.57
CA LEU T 28 81.27 11.01 -19.52
C LEU T 28 82.39 11.25 -18.52
N TRP T 29 82.05 11.36 -17.24
CA TRP T 29 83.05 11.44 -16.17
C TRP T 29 82.62 10.48 -15.06
N HIS T 30 83.44 9.46 -14.82
CA HIS T 30 83.17 8.43 -13.81
C HIS T 30 81.70 8.01 -13.82
N GLY T 31 81.23 7.54 -14.98
CA GLY T 31 79.88 7.01 -15.12
C GLY T 31 78.77 8.04 -15.39
N GLU T 32 78.88 9.22 -14.79
CA GLU T 32 77.87 10.27 -14.93
C GLU T 32 78.09 11.11 -16.18
N SER T 33 77.03 11.79 -16.60
CA SER T 33 77.04 12.66 -17.79
C SER T 33 77.28 14.10 -17.40
N VAL T 34 78.17 14.78 -18.14
CA VAL T 34 78.47 16.19 -17.92
C VAL T 34 78.40 16.94 -19.25
N ALA T 35 78.17 18.24 -19.17
CA ALA T 35 78.24 19.11 -20.34
C ALA T 35 79.62 19.73 -20.39
N VAL T 36 80.22 19.74 -21.57
CA VAL T 36 81.50 20.41 -21.77
C VAL T 36 81.37 21.46 -22.88
N LYS T 37 81.34 22.73 -22.47
CA LYS T 37 81.30 23.84 -23.42
C LYS T 37 82.69 24.28 -23.82
N ILE T 38 83.06 24.03 -25.07
CA ILE T 38 84.35 24.45 -25.60
C ILE T 38 84.10 25.78 -26.28
N PHE T 39 84.76 26.84 -25.80
CA PHE T 39 84.47 28.19 -26.28
C PHE T 39 85.23 28.51 -27.56
N SER T 40 84.66 29.35 -28.40
CA SER T 40 85.35 29.82 -29.59
C SER T 40 86.29 30.96 -29.24
N SER T 41 87.27 31.20 -30.11
CA SER T 41 88.25 32.26 -29.92
C SER T 41 87.61 33.65 -29.83
N ARG T 42 86.52 33.84 -30.56
CA ARG T 42 85.78 35.10 -30.54
C ARG T 42 85.00 35.35 -29.24
N ASP T 43 84.93 34.35 -28.36
CA ASP T 43 84.11 34.46 -27.15
C ASP T 43 84.90 34.13 -25.86
N GLU T 44 86.22 34.20 -25.94
CA GLU T 44 87.09 33.93 -24.79
C GLU T 44 86.72 34.73 -23.54
N GLN T 45 86.25 35.95 -23.72
CA GLN T 45 85.92 36.79 -22.57
C GLN T 45 84.67 36.33 -21.81
N SER T 46 83.78 35.61 -22.49
CA SER T 46 82.63 35.00 -21.83
C SER T 46 83.07 33.85 -20.93
N TRP T 47 84.04 33.07 -21.38
CA TRP T 47 84.62 32.02 -20.54
C TRP T 47 85.30 32.57 -19.29
N PHE T 48 85.95 33.72 -19.44
CA PHE T 48 86.64 34.33 -18.31
C PHE T 48 85.66 34.82 -17.27
N ARG T 49 84.65 35.55 -17.74
CA ARG T 49 83.60 36.09 -16.87
C ARG T 49 82.84 34.98 -16.15
N GLU T 50 82.56 33.92 -16.88
CA GLU T 50 81.79 32.82 -16.33
C GLU T 50 82.64 32.03 -15.34
N THR T 51 83.92 31.91 -15.64
CA THR T 51 84.86 31.23 -14.72
C THR T 51 85.07 32.03 -13.46
N GLU T 52 85.21 33.35 -13.60
CA GLU T 52 85.35 34.23 -12.45
C GLU T 52 84.12 34.08 -11.52
N ILE T 53 82.92 34.28 -12.09
CA ILE T 53 81.67 34.27 -11.29
C ILE T 53 81.44 32.95 -10.58
N TYR T 54 81.64 31.84 -11.29
CA TYR T 54 81.37 30.52 -10.73
C TYR T 54 82.37 30.13 -9.64
N ASN T 55 83.60 30.64 -9.72
CA ASN T 55 84.64 30.42 -8.68
C ASN T 55 84.55 31.39 -7.50
N THR T 56 83.81 32.49 -7.68
CA THR T 56 83.84 33.64 -6.79
C THR T 56 82.54 33.88 -6.01
N VAL T 57 81.42 33.53 -6.62
CA VAL T 57 80.10 33.81 -6.04
C VAL T 57 79.43 32.51 -5.61
N LEU T 58 78.98 32.45 -4.36
CA LEU T 58 78.23 31.29 -3.86
C LEU T 58 76.86 31.32 -4.51
N LEU T 59 76.71 30.56 -5.60
CA LEU T 59 75.58 30.69 -6.53
C LEU T 59 74.71 29.45 -6.67
N ARG T 60 75.16 28.32 -6.14
CA ARG T 60 74.45 27.03 -6.22
C ARG T 60 72.95 27.20 -5.97
N HIS T 61 72.14 26.67 -6.88
CA HIS T 61 70.68 26.74 -6.78
C HIS T 61 70.08 25.78 -7.77
N ASP T 62 69.00 25.12 -7.36
CA ASP T 62 68.32 24.16 -8.24
C ASP T 62 67.95 24.72 -9.62
N ASN T 63 67.69 26.02 -9.69
CA ASN T 63 67.31 26.70 -10.93
C ASN T 63 68.41 27.52 -11.59
N ILE T 64 69.66 27.15 -11.32
CA ILE T 64 70.85 27.73 -11.98
C ILE T 64 71.77 26.57 -12.33
N LEU T 65 72.34 26.60 -13.54
CA LEU T 65 73.13 25.46 -14.05
C LEU T 65 74.28 25.21 -13.12
N GLY T 66 74.43 23.95 -12.72
CA GLY T 66 75.51 23.54 -11.82
C GLY T 66 76.88 23.57 -12.47
N PHE T 67 77.83 24.13 -11.74
CA PHE T 67 79.22 24.26 -12.19
C PHE T 67 80.07 23.12 -11.65
N ILE T 68 80.91 22.53 -12.51
CA ILE T 68 81.79 21.46 -12.08
C ILE T 68 83.27 21.88 -12.17
N ALA T 69 83.66 22.44 -13.31
CA ALA T 69 85.05 22.83 -13.49
C ALA T 69 85.22 23.82 -14.62
N SER T 70 86.39 24.46 -14.65
CA SER T 70 86.81 25.32 -15.74
C SER T 70 88.29 25.06 -16.02
N ASP T 71 88.64 24.89 -17.29
CA ASP T 71 90.01 24.50 -17.66
C ASP T 71 90.53 25.15 -18.92
N MET T 72 91.85 25.15 -19.11
CA MET T 72 92.49 25.79 -20.28
C MET T 72 93.01 24.79 -21.32
N GLN T 80 93.13 25.53 -25.32
CA GLN T 80 91.72 25.96 -25.52
C GLN T 80 90.89 26.10 -24.22
N LEU T 81 89.67 26.68 -24.28
CA LEU T 81 88.97 27.02 -23.04
C LEU T 81 87.73 26.17 -22.81
N TRP T 82 87.66 25.48 -21.67
CA TRP T 82 86.54 24.59 -21.36
C TRP T 82 85.77 25.06 -20.14
N LEU T 83 84.45 24.85 -20.19
CA LEU T 83 83.59 24.97 -19.00
C LEU T 83 82.81 23.68 -18.89
N ILE T 84 82.98 22.97 -17.78
CA ILE T 84 82.29 21.71 -17.56
C ILE T 84 81.18 21.96 -16.52
N THR T 85 79.96 21.46 -16.83
CA THR T 85 78.78 21.67 -15.97
C THR T 85 77.91 20.43 -15.93
N HIS T 86 76.85 20.45 -15.12
CA HIS T 86 75.85 19.38 -15.17
C HIS T 86 75.28 19.30 -16.59
N TYR T 87 74.86 18.10 -16.99
CA TYR T 87 74.28 17.87 -18.31
C TYR T 87 72.79 17.61 -18.17
N HIS T 88 72.00 18.23 -19.04
CA HIS T 88 70.55 18.04 -19.05
C HIS T 88 70.07 17.57 -20.41
N GLU T 89 69.56 16.34 -20.45
CA GLU T 89 69.23 15.64 -21.70
C GLU T 89 68.26 16.39 -22.59
N HIS T 90 67.23 16.99 -21.99
CA HIS T 90 66.20 17.70 -22.74
C HIS T 90 66.76 18.88 -23.52
N GLY T 91 67.97 19.31 -23.15
CA GLY T 91 68.58 20.47 -23.79
C GLY T 91 67.94 21.74 -23.28
N SER T 92 68.00 22.79 -24.10
CA SER T 92 67.44 24.08 -23.72
C SER T 92 65.90 24.12 -23.82
N LEU T 93 65.34 25.19 -23.26
CA LEU T 93 63.92 25.44 -23.37
C LEU T 93 63.54 25.60 -24.84
N TYR T 94 64.43 26.20 -25.62
CA TYR T 94 64.26 26.31 -27.06
C TYR T 94 64.05 24.92 -27.66
N ASP T 95 64.98 24.03 -27.35
CA ASP T 95 64.94 22.66 -27.84
C ASP T 95 63.67 21.93 -27.41
N PHE T 96 63.32 22.05 -26.13
CA PHE T 96 62.18 21.35 -25.54
C PHE T 96 60.88 21.83 -26.19
N LEU T 97 60.74 23.16 -26.27
CA LEU T 97 59.55 23.76 -26.87
C LEU T 97 59.41 23.44 -28.36
N GLN T 98 60.50 23.08 -29.01
CA GLN T 98 60.49 22.68 -30.42
C GLN T 98 59.68 21.40 -30.61
N ARG T 99 60.02 20.39 -29.83
CA ARG T 99 59.44 19.05 -29.97
C ARG T 99 58.17 18.83 -29.16
N GLN T 100 58.11 19.42 -27.96
CA GLN T 100 57.05 19.10 -27.00
C GLN T 100 55.97 20.16 -26.93
N THR T 101 54.74 19.72 -26.69
CA THR T 101 53.63 20.62 -26.41
C THR T 101 53.34 20.56 -24.91
N LEU T 102 52.80 21.65 -24.36
CA LEU T 102 52.71 21.80 -22.91
C LEU T 102 51.26 21.79 -22.41
N GLU T 103 50.94 20.87 -21.51
CA GLU T 103 49.73 20.98 -20.69
C GLU T 103 49.90 22.26 -19.85
N PRO T 104 48.80 22.97 -19.55
CA PRO T 104 48.87 24.17 -18.72
C PRO T 104 49.68 24.04 -17.42
N HIS T 105 49.49 22.93 -16.71
CA HIS T 105 50.26 22.59 -15.51
C HIS T 105 51.77 22.67 -15.77
N LEU T 106 52.20 22.08 -16.89
CA LEU T 106 53.63 22.02 -17.20
C LEU T 106 54.16 23.41 -17.59
N ALA T 107 53.37 24.13 -18.38
CA ALA T 107 53.71 25.51 -18.75
C ALA T 107 53.99 26.37 -17.51
N LEU T 108 53.20 26.20 -16.46
CA LEU T 108 53.37 26.96 -15.21
C LEU T 108 54.61 26.48 -14.46
N ARG T 109 54.86 25.17 -14.50
CA ARG T 109 56.01 24.60 -13.79
C ARG T 109 57.30 25.15 -14.36
N LEU T 110 57.41 25.20 -15.70
CA LEU T 110 58.58 25.78 -16.37
C LEU T 110 58.68 27.28 -16.11
N ALA T 111 57.55 27.97 -16.16
CA ALA T 111 57.52 29.40 -15.94
C ALA T 111 57.90 29.77 -14.52
N VAL T 112 57.41 29.03 -13.53
CA VAL T 112 57.70 29.35 -12.13
C VAL T 112 59.16 29.08 -11.78
N SER T 113 59.70 27.97 -12.29
CA SER T 113 61.05 27.56 -11.97
C SER T 113 62.07 28.49 -12.62
N ALA T 114 61.80 28.91 -13.85
CA ALA T 114 62.62 29.92 -14.53
C ALA T 114 62.61 31.21 -13.73
N ALA T 115 61.43 31.61 -13.25
CA ALA T 115 61.30 32.80 -12.41
C ALA T 115 62.08 32.67 -11.10
N CYS T 116 62.15 31.45 -10.54
CA CYS T 116 62.93 31.23 -9.32
C CYS T 116 64.41 31.45 -9.57
N GLY T 117 64.90 30.91 -10.69
CA GLY T 117 66.25 31.16 -11.16
C GLY T 117 66.58 32.65 -11.26
N LEU T 118 65.78 33.40 -12.01
CA LEU T 118 66.04 34.83 -12.21
C LEU T 118 65.94 35.63 -10.92
N ALA T 119 64.97 35.33 -10.08
CA ALA T 119 64.83 36.01 -8.79
C ALA T 119 66.07 35.81 -7.95
N HIS T 120 66.59 34.58 -7.94
CA HIS T 120 67.77 34.25 -7.18
C HIS T 120 68.98 35.03 -7.64
N LEU T 121 69.14 35.16 -8.96
CA LEU T 121 70.19 35.97 -9.53
C LEU T 121 70.09 37.43 -9.10
N HIS T 122 68.88 37.99 -9.21
CA HIS T 122 68.65 39.42 -9.00
C HIS T 122 68.75 39.86 -7.53
N VAL T 123 68.32 39.01 -6.60
CA VAL T 123 68.24 39.41 -5.19
C VAL T 123 69.56 39.19 -4.51
N GLU T 124 70.06 40.25 -3.87
CA GLU T 124 71.27 40.17 -3.08
C GLU T 124 70.96 39.36 -1.85
N ILE T 125 71.74 38.31 -1.66
CA ILE T 125 71.70 37.58 -0.42
C ILE T 125 72.76 38.28 0.39
N PHE T 126 72.32 38.79 1.54
CA PHE T 126 73.13 39.57 2.45
C PHE T 126 73.60 38.63 3.51
N GLY T 127 74.60 39.06 4.28
CA GLY T 127 75.14 38.25 5.34
C GLY T 127 76.50 37.72 4.97
N THR T 128 77.00 36.84 5.84
CA THR T 128 78.38 36.33 5.76
C THR T 128 78.66 35.67 4.43
N GLN T 129 77.96 34.55 4.18
CA GLN T 129 78.11 33.78 2.95
C GLN T 129 77.04 34.21 1.95
N GLY T 130 76.85 35.52 1.83
CA GLY T 130 75.93 36.06 0.89
C GLY T 130 76.34 35.85 -0.56
N LYS T 131 75.74 36.68 -1.42
CA LYS T 131 75.98 36.67 -2.85
C LYS T 131 75.43 37.98 -3.39
N PRO T 132 76.22 38.69 -4.23
CA PRO T 132 75.76 39.99 -4.68
C PRO T 132 74.58 39.83 -5.62
N ALA T 133 73.95 40.95 -5.96
CA ALA T 133 72.87 40.95 -6.94
C ALA T 133 73.50 40.76 -8.29
N ILE T 134 72.92 39.90 -9.12
CA ILE T 134 73.47 39.58 -10.44
C ILE T 134 72.41 39.73 -11.51
N ALA T 135 72.75 40.44 -12.60
CA ALA T 135 71.87 40.55 -13.78
C ALA T 135 72.47 39.77 -14.94
N HIS T 136 71.62 39.04 -15.67
CA HIS T 136 72.08 38.10 -16.70
C HIS T 136 72.61 38.82 -17.95
N ARG T 137 71.77 39.69 -18.52
CA ARG T 137 72.10 40.46 -19.73
C ARG T 137 72.02 39.67 -21.07
N ASP T 138 71.74 38.37 -21.01
CA ASP T 138 71.44 37.59 -22.23
C ASP T 138 70.41 36.51 -21.92
N PHE T 139 69.32 36.90 -21.27
CA PHE T 139 68.28 35.94 -20.92
C PHE T 139 67.43 35.64 -22.16
N LYS T 140 67.36 34.36 -22.50
CA LYS T 140 66.62 33.88 -23.65
C LYS T 140 66.37 32.38 -23.48
N SER T 141 65.50 31.81 -24.31
CA SER T 141 65.09 30.43 -24.17
C SER T 141 66.22 29.46 -24.45
N ARG T 142 67.21 29.90 -25.21
CA ARG T 142 68.40 29.09 -25.48
C ARG T 142 69.37 29.01 -24.30
N ASN T 143 69.24 29.95 -23.36
CA ASN T 143 70.10 29.99 -22.15
C ASN T 143 69.35 29.51 -20.88
N VAL T 144 68.27 28.77 -21.09
CA VAL T 144 67.52 28.13 -20.01
C VAL T 144 67.43 26.67 -20.36
N LEU T 145 67.86 25.79 -19.47
CA LEU T 145 67.83 24.35 -19.71
C LEU T 145 66.57 23.77 -19.07
N VAL T 146 66.13 22.62 -19.56
CA VAL T 146 65.06 21.89 -18.92
C VAL T 146 65.60 20.59 -18.31
N LYS T 147 65.40 20.44 -17.00
CA LYS T 147 65.88 19.29 -16.25
C LYS T 147 64.95 18.07 -16.37
N SER T 148 65.41 16.94 -15.86
CA SER T 148 64.65 15.70 -15.83
C SER T 148 63.27 15.88 -15.17
N ASN T 149 63.23 16.64 -14.08
CA ASN T 149 61.98 16.88 -13.36
C ASN T 149 61.20 18.03 -13.98
N LEU T 150 61.51 18.34 -15.24
CA LEU T 150 60.79 19.35 -16.00
C LEU T 150 60.72 20.69 -15.25
N GLN T 151 61.80 21.02 -14.53
CA GLN T 151 62.01 22.36 -14.01
C GLN T 151 63.17 23.00 -14.78
N CYS T 152 63.15 24.32 -14.87
CA CYS T 152 64.19 25.03 -15.60
C CYS T 152 65.39 25.33 -14.72
N CYS T 153 66.54 25.57 -15.37
CA CYS T 153 67.66 26.23 -14.68
C CYS T 153 68.42 27.14 -15.66
N ILE T 154 68.77 28.32 -15.19
CA ILE T 154 69.42 29.32 -16.03
C ILE T 154 70.92 29.07 -16.28
N ALA T 155 71.37 29.27 -17.51
CA ALA T 155 72.78 29.09 -17.88
C ALA T 155 73.35 30.36 -18.51
N ASP T 156 74.66 30.32 -18.77
CA ASP T 156 75.41 31.32 -19.53
C ASP T 156 75.49 32.65 -18.81
N LEU T 157 76.44 32.73 -17.88
CA LEU T 157 76.66 33.93 -17.08
C LEU T 157 77.74 34.83 -17.72
N GLY T 158 78.08 34.58 -18.98
CA GLY T 158 79.23 35.22 -19.62
C GLY T 158 79.17 36.73 -19.72
N LEU T 159 77.96 37.29 -19.68
CA LEU T 159 77.76 38.74 -19.77
C LEU T 159 77.24 39.34 -18.45
N ALA T 160 77.20 38.56 -17.37
CA ALA T 160 76.55 38.98 -16.14
C ALA T 160 77.23 40.19 -15.54
N VAL T 161 76.45 41.01 -14.85
CA VAL T 161 76.95 42.16 -14.12
C VAL T 161 76.48 42.05 -12.66
N MET T 162 77.35 42.39 -11.70
CA MET T 162 77.04 42.15 -10.28
C MET T 162 77.15 43.40 -9.42
N HIS T 163 76.20 43.58 -8.50
CA HIS T 163 76.18 44.71 -7.61
C HIS T 163 75.93 44.24 -6.19
N SER T 164 76.51 44.97 -5.23
CA SER T 164 76.26 44.74 -3.82
C SER T 164 75.88 46.10 -3.24
N GLN T 165 74.86 46.11 -2.41
CA GLN T 165 74.45 47.32 -1.71
C GLN T 165 75.61 47.90 -0.92
N GLY T 166 76.35 47.01 -0.26
CA GLY T 166 77.63 47.36 0.38
C GLY T 166 78.23 48.69 -0.04
N SER T 167 78.44 48.84 -1.35
CA SER T 167 78.96 50.09 -1.91
C SER T 167 78.70 50.16 -3.43
N ASP T 168 78.25 51.34 -3.86
CA ASP T 168 77.77 51.53 -5.22
C ASP T 168 78.99 51.63 -6.20
N TYR T 169 79.41 50.44 -6.64
CA TYR T 169 80.32 50.23 -7.77
C TYR T 169 79.65 49.15 -8.67
N LEU T 170 80.00 49.12 -9.95
CA LEU T 170 79.33 48.25 -10.94
C LEU T 170 80.20 47.11 -11.53
N ASP T 171 80.07 45.89 -10.99
CA ASP T 171 80.85 44.78 -11.51
C ASP T 171 80.31 44.27 -12.88
N ILE T 172 81.06 44.62 -13.93
CA ILE T 172 80.75 44.28 -15.31
C ILE T 172 82.05 43.88 -16.03
N GLY T 173 81.99 42.81 -16.82
CA GLY T 173 83.19 42.27 -17.49
C GLY T 173 83.75 43.20 -18.54
N ASN T 174 84.67 42.68 -19.33
CA ASN T 174 85.25 43.38 -20.48
C ASN T 174 84.80 42.76 -21.81
N ASN T 175 83.74 41.95 -21.74
CA ASN T 175 83.25 41.21 -22.90
C ASN T 175 82.74 42.14 -24.03
N PRO T 176 83.20 41.91 -25.29
CA PRO T 176 82.65 42.63 -26.45
C PRO T 176 81.25 42.12 -26.87
N ARG T 177 80.94 40.88 -26.51
CA ARG T 177 79.65 40.30 -26.81
C ARG T 177 78.53 41.16 -26.24
N VAL T 178 77.42 41.24 -27.00
CA VAL T 178 76.22 41.95 -26.54
C VAL T 178 75.08 40.96 -26.44
N GLY T 179 73.96 41.41 -25.89
CA GLY T 179 72.77 40.56 -25.78
C GLY T 179 72.37 40.01 -27.12
N THR T 180 71.64 38.89 -27.12
CA THR T 180 71.08 38.37 -28.35
C THR T 180 70.12 39.42 -28.90
N LYS T 181 70.28 39.77 -30.18
CA LYS T 181 69.55 40.91 -30.77
C LYS T 181 68.02 40.82 -30.69
N ARG T 182 67.47 39.61 -30.84
CA ARG T 182 66.00 39.40 -30.73
C ARG T 182 65.40 39.78 -29.37
N TYR T 183 66.19 39.71 -28.29
CA TYR T 183 65.67 39.83 -26.92
C TYR T 183 66.02 41.16 -26.23
N MET T 184 66.62 42.07 -27.00
CA MET T 184 67.05 43.35 -26.46
C MET T 184 65.87 44.26 -26.18
N ALA T 185 65.84 44.84 -24.99
CA ALA T 185 64.77 45.74 -24.59
C ALA T 185 64.87 47.04 -25.40
N PRO T 186 63.78 47.84 -25.40
CA PRO T 186 63.78 49.09 -26.18
C PRO T 186 64.92 49.99 -25.77
N GLU T 187 65.13 50.13 -24.46
CA GLU T 187 66.19 51.00 -23.92
C GLU T 187 67.62 50.56 -24.28
N VAL T 188 67.81 49.28 -24.63
CA VAL T 188 69.10 48.81 -25.12
C VAL T 188 69.27 49.14 -26.60
N LEU T 189 68.20 48.99 -27.37
CA LEU T 189 68.23 49.29 -28.81
C LEU T 189 68.27 50.80 -29.08
N ASP T 190 67.64 51.57 -28.19
CA ASP T 190 67.72 53.03 -28.22
C ASP T 190 69.12 53.54 -27.86
N GLU T 191 69.85 52.74 -27.09
CA GLU T 191 71.10 53.18 -26.43
C GLU T 191 70.81 54.31 -25.44
N GLN T 192 69.62 54.26 -24.84
CA GLN T 192 69.22 55.24 -23.84
C GLN T 192 69.32 54.65 -22.43
N ILE T 193 69.80 53.41 -22.31
CA ILE T 193 69.99 52.77 -21.01
C ILE T 193 71.14 53.42 -20.24
N ARG T 194 70.97 53.55 -18.92
CA ARG T 194 72.02 54.11 -18.06
C ARG T 194 72.98 52.97 -17.69
N THR T 195 74.11 52.93 -18.37
CA THR T 195 75.04 51.82 -18.21
C THR T 195 75.80 51.84 -16.87
N ASP T 196 75.62 52.89 -16.08
CA ASP T 196 76.21 52.96 -14.73
C ASP T 196 75.16 52.79 -13.62
N CYS T 197 74.02 52.19 -13.97
CA CYS T 197 72.97 51.90 -13.01
C CYS T 197 72.65 50.41 -13.09
N PHE T 198 72.75 49.72 -11.96
CA PHE T 198 72.49 48.28 -11.91
C PHE T 198 71.02 47.93 -12.17
N GLU T 199 70.11 48.71 -11.60
CA GLU T 199 68.67 48.43 -11.76
C GLU T 199 68.29 48.33 -13.25
N SER T 200 68.83 49.22 -14.08
CA SER T 200 68.62 49.15 -15.53
C SER T 200 68.81 47.76 -16.10
N TYR T 201 69.93 47.13 -15.78
CA TYR T 201 70.25 45.83 -16.36
C TYR T 201 69.24 44.76 -15.96
N LYS T 202 68.76 44.85 -14.72
CA LYS T 202 67.71 43.96 -14.22
C LYS T 202 66.42 44.12 -15.03
N TRP T 203 66.10 45.36 -15.38
CA TRP T 203 64.91 45.63 -16.15
C TRP T 203 64.97 45.08 -17.58
N THR T 204 66.16 44.90 -18.14
CA THR T 204 66.31 44.30 -19.46
C THR T 204 66.17 42.78 -19.36
N ASP T 205 66.64 42.20 -18.25
CA ASP T 205 66.40 40.78 -17.97
C ASP T 205 64.90 40.50 -18.02
N ILE T 206 64.14 41.40 -17.36
CA ILE T 206 62.70 41.23 -17.22
C ILE T 206 62.00 41.23 -18.59
N TRP T 207 62.29 42.25 -19.40
CA TRP T 207 61.81 42.32 -20.78
C TRP T 207 61.96 40.97 -21.44
N ALA T 208 63.20 40.50 -21.52
CA ALA T 208 63.55 39.22 -22.12
C ALA T 208 62.78 38.07 -21.50
N PHE T 209 62.50 38.14 -20.20
CA PHE T 209 61.77 37.09 -19.52
C PHE T 209 60.34 37.05 -20.08
N GLY T 210 59.73 38.21 -20.19
CA GLY T 210 58.43 38.31 -20.82
C GLY T 210 58.36 37.62 -22.18
N LEU T 211 59.43 37.79 -22.97
CA LEU T 211 59.51 37.17 -24.29
C LEU T 211 59.57 35.67 -24.14
N VAL T 212 60.28 35.19 -23.13
CA VAL T 212 60.37 33.73 -22.91
C VAL T 212 59.03 33.14 -22.45
N LEU T 213 58.26 33.90 -21.67
CA LEU T 213 56.92 33.46 -21.27
C LEU T 213 56.04 33.25 -22.50
N TRP T 214 56.05 34.23 -23.39
CA TRP T 214 55.35 34.15 -24.68
C TRP T 214 55.67 32.84 -25.40
N GLU T 215 56.95 32.52 -25.52
CA GLU T 215 57.38 31.26 -26.16
C GLU T 215 56.75 30.02 -25.50
N ILE T 216 56.70 30.02 -24.17
CA ILE T 216 56.06 28.95 -23.41
C ILE T 216 54.55 28.95 -23.69
N ALA T 217 53.95 30.14 -23.62
CA ALA T 217 52.51 30.32 -23.78
C ALA T 217 52.03 29.81 -25.15
N ARG T 218 52.73 30.21 -26.20
CA ARG T 218 52.42 29.80 -27.57
C ARG T 218 52.36 28.29 -27.72
N ARG T 219 53.18 27.60 -26.95
CA ARG T 219 53.33 26.15 -27.07
C ARG T 219 52.43 25.39 -26.08
N THR T 220 51.50 26.10 -25.44
CA THR T 220 50.58 25.51 -24.46
C THR T 220 49.26 25.09 -25.12
N ILE T 221 48.66 24.03 -24.63
CA ILE T 221 47.47 23.47 -25.24
C ILE T 221 46.23 24.15 -24.69
N VAL T 222 45.44 24.71 -25.59
CA VAL T 222 44.14 25.24 -25.24
C VAL T 222 43.09 24.63 -26.18
N ASN T 223 41.90 24.36 -25.64
CA ASN T 223 40.86 23.64 -26.34
C ASN T 223 41.43 22.56 -27.30
N GLY T 224 42.61 22.04 -26.94
CA GLY T 224 43.26 21.00 -27.73
C GLY T 224 43.94 21.43 -29.02
N ILE T 225 44.03 22.74 -29.25
CA ILE T 225 44.81 23.26 -30.38
C ILE T 225 46.08 23.90 -29.81
N VAL T 226 47.17 23.81 -30.56
CA VAL T 226 48.46 24.34 -30.13
C VAL T 226 49.31 24.80 -31.31
N GLU T 227 49.80 26.03 -31.23
CA GLU T 227 50.59 26.57 -32.34
C GLU T 227 51.97 25.89 -32.40
N ASP T 228 52.51 25.77 -33.60
CA ASP T 228 53.89 25.30 -33.78
C ASP T 228 54.85 26.35 -33.22
N TYR T 229 56.03 25.91 -32.79
CA TYR T 229 56.98 26.84 -32.19
C TYR T 229 57.39 27.95 -33.15
N ARG T 230 57.39 29.18 -32.65
CA ARG T 230 58.00 30.31 -33.33
C ARG T 230 58.74 31.18 -32.31
N PRO T 231 59.84 31.82 -32.75
CA PRO T 231 60.56 32.72 -31.83
C PRO T 231 59.82 34.03 -31.68
N PRO T 232 60.14 34.83 -30.65
CA PRO T 232 59.52 36.14 -30.54
C PRO T 232 59.81 37.00 -31.76
N PHE T 233 58.83 37.79 -32.17
CA PHE T 233 58.91 38.65 -33.36
C PHE T 233 59.11 37.89 -34.67
N TYR T 234 58.74 36.61 -34.70
CA TYR T 234 58.88 35.80 -35.92
C TYR T 234 58.19 36.43 -37.14
N ASP T 235 57.14 37.20 -36.88
CA ASP T 235 56.28 37.76 -37.92
C ASP T 235 56.70 39.16 -38.40
N VAL T 236 57.69 39.76 -37.75
CA VAL T 236 58.13 41.12 -38.07
C VAL T 236 59.65 41.28 -38.34
N VAL T 237 60.46 40.23 -38.11
CA VAL T 237 61.90 40.28 -38.38
C VAL T 237 62.41 38.96 -38.99
N PRO T 238 63.50 39.01 -39.81
CA PRO T 238 64.11 37.80 -40.38
C PRO T 238 64.78 36.90 -39.32
N ASN T 239 65.25 35.72 -39.76
CA ASN T 239 65.76 34.66 -38.86
C ASN T 239 66.66 35.16 -37.76
N ASP T 240 67.79 35.76 -38.15
CA ASP T 240 68.80 36.29 -37.24
C ASP T 240 68.71 37.81 -37.43
N PRO T 241 68.05 38.53 -36.51
CA PRO T 241 67.67 39.91 -36.83
C PRO T 241 68.79 40.89 -36.65
N SER T 242 68.77 42.00 -37.40
CA SER T 242 69.80 43.03 -37.28
C SER T 242 69.45 44.04 -36.21
N PHE T 243 70.48 44.60 -35.58
CA PHE T 243 70.31 45.68 -34.60
C PHE T 243 69.30 46.69 -35.15
N GLU T 244 69.46 46.99 -36.44
CA GLU T 244 68.57 47.94 -37.09
C GLU T 244 67.17 47.36 -37.31
N ASP T 245 67.07 46.08 -37.66
CA ASP T 245 65.78 45.40 -37.81
C ASP T 245 64.98 45.48 -36.49
N MET T 246 65.66 45.20 -35.36
CA MET T 246 65.00 45.22 -34.06
C MET T 246 64.69 46.64 -33.59
N LYS T 247 65.62 47.57 -33.84
CA LYS T 247 65.39 48.98 -33.52
C LYS T 247 64.11 49.50 -34.17
N LYS T 248 63.92 49.16 -35.44
CA LYS T 248 62.71 49.58 -36.16
C LYS T 248 61.43 49.00 -35.56
N VAL T 249 61.44 47.69 -35.33
CA VAL T 249 60.28 46.96 -34.83
C VAL T 249 59.94 47.31 -33.37
N VAL T 250 60.96 47.32 -32.50
CA VAL T 250 60.74 47.51 -31.05
C VAL T 250 60.64 48.97 -30.64
N CYS T 251 61.41 49.85 -31.27
CA CYS T 251 61.44 51.27 -30.89
C CYS T 251 60.58 52.15 -31.78
N VAL T 252 60.81 52.11 -33.09
CA VAL T 252 60.04 52.95 -34.02
C VAL T 252 58.58 52.48 -34.12
N ASP T 253 58.36 51.20 -34.41
CA ASP T 253 56.98 50.65 -34.54
C ASP T 253 56.34 50.32 -33.20
N GLN T 254 57.11 50.38 -32.12
CA GLN T 254 56.63 50.10 -30.75
C GLN T 254 55.88 48.76 -30.63
N GLN T 255 56.41 47.75 -31.32
CA GLN T 255 55.81 46.42 -31.36
C GLN T 255 56.17 45.57 -30.17
N THR T 256 55.23 44.74 -29.75
CA THR T 256 55.48 43.67 -28.80
C THR T 256 54.76 42.43 -29.34
N PRO T 257 55.14 41.22 -28.89
CA PRO T 257 54.53 40.01 -29.39
C PRO T 257 53.01 39.97 -29.13
N THR T 258 52.24 39.56 -30.12
CA THR T 258 50.81 39.63 -29.98
C THR T 258 50.39 38.63 -28.91
N ILE T 259 49.68 39.11 -27.91
CA ILE T 259 49.06 38.21 -26.95
C ILE T 259 47.72 37.72 -27.55
N PRO T 260 47.62 36.41 -27.87
CA PRO T 260 46.39 35.96 -28.46
C PRO T 260 45.16 36.15 -27.54
N ASN T 261 44.01 36.50 -28.14
CA ASN T 261 42.74 36.69 -27.43
C ASN T 261 42.27 35.40 -26.73
N ARG T 262 42.80 34.27 -27.20
CA ARG T 262 42.56 32.93 -26.64
C ARG T 262 43.05 32.71 -25.20
N LEU T 263 44.15 33.38 -24.82
CA LEU T 263 44.74 33.29 -23.47
C LEU T 263 43.74 33.61 -22.35
N ALA T 264 42.95 34.67 -22.52
CA ALA T 264 41.95 35.06 -21.51
C ALA T 264 41.22 33.85 -20.91
N ALA T 265 40.30 33.26 -21.68
CA ALA T 265 39.52 32.08 -21.27
C ALA T 265 40.30 30.95 -20.56
N ASP T 266 41.63 31.01 -20.54
CA ASP T 266 42.43 30.00 -19.89
C ASP T 266 42.95 30.52 -18.53
N PRO T 267 42.48 29.92 -17.42
CA PRO T 267 42.80 30.53 -16.12
C PRO T 267 44.29 30.72 -15.95
N VAL T 268 45.03 29.66 -16.22
CA VAL T 268 46.49 29.64 -15.98
C VAL T 268 47.22 30.50 -17.00
N LEU T 269 46.88 30.36 -18.28
CA LEU T 269 47.49 31.16 -19.35
C LEU T 269 47.16 32.65 -19.26
N SER T 270 46.00 33.00 -18.70
CA SER T 270 45.65 34.42 -18.51
C SER T 270 46.54 35.10 -17.48
N GLY T 271 46.76 34.44 -16.35
CA GLY T 271 47.67 34.96 -15.32
C GLY T 271 49.00 35.40 -15.89
N LEU T 272 49.52 34.54 -16.78
CA LEU T 272 50.76 34.75 -17.57
C LEU T 272 50.62 35.91 -18.59
N ALA T 273 49.46 36.02 -19.23
CA ALA T 273 49.21 37.09 -20.21
C ALA T 273 49.38 38.50 -19.60
N GLN T 274 48.86 38.66 -18.39
CA GLN T 274 48.94 39.93 -17.69
C GLN T 274 50.38 40.22 -17.27
N MET T 275 51.09 39.17 -16.84
CA MET T 275 52.49 39.32 -16.48
C MET T 275 53.35 39.67 -17.68
N MET T 276 53.04 39.06 -18.82
CA MET T 276 53.70 39.38 -20.09
C MET T 276 53.62 40.88 -20.35
N ARG T 277 52.39 41.40 -20.32
CA ARG T 277 52.14 42.83 -20.53
C ARG T 277 52.99 43.68 -19.58
N GLU T 278 53.19 43.21 -18.34
CA GLU T 278 53.88 44.00 -17.32
C GLU T 278 55.40 43.83 -17.31
N CYS T 279 55.88 42.94 -18.18
CA CYS T 279 57.31 42.82 -18.47
C CYS T 279 57.68 43.72 -19.64
N TRP T 280 56.69 44.17 -20.41
CA TRP T 280 56.94 44.88 -21.66
C TRP T 280 56.56 46.36 -21.64
N TYR T 281 56.33 46.92 -20.45
CA TYR T 281 56.11 48.38 -20.36
C TYR T 281 57.38 49.10 -20.89
N PRO T 282 57.19 50.12 -21.76
CA PRO T 282 58.31 50.87 -22.34
C PRO T 282 59.18 51.58 -21.31
N ASN T 283 58.57 52.11 -20.26
CA ASN T 283 59.33 52.68 -19.15
C ASN T 283 59.79 51.55 -18.23
N PRO T 284 61.11 51.25 -18.22
CA PRO T 284 61.67 50.11 -17.52
C PRO T 284 61.29 49.97 -16.05
N SER T 285 61.14 51.08 -15.34
CA SER T 285 60.87 51.04 -13.90
C SER T 285 59.44 50.65 -13.57
N ALA T 286 58.56 50.67 -14.58
CA ALA T 286 57.16 50.28 -14.40
C ALA T 286 57.02 48.75 -14.41
N ARG T 287 58.07 48.03 -14.80
CA ARG T 287 58.00 46.59 -14.97
C ARG T 287 58.02 45.83 -13.66
N LEU T 288 57.44 44.64 -13.66
CA LEU T 288 57.49 43.77 -12.50
C LEU T 288 58.93 43.37 -12.22
N THR T 289 59.21 43.06 -10.95
CA THR T 289 60.50 42.50 -10.57
C THR T 289 60.39 40.98 -10.70
N ALA T 290 61.54 40.30 -10.69
CA ALA T 290 61.54 38.84 -10.77
C ALA T 290 60.86 38.24 -9.54
N LEU T 291 61.07 38.85 -8.40
CA LEU T 291 60.48 38.38 -7.14
C LEU T 291 58.97 38.44 -7.22
N ARG T 292 58.45 39.55 -7.71
CA ARG T 292 57.02 39.72 -7.85
C ARG T 292 56.43 38.72 -8.84
N ILE T 293 57.15 38.45 -9.92
CA ILE T 293 56.69 37.47 -10.91
C ILE T 293 56.64 36.08 -10.28
N LYS T 294 57.75 35.67 -9.68
CA LYS T 294 57.80 34.44 -8.88
C LYS T 294 56.55 34.32 -8.01
N LYS T 295 56.31 35.33 -7.16
CA LYS T 295 55.21 35.28 -6.20
C LYS T 295 53.84 35.10 -6.88
N THR T 296 53.59 35.89 -7.91
CA THR T 296 52.31 35.83 -8.62
C THR T 296 52.04 34.45 -9.22
N LEU T 297 53.02 33.92 -9.95
CA LEU T 297 52.95 32.54 -10.43
C LEU T 297 52.57 31.62 -9.29
N GLN T 298 53.36 31.64 -8.22
CA GLN T 298 53.09 30.73 -7.11
C GLN T 298 51.58 30.67 -6.83
N LYS T 299 50.92 31.83 -6.65
CA LYS T 299 49.46 31.87 -6.34
C LYS T 299 48.54 31.06 -7.29
N ILE T 300 48.93 30.95 -8.56
CA ILE T 300 48.22 30.09 -9.51
C ILE T 300 48.56 28.63 -9.22
N MET U 2 47.89 92.28 42.94
CA MET U 2 46.83 93.31 43.14
C MET U 2 45.55 92.72 43.72
N GLN U 3 45.64 91.47 44.22
CA GLN U 3 44.48 90.76 44.82
C GLN U 3 44.35 91.03 46.30
N ARG U 4 45.47 91.31 46.97
CA ARG U 4 45.43 91.69 48.38
C ARG U 4 44.49 92.86 48.53
N THR U 5 44.75 93.88 47.72
CA THR U 5 44.01 95.15 47.78
C THR U 5 42.54 94.97 47.33
N VAL U 6 42.25 93.98 46.50
CA VAL U 6 40.84 93.61 46.18
C VAL U 6 40.09 92.99 47.36
N ALA U 7 40.77 92.19 48.17
CA ALA U 7 40.18 91.55 49.37
C ALA U 7 39.96 92.52 50.55
N ARG U 8 40.44 93.75 50.42
CA ARG U 8 40.30 94.82 51.43
C ARG U 8 39.03 95.65 51.22
N GLN U 9 38.61 95.79 49.97
CA GLN U 9 37.45 96.61 49.62
C GLN U 9 36.10 95.85 49.72
N VAL U 10 36.14 94.52 49.64
CA VAL U 10 34.92 93.71 49.69
C VAL U 10 34.19 93.89 51.01
N ALA U 11 32.91 94.23 50.93
CA ALA U 11 32.05 94.32 52.10
C ALA U 11 31.21 93.05 52.15
N LEU U 12 31.13 92.42 53.33
CA LEU U 12 30.35 91.21 53.53
C LEU U 12 28.94 91.61 53.91
N VAL U 13 27.95 91.04 53.21
CA VAL U 13 26.56 91.43 53.43
C VAL U 13 25.70 90.32 54.04
N GLU U 14 25.75 89.12 53.47
CA GLU U 14 24.90 88.02 53.92
C GLU U 14 25.66 86.70 53.93
N CYS U 15 25.52 85.95 55.02
CA CYS U 15 26.04 84.58 55.10
C CYS U 15 25.05 83.64 54.48
N VAL U 16 25.45 83.00 53.39
CA VAL U 16 24.56 82.11 52.64
C VAL U 16 24.89 80.62 52.80
N GLY U 17 25.94 80.31 53.55
CA GLY U 17 26.35 78.92 53.80
C GLY U 17 27.32 78.77 54.96
N LYS U 18 27.23 77.63 55.66
CA LYS U 18 28.06 77.34 56.83
C LYS U 18 28.20 75.85 57.00
N GLY U 19 29.39 75.38 57.39
CA GLY U 19 29.68 73.95 57.46
C GLY U 19 31.10 73.69 57.96
N ARG U 20 31.54 72.45 57.83
CA ARG U 20 32.86 72.02 58.31
C ARG U 20 33.98 72.63 57.45
N TYR U 21 33.64 72.97 56.20
CA TYR U 21 34.58 73.63 55.28
C TYR U 21 34.85 75.08 55.68
N GLY U 22 33.94 75.68 56.45
CA GLY U 22 34.00 77.11 56.82
C GLY U 22 32.65 77.78 56.60
N GLU U 23 32.65 78.92 55.91
CA GLU U 23 31.45 79.70 55.61
C GLU U 23 31.56 80.34 54.25
N VAL U 24 30.44 80.50 53.56
CA VAL U 24 30.40 81.30 52.35
C VAL U 24 29.49 82.51 52.57
N TRP U 25 29.96 83.67 52.15
CA TRP U 25 29.22 84.92 52.32
C TRP U 25 28.97 85.57 50.97
N ARG U 26 27.85 86.26 50.83
CA ARG U 26 27.65 87.14 49.68
C ARG U 26 28.29 88.48 50.03
N GLY U 27 29.13 88.99 49.12
CA GLY U 27 29.81 90.24 49.34
C GLY U 27 29.62 91.23 48.22
N LEU U 28 29.76 92.52 48.53
CA LEU U 28 29.65 93.58 47.54
C LEU U 28 31.05 94.16 47.23
N TRP U 29 31.40 94.21 45.96
CA TRP U 29 32.67 94.83 45.52
C TRP U 29 32.39 95.73 44.31
N HIS U 30 32.52 97.06 44.52
CA HIS U 30 32.24 98.05 43.48
C HIS U 30 30.90 97.75 42.78
N GLY U 31 29.83 97.67 43.54
CA GLY U 31 28.49 97.47 42.95
C GLY U 31 28.09 96.03 42.65
N GLU U 32 29.04 95.21 42.22
CA GLU U 32 28.76 93.82 41.85
C GLU U 32 28.83 92.87 43.03
N SER U 33 28.20 91.70 42.87
CA SER U 33 28.13 90.69 43.92
C SER U 33 29.24 89.65 43.73
N VAL U 34 29.89 89.29 44.84
CA VAL U 34 30.92 88.26 44.85
C VAL U 34 30.61 87.26 45.96
N ALA U 35 31.14 86.05 45.82
CA ALA U 35 31.15 85.07 46.88
C ALA U 35 32.51 85.13 47.63
N VAL U 36 32.46 85.13 48.96
CA VAL U 36 33.66 85.10 49.80
C VAL U 36 33.59 83.86 50.68
N LYS U 37 34.39 82.85 50.34
CA LYS U 37 34.50 81.65 51.18
C LYS U 37 35.59 81.82 52.25
N ILE U 38 35.18 81.90 53.50
CA ILE U 38 36.08 81.97 54.63
C ILE U 38 36.30 80.54 55.13
N PHE U 39 37.53 80.05 55.04
CA PHE U 39 37.84 78.65 55.35
C PHE U 39 38.02 78.43 56.84
N SER U 40 37.64 77.24 57.30
CA SER U 40 37.85 76.87 58.69
C SER U 40 39.30 76.41 58.90
N SER U 41 39.76 76.46 60.14
CA SER U 41 41.11 76.05 60.48
C SER U 41 41.38 74.59 60.08
N ARG U 42 40.37 73.74 60.21
CA ARG U 42 40.50 72.33 59.84
C ARG U 42 40.60 72.08 58.33
N ASP U 43 40.42 73.11 57.52
CA ASP U 43 40.42 72.96 56.06
C ASP U 43 41.38 73.91 55.33
N GLU U 44 42.38 74.42 56.06
CA GLU U 44 43.39 75.33 55.51
C GLU U 44 44.10 74.80 54.28
N GLN U 45 44.31 73.49 54.22
CA GLN U 45 44.99 72.86 53.09
C GLN U 45 44.18 72.86 51.80
N SER U 46 42.85 72.93 51.90
CA SER U 46 41.99 73.09 50.75
C SER U 46 42.15 74.48 50.17
N TRP U 47 42.20 75.50 51.04
CA TRP U 47 42.45 76.88 50.59
C TRP U 47 43.77 77.00 49.83
N PHE U 48 44.79 76.31 50.33
CA PHE U 48 46.14 76.38 49.72
C PHE U 48 46.13 75.76 48.34
N ARG U 49 45.57 74.57 48.24
CA ARG U 49 45.45 73.84 46.98
C ARG U 49 44.65 74.61 45.93
N GLU U 50 43.55 75.18 46.37
CA GLU U 50 42.65 75.91 45.50
C GLU U 50 43.29 77.20 45.06
N THR U 51 44.04 77.85 45.96
CA THR U 51 44.78 79.07 45.64
C THR U 51 45.90 78.77 44.65
N GLU U 52 46.61 77.66 44.85
CA GLU U 52 47.69 77.28 43.92
C GLU U 52 47.09 77.11 42.52
N ILE U 53 46.09 76.25 42.43
CA ILE U 53 45.51 75.86 41.13
C ILE U 53 44.95 77.04 40.35
N TYR U 54 44.22 77.90 41.05
CA TYR U 54 43.61 79.07 40.42
C TYR U 54 44.63 80.08 39.94
N ASN U 55 45.76 80.20 40.63
CA ASN U 55 46.84 81.14 40.22
C ASN U 55 47.80 80.59 39.18
N THR U 56 47.78 79.27 39.03
CA THR U 56 48.81 78.52 38.29
C THR U 56 48.32 77.91 36.98
N VAL U 57 47.04 77.57 36.92
CA VAL U 57 46.47 76.86 35.79
C VAL U 57 45.50 77.77 35.03
N LEU U 58 45.65 77.85 33.71
CA LEU U 58 44.72 78.63 32.90
C LEU U 58 43.44 77.84 32.79
N LEU U 59 42.48 78.15 33.65
CA LEU U 59 41.30 77.32 33.86
C LEU U 59 39.97 77.99 33.53
N ARG U 60 39.98 79.30 33.28
CA ARG U 60 38.74 80.01 33.00
C ARG U 60 37.85 79.26 32.01
N HIS U 61 36.57 79.14 32.34
CA HIS U 61 35.60 78.44 31.51
C HIS U 61 34.22 78.70 32.04
N ASP U 62 33.25 78.88 31.14
CA ASP U 62 31.86 79.17 31.52
C ASP U 62 31.30 78.19 32.55
N ASN U 63 31.75 76.93 32.53
CA ASN U 63 31.26 75.89 33.44
C ASN U 63 32.23 75.53 34.57
N ILE U 64 33.06 76.49 34.98
CA ILE U 64 33.91 76.37 36.13
C ILE U 64 33.78 77.71 36.87
N LEU U 65 33.73 77.65 38.19
CA LEU U 65 33.53 78.84 39.02
C LEU U 65 34.67 79.83 38.83
N GLY U 66 34.32 81.06 38.49
CA GLY U 66 35.27 82.12 38.24
C GLY U 66 35.99 82.57 39.50
N PHE U 67 37.30 82.67 39.39
CA PHE U 67 38.18 83.07 40.48
C PHE U 67 38.41 84.59 40.39
N ILE U 68 38.35 85.27 41.53
CA ILE U 68 38.65 86.71 41.61
C ILE U 68 39.91 86.96 42.41
N ALA U 69 39.98 86.41 43.62
CA ALA U 69 41.13 86.66 44.51
C ALA U 69 41.29 85.60 45.59
N SER U 70 42.47 85.60 46.22
CA SER U 70 42.74 84.79 47.38
C SER U 70 43.55 85.62 48.38
N ASP U 71 43.15 85.63 49.64
CA ASP U 71 43.84 86.43 50.64
C ASP U 71 43.98 85.71 51.99
N MET U 72 45.13 85.93 52.67
CA MET U 72 45.25 85.81 54.14
C MET U 72 45.09 87.18 54.77
N THR U 73 44.39 87.30 55.91
CA THR U 73 43.94 88.59 56.46
C THR U 73 44.49 88.85 57.86
N THR U 79 43.65 87.25 61.21
CA THR U 79 44.02 86.20 60.27
C THR U 79 42.89 85.22 59.92
N GLN U 80 42.42 85.31 58.69
CA GLN U 80 41.53 84.31 58.15
C GLN U 80 42.03 83.99 56.72
N LEU U 81 41.61 82.84 56.17
CA LEU U 81 41.93 82.51 54.80
C LEU U 81 40.69 82.70 53.91
N TRP U 82 40.80 83.58 52.92
CA TRP U 82 39.67 83.92 52.05
C TRP U 82 39.90 83.48 50.63
N LEU U 83 38.81 83.03 50.00
CA LEU U 83 38.78 82.82 48.55
C LEU U 83 37.57 83.59 48.05
N ILE U 84 37.81 84.55 47.15
CA ILE U 84 36.73 85.38 46.59
C ILE U 84 36.52 84.96 45.15
N THR U 85 35.25 84.71 44.78
CA THR U 85 34.88 84.21 43.43
C THR U 85 33.63 84.90 42.92
N HIS U 86 33.21 84.59 41.70
CA HIS U 86 31.90 85.02 41.23
C HIS U 86 30.82 84.52 42.20
N TYR U 87 29.69 85.25 42.27
CA TYR U 87 28.55 84.85 43.09
C TYR U 87 27.39 84.43 42.22
N HIS U 88 26.74 83.32 42.59
CA HIS U 88 25.58 82.80 41.86
C HIS U 88 24.38 82.65 42.77
N GLU U 89 23.35 83.46 42.53
CA GLU U 89 22.20 83.62 43.42
C GLU U 89 21.45 82.33 43.73
N HIS U 90 21.28 81.47 42.71
CA HIS U 90 20.55 80.21 42.88
C HIS U 90 21.28 79.25 43.83
N GLY U 91 22.56 79.54 44.11
CA GLY U 91 23.35 78.71 45.00
C GLY U 91 23.81 77.46 44.30
N SER U 92 24.00 76.39 45.06
CA SER U 92 24.38 75.10 44.50
C SER U 92 23.22 74.37 43.81
N LEU U 93 23.57 73.32 43.06
CA LEU U 93 22.61 72.42 42.43
C LEU U 93 21.77 71.74 43.51
N TYR U 94 22.40 71.43 44.64
CA TYR U 94 21.70 70.91 45.81
C TYR U 94 20.57 71.85 46.19
N ASP U 95 20.91 73.12 46.35
CA ASP U 95 19.96 74.16 46.73
C ASP U 95 18.83 74.28 45.70
N PHE U 96 19.21 74.35 44.43
CA PHE U 96 18.28 74.58 43.32
C PHE U 96 17.29 73.42 43.23
N LEU U 97 17.82 72.20 43.28
CA LEU U 97 16.99 71.00 43.22
C LEU U 97 16.06 70.87 44.42
N GLN U 98 16.41 71.48 45.54
CA GLN U 98 15.58 71.47 46.75
C GLN U 98 14.25 72.15 46.46
N ARG U 99 14.34 73.35 45.91
CA ARG U 99 13.16 74.21 45.72
C ARG U 99 12.48 74.06 44.36
N GLN U 100 13.25 73.81 43.31
CA GLN U 100 12.73 73.84 41.95
C GLN U 100 12.52 72.45 41.39
N THR U 101 11.51 72.31 40.55
CA THR U 101 11.29 71.10 39.78
C THR U 101 11.77 71.39 38.36
N LEU U 102 12.10 70.35 37.61
CA LEU U 102 12.73 70.54 36.30
C LEU U 102 11.92 70.01 35.13
N GLU U 103 11.62 70.88 34.17
CA GLU U 103 11.13 70.43 32.86
C GLU U 103 12.27 69.64 32.23
N PRO U 104 11.93 68.61 31.41
CA PRO U 104 12.98 67.79 30.78
C PRO U 104 14.07 68.59 30.06
N HIS U 105 13.67 69.65 29.35
CA HIS U 105 14.61 70.57 28.70
C HIS U 105 15.64 71.14 29.68
N LEU U 106 15.17 71.55 30.85
CA LEU U 106 16.02 72.16 31.86
C LEU U 106 16.95 71.12 32.50
N ALA U 107 16.40 69.92 32.74
CA ALA U 107 17.21 68.81 33.26
C ALA U 107 18.41 68.53 32.37
N LEU U 108 18.21 68.57 31.05
CA LEU U 108 19.29 68.31 30.09
C LEU U 108 20.27 69.47 30.07
N ARG U 109 19.75 70.68 30.21
CA ARG U 109 20.60 71.86 30.20
C ARG U 109 21.60 71.83 31.35
N LEU U 110 21.12 71.54 32.55
CA LEU U 110 21.96 71.39 33.72
C LEU U 110 22.94 70.23 33.54
N ALA U 111 22.43 69.11 33.04
CA ALA U 111 23.26 67.92 32.88
C ALA U 111 24.39 68.14 31.85
N VAL U 112 24.05 68.77 30.72
CA VAL U 112 25.04 68.98 29.68
C VAL U 112 26.12 69.96 30.12
N SER U 113 25.70 71.03 30.80
CA SER U 113 26.64 72.08 31.21
C SER U 113 27.59 71.58 32.30
N ALA U 114 27.05 70.80 33.24
CA ALA U 114 27.87 70.13 34.25
C ALA U 114 28.90 69.21 33.58
N ALA U 115 28.47 68.45 32.58
CA ALA U 115 29.36 67.60 31.81
C ALA U 115 30.44 68.40 31.07
N CYS U 116 30.11 69.59 30.60
CA CYS U 116 31.10 70.43 29.91
C CYS U 116 32.19 70.83 30.91
N GLY U 117 31.77 71.23 32.11
CA GLY U 117 32.68 71.54 33.19
C GLY U 117 33.64 70.41 33.50
N LEU U 118 33.09 69.21 33.74
CA LEU U 118 33.94 68.06 34.07
C LEU U 118 34.86 67.65 32.91
N ALA U 119 34.35 67.65 31.69
CA ALA U 119 35.18 67.33 30.52
C ALA U 119 36.38 68.28 30.43
N HIS U 120 36.12 69.57 30.66
CA HIS U 120 37.14 70.58 30.58
C HIS U 120 38.25 70.36 31.62
N LEU U 121 37.84 70.01 32.84
CA LEU U 121 38.77 69.63 33.88
C LEU U 121 39.62 68.43 33.49
N HIS U 122 38.97 67.38 33.00
CA HIS U 122 39.65 66.11 32.72
C HIS U 122 40.63 66.17 31.54
N VAL U 123 40.27 66.90 30.49
CA VAL U 123 41.04 66.87 29.24
C VAL U 123 42.22 67.83 29.33
N GLU U 124 43.39 67.30 29.03
CA GLU U 124 44.59 68.11 28.92
C GLU U 124 44.52 68.98 27.67
N PRO U 132 46.97 71.34 32.34
CA PRO U 132 47.08 69.89 32.55
C PRO U 132 45.71 69.24 32.76
N ALA U 133 45.68 67.91 32.74
CA ALA U 133 44.49 67.17 33.05
C ALA U 133 44.24 67.26 34.56
N ILE U 134 43.00 67.57 34.97
CA ILE U 134 42.64 67.79 36.39
C ILE U 134 41.46 66.92 36.78
N ALA U 135 41.58 66.22 37.90
CA ALA U 135 40.51 65.42 38.47
C ALA U 135 40.02 66.09 39.75
N HIS U 136 38.71 66.15 39.95
CA HIS U 136 38.11 66.90 41.06
C HIS U 136 38.34 66.22 42.42
N ARG U 137 37.87 64.99 42.53
CA ARG U 137 37.98 64.15 43.73
C ARG U 137 36.92 64.44 44.81
N ASP U 138 36.07 65.44 44.60
CA ASP U 138 34.92 65.67 45.50
C ASP U 138 33.72 66.20 44.72
N PHE U 139 33.42 65.54 43.61
CA PHE U 139 32.32 65.98 42.75
C PHE U 139 30.99 65.55 43.36
N LYS U 140 30.16 66.56 43.64
CA LYS U 140 28.86 66.37 44.26
C LYS U 140 27.97 67.58 43.97
N SER U 141 26.66 67.44 44.18
CA SER U 141 25.71 68.50 43.81
C SER U 141 25.94 69.79 44.60
N ARG U 142 26.50 69.65 45.80
CA ARG U 142 26.87 70.83 46.61
C ARG U 142 28.03 71.62 46.03
N ASN U 143 28.86 70.97 45.21
CA ASN U 143 30.03 71.61 44.59
C ASN U 143 29.82 71.98 43.13
N VAL U 144 28.55 72.07 42.73
CA VAL U 144 28.16 72.56 41.41
C VAL U 144 27.16 73.69 41.65
N LEU U 145 27.43 74.85 41.07
CA LEU U 145 26.55 76.02 41.22
C LEU U 145 25.66 76.15 40.02
N VAL U 146 24.50 76.79 40.18
CA VAL U 146 23.59 77.08 39.08
C VAL U 146 23.61 78.58 38.80
N LYS U 147 23.97 78.92 37.57
CA LYS U 147 24.05 80.31 37.13
C LYS U 147 22.70 80.90 36.74
N SER U 148 22.68 82.21 36.50
CA SER U 148 21.47 82.93 36.06
C SER U 148 20.84 82.33 34.81
N ASN U 149 21.68 81.93 33.85
CA ASN U 149 21.20 81.31 32.60
C ASN U 149 20.91 79.81 32.77
N LEU U 150 20.74 79.39 34.02
CA LEU U 150 20.43 78.00 34.34
C LEU U 150 21.41 77.01 33.69
N GLN U 151 22.69 77.38 33.66
CA GLN U 151 23.76 76.44 33.32
C GLN U 151 24.61 76.25 34.58
N CYS U 152 25.26 75.10 34.68
CA CYS U 152 26.04 74.78 35.85
C CYS U 152 27.48 75.25 35.69
N CYS U 153 28.17 75.43 36.81
CA CYS U 153 29.61 75.53 36.81
C CYS U 153 30.18 74.88 38.07
N ILE U 154 31.29 74.17 37.92
CA ILE U 154 31.89 73.39 38.99
C ILE U 154 32.74 74.26 39.91
N ALA U 155 32.66 73.97 41.20
CA ALA U 155 33.45 74.67 42.22
C ALA U 155 34.23 73.70 43.09
N ASP U 156 35.03 74.26 44.01
CA ASP U 156 35.77 73.54 45.04
C ASP U 156 36.84 72.63 44.47
N LEU U 157 37.98 73.22 44.15
CA LEU U 157 39.13 72.49 43.62
C LEU U 157 40.11 72.07 44.72
N GLY U 158 39.68 72.12 45.97
CA GLY U 158 40.58 71.90 47.11
C GLY U 158 41.27 70.54 47.19
N LEU U 159 40.67 69.54 46.58
CA LEU U 159 41.22 68.18 46.57
C LEU U 159 41.73 67.74 45.19
N ALA U 160 41.77 68.67 44.24
CA ALA U 160 42.05 68.31 42.86
C ALA U 160 43.46 67.77 42.69
N VAL U 161 43.62 66.85 41.74
CA VAL U 161 44.91 66.26 41.40
C VAL U 161 45.15 66.46 39.90
N MET U 162 46.42 66.55 39.49
CA MET U 162 46.71 66.93 38.09
C MET U 162 47.77 66.06 37.43
N HIS U 163 47.61 65.85 36.12
CA HIS U 163 48.54 65.06 35.29
C HIS U 163 48.83 65.85 34.00
N SER U 164 50.09 65.80 33.57
CA SER U 164 50.50 66.26 32.26
C SER U 164 51.17 65.07 31.58
N GLN U 165 50.82 64.83 30.33
CA GLN U 165 51.30 63.66 29.61
C GLN U 165 52.80 63.82 29.36
N GLY U 166 53.53 62.70 29.45
CA GLY U 166 55.01 62.74 29.50
C GLY U 166 55.45 62.39 30.91
N SER U 167 56.73 62.56 31.21
CA SER U 167 57.31 62.12 32.51
C SER U 167 56.21 61.90 33.58
N ASP U 168 56.50 61.01 34.53
CA ASP U 168 55.45 60.27 35.23
C ASP U 168 54.92 60.91 36.54
N TYR U 169 55.34 62.16 36.81
CA TYR U 169 54.85 62.93 37.97
C TYR U 169 53.31 62.92 38.11
N LEU U 170 52.81 62.74 39.35
CA LEU U 170 51.40 63.00 39.70
C LEU U 170 51.31 64.14 40.68
N ASP U 171 50.64 65.20 40.27
CA ASP U 171 50.57 66.44 41.04
C ASP U 171 49.35 66.45 41.95
N ILE U 172 49.54 65.92 43.16
CA ILE U 172 48.55 65.92 44.23
C ILE U 172 48.95 66.90 45.33
N GLY U 173 47.96 67.59 45.89
CA GLY U 173 48.16 68.36 47.11
C GLY U 173 48.49 67.45 48.30
N ASN U 174 48.64 68.09 49.45
CA ASN U 174 48.95 67.41 50.72
C ASN U 174 47.74 67.40 51.65
N ASN U 175 46.56 67.66 51.10
CA ASN U 175 45.33 67.76 51.87
C ASN U 175 44.97 66.42 52.55
N PRO U 176 44.68 66.44 53.87
CA PRO U 176 44.16 65.25 54.56
C PRO U 176 42.70 64.95 54.23
N ARG U 177 41.96 65.98 53.80
CA ARG U 177 40.56 65.84 53.43
C ARG U 177 40.38 64.76 52.36
N VAL U 178 39.29 64.01 52.45
CA VAL U 178 38.94 63.02 51.42
C VAL U 178 37.61 63.42 50.78
N GLY U 179 37.24 62.73 49.72
CA GLY U 179 35.94 62.95 49.07
C GLY U 179 34.78 62.82 50.04
N THR U 180 33.68 63.50 49.76
CA THR U 180 32.47 63.35 50.55
C THR U 180 32.06 61.88 50.52
N LYS U 181 31.83 61.30 51.69
CA LYS U 181 31.62 59.85 51.77
C LYS U 181 30.40 59.37 50.96
N ARG U 182 29.28 60.12 50.96
CA ARG U 182 28.07 59.74 50.20
C ARG U 182 28.39 59.49 48.74
N TYR U 183 29.42 60.18 48.22
CA TYR U 183 29.72 60.17 46.78
C TYR U 183 30.97 59.33 46.42
N MET U 184 31.56 58.66 47.41
CA MET U 184 32.78 57.90 47.16
C MET U 184 32.48 56.66 46.32
N ALA U 185 33.32 56.42 45.32
CA ALA U 185 33.17 55.25 44.47
C ALA U 185 33.52 53.99 45.24
N PRO U 186 33.12 52.82 44.73
CA PRO U 186 33.47 51.56 45.42
C PRO U 186 34.97 51.42 45.65
N GLU U 187 35.77 51.72 44.64
CA GLU U 187 37.22 51.58 44.74
C GLU U 187 37.85 52.50 45.78
N VAL U 188 37.19 53.61 46.13
CA VAL U 188 37.68 54.50 47.18
C VAL U 188 37.33 53.95 48.56
N LEU U 189 36.12 53.38 48.68
CA LEU U 189 35.68 52.78 49.94
C LEU U 189 36.35 51.43 50.22
N ASP U 190 36.70 50.71 49.16
CA ASP U 190 37.51 49.47 49.27
C ASP U 190 38.96 49.76 49.64
N GLU U 191 39.41 50.97 49.33
CA GLU U 191 40.83 51.34 49.41
C GLU U 191 41.66 50.55 48.41
N GLN U 192 41.01 50.14 47.33
CA GLN U 192 41.64 49.34 46.28
C GLN U 192 42.07 50.22 45.12
N ILE U 193 41.82 51.51 45.22
CA ILE U 193 42.20 52.48 44.17
C ILE U 193 43.72 52.63 44.12
N ARG U 194 44.25 52.74 42.89
CA ARG U 194 45.68 52.93 42.67
C ARG U 194 45.97 54.41 42.77
N THR U 195 46.52 54.75 43.91
CA THR U 195 46.70 56.15 44.19
C THR U 195 47.87 56.80 43.43
N ASP U 196 48.60 56.01 42.64
CA ASP U 196 49.65 56.55 41.77
C ASP U 196 49.27 56.49 40.29
N CYS U 197 47.97 56.39 40.01
CA CYS U 197 47.47 56.39 38.63
C CYS U 197 46.42 57.48 38.47
N PHE U 198 46.64 58.40 37.53
CA PHE U 198 45.75 59.54 37.35
C PHE U 198 44.37 59.12 36.83
N GLU U 199 44.33 58.17 35.91
CA GLU U 199 43.06 57.71 35.32
C GLU U 199 42.08 57.23 36.39
N SER U 200 42.59 56.56 37.42
CA SER U 200 41.75 56.15 38.56
C SER U 200 40.93 57.28 39.16
N TYR U 201 41.56 58.42 39.40
CA TYR U 201 40.88 59.54 40.02
C TYR U 201 39.79 60.12 39.13
N LYS U 202 40.02 60.12 37.82
CA LYS U 202 39.00 60.50 36.84
C LYS U 202 37.77 59.59 36.91
N TRP U 203 38.01 58.30 37.07
CA TRP U 203 36.93 57.32 37.14
C TRP U 203 36.07 57.49 38.40
N THR U 204 36.65 58.06 39.47
CA THR U 204 35.85 58.34 40.68
C THR U 204 35.03 59.62 40.53
N ASP U 205 35.53 60.55 39.72
CA ASP U 205 34.74 61.74 39.36
C ASP U 205 33.48 61.27 38.63
N ILE U 206 33.65 60.33 37.70
CA ILE U 206 32.58 59.85 36.84
C ILE U 206 31.49 59.18 37.68
N TRP U 207 31.89 58.26 38.58
CA TRP U 207 30.95 57.63 39.49
C TRP U 207 30.06 58.71 40.10
N ALA U 208 30.71 59.63 40.80
CA ALA U 208 30.04 60.74 41.46
C ALA U 208 29.15 61.54 40.52
N PHE U 209 29.55 61.66 39.26
CA PHE U 209 28.78 62.38 38.25
C PHE U 209 27.44 61.67 38.00
N GLY U 210 27.51 60.35 37.84
CA GLY U 210 26.32 59.53 37.72
C GLY U 210 25.34 59.78 38.85
N LEU U 211 25.86 59.86 40.08
CA LEU U 211 25.01 60.13 41.25
C LEU U 211 24.33 61.48 41.10
N VAL U 212 25.09 62.48 40.62
CA VAL U 212 24.51 63.82 40.43
C VAL U 212 23.43 63.85 39.34
N LEU U 213 23.59 63.04 38.28
CA LEU U 213 22.53 62.87 37.24
C LEU U 213 21.24 62.33 37.86
N TRP U 214 21.37 61.29 38.69
CA TRP U 214 20.24 60.73 39.44
C TRP U 214 19.47 61.80 40.21
N GLU U 215 20.20 62.65 40.91
CA GLU U 215 19.59 63.77 41.67
C GLU U 215 18.77 64.70 40.75
N ILE U 216 19.31 64.99 39.56
CA ILE U 216 18.64 65.83 38.56
C ILE U 216 17.41 65.08 38.03
N ALA U 217 17.61 63.81 37.69
CA ALA U 217 16.57 62.96 37.13
C ALA U 217 15.36 62.82 38.07
N ARG U 218 15.64 62.57 39.34
CA ARG U 218 14.58 62.43 40.37
C ARG U 218 13.67 63.65 40.45
N ARG U 219 14.24 64.80 40.16
CA ARG U 219 13.54 66.07 40.28
C ARG U 219 12.92 66.54 38.95
N THR U 220 12.85 65.64 37.96
CA THR U 220 12.36 65.94 36.57
C THR U 220 10.86 65.54 36.32
N ILE U 221 10.05 66.49 35.83
CA ILE U 221 8.64 66.21 35.51
C ILE U 221 8.49 65.24 34.31
N VAL U 222 7.77 64.14 34.54
CA VAL U 222 7.63 63.11 33.51
C VAL U 222 6.48 62.10 33.75
N VAL U 226 7.05 63.81 39.28
CA VAL U 226 8.10 64.46 40.03
C VAL U 226 8.05 64.01 41.52
N GLU U 227 9.18 63.52 42.01
CA GLU U 227 9.46 63.21 43.43
C GLU U 227 10.06 64.40 44.15
N ASP U 228 9.89 64.43 45.48
CA ASP U 228 10.58 65.43 46.32
C ASP U 228 12.06 65.11 46.34
N TYR U 229 12.90 66.11 46.58
CA TYR U 229 14.36 65.91 46.57
C TYR U 229 14.83 64.92 47.63
N ARG U 230 15.67 63.98 47.23
CA ARG U 230 16.39 63.12 48.15
C ARG U 230 17.83 62.97 47.68
N PRO U 231 18.78 62.82 48.61
CA PRO U 231 20.17 62.60 48.19
C PRO U 231 20.36 61.16 47.71
N PRO U 232 21.46 60.88 47.00
CA PRO U 232 21.74 59.51 46.63
C PRO U 232 21.85 58.61 47.86
N PHE U 233 21.35 57.38 47.74
CA PHE U 233 21.36 56.40 48.84
C PHE U 233 20.54 56.82 50.07
N TYR U 234 19.60 57.74 49.88
CA TYR U 234 18.72 58.21 50.95
C TYR U 234 17.95 57.07 51.65
N ASP U 235 17.71 55.98 50.91
CA ASP U 235 16.91 54.87 51.43
C ASP U 235 17.74 53.80 52.15
N VAL U 236 19.05 53.92 52.08
CA VAL U 236 19.93 52.89 52.65
C VAL U 236 20.93 53.38 53.69
N VAL U 237 21.11 54.70 53.84
CA VAL U 237 22.09 55.26 54.79
C VAL U 237 21.52 56.48 55.56
N PRO U 238 21.99 56.71 56.79
CA PRO U 238 21.56 57.88 57.57
C PRO U 238 21.97 59.22 56.94
N ASN U 239 21.30 60.28 57.39
CA ASN U 239 21.38 61.60 56.77
C ASN U 239 22.82 61.99 56.50
N ASP U 240 23.70 61.80 57.49
CA ASP U 240 25.15 62.04 57.31
C ASP U 240 25.88 60.69 57.41
N PRO U 241 26.23 60.09 56.25
CA PRO U 241 26.67 58.70 56.23
C PRO U 241 28.16 58.57 56.44
N SER U 242 28.57 57.59 57.24
CA SER U 242 29.98 57.32 57.51
C SER U 242 30.62 56.39 56.48
N PHE U 243 31.93 56.25 56.57
CA PHE U 243 32.71 55.33 55.74
C PHE U 243 32.13 53.91 55.76
N GLU U 244 31.95 53.35 56.95
CA GLU U 244 31.56 51.95 57.09
C GLU U 244 30.15 51.72 56.57
N ASP U 245 29.26 52.69 56.80
CA ASP U 245 27.90 52.64 56.27
C ASP U 245 27.93 52.53 54.74
N MET U 246 28.75 53.35 54.09
CA MET U 246 28.87 53.35 52.64
C MET U 246 29.56 52.08 52.14
N LYS U 247 30.64 51.69 52.80
CA LYS U 247 31.36 50.45 52.46
C LYS U 247 30.37 49.29 52.34
N LYS U 248 29.50 49.15 53.33
CA LYS U 248 28.51 48.07 53.37
C LYS U 248 27.52 48.13 52.22
N VAL U 249 26.98 49.32 51.99
CA VAL U 249 26.01 49.55 50.94
C VAL U 249 26.60 49.42 49.53
N VAL U 250 27.70 50.11 49.29
CA VAL U 250 28.27 50.20 47.93
C VAL U 250 29.14 49.01 47.55
N CYS U 251 29.87 48.45 48.52
CA CYS U 251 30.80 47.34 48.25
C CYS U 251 30.22 45.96 48.58
N VAL U 252 29.79 45.78 49.82
CA VAL U 252 29.22 44.50 50.27
C VAL U 252 27.89 44.21 49.59
N ASP U 253 26.92 45.12 49.72
CA ASP U 253 25.59 44.94 49.14
C ASP U 253 25.53 45.26 47.62
N GLN U 254 26.61 45.84 47.08
CA GLN U 254 26.72 46.17 45.65
C GLN U 254 25.54 47.01 45.15
N GLN U 255 25.10 47.94 45.99
CA GLN U 255 23.95 48.78 45.70
C GLN U 255 24.29 50.03 44.88
N THR U 256 23.36 50.42 44.00
CA THR U 256 23.42 51.68 43.28
C THR U 256 22.03 52.30 43.38
N PRO U 257 21.89 53.63 43.25
CA PRO U 257 20.54 54.22 43.33
C PRO U 257 19.51 53.63 42.35
N THR U 258 18.32 53.37 42.88
CA THR U 258 17.15 52.93 42.11
C THR U 258 16.79 53.95 41.06
N ILE U 259 17.13 53.61 39.83
CA ILE U 259 16.75 54.42 38.69
C ILE U 259 15.22 54.45 38.64
N PRO U 260 14.62 55.66 38.63
CA PRO U 260 13.15 55.76 38.54
C PRO U 260 12.57 55.10 37.31
N ASN U 261 11.68 54.12 37.53
CA ASN U 261 11.05 53.35 36.44
C ASN U 261 10.45 54.23 35.33
N ARG U 262 9.94 55.41 35.69
CA ARG U 262 9.30 56.30 34.72
C ARG U 262 10.24 57.06 33.77
N LEU U 263 11.54 57.13 34.06
CA LEU U 263 12.50 57.69 33.08
C LEU U 263 12.19 57.20 31.66
N ALA U 264 11.72 55.96 31.57
CA ALA U 264 11.53 55.28 30.30
C ALA U 264 10.69 56.09 29.31
N ALA U 265 9.59 56.66 29.80
CA ALA U 265 8.54 57.21 28.96
C ALA U 265 8.93 58.49 28.20
N ASP U 266 9.63 59.42 28.85
CA ASP U 266 9.95 60.68 28.19
C ASP U 266 11.22 60.51 27.36
N PRO U 267 11.19 60.95 26.08
CA PRO U 267 12.34 60.84 25.17
C PRO U 267 13.67 61.28 25.79
N VAL U 268 13.84 62.60 25.97
CA VAL U 268 15.09 63.23 26.43
C VAL U 268 15.80 62.43 27.52
N LEU U 269 15.03 61.85 28.46
CA LEU U 269 15.58 61.29 29.69
C LEU U 269 15.95 59.80 29.68
N SER U 270 15.66 59.07 28.61
CA SER U 270 16.06 57.64 28.55
C SER U 270 17.57 57.47 28.32
N GLY U 271 18.19 58.49 27.71
CA GLY U 271 19.66 58.55 27.64
C GLY U 271 20.33 58.93 28.96
N LEU U 272 19.62 59.67 29.81
CA LEU U 272 20.11 59.94 31.15
C LEU U 272 20.23 58.64 31.96
N ALA U 273 19.18 57.81 31.92
CA ALA U 273 19.16 56.55 32.67
C ALA U 273 20.30 55.63 32.26
N GLN U 274 20.54 55.52 30.95
CA GLN U 274 21.62 54.69 30.42
C GLN U 274 23.00 55.26 30.80
N MET U 275 23.13 56.59 30.78
CA MET U 275 24.37 57.25 31.17
C MET U 275 24.65 57.07 32.65
N MET U 276 23.60 57.09 33.46
CA MET U 276 23.72 56.84 34.91
C MET U 276 24.32 55.46 35.14
N ARG U 277 23.76 54.46 34.46
CA ARG U 277 24.29 53.08 34.56
C ARG U 277 25.78 53.00 34.20
N GLU U 278 26.21 53.72 33.17
CA GLU U 278 27.56 53.58 32.63
C GLU U 278 28.59 54.41 33.39
N CYS U 279 28.10 55.20 34.35
CA CYS U 279 28.94 55.85 35.32
C CYS U 279 29.15 54.94 36.52
N TRP U 280 28.29 53.95 36.70
CA TRP U 280 28.29 53.14 37.93
C TRP U 280 28.79 51.70 37.74
N TYR U 281 29.47 51.41 36.64
CA TYR U 281 30.11 50.11 36.49
C TYR U 281 31.15 49.92 37.61
N PRO U 282 31.12 48.77 38.31
CA PRO U 282 32.09 48.48 39.38
C PRO U 282 33.57 48.53 38.95
N ASN U 283 33.87 48.03 37.75
CA ASN U 283 35.22 48.14 37.17
C ASN U 283 35.39 49.53 36.59
N PRO U 284 36.18 50.39 37.24
CA PRO U 284 36.30 51.82 36.89
C PRO U 284 36.58 52.12 35.42
N SER U 285 37.38 51.29 34.76
CA SER U 285 37.80 51.56 33.38
C SER U 285 36.67 51.30 32.37
N ALA U 286 35.62 50.64 32.82
CA ALA U 286 34.44 50.40 31.98
C ALA U 286 33.53 51.62 31.89
N ARG U 287 33.78 52.62 32.74
CA ARG U 287 32.92 53.80 32.79
C ARG U 287 33.15 54.75 31.61
N LEU U 288 32.12 55.54 31.30
CA LEU U 288 32.23 56.60 30.30
C LEU U 288 33.20 57.67 30.78
N THR U 289 33.83 58.35 29.83
CA THR U 289 34.64 59.51 30.14
C THR U 289 33.71 60.74 30.17
N ALA U 290 34.18 61.85 30.75
CA ALA U 290 33.43 63.08 30.79
C ALA U 290 33.18 63.62 29.39
N LEU U 291 34.17 63.49 28.51
CA LEU U 291 34.02 63.90 27.10
C LEU U 291 32.89 63.13 26.41
N ARG U 292 32.86 61.81 26.60
CA ARG U 292 31.84 60.97 25.98
C ARG U 292 30.44 61.30 26.52
N ILE U 293 30.36 61.61 27.81
CA ILE U 293 29.08 62.02 28.41
C ILE U 293 28.63 63.36 27.80
N LYS U 294 29.52 64.35 27.79
CA LYS U 294 29.26 65.62 27.11
C LYS U 294 28.67 65.38 25.74
N LYS U 295 29.39 64.62 24.91
CA LYS U 295 29.00 64.40 23.51
C LYS U 295 27.62 63.75 23.39
N THR U 296 27.37 62.70 24.17
CA THR U 296 26.08 62.00 24.13
C THR U 296 24.92 62.97 24.41
N LEU U 297 25.05 63.78 25.46
CA LEU U 297 24.03 64.78 25.85
C LEU U 297 23.79 65.84 24.79
N GLN U 298 24.70 65.96 23.83
CA GLN U 298 24.42 66.81 22.67
C GLN U 298 23.74 66.03 21.53
N LYS U 299 23.64 64.71 21.69
CA LYS U 299 22.71 63.92 20.89
C LYS U 299 21.31 64.15 21.46
N ILE U 300 21.16 64.30 22.79
CA ILE U 300 19.83 64.31 23.42
C ILE U 300 19.02 65.63 23.32
N SER U 301 19.74 66.75 23.21
CA SER U 301 19.19 68.12 23.36
C SER U 301 17.94 68.46 22.57
N MET V 2 1.24 -3.45 -34.05
CA MET V 2 2.65 -3.03 -33.81
C MET V 2 3.15 -2.06 -34.90
N GLN V 3 3.05 -2.48 -36.15
CA GLN V 3 3.62 -1.72 -37.28
C GLN V 3 2.82 -0.46 -37.68
N ARG V 4 1.54 -0.42 -37.32
CA ARG V 4 0.65 0.68 -37.73
C ARG V 4 0.68 1.84 -36.72
N THR V 5 1.46 1.68 -35.67
CA THR V 5 1.55 2.64 -34.57
C THR V 5 2.90 3.37 -34.57
N VAL V 6 3.93 2.64 -34.94
CA VAL V 6 5.22 3.17 -35.35
C VAL V 6 5.07 4.19 -36.50
N ALA V 7 4.24 3.86 -37.49
CA ALA V 7 4.13 4.70 -38.70
C ALA V 7 3.30 5.98 -38.52
N ARG V 8 2.65 6.10 -37.35
CA ARG V 8 1.81 7.25 -37.00
C ARG V 8 2.39 8.08 -35.85
N GLN V 9 3.10 7.40 -34.93
CA GLN V 9 3.69 8.03 -33.77
C GLN V 9 5.07 8.65 -34.05
N VAL V 10 5.78 8.15 -35.04
CA VAL V 10 7.15 8.63 -35.32
C VAL V 10 7.15 10.12 -35.67
N ALA V 11 7.98 10.89 -34.97
CA ALA V 11 8.17 12.31 -35.27
C ALA V 11 9.47 12.45 -36.07
N LEU V 12 9.43 13.23 -37.14
CA LEU V 12 10.60 13.45 -37.99
C LEU V 12 11.35 14.67 -37.48
N VAL V 13 12.65 14.53 -37.25
CA VAL V 13 13.43 15.59 -36.64
C VAL V 13 14.43 16.21 -37.61
N GLU V 14 15.25 15.38 -38.25
CA GLU V 14 16.34 15.87 -39.09
C GLU V 14 16.45 15.05 -40.38
N CYS V 15 16.61 15.72 -41.52
CA CYS V 15 16.87 15.06 -42.81
C CYS V 15 18.36 14.87 -42.95
N VAL V 16 18.81 13.62 -42.94
CA VAL V 16 20.24 13.30 -42.96
C VAL V 16 20.72 12.79 -44.33
N GLY V 17 19.81 12.70 -45.29
CA GLY V 17 20.16 12.23 -46.64
C GLY V 17 19.10 12.54 -47.67
N LYS V 18 19.52 12.80 -48.90
CA LYS V 18 18.60 13.10 -50.02
C LYS V 18 19.24 12.67 -51.34
N GLY V 19 18.42 12.14 -52.25
CA GLY V 19 18.91 11.61 -53.53
C GLY V 19 17.77 11.11 -54.44
N ARG V 20 18.16 10.40 -55.50
CA ARG V 20 17.21 9.90 -56.48
C ARG V 20 16.32 8.79 -55.89
N TYR V 21 16.84 8.14 -54.85
CA TYR V 21 16.09 7.12 -54.12
C TYR V 21 14.97 7.72 -53.27
N GLY V 22 15.09 9.00 -52.92
CA GLY V 22 14.14 9.66 -52.00
C GLY V 22 14.89 10.43 -50.94
N GLU V 23 14.53 10.24 -49.67
CA GLU V 23 15.17 10.95 -48.55
C GLU V 23 15.21 10.03 -47.35
N VAL V 24 16.24 10.19 -46.50
CA VAL V 24 16.28 9.49 -45.21
C VAL V 24 16.26 10.53 -44.13
N TRP V 25 15.43 10.30 -43.11
CA TRP V 25 15.27 11.24 -41.99
C TRP V 25 15.58 10.52 -40.71
N ARG V 26 16.15 11.24 -39.74
CA ARG V 26 16.24 10.77 -38.36
C ARG V 26 14.91 11.07 -37.70
N GLY V 27 14.35 10.06 -37.02
CA GLY V 27 13.06 10.22 -36.36
C GLY V 27 13.08 9.76 -34.92
N LEU V 28 12.18 10.33 -34.10
CA LEU V 28 12.05 9.97 -32.70
C LEU V 28 10.80 9.13 -32.48
N TRP V 29 10.95 7.95 -31.88
CA TRP V 29 9.79 7.12 -31.54
C TRP V 29 9.96 6.61 -30.11
N HIS V 30 9.08 7.06 -29.22
CA HIS V 30 9.15 6.72 -27.79
C HIS V 30 10.57 6.84 -27.26
N GLY V 31 11.17 8.01 -27.40
CA GLY V 31 12.51 8.26 -26.85
C GLY V 31 13.68 7.81 -27.72
N GLU V 32 13.53 6.69 -28.42
CA GLU V 32 14.62 6.13 -29.22
C GLU V 32 14.67 6.78 -30.61
N SER V 33 15.81 6.63 -31.27
CA SER V 33 16.01 7.15 -32.63
C SER V 33 15.79 6.08 -33.69
N VAL V 34 15.05 6.45 -34.75
CA VAL V 34 14.79 5.55 -35.88
C VAL V 34 15.09 6.26 -37.16
N ALA V 35 15.39 5.49 -38.21
CA ALA V 35 15.58 6.02 -39.57
C ALA V 35 14.31 5.85 -40.34
N VAL V 36 13.84 6.91 -41.00
CA VAL V 36 12.65 6.86 -41.83
C VAL V 36 13.02 7.20 -43.26
N LYS V 37 13.07 6.19 -44.12
CA LYS V 37 13.33 6.41 -45.55
C LYS V 37 12.04 6.67 -46.34
N ILE V 38 11.88 7.90 -46.81
CA ILE V 38 10.72 8.27 -47.62
C ILE V 38 11.11 8.12 -49.08
N PHE V 39 10.46 7.21 -49.80
CA PHE V 39 10.88 6.84 -51.14
C PHE V 39 10.34 7.82 -52.17
N SER V 40 11.08 8.04 -53.23
CA SER V 40 10.61 8.85 -54.34
C SER V 40 9.66 8.05 -55.22
N SER V 41 8.84 8.77 -55.99
CA SER V 41 7.90 8.15 -56.92
C SER V 41 8.59 7.26 -57.96
N ARG V 42 9.80 7.65 -58.39
CA ARG V 42 10.61 6.88 -59.35
C ARG V 42 11.18 5.56 -58.77
N ASP V 43 11.09 5.37 -57.46
CA ASP V 43 11.69 4.20 -56.83
C ASP V 43 10.71 3.40 -55.99
N GLU V 44 9.41 3.52 -56.29
CA GLU V 44 8.35 2.82 -55.56
C GLU V 44 8.55 1.32 -55.52
N GLN V 45 9.11 0.76 -56.59
CA GLN V 45 9.28 -0.70 -56.67
C GLN V 45 10.36 -1.22 -55.74
N SER V 46 11.33 -0.37 -55.37
CA SER V 46 12.33 -0.71 -54.34
C SER V 46 11.70 -0.82 -52.97
N TRP V 47 10.77 0.09 -52.65
CA TRP V 47 10.01 0.02 -51.40
C TRP V 47 9.20 -1.25 -51.30
N PHE V 48 8.60 -1.65 -52.43
CA PHE V 48 7.75 -2.84 -52.46
C PHE V 48 8.58 -4.08 -52.17
N ARG V 49 9.70 -4.20 -52.89
CA ARG V 49 10.56 -5.35 -52.77
C ARG V 49 11.13 -5.46 -51.36
N GLU V 50 11.55 -4.32 -50.83
CA GLU V 50 12.18 -4.26 -49.52
C GLU V 50 11.13 -4.60 -48.45
N THR V 51 9.90 -4.14 -48.65
CA THR V 51 8.81 -4.45 -47.73
C THR V 51 8.44 -5.94 -47.79
N GLU V 52 8.39 -6.51 -49.00
CA GLU V 52 8.14 -7.94 -49.15
C GLU V 52 9.18 -8.74 -48.37
N ILE V 53 10.45 -8.51 -48.68
CA ILE V 53 11.55 -9.29 -48.12
C ILE V 53 11.63 -9.20 -46.59
N TYR V 54 11.50 -7.99 -46.05
CA TYR V 54 11.60 -7.79 -44.61
C TYR V 54 10.42 -8.44 -43.86
N ASN V 55 9.23 -8.46 -44.45
CA ASN V 55 8.06 -9.07 -43.83
C ASN V 55 8.04 -10.59 -44.00
N THR V 56 8.77 -11.10 -45.00
CA THR V 56 8.62 -12.48 -45.50
C THR V 56 9.78 -13.41 -45.12
N VAL V 57 10.98 -12.86 -45.02
CA VAL V 57 12.19 -13.62 -44.80
C VAL V 57 12.72 -13.37 -43.37
N LEU V 58 13.02 -14.44 -42.65
CA LEU V 58 13.61 -14.32 -41.31
C LEU V 58 15.06 -13.92 -41.47
N LEU V 59 15.33 -12.61 -41.40
CA LEU V 59 16.62 -12.05 -41.83
C LEU V 59 17.42 -11.36 -40.72
N ARG V 60 16.81 -11.16 -39.56
CA ARG V 60 17.46 -10.44 -38.46
C ARG V 60 18.89 -10.92 -38.27
N HIS V 61 19.81 -9.98 -38.17
CA HIS V 61 21.23 -10.28 -38.02
C HIS V 61 21.94 -9.01 -37.60
N ASP V 62 22.95 -9.13 -36.74
CA ASP V 62 23.71 -7.95 -36.30
C ASP V 62 24.26 -7.12 -37.46
N ASN V 63 24.60 -7.79 -38.56
CA ASN V 63 25.22 -7.13 -39.71
C ASN V 63 24.29 -6.89 -40.88
N ILE V 64 22.99 -6.77 -40.57
CA ILE V 64 21.97 -6.41 -41.54
C ILE V 64 21.05 -5.40 -40.87
N LEU V 65 20.70 -4.33 -41.59
CA LEU V 65 19.94 -3.22 -41.01
C LEU V 65 18.58 -3.71 -40.46
N GLY V 66 18.32 -3.37 -39.20
CA GLY V 66 17.13 -3.79 -38.53
C GLY V 66 15.87 -3.11 -39.06
N PHE V 67 14.84 -3.92 -39.29
CA PHE V 67 13.55 -3.48 -39.83
C PHE V 67 12.56 -3.23 -38.69
N ILE V 68 11.88 -2.09 -38.73
CA ILE V 68 10.88 -1.79 -37.71
C ILE V 68 9.49 -1.82 -38.33
N ALA V 69 9.30 -1.09 -39.43
CA ALA V 69 7.98 -0.96 -40.03
C ALA V 69 8.04 -0.52 -41.49
N SER V 70 6.92 -0.72 -42.18
CA SER V 70 6.73 -0.21 -43.54
C SER V 70 5.32 0.32 -43.63
N ASP V 71 5.14 1.53 -44.18
CA ASP V 71 3.82 2.14 -44.29
C ASP V 71 3.61 2.90 -45.60
N MET V 72 2.34 2.95 -46.03
CA MET V 72 1.91 3.90 -47.07
C MET V 72 1.05 4.96 -46.40
N THR V 73 1.56 6.19 -46.29
CA THR V 73 0.99 7.21 -45.41
C THR V 73 0.74 8.52 -46.15
N THR V 79 0.62 11.52 -51.26
CA THR V 79 0.88 10.56 -50.18
C THR V 79 2.25 9.93 -50.41
N GLN V 80 2.65 8.96 -49.59
CA GLN V 80 4.06 8.54 -49.58
C GLN V 80 4.31 7.14 -49.04
N LEU V 81 5.46 6.58 -49.44
CA LEU V 81 5.87 5.24 -49.04
C LEU V 81 7.03 5.33 -48.05
N TRP V 82 6.88 4.76 -46.86
CA TRP V 82 7.87 4.85 -45.80
C TRP V 82 8.44 3.49 -45.44
N LEU V 83 9.74 3.47 -45.16
CA LEU V 83 10.39 2.34 -44.54
C LEU V 83 11.09 2.85 -43.27
N ILE V 84 10.73 2.31 -42.11
CA ILE V 84 11.29 2.71 -40.84
C ILE V 84 12.25 1.59 -40.36
N THR V 85 13.45 1.97 -39.95
CA THR V 85 14.47 1.02 -39.54
C THR V 85 15.27 1.56 -38.37
N HIS V 86 16.18 0.74 -37.84
CA HIS V 86 17.13 1.25 -36.81
C HIS V 86 17.90 2.44 -37.40
N TYR V 87 18.31 3.35 -36.54
CA TYR V 87 19.10 4.51 -36.95
C TYR V 87 20.52 4.37 -36.46
N HIS V 88 21.47 4.66 -37.35
CA HIS V 88 22.90 4.64 -37.01
C HIS V 88 23.57 5.99 -37.26
N GLU V 89 24.01 6.62 -36.17
CA GLU V 89 24.52 8.01 -36.17
C GLU V 89 25.67 8.25 -37.14
N HIS V 90 26.59 7.30 -37.21
CA HIS V 90 27.77 7.47 -38.07
C HIS V 90 27.41 7.54 -39.53
N GLY V 91 26.19 7.14 -39.87
CA GLY V 91 25.74 7.13 -41.25
C GLY V 91 26.37 5.96 -41.98
N SER V 92 26.48 6.07 -43.30
CA SER V 92 27.06 5.02 -44.12
C SER V 92 28.57 4.91 -44.02
N LEU V 93 29.09 3.81 -44.55
CA LEU V 93 30.53 3.62 -44.65
C LEU V 93 31.16 4.73 -45.52
N TYR V 94 30.44 5.15 -46.55
CA TYR V 94 30.81 6.29 -47.35
C TYR V 94 31.03 7.52 -46.47
N ASP V 95 30.04 7.82 -45.65
CA ASP V 95 30.09 8.96 -44.73
C ASP V 95 31.27 8.83 -43.75
N PHE V 96 31.38 7.67 -43.12
CA PHE V 96 32.38 7.41 -42.08
C PHE V 96 33.79 7.54 -42.64
N LEU V 97 34.03 6.91 -43.78
CA LEU V 97 35.33 6.97 -44.45
C LEU V 97 35.67 8.40 -44.91
N GLN V 98 34.66 9.24 -45.13
CA GLN V 98 34.88 10.64 -45.53
C GLN V 98 35.65 11.38 -44.45
N ARG V 99 35.15 11.30 -43.21
CA ARG V 99 35.66 12.08 -42.07
C ARG V 99 36.77 11.38 -41.32
N GLN V 100 36.69 10.06 -41.19
CA GLN V 100 37.55 9.28 -40.28
C GLN V 100 38.65 8.54 -41.01
N THR V 101 39.81 8.44 -40.36
CA THR V 101 40.91 7.60 -40.84
C THR V 101 40.96 6.36 -39.97
N LEU V 102 41.46 5.27 -40.53
CA LEU V 102 41.31 3.95 -39.88
C LEU V 102 42.64 3.34 -39.44
N GLU V 103 42.76 3.04 -38.15
CA GLU V 103 43.81 2.17 -37.64
C GLU V 103 43.58 0.79 -38.30
N PRO V 104 44.67 0.07 -38.60
CA PRO V 104 44.53 -1.27 -39.21
C PRO V 104 43.51 -2.19 -38.53
N HIS V 105 43.50 -2.22 -37.20
CA HIS V 105 42.52 -3.00 -36.41
C HIS V 105 41.07 -2.63 -36.75
N LEU V 106 40.82 -1.33 -36.91
CA LEU V 106 39.47 -0.85 -37.22
C LEU V 106 39.10 -1.22 -38.66
N ALA V 107 40.05 -1.06 -39.58
CA ALA V 107 39.85 -1.44 -40.97
C ALA V 107 39.38 -2.90 -41.09
N LEU V 108 40.01 -3.79 -40.32
CA LEU V 108 39.65 -5.21 -40.34
C LEU V 108 38.30 -5.49 -39.67
N ARG V 109 37.96 -4.69 -38.66
CA ARG V 109 36.69 -4.83 -37.96
C ARG V 109 35.54 -4.47 -38.88
N LEU V 110 35.68 -3.37 -39.62
CA LEU V 110 34.68 -2.99 -40.61
C LEU V 110 34.61 -4.04 -41.73
N ALA V 111 35.76 -4.47 -42.22
CA ALA V 111 35.83 -5.44 -43.32
C ALA V 111 35.25 -6.79 -42.94
N VAL V 112 35.55 -7.27 -41.73
CA VAL V 112 35.04 -8.60 -41.31
C VAL V 112 33.51 -8.56 -41.11
N SER V 113 33.01 -7.50 -40.47
CA SER V 113 31.60 -7.39 -40.16
C SER V 113 30.74 -7.23 -41.43
N ALA V 114 31.23 -6.43 -42.38
CA ALA V 114 30.59 -6.32 -43.69
C ALA V 114 30.56 -7.69 -44.37
N ALA V 115 31.66 -8.44 -44.30
CA ALA V 115 31.72 -9.81 -44.85
C ALA V 115 30.74 -10.76 -44.17
N CYS V 116 30.50 -10.57 -42.88
CA CYS V 116 29.52 -11.38 -42.16
C CYS V 116 28.11 -11.12 -42.69
N GLY V 117 27.80 -9.84 -42.89
CA GLY V 117 26.54 -9.43 -43.47
C GLY V 117 26.27 -10.08 -44.82
N LEU V 118 27.23 -9.97 -45.74
CA LEU V 118 27.08 -10.52 -47.09
C LEU V 118 27.04 -12.06 -47.08
N ALA V 119 27.85 -12.69 -46.25
CA ALA V 119 27.81 -14.15 -46.14
C ALA V 119 26.41 -14.61 -45.70
N HIS V 120 25.85 -13.90 -44.72
CA HIS V 120 24.55 -14.25 -44.18
C HIS V 120 23.48 -14.16 -45.24
N LEU V 121 23.54 -13.11 -46.07
CA LEU V 121 22.64 -12.91 -47.18
C LEU V 121 22.75 -14.04 -48.18
N HIS V 122 23.99 -14.39 -48.55
CA HIS V 122 24.24 -15.37 -49.62
C HIS V 122 23.91 -16.82 -49.24
N VAL V 123 24.18 -17.20 -47.99
CA VAL V 123 24.05 -18.60 -47.58
C VAL V 123 22.62 -18.92 -47.24
N GLU V 124 22.07 -19.96 -47.85
CA GLU V 124 20.75 -20.46 -47.52
C GLU V 124 20.79 -21.17 -46.18
N ILE V 125 19.89 -20.78 -45.28
CA ILE V 125 19.77 -21.39 -43.96
C ILE V 125 18.50 -22.20 -43.93
N LYS V 131 16.07 -19.23 -43.96
CA LYS V 131 15.73 -18.30 -45.05
C LYS V 131 16.42 -18.70 -46.34
N PRO V 132 15.95 -18.16 -47.49
CA PRO V 132 16.55 -18.52 -48.78
C PRO V 132 17.85 -17.76 -48.99
N ALA V 133 18.61 -18.15 -50.02
CA ALA V 133 19.83 -17.47 -50.40
C ALA V 133 19.44 -16.14 -51.03
N ILE V 134 20.10 -15.05 -50.64
CA ILE V 134 19.75 -13.71 -51.12
C ILE V 134 20.98 -13.01 -51.68
N ALA V 135 20.88 -12.45 -52.89
CA ALA V 135 21.93 -11.62 -53.45
C ALA V 135 21.46 -10.16 -53.46
N HIS V 136 22.37 -9.24 -53.11
CA HIS V 136 22.03 -7.82 -52.93
C HIS V 136 21.74 -7.11 -54.27
N ARG V 137 22.71 -7.18 -55.19
CA ARG V 137 22.65 -6.53 -56.53
C ARG V 137 22.95 -5.01 -56.55
N ASP V 138 23.13 -4.40 -55.38
CA ASP V 138 23.56 -2.98 -55.30
C ASP V 138 24.46 -2.76 -54.09
N PHE V 139 25.47 -3.63 -53.96
CA PHE V 139 26.37 -3.55 -52.82
C PHE V 139 27.38 -2.44 -53.08
N LYS V 140 27.44 -1.47 -52.18
CA LYS V 140 28.33 -0.33 -52.28
C LYS V 140 28.50 0.28 -50.89
N SER V 141 29.47 1.17 -50.73
CA SER V 141 29.73 1.75 -49.40
C SER V 141 28.58 2.60 -48.88
N ARG V 142 27.80 3.19 -49.78
CA ARG V 142 26.63 3.97 -49.38
C ARG V 142 25.48 3.12 -48.85
N ASN V 143 25.48 1.81 -49.14
CA ASN V 143 24.46 0.87 -48.65
C ASN V 143 24.97 -0.02 -47.51
N VAL V 144 26.02 0.43 -46.84
CA VAL V 144 26.55 -0.21 -45.64
C VAL V 144 26.65 0.86 -44.57
N LEU V 145 26.03 0.63 -43.42
CA LEU V 145 26.02 1.59 -42.32
C LEU V 145 27.07 1.17 -41.29
N VAL V 146 27.59 2.15 -40.54
CA VAL V 146 28.51 1.89 -39.46
C VAL V 146 27.81 2.13 -38.11
N LYS V 147 27.80 1.08 -37.28
CA LYS V 147 27.13 1.11 -35.98
C LYS V 147 27.99 1.76 -34.90
N SER V 148 27.38 1.98 -33.74
CA SER V 148 28.09 2.53 -32.58
C SER V 148 29.33 1.74 -32.20
N ASN V 149 29.24 0.40 -32.29
CA ASN V 149 30.37 -0.47 -31.98
C ASN V 149 31.35 -0.62 -33.14
N LEU V 150 31.24 0.29 -34.11
CA LEU V 150 32.12 0.31 -35.27
C LEU V 150 32.13 -1.04 -36.00
N GLN V 151 30.96 -1.67 -36.07
CA GLN V 151 30.74 -2.82 -36.96
C GLN V 151 29.78 -2.39 -38.04
N CYS V 152 29.88 -3.01 -39.21
CA CYS V 152 28.99 -2.67 -40.30
C CYS V 152 27.65 -3.45 -40.24
N CYS V 153 26.64 -2.92 -40.93
CA CYS V 153 25.46 -3.70 -41.29
C CYS V 153 24.92 -3.24 -42.64
N ILE V 154 24.53 -4.21 -43.45
CA ILE V 154 24.11 -3.98 -44.82
C ILE V 154 22.68 -3.45 -44.86
N ALA V 155 22.42 -2.51 -45.78
CA ALA V 155 21.09 -1.95 -46.00
C ALA V 155 20.71 -2.01 -47.46
N ASP V 156 19.46 -1.62 -47.75
CA ASP V 156 18.90 -1.46 -49.09
C ASP V 156 18.75 -2.78 -49.83
N LEU V 157 17.66 -3.49 -49.55
CA LEU V 157 17.38 -4.76 -50.19
C LEU V 157 16.46 -4.60 -51.41
N GLY V 158 16.32 -3.38 -51.89
CA GLY V 158 15.35 -3.06 -52.93
C GLY V 158 15.49 -3.81 -54.24
N LEU V 159 16.70 -4.25 -54.56
CA LEU V 159 16.98 -4.97 -55.79
C LEU V 159 17.32 -6.43 -55.56
N ALA V 160 17.16 -6.91 -54.32
CA ALA V 160 17.62 -8.25 -53.97
C ALA V 160 16.91 -9.34 -54.76
N VAL V 161 17.61 -10.44 -55.00
CA VAL V 161 17.04 -11.62 -55.67
C VAL V 161 17.29 -12.84 -54.76
N MET V 162 16.35 -13.79 -54.68
CA MET V 162 16.39 -14.79 -53.59
C MET V 162 16.64 -16.26 -53.99
N ASP V 171 13.61 -16.49 -59.06
CA ASP V 171 12.88 -15.43 -58.36
C ASP V 171 13.50 -14.04 -58.55
N ILE V 172 13.64 -13.61 -59.81
CA ILE V 172 14.07 -12.25 -60.05
C ILE V 172 12.90 -11.35 -59.63
N GLY V 173 13.18 -10.24 -58.96
CA GLY V 173 12.13 -9.28 -58.58
C GLY V 173 11.97 -8.14 -59.58
N ASN V 174 10.72 -7.73 -59.80
CA ASN V 174 10.36 -6.85 -60.92
C ASN V 174 10.74 -5.36 -60.80
N ASN V 175 12.04 -5.06 -60.66
CA ASN V 175 12.50 -3.66 -60.44
C ASN V 175 13.24 -3.08 -61.64
N PRO V 176 12.77 -1.91 -62.16
CA PRO V 176 13.48 -1.37 -63.36
C PRO V 176 14.81 -0.72 -63.01
N ARG V 177 14.94 -0.30 -61.75
CA ARG V 177 16.24 0.06 -61.18
C ARG V 177 17.34 -0.94 -61.48
N VAL V 178 18.49 -0.46 -61.93
CA VAL V 178 19.71 -1.29 -61.95
C VAL V 178 20.68 -0.86 -60.85
N GLY V 179 21.70 -1.70 -60.67
CA GLY V 179 22.82 -1.41 -59.81
C GLY V 179 23.52 -0.09 -60.07
N THR V 180 23.93 0.54 -58.97
CA THR V 180 24.75 1.74 -59.01
C THR V 180 25.89 1.44 -59.98
N LYS V 181 26.01 2.26 -61.01
CA LYS V 181 26.90 2.01 -62.16
C LYS V 181 28.42 2.00 -61.83
N ARG V 182 28.86 2.78 -60.86
CA ARG V 182 30.26 2.72 -60.44
C ARG V 182 30.70 1.33 -59.95
N TYR V 183 29.71 0.53 -59.52
CA TYR V 183 30.01 -0.76 -58.86
C TYR V 183 29.67 -1.98 -59.70
N MET V 184 29.18 -1.75 -60.93
CA MET V 184 28.70 -2.86 -61.77
C MET V 184 29.88 -3.69 -62.21
N ALA V 185 29.74 -5.01 -62.13
CA ALA V 185 30.78 -5.93 -62.56
C ALA V 185 30.91 -5.89 -64.08
N PRO V 186 32.06 -6.39 -64.60
CA PRO V 186 32.22 -6.45 -66.07
C PRO V 186 31.08 -7.15 -66.76
N GLU V 187 30.67 -8.30 -66.25
CA GLU V 187 29.59 -9.09 -66.88
C GLU V 187 28.22 -8.39 -66.88
N VAL V 188 28.00 -7.42 -66.00
CA VAL V 188 26.79 -6.62 -66.01
C VAL V 188 26.89 -5.51 -67.07
N LEU V 189 28.08 -4.91 -67.21
CA LEU V 189 28.29 -3.86 -68.18
C LEU V 189 28.40 -4.39 -69.60
N ASP V 190 28.87 -5.63 -69.71
CA ASP V 190 28.91 -6.33 -71.00
C ASP V 190 27.52 -6.77 -71.42
N GLU V 191 26.61 -6.90 -70.45
CA GLU V 191 25.32 -7.55 -70.65
C GLU V 191 25.50 -9.02 -71.05
N GLN V 192 26.57 -9.64 -70.55
CA GLN V 192 26.85 -11.05 -70.82
C GLN V 192 26.43 -11.95 -69.64
N ILE V 193 25.91 -11.33 -68.58
CA ILE V 193 25.49 -12.08 -67.39
C ILE V 193 24.25 -12.93 -67.70
N ARG V 194 24.21 -14.13 -67.12
CA ARG V 194 23.09 -15.04 -67.29
C ARG V 194 22.06 -14.73 -66.22
N THR V 195 21.02 -14.05 -66.66
CA THR V 195 20.06 -13.52 -65.74
C THR V 195 19.12 -14.56 -65.13
N ASP V 196 19.24 -15.82 -65.57
CA ASP V 196 18.44 -16.92 -65.00
C ASP V 196 19.30 -17.88 -64.18
N CYS V 197 20.43 -17.38 -63.70
CA CYS V 197 21.30 -18.16 -62.81
C CYS V 197 21.56 -17.34 -61.54
N PHE V 198 21.25 -17.92 -60.38
CA PHE V 198 21.40 -17.22 -59.12
C PHE V 198 22.87 -16.97 -58.76
N GLU V 199 23.72 -17.95 -58.99
CA GLU V 199 25.16 -17.83 -58.69
C GLU V 199 25.78 -16.57 -59.32
N SER V 200 25.40 -16.27 -60.57
CA SER V 200 25.84 -15.05 -61.24
C SER V 200 25.68 -13.78 -60.43
N TYR V 201 24.48 -13.59 -59.85
CA TYR V 201 24.19 -12.39 -59.06
C TYR V 201 25.04 -12.31 -57.80
N LYS V 202 25.31 -13.45 -57.17
CA LYS V 202 26.25 -13.50 -56.04
C LYS V 202 27.65 -13.01 -56.46
N TRP V 203 28.09 -13.42 -57.64
CA TRP V 203 29.41 -13.06 -58.11
C TRP V 203 29.54 -11.56 -58.39
N THR V 204 28.42 -10.89 -58.67
CA THR V 204 28.45 -9.42 -58.86
C THR V 204 28.48 -8.69 -57.53
N ASP V 205 27.89 -9.31 -56.50
CA ASP V 205 28.00 -8.79 -55.13
C ASP V 205 29.46 -8.78 -54.72
N ILE V 206 30.16 -9.87 -55.05
CA ILE V 206 31.55 -10.07 -54.64
C ILE V 206 32.46 -9.02 -55.27
N TRP V 207 32.37 -8.84 -56.59
CA TRP V 207 33.07 -7.77 -57.30
C TRP V 207 32.94 -6.47 -56.52
N ALA V 208 31.69 -6.06 -56.32
CA ALA V 208 31.38 -4.83 -55.58
C ALA V 208 31.97 -4.80 -54.18
N PHE V 209 32.02 -5.95 -53.53
CA PHE V 209 32.60 -6.05 -52.19
C PHE V 209 34.09 -5.70 -52.25
N GLY V 210 34.80 -6.27 -53.24
CA GLY V 210 36.20 -5.94 -53.45
C GLY V 210 36.42 -4.44 -53.55
N LEU V 211 35.56 -3.74 -54.30
CA LEU V 211 35.65 -2.31 -54.46
C LEU V 211 35.45 -1.61 -53.13
N VAL V 212 34.52 -2.11 -52.31
CA VAL V 212 34.33 -1.54 -50.96
C VAL V 212 35.57 -1.76 -50.07
N LEU V 213 36.24 -2.92 -50.19
CA LEU V 213 37.48 -3.18 -49.43
C LEU V 213 38.52 -2.12 -49.78
N TRP V 214 38.72 -1.90 -51.08
CA TRP V 214 39.60 -0.86 -51.58
C TRP V 214 39.35 0.46 -50.85
N GLU V 215 38.10 0.89 -50.80
CA GLU V 215 37.70 2.14 -50.15
C GLU V 215 38.13 2.20 -48.67
N ILE V 216 37.98 1.06 -47.99
CA ILE V 216 38.44 0.92 -46.60
C ILE V 216 39.99 0.98 -46.54
N ALA V 217 40.62 0.21 -47.43
CA ALA V 217 42.05 0.09 -47.50
C ALA V 217 42.73 1.44 -47.74
N ARG V 218 42.22 2.21 -48.70
CA ARG V 218 42.74 3.55 -49.01
C ARG V 218 42.79 4.47 -47.80
N ARG V 219 41.81 4.32 -46.93
CA ARG V 219 41.60 5.20 -45.79
C ARG V 219 42.25 4.61 -44.54
N THR V 220 43.05 3.55 -44.72
CA THR V 220 43.69 2.82 -43.64
C THR V 220 45.14 3.29 -43.46
N ILE V 221 45.47 3.68 -42.24
CA ILE V 221 46.76 4.25 -41.91
C ILE V 221 47.77 3.12 -41.73
N VAL V 222 49.01 3.37 -42.17
CA VAL V 222 50.12 2.45 -41.95
C VAL V 222 51.25 3.21 -41.26
N ASN V 223 52.22 3.71 -42.03
CA ASN V 223 53.37 4.42 -41.43
C ASN V 223 53.16 5.94 -41.44
N GLY V 224 52.01 6.39 -40.98
CA GLY V 224 51.66 7.80 -41.04
C GLY V 224 51.55 8.28 -42.48
N ILE V 225 51.14 7.39 -43.36
CA ILE V 225 50.77 7.77 -44.71
C ILE V 225 49.38 7.23 -44.89
N VAL V 226 48.48 8.10 -45.35
CA VAL V 226 47.07 7.74 -45.57
C VAL V 226 46.30 8.76 -46.41
N GLU V 227 45.72 8.25 -47.47
CA GLU V 227 45.14 9.04 -48.55
C GLU V 227 43.78 9.61 -48.15
N ASP V 228 43.42 10.74 -48.74
CA ASP V 228 42.07 11.31 -48.60
C ASP V 228 41.10 10.39 -49.33
N TYR V 229 39.84 10.38 -48.89
CA TYR V 229 38.85 9.50 -49.49
C TYR V 229 38.65 9.77 -50.99
N ARG V 230 38.59 8.70 -51.77
CA ARG V 230 38.17 8.76 -53.16
C ARG V 230 37.33 7.53 -53.45
N PRO V 231 36.32 7.66 -54.33
CA PRO V 231 35.54 6.49 -54.73
C PRO V 231 36.35 5.58 -55.66
N PRO V 232 35.91 4.33 -55.85
CA PRO V 232 36.56 3.46 -56.83
C PRO V 232 36.51 4.05 -58.22
N PHE V 233 37.59 3.91 -58.98
CA PHE V 233 37.73 4.47 -60.34
C PHE V 233 37.73 6.00 -60.41
N TYR V 234 37.98 6.66 -59.28
CA TYR V 234 38.03 8.14 -59.24
C TYR V 234 38.97 8.77 -60.27
N ASP V 235 40.00 8.02 -60.67
CA ASP V 235 41.03 8.51 -61.58
C ASP V 235 40.72 8.27 -63.03
N VAL V 236 39.62 7.54 -63.30
CA VAL V 236 39.28 7.22 -64.68
C VAL V 236 37.86 7.58 -65.14
N VAL V 237 36.97 7.95 -64.21
CA VAL V 237 35.58 8.29 -64.57
C VAL V 237 35.06 9.53 -63.81
N PRO V 238 34.15 10.31 -64.44
CA PRO V 238 33.59 11.50 -63.79
C PRO V 238 32.68 11.22 -62.62
N ASN V 239 32.18 12.33 -62.05
CA ASN V 239 31.26 12.35 -60.92
C ASN V 239 30.21 11.27 -60.95
N ASP V 240 29.20 11.41 -61.81
CA ASP V 240 28.10 10.41 -61.92
C ASP V 240 28.34 9.52 -63.13
N PRO V 241 29.19 8.48 -62.97
CA PRO V 241 29.55 7.72 -64.16
C PRO V 241 28.38 7.02 -64.83
N SER V 242 28.12 7.42 -66.07
CA SER V 242 27.26 6.69 -66.99
C SER V 242 27.69 5.24 -67.27
N PHE V 243 26.80 4.49 -67.93
CA PHE V 243 26.99 3.07 -68.27
C PHE V 243 28.12 2.87 -69.28
N GLU V 244 28.24 3.77 -70.27
CA GLU V 244 29.26 3.68 -71.32
C GLU V 244 30.67 4.02 -70.79
N ASP V 245 30.75 4.99 -69.88
CA ASP V 245 32.01 5.34 -69.22
C ASP V 245 32.60 4.14 -68.49
N MET V 246 31.76 3.40 -67.78
CA MET V 246 32.19 2.23 -67.04
C MET V 246 32.50 1.06 -67.96
N LYS V 247 31.65 0.84 -68.96
CA LYS V 247 31.90 -0.21 -69.96
C LYS V 247 33.32 -0.07 -70.54
N LYS V 248 33.69 1.16 -70.93
CA LYS V 248 35.02 1.41 -71.52
C LYS V 248 36.17 1.11 -70.54
N VAL V 249 36.02 1.57 -69.30
CA VAL V 249 37.04 1.41 -68.28
C VAL V 249 37.16 -0.03 -67.78
N VAL V 250 36.04 -0.67 -67.49
CA VAL V 250 36.03 -1.98 -66.86
C VAL V 250 36.13 -3.13 -67.88
N CYS V 251 35.50 -2.98 -69.04
CA CYS V 251 35.50 -4.04 -70.04
C CYS V 251 36.56 -3.85 -71.12
N VAL V 252 36.56 -2.70 -71.78
CA VAL V 252 37.50 -2.42 -72.88
C VAL V 252 38.94 -2.24 -72.38
N ASP V 253 39.11 -1.38 -71.39
CA ASP V 253 40.44 -1.13 -70.83
C ASP V 253 40.86 -2.16 -69.76
N GLN V 254 39.93 -3.01 -69.35
CA GLN V 254 40.23 -4.06 -68.37
C GLN V 254 40.87 -3.52 -67.08
N GLN V 255 40.37 -2.36 -66.65
CA GLN V 255 40.91 -1.69 -65.48
C GLN V 255 40.26 -2.14 -64.16
N THR V 256 41.07 -2.18 -63.12
CA THR V 256 40.61 -2.41 -61.76
C THR V 256 41.27 -1.36 -60.86
N PRO V 257 40.60 -0.97 -59.73
CA PRO V 257 41.26 0.05 -58.91
C PRO V 257 42.69 -0.37 -58.49
N THR V 258 43.58 0.59 -58.22
CA THR V 258 44.94 0.24 -57.78
C THR V 258 45.03 -0.04 -56.28
N ILE V 259 45.55 -1.22 -55.92
CA ILE V 259 45.76 -1.59 -54.54
C ILE V 259 46.95 -0.82 -53.99
N PRO V 260 46.77 -0.07 -52.88
CA PRO V 260 47.89 0.58 -52.21
C PRO V 260 49.13 -0.33 -52.13
N ASN V 261 50.30 0.13 -52.62
CA ASN V 261 51.53 -0.67 -52.60
C ASN V 261 52.25 -0.60 -51.25
N ARG V 262 51.46 -0.52 -50.19
CA ARG V 262 51.89 -0.26 -48.81
C ARG V 262 51.12 -1.18 -47.84
N LEU V 263 49.94 -1.65 -48.26
CA LEU V 263 49.24 -2.76 -47.58
C LEU V 263 49.97 -4.07 -47.88
N ALA V 264 50.27 -4.29 -49.16
CA ALA V 264 50.95 -5.52 -49.61
C ALA V 264 52.41 -5.70 -49.14
N ALA V 265 52.93 -4.79 -48.32
CA ALA V 265 54.27 -4.99 -47.69
C ALA V 265 54.24 -5.41 -46.20
N ASP V 266 53.12 -5.24 -45.50
CA ASP V 266 52.99 -5.58 -44.07
C ASP V 266 52.52 -7.04 -43.84
N PRO V 267 52.50 -7.50 -42.58
CA PRO V 267 52.20 -8.90 -42.28
C PRO V 267 50.73 -9.19 -42.02
N VAL V 268 49.96 -8.15 -41.74
CA VAL V 268 48.52 -8.25 -41.49
C VAL V 268 47.75 -7.85 -42.74
N LEU V 269 47.91 -6.61 -43.17
CA LEU V 269 47.05 -6.01 -44.22
C LEU V 269 47.26 -6.67 -45.59
N SER V 270 48.52 -6.97 -45.91
CA SER V 270 48.92 -7.52 -47.21
C SER V 270 47.98 -8.54 -47.84
N GLY V 271 47.29 -9.31 -47.02
CA GLY V 271 46.29 -10.29 -47.47
C GLY V 271 45.09 -9.66 -48.13
N LEU V 272 44.69 -8.48 -47.63
CA LEU V 272 43.57 -7.70 -48.18
C LEU V 272 43.78 -7.43 -49.67
N ALA V 273 45.02 -7.11 -50.03
CA ALA V 273 45.38 -6.87 -51.42
C ALA V 273 45.08 -8.08 -52.28
N GLN V 274 45.49 -9.25 -51.80
CA GLN V 274 45.24 -10.49 -52.53
C GLN V 274 43.73 -10.80 -52.63
N MET V 275 42.99 -10.55 -51.54
CA MET V 275 41.54 -10.77 -51.56
C MET V 275 40.82 -9.83 -52.49
N MET V 276 41.27 -8.59 -52.56
CA MET V 276 40.76 -7.62 -53.54
C MET V 276 40.90 -8.17 -54.93
N ARG V 277 42.10 -8.61 -55.29
CA ARG V 277 42.35 -9.20 -56.59
C ARG V 277 41.38 -10.37 -56.86
N GLU V 278 41.03 -11.14 -55.80
CA GLU V 278 40.23 -12.39 -55.96
C GLU V 278 38.73 -12.12 -55.96
N CYS V 279 38.36 -10.87 -55.70
CA CYS V 279 37.01 -10.39 -55.95
C CYS V 279 36.87 -9.84 -57.38
N TRP V 280 38.00 -9.52 -58.02
CA TRP V 280 37.99 -8.83 -59.30
C TRP V 280 38.43 -9.67 -60.48
N TYR V 281 38.46 -10.98 -60.34
CA TYR V 281 38.74 -11.84 -61.49
C TYR V 281 37.64 -11.65 -62.53
N PRO V 282 38.03 -11.45 -63.82
CA PRO V 282 37.07 -11.24 -64.91
C PRO V 282 36.08 -12.38 -65.09
N ASN V 283 36.54 -13.62 -64.94
CA ASN V 283 35.65 -14.78 -64.96
C ASN V 283 34.98 -14.91 -63.59
N PRO V 284 33.67 -14.63 -63.51
CA PRO V 284 32.94 -14.54 -62.25
C PRO V 284 33.08 -15.75 -61.31
N SER V 285 33.16 -16.95 -61.88
CA SER V 285 33.19 -18.17 -61.08
C SER V 285 34.54 -18.41 -60.41
N ALA V 286 35.56 -17.66 -60.81
CA ALA V 286 36.89 -17.73 -60.20
C ALA V 286 36.95 -16.95 -58.88
N ARG V 287 35.94 -16.12 -58.62
CA ARG V 287 35.97 -15.23 -57.47
C ARG V 287 35.69 -15.96 -56.16
N LEU V 288 36.18 -15.40 -55.07
CA LEU V 288 35.88 -15.91 -53.74
C LEU V 288 34.40 -15.76 -53.45
N THR V 289 33.86 -16.64 -52.60
CA THR V 289 32.51 -16.55 -52.10
C THR V 289 32.56 -15.66 -50.86
N ALA V 290 31.39 -15.17 -50.41
CA ALA V 290 31.31 -14.33 -49.20
C ALA V 290 31.73 -15.13 -47.94
N LEU V 291 31.36 -16.40 -47.93
CA LEU V 291 31.73 -17.31 -46.84
C LEU V 291 33.27 -17.41 -46.73
N ARG V 292 33.94 -17.60 -47.86
CA ARG V 292 35.39 -17.74 -47.90
C ARG V 292 36.11 -16.45 -47.49
N ILE V 293 35.54 -15.30 -47.88
CA ILE V 293 36.07 -14.02 -47.47
C ILE V 293 35.91 -13.86 -45.95
N LYS V 294 34.71 -14.05 -45.45
CA LYS V 294 34.44 -14.06 -43.99
C LYS V 294 35.49 -14.87 -43.25
N LYS V 295 35.66 -16.13 -43.67
CA LYS V 295 36.59 -17.04 -43.00
C LYS V 295 38.03 -16.54 -43.01
N THR V 296 38.51 -16.09 -44.17
CA THR V 296 39.87 -15.59 -44.28
C THR V 296 40.11 -14.40 -43.36
N LEU V 297 39.13 -13.48 -43.31
CA LEU V 297 39.29 -12.14 -42.65
C LEU V 297 39.40 -12.28 -41.15
N GLN V 298 38.55 -13.12 -40.57
CA GLN V 298 38.76 -13.52 -39.20
C GLN V 298 40.26 -13.76 -39.02
N LYS V 299 40.82 -14.72 -39.77
CA LYS V 299 42.26 -15.05 -39.71
C LYS V 299 43.12 -13.83 -39.48
N ILE V 300 42.89 -12.78 -40.26
CA ILE V 300 43.68 -11.55 -40.18
C ILE V 300 43.57 -10.86 -38.81
N SER V 301 42.47 -11.11 -38.10
CA SER V 301 42.13 -10.40 -36.88
C SER V 301 41.84 -11.42 -35.78
N MET W 2 -88.41 -47.40 34.32
CA MET W 2 -88.88 -47.34 32.89
C MET W 2 -87.72 -47.88 32.05
N GLN W 3 -87.92 -49.12 31.58
CA GLN W 3 -86.81 -50.04 31.27
C GLN W 3 -86.89 -50.72 29.88
N ARG W 4 -88.12 -50.97 29.41
CA ARG W 4 -88.39 -51.78 28.22
C ARG W 4 -87.60 -51.31 27.01
N THR W 5 -87.83 -50.05 26.62
CA THR W 5 -87.12 -49.44 25.50
C THR W 5 -85.95 -48.60 26.01
N VAL W 6 -85.19 -49.17 26.95
CA VAL W 6 -83.79 -48.82 27.13
C VAL W 6 -82.90 -49.98 26.69
N ALA W 7 -83.37 -51.21 26.82
CA ALA W 7 -82.72 -52.34 26.15
C ALA W 7 -82.91 -52.31 24.63
N ARG W 8 -83.88 -51.52 24.16
CA ARG W 8 -84.21 -51.50 22.73
C ARG W 8 -83.28 -50.57 21.96
N GLN W 9 -82.92 -49.43 22.56
CA GLN W 9 -82.10 -48.43 21.90
C GLN W 9 -80.59 -48.71 22.02
N VAL W 10 -80.18 -49.46 23.03
CA VAL W 10 -78.76 -49.75 23.23
C VAL W 10 -78.17 -50.50 22.04
N ALA W 11 -77.05 -50.00 21.53
CA ALA W 11 -76.27 -50.66 20.50
C ALA W 11 -75.04 -51.30 21.15
N LEU W 12 -74.80 -52.57 20.83
CA LEU W 12 -73.68 -53.31 21.38
C LEU W 12 -72.47 -53.08 20.48
N VAL W 13 -71.34 -52.72 21.06
CA VAL W 13 -70.16 -52.35 20.29
C VAL W 13 -69.00 -53.35 20.45
N GLU W 14 -68.67 -53.68 21.69
CA GLU W 14 -67.52 -54.52 21.97
C GLU W 14 -67.79 -55.47 23.13
N CYS W 15 -67.42 -56.73 22.96
CA CYS W 15 -67.48 -57.72 24.04
C CYS W 15 -66.20 -57.64 24.86
N VAL W 16 -66.33 -57.24 26.12
CA VAL W 16 -65.18 -57.03 27.00
C VAL W 16 -65.00 -58.14 28.03
N GLY W 17 -65.89 -59.14 28.01
CA GLY W 17 -65.82 -60.23 28.97
C GLY W 17 -66.69 -61.42 28.58
N LYS W 18 -66.24 -62.61 28.94
CA LYS W 18 -66.95 -63.86 28.64
C LYS W 18 -66.60 -64.93 29.68
N GLY W 19 -67.61 -65.74 30.05
CA GLY W 19 -67.44 -66.74 31.11
C GLY W 19 -68.68 -67.58 31.35
N ARG W 20 -68.69 -68.33 32.44
CA ARG W 20 -69.80 -69.22 32.80
C ARG W 20 -71.05 -68.41 33.20
N TYR W 21 -70.81 -67.19 33.66
CA TYR W 21 -71.90 -66.26 34.01
C TYR W 21 -72.66 -65.75 32.77
N GLY W 22 -72.00 -65.79 31.60
CA GLY W 22 -72.54 -65.20 30.37
C GLY W 22 -71.49 -64.35 29.67
N GLU W 23 -71.87 -63.13 29.28
CA GLU W 23 -70.96 -62.19 28.62
C GLU W 23 -71.26 -60.76 29.06
N VAL W 24 -70.23 -59.91 29.10
CA VAL W 24 -70.43 -58.48 29.31
C VAL W 24 -69.94 -57.72 28.08
N TRP W 25 -70.76 -56.78 27.61
CA TRP W 25 -70.49 -56.00 26.42
C TRP W 25 -70.45 -54.53 26.76
N ARG W 26 -69.65 -53.76 26.03
CA ARG W 26 -69.73 -52.32 26.08
C ARG W 26 -70.77 -51.89 25.08
N GLY W 27 -71.70 -51.04 25.51
CA GLY W 27 -72.77 -50.58 24.66
C GLY W 27 -72.88 -49.07 24.61
N LEU W 28 -73.47 -48.56 23.51
CA LEU W 28 -73.71 -47.14 23.34
C LEU W 28 -75.20 -46.83 23.48
N TRP W 29 -75.53 -45.88 24.35
CA TRP W 29 -76.91 -45.42 24.53
C TRP W 29 -76.94 -43.89 24.57
N HIS W 30 -77.50 -43.28 23.52
CA HIS W 30 -77.55 -41.83 23.38
C HIS W 30 -76.20 -41.21 23.74
N GLY W 31 -75.15 -41.61 23.04
CA GLY W 31 -73.82 -41.02 23.21
C GLY W 31 -72.96 -41.58 24.34
N GLU W 32 -73.59 -41.94 25.47
CA GLU W 32 -72.86 -42.44 26.64
C GLU W 32 -72.58 -43.94 26.53
N SER W 33 -71.62 -44.41 27.33
CA SER W 33 -71.25 -45.83 27.37
C SER W 33 -71.93 -46.57 28.52
N VAL W 34 -72.51 -47.74 28.22
CA VAL W 34 -73.15 -48.58 29.23
C VAL W 34 -72.63 -49.99 29.14
N ALA W 35 -72.72 -50.72 30.25
CA ALA W 35 -72.36 -52.15 30.28
C ALA W 35 -73.60 -52.94 30.10
N VAL W 36 -73.56 -53.95 29.24
CA VAL W 36 -74.69 -54.85 29.05
C VAL W 36 -74.26 -56.27 29.35
N LYS W 37 -74.71 -56.81 30.49
CA LYS W 37 -74.45 -58.20 30.84
C LYS W 37 -75.56 -59.12 30.33
N ILE W 38 -75.21 -59.95 29.34
CA ILE W 38 -76.12 -60.95 28.81
C ILE W 38 -75.85 -62.24 29.57
N PHE W 39 -76.84 -62.72 30.31
CA PHE W 39 -76.66 -63.88 31.19
C PHE W 39 -76.76 -65.19 30.42
N SER W 40 -76.03 -66.21 30.88
CA SER W 40 -76.14 -67.55 30.31
C SER W 40 -77.38 -68.25 30.87
N SER W 41 -77.83 -69.28 30.17
CA SER W 41 -78.97 -70.08 30.62
C SER W 41 -78.74 -70.74 32.00
N ARG W 42 -77.49 -71.13 32.28
CA ARG W 42 -77.14 -71.74 33.56
C ARG W 42 -77.14 -70.77 34.74
N ASP W 43 -77.29 -69.47 34.47
CA ASP W 43 -77.21 -68.44 35.52
C ASP W 43 -78.42 -67.51 35.54
N GLU W 44 -79.54 -67.95 34.98
CA GLU W 44 -80.78 -67.16 34.94
C GLU W 44 -81.22 -66.66 36.31
N GLN W 45 -80.99 -67.46 37.35
CA GLN W 45 -81.45 -67.10 38.69
C GLN W 45 -80.63 -65.95 39.28
N SER W 46 -79.41 -65.77 38.80
CA SER W 46 -78.62 -64.60 39.21
C SER W 46 -79.17 -63.31 38.62
N TRP W 47 -79.63 -63.37 37.37
CA TRP W 47 -80.33 -62.23 36.74
C TRP W 47 -81.61 -61.87 37.48
N PHE W 48 -82.36 -62.86 37.92
CA PHE W 48 -83.61 -62.64 38.63
C PHE W 48 -83.37 -61.95 39.96
N ARG W 49 -82.45 -62.50 40.74
CA ARG W 49 -82.11 -61.96 42.05
C ARG W 49 -81.62 -60.52 41.94
N GLU W 50 -80.75 -60.30 40.95
CA GLU W 50 -80.13 -59.00 40.75
C GLU W 50 -81.16 -57.99 40.27
N THR W 51 -82.08 -58.45 39.43
CA THR W 51 -83.20 -57.61 38.96
C THR W 51 -84.16 -57.26 40.11
N GLU W 52 -84.46 -58.24 40.96
CA GLU W 52 -85.32 -57.98 42.11
C GLU W 52 -84.68 -56.93 43.03
N ILE W 53 -83.42 -57.16 43.43
CA ILE W 53 -82.76 -56.26 44.37
C ILE W 53 -82.64 -54.83 43.85
N TYR W 54 -82.23 -54.67 42.59
CA TYR W 54 -82.03 -53.35 42.01
C TYR W 54 -83.34 -52.60 41.82
N ASN W 55 -84.43 -53.32 41.61
CA ASN W 55 -85.76 -52.67 41.47
C ASN W 55 -86.47 -52.41 42.79
N THR W 56 -85.99 -53.05 43.84
CA THR W 56 -86.71 -53.13 45.12
C THR W 56 -86.03 -52.39 46.27
N VAL W 57 -84.70 -52.31 46.23
CA VAL W 57 -83.91 -51.77 47.32
C VAL W 57 -83.25 -50.44 46.90
N LEU W 58 -83.42 -49.41 47.72
CA LEU W 58 -82.81 -48.10 47.47
C LEU W 58 -81.30 -48.24 47.79
N LEU W 59 -80.52 -48.53 46.75
CA LEU W 59 -79.15 -49.00 46.90
C LEU W 59 -78.09 -48.04 46.33
N ARG W 60 -78.51 -47.04 45.54
CA ARG W 60 -77.60 -46.10 44.90
C ARG W 60 -76.47 -45.64 45.84
N HIS W 61 -75.24 -45.74 45.37
CA HIS W 61 -74.07 -45.36 46.16
C HIS W 61 -72.89 -45.28 45.23
N ASP W 62 -72.03 -44.30 45.43
CA ASP W 62 -70.83 -44.14 44.61
C ASP W 62 -70.05 -45.44 44.48
N ASN W 63 -70.06 -46.27 45.52
CA ASN W 63 -69.22 -47.48 45.56
C ASN W 63 -69.99 -48.76 45.33
N ILE W 64 -71.09 -48.65 44.59
CA ILE W 64 -71.89 -49.79 44.18
C ILE W 64 -72.29 -49.55 42.72
N LEU W 65 -72.18 -50.58 41.89
CA LEU W 65 -72.38 -50.40 40.46
C LEU W 65 -73.76 -49.85 40.19
N GLY W 66 -73.80 -48.78 39.40
CA GLY W 66 -75.06 -48.14 39.04
C GLY W 66 -75.93 -48.97 38.10
N PHE W 67 -77.22 -49.07 38.43
CA PHE W 67 -78.20 -49.83 37.67
C PHE W 67 -78.94 -48.91 36.70
N ILE W 68 -79.13 -49.37 35.47
CA ILE W 68 -79.87 -48.60 34.47
C ILE W 68 -81.16 -49.29 34.09
N ALA W 69 -81.06 -50.59 33.77
CA ALA W 69 -82.23 -51.34 33.31
C ALA W 69 -82.03 -52.86 33.41
N SER W 70 -83.14 -53.57 33.31
CA SER W 70 -83.14 -55.03 33.21
C SER W 70 -84.24 -55.41 32.22
N ASP W 71 -83.93 -56.33 31.30
CA ASP W 71 -84.84 -56.70 30.21
C ASP W 71 -84.73 -58.19 29.89
N MET W 72 -85.82 -58.80 29.41
CA MET W 72 -85.75 -60.14 28.89
C MET W 72 -86.10 -59.99 27.41
N THR W 73 -85.06 -59.86 26.59
CA THR W 73 -85.23 -59.53 25.16
C THR W 73 -85.28 -60.76 24.27
N GLN W 80 -83.20 -64.20 26.05
CA GLN W 80 -82.04 -63.38 26.39
C GLN W 80 -82.29 -62.49 27.58
N LEU W 81 -81.65 -62.78 28.70
CA LEU W 81 -81.84 -61.94 29.88
C LEU W 81 -80.70 -60.91 29.93
N TRP W 82 -81.04 -59.62 30.00
CA TRP W 82 -80.06 -58.53 30.03
C TRP W 82 -80.09 -57.76 31.36
N LEU W 83 -78.91 -57.32 31.79
CA LEU W 83 -78.79 -56.33 32.85
C LEU W 83 -77.90 -55.21 32.32
N ILE W 84 -78.42 -53.99 32.27
CA ILE W 84 -77.68 -52.84 31.74
C ILE W 84 -77.30 -51.95 32.90
N THR W 85 -76.02 -51.59 32.98
CA THR W 85 -75.47 -50.79 34.09
C THR W 85 -74.50 -49.71 33.58
N HIS W 86 -73.98 -48.89 34.50
CA HIS W 86 -72.89 -47.98 34.14
C HIS W 86 -71.68 -48.80 33.64
N TYR W 87 -70.90 -48.19 32.76
CA TYR W 87 -69.72 -48.85 32.20
C TYR W 87 -68.48 -48.22 32.76
N HIS W 88 -67.53 -49.05 33.18
CA HIS W 88 -66.24 -48.57 33.70
C HIS W 88 -65.07 -49.12 32.87
N GLU W 89 -64.37 -48.22 32.19
CA GLU W 89 -63.32 -48.59 31.22
C GLU W 89 -62.21 -49.45 31.77
N HIS W 90 -61.78 -49.16 32.99
CA HIS W 90 -60.68 -49.91 33.61
C HIS W 90 -61.01 -51.36 33.87
N GLY W 91 -62.30 -51.70 33.78
CA GLY W 91 -62.76 -53.05 34.03
C GLY W 91 -62.71 -53.34 35.52
N SER W 92 -62.59 -54.62 35.85
CA SER W 92 -62.57 -55.04 37.25
C SER W 92 -61.22 -54.74 37.93
N LEU W 93 -61.21 -54.88 39.25
CA LEU W 93 -60.01 -54.76 40.04
C LEU W 93 -59.00 -55.85 39.60
N TYR W 94 -59.53 -57.01 39.24
CA TYR W 94 -58.70 -58.08 38.71
C TYR W 94 -57.96 -57.60 37.50
N ASP W 95 -58.71 -57.03 36.56
CA ASP W 95 -58.15 -56.48 35.32
C ASP W 95 -57.12 -55.39 35.59
N PHE W 96 -57.47 -54.45 36.48
CA PHE W 96 -56.64 -53.27 36.78
C PHE W 96 -55.33 -53.71 37.41
N LEU W 97 -55.43 -54.60 38.40
CA LEU W 97 -54.24 -55.12 39.08
C LEU W 97 -53.34 -55.95 38.16
N GLN W 98 -53.90 -56.47 37.07
CA GLN W 98 -53.11 -57.23 36.10
C GLN W 98 -52.05 -56.33 35.43
N ARG W 99 -52.51 -55.18 34.93
CA ARG W 99 -51.68 -54.28 34.14
C ARG W 99 -50.97 -53.20 34.95
N GLN W 100 -51.60 -52.71 36.01
CA GLN W 100 -51.13 -51.54 36.71
C GLN W 100 -50.45 -51.91 38.04
N THR W 101 -49.43 -51.14 38.41
CA THR W 101 -48.81 -51.24 39.72
C THR W 101 -49.26 -50.05 40.56
N LEU W 102 -49.29 -50.21 41.88
CA LEU W 102 -49.95 -49.23 42.74
C LEU W 102 -48.96 -48.51 43.64
N GLU W 103 -48.97 -47.19 43.58
CA GLU W 103 -48.35 -46.34 44.60
C GLU W 103 -49.15 -46.58 45.89
N PRO W 104 -48.50 -46.55 47.07
CA PRO W 104 -49.22 -46.78 48.34
C PRO W 104 -50.49 -45.95 48.49
N HIS W 105 -50.45 -44.66 48.11
CA HIS W 105 -51.64 -43.80 48.13
C HIS W 105 -52.80 -44.43 47.36
N LEU W 106 -52.50 -44.96 46.17
CA LEU W 106 -53.53 -45.51 45.31
C LEU W 106 -54.07 -46.82 45.88
N ALA W 107 -53.18 -47.64 46.42
CA ALA W 107 -53.59 -48.89 47.09
C ALA W 107 -54.63 -48.61 48.18
N LEU W 108 -54.40 -47.56 48.98
CA LEU W 108 -55.32 -47.19 50.06
C LEU W 108 -56.63 -46.68 49.51
N ARG W 109 -56.57 -45.93 48.42
CA ARG W 109 -57.75 -45.33 47.79
C ARG W 109 -58.70 -46.42 47.32
N LEU W 110 -58.16 -47.43 46.65
CA LEU W 110 -58.93 -48.59 46.21
C LEU W 110 -59.46 -49.37 47.41
N ALA W 111 -58.60 -49.56 48.40
CA ALA W 111 -58.97 -50.32 49.59
C ALA W 111 -60.07 -49.63 50.39
N VAL W 112 -59.97 -48.31 50.58
CA VAL W 112 -60.98 -47.57 51.37
C VAL W 112 -62.33 -47.52 50.65
N SER W 113 -62.31 -47.34 49.34
CA SER W 113 -63.55 -47.20 48.57
C SER W 113 -64.29 -48.55 48.47
N ALA W 114 -63.56 -49.63 48.28
CA ALA W 114 -64.13 -50.97 48.32
C ALA W 114 -64.78 -51.22 49.69
N ALA W 115 -64.08 -50.83 50.75
CA ALA W 115 -64.62 -50.93 52.10
C ALA W 115 -65.89 -50.11 52.27
N CYS W 116 -65.98 -48.95 51.63
CA CYS W 116 -67.19 -48.11 51.74
C CYS W 116 -68.37 -48.86 51.11
N GLY W 117 -68.13 -49.43 49.92
CA GLY W 117 -69.10 -50.25 49.25
C GLY W 117 -69.65 -51.38 50.11
N LEU W 118 -68.76 -52.19 50.67
CA LEU W 118 -69.17 -53.32 51.52
C LEU W 118 -69.87 -52.85 52.81
N ALA W 119 -69.36 -51.80 53.45
CA ALA W 119 -70.01 -51.27 54.65
C ALA W 119 -71.44 -50.80 54.38
N HIS W 120 -71.63 -50.20 53.20
CA HIS W 120 -72.95 -49.73 52.80
C HIS W 120 -73.90 -50.90 52.62
N LEU W 121 -73.43 -51.96 51.97
CA LEU W 121 -74.22 -53.17 51.77
C LEU W 121 -74.64 -53.78 53.10
N HIS W 122 -73.67 -53.92 54.00
CA HIS W 122 -73.88 -54.61 55.27
C HIS W 122 -74.78 -53.89 56.26
N VAL W 123 -74.70 -52.56 56.30
CA VAL W 123 -75.38 -51.76 57.33
C VAL W 123 -76.80 -51.50 56.89
N GLU W 124 -77.76 -51.82 57.77
CA GLU W 124 -79.15 -51.48 57.57
C GLU W 124 -79.32 -49.98 57.83
N ILE W 125 -80.02 -49.29 56.94
CA ILE W 125 -80.24 -47.84 57.05
C ILE W 125 -81.60 -47.56 57.67
N LYS W 131 -83.17 -49.08 53.60
CA LYS W 131 -82.66 -50.30 52.98
C LYS W 131 -82.36 -51.35 54.03
N PRO W 132 -82.53 -52.62 53.67
CA PRO W 132 -82.16 -53.69 54.60
C PRO W 132 -80.66 -53.96 54.54
N ALA W 133 -80.16 -54.70 55.51
CA ALA W 133 -78.77 -55.17 55.51
C ALA W 133 -78.61 -56.21 54.41
N ILE W 134 -77.54 -56.10 53.62
CA ILE W 134 -77.31 -56.98 52.48
C ILE W 134 -75.92 -57.57 52.54
N ALA W 135 -75.81 -58.90 52.38
CA ALA W 135 -74.53 -59.61 52.30
C ALA W 135 -74.34 -60.05 50.85
N HIS W 136 -73.12 -59.94 50.33
CA HIS W 136 -72.81 -60.19 48.92
C HIS W 136 -72.79 -61.71 48.56
N ARG W 137 -72.00 -62.47 49.31
CA ARG W 137 -71.83 -63.91 49.16
C ARG W 137 -70.94 -64.35 47.97
N ASP W 138 -70.46 -63.39 47.17
CA ASP W 138 -69.48 -63.69 46.11
C ASP W 138 -68.51 -62.51 45.91
N PHE W 139 -68.00 -62.01 47.04
CA PHE W 139 -67.09 -60.88 46.98
C PHE W 139 -65.71 -61.38 46.53
N LYS W 140 -65.23 -60.79 45.44
CA LYS W 140 -63.93 -61.13 44.87
C LYS W 140 -63.45 -59.94 44.00
N SER W 141 -62.19 -59.96 43.59
CA SER W 141 -61.66 -58.86 42.80
C SER W 141 -62.31 -58.71 41.42
N ARG W 142 -62.86 -59.81 40.91
CA ARG W 142 -63.56 -59.79 39.62
C ARG W 142 -64.97 -59.17 39.70
N ASN W 143 -65.51 -59.04 40.91
CA ASN W 143 -66.82 -58.39 41.15
C ASN W 143 -66.69 -57.00 41.79
N VAL W 144 -65.51 -56.39 41.65
CA VAL W 144 -65.28 -55.02 42.03
C VAL W 144 -64.72 -54.31 40.80
N LEU W 145 -65.32 -53.17 40.43
CA LEU W 145 -64.88 -52.41 39.26
C LEU W 145 -64.06 -51.23 39.73
N VAL W 146 -63.18 -50.74 38.86
CA VAL W 146 -62.40 -49.54 39.13
C VAL W 146 -62.87 -48.40 38.22
N LYS W 147 -63.32 -47.32 38.84
CA LYS W 147 -63.86 -46.16 38.15
C LYS W 147 -62.77 -45.21 37.62
N SER W 148 -63.20 -44.23 36.83
CA SER W 148 -62.30 -43.21 36.29
C SER W 148 -61.48 -42.50 37.36
N ASN W 149 -62.13 -42.19 38.48
CA ASN W 149 -61.44 -41.52 39.59
C ASN W 149 -60.69 -42.50 40.49
N LEU W 150 -60.41 -43.69 39.96
CA LEU W 150 -59.67 -44.71 40.67
C LEU W 150 -60.24 -45.00 42.06
N GLN W 151 -61.57 -45.00 42.14
CA GLN W 151 -62.27 -45.54 43.30
C GLN W 151 -63.01 -46.79 42.86
N CYS W 152 -63.24 -47.72 43.78
CA CYS W 152 -63.93 -48.97 43.46
C CYS W 152 -65.44 -48.84 43.59
N CYS W 153 -66.16 -49.72 42.91
CA CYS W 153 -67.57 -49.95 43.22
C CYS W 153 -67.90 -51.42 43.05
N ILE W 154 -68.71 -51.95 43.96
CA ILE W 154 -69.03 -53.38 43.99
C ILE W 154 -70.12 -53.73 42.99
N ALA W 155 -69.98 -54.89 42.33
CA ALA W 155 -70.95 -55.39 41.39
C ALA W 155 -71.41 -56.81 41.74
N ASP W 156 -72.35 -57.33 40.93
CA ASP W 156 -72.83 -58.71 40.98
C ASP W 156 -73.54 -59.06 42.27
N LEU W 157 -74.81 -58.68 42.36
CA LEU W 157 -75.64 -58.94 43.54
C LEU W 157 -76.44 -60.24 43.38
N GLY W 158 -76.06 -61.08 42.42
CA GLY W 158 -76.86 -62.26 42.06
C GLY W 158 -77.08 -63.27 43.16
N LEU W 159 -76.20 -63.28 44.16
CA LEU W 159 -76.25 -64.23 45.27
C LEU W 159 -76.54 -63.54 46.59
N ALA W 160 -76.87 -62.26 46.55
CA ALA W 160 -77.01 -61.48 47.78
C ALA W 160 -78.15 -62.00 48.65
N VAL W 161 -78.00 -61.86 49.98
CA VAL W 161 -79.03 -62.22 50.96
C VAL W 161 -79.27 -61.02 51.86
N MET W 162 -80.45 -60.91 52.45
CA MET W 162 -80.83 -59.67 53.10
C MET W 162 -81.09 -59.79 54.60
N ASP W 171 -83.83 -63.93 53.88
CA ASP W 171 -84.12 -63.73 52.47
C ASP W 171 -82.92 -64.19 51.62
N ILE W 172 -83.11 -65.30 50.91
CA ILE W 172 -82.05 -65.87 50.11
C ILE W 172 -82.61 -66.45 48.83
N GLY W 173 -81.83 -66.33 47.76
CA GLY W 173 -82.32 -66.69 46.45
C GLY W 173 -82.41 -68.18 46.27
N ASN W 174 -83.06 -68.56 45.17
CA ASN W 174 -83.19 -69.96 44.80
C ASN W 174 -82.02 -70.36 43.89
N ASN W 175 -81.01 -69.51 43.81
CA ASN W 175 -79.87 -69.72 42.94
C ASN W 175 -79.06 -70.99 43.31
N PRO W 176 -78.77 -71.88 42.32
CA PRO W 176 -77.87 -73.02 42.54
C PRO W 176 -76.40 -72.63 42.63
N ARG W 177 -76.07 -71.49 42.04
CA ARG W 177 -74.70 -71.01 42.06
C ARG W 177 -74.18 -70.83 43.50
N VAL W 178 -72.90 -71.10 43.68
CA VAL W 178 -72.28 -70.90 44.98
C VAL W 178 -71.17 -69.88 44.84
N GLY W 179 -70.60 -69.46 45.96
CA GLY W 179 -69.48 -68.52 45.91
C GLY W 179 -68.35 -69.03 45.04
N THR W 180 -67.52 -68.12 44.54
CA THR W 180 -66.30 -68.51 43.82
C THR W 180 -65.45 -69.33 44.78
N LYS W 181 -65.00 -70.50 44.35
CA LYS W 181 -64.32 -71.46 45.25
C LYS W 181 -63.06 -70.89 45.93
N ARG W 182 -62.27 -70.13 45.19
CA ARG W 182 -61.03 -69.56 45.75
C ARG W 182 -61.24 -68.64 46.98
N TYR W 183 -62.42 -68.07 47.11
CA TYR W 183 -62.68 -67.05 48.13
C TYR W 183 -63.56 -67.51 49.28
N MET W 184 -63.94 -68.79 49.30
CA MET W 184 -64.81 -69.32 50.31
C MET W 184 -64.13 -69.37 51.67
N ALA W 185 -64.82 -68.91 52.71
CA ALA W 185 -64.28 -68.91 54.07
C ALA W 185 -64.23 -70.34 54.57
N PRO W 186 -63.42 -70.61 55.64
CA PRO W 186 -63.34 -71.96 56.19
C PRO W 186 -64.71 -72.56 56.55
N GLU W 187 -65.55 -71.75 57.19
CA GLU W 187 -66.86 -72.20 57.63
C GLU W 187 -67.79 -72.58 56.47
N VAL W 188 -67.54 -72.04 55.26
CA VAL W 188 -68.31 -72.41 54.08
C VAL W 188 -67.80 -73.74 53.54
N LEU W 189 -66.48 -73.92 53.54
CA LEU W 189 -65.87 -75.13 53.03
C LEU W 189 -66.05 -76.31 53.99
N ASP W 190 -66.11 -76.01 55.28
CA ASP W 190 -66.47 -77.01 56.31
C ASP W 190 -67.92 -77.42 56.24
N GLU W 191 -68.77 -76.55 55.68
CA GLU W 191 -70.22 -76.71 55.73
C GLU W 191 -70.71 -76.60 57.18
N GLN W 192 -69.98 -75.85 57.99
CA GLN W 192 -70.32 -75.64 59.41
C GLN W 192 -70.99 -74.29 59.62
N ILE W 193 -71.20 -73.54 58.54
CA ILE W 193 -71.86 -72.23 58.60
C ILE W 193 -73.38 -72.39 58.91
N ARG W 194 -73.91 -71.50 59.76
CA ARG W 194 -75.34 -71.52 60.08
C ARG W 194 -76.08 -70.75 58.99
N THR W 195 -76.75 -71.49 58.11
CA THR W 195 -77.39 -70.89 56.93
C THR W 195 -78.71 -70.15 57.23
N ASP W 196 -79.16 -70.17 58.49
CA ASP W 196 -80.33 -69.39 58.92
C ASP W 196 -79.91 -68.21 59.81
N CYS W 197 -78.64 -67.81 59.74
CA CYS W 197 -78.13 -66.65 60.49
C CYS W 197 -77.48 -65.66 59.54
N PHE W 198 -77.98 -64.42 59.53
CA PHE W 198 -77.53 -63.40 58.60
C PHE W 198 -76.05 -62.99 58.89
N GLU W 199 -75.71 -62.85 60.16
CA GLU W 199 -74.38 -62.44 60.56
C GLU W 199 -73.31 -63.34 59.95
N SER W 200 -73.58 -64.64 59.90
CA SER W 200 -72.67 -65.61 59.23
C SER W 200 -72.29 -65.21 57.80
N TYR W 201 -73.26 -64.80 57.00
CA TYR W 201 -72.99 -64.45 55.60
C TYR W 201 -72.15 -63.19 55.46
N LYS W 202 -72.36 -62.24 56.38
CA LYS W 202 -71.50 -61.07 56.47
C LYS W 202 -70.03 -61.47 56.74
N TRP W 203 -69.82 -62.42 57.64
CA TRP W 203 -68.50 -62.84 58.03
C TRP W 203 -67.76 -63.53 56.88
N THR W 204 -68.50 -64.09 55.92
CA THR W 204 -67.87 -64.69 54.74
C THR W 204 -67.49 -63.65 53.72
N ASP W 205 -68.28 -62.57 53.65
CA ASP W 205 -67.89 -61.39 52.86
C ASP W 205 -66.54 -60.84 53.35
N ILE W 206 -66.38 -60.76 54.67
CA ILE W 206 -65.19 -60.19 55.26
C ILE W 206 -63.94 -61.02 54.94
N TRP W 207 -64.00 -62.32 55.18
CA TRP W 207 -62.95 -63.23 54.75
C TRP W 207 -62.49 -62.88 53.33
N ALA W 208 -63.43 -62.94 52.38
CA ALA W 208 -63.17 -62.63 50.98
C ALA W 208 -62.59 -61.24 50.77
N PHE W 209 -62.99 -60.30 51.60
CA PHE W 209 -62.47 -58.94 51.52
C PHE W 209 -60.96 -58.94 51.86
N GLY W 210 -60.60 -59.61 52.94
CA GLY W 210 -59.21 -59.81 53.31
C GLY W 210 -58.37 -60.34 52.15
N LEU W 211 -58.92 -61.30 51.41
CA LEU W 211 -58.23 -61.87 50.25
C LEU W 211 -58.04 -60.83 49.16
N VAL W 212 -59.01 -59.93 49.01
CA VAL W 212 -58.90 -58.88 48.00
C VAL W 212 -57.84 -57.84 48.40
N LEU W 213 -57.73 -57.56 49.70
CA LEU W 213 -56.71 -56.63 50.20
C LEU W 213 -55.33 -57.16 49.86
N TRP W 214 -55.13 -58.45 50.15
CA TRP W 214 -53.90 -59.16 49.77
C TRP W 214 -53.51 -58.93 48.31
N GLU W 215 -54.48 -59.11 47.41
CA GLU W 215 -54.29 -58.86 45.97
C GLU W 215 -53.82 -57.44 45.67
N ILE W 216 -54.39 -56.46 46.37
CA ILE W 216 -54.03 -55.05 46.22
C ILE W 216 -52.61 -54.86 46.77
N ALA W 217 -52.37 -55.39 47.97
CA ALA W 217 -51.09 -55.26 48.68
C ALA W 217 -49.95 -55.83 47.84
N ARG W 218 -50.14 -57.03 47.30
CA ARG W 218 -49.12 -57.69 46.46
C ARG W 218 -48.67 -56.80 45.30
N ARG W 219 -49.60 -56.00 44.80
CA ARG W 219 -49.39 -55.20 43.61
C ARG W 219 -48.96 -53.77 43.94
N THR W 220 -48.54 -53.55 45.19
CA THR W 220 -48.13 -52.22 45.63
C THR W 220 -46.60 -52.03 45.63
N ILE W 221 -46.15 -50.82 45.30
CA ILE W 221 -44.72 -50.54 45.14
C ILE W 221 -44.09 -50.07 46.45
N VAL W 222 -43.23 -50.93 47.04
CA VAL W 222 -42.37 -50.52 48.15
C VAL W 222 -40.92 -50.68 47.74
N ASN W 223 -40.04 -49.87 48.32
CA ASN W 223 -38.60 -49.93 48.07
C ASN W 223 -38.16 -50.01 46.60
N GLY W 224 -39.05 -49.66 45.66
CA GLY W 224 -38.77 -49.74 44.23
C GLY W 224 -39.02 -51.09 43.56
N ILE W 225 -39.57 -52.05 44.31
CA ILE W 225 -39.83 -53.42 43.84
C ILE W 225 -41.33 -53.79 43.96
N VAL W 226 -41.83 -54.59 43.03
CA VAL W 226 -43.24 -55.00 43.00
C VAL W 226 -43.49 -56.39 42.40
N GLU W 227 -44.29 -57.23 43.07
CA GLU W 227 -44.55 -58.55 42.55
C GLU W 227 -45.55 -58.50 41.39
N ASP W 228 -45.43 -59.45 40.47
CA ASP W 228 -46.41 -59.63 39.41
C ASP W 228 -47.70 -60.15 40.03
N TYR W 229 -48.83 -59.87 39.39
CA TYR W 229 -50.13 -60.26 39.93
C TYR W 229 -50.22 -61.77 40.09
N ARG W 230 -50.74 -62.21 41.23
CA ARG W 230 -51.18 -63.59 41.41
C ARG W 230 -52.51 -63.61 42.18
N PRO W 231 -53.33 -64.63 41.96
CA PRO W 231 -54.56 -64.71 42.76
C PRO W 231 -54.29 -65.27 44.15
N PRO W 232 -55.19 -65.06 45.11
CA PRO W 232 -54.99 -65.69 46.41
C PRO W 232 -54.84 -67.19 46.31
N PHE W 233 -53.98 -67.76 47.13
CA PHE W 233 -53.66 -69.20 47.11
C PHE W 233 -53.02 -69.70 45.83
N TYR W 234 -52.41 -68.80 45.06
CA TYR W 234 -51.77 -69.17 43.80
C TYR W 234 -50.76 -70.27 43.95
N ASP W 235 -50.16 -70.35 45.14
CA ASP W 235 -49.01 -71.24 45.41
C ASP W 235 -49.41 -72.59 46.00
N VAL W 236 -50.67 -72.72 46.39
CA VAL W 236 -51.15 -73.98 47.03
C VAL W 236 -52.30 -74.66 46.32
N VAL W 237 -52.90 -74.00 45.32
CA VAL W 237 -53.98 -74.63 44.54
C VAL W 237 -53.88 -74.33 43.05
N PRO W 238 -54.44 -75.23 42.20
CA PRO W 238 -54.41 -75.04 40.74
C PRO W 238 -55.31 -73.88 40.28
N ASN W 239 -55.36 -73.71 38.96
CA ASN W 239 -56.05 -72.63 38.26
C ASN W 239 -57.54 -72.43 38.54
N ASP W 240 -58.31 -73.52 38.55
CA ASP W 240 -59.75 -73.43 38.86
C ASP W 240 -60.03 -74.39 40.00
N PRO W 241 -59.74 -73.93 41.22
CA PRO W 241 -59.78 -74.87 42.33
C PRO W 241 -61.18 -75.43 42.59
N SER W 242 -61.21 -76.72 42.87
CA SER W 242 -62.39 -77.41 43.33
C SER W 242 -62.63 -77.12 44.81
N PHE W 243 -63.88 -77.32 45.25
CA PHE W 243 -64.20 -77.38 46.68
C PHE W 243 -63.09 -78.19 47.35
N GLU W 244 -62.84 -79.42 46.89
CA GLU W 244 -61.98 -80.32 47.65
C GLU W 244 -60.57 -79.77 47.79
N ASP W 245 -60.04 -79.17 46.71
CA ASP W 245 -58.73 -78.51 46.74
C ASP W 245 -58.70 -77.43 47.81
N MET W 246 -59.75 -76.62 47.84
CA MET W 246 -59.84 -75.51 48.82
C MET W 246 -60.08 -76.02 50.24
N LYS W 247 -60.97 -76.98 50.40
CA LYS W 247 -61.22 -77.62 51.71
C LYS W 247 -59.91 -78.06 52.35
N LYS W 248 -59.05 -78.74 51.57
CA LYS W 248 -57.76 -79.24 52.07
C LYS W 248 -56.83 -78.11 52.51
N VAL W 249 -56.71 -77.09 51.67
CA VAL W 249 -55.82 -75.95 51.92
C VAL W 249 -56.33 -75.05 53.07
N VAL W 250 -57.60 -74.68 53.01
CA VAL W 250 -58.14 -73.70 53.95
C VAL W 250 -58.57 -74.31 55.28
N CYS W 251 -59.10 -75.53 55.27
CA CYS W 251 -59.57 -76.18 56.50
C CYS W 251 -58.57 -77.18 57.10
N VAL W 252 -58.12 -78.15 56.31
CA VAL W 252 -57.20 -79.17 56.82
C VAL W 252 -55.81 -78.58 57.10
N ASP W 253 -55.22 -77.90 56.12
CA ASP W 253 -53.90 -77.31 56.27
C ASP W 253 -53.93 -75.94 56.99
N GLN W 254 -55.12 -75.42 57.23
CA GLN W 254 -55.30 -74.13 57.93
C GLN W 254 -54.45 -73.01 57.33
N GLN W 255 -54.39 -72.97 56.01
CA GLN W 255 -53.61 -71.97 55.30
C GLN W 255 -54.33 -70.67 55.03
N THR W 256 -53.54 -69.59 55.03
CA THR W 256 -53.98 -68.27 54.62
C THR W 256 -52.86 -67.67 53.76
N PRO W 257 -53.18 -66.70 52.88
CA PRO W 257 -52.12 -66.14 52.05
C PRO W 257 -50.97 -65.55 52.86
N THR W 258 -49.77 -65.94 52.49
CA THR W 258 -48.58 -65.52 53.17
C THR W 258 -48.47 -63.97 53.15
N ILE W 259 -48.26 -63.37 54.33
CA ILE W 259 -48.24 -61.91 54.45
C ILE W 259 -46.80 -61.37 54.40
N PRO W 260 -46.43 -60.64 53.32
CA PRO W 260 -45.01 -60.28 53.16
C PRO W 260 -44.43 -59.51 54.33
N ASN W 261 -43.39 -60.07 54.93
CA ASN W 261 -42.65 -59.43 56.01
C ASN W 261 -42.25 -57.97 55.83
N ARG W 262 -42.32 -57.45 54.60
CA ARG W 262 -41.94 -56.07 54.32
C ARG W 262 -43.10 -55.08 54.19
N LEU W 263 -44.31 -55.52 54.50
CA LEU W 263 -45.40 -54.59 54.68
C LEU W 263 -45.27 -53.84 56.04
N ALA W 264 -44.57 -54.46 57.01
CA ALA W 264 -44.53 -53.96 58.39
C ALA W 264 -43.68 -52.68 58.60
N ALA W 265 -42.76 -52.42 57.69
CA ALA W 265 -41.91 -51.22 57.80
C ALA W 265 -42.59 -49.98 57.20
N ASP W 266 -43.56 -50.20 56.30
CA ASP W 266 -44.28 -49.15 55.57
C ASP W 266 -45.43 -48.59 56.42
N PRO W 267 -45.29 -47.36 56.96
CA PRO W 267 -46.30 -46.75 57.84
C PRO W 267 -47.73 -46.71 57.28
N VAL W 268 -47.86 -46.79 55.95
CA VAL W 268 -49.17 -46.90 55.29
C VAL W 268 -49.70 -48.32 55.37
N LEU W 269 -48.97 -49.24 54.75
CA LEU W 269 -49.36 -50.65 54.66
C LEU W 269 -48.99 -51.53 55.88
N SER W 270 -48.59 -50.94 57.00
CA SER W 270 -48.53 -51.71 58.26
C SER W 270 -49.95 -52.14 58.61
N GLY W 271 -50.91 -51.21 58.46
CA GLY W 271 -52.33 -51.45 58.78
C GLY W 271 -53.14 -52.32 57.83
N LEU W 272 -52.89 -52.26 56.54
CA LEU W 272 -53.51 -53.23 55.63
C LEU W 272 -53.16 -54.67 56.03
N ALA W 273 -51.90 -54.92 56.41
CA ALA W 273 -51.47 -56.25 56.83
C ALA W 273 -52.26 -56.74 58.05
N GLN W 274 -52.44 -55.84 59.02
CA GLN W 274 -53.14 -56.18 60.26
C GLN W 274 -54.60 -56.41 59.97
N MET W 275 -55.17 -55.61 59.07
CA MET W 275 -56.57 -55.78 58.68
C MET W 275 -56.78 -57.07 57.93
N MET W 276 -55.83 -57.44 57.08
CA MET W 276 -55.84 -58.75 56.42
C MET W 276 -55.95 -59.90 57.42
N ARG W 277 -55.08 -59.88 58.42
CA ARG W 277 -55.08 -60.86 59.50
C ARG W 277 -56.44 -60.94 60.19
N GLU W 278 -57.00 -59.79 60.56
CA GLU W 278 -58.22 -59.73 61.36
C GLU W 278 -59.48 -60.01 60.54
N CYS W 279 -59.29 -60.19 59.23
CA CYS W 279 -60.33 -60.70 58.36
C CYS W 279 -60.24 -62.21 58.27
N TRP W 280 -59.11 -62.79 58.69
CA TRP W 280 -58.86 -64.22 58.48
C TRP W 280 -58.87 -65.07 59.75
N TYR W 281 -59.35 -64.51 60.86
CA TYR W 281 -59.51 -65.30 62.05
C TYR W 281 -60.48 -66.49 61.78
N PRO W 282 -60.11 -67.72 62.18
CA PRO W 282 -60.93 -68.91 61.94
C PRO W 282 -62.32 -68.85 62.56
N ASN W 283 -62.43 -68.29 63.75
CA ASN W 283 -63.73 -68.06 64.39
C ASN W 283 -64.34 -66.78 63.79
N PRO W 284 -65.40 -66.93 62.98
CA PRO W 284 -65.98 -65.83 62.21
C PRO W 284 -66.31 -64.57 63.02
N SER W 285 -66.77 -64.74 64.25
CA SER W 285 -67.25 -63.60 65.05
C SER W 285 -66.12 -62.74 65.57
N ALA W 286 -64.88 -63.24 65.47
CA ALA W 286 -63.69 -62.51 65.90
C ALA W 286 -63.24 -61.51 64.84
N ARG W 287 -63.83 -61.59 63.66
CA ARG W 287 -63.39 -60.77 62.53
C ARG W 287 -63.89 -59.33 62.63
N LEU W 288 -63.18 -58.41 62.01
CA LEU W 288 -63.63 -57.02 61.92
C LEU W 288 -64.87 -56.93 61.07
N THR W 289 -65.70 -55.93 61.37
CA THR W 289 -66.86 -55.64 60.55
C THR W 289 -66.40 -54.74 59.42
N ALA W 290 -67.21 -54.60 58.37
CA ALA W 290 -66.89 -53.71 57.26
C ALA W 290 -66.82 -52.26 57.71
N LEU W 291 -67.69 -51.87 58.63
CA LEU W 291 -67.66 -50.50 59.17
C LEU W 291 -66.33 -50.23 59.83
N ARG W 292 -65.88 -51.17 60.67
CA ARG W 292 -64.64 -50.99 61.41
C ARG W 292 -63.45 -50.91 60.47
N ILE W 293 -63.49 -51.68 59.38
CA ILE W 293 -62.42 -51.64 58.37
C ILE W 293 -62.40 -50.30 57.68
N LYS W 294 -63.56 -49.86 57.18
CA LYS W 294 -63.73 -48.51 56.64
C LYS W 294 -63.08 -47.51 57.57
N LYS W 295 -63.52 -47.47 58.82
CA LYS W 295 -63.06 -46.45 59.77
C LYS W 295 -61.55 -46.47 59.94
N THR W 296 -60.97 -47.66 60.14
CA THR W 296 -59.51 -47.80 60.33
C THR W 296 -58.71 -47.31 59.12
N LEU W 297 -58.92 -47.95 57.98
CA LEU W 297 -58.29 -47.58 56.71
C LEU W 297 -58.34 -46.09 56.42
N GLN W 298 -59.36 -45.43 56.96
CA GLN W 298 -59.56 -44.01 56.77
C GLN W 298 -58.58 -43.18 57.61
N LYS W 299 -58.33 -43.57 58.87
CA LYS W 299 -57.24 -42.96 59.65
C LYS W 299 -55.87 -43.05 58.95
N ILE W 300 -55.73 -43.94 57.96
CA ILE W 300 -54.44 -44.06 57.27
C ILE W 300 -54.13 -42.83 56.42
N SER W 301 -55.11 -42.31 55.69
CA SER W 301 -54.85 -41.13 54.84
C SER W 301 -54.57 -39.88 55.68
N GLN X 3 67.93 73.14 25.52
CA GLN X 3 67.06 73.02 24.32
C GLN X 3 67.83 73.16 22.99
N ARG X 4 69.09 73.60 23.05
CA ARG X 4 69.96 73.56 21.86
C ARG X 4 70.16 72.10 21.43
N THR X 5 69.74 71.17 22.30
CA THR X 5 69.62 69.76 22.00
C THR X 5 68.32 69.46 21.24
N VAL X 6 67.21 70.04 21.67
CA VAL X 6 65.89 69.76 21.06
C VAL X 6 65.84 70.05 19.56
N ALA X 7 66.71 70.96 19.12
CA ALA X 7 66.88 71.27 17.70
C ALA X 7 67.93 70.36 17.03
N ARG X 8 69.05 70.06 17.71
CA ARG X 8 70.05 69.11 17.17
C ARG X 8 69.44 67.72 16.99
N GLN X 9 68.58 67.31 17.92
CA GLN X 9 67.95 65.99 17.88
C GLN X 9 66.69 65.94 16.99
N VAL X 10 66.04 67.08 16.79
CA VAL X 10 64.81 67.12 16.01
C VAL X 10 65.03 66.65 14.56
N ALA X 11 64.23 65.67 14.15
CA ALA X 11 64.23 65.19 12.76
C ALA X 11 63.05 65.82 12.04
N LEU X 12 63.30 66.37 10.86
CA LEU X 12 62.26 67.01 10.05
C LEU X 12 61.62 65.94 9.15
N VAL X 13 60.29 65.86 9.17
CA VAL X 13 59.56 64.81 8.46
C VAL X 13 58.74 65.33 7.27
N GLU X 14 57.91 66.35 7.52
CA GLU X 14 56.99 66.87 6.50
C GLU X 14 56.91 68.38 6.53
N CYS X 15 56.99 69.00 5.35
CA CYS X 15 56.77 70.45 5.23
C CYS X 15 55.27 70.72 5.08
N VAL X 16 54.70 71.38 6.07
CA VAL X 16 53.26 71.62 6.12
C VAL X 16 52.89 73.07 5.80
N GLY X 17 53.88 73.91 5.52
CA GLY X 17 53.63 75.31 5.17
C GLY X 17 54.83 75.99 4.54
N LYS X 18 54.57 76.94 3.65
CA LYS X 18 55.61 77.70 2.97
C LYS X 18 55.07 79.08 2.57
N GLY X 19 55.92 80.10 2.67
CA GLY X 19 55.51 81.49 2.39
C GLY X 19 56.65 82.48 2.53
N ARG X 20 56.30 83.76 2.54
CA ARG X 20 57.30 84.85 2.63
C ARG X 20 57.96 84.87 4.01
N TYR X 21 57.26 84.35 5.01
CA TYR X 21 57.79 84.22 6.37
C TYR X 21 58.88 83.15 6.49
N GLY X 22 58.90 82.21 5.54
CA GLY X 22 59.80 81.05 5.59
C GLY X 22 59.04 79.76 5.34
N GLU X 23 59.26 78.76 6.19
CA GLU X 23 58.58 77.45 6.08
C GLU X 23 58.30 76.90 7.48
N VAL X 24 57.21 76.14 7.60
CA VAL X 24 56.95 75.39 8.83
C VAL X 24 56.96 73.90 8.50
N TRP X 25 57.66 73.13 9.33
CA TRP X 25 57.80 71.69 9.15
C TRP X 25 57.24 70.96 10.36
N ARG X 26 56.69 69.77 10.13
CA ARG X 26 56.39 68.85 11.22
C ARG X 26 57.68 68.07 11.52
N GLY X 27 58.05 68.02 12.79
CA GLY X 27 59.27 67.34 13.21
C GLY X 27 59.02 66.34 14.32
N LEU X 28 59.90 65.35 14.41
CA LEU X 28 59.85 64.34 15.45
C LEU X 28 60.97 64.56 16.46
N TRP X 29 60.61 64.65 17.74
CA TRP X 29 61.60 64.74 18.81
C TRP X 29 61.22 63.76 19.92
N HIS X 30 62.07 62.75 20.13
CA HIS X 30 61.81 61.71 21.13
C HIS X 30 60.36 61.24 21.10
N GLY X 31 59.90 60.77 19.94
CA GLY X 31 58.56 60.22 19.79
C GLY X 31 57.43 61.22 19.54
N GLU X 32 57.52 62.39 20.16
CA GLU X 32 56.47 63.42 20.04
C GLU X 32 56.64 64.29 18.80
N SER X 33 55.56 64.93 18.39
CA SER X 33 55.55 65.83 17.23
C SER X 33 55.76 67.29 17.64
N VAL X 34 56.64 67.98 16.90
CA VAL X 34 56.90 69.39 17.13
C VAL X 34 56.81 70.16 15.81
N ALA X 35 56.54 71.46 15.90
CA ALA X 35 56.59 72.34 14.74
C ALA X 35 57.94 73.02 14.70
N VAL X 36 58.56 73.04 13.53
CA VAL X 36 59.83 73.75 13.34
C VAL X 36 59.64 74.82 12.26
N LYS X 37 59.59 76.08 12.68
CA LYS X 37 59.51 77.19 11.75
C LYS X 37 60.92 77.67 11.36
N ILE X 38 61.29 77.44 10.11
CA ILE X 38 62.56 77.92 9.57
C ILE X 38 62.28 79.26 8.91
N PHE X 39 62.90 80.32 9.41
CA PHE X 39 62.59 81.68 8.96
C PHE X 39 63.36 82.02 7.68
N SER X 40 62.76 82.86 6.84
CA SER X 40 63.43 83.36 5.65
C SER X 40 64.35 84.52 6.02
N SER X 41 65.33 84.79 5.15
CA SER X 41 66.28 85.87 5.37
C SER X 41 65.60 87.24 5.49
N ARG X 42 64.50 87.42 4.76
CA ARG X 42 63.74 88.68 4.79
C ARG X 42 62.94 88.89 6.09
N ASP X 43 62.89 87.88 6.96
CA ASP X 43 62.07 87.93 8.17
C ASP X 43 62.85 87.58 9.44
N GLU X 44 64.18 87.71 9.39
CA GLU X 44 65.07 87.43 10.52
C GLU X 44 64.67 88.20 11.80
N GLN X 45 64.17 89.42 11.63
CA GLN X 45 63.83 90.25 12.78
C GLN X 45 62.59 89.74 13.51
N SER X 46 61.73 89.01 12.83
CA SER X 46 60.59 88.36 13.47
C SER X 46 61.05 87.21 14.38
N TRP X 47 62.03 86.45 13.91
CA TRP X 47 62.63 85.38 14.73
C TRP X 47 63.28 85.95 15.99
N PHE X 48 63.95 87.10 15.86
CA PHE X 48 64.62 87.73 16.98
C PHE X 48 63.61 88.16 18.03
N ARG X 49 62.59 88.88 17.59
CA ARG X 49 61.57 89.39 18.49
C ARG X 49 60.83 88.27 19.19
N GLU X 50 60.52 87.23 18.42
CA GLU X 50 59.77 86.08 18.95
C GLU X 50 60.64 85.30 19.93
N THR X 51 61.93 85.20 19.64
CA THR X 51 62.89 84.55 20.56
C THR X 51 63.10 85.35 21.84
N GLU X 52 63.17 86.67 21.71
CA GLU X 52 63.29 87.53 22.90
C GLU X 52 62.08 87.33 23.81
N ILE X 53 60.88 87.52 23.25
CA ILE X 53 59.63 87.46 24.02
C ILE X 53 59.41 86.11 24.72
N TYR X 54 59.64 85.02 23.99
CA TYR X 54 59.42 83.68 24.52
C TYR X 54 60.43 83.32 25.62
N ASN X 55 61.64 83.86 25.53
CA ASN X 55 62.67 83.63 26.58
C ASN X 55 62.56 84.57 27.77
N THR X 56 61.82 85.65 27.60
CA THR X 56 61.84 86.79 28.54
C THR X 56 60.54 86.98 29.32
N VAL X 57 59.42 86.61 28.71
CA VAL X 57 58.08 86.86 29.28
C VAL X 57 57.43 85.53 29.67
N LEU X 58 56.95 85.46 30.92
CA LEU X 58 56.23 84.28 31.42
C LEU X 58 54.87 84.25 30.75
N LEU X 59 54.77 83.51 29.66
CA LEU X 59 53.64 83.62 28.73
C LEU X 59 52.79 82.36 28.59
N ARG X 60 53.28 81.22 29.13
CA ARG X 60 52.60 79.94 28.98
C ARG X 60 51.10 80.07 29.25
N HIS X 61 50.30 79.53 28.34
CA HIS X 61 48.84 79.58 28.43
C HIS X 61 48.26 78.61 27.42
N ASP X 62 47.18 77.94 27.81
CA ASP X 62 46.51 76.98 26.93
C ASP X 62 46.18 77.56 25.56
N ASN X 63 45.89 78.87 25.51
CA ASN X 63 45.48 79.53 24.27
C ASN X 63 46.57 80.39 23.62
N ILE X 64 47.83 80.02 23.86
CA ILE X 64 48.99 80.65 23.23
C ILE X 64 49.96 79.53 22.86
N LEU X 65 50.50 79.59 21.65
CA LEU X 65 51.33 78.49 21.13
C LEU X 65 52.51 78.23 22.07
N GLY X 66 52.67 76.97 22.45
CA GLY X 66 53.75 76.56 23.35
C GLY X 66 55.12 76.64 22.69
N PHE X 67 56.07 77.23 23.41
CA PHE X 67 57.45 77.40 22.96
C PHE X 67 58.30 76.25 23.49
N ILE X 68 59.17 75.70 22.64
CA ILE X 68 60.09 74.65 23.04
C ILE X 68 61.54 75.13 22.98
N ALA X 69 61.93 75.69 21.84
CA ALA X 69 63.30 76.13 21.64
C ALA X 69 63.45 77.16 20.53
N SER X 70 64.61 77.81 20.52
CA SER X 70 65.02 78.70 19.43
C SER X 70 66.51 78.47 19.17
N ASP X 71 66.87 78.34 17.90
CA ASP X 71 68.23 77.96 17.53
C ASP X 71 68.70 78.69 16.30
N MET X 72 70.02 78.91 16.25
CA MET X 72 70.68 79.40 15.04
C MET X 72 71.58 78.33 14.43
N THR X 73 71.11 77.73 13.34
CA THR X 73 72.00 77.05 12.43
C THR X 73 72.19 77.98 11.22
N LEU X 81 67.71 80.21 10.88
CA LEU X 81 67.11 80.56 12.17
C LEU X 81 65.88 79.69 12.39
N TRP X 82 65.84 78.98 13.52
CA TRP X 82 64.74 78.06 13.82
C TRP X 82 63.96 78.49 15.05
N LEU X 83 62.65 78.25 15.02
CA LEU X 83 61.80 78.34 16.21
C LEU X 83 61.04 77.01 16.30
N ILE X 84 61.22 76.30 17.40
CA ILE X 84 60.56 75.01 17.59
C ILE X 84 59.45 75.18 18.64
N THR X 85 58.26 74.68 18.32
CA THR X 85 57.09 74.84 19.19
C THR X 85 56.27 73.56 19.22
N HIS X 86 55.19 73.55 20.00
CA HIS X 86 54.21 72.47 19.93
C HIS X 86 53.65 72.39 18.51
N TYR X 87 53.26 71.18 18.10
CA TYR X 87 52.68 70.96 16.78
C TYR X 87 51.19 70.68 16.94
N HIS X 88 50.38 71.30 16.07
CA HIS X 88 48.93 71.06 16.04
C HIS X 88 48.46 70.60 14.66
N GLU X 89 47.98 69.36 14.61
CA GLU X 89 47.67 68.66 13.36
C GLU X 89 46.68 69.40 12.48
N HIS X 90 45.64 69.98 13.08
CA HIS X 90 44.59 70.67 12.34
C HIS X 90 45.12 71.90 11.60
N GLY X 91 46.30 72.36 11.99
CA GLY X 91 46.88 73.52 11.37
C GLY X 91 46.24 74.77 11.88
N SER X 92 46.29 75.82 11.07
CA SER X 92 45.70 77.11 11.45
C SER X 92 44.17 77.10 11.34
N LEU X 93 43.56 78.14 11.91
CA LEU X 93 42.12 78.36 11.80
C LEU X 93 41.71 78.54 10.33
N TYR X 94 42.58 79.19 9.57
CA TYR X 94 42.43 79.30 8.13
C TYR X 94 42.26 77.92 7.51
N ASP X 95 43.22 77.03 7.81
CA ASP X 95 43.21 75.66 7.29
C ASP X 95 41.95 74.90 7.71
N PHE X 96 41.61 74.98 9.00
CA PHE X 96 40.49 74.26 9.59
C PHE X 96 39.17 74.71 8.96
N LEU X 97 39.00 76.02 8.87
CA LEU X 97 37.80 76.61 8.26
C LEU X 97 37.68 76.32 6.78
N GLN X 98 38.79 76.00 6.12
CA GLN X 98 38.77 75.62 4.72
C GLN X 98 37.99 74.32 4.52
N ARG X 99 38.34 73.30 5.30
CA ARG X 99 37.82 71.94 5.12
C ARG X 99 36.56 71.65 5.94
N GLN X 100 36.48 72.21 7.14
CA GLN X 100 35.43 71.86 8.11
C GLN X 100 34.33 72.92 8.18
N THR X 101 33.11 72.45 8.41
CA THR X 101 31.97 73.33 8.70
C THR X 101 31.69 73.26 10.20
N LEU X 102 31.11 74.31 10.77
CA LEU X 102 31.01 74.42 12.22
C LEU X 102 29.59 74.41 12.74
N GLU X 103 29.30 73.46 13.61
CA GLU X 103 28.09 73.50 14.45
C GLU X 103 28.20 74.76 15.31
N PRO X 104 27.06 75.43 15.61
CA PRO X 104 27.10 76.63 16.44
C PRO X 104 27.93 76.49 17.74
N HIS X 105 27.77 75.35 18.43
CA HIS X 105 28.56 75.05 19.64
C HIS X 105 30.08 75.14 19.38
N LEU X 106 30.51 74.58 18.26
CA LEU X 106 31.93 74.55 17.90
C LEU X 106 32.41 75.96 17.53
N ALA X 107 31.59 76.70 16.78
CA ALA X 107 31.90 78.09 16.44
C ALA X 107 32.19 78.93 17.70
N LEU X 108 31.37 78.75 18.73
CA LEU X 108 31.53 79.47 20.00
C LEU X 108 32.78 79.02 20.76
N ARG X 109 33.08 77.72 20.68
CA ARG X 109 34.24 77.15 21.36
C ARG X 109 35.53 77.74 20.80
N LEU X 110 35.63 77.82 19.47
CA LEU X 110 36.77 78.43 18.80
C LEU X 110 36.84 79.93 19.08
N ALA X 111 35.68 80.60 19.04
CA ALA X 111 35.61 82.04 19.29
C ALA X 111 36.00 82.40 20.73
N VAL X 112 35.52 81.63 21.71
CA VAL X 112 35.80 81.93 23.12
C VAL X 112 37.27 81.68 23.47
N SER X 113 37.84 80.59 22.96
CA SER X 113 39.22 80.22 23.25
C SER X 113 40.20 81.20 22.61
N ALA X 114 39.92 81.62 21.37
CA ALA X 114 40.71 82.66 20.72
C ALA X 114 40.67 83.95 21.54
N ALA X 115 39.47 84.31 22.02
CA ALA X 115 39.31 85.48 22.89
C ALA X 115 40.09 85.36 24.19
N CYS X 116 40.20 84.14 24.73
CA CYS X 116 41.00 83.91 25.95
C CYS X 116 42.48 84.21 25.69
N GLY X 117 42.97 83.68 24.58
CA GLY X 117 44.33 83.96 24.11
C GLY X 117 44.62 85.44 24.01
N LEU X 118 43.78 86.18 23.30
CA LEU X 118 44.00 87.63 23.10
C LEU X 118 43.87 88.43 24.40
N ALA X 119 42.90 88.08 25.25
CA ALA X 119 42.75 88.73 26.56
C ALA X 119 43.99 88.55 27.42
N HIS X 120 44.56 87.33 27.38
CA HIS X 120 45.76 87.01 28.15
C HIS X 120 46.96 87.84 27.69
N LEU X 121 47.10 87.99 26.38
CA LEU X 121 48.14 88.83 25.79
C LEU X 121 47.99 90.28 26.26
N HIS X 122 46.77 90.81 26.14
CA HIS X 122 46.50 92.24 26.39
C HIS X 122 46.61 92.65 27.86
N VAL X 123 46.19 91.78 28.77
CA VAL X 123 46.10 92.14 30.19
C VAL X 123 47.45 91.96 30.87
N GLU X 124 47.90 93.03 31.54
CA GLU X 124 49.11 92.96 32.35
C GLU X 124 48.82 92.19 33.64
N ILE X 125 49.73 91.29 34.01
CA ILE X 125 49.59 90.48 35.21
C ILE X 125 50.70 90.80 36.21
N LYS X 131 55.19 89.43 33.07
CA LYS X 131 54.04 89.33 32.17
C LYS X 131 53.39 90.71 31.90
N PRO X 132 54.10 91.60 31.16
CA PRO X 132 53.60 92.92 30.73
C PRO X 132 52.42 92.76 29.78
N ALA X 133 51.75 93.87 29.49
CA ALA X 133 50.67 93.87 28.49
C ALA X 133 51.32 93.72 27.10
N ILE X 134 50.75 92.84 26.27
CA ILE X 134 51.31 92.53 24.94
C ILE X 134 50.24 92.69 23.86
N ALA X 135 50.57 93.42 22.80
CA ALA X 135 49.69 93.53 21.63
C ALA X 135 50.32 92.77 20.46
N HIS X 136 49.49 92.02 19.72
CA HIS X 136 49.98 91.12 18.67
C HIS X 136 50.48 91.87 17.43
N ARG X 137 49.63 92.71 16.86
CA ARG X 137 49.91 93.53 15.67
C ARG X 137 49.85 92.78 14.32
N ASP X 138 49.61 91.46 14.36
CA ASP X 138 49.34 90.68 13.13
C ASP X 138 48.33 89.56 13.41
N PHE X 139 47.23 89.91 14.08
CA PHE X 139 46.22 88.93 14.41
C PHE X 139 45.38 88.62 13.18
N LYS X 140 45.36 87.34 12.80
CA LYS X 140 44.61 86.87 11.64
C LYS X 140 44.37 85.37 11.81
N SER X 141 43.51 84.80 10.97
CA SER X 141 43.15 83.38 11.11
C SER X 141 44.33 82.43 10.81
N ARG X 142 45.30 82.90 10.02
CA ARG X 142 46.51 82.12 9.75
C ARG X 142 47.48 82.07 10.94
N ASN X 143 47.34 83.01 11.89
CA ASN X 143 48.18 83.04 13.10
C ASN X 143 47.46 82.53 14.34
N VAL X 144 46.38 81.78 14.13
CA VAL X 144 45.66 81.09 15.19
C VAL X 144 45.61 79.61 14.82
N LEU X 145 46.06 78.75 15.72
CA LEU X 145 46.06 77.30 15.47
C LEU X 145 44.85 76.67 16.15
N VAL X 146 44.41 75.53 15.61
CA VAL X 146 43.33 74.76 16.23
C VAL X 146 43.90 73.46 16.81
N LYS X 147 43.71 73.29 18.12
CA LYS X 147 44.24 72.15 18.86
C LYS X 147 43.35 70.91 18.71
N SER X 148 43.84 69.78 19.22
CA SER X 148 43.10 68.51 19.24
C SER X 148 41.74 68.63 19.89
N ASN X 149 41.67 69.38 20.99
CA ASN X 149 40.40 69.60 21.70
C ASN X 149 39.56 70.72 21.10
N LEU X 150 39.85 71.06 19.84
CA LEU X 150 39.12 72.08 19.10
C LEU X 150 39.03 73.41 19.87
N GLN X 151 40.10 73.75 20.58
CA GLN X 151 40.29 75.09 21.12
C GLN X 151 41.42 75.76 20.36
N CYS X 152 41.38 77.08 20.28
CA CYS X 152 42.40 77.84 19.56
C CYS X 152 43.58 78.18 20.48
N CYS X 153 44.73 78.44 19.85
CA CYS X 153 45.84 79.12 20.52
C CYS X 153 46.56 80.04 19.55
N ILE X 154 46.93 81.22 20.03
CA ILE X 154 47.52 82.25 19.19
C ILE X 154 49.02 82.00 18.96
N ALA X 155 49.47 82.27 17.74
CA ALA X 155 50.87 82.13 17.38
C ALA X 155 51.43 83.42 16.76
N ASP X 156 52.74 83.39 16.46
CA ASP X 156 53.45 84.45 15.72
C ASP X 156 53.51 85.77 16.50
N LEU X 157 54.47 85.84 17.42
CA LEU X 157 54.66 87.05 18.23
C LEU X 157 55.74 87.97 17.63
N GLY X 158 56.07 87.76 16.36
CA GLY X 158 57.18 88.46 15.70
C GLY X 158 57.08 89.96 15.64
N LEU X 159 55.85 90.49 15.68
CA LEU X 159 55.59 91.93 15.62
C LEU X 159 55.06 92.50 16.94
N ALA X 160 55.06 91.69 17.99
CA ALA X 160 54.41 92.09 19.23
C ALA X 160 55.06 93.32 19.86
N VAL X 161 54.26 94.11 20.56
CA VAL X 161 54.74 95.28 21.30
C VAL X 161 54.25 95.15 22.75
N MET X 162 55.05 95.62 23.70
CA MET X 162 54.84 95.31 25.11
C MET X 162 54.57 96.58 25.92
N ASN X 174 62.75 96.34 15.80
CA ASN X 174 63.29 97.01 14.62
C ASN X 174 62.83 96.36 13.31
N ASN X 175 61.81 95.50 13.40
CA ASN X 175 61.30 94.74 12.26
C ASN X 175 60.75 95.65 11.14
N PRO X 176 61.18 95.43 9.88
CA PRO X 176 60.60 96.16 8.71
C PRO X 176 59.21 95.64 8.34
N ARG X 177 58.92 94.40 8.70
CA ARG X 177 57.63 93.80 8.43
C ARG X 177 56.49 94.65 9.00
N VAL X 178 55.37 94.67 8.29
CA VAL X 178 54.17 95.35 8.78
C VAL X 178 53.06 94.34 8.93
N GLY X 179 51.93 94.77 9.51
CA GLY X 179 50.77 93.89 9.62
C GLY X 179 50.34 93.33 8.26
N THR X 180 49.65 92.20 8.27
CA THR X 180 49.09 91.65 7.04
C THR X 180 48.10 92.67 6.51
N LYS X 181 48.22 93.02 5.23
CA LYS X 181 47.45 94.14 4.66
C LYS X 181 45.94 93.97 4.80
N ARG X 182 45.47 92.75 4.62
CA ARG X 182 44.04 92.45 4.69
C ARG X 182 43.40 92.77 6.05
N TYR X 183 44.19 92.73 7.12
CA TYR X 183 43.65 92.83 8.49
C TYR X 183 43.97 94.16 9.18
N MET X 184 44.58 95.10 8.46
CA MET X 184 44.97 96.39 9.02
C MET X 184 43.74 97.24 9.30
N ALA X 185 43.68 97.82 10.50
CA ALA X 185 42.58 98.69 10.90
C ALA X 185 42.63 99.99 10.11
N PRO X 186 41.51 100.74 10.08
CA PRO X 186 41.49 102.01 9.34
C PRO X 186 42.61 102.95 9.77
N GLU X 187 42.80 103.07 11.07
CA GLU X 187 43.81 103.97 11.63
C GLU X 187 45.25 103.59 11.27
N VAL X 188 45.49 102.33 10.92
CA VAL X 188 46.82 101.90 10.43
C VAL X 188 46.99 102.24 8.96
N LEU X 189 45.92 102.08 8.18
CA LEU X 189 45.95 102.40 6.74
C LEU X 189 45.94 103.92 6.50
N ASP X 190 45.28 104.66 7.40
CA ASP X 190 45.31 106.12 7.37
C ASP X 190 46.66 106.68 7.77
N GLU X 191 47.41 105.89 8.54
CA GLU X 191 48.65 106.33 9.20
C GLU X 191 48.34 107.43 10.22
N GLN X 192 47.13 107.37 10.79
CA GLN X 192 46.68 108.33 11.79
C GLN X 192 46.83 107.75 13.21
N ILE X 193 47.32 106.51 13.31
CA ILE X 193 47.52 105.83 14.60
C ILE X 193 48.65 106.49 15.38
N ARG X 194 48.47 106.63 16.69
CA ARG X 194 49.52 107.19 17.55
C ARG X 194 50.47 106.07 17.92
N THR X 195 51.60 106.04 17.21
CA THR X 195 52.56 104.94 17.36
C THR X 195 53.33 104.95 18.69
N ASP X 196 53.13 105.98 19.51
CA ASP X 196 53.72 106.03 20.85
C ASP X 196 52.67 105.82 21.95
N CYS X 197 51.54 105.20 21.59
CA CYS X 197 50.48 104.87 22.54
C CYS X 197 50.18 103.38 22.46
N PHE X 198 50.30 102.67 23.57
CA PHE X 198 50.10 101.23 23.59
C PHE X 198 48.63 100.83 23.31
N GLU X 199 47.70 101.58 23.90
CA GLU X 199 46.26 101.29 23.74
C GLU X 199 45.88 101.20 22.25
N SER X 200 46.42 102.10 21.43
CA SER X 200 46.21 102.07 19.98
C SER X 200 46.44 100.68 19.37
N TYR X 201 47.57 100.07 19.70
CA TYR X 201 47.93 98.77 19.11
C TYR X 201 46.95 97.67 19.52
N LYS X 202 46.46 97.75 20.76
CA LYS X 202 45.43 96.82 21.24
C LYS X 202 44.15 96.96 20.41
N TRP X 203 43.79 98.20 20.07
CA TRP X 203 42.59 98.46 19.30
C TRP X 203 42.68 97.93 17.87
N THR X 204 43.89 97.80 17.32
CA THR X 204 44.07 97.20 15.99
C THR X 204 43.98 95.67 16.05
N ASP X 205 44.43 95.08 17.17
CA ASP X 205 44.21 93.65 17.42
C ASP X 205 42.70 93.34 17.41
N ILE X 206 41.93 94.20 18.06
CA ILE X 206 40.49 94.00 18.20
C ILE X 206 39.79 94.02 16.83
N TRP X 207 40.07 95.05 16.04
CA TRP X 207 39.58 95.14 14.66
C TRP X 207 39.79 93.79 13.96
N ALA X 208 41.05 93.36 13.90
CA ALA X 208 41.43 92.10 13.29
C ALA X 208 40.69 90.91 13.88
N PHE X 209 40.42 90.97 15.19
CA PHE X 209 39.69 89.90 15.86
C PHE X 209 38.27 89.81 15.30
N GLY X 210 37.61 90.96 15.16
CA GLY X 210 36.30 91.02 14.54
C GLY X 210 36.25 90.34 13.18
N LEU X 211 37.28 90.57 12.37
CA LEU X 211 37.39 89.97 11.05
C LEU X 211 37.50 88.46 11.16
N VAL X 212 38.24 87.97 12.16
CA VAL X 212 38.37 86.54 12.39
C VAL X 212 37.04 85.90 12.82
N LEU X 213 36.24 86.63 13.62
CA LEU X 213 34.91 86.15 14.02
C LEU X 213 34.03 85.95 12.79
N TRP X 214 34.03 86.94 11.91
CA TRP X 214 33.33 86.87 10.63
C TRP X 214 33.67 85.58 9.87
N GLU X 215 34.97 85.28 9.76
CA GLU X 215 35.43 84.04 9.11
C GLU X 215 34.85 82.77 9.74
N ILE X 216 34.77 82.76 11.07
CA ILE X 216 34.17 81.65 11.84
C ILE X 216 32.66 81.60 11.57
N ALA X 217 32.03 82.78 11.66
CA ALA X 217 30.58 82.92 11.49
C ALA X 217 30.13 82.43 10.11
N ARG X 218 30.82 82.87 9.06
CA ARG X 218 30.52 82.47 7.68
C ARG X 218 30.49 80.96 7.49
N ARG X 219 31.32 80.27 8.26
CA ARG X 219 31.52 78.85 8.12
C ARG X 219 30.68 78.06 9.10
N GLU X 227 28.01 78.70 4.01
CA GLU X 227 28.75 79.25 2.87
C GLU X 227 30.12 78.59 2.80
N ASP X 228 30.68 78.53 1.59
CA ASP X 228 32.07 78.11 1.42
C ASP X 228 33.01 79.19 2.00
N TYR X 229 34.20 78.77 2.41
CA TYR X 229 35.14 79.70 3.04
C TYR X 229 35.52 80.83 2.09
N ARG X 230 35.50 82.06 2.59
CA ARG X 230 36.09 83.21 1.91
C ARG X 230 36.82 84.06 2.94
N PRO X 231 37.92 84.73 2.54
CA PRO X 231 38.58 85.65 3.46
C PRO X 231 37.79 86.96 3.63
N PRO X 232 38.08 87.73 4.69
CA PRO X 232 37.44 89.04 4.82
C PRO X 232 37.72 89.93 3.60
N PHE X 233 36.70 90.69 3.18
CA PHE X 233 36.79 91.57 2.00
C PHE X 233 37.00 90.82 0.68
N TYR X 234 36.67 89.54 0.64
CA TYR X 234 36.83 88.74 -0.59
C TYR X 234 36.12 89.37 -1.79
N ASP X 235 35.06 90.11 -1.51
CA ASP X 235 34.20 90.68 -2.55
C ASP X 235 34.65 92.07 -3.01
N VAL X 236 35.72 92.62 -2.39
CA VAL X 236 36.19 93.99 -2.72
C VAL X 236 37.70 94.19 -3.01
N VAL X 237 38.53 93.18 -2.74
CA VAL X 237 39.98 93.29 -3.00
C VAL X 237 40.54 91.99 -3.60
N PRO X 238 41.65 92.11 -4.39
CA PRO X 238 42.30 90.92 -4.97
C PRO X 238 42.94 90.03 -3.91
N ASN X 239 43.37 88.82 -4.24
CA ASN X 239 43.87 87.90 -3.19
C ASN X 239 45.02 88.46 -2.33
N ASP X 240 45.88 89.31 -2.91
CA ASP X 240 47.00 89.93 -2.18
C ASP X 240 46.99 91.47 -2.32
N PRO X 241 46.06 92.15 -1.62
CA PRO X 241 45.85 93.59 -1.87
C PRO X 241 47.06 94.47 -1.55
N SER X 242 47.13 95.63 -2.20
CA SER X 242 48.16 96.63 -1.93
C SER X 242 47.74 97.53 -0.79
N PHE X 243 48.71 98.26 -0.24
CA PHE X 243 48.43 99.23 0.83
C PHE X 243 47.29 100.13 0.37
N GLU X 244 47.17 100.26 -0.94
CA GLU X 244 46.21 101.16 -1.57
C GLU X 244 44.82 100.54 -1.80
N ASP X 245 44.76 99.26 -2.16
CA ASP X 245 43.48 98.54 -2.32
C ASP X 245 42.68 98.59 -1.02
N MET X 246 43.36 98.32 0.10
CA MET X 246 42.70 98.30 1.40
C MET X 246 42.35 99.70 1.87
N LYS X 247 43.26 100.66 1.68
CA LYS X 247 42.99 102.06 2.02
C LYS X 247 41.68 102.53 1.38
N LYS X 248 41.49 102.22 0.10
CA LYS X 248 40.28 102.63 -0.64
C LYS X 248 39.02 101.99 -0.06
N VAL X 249 39.08 100.68 0.18
CA VAL X 249 37.93 99.92 0.68
C VAL X 249 37.59 100.26 2.14
N VAL X 250 38.60 100.27 3.01
CA VAL X 250 38.38 100.44 4.44
C VAL X 250 38.25 101.90 4.87
N CYS X 251 38.99 102.80 4.25
CA CYS X 251 38.98 104.21 4.66
C CYS X 251 38.07 105.08 3.77
N VAL X 252 38.30 105.06 2.46
CA VAL X 252 37.50 105.89 1.55
C VAL X 252 36.06 105.40 1.48
N ASP X 253 35.87 104.12 1.15
CA ASP X 253 34.53 103.54 1.00
C ASP X 253 33.90 103.18 2.34
N GLN X 254 34.68 103.23 3.42
CA GLN X 254 34.20 102.95 4.78
C GLN X 254 33.48 101.59 4.88
N GLN X 255 34.04 100.59 4.19
CA GLN X 255 33.45 99.26 4.11
C GLN X 255 33.88 98.37 5.27
N THR X 256 32.97 97.50 5.70
CA THR X 256 33.25 96.44 6.65
C THR X 256 32.57 95.17 6.08
N PRO X 257 33.02 93.98 6.50
CA PRO X 257 32.44 92.75 5.98
C PRO X 257 30.95 92.67 6.34
N THR X 258 30.05 92.57 5.36
CA THR X 258 28.61 92.69 5.65
C THR X 258 28.21 91.76 6.83
N ILE X 259 27.70 92.34 7.92
CA ILE X 259 27.16 91.51 9.00
C ILE X 259 25.97 90.71 8.43
N PRO X 260 26.16 89.38 8.21
CA PRO X 260 25.17 88.63 7.43
C PRO X 260 23.80 88.63 8.09
N ASN X 261 22.75 88.42 7.30
CA ASN X 261 21.38 88.34 7.81
C ASN X 261 21.00 86.95 8.39
N ARG X 262 22.00 86.09 8.62
CA ARG X 262 21.82 84.93 9.50
C ARG X 262 22.23 85.27 10.96
N LEU X 263 22.23 86.55 11.33
CA LEU X 263 22.61 86.95 12.70
C LEU X 263 21.69 88.03 13.31
N ALA X 264 20.44 87.64 13.57
CA ALA X 264 19.51 88.40 14.41
C ALA X 264 18.65 87.43 15.23
N LEU X 272 28.14 86.57 18.51
CA LEU X 272 29.32 86.80 17.67
C LEU X 272 29.11 87.94 16.68
N ALA X 273 27.91 88.03 16.10
CA ALA X 273 27.56 89.11 15.16
C ALA X 273 27.66 90.48 15.83
N GLN X 274 27.15 90.58 17.05
CA GLN X 274 27.16 91.83 17.81
C GLN X 274 28.58 92.21 18.21
N MET X 275 29.37 91.20 18.58
CA MET X 275 30.77 91.43 18.93
C MET X 275 31.59 91.86 17.72
N MET X 276 31.30 91.28 16.56
CA MET X 276 31.90 91.70 15.30
C MET X 276 31.69 93.21 15.08
N ARG X 277 30.44 93.64 15.16
CA ARG X 277 30.08 95.05 14.97
C ARG X 277 30.88 96.01 15.86
N GLU X 278 31.06 95.64 17.11
CA GLU X 278 31.69 96.49 18.10
C GLU X 278 33.21 96.36 18.10
N CYS X 279 33.73 95.50 17.22
CA CYS X 279 35.16 95.45 16.92
C CYS X 279 35.50 96.40 15.77
N TRP X 280 34.49 96.78 14.99
CA TRP X 280 34.76 97.52 13.75
C TRP X 280 34.36 99.00 13.79
N TYR X 281 34.10 99.54 14.98
CA TYR X 281 33.84 100.96 15.10
C TYR X 281 35.06 101.76 14.59
N PRO X 282 34.84 102.73 13.70
CA PRO X 282 35.93 103.55 13.15
C PRO X 282 36.78 104.27 14.20
N ASN X 283 36.14 104.79 15.25
CA ASN X 283 36.89 105.38 16.37
C ASN X 283 37.37 104.26 17.30
N PRO X 284 38.69 104.02 17.32
CA PRO X 284 39.28 102.86 18.00
C PRO X 284 38.89 102.69 19.48
N SER X 285 38.70 103.79 20.19
CA SER X 285 38.42 103.72 21.63
C SER X 285 36.97 103.29 21.93
N ALA X 286 36.13 103.28 20.90
CA ALA X 286 34.75 102.80 21.03
C ALA X 286 34.65 101.28 21.00
N ARG X 287 35.74 100.62 20.64
CA ARG X 287 35.71 99.18 20.46
C ARG X 287 35.75 98.44 21.79
N LEU X 288 35.22 97.21 21.77
CA LEU X 288 35.30 96.32 22.94
C LEU X 288 36.76 95.95 23.22
N THR X 289 37.04 95.68 24.48
CA THR X 289 38.34 95.14 24.87
C THR X 289 38.29 93.62 24.70
N ALA X 290 39.45 92.97 24.70
CA ALA X 290 39.52 91.51 24.60
C ALA X 290 38.86 90.85 25.82
N LEU X 291 39.05 91.45 27.00
CA LEU X 291 38.43 90.95 28.24
C LEU X 291 36.91 90.95 28.12
N ARG X 292 36.35 92.05 27.62
CA ARG X 292 34.91 92.21 27.47
C ARG X 292 34.34 91.21 26.47
N ILE X 293 35.08 90.96 25.40
CA ILE X 293 34.68 89.96 24.40
C ILE X 293 34.68 88.57 25.04
N LYS X 294 35.80 88.22 25.66
CA LYS X 294 35.89 86.98 26.45
C LYS X 294 34.64 86.79 27.31
N LYS X 295 34.38 87.77 28.16
CA LYS X 295 33.27 87.69 29.12
C LYS X 295 31.91 87.48 28.45
N THR X 296 31.63 88.27 27.42
CA THR X 296 30.36 88.17 26.69
C THR X 296 30.16 86.77 26.10
#